data_5TS0
#
_entry.id   5TS0
#
_cell.length_a   120.553
_cell.length_b   198.542
_cell.length_c   165.725
_cell.angle_alpha   90.000
_cell.angle_beta   103.243
_cell.angle_gamma   90.000
#
_symmetry.space_group_name_H-M   'P 1 21 1'
#
loop_
_entity.id
_entity.type
_entity.pdbx_description
1 polymer 'Proteasome subunit alpha'
2 polymer 'Proteasome subunit beta'
3 non-polymer '(2S)-N-{(2S)-3-methoxy-1-[(naphthalen-1-ylmethyl)amino]-1-oxopropan-2-yl}-4-oxo-2-[(3-phenylpropanoyl)amino]-4-(1H-pyrrol-1-yl)butanamide (non-preferred name)'
4 water water
#
loop_
_entity_poly.entity_id
_entity_poly.type
_entity_poly.pdbx_seq_one_letter_code
_entity_poly.pdbx_strand_id
1 'polypeptide(L)'
;MEQAMRERSELARKGIARAKSVVALAYAGGVLFVAENPSRSLQKISELYDRVGFAAAGKFNEFDNLRRGGIQFADTRGYA
YDRRDVTGRQLANVYAQTLGTIFTEQAKPYEVELCVAEVAHYGETKRPELYRITYDGSIADEPHFVVMGGTTEPIANALK
ESYAENASLTDALRIAVAALRAGSADTSGGDQPTLGVASLEVAVLDANRPRRAFRRITGSALQALLVDQESPQSDGESSG
;
A,B,C,D,E,F,G,O,P,Q,R,S,T,U
2 'polypeptide(L)'
;TTIVALKYPGGVVMAGDRRSTQGNMISGRDVRKVYITDDYTATGIAGTAAVAVEFARLYAVELEHYEKLEGVPLTFAGKI
NRLAIMVRGNLAAAMQGLLALPLLAGYDIHASDPQSAGRIVSFDAAGGWNIEEEGYQAVGSGSLFAKSSMKKLYSQVTDG
DSGLRVAVEALYDAADDDSATGGPDLVRGIFPTAVIIDADGAVDVPESRIAELARAIIESRSGADTFGSDGGEKHHHHHH
;
H,I,J,K,L,M,N,V,W,X,Y,Z,a,b
#
# COMPACT_ATOMS: atom_id res chain seq x y z
N MET A 1 -16.77 29.47 63.30
CA MET A 1 -17.80 29.33 62.26
C MET A 1 -18.80 30.49 62.36
N GLU A 2 -19.53 30.56 63.48
CA GLU A 2 -20.44 31.69 63.69
C GLU A 2 -19.65 32.99 63.76
N GLN A 3 -18.60 33.01 64.57
CA GLN A 3 -17.82 34.22 64.68
C GLN A 3 -17.17 34.57 63.36
N ALA A 4 -16.63 33.59 62.64
CA ALA A 4 -15.90 33.88 61.41
C ALA A 4 -16.83 34.39 60.30
N MET A 5 -18.02 33.78 60.13
CA MET A 5 -18.99 34.25 59.12
C MET A 5 -19.52 35.63 59.50
N ARG A 6 -19.75 35.87 60.79
CA ARG A 6 -20.00 37.23 61.24
C ARG A 6 -18.90 38.16 60.77
N GLU A 7 -17.64 37.73 60.87
CA GLU A 7 -16.53 38.63 60.52
C GLU A 7 -16.52 38.92 59.02
N ARG A 8 -16.81 37.91 58.22
CA ARG A 8 -16.87 38.10 56.78
C ARG A 8 -17.99 39.06 56.40
N SER A 9 -19.20 38.85 56.92
CA SER A 9 -20.28 39.78 56.59
C SER A 9 -19.95 41.18 57.09
N GLU A 10 -19.29 41.33 58.24
CA GLU A 10 -18.97 42.68 58.69
C GLU A 10 -17.94 43.34 57.78
N LEU A 11 -16.92 42.57 57.35
CA LEU A 11 -15.92 43.14 56.45
C LEU A 11 -16.55 43.58 55.13
N ALA A 12 -17.39 42.73 54.56
CA ALA A 12 -18.04 43.05 53.29
C ALA A 12 -18.98 44.24 53.44
N ARG A 13 -19.81 44.23 54.49
CA ARG A 13 -20.76 45.31 54.66
C ARG A 13 -20.02 46.63 54.77
N LYS A 14 -18.97 46.66 55.61
CA LYS A 14 -18.21 47.89 55.80
C LYS A 14 -17.54 48.35 54.50
N GLY A 15 -16.96 47.41 53.74
CA GLY A 15 -16.37 47.78 52.47
C GLY A 15 -17.36 48.40 51.52
N ILE A 16 -18.58 47.87 51.49
CA ILE A 16 -19.57 48.44 50.60
C ILE A 16 -20.02 49.81 51.09
N ALA A 17 -20.22 49.94 52.41
CA ALA A 17 -20.69 51.22 52.91
C ALA A 17 -19.67 52.34 52.75
N ARG A 18 -18.40 52.03 52.58
CA ARG A 18 -17.39 53.06 52.31
C ARG A 18 -17.38 53.49 50.85
N ALA A 19 -18.20 52.88 50.00
CA ALA A 19 -18.11 53.01 48.55
C ALA A 19 -19.21 53.91 48.01
N LYS A 20 -18.94 54.57 46.89
CA LYS A 20 -19.94 55.47 46.36
C LYS A 20 -21.16 54.67 45.89
N SER A 21 -22.30 55.36 45.82
CA SER A 21 -23.60 54.72 45.62
C SER A 21 -24.05 54.74 44.15
N VAL A 22 -24.87 53.74 43.79
CA VAL A 22 -25.41 53.55 42.44
C VAL A 22 -26.89 53.20 42.57
N VAL A 23 -27.70 53.74 41.67
CA VAL A 23 -29.13 53.55 41.70
C VAL A 23 -29.60 53.07 40.31
N ALA A 24 -30.55 52.13 40.31
CA ALA A 24 -31.15 51.63 39.07
C ALA A 24 -32.66 51.62 39.20
N LEU A 25 -33.35 52.28 38.29
CA LEU A 25 -34.81 52.34 38.39
C LEU A 25 -35.49 52.11 37.04
N ALA A 26 -36.65 51.47 37.09
CA ALA A 26 -37.46 51.23 35.91
C ALA A 26 -38.26 52.48 35.56
N TYR A 27 -38.24 52.86 34.27
CA TYR A 27 -38.95 54.03 33.79
C TYR A 27 -39.72 53.65 32.50
N ALA A 28 -40.42 54.63 31.93
CA ALA A 28 -41.36 54.33 30.82
C ALA A 28 -40.67 53.60 29.68
N GLY A 29 -39.43 53.96 29.38
CA GLY A 29 -38.66 53.37 28.32
C GLY A 29 -37.76 52.19 28.65
N GLY A 30 -37.74 51.72 29.90
CA GLY A 30 -36.83 50.63 30.24
C GLY A 30 -36.14 50.72 31.59
N VAL A 31 -34.80 50.69 31.65
CA VAL A 31 -34.11 50.74 32.95
C VAL A 31 -33.05 51.84 32.88
N LEU A 32 -32.98 52.63 33.94
CA LEU A 32 -32.02 53.73 34.06
C LEU A 32 -31.04 53.40 35.18
N PHE A 33 -29.76 53.56 34.87
CA PHE A 33 -28.66 53.41 35.80
C PHE A 33 -28.02 54.78 35.98
N VAL A 34 -27.92 55.24 37.23
CA VAL A 34 -27.17 56.45 37.57
C VAL A 34 -26.23 56.11 38.72
N ALA A 35 -24.95 56.43 38.55
CA ALA A 35 -23.91 56.16 39.54
C ALA A 35 -23.07 57.43 39.80
N GLU A 36 -22.68 57.63 41.06
CA GLU A 36 -21.77 58.69 41.42
C GLU A 36 -20.38 58.18 41.05
N ASN A 37 -19.72 58.80 40.08
CA ASN A 37 -18.44 58.30 39.57
C ASN A 37 -17.63 59.44 38.95
N PRO A 38 -16.58 59.93 39.63
CA PRO A 38 -15.75 61.01 39.03
C PRO A 38 -14.97 60.56 37.80
N SER A 39 -14.71 59.26 37.66
CA SER A 39 -13.78 58.77 36.65
C SER A 39 -14.28 59.00 35.23
N ARG A 40 -13.33 59.26 34.34
CA ARG A 40 -13.63 59.48 32.94
C ARG A 40 -13.70 58.20 32.12
N SER A 41 -13.22 57.08 32.67
CA SER A 41 -13.05 55.86 31.88
C SER A 41 -13.29 54.55 32.62
N LEU A 42 -13.38 54.53 33.94
CA LEU A 42 -13.63 53.31 34.70
C LEU A 42 -15.12 53.17 35.00
N GLN A 43 -15.69 52.00 34.70
CA GLN A 43 -17.15 51.80 34.66
C GLN A 43 -17.69 51.04 35.85
N LYS A 44 -18.75 51.56 36.45
CA LYS A 44 -19.62 50.82 37.37
C LYS A 44 -20.85 50.23 36.69
N ILE A 45 -21.18 50.67 35.47
CA ILE A 45 -22.36 50.21 34.76
C ILE A 45 -21.92 49.59 33.43
N SER A 46 -22.51 48.45 33.09
CA SER A 46 -22.07 47.76 31.90
C SER A 46 -23.19 46.94 31.27
N GLU A 47 -23.02 46.66 29.99
CA GLU A 47 -23.86 45.71 29.27
C GLU A 47 -23.48 44.27 29.58
N LEU A 48 -24.48 43.44 29.84
CA LEU A 48 -24.26 42.01 29.97
C LEU A 48 -24.68 41.20 28.75
N TYR A 49 -25.91 41.39 28.28
CA TYR A 49 -26.37 40.69 27.08
C TYR A 49 -27.40 41.60 26.42
N ASP A 50 -28.01 41.11 25.33
CA ASP A 50 -28.85 41.95 24.49
C ASP A 50 -29.78 42.82 25.28
N ARG A 51 -30.54 42.22 26.19
CA ARG A 51 -31.51 43.00 26.95
C ARG A 51 -31.14 43.05 28.42
N VAL A 52 -29.88 42.74 28.75
CA VAL A 52 -29.45 42.58 30.13
C VAL A 52 -28.29 43.51 30.45
N GLY A 53 -28.43 44.25 31.55
CA GLY A 53 -27.41 45.14 32.03
C GLY A 53 -27.01 44.85 33.48
N PHE A 54 -25.88 45.45 33.86
CA PHE A 54 -25.17 45.19 35.12
C PHE A 54 -24.74 46.51 35.76
N ALA A 55 -24.98 46.66 37.08
CA ALA A 55 -24.50 47.80 37.86
C ALA A 55 -24.01 47.32 39.22
N ALA A 56 -23.01 48.00 39.78
CA ALA A 56 -22.37 47.46 40.96
C ALA A 56 -21.82 48.56 41.89
N ALA A 57 -21.70 48.19 43.18
CA ALA A 57 -21.05 49.03 44.19
C ALA A 57 -20.00 48.20 44.93
N GLY A 58 -18.90 48.86 45.31
CA GLY A 58 -17.89 48.17 46.08
C GLY A 58 -16.49 48.28 45.53
N LYS A 59 -15.70 47.23 45.67
CA LYS A 59 -14.33 47.22 45.18
C LYS A 59 -14.33 47.02 43.69
N PHE A 60 -13.62 47.90 42.96
CA PHE A 60 -13.71 47.87 41.51
C PHE A 60 -13.24 46.52 40.96
N ASN A 61 -12.03 46.10 41.33
CA ASN A 61 -11.48 44.86 40.76
C ASN A 61 -12.41 43.69 41.01
N GLU A 62 -13.12 43.69 42.14
CA GLU A 62 -13.96 42.55 42.41
C GLU A 62 -15.24 42.57 41.57
N PHE A 63 -15.99 43.69 41.57
CA PHE A 63 -17.19 43.65 40.75
C PHE A 63 -16.84 43.67 39.28
N ASP A 64 -15.60 44.03 38.93
CA ASP A 64 -15.13 43.89 37.56
C ASP A 64 -14.89 42.43 37.21
N ASN A 65 -14.32 41.66 38.15
CA ASN A 65 -14.22 40.23 37.94
C ASN A 65 -15.61 39.64 37.69
N LEU A 66 -16.57 39.97 38.57
CA LEU A 66 -17.92 39.42 38.40
C LEU A 66 -18.55 39.89 37.09
N ARG A 67 -18.27 41.12 36.67
CA ARG A 67 -18.84 41.59 35.42
C ARG A 67 -18.31 40.74 34.27
N ARG A 68 -16.98 40.53 34.21
CA ARG A 68 -16.41 39.76 33.11
C ARG A 68 -16.92 38.33 33.11
N GLY A 69 -17.01 37.70 34.28
CA GLY A 69 -17.58 36.36 34.34
C GLY A 69 -19.04 36.31 33.91
N GLY A 70 -19.78 37.38 34.17
CA GLY A 70 -21.16 37.40 33.72
C GLY A 70 -21.24 37.46 32.20
N ILE A 71 -20.43 38.32 31.60
CA ILE A 71 -20.38 38.39 30.16
C ILE A 71 -19.95 37.06 29.59
N GLN A 72 -18.98 36.42 30.24
CA GLN A 72 -18.47 35.13 29.81
C GLN A 72 -19.60 34.09 29.81
N PHE A 73 -20.34 34.04 30.90
CA PHE A 73 -21.45 33.11 31.04
C PHE A 73 -22.53 33.33 29.99
N ALA A 74 -22.97 34.58 29.85
CA ALA A 74 -24.05 34.90 28.91
C ALA A 74 -23.65 34.57 27.48
N ASP A 75 -22.45 34.98 27.06
CA ASP A 75 -22.01 34.70 25.68
C ASP A 75 -21.91 33.20 25.43
N THR A 76 -21.41 32.45 26.41
CA THR A 76 -21.39 31.00 26.28
C THR A 76 -22.78 30.39 26.21
N ARG A 77 -23.72 30.82 27.05
CA ARG A 77 -25.05 30.21 27.00
C ARG A 77 -25.74 30.54 25.70
N GLY A 78 -25.67 31.80 25.29
CA GLY A 78 -26.27 32.18 24.02
C GLY A 78 -25.70 31.40 22.86
N TYR A 79 -24.40 31.07 22.92
CA TYR A 79 -23.81 30.30 21.83
C TYR A 79 -24.27 28.83 21.90
N ALA A 80 -24.28 28.25 23.10
CA ALA A 80 -24.62 26.84 23.22
C ALA A 80 -26.06 26.58 22.82
N TYR A 81 -26.95 27.52 23.10
CA TYR A 81 -28.36 27.38 22.77
C TYR A 81 -28.73 28.44 21.80
N ASP A 82 -29.37 29.54 22.22
CA ASP A 82 -29.70 30.63 21.33
C ASP A 82 -29.76 31.92 22.15
N ARG A 83 -29.52 33.05 21.46
CA ARG A 83 -29.44 34.34 22.11
C ARG A 83 -30.69 34.60 22.93
N ARG A 84 -31.84 34.19 22.43
CA ARG A 84 -33.05 34.44 23.18
C ARG A 84 -33.22 33.54 24.39
N ASP A 85 -32.34 32.56 24.59
CA ASP A 85 -32.39 31.76 25.82
C ASP A 85 -31.65 32.39 26.99
N VAL A 86 -30.91 33.46 26.77
CA VAL A 86 -30.25 34.19 27.84
C VAL A 86 -31.27 35.11 28.49
N THR A 87 -31.46 34.96 29.81
CA THR A 87 -32.44 35.77 30.53
C THR A 87 -31.75 36.45 31.70
N GLY A 88 -32.36 37.56 32.13
CA GLY A 88 -31.87 38.26 33.31
C GLY A 88 -31.92 37.37 34.54
N ARG A 89 -33.01 36.61 34.70
CA ARG A 89 -33.10 35.69 35.84
C ARG A 89 -31.91 34.74 35.88
N GLN A 90 -31.47 34.23 34.72
CA GLN A 90 -30.35 33.28 34.71
C GLN A 90 -29.08 33.94 35.22
N LEU A 91 -28.77 35.13 34.72
CA LEU A 91 -27.57 35.83 35.16
C LEU A 91 -27.64 36.18 36.65
N ALA A 92 -28.78 36.67 37.12
CA ALA A 92 -28.93 36.95 38.54
C ALA A 92 -28.69 35.69 39.37
N ASN A 93 -29.19 34.55 38.90
CA ASN A 93 -29.01 33.28 39.62
C ASN A 93 -27.54 32.87 39.67
N VAL A 94 -26.83 32.99 38.55
CA VAL A 94 -25.41 32.62 38.52
C VAL A 94 -24.63 33.54 39.42
N TYR A 95 -25.02 34.81 39.50
CA TYR A 95 -24.34 35.70 40.44
C TYR A 95 -24.62 35.26 41.87
N ALA A 96 -25.86 34.86 42.16
CA ALA A 96 -26.14 34.38 43.51
C ALA A 96 -25.25 33.18 43.86
N GLN A 97 -25.17 32.20 42.97
CA GLN A 97 -24.34 31.04 43.24
C GLN A 97 -22.86 31.45 43.40
N THR A 98 -22.37 32.35 42.52
CA THR A 98 -20.97 32.78 42.56
C THR A 98 -20.62 33.50 43.86
N LEU A 99 -21.41 34.50 44.24
CA LEU A 99 -21.12 35.23 45.46
C LEU A 99 -21.29 34.35 46.68
N GLY A 100 -22.21 33.38 46.64
CA GLY A 100 -22.27 32.43 47.73
C GLY A 100 -20.96 31.70 47.93
N THR A 101 -20.41 31.14 46.83
CA THR A 101 -19.14 30.44 46.91
C THR A 101 -18.01 31.36 47.34
N ILE A 102 -17.89 32.52 46.70
CA ILE A 102 -16.84 33.48 47.06
C ILE A 102 -16.92 33.80 48.54
N PHE A 103 -18.13 34.12 49.01
CA PHE A 103 -18.31 34.55 50.39
C PHE A 103 -17.90 33.45 51.35
N THR A 104 -18.18 32.18 51.01
CA THR A 104 -17.88 31.14 51.99
C THR A 104 -16.49 30.54 51.85
N GLU A 105 -15.86 30.63 50.70
CA GLU A 105 -14.67 29.82 50.45
C GLU A 105 -13.44 30.57 50.03
N GLN A 106 -13.55 31.80 49.59
CA GLN A 106 -12.35 32.51 49.17
C GLN A 106 -11.61 33.10 50.36
N ALA A 107 -10.35 33.45 50.11
CA ALA A 107 -9.51 34.07 51.12
C ALA A 107 -10.18 35.28 51.72
N LYS A 108 -10.74 36.13 50.88
CA LYS A 108 -11.44 37.28 51.37
C LYS A 108 -12.76 37.39 50.61
N PRO A 109 -13.89 37.63 51.29
CA PRO A 109 -15.13 37.85 50.57
C PRO A 109 -15.04 39.08 49.71
N TYR A 110 -15.89 39.12 48.69
CA TYR A 110 -15.91 40.24 47.77
C TYR A 110 -16.73 41.38 48.36
N GLU A 111 -16.15 42.57 48.41
CA GLU A 111 -16.85 43.75 48.93
C GLU A 111 -17.68 44.40 47.82
N VAL A 112 -18.74 43.68 47.40
CA VAL A 112 -19.52 44.10 46.24
C VAL A 112 -21.01 43.90 46.51
N GLU A 113 -21.81 44.66 45.77
CA GLU A 113 -23.25 44.51 45.71
C GLU A 113 -23.63 44.74 44.25
N LEU A 114 -24.47 43.84 43.71
CA LEU A 114 -24.72 43.71 42.27
C LEU A 114 -26.19 43.92 41.93
N CYS A 115 -26.43 44.48 40.73
CA CYS A 115 -27.77 44.59 40.18
C CYS A 115 -27.78 44.10 38.74
N VAL A 116 -28.66 43.12 38.46
CA VAL A 116 -28.92 42.66 37.10
C VAL A 116 -30.29 43.16 36.68
N ALA A 117 -30.36 43.79 35.51
CA ALA A 117 -31.61 44.37 34.99
C ALA A 117 -31.91 43.82 33.61
N GLU A 118 -33.19 43.61 33.35
CA GLU A 118 -33.61 43.09 32.06
C GLU A 118 -34.82 43.88 31.57
N VAL A 119 -34.80 44.28 30.30
CA VAL A 119 -35.95 44.87 29.65
C VAL A 119 -36.47 43.84 28.65
N ALA A 120 -37.61 44.15 28.06
CA ALA A 120 -38.22 43.24 27.11
C ALA A 120 -37.47 43.24 25.78
N HIS A 121 -37.67 42.18 25.00
CA HIS A 121 -37.15 42.16 23.65
C HIS A 121 -37.98 43.08 22.77
N TYR A 122 -37.34 43.56 21.70
CA TYR A 122 -37.98 44.56 20.85
C TYR A 122 -39.31 44.04 20.33
N GLY A 123 -40.35 44.86 20.47
CA GLY A 123 -41.69 44.55 20.04
C GLY A 123 -42.45 43.66 20.97
N GLU A 124 -41.81 43.19 22.02
CA GLU A 124 -42.47 42.31 22.97
C GLU A 124 -42.86 43.15 24.18
N THR A 125 -43.84 42.67 24.93
CA THR A 125 -44.36 43.46 26.03
C THR A 125 -44.07 42.74 27.34
N LYS A 126 -43.05 43.17 28.05
CA LYS A 126 -42.65 42.59 29.33
C LYS A 126 -42.15 43.73 30.21
N ARG A 127 -42.53 43.71 31.48
CA ARG A 127 -42.07 44.79 32.35
C ARG A 127 -40.66 44.52 32.84
N PRO A 128 -39.84 45.58 32.99
CA PRO A 128 -38.44 45.38 33.41
C PRO A 128 -38.36 44.60 34.69
N GLU A 129 -37.25 43.90 34.85
CA GLU A 129 -36.95 43.18 36.08
C GLU A 129 -35.67 43.72 36.66
N LEU A 130 -35.65 43.91 37.98
CA LEU A 130 -34.44 44.29 38.69
C LEU A 130 -34.12 43.21 39.69
N TYR A 131 -32.84 42.86 39.80
CA TYR A 131 -32.37 41.90 40.78
C TYR A 131 -31.23 42.50 41.58
N ARG A 132 -31.30 42.33 42.91
CA ARG A 132 -30.20 42.69 43.79
C ARG A 132 -29.55 41.38 44.26
N ILE A 133 -28.25 41.24 44.03
CA ILE A 133 -27.48 40.14 44.58
C ILE A 133 -26.46 40.78 45.51
N THR A 134 -26.46 40.37 46.79
CA THR A 134 -25.57 40.98 47.78
C THR A 134 -24.34 40.09 47.98
N TYR A 135 -23.43 40.55 48.84
CA TYR A 135 -22.13 39.92 48.93
C TYR A 135 -22.21 38.46 49.36
N ASP A 136 -23.29 38.03 50.01
CA ASP A 136 -23.36 36.65 50.46
C ASP A 136 -24.16 35.75 49.53
N GLY A 137 -24.62 36.26 48.38
CA GLY A 137 -25.40 35.49 47.43
C GLY A 137 -26.90 35.58 47.58
N SER A 138 -27.39 36.42 48.48
CA SER A 138 -28.83 36.61 48.57
C SER A 138 -29.32 37.40 47.35
N ILE A 139 -30.48 37.00 46.85
CA ILE A 139 -31.05 37.55 45.63
C ILE A 139 -32.45 38.06 45.94
N ALA A 140 -32.79 39.21 45.36
CA ALA A 140 -34.07 39.85 45.62
C ALA A 140 -34.65 40.42 44.33
N ASP A 141 -35.98 40.27 44.21
CA ASP A 141 -36.80 40.75 43.10
C ASP A 141 -37.24 42.18 43.33
N GLU A 142 -36.84 43.10 42.46
CA GLU A 142 -37.36 44.43 42.65
C GLU A 142 -38.05 44.93 41.39
N PRO A 143 -39.26 45.50 41.53
CA PRO A 143 -40.03 46.00 40.38
C PRO A 143 -39.73 47.45 40.05
N HIS A 144 -39.25 48.26 41.00
CA HIS A 144 -39.15 49.70 40.78
C HIS A 144 -37.73 50.27 40.88
N PHE A 145 -36.97 49.98 41.95
CA PHE A 145 -35.63 50.58 42.01
C PHE A 145 -34.75 49.78 42.96
N VAL A 146 -33.44 49.98 42.78
CA VAL A 146 -32.37 49.35 43.54
C VAL A 146 -31.36 50.44 43.89
N VAL A 147 -30.88 50.39 45.14
CA VAL A 147 -29.81 51.24 45.63
C VAL A 147 -28.70 50.35 46.14
N MET A 148 -27.45 50.76 45.85
CA MET A 148 -26.27 50.00 46.26
C MET A 148 -25.15 50.93 46.68
N GLY A 149 -24.43 50.57 47.74
CA GLY A 149 -23.21 51.30 48.05
C GLY A 149 -23.43 52.53 48.92
N GLY A 150 -22.43 52.83 49.74
CA GLY A 150 -22.48 54.03 50.56
C GLY A 150 -23.61 54.00 51.55
N THR A 151 -24.15 55.18 51.81
CA THR A 151 -25.23 55.37 52.78
C THR A 151 -26.55 55.13 52.04
N THR A 152 -27.08 53.92 52.21
CA THR A 152 -28.20 53.45 51.39
C THR A 152 -29.55 53.97 51.85
N GLU A 153 -29.79 54.05 53.16
CA GLU A 153 -31.14 54.34 53.63
C GLU A 153 -31.60 55.75 53.23
N PRO A 154 -30.80 56.83 53.38
CA PRO A 154 -31.27 58.12 52.84
C PRO A 154 -31.64 58.05 51.36
N ILE A 155 -30.84 57.35 50.54
CA ILE A 155 -31.12 57.27 49.10
C ILE A 155 -32.41 56.49 48.85
N ALA A 156 -32.56 55.36 49.53
CA ALA A 156 -33.75 54.52 49.37
C ALA A 156 -35.01 55.25 49.80
N ASN A 157 -34.94 56.03 50.90
CA ASN A 157 -36.09 56.81 51.36
C ASN A 157 -36.43 57.96 50.41
N ALA A 158 -35.42 58.70 49.93
CA ALA A 158 -35.71 59.74 48.95
C ALA A 158 -36.45 59.15 47.75
N LEU A 159 -35.99 57.99 47.27
CA LEU A 159 -36.70 57.35 46.16
C LEU A 159 -38.08 56.83 46.58
N LYS A 160 -38.24 56.33 47.82
CA LYS A 160 -39.56 55.87 48.26
C LYS A 160 -40.58 57.00 48.22
N GLU A 161 -40.15 58.24 48.41
CA GLU A 161 -41.11 59.32 48.35
C GLU A 161 -41.31 59.87 46.93
N SER A 162 -40.24 59.94 46.12
CA SER A 162 -40.33 60.65 44.85
C SER A 162 -40.59 59.76 43.64
N TYR A 163 -40.56 58.44 43.80
CA TYR A 163 -40.59 57.56 42.64
C TYR A 163 -42.00 57.43 42.10
N ALA A 164 -42.12 57.51 40.78
CA ALA A 164 -43.35 57.19 40.07
C ALA A 164 -43.07 56.24 38.92
N GLU A 165 -43.98 55.28 38.72
CA GLU A 165 -43.89 54.34 37.62
C GLU A 165 -44.03 55.03 36.26
N ASN A 166 -43.33 54.47 35.28
CA ASN A 166 -43.41 54.92 33.89
C ASN A 166 -43.07 56.41 33.73
N ALA A 167 -42.12 56.91 34.51
CA ALA A 167 -41.73 58.30 34.28
C ALA A 167 -40.87 58.41 33.03
N SER A 168 -40.73 59.64 32.54
CA SER A 168 -39.88 59.86 31.38
C SER A 168 -38.40 59.78 31.77
N LEU A 169 -37.55 59.75 30.75
CA LEU A 169 -36.11 59.66 31.00
C LEU A 169 -35.62 60.84 31.85
N THR A 170 -36.00 62.06 31.48
CA THR A 170 -35.55 63.26 32.21
C THR A 170 -36.03 63.25 33.66
N ASP A 171 -37.30 62.90 33.87
CA ASP A 171 -37.87 62.90 35.22
C ASP A 171 -37.18 61.83 36.10
N ALA A 172 -37.01 60.63 35.55
CA ALA A 172 -36.33 59.58 36.31
C ALA A 172 -34.88 59.96 36.62
N LEU A 173 -34.23 60.62 35.68
CA LEU A 173 -32.87 61.04 35.95
C LEU A 173 -32.84 62.06 37.09
N ARG A 174 -33.81 63.00 37.09
CA ARG A 174 -33.90 64.01 38.14
C ARG A 174 -34.10 63.37 39.52
N ILE A 175 -35.07 62.46 39.61
CA ILE A 175 -35.28 61.67 40.83
C ILE A 175 -34.00 60.98 41.27
N ALA A 176 -33.26 60.41 40.32
CA ALA A 176 -32.10 59.62 40.67
C ALA A 176 -31.00 60.48 41.28
N VAL A 177 -30.68 61.61 40.63
CA VAL A 177 -29.65 62.50 41.19
C VAL A 177 -30.10 63.08 42.53
N ALA A 178 -31.40 63.33 42.70
CA ALA A 178 -31.90 63.82 43.99
C ALA A 178 -31.64 62.81 45.11
N ALA A 179 -32.06 61.57 44.88
CA ALA A 179 -31.88 60.53 45.89
C ALA A 179 -30.39 60.29 46.16
N LEU A 180 -29.56 60.36 45.12
CA LEU A 180 -28.13 60.19 45.28
C LEU A 180 -27.52 61.30 46.12
N ARG A 181 -28.00 62.54 45.93
CA ARG A 181 -27.58 63.65 46.78
C ARG A 181 -27.92 63.40 48.25
N ALA A 182 -29.11 62.85 48.52
CA ALA A 182 -29.52 62.60 49.90
C ALA A 182 -28.50 61.77 50.70
N GLY A 183 -27.66 61.00 50.03
CA GLY A 183 -26.72 60.15 50.73
C GLY A 183 -25.28 60.61 50.58
N SER A 184 -24.47 59.75 49.96
CA SER A 184 -23.02 59.96 49.84
C SER A 184 -22.65 61.15 48.94
N THR A 194 -24.70 69.72 43.15
CA THR A 194 -23.40 69.23 43.57
C THR A 194 -22.93 68.07 42.66
N LEU A 195 -23.84 67.55 41.83
CA LEU A 195 -23.55 66.38 40.99
C LEU A 195 -23.80 66.72 39.53
N GLY A 196 -22.74 66.84 38.74
CA GLY A 196 -22.83 67.12 37.33
C GLY A 196 -22.47 65.95 36.45
N VAL A 197 -22.30 66.24 35.16
CA VAL A 197 -21.84 65.24 34.20
C VAL A 197 -20.53 64.63 34.67
N ALA A 198 -19.49 65.47 34.82
CA ALA A 198 -18.17 65.04 35.26
C ALA A 198 -18.17 64.11 36.48
N SER A 199 -19.20 64.12 37.32
CA SER A 199 -19.22 63.25 38.49
C SER A 199 -20.26 62.14 38.40
N LEU A 200 -20.95 62.00 37.28
CA LEU A 200 -21.99 60.98 37.19
C LEU A 200 -21.71 60.09 35.99
N GLU A 201 -22.10 58.81 36.13
CA GLU A 201 -22.06 57.86 35.03
C GLU A 201 -23.48 57.34 34.82
N VAL A 202 -24.01 57.49 33.60
CA VAL A 202 -25.40 57.20 33.31
C VAL A 202 -25.52 56.28 32.09
N ALA A 203 -26.47 55.36 32.14
CA ALA A 203 -26.74 54.47 31.01
C ALA A 203 -28.13 53.88 31.17
N VAL A 204 -28.73 53.48 30.05
CA VAL A 204 -30.07 52.90 30.06
C VAL A 204 -30.07 51.57 29.31
N LEU A 205 -30.98 50.69 29.73
CA LEU A 205 -31.46 49.57 28.92
C LEU A 205 -32.70 50.10 28.24
N ASP A 206 -32.57 50.47 26.99
CA ASP A 206 -33.61 51.15 26.23
C ASP A 206 -34.42 50.09 25.46
N ALA A 207 -35.65 49.83 25.91
CA ALA A 207 -36.42 48.75 25.28
C ALA A 207 -36.79 49.01 23.83
N ASN A 208 -36.52 50.20 23.30
CA ASN A 208 -36.87 50.48 21.91
C ASN A 208 -35.71 50.26 20.93
N ARG A 209 -34.51 50.04 21.42
CA ARG A 209 -33.45 49.62 20.52
C ARG A 209 -33.80 48.26 19.93
N PRO A 210 -33.49 48.01 18.66
CA PRO A 210 -33.90 46.72 18.07
C PRO A 210 -33.22 45.50 18.68
N ARG A 211 -31.90 45.52 18.94
CA ARG A 211 -31.30 44.34 19.59
C ARG A 211 -30.52 44.70 20.85
N ARG A 212 -29.38 45.39 20.76
CA ARG A 212 -28.62 45.67 21.97
C ARG A 212 -29.22 46.89 22.66
N ALA A 213 -29.81 46.65 23.84
CA ALA A 213 -30.57 47.66 24.56
C ALA A 213 -29.71 48.63 25.38
N PHE A 214 -28.48 48.23 25.73
CA PHE A 214 -27.66 49.07 26.58
C PHE A 214 -27.21 50.27 25.78
N ARG A 215 -27.13 51.42 26.44
CA ARG A 215 -26.79 52.65 25.76
C ARG A 215 -26.26 53.62 26.80
N ARG A 216 -25.21 54.35 26.46
CA ARG A 216 -24.68 55.31 27.40
C ARG A 216 -25.16 56.72 27.05
N ILE A 217 -25.39 57.52 28.09
CA ILE A 217 -25.72 58.94 27.94
C ILE A 217 -24.61 59.74 28.63
N THR A 218 -23.74 60.37 27.85
CA THR A 218 -22.58 61.09 28.35
C THR A 218 -22.54 62.51 27.80
N GLY A 219 -21.74 63.36 28.45
CA GLY A 219 -21.41 64.67 27.93
C GLY A 219 -22.56 65.54 27.49
N SER A 220 -22.57 65.95 26.22
CA SER A 220 -23.57 66.91 25.77
C SER A 220 -24.98 66.39 26.01
N ALA A 221 -25.22 65.11 25.69
CA ALA A 221 -26.55 64.53 25.88
C ALA A 221 -26.95 64.52 27.36
N LEU A 222 -26.03 64.09 28.24
CA LEU A 222 -26.33 64.01 29.67
C LEU A 222 -26.63 65.39 30.26
N GLN A 223 -25.77 66.38 29.99
CA GLN A 223 -26.05 67.74 30.45
C GLN A 223 -27.37 68.25 29.89
N ALA A 224 -27.65 67.93 28.61
CA ALA A 224 -28.92 68.28 27.99
C ALA A 224 -30.11 67.70 28.75
N LEU A 225 -29.93 66.56 29.39
CA LEU A 225 -31.00 65.97 30.17
C LEU A 225 -31.08 66.48 31.61
N LEU A 226 -29.98 67.01 32.17
CA LEU A 226 -30.02 67.45 33.56
C LEU A 226 -30.62 68.84 33.76
N VAL A 227 -30.69 69.67 32.71
CA VAL A 227 -31.18 71.05 32.76
C VAL A 227 -32.68 71.12 33.16
N MET B 1 -13.92 19.59 66.75
CA MET B 1 -14.91 18.56 66.33
C MET B 1 -16.30 18.65 67.00
N GLU B 2 -16.50 18.04 68.18
CA GLU B 2 -17.84 18.04 68.78
C GLU B 2 -18.34 19.45 68.99
N GLN B 3 -17.45 20.38 69.35
CA GLN B 3 -17.90 21.76 69.44
C GLN B 3 -18.10 22.36 68.05
N ALA B 4 -17.14 22.17 67.16
CA ALA B 4 -17.28 22.71 65.80
C ALA B 4 -18.57 22.26 65.12
N MET B 5 -18.92 20.98 65.26
CA MET B 5 -20.15 20.51 64.63
C MET B 5 -21.38 21.08 65.32
N ARG B 6 -21.33 21.34 66.64
CA ARG B 6 -22.48 21.92 67.32
C ARG B 6 -22.72 23.32 66.79
N GLU B 7 -21.62 24.04 66.55
CA GLU B 7 -21.70 25.38 65.98
C GLU B 7 -22.26 25.34 64.56
N ARG B 8 -21.82 24.38 63.74
CA ARG B 8 -22.36 24.25 62.39
C ARG B 8 -23.86 23.98 62.43
N SER B 9 -24.26 23.01 63.26
CA SER B 9 -25.66 22.66 63.44
C SER B 9 -26.47 23.87 63.87
N GLU B 10 -25.90 24.70 64.75
CA GLU B 10 -26.62 25.88 65.19
C GLU B 10 -26.70 26.93 64.08
N LEU B 11 -25.62 27.13 63.32
CA LEU B 11 -25.65 28.11 62.23
C LEU B 11 -26.74 27.76 61.24
N ALA B 12 -26.85 26.45 60.93
CA ALA B 12 -27.88 25.94 60.03
C ALA B 12 -29.28 26.12 60.60
N ARG B 13 -29.49 25.69 61.85
CA ARG B 13 -30.80 25.79 62.49
C ARG B 13 -31.29 27.24 62.61
N LYS B 14 -30.40 28.16 62.97
CA LYS B 14 -30.78 29.57 63.08
C LYS B 14 -31.05 30.16 61.71
N GLY B 15 -30.16 29.91 60.74
CA GLY B 15 -30.37 30.42 59.39
C GLY B 15 -31.66 29.94 58.78
N ILE B 16 -32.01 28.68 59.01
CA ILE B 16 -33.25 28.15 58.44
C ILE B 16 -34.46 28.72 59.19
N ALA B 17 -34.32 28.98 60.50
CA ALA B 17 -35.45 29.57 61.22
C ALA B 17 -35.76 30.99 60.76
N ARG B 18 -34.74 31.75 60.34
CA ARG B 18 -34.97 33.11 59.83
C ARG B 18 -35.70 33.13 58.48
N ALA B 19 -35.76 32.03 57.74
CA ALA B 19 -36.35 31.99 56.40
C ALA B 19 -37.85 31.75 56.43
N LYS B 20 -38.50 31.88 55.27
CA LYS B 20 -39.94 31.70 55.17
C LYS B 20 -40.31 30.21 55.18
N SER B 21 -41.59 29.95 55.40
CA SER B 21 -42.06 28.59 55.63
C SER B 21 -42.64 27.95 54.38
N VAL B 22 -42.58 26.62 54.37
CA VAL B 22 -43.03 25.78 53.26
C VAL B 22 -43.75 24.57 53.85
N VAL B 23 -44.84 24.17 53.22
CA VAL B 23 -45.62 23.05 53.69
C VAL B 23 -45.97 22.12 52.53
N ALA B 24 -45.97 20.82 52.81
CA ALA B 24 -46.31 19.81 51.81
C ALA B 24 -47.30 18.81 52.40
N LEU B 25 -48.38 18.54 51.66
CA LEU B 25 -49.44 17.68 52.18
C LEU B 25 -49.86 16.62 51.16
N ALA B 26 -50.08 15.42 51.65
CA ALA B 26 -50.65 14.39 50.80
C ALA B 26 -52.15 14.65 50.77
N TYR B 27 -52.75 14.62 49.58
CA TYR B 27 -54.19 14.74 49.46
C TYR B 27 -54.69 13.70 48.46
N ALA B 28 -56.01 13.72 48.26
CA ALA B 28 -56.67 12.68 47.46
C ALA B 28 -56.10 12.63 46.04
N GLY B 29 -55.75 13.77 45.47
CA GLY B 29 -55.25 13.75 44.13
C GLY B 29 -53.75 13.60 43.98
N GLY B 30 -53.01 13.47 45.07
CA GLY B 30 -51.56 13.41 44.97
C GLY B 30 -50.87 14.16 46.09
N VAL B 31 -50.01 15.14 45.78
CA VAL B 31 -49.29 15.92 46.80
C VAL B 31 -49.40 17.39 46.47
N LEU B 32 -49.59 18.21 47.52
CA LEU B 32 -49.73 19.65 47.39
C LEU B 32 -48.58 20.37 48.08
N PHE B 33 -47.96 21.31 47.35
CA PHE B 33 -46.87 22.15 47.83
C PHE B 33 -47.38 23.59 47.94
N VAL B 34 -47.29 24.15 49.14
CA VAL B 34 -47.68 25.52 49.40
C VAL B 34 -46.53 26.21 50.12
N ALA B 35 -46.07 27.32 49.56
CA ALA B 35 -44.97 28.04 50.16
C ALA B 35 -45.24 29.53 50.17
N GLU B 36 -44.75 30.19 51.23
CA GLU B 36 -44.71 31.65 51.30
C GLU B 36 -43.53 32.09 50.46
N ASN B 37 -43.82 32.77 49.36
CA ASN B 37 -42.81 33.17 48.38
C ASN B 37 -43.32 34.46 47.73
N PRO B 38 -42.79 35.61 48.16
CA PRO B 38 -43.16 36.88 47.53
C PRO B 38 -42.67 37.02 46.11
N SER B 39 -41.60 36.31 45.78
CA SER B 39 -40.91 36.55 44.53
C SER B 39 -41.80 36.23 43.34
N ARG B 40 -41.58 36.95 42.23
CA ARG B 40 -42.30 36.55 41.03
C ARG B 40 -41.56 35.47 40.26
N SER B 41 -40.21 35.48 40.27
CA SER B 41 -39.40 34.57 39.46
C SER B 41 -38.49 33.61 40.23
N LEU B 42 -38.31 33.77 41.53
CA LEU B 42 -37.54 32.79 42.30
C LEU B 42 -38.46 31.78 42.97
N GLN B 43 -38.22 30.50 42.72
CA GLN B 43 -39.17 29.46 43.09
C GLN B 43 -38.55 28.47 44.07
N LYS B 44 -39.26 28.24 45.19
CA LYS B 44 -38.87 27.30 46.25
C LYS B 44 -39.34 25.87 45.97
N ILE B 45 -40.30 25.70 45.04
CA ILE B 45 -40.87 24.40 44.69
C ILE B 45 -40.53 24.10 43.24
N SER B 46 -40.08 22.88 42.98
CA SER B 46 -39.66 22.53 41.62
C SER B 46 -39.96 21.06 41.37
N GLU B 47 -40.08 20.75 40.08
CA GLU B 47 -40.18 19.39 39.59
C GLU B 47 -38.79 18.77 39.57
N LEU B 48 -38.69 17.52 40.04
CA LEU B 48 -37.47 16.75 39.90
C LEU B 48 -37.55 15.73 38.77
N TYR B 49 -38.60 14.92 38.74
CA TYR B 49 -38.75 13.91 37.70
C TYR B 49 -40.24 13.67 37.49
N ASP B 50 -40.57 12.71 36.59
CA ASP B 50 -41.95 12.56 36.12
C ASP B 50 -42.95 12.60 37.29
N ARG B 51 -42.70 11.79 38.32
CA ARG B 51 -43.61 11.70 39.46
C ARG B 51 -42.98 12.17 40.75
N VAL B 52 -41.91 12.97 40.67
CA VAL B 52 -41.20 13.36 41.87
C VAL B 52 -41.04 14.87 41.91
N GLY B 53 -41.45 15.47 43.02
CA GLY B 53 -41.32 16.89 43.21
C GLY B 53 -40.48 17.26 44.41
N PHE B 54 -40.07 18.53 44.44
CA PHE B 54 -39.05 19.02 45.33
C PHE B 54 -39.53 20.33 45.95
N ALA B 55 -39.34 20.48 47.26
CA ALA B 55 -39.64 21.74 47.93
C ALA B 55 -38.55 22.02 48.96
N ALA B 56 -38.27 23.30 49.20
CA ALA B 56 -37.15 23.64 50.07
C ALA B 56 -37.41 24.91 50.85
N ALA B 57 -36.75 25.04 52.00
CA ALA B 57 -36.75 26.25 52.81
C ALA B 57 -35.33 26.66 53.13
N GLY B 58 -35.08 27.98 53.14
CA GLY B 58 -33.75 28.46 53.52
C GLY B 58 -33.05 29.43 52.57
N LYS B 59 -31.72 29.32 52.47
CA LYS B 59 -30.96 30.23 51.62
C LYS B 59 -31.13 29.82 50.16
N PHE B 60 -31.49 30.78 49.31
CA PHE B 60 -31.92 30.47 47.95
C PHE B 60 -30.81 29.81 47.12
N ASN B 61 -29.64 30.46 47.01
CA ASN B 61 -28.58 29.91 46.15
C ASN B 61 -28.24 28.48 46.55
N GLU B 62 -28.37 28.15 47.84
CA GLU B 62 -27.97 26.83 48.32
C GLU B 62 -29.00 25.77 47.97
N PHE B 63 -30.29 25.99 48.27
CA PHE B 63 -31.22 24.94 47.89
C PHE B 63 -31.48 24.92 46.39
N ASP B 64 -31.15 25.99 45.67
CA ASP B 64 -31.21 25.94 44.21
C ASP B 64 -30.09 25.06 43.68
N ASN B 65 -28.89 25.17 44.26
CA ASN B 65 -27.83 24.22 43.94
C ASN B 65 -28.28 22.78 44.16
N LEU B 66 -28.93 22.50 45.30
CA LEU B 66 -29.40 21.14 45.55
C LEU B 66 -30.48 20.72 44.56
N ARG B 67 -31.32 21.67 44.13
CA ARG B 67 -32.38 21.38 43.18
C ARG B 67 -31.81 20.99 41.82
N ARG B 68 -30.88 21.82 41.31
CA ARG B 68 -30.23 21.51 40.04
C ARG B 68 -29.46 20.21 40.12
N GLY B 69 -28.78 19.98 41.25
CA GLY B 69 -28.09 18.71 41.42
C GLY B 69 -29.02 17.51 41.40
N GLY B 70 -30.21 17.66 42.00
CA GLY B 70 -31.18 16.57 41.96
C GLY B 70 -31.73 16.31 40.58
N ILE B 71 -32.05 17.37 39.83
CA ILE B 71 -32.53 17.15 38.48
C ILE B 71 -31.45 16.45 37.68
N GLN B 72 -30.19 16.85 37.86
CA GLN B 72 -29.08 16.20 37.16
C GLN B 72 -29.00 14.71 37.50
N PHE B 73 -29.05 14.37 38.79
CA PHE B 73 -29.03 12.97 39.18
C PHE B 73 -30.18 12.19 38.58
N ALA B 74 -31.40 12.73 38.73
CA ALA B 74 -32.57 12.01 38.27
C ALA B 74 -32.50 11.77 36.77
N ASP B 75 -32.16 12.81 36.00
CA ASP B 75 -32.13 12.66 34.56
C ASP B 75 -31.03 11.69 34.11
N THR B 76 -29.81 11.79 34.66
CA THR B 76 -28.83 10.81 34.24
C THR B 76 -29.25 9.41 34.64
N ARG B 77 -29.89 9.23 35.80
CA ARG B 77 -30.27 7.88 36.17
C ARG B 77 -31.32 7.32 35.23
N GLY B 78 -32.34 8.13 34.89
CA GLY B 78 -33.33 7.69 33.93
C GLY B 78 -32.74 7.36 32.57
N TYR B 79 -31.71 8.11 32.15
CA TYR B 79 -31.07 7.79 30.89
C TYR B 79 -30.27 6.51 30.99
N ALA B 80 -29.50 6.36 32.05
CA ALA B 80 -28.62 5.21 32.20
C ALA B 80 -29.42 3.92 32.33
N TYR B 81 -30.58 3.97 33.00
CA TYR B 81 -31.36 2.75 33.17
C TYR B 81 -32.70 2.93 32.46
N ASP B 82 -33.74 3.28 33.18
CA ASP B 82 -35.05 3.57 32.58
C ASP B 82 -35.77 4.57 33.44
N ARG B 83 -36.64 5.34 32.77
CA ARG B 83 -37.39 6.36 33.47
C ARG B 83 -38.08 5.80 34.71
N ARG B 84 -38.64 4.59 34.60
CA ARG B 84 -39.40 4.03 35.70
C ARG B 84 -38.54 3.60 36.87
N ASP B 85 -37.23 3.53 36.69
CA ASP B 85 -36.38 3.21 37.82
C ASP B 85 -36.13 4.42 38.72
N VAL B 86 -36.49 5.64 38.29
CA VAL B 86 -36.29 6.82 39.12
C VAL B 86 -37.40 6.91 40.17
N THR B 87 -37.01 6.94 41.45
CA THR B 87 -37.96 6.96 42.55
C THR B 87 -37.65 8.07 43.55
N GLY B 88 -38.70 8.44 44.30
CA GLY B 88 -38.54 9.43 45.36
C GLY B 88 -37.55 9.00 46.42
N ARG B 89 -37.71 7.77 46.95
CA ARG B 89 -36.79 7.22 47.94
C ARG B 89 -35.34 7.39 47.53
N GLN B 90 -35.01 7.10 46.26
CA GLN B 90 -33.61 7.22 45.87
C GLN B 90 -33.16 8.69 45.83
N LEU B 91 -34.02 9.61 45.37
CA LEU B 91 -33.64 11.02 45.41
C LEU B 91 -33.45 11.50 46.84
N ALA B 92 -34.36 11.10 47.75
CA ALA B 92 -34.18 11.42 49.16
C ALA B 92 -32.86 10.84 49.67
N ASN B 93 -32.49 9.66 49.19
CA ASN B 93 -31.25 9.04 49.63
C ASN B 93 -30.02 9.85 49.18
N VAL B 94 -29.99 10.29 47.92
CA VAL B 94 -28.84 11.09 47.49
C VAL B 94 -28.84 12.44 48.20
N TYR B 95 -30.02 12.99 48.49
CA TYR B 95 -30.03 14.25 49.25
C TYR B 95 -29.49 14.05 50.67
N ALA B 96 -29.87 12.97 51.35
CA ALA B 96 -29.29 12.69 52.66
C ALA B 96 -27.79 12.58 52.56
N GLN B 97 -27.31 11.85 51.54
CA GLN B 97 -25.88 11.65 51.34
C GLN B 97 -25.18 12.99 51.10
N THR B 98 -25.74 13.78 50.20
CA THR B 98 -25.12 15.03 49.76
C THR B 98 -25.08 16.04 50.90
N LEU B 99 -26.20 16.23 51.60
CA LEU B 99 -26.24 17.17 52.72
C LEU B 99 -25.36 16.70 53.87
N GLY B 100 -25.22 15.39 54.05
CA GLY B 100 -24.23 14.90 55.01
C GLY B 100 -22.84 15.39 54.68
N THR B 101 -22.42 15.19 53.41
CA THR B 101 -21.10 15.66 53.00
C THR B 101 -20.96 17.17 53.16
N ILE B 102 -21.98 17.92 52.70
CA ILE B 102 -21.96 19.38 52.82
C ILE B 102 -21.78 19.79 54.27
N PHE B 103 -22.60 19.19 55.15
CA PHE B 103 -22.60 19.55 56.55
C PHE B 103 -21.28 19.22 57.21
N THR B 104 -20.58 18.19 56.76
CA THR B 104 -19.33 17.91 57.45
C THR B 104 -18.12 18.59 56.83
N GLU B 105 -18.13 18.88 55.53
CA GLU B 105 -16.89 19.19 54.84
C GLU B 105 -16.85 20.54 54.15
N GLN B 106 -17.98 21.19 53.95
CA GLN B 106 -17.97 22.47 53.29
C GLN B 106 -17.56 23.61 54.22
N ALA B 107 -17.12 24.71 53.59
CA ALA B 107 -16.70 25.87 54.33
C ALA B 107 -17.79 26.32 55.28
N LYS B 108 -19.03 26.32 54.81
CA LYS B 108 -20.22 26.61 55.59
C LYS B 108 -21.31 25.59 55.27
N PRO B 109 -21.98 25.04 56.28
CA PRO B 109 -23.09 24.13 56.02
C PRO B 109 -24.22 24.85 55.30
N TYR B 110 -25.07 24.05 54.65
CA TYR B 110 -26.18 24.61 53.90
C TYR B 110 -27.37 24.89 54.83
N GLU B 111 -27.82 26.15 54.83
CA GLU B 111 -28.94 26.60 55.66
C GLU B 111 -30.24 26.30 54.95
N VAL B 112 -30.52 25.00 54.83
CA VAL B 112 -31.63 24.54 54.00
C VAL B 112 -32.31 23.35 54.64
N GLU B 113 -33.56 23.15 54.25
CA GLU B 113 -34.29 21.93 54.57
C GLU B 113 -35.12 21.53 53.37
N LEU B 114 -35.18 20.22 53.10
CA LEU B 114 -35.68 19.69 51.84
C LEU B 114 -36.85 18.74 52.04
N CYS B 115 -37.76 18.73 51.06
CA CYS B 115 -38.82 17.73 50.99
C CYS B 115 -38.81 17.17 49.59
N VAL B 116 -38.69 15.85 49.49
CA VAL B 116 -38.87 15.15 48.23
C VAL B 116 -40.18 14.38 48.31
N ALA B 117 -41.02 14.56 47.31
CA ALA B 117 -42.31 13.88 47.32
C ALA B 117 -42.49 13.10 46.04
N GLU B 118 -43.19 11.96 46.14
CA GLU B 118 -43.46 11.11 44.98
C GLU B 118 -44.91 10.65 44.98
N VAL B 119 -45.57 10.76 43.82
CA VAL B 119 -46.92 10.22 43.65
C VAL B 119 -46.86 8.97 42.76
N ALA B 120 -47.97 8.25 42.74
CA ALA B 120 -47.99 7.00 41.99
C ALA B 120 -47.98 7.27 40.49
N HIS B 121 -47.55 6.26 39.73
CA HIS B 121 -47.63 6.39 38.28
C HIS B 121 -49.06 6.24 37.81
N TYR B 122 -49.33 6.83 36.64
CA TYR B 122 -50.68 6.89 36.10
C TYR B 122 -51.30 5.51 36.03
N GLY B 123 -52.48 5.38 36.63
CA GLY B 123 -53.22 4.15 36.67
C GLY B 123 -52.81 3.19 37.77
N GLU B 124 -51.76 3.48 38.51
CA GLU B 124 -51.36 2.62 39.60
C GLU B 124 -51.87 3.22 40.91
N THR B 125 -51.95 2.38 41.94
CA THR B 125 -52.50 2.77 43.25
C THR B 125 -51.40 2.72 44.32
N LYS B 126 -50.82 3.88 44.66
CA LYS B 126 -49.79 3.89 45.69
C LYS B 126 -49.98 5.16 46.52
N ARG B 127 -49.89 5.00 47.82
CA ARG B 127 -49.95 6.13 48.73
C ARG B 127 -48.76 7.02 48.43
N PRO B 128 -48.95 8.35 48.34
CA PRO B 128 -47.82 9.23 48.12
C PRO B 128 -46.76 9.02 49.20
N GLU B 129 -45.51 9.39 48.87
CA GLU B 129 -44.41 9.38 49.81
C GLU B 129 -43.90 10.80 50.05
N LEU B 130 -43.65 11.11 51.30
CA LEU B 130 -43.06 12.39 51.66
C LEU B 130 -41.77 12.13 52.42
N TYR B 131 -40.72 12.84 52.06
CA TYR B 131 -39.44 12.73 52.74
C TYR B 131 -38.97 14.12 53.13
N ARG B 132 -38.56 14.24 54.38
CA ARG B 132 -37.87 15.41 54.88
C ARG B 132 -36.39 15.06 54.98
N ILE B 133 -35.51 15.95 54.49
CA ILE B 133 -34.06 15.87 54.66
C ILE B 133 -33.58 17.17 55.29
N THR B 134 -32.86 17.06 56.41
CA THR B 134 -32.43 18.25 57.13
C THR B 134 -30.97 18.60 56.83
N TYR B 135 -30.49 19.71 57.40
CA TYR B 135 -29.18 20.27 57.04
C TYR B 135 -28.03 19.31 57.29
N ASP B 136 -28.20 18.33 58.17
CA ASP B 136 -27.13 17.40 58.53
C ASP B 136 -27.22 16.07 57.79
N GLY B 137 -28.16 15.93 56.88
CA GLY B 137 -28.36 14.68 56.17
C GLY B 137 -29.36 13.73 56.82
N SER B 138 -30.01 14.13 57.92
CA SER B 138 -31.03 13.28 58.50
C SER B 138 -32.24 13.21 57.59
N ILE B 139 -32.77 12.01 57.44
CA ILE B 139 -33.88 11.78 56.53
C ILE B 139 -34.98 11.11 57.33
N ALA B 140 -36.20 11.57 57.10
CA ALA B 140 -37.34 10.99 57.78
C ALA B 140 -38.47 10.85 56.78
N ASP B 141 -39.09 9.69 56.83
CA ASP B 141 -40.23 9.36 55.98
C ASP B 141 -41.51 9.71 56.73
N GLU B 142 -42.28 10.66 56.19
CA GLU B 142 -43.48 11.15 56.87
C GLU B 142 -44.73 10.79 56.07
N PRO B 143 -45.80 10.38 56.76
CA PRO B 143 -46.96 9.81 56.03
C PRO B 143 -47.99 10.82 55.53
N HIS B 144 -48.13 11.96 56.20
CA HIS B 144 -49.21 12.89 55.87
C HIS B 144 -48.75 14.26 55.43
N PHE B 145 -47.83 14.90 56.15
CA PHE B 145 -47.42 16.26 55.78
C PHE B 145 -46.02 16.54 56.34
N VAL B 146 -45.40 17.59 55.78
CA VAL B 146 -44.08 18.09 56.14
C VAL B 146 -44.17 19.61 56.27
N VAL B 147 -43.48 20.15 57.27
CA VAL B 147 -43.36 21.59 57.45
C VAL B 147 -41.88 21.94 57.47
N MET B 148 -41.50 23.04 56.84
CA MET B 148 -40.11 23.42 56.75
C MET B 148 -39.94 24.94 56.82
N GLY B 149 -38.90 25.39 57.50
CA GLY B 149 -38.57 26.81 57.50
C GLY B 149 -39.31 27.59 58.56
N GLY B 150 -38.64 28.60 59.10
CA GLY B 150 -39.25 29.46 60.11
C GLY B 150 -39.62 28.71 61.39
N THR B 151 -40.72 29.15 61.99
CA THR B 151 -41.25 28.59 63.24
C THR B 151 -42.22 27.48 62.88
N THR B 152 -41.73 26.24 62.93
CA THR B 152 -42.47 25.09 62.40
C THR B 152 -43.55 24.62 63.36
N GLU B 153 -43.36 24.81 64.66
CA GLU B 153 -44.27 24.25 65.65
C GLU B 153 -45.70 24.74 65.48
N PRO B 154 -45.98 26.05 65.30
CA PRO B 154 -47.38 26.46 65.07
C PRO B 154 -48.01 25.82 63.85
N ILE B 155 -47.27 25.76 62.74
CA ILE B 155 -47.83 25.23 61.50
C ILE B 155 -48.09 23.73 61.62
N ALA B 156 -47.12 22.99 62.15
CA ALA B 156 -47.31 21.56 62.31
C ALA B 156 -48.47 21.28 63.26
N ASN B 157 -48.62 22.09 64.31
CA ASN B 157 -49.74 21.89 65.23
C ASN B 157 -51.07 22.14 64.53
N ALA B 158 -51.15 23.24 63.78
CA ALA B 158 -52.36 23.55 63.02
C ALA B 158 -52.76 22.40 62.10
N LEU B 159 -51.78 21.81 61.38
CA LEU B 159 -52.12 20.69 60.51
C LEU B 159 -52.51 19.46 61.32
N LYS B 160 -51.65 19.04 62.27
CA LYS B 160 -51.92 17.89 63.14
C LYS B 160 -53.38 17.86 63.60
N GLU B 161 -53.88 19.01 64.08
CA GLU B 161 -55.28 19.10 64.47
C GLU B 161 -56.21 19.07 63.26
N SER B 162 -55.92 19.91 62.26
CA SER B 162 -56.82 20.17 61.14
C SER B 162 -56.65 19.23 59.95
N TYR B 163 -55.70 18.29 59.99
CA TYR B 163 -55.38 17.52 58.78
C TYR B 163 -56.43 16.45 58.50
N ALA B 164 -56.86 16.40 57.25
CA ALA B 164 -57.79 15.38 56.80
C ALA B 164 -57.21 14.64 55.61
N GLU B 165 -57.18 13.32 55.71
CA GLU B 165 -56.73 12.47 54.64
C GLU B 165 -57.73 12.50 53.49
N ASN B 166 -57.23 12.28 52.28
CA ASN B 166 -58.07 12.19 51.07
C ASN B 166 -58.89 13.47 50.90
N ALA B 167 -58.29 14.59 51.23
CA ALA B 167 -59.00 15.85 51.07
C ALA B 167 -59.08 16.25 49.61
N SER B 168 -59.99 17.16 49.32
CA SER B 168 -60.08 17.74 48.00
C SER B 168 -58.95 18.74 47.81
N LEU B 169 -58.74 19.18 46.56
CA LEU B 169 -57.70 20.18 46.30
C LEU B 169 -57.99 21.48 47.04
N THR B 170 -59.24 21.95 46.96
CA THR B 170 -59.63 23.13 47.72
C THR B 170 -59.51 22.86 49.22
N ASP B 171 -59.89 21.65 49.63
CA ASP B 171 -59.85 21.29 51.05
C ASP B 171 -58.42 21.33 51.59
N ALA B 172 -57.51 20.62 50.93
CA ALA B 172 -56.12 20.59 51.39
C ALA B 172 -55.46 21.95 51.26
N LEU B 173 -55.81 22.72 50.23
CA LEU B 173 -55.23 24.03 50.06
C LEU B 173 -55.62 24.94 51.21
N ARG B 174 -56.91 24.94 51.58
CA ARG B 174 -57.35 25.86 52.64
C ARG B 174 -56.75 25.45 53.99
N ILE B 175 -56.69 24.15 54.30
CA ILE B 175 -55.98 23.74 55.51
C ILE B 175 -54.53 24.21 55.47
N ALA B 176 -53.89 24.14 54.31
CA ALA B 176 -52.48 24.49 54.22
C ALA B 176 -52.26 25.98 54.47
N VAL B 177 -53.04 26.85 53.82
CA VAL B 177 -52.86 28.28 54.08
C VAL B 177 -53.26 28.63 55.51
N ALA B 178 -54.29 27.96 56.03
CA ALA B 178 -54.69 28.20 57.41
C ALA B 178 -53.52 27.94 58.35
N ALA B 179 -52.89 26.77 58.21
CA ALA B 179 -51.74 26.45 59.06
C ALA B 179 -50.57 27.41 58.81
N LEU B 180 -50.36 27.82 57.55
CA LEU B 180 -49.26 28.73 57.24
C LEU B 180 -49.39 30.06 57.96
N ARG B 181 -50.62 30.53 58.22
CA ARG B 181 -50.78 31.78 58.94
C ARG B 181 -50.53 31.66 60.44
N ALA B 182 -50.45 30.45 60.98
CA ALA B 182 -50.09 30.27 62.39
C ALA B 182 -48.58 30.05 62.59
N LEU B 195 -52.36 36.42 53.22
CA LEU B 195 -51.69 35.49 52.32
C LEU B 195 -52.48 35.28 51.01
N GLY B 196 -52.24 36.17 50.05
CA GLY B 196 -52.88 36.12 48.75
C GLY B 196 -51.97 35.51 47.69
N VAL B 197 -52.39 35.67 46.42
CA VAL B 197 -51.60 35.17 45.30
C VAL B 197 -50.19 35.72 45.35
N ALA B 198 -50.04 37.04 45.33
CA ALA B 198 -48.73 37.66 45.39
C ALA B 198 -47.83 37.09 46.49
N SER B 199 -48.37 36.49 47.55
CA SER B 199 -47.55 35.99 48.64
C SER B 199 -47.41 34.49 48.66
N LEU B 200 -48.04 33.79 47.71
CA LEU B 200 -48.03 32.34 47.74
C LEU B 200 -47.46 31.76 46.45
N GLU B 201 -46.77 30.65 46.61
CA GLU B 201 -46.34 29.85 45.48
C GLU B 201 -46.89 28.46 45.74
N VAL B 202 -47.65 27.95 44.78
CA VAL B 202 -48.37 26.71 44.95
C VAL B 202 -48.14 25.83 43.72
N ALA B 203 -48.03 24.52 43.96
CA ALA B 203 -47.89 23.53 42.90
C ALA B 203 -48.31 22.17 43.44
N VAL B 204 -48.64 21.26 42.53
CA VAL B 204 -49.04 19.91 42.91
C VAL B 204 -48.26 18.87 42.12
N LEU B 205 -48.07 17.71 42.75
CA LEU B 205 -47.79 16.46 42.06
C LEU B 205 -49.13 15.78 41.85
N ASP B 206 -49.64 15.88 40.62
CA ASP B 206 -51.00 15.47 40.28
C ASP B 206 -50.97 14.05 39.72
N ALA B 207 -51.37 13.08 40.56
CA ALA B 207 -51.29 11.66 40.20
C ALA B 207 -52.19 11.32 39.03
N ASN B 208 -52.97 12.26 38.58
CA ASN B 208 -53.84 11.98 37.45
C ASN B 208 -53.23 12.34 36.11
N ARG B 209 -52.13 13.09 36.08
CA ARG B 209 -51.50 13.37 34.80
C ARG B 209 -50.77 12.13 34.27
N PRO B 210 -50.74 11.94 32.95
CA PRO B 210 -50.20 10.68 32.40
C PRO B 210 -48.70 10.45 32.63
N ARG B 211 -47.82 11.44 32.43
CA ARG B 211 -46.40 11.27 32.76
C ARG B 211 -45.90 12.35 33.72
N ARG B 212 -45.75 13.60 33.29
CA ARG B 212 -45.19 14.60 34.17
C ARG B 212 -46.29 15.10 35.10
N ALA B 213 -46.17 14.82 36.39
CA ALA B 213 -47.23 15.14 37.34
C ALA B 213 -47.16 16.58 37.85
N PHE B 214 -46.02 17.26 37.70
CA PHE B 214 -45.83 18.57 38.32
C PHE B 214 -46.62 19.65 37.60
N ARG B 215 -47.42 20.38 38.37
CA ARG B 215 -48.30 21.39 37.83
C ARG B 215 -48.24 22.61 38.73
N ARG B 216 -47.86 23.75 38.18
CA ARG B 216 -47.96 24.99 38.95
C ARG B 216 -49.36 25.58 38.84
N ILE B 217 -49.88 26.06 39.98
CA ILE B 217 -51.16 26.76 40.07
C ILE B 217 -50.85 28.20 40.38
N THR B 218 -50.99 29.07 39.39
CA THR B 218 -50.58 30.45 39.54
C THR B 218 -51.79 31.35 39.31
N GLY B 219 -51.68 32.58 39.82
CA GLY B 219 -52.62 33.63 39.52
C GLY B 219 -54.10 33.28 39.59
N SER B 220 -54.79 33.43 38.45
CA SER B 220 -56.24 33.36 38.41
C SER B 220 -56.78 32.04 38.99
N ALA B 221 -56.20 30.91 38.58
CA ALA B 221 -56.65 29.61 39.08
C ALA B 221 -56.41 29.49 40.58
N LEU B 222 -55.22 29.87 41.04
CA LEU B 222 -54.93 29.80 42.47
C LEU B 222 -55.93 30.66 43.24
N GLN B 223 -56.13 31.89 42.78
CA GLN B 223 -57.10 32.78 43.43
C GLN B 223 -58.47 32.12 43.49
N ALA B 224 -58.85 31.45 42.39
CA ALA B 224 -60.12 30.77 42.33
C ALA B 224 -60.23 29.68 43.38
N LEU B 225 -59.13 28.99 43.69
CA LEU B 225 -59.22 27.93 44.69
C LEU B 225 -59.10 28.44 46.12
N LEU B 226 -58.56 29.64 46.34
CA LEU B 226 -58.49 30.16 47.70
C LEU B 226 -59.80 30.78 48.17
N VAL B 227 -60.51 31.49 47.28
CA VAL B 227 -61.75 32.20 47.64
C VAL B 227 -62.93 31.23 47.53
N ASP B 228 -63.50 30.90 48.68
CA ASP B 228 -64.67 30.01 48.79
C ASP B 228 -65.25 30.10 50.20
N MET C 1 -3.36 16.29 70.12
CA MET C 1 -3.89 15.40 69.11
C MET C 1 -4.80 14.38 69.77
N GLU C 2 -4.41 13.97 70.97
CA GLU C 2 -5.25 13.02 71.69
C GLU C 2 -6.55 13.69 72.13
N GLN C 3 -6.55 15.02 72.30
CA GLN C 3 -7.80 15.74 72.59
C GLN C 3 -8.79 15.62 71.43
N ALA C 4 -8.29 15.80 70.20
CA ALA C 4 -9.11 15.57 69.02
C ALA C 4 -9.67 14.15 68.98
N MET C 5 -8.85 13.15 69.38
CA MET C 5 -9.28 11.74 69.30
C MET C 5 -10.35 11.38 70.32
N ARG C 6 -10.24 11.89 71.56
CA ARG C 6 -11.26 11.61 72.56
C ARG C 6 -12.56 12.30 72.23
N GLU C 7 -12.44 13.52 71.65
CA GLU C 7 -13.59 14.27 71.18
C GLU C 7 -14.33 13.52 70.08
N ARG C 8 -13.60 12.98 69.10
CA ARG C 8 -14.22 12.17 68.07
C ARG C 8 -14.87 10.93 68.68
N SER C 9 -14.13 10.22 69.52
CA SER C 9 -14.71 9.05 70.14
C SER C 9 -15.98 9.40 70.89
N GLU C 10 -15.99 10.54 71.59
CA GLU C 10 -17.21 10.81 72.34
C GLU C 10 -18.33 11.24 71.41
N LEU C 11 -18.01 12.00 70.35
CA LEU C 11 -19.05 12.38 69.39
C LEU C 11 -19.69 11.15 68.77
N ALA C 12 -18.88 10.19 68.36
CA ALA C 12 -19.42 8.97 67.76
C ALA C 12 -20.22 8.16 68.78
N ARG C 13 -19.68 7.97 70.00
CA ARG C 13 -20.37 7.17 71.00
C ARG C 13 -21.72 7.80 71.36
N LYS C 14 -21.75 9.13 71.53
CA LYS C 14 -22.99 9.85 71.83
C LYS C 14 -23.99 9.69 70.69
N GLY C 15 -23.55 9.92 69.45
CA GLY C 15 -24.43 9.76 68.31
C GLY C 15 -25.02 8.36 68.20
N ILE C 16 -24.22 7.34 68.49
CA ILE C 16 -24.72 5.97 68.40
C ILE C 16 -25.66 5.68 69.56
N ALA C 17 -25.37 6.25 70.73
CA ALA C 17 -26.19 6.03 71.91
C ALA C 17 -27.58 6.62 71.76
N ARG C 18 -27.71 7.74 71.05
CA ARG C 18 -29.01 8.36 70.83
C ARG C 18 -29.83 7.68 69.74
N ALA C 19 -29.27 6.75 69.00
CA ALA C 19 -29.97 6.12 67.89
C ALA C 19 -30.72 4.87 68.35
N LYS C 20 -31.50 4.31 67.43
CA LYS C 20 -32.33 3.13 67.74
C LYS C 20 -31.47 1.87 67.76
N SER C 21 -32.04 0.79 68.28
CA SER C 21 -31.24 -0.41 68.54
C SER C 21 -31.60 -1.53 67.57
N VAL C 22 -30.62 -2.41 67.36
CA VAL C 22 -30.67 -3.53 66.43
C VAL C 22 -30.04 -4.74 67.09
N VAL C 23 -30.61 -5.91 66.87
CA VAL C 23 -30.04 -7.13 67.39
C VAL C 23 -29.99 -8.15 66.28
N ALA C 24 -28.91 -8.93 66.25
CA ALA C 24 -28.72 -10.03 65.32
C ALA C 24 -28.26 -11.24 66.10
N LEU C 25 -28.95 -12.35 65.93
CA LEU C 25 -28.60 -13.51 66.71
C LEU C 25 -28.66 -14.73 65.82
N ALA C 26 -27.77 -15.68 66.08
CA ALA C 26 -27.73 -16.94 65.35
C ALA C 26 -28.75 -17.93 65.91
N TYR C 27 -29.54 -18.53 65.01
CA TYR C 27 -30.58 -19.51 65.32
C TYR C 27 -30.46 -20.71 64.38
N ALA C 28 -31.35 -21.69 64.57
CA ALA C 28 -31.24 -22.99 63.87
C ALA C 28 -31.25 -22.83 62.35
N GLY C 29 -32.02 -21.87 61.83
CA GLY C 29 -32.10 -21.65 60.41
C GLY C 29 -31.08 -20.68 59.86
N GLY C 30 -30.15 -20.17 60.67
CA GLY C 30 -29.18 -19.24 60.15
C GLY C 30 -28.93 -18.08 61.09
N VAL C 31 -29.20 -16.87 60.61
CA VAL C 31 -29.07 -15.67 61.42
C VAL C 31 -30.34 -14.84 61.26
N LEU C 32 -30.78 -14.23 62.36
CA LEU C 32 -31.96 -13.37 62.39
C LEU C 32 -31.52 -11.95 62.72
N PHE C 33 -32.02 -11.01 61.94
CA PHE C 33 -31.82 -9.58 62.11
C PHE C 33 -33.17 -9.00 62.50
N VAL C 34 -33.23 -8.33 63.64
CA VAL C 34 -34.43 -7.58 64.01
C VAL C 34 -33.99 -6.22 64.57
N ALA C 35 -34.56 -5.15 64.01
CA ALA C 35 -34.20 -3.80 64.38
C ALA C 35 -35.44 -2.98 64.61
N GLU C 36 -35.36 -2.05 65.57
CA GLU C 36 -36.43 -1.11 65.83
C GLU C 36 -36.34 -0.04 64.74
N ASN C 37 -37.36 0.02 63.89
CA ASN C 37 -37.34 0.90 62.71
C ASN C 37 -38.77 1.31 62.31
N PRO C 38 -39.17 2.54 62.63
CA PRO C 38 -40.53 2.98 62.25
C PRO C 38 -40.72 3.15 60.75
N SER C 39 -39.67 3.40 60.00
CA SER C 39 -39.82 3.80 58.61
C SER C 39 -40.40 2.69 57.76
N ARG C 40 -41.03 3.07 56.66
CA ARG C 40 -41.58 2.06 55.76
C ARG C 40 -40.69 1.79 54.55
N SER C 41 -39.71 2.66 54.27
CA SER C 41 -38.87 2.53 53.09
C SER C 41 -37.38 2.70 53.35
N LEU C 42 -36.97 3.21 54.49
CA LEU C 42 -35.55 3.33 54.80
C LEU C 42 -35.11 2.11 55.61
N GLN C 43 -33.95 1.55 55.25
CA GLN C 43 -33.56 0.23 55.72
C GLN C 43 -32.21 0.24 56.45
N LYS C 44 -32.18 -0.48 57.58
CA LYS C 44 -31.01 -0.67 58.42
C LYS C 44 -30.41 -2.07 58.27
N ILE C 45 -31.15 -3.01 57.67
CA ILE C 45 -30.77 -4.40 57.47
C ILE C 45 -30.70 -4.66 55.97
N SER C 46 -29.62 -5.30 55.52
CA SER C 46 -29.44 -5.42 54.08
C SER C 46 -28.65 -6.68 53.74
N GLU C 47 -28.82 -7.12 52.51
CA GLU C 47 -27.95 -8.13 51.92
C GLU C 47 -26.66 -7.48 51.43
N LEU C 48 -25.53 -8.15 51.69
CA LEU C 48 -24.23 -7.81 51.13
C LEU C 48 -23.86 -8.74 49.98
N TYR C 49 -23.93 -10.06 50.22
CA TYR C 49 -23.60 -11.05 49.21
C TYR C 49 -24.38 -12.32 49.48
N ASP C 50 -24.14 -13.35 48.65
CA ASP C 50 -25.00 -14.53 48.61
C ASP C 50 -25.36 -15.04 50.00
N ARG C 51 -24.36 -15.22 50.88
CA ARG C 51 -24.59 -15.73 52.22
C ARG C 51 -24.22 -14.73 53.30
N VAL C 52 -24.11 -13.45 52.96
CA VAL C 52 -23.63 -12.45 53.91
C VAL C 52 -24.64 -11.32 53.98
N GLY C 53 -25.02 -10.95 55.22
CA GLY C 53 -25.92 -9.86 55.47
C GLY C 53 -25.29 -8.80 56.34
N PHE C 54 -25.94 -7.65 56.37
CA PHE C 54 -25.43 -6.41 56.92
C PHE C 54 -26.50 -5.78 57.78
N ALA C 55 -26.09 -5.28 58.95
CA ALA C 55 -26.95 -4.52 59.83
C ALA C 55 -26.17 -3.37 60.43
N ALA C 56 -26.85 -2.25 60.70
CA ALA C 56 -26.15 -1.07 61.20
C ALA C 56 -27.03 -0.25 62.12
N ALA C 57 -26.39 0.45 63.05
CA ALA C 57 -27.04 1.39 63.93
C ALA C 57 -26.30 2.71 63.88
N GLY C 58 -27.05 3.79 63.99
CA GLY C 58 -26.44 5.10 64.02
C GLY C 58 -27.04 6.02 62.99
N LYS C 59 -26.24 6.93 62.46
CA LYS C 59 -26.75 7.91 61.50
C LYS C 59 -26.97 7.25 60.14
N PHE C 60 -28.15 7.48 59.54
CA PHE C 60 -28.54 6.72 58.35
C PHE C 60 -27.61 6.97 57.17
N ASN C 61 -27.42 8.23 56.75
CA ASN C 61 -26.62 8.46 55.54
C ASN C 61 -25.25 7.84 55.66
N GLU C 62 -24.70 7.78 56.87
CA GLU C 62 -23.34 7.29 57.02
C GLU C 62 -23.30 5.78 56.88
N PHE C 63 -24.13 5.05 57.63
CA PHE C 63 -24.07 3.61 57.43
C PHE C 63 -24.66 3.17 56.10
N ASP C 64 -25.41 4.05 55.43
CA ASP C 64 -25.87 3.73 54.08
C ASP C 64 -24.72 3.83 53.10
N ASN C 65 -23.86 4.84 53.24
CA ASN C 65 -22.63 4.86 52.47
C ASN C 65 -21.83 3.59 52.71
N LEU C 66 -21.68 3.20 53.98
CA LEU C 66 -20.89 2.01 54.28
C LEU C 66 -21.51 0.75 53.69
N ARG C 67 -22.84 0.71 53.66
CA ARG C 67 -23.53 -0.43 53.09
C ARG C 67 -23.27 -0.54 51.59
N ARG C 68 -23.36 0.59 50.87
CA ARG C 68 -23.06 0.56 49.43
C ARG C 68 -21.60 0.21 49.18
N GLY C 69 -20.68 0.78 49.96
CA GLY C 69 -19.28 0.44 49.78
C GLY C 69 -19.01 -1.02 50.00
N GLY C 70 -19.72 -1.64 50.96
CA GLY C 70 -19.59 -3.07 51.15
C GLY C 70 -20.16 -3.85 49.96
N ILE C 71 -21.32 -3.42 49.45
CA ILE C 71 -21.87 -4.07 48.27
C ILE C 71 -20.92 -3.95 47.08
N GLN C 72 -20.29 -2.77 46.90
CA GLN C 72 -19.32 -2.62 45.84
C GLN C 72 -18.15 -3.59 46.03
N PHE C 73 -17.59 -3.64 47.23
CA PHE C 73 -16.44 -4.52 47.45
C PHE C 73 -16.79 -5.97 47.14
N ALA C 74 -17.92 -6.44 47.67
CA ALA C 74 -18.32 -7.83 47.49
C ALA C 74 -18.49 -8.17 46.01
N ASP C 75 -19.25 -7.34 45.28
CA ASP C 75 -19.48 -7.61 43.88
C ASP C 75 -18.18 -7.56 43.07
N THR C 76 -17.33 -6.58 43.38
CA THR C 76 -16.07 -6.47 42.66
C THR C 76 -15.19 -7.67 42.88
N ARG C 77 -15.07 -8.12 44.12
CA ARG C 77 -14.23 -9.28 44.37
C ARG C 77 -14.82 -10.53 43.75
N GLY C 78 -16.14 -10.70 43.87
CA GLY C 78 -16.79 -11.86 43.27
C GLY C 78 -16.63 -11.93 41.76
N TYR C 79 -16.66 -10.76 41.10
CA TYR C 79 -16.38 -10.72 39.66
C TYR C 79 -14.90 -10.93 39.37
N ALA C 80 -14.01 -10.31 40.16
CA ALA C 80 -12.59 -10.41 39.89
C ALA C 80 -12.07 -11.82 40.10
N TYR C 81 -12.62 -12.54 41.07
CA TYR C 81 -12.20 -13.90 41.36
C TYR C 81 -13.36 -14.85 41.12
N ASP C 82 -14.06 -15.21 42.19
CA ASP C 82 -15.25 -16.03 42.08
C ASP C 82 -16.12 -15.76 43.28
N ARG C 83 -17.41 -16.02 43.11
CA ARG C 83 -18.36 -15.74 44.17
C ARG C 83 -17.92 -16.38 45.46
N ARG C 84 -17.51 -17.63 45.40
CA ARG C 84 -17.21 -18.28 46.67
C ARG C 84 -15.92 -17.77 47.30
N ASP C 85 -15.21 -16.84 46.66
CA ASP C 85 -14.10 -16.19 47.36
C ASP C 85 -14.53 -15.04 48.25
N VAL C 86 -15.80 -14.59 48.17
CA VAL C 86 -16.35 -13.57 49.06
C VAL C 86 -16.80 -14.20 50.38
N THR C 87 -16.26 -13.71 51.49
CA THR C 87 -16.54 -14.22 52.83
C THR C 87 -16.93 -13.09 53.77
N GLY C 88 -17.63 -13.48 54.85
CA GLY C 88 -17.97 -12.51 55.89
C GLY C 88 -16.75 -11.89 56.54
N ARG C 89 -15.79 -12.72 56.94
CA ARG C 89 -14.51 -12.27 57.49
C ARG C 89 -13.90 -11.14 56.68
N GLN C 90 -13.86 -11.34 55.36
CA GLN C 90 -13.23 -10.38 54.45
C GLN C 90 -13.97 -9.04 54.46
N LEU C 91 -15.32 -9.09 54.41
CA LEU C 91 -16.11 -7.87 54.48
C LEU C 91 -15.97 -7.19 55.84
N ALA C 92 -15.97 -7.97 56.92
CA ALA C 92 -15.71 -7.40 58.24
C ALA C 92 -14.35 -6.70 58.28
N ASN C 93 -13.32 -7.33 57.70
CA ASN C 93 -11.98 -6.77 57.72
C ASN C 93 -11.93 -5.46 56.95
N VAL C 94 -12.55 -5.43 55.77
CA VAL C 94 -12.50 -4.20 54.99
C VAL C 94 -13.28 -3.10 55.70
N TYR C 95 -14.36 -3.45 56.41
CA TYR C 95 -15.06 -2.44 57.19
C TYR C 95 -14.19 -1.93 58.33
N ALA C 96 -13.45 -2.81 59.00
CA ALA C 96 -12.56 -2.32 60.04
C ALA C 96 -11.58 -1.31 59.45
N GLN C 97 -10.96 -1.67 58.32
CA GLN C 97 -9.97 -0.78 57.70
C GLN C 97 -10.61 0.55 57.27
N THR C 98 -11.77 0.47 56.63
CA THR C 98 -12.45 1.68 56.16
C THR C 98 -12.81 2.59 57.33
N LEU C 99 -13.43 2.02 58.38
CA LEU C 99 -13.87 2.82 59.53
C LEU C 99 -12.71 3.40 60.34
N GLY C 100 -11.60 2.67 60.47
CA GLY C 100 -10.40 3.26 61.05
C GLY C 100 -9.95 4.47 60.27
N THR C 101 -9.88 4.34 58.94
CA THR C 101 -9.48 5.47 58.10
C THR C 101 -10.44 6.64 58.28
N ILE C 102 -11.74 6.38 58.26
CA ILE C 102 -12.70 7.47 58.47
C ILE C 102 -12.45 8.12 59.83
N PHE C 103 -12.34 7.30 60.86
CA PHE C 103 -12.26 7.79 62.23
C PHE C 103 -11.03 8.66 62.46
N THR C 104 -9.95 8.38 61.75
CA THR C 104 -8.79 9.22 61.95
C THR C 104 -8.72 10.40 60.97
N GLU C 105 -9.33 10.32 59.79
CA GLU C 105 -9.00 11.27 58.75
C GLU C 105 -10.16 12.05 58.16
N GLN C 106 -11.40 11.61 58.34
CA GLN C 106 -12.50 12.37 57.76
C GLN C 106 -12.85 13.58 58.60
N ALA C 107 -13.62 14.48 57.99
CA ALA C 107 -13.98 15.73 58.65
C ALA C 107 -14.64 15.48 59.99
N LYS C 108 -15.56 14.52 60.04
CA LYS C 108 -16.27 14.07 61.24
C LYS C 108 -16.33 12.55 61.26
N PRO C 109 -16.12 11.91 62.41
CA PRO C 109 -16.22 10.44 62.46
C PRO C 109 -17.62 9.97 62.08
N TYR C 110 -17.70 8.71 61.69
CA TYR C 110 -19.00 8.13 61.37
C TYR C 110 -19.68 7.62 62.63
N GLU C 111 -20.92 8.07 62.84
CA GLU C 111 -21.71 7.68 64.00
C GLU C 111 -22.43 6.36 63.71
N VAL C 112 -21.65 5.30 63.57
CA VAL C 112 -22.21 4.03 63.12
C VAL C 112 -21.65 2.90 63.97
N GLU C 113 -22.41 1.81 64.02
CA GLU C 113 -21.91 0.56 64.57
C GLU C 113 -22.48 -0.53 63.67
N LEU C 114 -21.62 -1.46 63.28
CA LEU C 114 -21.87 -2.34 62.16
C LEU C 114 -21.84 -3.79 62.58
N CYS C 115 -22.65 -4.59 61.90
CA CYS C 115 -22.61 -6.03 62.06
C CYS C 115 -22.58 -6.66 60.67
N VAL C 116 -21.56 -7.49 60.43
CA VAL C 116 -21.48 -8.32 59.24
C VAL C 116 -21.69 -9.75 59.68
N ALA C 117 -22.64 -10.42 59.02
CA ALA C 117 -23.03 -11.80 59.37
C ALA C 117 -22.94 -12.72 58.18
N GLU C 118 -22.54 -13.98 58.42
CA GLU C 118 -22.45 -14.95 57.33
C GLU C 118 -22.98 -16.30 57.77
N VAL C 119 -23.76 -16.92 56.90
CA VAL C 119 -24.20 -18.29 57.09
C VAL C 119 -23.48 -19.17 56.10
N ALA C 120 -23.66 -20.48 56.28
CA ALA C 120 -22.96 -21.45 55.46
C ALA C 120 -23.55 -21.52 54.08
N HIS C 121 -22.71 -21.92 53.13
CA HIS C 121 -23.25 -22.18 51.81
C HIS C 121 -24.11 -23.42 51.86
N TYR C 122 -25.06 -23.48 50.93
CA TYR C 122 -26.08 -24.51 50.93
C TYR C 122 -25.48 -25.91 50.99
N GLY C 123 -25.99 -26.73 51.91
CA GLY C 123 -25.49 -28.08 52.06
C GLY C 123 -24.25 -28.24 52.89
N GLU C 124 -23.67 -27.14 53.39
CA GLU C 124 -22.46 -27.23 54.21
C GLU C 124 -22.84 -27.08 55.68
N THR C 125 -21.97 -27.57 56.54
CA THR C 125 -22.31 -27.54 57.96
C THR C 125 -21.39 -26.61 58.73
N LYS C 126 -21.43 -25.30 58.44
CA LYS C 126 -20.59 -24.33 59.14
C LYS C 126 -21.46 -23.53 60.09
N ARG C 127 -20.92 -23.22 61.24
CA ARG C 127 -21.73 -22.50 62.19
C ARG C 127 -21.67 -21.01 61.90
N PRO C 128 -22.81 -20.32 61.95
CA PRO C 128 -22.83 -18.91 61.54
C PRO C 128 -21.81 -18.05 62.29
N GLU C 129 -21.37 -16.98 61.63
CA GLU C 129 -20.36 -16.08 62.16
C GLU C 129 -20.95 -14.69 62.28
N LEU C 130 -20.69 -14.02 63.40
CA LEU C 130 -21.13 -12.65 63.57
C LEU C 130 -19.91 -11.77 63.84
N TYR C 131 -19.89 -10.60 63.20
CA TYR C 131 -18.80 -9.65 63.39
C TYR C 131 -19.36 -8.27 63.73
N ARG C 132 -18.74 -7.64 64.73
CA ARG C 132 -19.09 -6.32 65.20
C ARG C 132 -17.94 -5.38 64.84
N ILE C 133 -18.24 -4.28 64.13
CA ILE C 133 -17.25 -3.27 63.81
C ILE C 133 -17.74 -1.95 64.41
N THR C 134 -16.88 -1.29 65.20
CA THR C 134 -17.22 -0.05 65.90
C THR C 134 -16.64 1.17 65.19
N TYR C 135 -17.05 2.36 65.66
CA TYR C 135 -16.80 3.60 64.91
C TYR C 135 -15.33 3.87 64.69
N ASP C 136 -14.45 3.30 65.51
CA ASP C 136 -13.03 3.56 65.39
C ASP C 136 -12.33 2.47 64.59
N GLY C 137 -13.09 1.49 64.07
CA GLY C 137 -12.54 0.38 63.33
C GLY C 137 -12.23 -0.85 64.15
N SER C 138 -12.62 -0.87 65.42
CA SER C 138 -12.43 -2.05 66.25
C SER C 138 -13.36 -3.16 65.79
N ILE C 139 -12.83 -4.37 65.76
CA ILE C 139 -13.54 -5.51 65.21
C ILE C 139 -13.57 -6.62 66.25
N ALA C 140 -14.71 -7.25 66.38
CA ALA C 140 -14.92 -8.27 67.39
C ALA C 140 -15.63 -9.45 66.75
N ASP C 141 -15.14 -10.63 67.09
CA ASP C 141 -15.69 -11.88 66.61
C ASP C 141 -16.73 -12.37 67.61
N GLU C 142 -17.99 -12.43 67.18
CA GLU C 142 -19.06 -12.84 68.06
C GLU C 142 -19.73 -14.13 67.61
N PRO C 143 -20.01 -15.05 68.56
CA PRO C 143 -20.55 -16.39 68.24
C PRO C 143 -22.06 -16.54 68.38
N HIS C 144 -22.70 -15.74 69.23
CA HIS C 144 -24.11 -15.91 69.55
C HIS C 144 -25.00 -14.74 69.18
N PHE C 145 -24.64 -13.51 69.55
CA PHE C 145 -25.52 -12.39 69.23
C PHE C 145 -24.73 -11.10 69.23
N VAL C 146 -25.31 -10.09 68.58
CA VAL C 146 -24.78 -8.74 68.53
C VAL C 146 -25.93 -7.78 68.79
N VAL C 147 -25.69 -6.80 69.64
CA VAL C 147 -26.64 -5.75 69.92
C VAL C 147 -25.95 -4.43 69.64
N MET C 148 -26.67 -3.52 68.98
CA MET C 148 -26.07 -2.25 68.58
C MET C 148 -27.04 -1.10 68.70
N GLY C 149 -26.53 0.04 69.16
CA GLY C 149 -27.28 1.31 69.19
C GLY C 149 -28.09 1.50 70.46
N GLY C 150 -28.18 2.76 70.88
CA GLY C 150 -28.93 3.05 72.09
C GLY C 150 -28.29 2.44 73.32
N THR C 151 -29.17 2.02 74.23
CA THR C 151 -28.77 1.43 75.50
C THR C 151 -28.65 -0.09 75.28
N THR C 152 -27.42 -0.56 75.12
CA THR C 152 -27.19 -1.94 74.70
C THR C 152 -27.32 -2.89 75.88
N GLU C 153 -26.76 -2.49 77.03
CA GLU C 153 -26.65 -3.35 78.22
C GLU C 153 -27.94 -4.07 78.58
N PRO C 154 -29.12 -3.42 78.63
CA PRO C 154 -30.32 -4.19 79.03
C PRO C 154 -30.72 -5.23 78.01
N ILE C 155 -30.63 -4.92 76.70
CA ILE C 155 -31.04 -5.89 75.70
C ILE C 155 -30.10 -7.07 75.69
N ALA C 156 -28.79 -6.78 75.75
CA ALA C 156 -27.80 -7.84 75.80
C ALA C 156 -27.96 -8.67 77.08
N ASN C 157 -28.34 -8.02 78.19
CA ASN C 157 -28.60 -8.71 79.44
C ASN C 157 -29.78 -9.67 79.30
N ALA C 158 -30.87 -9.19 78.72
CA ALA C 158 -32.02 -10.04 78.44
C ALA C 158 -31.60 -11.23 77.58
N LEU C 159 -30.78 -10.98 76.56
CA LEU C 159 -30.36 -12.08 75.70
C LEU C 159 -29.48 -13.08 76.44
N LYS C 160 -28.46 -12.60 77.18
CA LYS C 160 -27.57 -13.52 77.89
C LYS C 160 -28.37 -14.51 78.72
N GLU C 161 -29.43 -14.05 79.38
CA GLU C 161 -30.26 -14.95 80.17
C GLU C 161 -31.23 -15.76 79.32
N SER C 162 -31.69 -15.24 78.19
CA SER C 162 -32.76 -15.88 77.43
C SER C 162 -32.30 -16.56 76.15
N TYR C 163 -31.04 -16.40 75.76
CA TYR C 163 -30.59 -16.95 74.49
C TYR C 163 -30.28 -18.44 74.63
N ALA C 164 -30.83 -19.22 73.70
CA ALA C 164 -30.51 -20.63 73.57
C ALA C 164 -30.14 -20.91 72.13
N GLU C 165 -29.13 -21.77 71.94
CA GLU C 165 -28.67 -22.15 70.61
C GLU C 165 -29.76 -22.91 69.87
N ASN C 166 -29.76 -22.80 68.55
CA ASN C 166 -30.64 -23.60 67.68
C ASN C 166 -32.11 -23.39 68.01
N ALA C 167 -32.51 -22.15 68.32
CA ALA C 167 -33.93 -21.87 68.55
C ALA C 167 -34.68 -21.93 67.22
N SER C 168 -36.00 -22.04 67.31
CA SER C 168 -36.82 -21.98 66.11
C SER C 168 -36.92 -20.52 65.66
N LEU C 169 -37.40 -20.32 64.44
CA LEU C 169 -37.52 -18.96 63.91
C LEU C 169 -38.50 -18.14 64.75
N THR C 170 -39.66 -18.72 65.09
CA THR C 170 -40.64 -18.05 65.95
C THR C 170 -40.08 -17.80 67.35
N ASP C 171 -39.41 -18.81 67.92
CA ASP C 171 -38.80 -18.68 69.24
C ASP C 171 -37.69 -17.63 69.23
N ALA C 172 -36.77 -17.73 68.28
CA ALA C 172 -35.66 -16.77 68.21
C ALA C 172 -36.19 -15.35 68.02
N LEU C 173 -37.21 -15.19 67.18
CA LEU C 173 -37.81 -13.88 67.00
C LEU C 173 -38.43 -13.37 68.30
N ARG C 174 -39.08 -14.25 69.07
CA ARG C 174 -39.73 -13.82 70.30
C ARG C 174 -38.70 -13.43 71.35
N ILE C 175 -37.63 -14.22 71.51
CA ILE C 175 -36.50 -13.80 72.36
C ILE C 175 -35.94 -12.46 71.91
N ALA C 176 -35.90 -12.24 70.59
CA ALA C 176 -35.32 -11.00 70.07
C ALA C 176 -36.16 -9.78 70.39
N VAL C 177 -37.46 -9.83 70.10
CA VAL C 177 -38.31 -8.69 70.42
C VAL C 177 -38.40 -8.49 71.93
N ALA C 178 -38.43 -9.60 72.68
CA ALA C 178 -38.45 -9.50 74.13
C ALA C 178 -37.20 -8.78 74.64
N ALA C 179 -36.03 -9.16 74.12
CA ALA C 179 -34.80 -8.48 74.53
C ALA C 179 -34.82 -7.01 74.13
N LEU C 180 -35.38 -6.70 72.95
CA LEU C 180 -35.46 -5.30 72.51
C LEU C 180 -36.35 -4.47 73.43
N ARG C 181 -37.48 -5.03 73.88
CA ARG C 181 -38.38 -4.29 74.76
C ARG C 181 -37.62 -3.69 75.94
N ALA C 182 -36.77 -4.48 76.59
CA ALA C 182 -35.92 -3.97 77.66
C ALA C 182 -35.01 -2.86 77.14
N GLY C 183 -35.56 -1.66 76.91
CA GLY C 183 -34.79 -0.56 76.36
C GLY C 183 -35.54 0.25 75.30
N LEU C 195 -41.80 -3.50 69.64
CA LEU C 195 -43.26 -3.49 69.68
C LEU C 195 -43.90 -4.37 68.58
N GLY C 196 -44.34 -3.77 67.47
CA GLY C 196 -45.14 -4.45 66.46
C GLY C 196 -44.59 -4.35 65.05
N VAL C 197 -45.38 -4.77 64.05
CA VAL C 197 -44.94 -4.70 62.65
C VAL C 197 -44.53 -3.28 62.28
N ALA C 198 -45.44 -2.32 62.43
CA ALA C 198 -45.13 -0.93 62.15
C ALA C 198 -43.83 -0.43 62.79
N SER C 199 -43.34 -1.07 63.85
CA SER C 199 -42.14 -0.57 64.52
C SER C 199 -40.89 -1.44 64.35
N LEU C 200 -40.96 -2.54 63.60
CA LEU C 200 -39.84 -3.46 63.46
C LEU C 200 -39.49 -3.72 62.01
N GLU C 201 -38.21 -4.00 61.79
CA GLU C 201 -37.66 -4.48 60.52
C GLU C 201 -36.92 -5.78 60.80
N VAL C 202 -37.28 -6.84 60.09
CA VAL C 202 -36.69 -8.14 60.34
C VAL C 202 -36.30 -8.79 59.02
N ALA C 203 -35.23 -9.57 59.07
CA ALA C 203 -34.78 -10.32 57.90
C ALA C 203 -33.92 -11.46 58.42
N VAL C 204 -33.78 -12.50 57.60
CA VAL C 204 -32.95 -13.61 57.98
C VAL C 204 -31.92 -13.91 56.89
N LEU C 205 -30.77 -14.39 57.34
CA LEU C 205 -29.82 -15.14 56.53
C LEU C 205 -30.19 -16.61 56.72
N ASP C 206 -30.86 -17.15 55.71
CA ASP C 206 -31.48 -18.47 55.76
C ASP C 206 -30.58 -19.48 55.07
N ALA C 207 -29.91 -20.30 55.86
CA ALA C 207 -28.94 -21.28 55.37
C ALA C 207 -29.58 -22.35 54.50
N ASN C 208 -30.89 -22.34 54.38
CA ASN C 208 -31.53 -23.36 53.54
C ASN C 208 -31.81 -22.91 52.12
N ARG C 209 -31.75 -21.62 51.82
CA ARG C 209 -32.00 -21.21 50.43
C ARG C 209 -30.76 -21.50 49.57
N PRO C 210 -30.95 -21.96 48.32
CA PRO C 210 -29.80 -22.47 47.52
C PRO C 210 -28.74 -21.45 47.16
N ARG C 211 -29.11 -20.21 46.79
CA ARG C 211 -28.12 -19.19 46.45
C ARG C 211 -28.20 -17.99 47.38
N ARG C 212 -29.19 -17.13 47.23
CA ARG C 212 -29.29 -15.91 48.00
C ARG C 212 -30.03 -16.21 49.31
N ALA C 213 -29.30 -16.15 50.42
CA ALA C 213 -29.87 -16.51 51.70
C ALA C 213 -30.61 -15.37 52.36
N PHE C 214 -30.37 -14.13 51.92
CA PHE C 214 -31.03 -12.99 52.56
C PHE C 214 -32.50 -12.96 52.21
N ARG C 215 -33.34 -12.63 53.19
CA ARG C 215 -34.78 -12.67 53.00
C ARG C 215 -35.46 -11.80 54.05
N ARG C 216 -36.22 -10.81 53.59
CA ARG C 216 -37.00 -9.96 54.49
C ARG C 216 -38.26 -10.69 54.90
N ILE C 217 -38.68 -10.49 56.14
CA ILE C 217 -39.95 -10.99 56.65
C ILE C 217 -40.83 -9.78 56.93
N THR C 218 -41.83 -9.53 56.09
CA THR C 218 -42.60 -8.30 56.21
C THR C 218 -44.09 -8.59 56.44
N GLY C 219 -44.77 -7.58 56.97
CA GLY C 219 -46.21 -7.56 57.09
C GLY C 219 -46.91 -8.79 57.65
N SER C 220 -47.84 -9.37 56.88
CA SER C 220 -48.69 -10.46 57.38
C SER C 220 -47.87 -11.65 57.84
N ALA C 221 -46.83 -12.01 57.10
CA ALA C 221 -45.97 -13.11 57.52
C ALA C 221 -45.29 -12.78 58.84
N LEU C 222 -44.74 -11.56 58.95
CA LEU C 222 -44.09 -11.18 60.20
C LEU C 222 -45.06 -11.21 61.36
N GLN C 223 -46.20 -10.53 61.20
CA GLN C 223 -47.22 -10.50 62.24
C GLN C 223 -47.66 -11.91 62.63
N ALA C 224 -47.87 -12.77 61.63
CA ALA C 224 -48.23 -14.15 61.92
C ALA C 224 -47.16 -14.82 62.77
N LEU C 225 -45.89 -14.49 62.53
CA LEU C 225 -44.80 -15.08 63.26
C LEU C 225 -44.47 -14.43 64.60
N LEU C 226 -44.99 -13.24 64.92
CA LEU C 226 -44.55 -12.66 66.20
C LEU C 226 -45.04 -13.47 67.39
N VAL C 227 -46.28 -13.26 67.81
CA VAL C 227 -46.86 -14.06 68.87
C VAL C 227 -47.66 -15.23 68.28
N ASP C 228 -48.52 -14.96 67.30
CA ASP C 228 -49.31 -16.01 66.66
C ASP C 228 -49.99 -15.50 65.40
N MET D 1 5.80 21.03 68.02
CA MET D 1 6.78 20.01 67.70
C MET D 1 7.06 19.07 68.88
N GLU D 2 7.92 19.52 69.81
CA GLU D 2 8.36 18.70 70.93
C GLU D 2 7.18 18.16 71.76
N GLN D 3 6.07 18.90 71.82
CA GLN D 3 4.89 18.46 72.53
C GLN D 3 3.94 17.66 71.64
N ALA D 4 3.75 18.06 70.39
CA ALA D 4 3.00 17.21 69.45
C ALA D 4 3.62 15.81 69.35
N MET D 5 4.94 15.74 69.27
CA MET D 5 5.58 14.43 69.22
C MET D 5 5.44 13.71 70.55
N ARG D 6 5.45 14.45 71.67
CA ARG D 6 5.24 13.84 72.97
C ARG D 6 3.81 13.29 73.09
N GLU D 7 2.84 14.00 72.49
CA GLU D 7 1.46 13.53 72.50
C GLU D 7 1.30 12.28 71.64
N ARG D 8 1.93 12.26 70.45
CA ARG D 8 1.87 11.09 69.58
C ARG D 8 2.53 9.87 70.22
N SER D 9 3.73 10.06 70.74
CA SER D 9 4.43 8.98 71.40
C SER D 9 3.57 8.43 72.55
N GLU D 10 2.89 9.32 73.30
CA GLU D 10 2.09 8.88 74.45
C GLU D 10 0.82 8.17 74.01
N LEU D 11 0.11 8.72 73.01
CA LEU D 11 -1.09 8.06 72.51
C LEU D 11 -0.78 6.66 72.01
N ALA D 12 0.29 6.53 71.22
CA ALA D 12 0.68 5.23 70.69
C ALA D 12 1.09 4.30 71.81
N ARG D 13 1.93 4.79 72.73
CA ARG D 13 2.44 3.96 73.82
C ARG D 13 1.29 3.44 74.68
N LYS D 14 0.37 4.32 75.09
CA LYS D 14 -0.80 3.89 75.85
C LYS D 14 -1.61 2.87 75.06
N GLY D 15 -1.93 3.19 73.80
CA GLY D 15 -2.67 2.24 72.99
C GLY D 15 -2.05 0.86 72.97
N ILE D 16 -0.73 0.80 72.86
CA ILE D 16 -0.07 -0.51 72.79
C ILE D 16 -0.09 -1.17 74.17
N ALA D 17 0.01 -0.38 75.22
CA ALA D 17 0.02 -0.93 76.58
C ALA D 17 -1.32 -1.58 76.94
N ARG D 18 -2.42 -1.02 76.45
CA ARG D 18 -3.75 -1.54 76.78
C ARG D 18 -4.17 -2.71 75.91
N ALA D 19 -3.31 -3.19 75.02
CA ALA D 19 -3.67 -4.34 74.19
C ALA D 19 -3.05 -5.62 74.74
N LYS D 20 -3.42 -6.73 74.10
CA LYS D 20 -2.95 -8.03 74.53
C LYS D 20 -1.52 -8.29 74.01
N SER D 21 -0.86 -9.26 74.63
CA SER D 21 0.58 -9.47 74.50
C SER D 21 0.89 -10.68 73.61
N VAL D 22 2.07 -10.67 72.99
CA VAL D 22 2.51 -11.76 72.12
C VAL D 22 4.03 -11.92 72.29
N VAL D 23 4.49 -13.17 72.23
CA VAL D 23 5.89 -13.50 72.41
C VAL D 23 6.35 -14.35 71.24
N ALA D 24 7.63 -14.19 70.89
CA ALA D 24 8.30 -14.95 69.85
C ALA D 24 9.62 -15.46 70.39
N LEU D 25 9.89 -16.75 70.20
CA LEU D 25 11.09 -17.38 70.74
C LEU D 25 11.84 -18.14 69.66
N ALA D 26 13.16 -18.09 69.72
CA ALA D 26 14.01 -18.91 68.88
C ALA D 26 14.17 -20.24 69.59
N TYR D 27 13.91 -21.34 68.88
CA TYR D 27 14.12 -22.65 69.48
C TYR D 27 14.75 -23.58 68.44
N ALA D 28 14.95 -24.84 68.86
CA ALA D 28 15.69 -25.80 68.06
C ALA D 28 15.07 -26.02 66.69
N GLY D 29 13.75 -25.95 66.59
CA GLY D 29 13.09 -26.13 65.31
C GLY D 29 12.86 -24.89 64.50
N GLY D 30 13.26 -23.70 64.97
CA GLY D 30 12.99 -22.48 64.24
C GLY D 30 12.56 -21.31 65.11
N VAL D 31 11.36 -20.77 64.88
CA VAL D 31 10.80 -19.69 65.69
C VAL D 31 9.36 -20.02 66.05
N LEU D 32 8.98 -19.71 67.30
CA LEU D 32 7.66 -19.94 67.85
C LEU D 32 7.00 -18.61 68.19
N PHE D 33 5.76 -18.45 67.73
CA PHE D 33 4.90 -17.30 67.99
C PHE D 33 3.74 -17.76 68.85
N VAL D 34 3.54 -17.10 69.99
CA VAL D 34 2.39 -17.32 70.86
C VAL D 34 1.78 -15.97 71.19
N ALA D 35 0.46 -15.83 70.94
CA ALA D 35 -0.24 -14.57 71.17
C ALA D 35 -1.58 -14.82 71.88
N GLU D 36 -1.94 -13.91 72.78
CA GLU D 36 -3.23 -13.94 73.47
C GLU D 36 -4.28 -13.44 72.50
N ASN D 37 -5.24 -14.30 72.13
CA ASN D 37 -6.18 -13.93 71.09
C ASN D 37 -7.54 -14.59 71.29
N PRO D 38 -8.56 -13.85 71.74
CA PRO D 38 -9.87 -14.46 71.93
C PRO D 38 -10.54 -14.89 70.65
N SER D 39 -10.19 -14.27 69.53
CA SER D 39 -10.88 -14.52 68.28
C SER D 39 -10.57 -15.93 67.76
N ARG D 40 -11.46 -16.43 66.91
CA ARG D 40 -11.24 -17.68 66.23
C ARG D 40 -11.00 -17.51 64.74
N SER D 41 -10.93 -16.27 64.25
CA SER D 41 -10.67 -16.03 62.83
C SER D 41 -9.80 -14.80 62.51
N LEU D 42 -9.62 -13.85 63.42
CA LEU D 42 -8.75 -12.71 63.21
C LEU D 42 -7.39 -13.02 63.79
N GLN D 43 -6.34 -12.44 63.22
CA GLN D 43 -5.02 -12.95 63.49
C GLN D 43 -4.02 -11.84 63.82
N LYS D 44 -3.11 -12.15 64.74
CA LYS D 44 -2.03 -11.25 65.09
C LYS D 44 -0.70 -11.79 64.58
N ILE D 45 -0.67 -13.04 64.16
CA ILE D 45 0.51 -13.72 63.63
C ILE D 45 0.22 -14.13 62.20
N SER D 46 1.22 -13.94 61.33
CA SER D 46 0.98 -14.22 59.91
C SER D 46 2.29 -14.57 59.20
N GLU D 47 2.15 -15.21 58.04
CA GLU D 47 3.26 -15.41 57.12
C GLU D 47 3.49 -14.18 56.25
N LEU D 48 4.76 -13.79 56.11
CA LEU D 48 5.17 -12.75 55.17
C LEU D 48 5.78 -13.34 53.90
N TYR D 49 6.76 -14.22 54.04
CA TYR D 49 7.36 -14.84 52.89
C TYR D 49 7.81 -16.24 53.28
N ASP D 50 8.47 -16.94 52.34
CA ASP D 50 8.76 -18.36 52.49
C ASP D 50 9.31 -18.68 53.88
N ARG D 51 10.34 -17.96 54.31
CA ARG D 51 10.98 -18.23 55.59
C ARG D 51 10.80 -17.05 56.54
N VAL D 52 9.83 -16.19 56.27
CA VAL D 52 9.70 -14.97 57.06
C VAL D 52 8.29 -14.87 57.60
N GLY D 53 8.18 -14.69 58.92
CA GLY D 53 6.92 -14.58 59.61
C GLY D 53 6.77 -13.25 60.34
N PHE D 54 5.53 -12.97 60.72
CA PHE D 54 5.09 -11.67 61.20
C PHE D 54 4.19 -11.84 62.42
N ALA D 55 4.41 -11.01 63.43
CA ALA D 55 3.54 -10.96 64.60
C ALA D 55 3.34 -9.50 64.98
N ALA D 56 2.18 -9.21 65.57
CA ALA D 56 1.86 -7.83 65.89
C ALA D 56 0.97 -7.72 67.13
N ALA D 57 1.14 -6.60 67.80
CA ALA D 57 0.31 -6.25 68.94
C ALA D 57 -0.24 -4.85 68.73
N GLY D 58 -1.45 -4.66 69.20
CA GLY D 58 -2.01 -3.33 69.12
C GLY D 58 -3.37 -3.32 68.47
N LYS D 59 -3.65 -2.22 67.77
CA LYS D 59 -4.93 -2.06 67.10
C LYS D 59 -4.95 -2.93 65.85
N PHE D 60 -6.01 -3.73 65.71
CA PHE D 60 -6.02 -4.75 64.67
C PHE D 60 -5.94 -4.15 63.27
N ASN D 61 -6.86 -3.23 62.94
CA ASN D 61 -6.88 -2.72 61.57
C ASN D 61 -5.54 -2.12 61.16
N GLU D 62 -4.82 -1.52 62.11
CA GLU D 62 -3.58 -0.86 61.76
C GLU D 62 -2.46 -1.87 61.46
N PHE D 63 -2.25 -2.84 62.35
CA PHE D 63 -1.22 -3.83 62.03
C PHE D 63 -1.67 -4.78 60.94
N ASP D 64 -2.97 -4.83 60.64
CA ASP D 64 -3.37 -5.62 59.47
C ASP D 64 -3.01 -4.89 58.20
N ASN D 65 -3.22 -3.57 58.16
CA ASN D 65 -2.70 -2.79 57.04
C ASN D 65 -1.19 -2.95 56.89
N LEU D 66 -0.44 -2.84 57.99
CA LEU D 66 1.01 -2.98 57.93
C LEU D 66 1.40 -4.38 57.45
N ARG D 67 0.61 -5.36 57.84
CA ARG D 67 0.86 -6.73 57.42
C ARG D 67 0.67 -6.91 55.91
N ARG D 68 -0.42 -6.36 55.36
CA ARG D 68 -0.67 -6.43 53.93
C ARG D 68 0.42 -5.73 53.12
N GLY D 69 0.84 -4.54 53.56
CA GLY D 69 1.94 -3.87 52.89
C GLY D 69 3.24 -4.65 52.94
N GLY D 70 3.48 -5.37 54.04
CA GLY D 70 4.64 -6.24 54.09
C GLY D 70 4.53 -7.39 53.10
N ILE D 71 3.34 -7.99 53.02
CA ILE D 71 3.15 -9.05 52.03
C ILE D 71 3.34 -8.50 50.63
N GLN D 72 2.82 -7.31 50.36
CA GLN D 72 3.02 -6.72 49.04
C GLN D 72 4.50 -6.48 48.75
N PHE D 73 5.22 -5.90 49.71
CA PHE D 73 6.66 -5.66 49.51
C PHE D 73 7.41 -6.96 49.22
N ALA D 74 7.18 -7.99 50.04
CA ALA D 74 7.90 -9.26 49.83
C ALA D 74 7.55 -9.87 48.48
N ASP D 75 6.25 -9.93 48.15
CA ASP D 75 5.85 -10.58 46.91
C ASP D 75 6.44 -9.85 45.70
N THR D 76 6.41 -8.51 45.72
CA THR D 76 7.03 -7.75 44.64
C THR D 76 8.54 -7.96 44.57
N ARG D 77 9.23 -7.98 45.70
CA ARG D 77 10.68 -8.13 45.61
C ARG D 77 11.06 -9.49 45.06
N GLY D 78 10.38 -10.54 45.51
CA GLY D 78 10.62 -11.86 44.96
C GLY D 78 10.31 -11.94 43.48
N TYR D 79 9.28 -11.23 43.04
CA TYR D 79 8.97 -11.20 41.62
C TYR D 79 10.00 -10.40 40.83
N ALA D 80 10.35 -9.20 41.29
CA ALA D 80 11.29 -8.38 40.52
C ALA D 80 12.67 -9.00 40.47
N TYR D 81 13.09 -9.70 41.55
CA TYR D 81 14.39 -10.35 41.63
C TYR D 81 14.25 -11.85 41.73
N ASP D 82 14.32 -12.38 42.95
CA ASP D 82 14.10 -13.79 43.14
C ASP D 82 13.68 -14.06 44.58
N ARG D 83 12.97 -15.17 44.74
CA ARG D 83 12.43 -15.52 46.04
C ARG D 83 13.51 -15.50 47.10
N ARG D 84 14.71 -15.99 46.77
CA ARG D 84 15.79 -16.07 47.75
C ARG D 84 16.39 -14.71 48.08
N ASP D 85 16.08 -13.66 47.33
CA ASP D 85 16.57 -12.35 47.72
C ASP D 85 15.73 -11.69 48.78
N VAL D 86 14.57 -12.25 49.10
CA VAL D 86 13.71 -11.70 50.14
C VAL D 86 14.22 -12.14 51.50
N THR D 87 14.49 -11.17 52.39
CA THR D 87 15.00 -11.43 53.72
C THR D 87 14.15 -10.77 54.79
N GLY D 88 14.24 -11.34 55.99
CA GLY D 88 13.63 -10.73 57.14
C GLY D 88 14.19 -9.35 57.40
N ARG D 89 15.51 -9.20 57.26
CA ARG D 89 16.13 -7.89 57.40
C ARG D 89 15.45 -6.86 56.48
N GLN D 90 15.21 -7.21 55.21
CA GLN D 90 14.60 -6.24 54.31
C GLN D 90 13.23 -5.83 54.82
N LEU D 91 12.42 -6.79 55.23
CA LEU D 91 11.09 -6.48 55.73
C LEU D 91 11.12 -5.66 57.02
N ALA D 92 12.01 -6.00 57.96
CA ALA D 92 12.14 -5.19 59.15
C ALA D 92 12.50 -3.75 58.79
N ASN D 93 13.41 -3.59 57.82
CA ASN D 93 13.83 -2.25 57.41
C ASN D 93 12.65 -1.47 56.80
N VAL D 94 11.84 -2.14 55.98
CA VAL D 94 10.68 -1.49 55.38
C VAL D 94 9.69 -1.09 56.44
N TYR D 95 9.55 -1.91 57.47
CA TYR D 95 8.67 -1.54 58.56
C TYR D 95 9.23 -0.37 59.32
N ALA D 96 10.54 -0.32 59.52
CA ALA D 96 11.10 0.83 60.21
C ALA D 96 10.81 2.12 59.44
N GLN D 97 11.14 2.17 58.14
CA GLN D 97 10.86 3.42 57.43
C GLN D 97 9.36 3.71 57.39
N THR D 98 8.55 2.67 57.19
CA THR D 98 7.13 2.88 57.06
C THR D 98 6.54 3.46 58.33
N LEU D 99 6.84 2.83 59.48
CA LEU D 99 6.31 3.29 60.77
C LEU D 99 6.88 4.64 61.15
N GLY D 100 8.12 4.94 60.77
CA GLY D 100 8.59 6.30 60.93
C GLY D 100 7.71 7.28 60.18
N THR D 101 7.44 7.00 58.90
CA THR D 101 6.63 7.92 58.11
C THR D 101 5.23 8.07 58.70
N ILE D 102 4.57 6.96 59.06
CA ILE D 102 3.26 7.07 59.69
C ILE D 102 3.34 7.92 60.95
N PHE D 103 4.35 7.67 61.80
CA PHE D 103 4.40 8.34 63.10
C PHE D 103 4.59 9.84 62.95
N THR D 104 5.37 10.27 61.97
CA THR D 104 5.60 11.70 61.85
C THR D 104 4.58 12.38 60.95
N GLU D 105 3.93 11.66 60.03
CA GLU D 105 3.23 12.35 58.97
C GLU D 105 1.75 12.02 58.85
N GLN D 106 1.27 10.95 59.49
CA GLN D 106 -0.14 10.56 59.43
C GLN D 106 -1.00 11.27 60.48
N ALA D 107 -2.32 11.27 60.22
CA ALA D 107 -3.27 11.95 61.11
C ALA D 107 -3.16 11.45 62.54
N LYS D 108 -3.07 10.14 62.71
CA LYS D 108 -2.89 9.56 64.01
C LYS D 108 -1.83 8.48 63.87
N PRO D 109 -0.86 8.41 64.78
CA PRO D 109 0.16 7.36 64.70
C PRO D 109 -0.47 5.98 64.83
N TYR D 110 0.30 4.97 64.43
CA TYR D 110 -0.20 3.61 64.54
C TYR D 110 0.05 3.04 65.94
N GLU D 111 -1.01 2.56 66.58
CA GLU D 111 -0.89 1.94 67.89
C GLU D 111 -0.49 0.48 67.73
N VAL D 112 0.76 0.25 67.28
CA VAL D 112 1.19 -1.10 66.96
C VAL D 112 2.62 -1.36 67.41
N GLU D 113 2.94 -2.64 67.58
CA GLU D 113 4.31 -3.09 67.79
C GLU D 113 4.52 -4.40 67.04
N LEU D 114 5.63 -4.47 66.31
CA LEU D 114 5.82 -5.45 65.24
C LEU D 114 7.00 -6.38 65.50
N CYS D 115 6.85 -7.61 65.04
CA CYS D 115 7.93 -8.58 65.07
C CYS D 115 8.05 -9.23 63.70
N VAL D 116 9.27 -9.22 63.16
CA VAL D 116 9.60 -9.97 61.96
C VAL D 116 10.59 -11.06 62.33
N ALA D 117 10.32 -12.29 61.90
CA ALA D 117 11.20 -13.40 62.19
C ALA D 117 11.60 -14.10 60.90
N GLU D 118 12.84 -14.57 60.85
CA GLU D 118 13.35 -15.31 59.70
C GLU D 118 14.09 -16.52 60.20
N VAL D 119 13.82 -17.67 59.61
CA VAL D 119 14.56 -18.88 59.89
C VAL D 119 15.43 -19.19 58.68
N ALA D 120 16.28 -20.18 58.83
CA ALA D 120 17.16 -20.52 57.73
C ALA D 120 16.34 -21.18 56.62
N HIS D 121 16.92 -21.15 55.42
CA HIS D 121 16.39 -21.92 54.32
C HIS D 121 16.66 -23.39 54.59
N TYR D 122 15.86 -24.27 53.97
CA TYR D 122 15.97 -25.70 54.23
C TYR D 122 17.39 -26.23 54.01
N GLY D 123 17.92 -26.91 55.04
CA GLY D 123 19.22 -27.53 54.99
C GLY D 123 20.39 -26.62 55.25
N GLU D 124 20.17 -25.34 55.49
CA GLU D 124 21.26 -24.40 55.74
C GLU D 124 21.40 -24.21 57.24
N THR D 125 22.57 -23.76 57.66
CA THR D 125 22.86 -23.62 59.07
C THR D 125 22.94 -22.12 59.33
N LYS D 126 21.84 -21.58 59.82
CA LYS D 126 21.73 -20.14 60.10
C LYS D 126 20.82 -20.01 61.29
N ARG D 127 21.29 -19.31 62.33
CA ARG D 127 20.45 -19.22 63.52
C ARG D 127 19.36 -18.18 63.30
N PRO D 128 18.19 -18.39 63.92
CA PRO D 128 17.04 -17.53 63.66
C PRO D 128 17.34 -16.05 63.90
N GLU D 129 16.60 -15.21 63.19
CA GLU D 129 16.71 -13.76 63.34
C GLU D 129 15.36 -13.26 63.83
N LEU D 130 15.38 -12.40 64.85
CA LEU D 130 14.18 -11.75 65.35
C LEU D 130 14.38 -10.24 65.33
N TYR D 131 13.40 -9.51 64.79
CA TYR D 131 13.45 -8.06 64.72
C TYR D 131 12.19 -7.54 65.38
N ARG D 132 12.34 -6.44 66.08
CA ARG D 132 11.25 -5.73 66.72
C ARG D 132 11.21 -4.34 66.14
N ILE D 133 10.00 -3.86 65.82
CA ILE D 133 9.78 -2.49 65.35
C ILE D 133 8.70 -1.86 66.21
N THR D 134 9.01 -0.70 66.78
CA THR D 134 8.05 -0.01 67.65
C THR D 134 7.34 1.11 66.88
N TYR D 135 6.35 1.71 67.53
CA TYR D 135 5.40 2.58 66.83
C TYR D 135 6.08 3.76 66.13
N ASP D 136 7.27 4.12 66.54
CA ASP D 136 7.94 5.25 65.92
C ASP D 136 8.99 4.84 64.90
N GLY D 137 9.13 3.55 64.60
CA GLY D 137 10.12 3.12 63.62
C GLY D 137 11.48 2.76 64.18
N SER D 138 11.61 2.75 65.50
CA SER D 138 12.83 2.26 66.12
C SER D 138 12.88 0.79 65.90
N ILE D 139 14.04 0.30 65.55
CA ILE D 139 14.20 -1.09 65.17
C ILE D 139 15.25 -1.72 66.05
N ALA D 140 14.99 -2.95 66.50
CA ALA D 140 15.90 -3.61 67.41
C ALA D 140 16.10 -5.05 66.99
N ASP D 141 17.36 -5.47 67.02
CA ASP D 141 17.77 -6.82 66.67
C ASP D 141 17.79 -7.66 67.95
N GLU D 142 17.00 -8.73 67.99
CA GLU D 142 16.90 -9.52 69.22
C GLU D 142 17.34 -10.96 69.02
N PRO D 143 18.10 -11.53 69.97
CA PRO D 143 18.75 -12.84 69.74
C PRO D 143 17.94 -14.05 70.17
N HIS D 144 17.09 -13.88 71.16
CA HIS D 144 16.37 -15.01 71.74
C HIS D 144 14.86 -14.86 71.69
N PHE D 145 14.33 -13.71 72.07
CA PHE D 145 12.89 -13.60 72.12
C PHE D 145 12.47 -12.15 72.00
N VAL D 146 11.18 -11.97 71.68
CA VAL D 146 10.53 -10.67 71.55
C VAL D 146 9.20 -10.74 72.27
N VAL D 147 8.92 -9.70 73.06
CA VAL D 147 7.66 -9.53 73.78
C VAL D 147 7.04 -8.22 73.33
N MET D 148 5.75 -8.23 73.02
CA MET D 148 5.11 -7.01 72.56
C MET D 148 3.69 -6.91 73.09
N GLY D 149 3.27 -5.70 73.40
CA GLY D 149 1.89 -5.42 73.79
C GLY D 149 1.66 -5.63 75.27
N GLY D 150 0.78 -4.81 75.84
CA GLY D 150 0.47 -4.92 77.26
C GLY D 150 1.65 -4.60 78.16
N THR D 151 1.71 -5.30 79.29
CA THR D 151 2.78 -5.12 80.29
C THR D 151 3.91 -6.09 79.96
N THR D 152 4.97 -5.60 79.31
CA THR D 152 5.96 -6.52 78.76
C THR D 152 6.92 -7.07 79.83
N GLU D 153 7.32 -6.23 80.81
CA GLU D 153 8.46 -6.49 81.72
C GLU D 153 8.24 -7.70 82.64
N PRO D 154 7.01 -7.99 83.13
CA PRO D 154 6.81 -9.30 83.76
C PRO D 154 7.09 -10.46 82.82
N ILE D 155 6.70 -10.33 81.55
CA ILE D 155 6.91 -11.42 80.58
C ILE D 155 8.38 -11.57 80.25
N ALA D 156 9.06 -10.44 80.04
CA ALA D 156 10.49 -10.48 79.74
C ALA D 156 11.27 -11.03 80.93
N ASN D 157 10.86 -10.66 82.15
CA ASN D 157 11.52 -11.17 83.35
C ASN D 157 11.32 -12.68 83.45
N ALA D 158 10.09 -13.14 83.22
CA ALA D 158 9.79 -14.57 83.21
C ALA D 158 10.63 -15.30 82.16
N LEU D 159 10.79 -14.72 80.98
CA LEU D 159 11.55 -15.37 79.91
C LEU D 159 13.04 -15.42 80.22
N LYS D 160 13.63 -14.31 80.66
CA LYS D 160 15.08 -14.31 80.85
C LYS D 160 15.50 -15.10 82.08
N GLU D 161 14.54 -15.48 82.93
CA GLU D 161 14.75 -16.41 84.03
C GLU D 161 14.26 -17.82 83.71
N SER D 162 13.85 -18.08 82.46
CA SER D 162 13.35 -19.40 82.09
C SER D 162 13.73 -19.86 80.68
N TYR D 163 14.25 -18.99 79.82
CA TYR D 163 14.51 -19.36 78.44
C TYR D 163 15.86 -20.07 78.31
N ALA D 164 15.87 -21.15 77.55
CA ALA D 164 17.12 -21.81 77.20
C ALA D 164 17.18 -21.99 75.69
N GLU D 165 18.36 -21.77 75.11
CA GLU D 165 18.53 -21.92 73.67
C GLU D 165 18.29 -23.36 73.23
N ASN D 166 17.83 -23.52 71.99
CA ASN D 166 17.64 -24.84 71.36
C ASN D 166 16.74 -25.75 72.19
N ALA D 167 15.72 -25.16 72.80
CA ALA D 167 14.72 -25.91 73.56
C ALA D 167 13.79 -26.65 72.61
N SER D 168 13.05 -27.61 73.16
CA SER D 168 12.04 -28.35 72.41
C SER D 168 10.81 -27.48 72.15
N LEU D 169 9.96 -27.95 71.24
CA LEU D 169 8.73 -27.20 70.98
C LEU D 169 7.88 -27.10 72.24
N THR D 170 7.71 -28.23 72.95
CA THR D 170 6.92 -28.22 74.17
C THR D 170 7.54 -27.35 75.26
N ASP D 171 8.86 -27.47 75.47
CA ASP D 171 9.48 -26.67 76.51
C ASP D 171 9.34 -25.19 76.18
N ALA D 172 9.65 -24.81 74.93
CA ALA D 172 9.54 -23.41 74.53
C ALA D 172 8.09 -22.93 74.64
N LEU D 173 7.13 -23.78 74.28
CA LEU D 173 5.73 -23.39 74.37
C LEU D 173 5.32 -23.14 75.82
N ARG D 174 5.88 -23.92 76.75
CA ARG D 174 5.60 -23.76 78.17
C ARG D 174 6.28 -22.50 78.73
N ILE D 175 7.59 -22.32 78.50
CA ILE D 175 8.27 -21.08 78.88
C ILE D 175 7.46 -19.87 78.41
N ALA D 176 6.90 -19.97 77.20
CA ALA D 176 6.15 -18.86 76.62
C ALA D 176 4.83 -18.62 77.34
N VAL D 177 4.01 -19.66 77.53
CA VAL D 177 2.72 -19.48 78.21
C VAL D 177 2.93 -19.05 79.66
N ALA D 178 3.98 -19.56 80.30
CA ALA D 178 4.35 -19.09 81.63
C ALA D 178 4.60 -17.59 81.61
N ALA D 179 5.39 -17.14 80.64
CA ALA D 179 5.69 -15.73 80.54
C ALA D 179 4.40 -14.94 80.32
N LEU D 180 3.47 -15.49 79.52
CA LEU D 180 2.24 -14.78 79.22
C LEU D 180 1.36 -14.65 80.45
N ARG D 181 1.31 -15.72 81.27
CA ARG D 181 0.54 -15.71 82.51
C ARG D 181 1.05 -14.65 83.47
N ALA D 182 2.38 -14.54 83.63
CA ALA D 182 2.98 -13.49 84.46
C ALA D 182 2.63 -12.09 83.96
N GLY D 183 2.27 -11.94 82.69
CA GLY D 183 1.96 -10.61 82.20
C GLY D 183 0.69 -10.07 82.81
N SER D 184 -0.32 -10.92 82.94
CA SER D 184 -1.58 -10.51 83.53
C SER D 184 -1.92 -11.35 84.75
N LEU D 195 -3.89 -19.02 78.36
CA LEU D 195 -4.46 -19.95 79.32
C LEU D 195 -4.88 -21.27 78.62
N GLY D 196 -5.31 -21.20 77.36
CA GLY D 196 -5.69 -22.42 76.66
C GLY D 196 -5.87 -22.23 75.17
N VAL D 197 -6.35 -23.31 74.51
CA VAL D 197 -6.53 -23.32 73.06
C VAL D 197 -7.49 -22.22 72.60
N ALA D 198 -8.75 -22.26 73.06
CA ALA D 198 -9.75 -21.26 72.68
C ALA D 198 -9.29 -19.81 72.83
N SER D 199 -8.27 -19.55 73.66
CA SER D 199 -7.82 -18.18 73.92
C SER D 199 -6.44 -17.86 73.37
N LEU D 200 -5.82 -18.77 72.63
CA LEU D 200 -4.46 -18.58 72.13
C LEU D 200 -4.43 -18.69 70.61
N GLU D 201 -3.42 -18.03 70.04
CA GLU D 201 -3.03 -18.17 68.64
C GLU D 201 -1.56 -18.56 68.65
N VAL D 202 -1.22 -19.68 68.01
CA VAL D 202 0.16 -20.14 67.97
C VAL D 202 0.52 -20.58 66.57
N ALA D 203 1.77 -20.32 66.18
CA ALA D 203 2.28 -20.77 64.90
C ALA D 203 3.80 -20.71 64.95
N VAL D 204 4.44 -21.47 64.08
CA VAL D 204 5.89 -21.53 64.07
C VAL D 204 6.40 -21.24 62.66
N LEU D 205 7.58 -20.65 62.61
CA LEU D 205 8.39 -20.71 61.42
C LEU D 205 9.25 -21.94 61.63
N ASP D 206 8.88 -23.03 60.91
CA ASP D 206 9.46 -24.38 61.05
C ASP D 206 10.58 -24.56 60.03
N ALA D 207 11.82 -24.53 60.50
CA ALA D 207 13.01 -24.61 59.65
C ALA D 207 13.17 -25.95 58.95
N ASN D 208 12.34 -26.95 59.27
CA ASN D 208 12.42 -28.26 58.63
C ASN D 208 11.46 -28.40 57.47
N ARG D 209 10.76 -27.47 57.19
CA ARG D 209 9.87 -27.62 56.06
C ARG D 209 10.59 -27.22 54.77
N PRO D 210 10.26 -27.88 53.67
CA PRO D 210 11.03 -27.67 52.43
C PRO D 210 10.93 -26.26 51.84
N ARG D 211 9.72 -25.65 51.77
CA ARG D 211 9.55 -24.33 51.18
C ARG D 211 8.93 -23.33 52.15
N ARG D 212 7.65 -23.46 52.47
CA ARG D 212 6.95 -22.51 53.34
C ARG D 212 7.13 -22.94 54.79
N ALA D 213 7.85 -22.12 55.58
CA ALA D 213 8.19 -22.49 56.95
C ALA D 213 7.05 -22.20 57.93
N PHE D 214 6.13 -21.32 57.58
CA PHE D 214 5.08 -20.92 58.50
C PHE D 214 4.05 -22.02 58.68
N ARG D 215 3.59 -22.19 59.91
CA ARG D 215 2.58 -23.22 60.16
C ARG D 215 1.81 -22.91 61.43
N ARG D 216 0.48 -22.93 61.32
CA ARG D 216 -0.39 -22.72 62.46
C ARG D 216 -0.56 -23.99 63.28
N ILE D 217 -0.59 -23.84 64.59
CA ILE D 217 -0.86 -24.97 65.48
C ILE D 217 -2.24 -24.70 66.07
N THR D 218 -3.21 -25.46 65.63
CA THR D 218 -4.59 -25.20 65.98
C THR D 218 -5.16 -26.42 66.69
N GLY D 219 -6.25 -26.19 67.44
CA GLY D 219 -7.05 -27.26 68.02
C GLY D 219 -6.32 -28.40 68.70
N SER D 220 -6.53 -29.61 68.17
CA SER D 220 -6.04 -30.84 68.81
C SER D 220 -4.53 -30.83 69.00
N ALA D 221 -3.77 -30.42 67.98
CA ALA D 221 -2.32 -30.39 68.11
C ALA D 221 -1.91 -29.43 69.22
N LEU D 222 -2.52 -28.25 69.23
CA LEU D 222 -2.21 -27.26 70.26
C LEU D 222 -2.48 -27.79 71.67
N GLN D 223 -3.68 -28.31 71.88
CA GLN D 223 -4.09 -28.85 73.17
C GLN D 223 -3.13 -29.97 73.59
N ALA D 224 -2.75 -30.81 72.64
CA ALA D 224 -1.77 -31.88 72.89
C ALA D 224 -0.44 -31.34 73.36
N LEU D 225 -0.03 -30.17 72.87
CA LEU D 225 1.26 -29.64 73.29
C LEU D 225 1.23 -28.94 74.64
N LEU D 226 0.06 -28.67 75.20
CA LEU D 226 -0.06 -27.98 76.48
C LEU D 226 0.24 -28.96 77.63
N VAL D 227 0.03 -28.55 78.88
CA VAL D 227 0.20 -29.49 80.00
C VAL D 227 -0.98 -30.46 80.02
N MET E 1 8.02 31.50 63.65
CA MET E 1 8.90 30.41 63.25
C MET E 1 10.29 30.40 63.93
N GLU E 2 10.65 31.50 64.61
CA GLU E 2 11.88 31.53 65.42
C GLU E 2 11.85 30.46 66.51
N GLN E 3 10.73 30.39 67.23
CA GLN E 3 10.58 29.37 68.24
C GLN E 3 10.30 28.00 67.63
N ALA E 4 9.60 27.92 66.50
CA ALA E 4 9.45 26.62 65.85
C ALA E 4 10.82 26.06 65.43
N MET E 5 11.71 26.91 64.90
CA MET E 5 13.04 26.45 64.50
C MET E 5 13.92 26.13 65.71
N ARG E 6 13.78 26.89 66.80
CA ARG E 6 14.45 26.49 68.04
C ARG E 6 13.98 25.11 68.51
N GLU E 7 12.69 24.83 68.38
CA GLU E 7 12.17 23.53 68.81
C GLU E 7 12.72 22.41 67.95
N ARG E 8 12.79 22.66 66.64
CA ARG E 8 13.34 21.66 65.75
C ARG E 8 14.80 21.38 66.09
N SER E 9 15.59 22.45 66.25
CA SER E 9 17.00 22.26 66.57
C SER E 9 17.19 21.48 67.86
N GLU E 10 16.40 21.78 68.90
CA GLU E 10 16.62 21.07 70.14
C GLU E 10 16.14 19.62 70.05
N LEU E 11 15.04 19.37 69.32
CA LEU E 11 14.59 18.00 69.13
C LEU E 11 15.65 17.16 68.43
N ALA E 12 16.26 17.69 67.36
CA ALA E 12 17.27 16.92 66.65
C ALA E 12 18.50 16.68 67.53
N ARG E 13 19.02 17.75 68.16
CA ARG E 13 20.23 17.61 68.99
C ARG E 13 20.00 16.56 70.08
N LYS E 14 18.84 16.62 70.75
CA LYS E 14 18.52 15.69 71.82
C LYS E 14 18.46 14.26 71.31
N GLY E 15 17.80 14.03 70.17
CA GLY E 15 17.80 12.70 69.58
C GLY E 15 19.20 12.19 69.28
N ILE E 16 20.08 13.06 68.77
CA ILE E 16 21.40 12.56 68.42
C ILE E 16 22.21 12.25 69.67
N ALA E 17 22.07 13.08 70.71
CA ALA E 17 22.86 12.85 71.91
C ALA E 17 22.46 11.56 72.63
N ARG E 18 21.32 10.99 72.28
CA ARG E 18 20.83 9.75 72.86
C ARG E 18 21.25 8.49 72.12
N ALA E 19 22.02 8.62 71.05
CA ALA E 19 22.34 7.47 70.21
C ALA E 19 23.80 7.08 70.41
N LYS E 20 24.10 5.83 70.08
CA LYS E 20 25.47 5.35 70.16
C LYS E 20 26.36 6.12 69.20
N SER E 21 27.60 6.35 69.60
CA SER E 21 28.51 7.22 68.89
C SER E 21 29.28 6.46 67.80
N VAL E 22 29.81 7.24 66.87
CA VAL E 22 30.58 6.75 65.73
C VAL E 22 31.81 7.64 65.60
N VAL E 23 32.93 7.03 65.25
CA VAL E 23 34.18 7.73 65.08
C VAL E 23 34.74 7.31 63.74
N ALA E 24 35.28 8.27 62.98
CA ALA E 24 35.93 7.98 61.72
C ALA E 24 37.23 8.77 61.66
N LEU E 25 38.35 8.09 61.49
CA LEU E 25 39.62 8.79 61.50
C LEU E 25 40.52 8.25 60.39
N ALA E 26 41.39 9.13 59.90
CA ALA E 26 42.32 8.79 58.83
C ALA E 26 43.50 7.98 59.35
N TYR E 27 43.87 6.93 58.61
CA TYR E 27 45.07 6.18 58.94
C TYR E 27 45.90 5.96 57.66
N ALA E 28 47.10 5.38 57.82
CA ALA E 28 48.04 5.33 56.71
C ALA E 28 47.46 4.62 55.50
N GLY E 29 46.65 3.61 55.71
CA GLY E 29 46.06 2.87 54.62
C GLY E 29 44.74 3.41 54.09
N GLY E 30 44.24 4.54 54.61
CA GLY E 30 42.95 5.11 54.18
C GLY E 30 42.09 5.74 55.27
N VAL E 31 40.85 5.27 55.46
CA VAL E 31 39.96 5.84 56.45
C VAL E 31 39.33 4.71 57.27
N LEU E 32 39.24 4.90 58.59
CA LEU E 32 38.70 3.88 59.47
C LEU E 32 37.40 4.37 60.11
N PHE E 33 36.38 3.53 60.05
CA PHE E 33 35.07 3.76 60.65
C PHE E 33 34.89 2.76 61.79
N VAL E 34 34.63 3.28 62.99
CA VAL E 34 34.30 2.44 64.12
C VAL E 34 33.04 3.02 64.76
N ALA E 35 32.03 2.18 64.98
CA ALA E 35 30.78 2.63 65.57
C ALA E 35 30.31 1.66 66.64
N GLU E 36 29.70 2.23 67.69
CA GLU E 36 29.12 1.44 68.76
C GLU E 36 27.82 0.84 68.22
N ASN E 37 27.80 -0.47 68.09
CA ASN E 37 26.61 -1.05 67.49
C ASN E 37 26.43 -2.49 67.92
N PRO E 38 25.48 -2.78 68.83
CA PRO E 38 25.28 -4.18 69.27
C PRO E 38 24.72 -5.11 68.23
N SER E 39 24.06 -4.60 67.19
CA SER E 39 23.27 -5.45 66.29
C SER E 39 24.13 -6.42 65.47
N ARG E 40 23.46 -7.41 64.90
CA ARG E 40 24.16 -8.34 64.01
C ARG E 40 24.17 -7.83 62.58
N SER E 41 23.06 -7.25 62.13
CA SER E 41 22.82 -7.03 60.72
C SER E 41 22.43 -5.61 60.31
N LEU E 42 21.99 -4.76 61.24
CA LEU E 42 21.63 -3.37 60.91
C LEU E 42 22.88 -2.52 61.05
N GLN E 43 23.18 -1.73 60.02
CA GLN E 43 24.53 -1.18 59.84
C GLN E 43 24.51 0.34 59.84
N LYS E 44 25.29 0.95 60.75
CA LYS E 44 25.43 2.41 60.81
C LYS E 44 26.47 2.93 59.81
N ILE E 45 27.33 2.04 59.29
CA ILE E 45 28.40 2.37 58.33
C ILE E 45 28.13 1.60 57.04
N SER E 46 28.32 2.29 55.91
CA SER E 46 28.04 1.69 54.62
C SER E 46 28.93 2.30 53.55
N GLU E 47 29.09 1.56 52.45
CA GLU E 47 29.74 2.08 51.26
C GLU E 47 28.78 2.97 50.48
N LEU E 48 29.29 4.09 49.97
CA LEU E 48 28.56 4.93 49.02
C LEU E 48 29.02 4.73 47.58
N TYR E 49 30.32 4.84 47.32
CA TYR E 49 30.88 4.68 45.97
C TYR E 49 32.32 4.21 46.08
N ASP E 50 33.00 4.06 44.94
CA ASP E 50 34.31 3.38 44.91
C ASP E 50 35.25 3.83 46.03
N ARG E 51 35.47 5.13 46.17
CA ARG E 51 36.41 5.63 47.17
C ARG E 51 35.70 6.46 48.25
N VAL E 52 34.38 6.29 48.38
CA VAL E 52 33.57 7.15 49.24
C VAL E 52 32.78 6.28 50.19
N GLY E 53 32.90 6.60 51.50
CA GLY E 53 32.20 5.92 52.58
C GLY E 53 31.32 6.84 53.42
N PHE E 54 30.44 6.21 54.17
CA PHE E 54 29.34 6.88 54.86
C PHE E 54 29.26 6.30 56.25
N ALA E 55 29.05 7.14 57.24
CA ALA E 55 28.77 6.67 58.59
C ALA E 55 27.73 7.59 59.18
N ALA E 56 26.91 7.07 60.07
CA ALA E 56 25.84 7.90 60.56
C ALA E 56 25.57 7.60 62.02
N ALA E 57 25.10 8.63 62.72
CA ALA E 57 24.67 8.47 64.10
C ALA E 57 23.26 9.00 64.23
N GLY E 58 22.46 8.33 65.06
CA GLY E 58 21.13 8.83 65.30
C GLY E 58 20.05 7.79 65.10
N LYS E 59 18.90 8.23 64.60
CA LYS E 59 17.77 7.32 64.41
C LYS E 59 17.99 6.48 63.15
N PHE E 60 17.79 5.17 63.26
CA PHE E 60 18.21 4.30 62.15
C PHE E 60 17.42 4.58 60.87
N ASN E 61 16.09 4.53 60.92
CA ASN E 61 15.33 4.64 59.67
C ASN E 61 15.64 5.94 58.93
N GLU E 62 15.97 7.01 59.65
CA GLU E 62 16.21 8.29 58.99
C GLU E 62 17.58 8.31 58.30
N PHE E 63 18.66 7.95 59.00
CA PHE E 63 19.94 7.97 58.30
C PHE E 63 20.05 6.83 57.31
N ASP E 64 19.21 5.80 57.43
CA ASP E 64 19.19 4.76 56.41
C ASP E 64 18.54 5.30 55.15
N ASN E 65 17.45 6.07 55.29
CA ASN E 65 16.92 6.80 54.13
C ASN E 65 17.98 7.66 53.47
N LEU E 66 18.69 8.47 54.27
CA LEU E 66 19.70 9.33 53.65
C LEU E 66 20.82 8.51 53.03
N ARG E 67 21.14 7.34 53.60
CA ARG E 67 22.17 6.50 53.01
C ARG E 67 21.75 5.97 51.64
N ARG E 68 20.53 5.40 51.56
CA ARG E 68 20.03 4.89 50.28
C ARG E 68 19.92 5.98 49.24
N GLY E 69 19.46 7.16 49.63
CA GLY E 69 19.45 8.28 48.71
C GLY E 69 20.84 8.68 48.26
N GLY E 70 21.82 8.58 49.16
CA GLY E 70 23.18 8.92 48.77
C GLY E 70 23.73 7.98 47.74
N ILE E 71 23.48 6.69 47.92
CA ILE E 71 23.90 5.69 46.94
C ILE E 71 23.17 5.92 45.60
N GLN E 72 21.86 6.20 45.64
CA GLN E 72 21.15 6.47 44.40
C GLN E 72 21.76 7.66 43.66
N PHE E 73 22.04 8.74 44.40
CA PHE E 73 22.68 9.90 43.79
C PHE E 73 23.99 9.51 43.13
N ALA E 74 24.86 8.82 43.89
CA ALA E 74 26.19 8.51 43.38
C ALA E 74 26.13 7.60 42.16
N ASP E 75 25.34 6.52 42.25
CA ASP E 75 25.25 5.61 41.12
C ASP E 75 24.69 6.33 39.91
N THR E 76 23.65 7.14 40.10
CA THR E 76 23.11 7.88 38.97
C THR E 76 24.13 8.84 38.37
N ARG E 77 24.84 9.60 39.19
CA ARG E 77 25.81 10.53 38.65
C ARG E 77 26.95 9.81 37.95
N GLY E 78 27.44 8.73 38.56
CA GLY E 78 28.49 7.96 37.93
C GLY E 78 28.07 7.38 36.60
N TYR E 79 26.80 7.01 36.48
CA TYR E 79 26.28 6.50 35.20
C TYR E 79 26.14 7.61 34.17
N ALA E 80 25.66 8.77 34.60
CA ALA E 80 25.43 9.88 33.67
C ALA E 80 26.74 10.36 33.09
N TYR E 81 27.80 10.34 33.90
CA TYR E 81 29.11 10.84 33.48
C TYR E 81 30.15 9.73 33.44
N ASP E 82 30.91 9.58 34.51
CA ASP E 82 31.86 8.50 34.64
C ASP E 82 32.08 8.29 36.11
N ARG E 83 32.52 7.09 36.44
CA ARG E 83 32.76 6.74 37.84
C ARG E 83 33.73 7.71 38.50
N ARG E 84 34.76 8.14 37.76
CA ARG E 84 35.74 9.00 38.40
C ARG E 84 35.20 10.38 38.72
N ASP E 85 34.06 10.77 38.15
CA ASP E 85 33.50 12.08 38.44
C ASP E 85 32.72 12.16 39.74
N VAL E 86 32.41 11.01 40.36
CA VAL E 86 31.75 10.95 41.65
C VAL E 86 32.80 11.20 42.72
N THR E 87 32.60 12.21 43.54
CA THR E 87 33.60 12.58 44.54
C THR E 87 32.96 12.72 45.92
N GLY E 88 33.82 12.64 46.94
CA GLY E 88 33.36 12.83 48.32
C GLY E 88 32.70 14.19 48.55
N ARG E 89 33.40 15.26 48.19
CA ARG E 89 32.84 16.61 48.36
C ARG E 89 31.45 16.72 47.74
N GLN E 90 31.27 16.08 46.58
CA GLN E 90 30.01 16.12 45.86
C GLN E 90 28.87 15.51 46.68
N LEU E 91 29.10 14.32 47.22
CA LEU E 91 28.07 13.69 48.06
C LEU E 91 27.85 14.47 49.36
N ALA E 92 28.93 15.00 49.97
CA ALA E 92 28.76 15.85 51.14
C ALA E 92 27.87 17.05 50.85
N ASN E 93 28.05 17.66 49.69
CA ASN E 93 27.25 18.82 49.31
C ASN E 93 25.80 18.43 49.15
N VAL E 94 25.55 17.27 48.53
CA VAL E 94 24.17 16.85 48.33
C VAL E 94 23.50 16.57 49.66
N TYR E 95 24.25 16.02 50.62
CA TYR E 95 23.69 15.80 51.95
C TYR E 95 23.42 17.11 52.68
N ALA E 96 24.31 18.09 52.56
CA ALA E 96 24.05 19.38 53.18
C ALA E 96 22.75 19.98 52.65
N GLN E 97 22.57 19.98 51.34
CA GLN E 97 21.33 20.50 50.77
C GLN E 97 20.12 19.69 51.25
N THR E 98 20.22 18.36 51.22
CA THR E 98 19.09 17.50 51.55
C THR E 98 18.66 17.66 53.01
N LEU E 99 19.62 17.61 53.94
CA LEU E 99 19.28 17.80 55.33
C LEU E 99 18.80 19.23 55.58
N GLY E 100 19.30 20.20 54.81
CA GLY E 100 18.75 21.54 54.90
C GLY E 100 17.26 21.56 54.62
N THR E 101 16.88 20.94 53.50
CA THR E 101 15.46 20.87 53.16
C THR E 101 14.67 20.12 54.23
N ILE E 102 15.16 18.94 54.62
CA ILE E 102 14.47 18.15 55.65
C ILE E 102 14.27 18.98 56.90
N PHE E 103 15.34 19.63 57.38
CA PHE E 103 15.30 20.35 58.65
C PHE E 103 14.35 21.52 58.60
N THR E 104 14.21 22.20 57.47
CA THR E 104 13.32 23.35 57.49
C THR E 104 11.90 23.02 57.08
N GLU E 105 11.67 21.90 56.35
CA GLU E 105 10.39 21.67 55.69
C GLU E 105 9.66 20.39 56.08
N GLN E 106 10.33 19.38 56.64
CA GLN E 106 9.62 18.14 56.95
C GLN E 106 8.84 18.25 58.26
N ALA E 107 7.90 17.31 58.43
CA ALA E 107 7.07 17.26 59.62
C ALA E 107 7.91 17.24 60.90
N LYS E 108 8.94 16.40 60.92
CA LYS E 108 9.90 16.36 62.01
C LYS E 108 11.31 16.34 61.41
N PRO E 109 12.24 17.13 61.97
CA PRO E 109 13.62 17.07 61.48
C PRO E 109 14.19 15.69 61.71
N TYR E 110 15.25 15.41 60.95
CA TYR E 110 15.94 14.14 61.06
C TYR E 110 16.94 14.19 62.21
N GLU E 111 16.85 13.19 63.10
CA GLU E 111 17.79 13.00 64.21
C GLU E 111 19.00 12.19 63.74
N VAL E 112 19.82 12.85 62.91
CA VAL E 112 20.93 12.19 62.27
C VAL E 112 22.13 13.12 62.28
N GLU E 113 23.31 12.52 62.22
CA GLU E 113 24.53 13.25 61.96
C GLU E 113 25.29 12.33 61.00
N LEU E 114 25.88 12.92 59.97
CA LEU E 114 26.39 12.18 58.83
C LEU E 114 27.88 12.42 58.63
N CYS E 115 28.55 11.41 58.13
CA CYS E 115 29.95 11.51 57.75
C CYS E 115 30.17 10.90 56.39
N VAL E 116 30.75 11.69 55.48
CA VAL E 116 31.19 11.24 54.17
C VAL E 116 32.71 11.28 54.14
N ALA E 117 33.32 10.18 53.73
CA ALA E 117 34.77 10.05 53.69
C ALA E 117 35.22 9.68 52.29
N GLU E 118 36.39 10.16 51.90
CA GLU E 118 36.93 9.80 50.59
C GLU E 118 38.41 9.48 50.69
N VAL E 119 38.83 8.41 50.03
CA VAL E 119 40.25 8.11 49.89
C VAL E 119 40.66 8.29 48.43
N ALA E 120 41.97 8.28 48.19
CA ALA E 120 42.49 8.48 46.85
C ALA E 120 42.23 7.24 46.01
N HIS E 121 42.29 7.42 44.68
CA HIS E 121 42.22 6.29 43.76
C HIS E 121 43.53 5.50 43.75
N TYR E 122 43.44 4.24 43.29
CA TYR E 122 44.58 3.34 43.32
C TYR E 122 45.78 3.99 42.63
N GLY E 123 46.91 3.95 43.32
CA GLY E 123 48.12 4.53 42.79
C GLY E 123 48.23 6.01 43.02
N GLU E 124 47.25 6.67 43.59
CA GLU E 124 47.38 8.09 43.79
C GLU E 124 47.77 8.42 45.23
N THR E 125 48.32 9.63 45.39
CA THR E 125 48.79 10.16 46.67
C THR E 125 47.87 11.35 46.92
N LYS E 126 46.89 11.19 47.80
CA LYS E 126 45.97 12.29 48.09
C LYS E 126 45.53 12.13 49.54
N ARG E 127 45.57 13.23 50.29
CA ARG E 127 45.19 13.15 51.70
C ARG E 127 43.74 12.70 51.79
N PRO E 128 43.41 11.76 52.67
CA PRO E 128 42.00 11.40 52.85
C PRO E 128 41.18 12.63 53.18
N GLU E 129 39.89 12.58 52.85
CA GLU E 129 39.00 13.71 53.11
C GLU E 129 37.88 13.30 54.04
N LEU E 130 37.58 14.14 55.04
CA LEU E 130 36.42 13.87 55.88
C LEU E 130 35.45 15.05 55.83
N TYR E 131 34.16 14.74 55.73
CA TYR E 131 33.12 15.75 55.77
C TYR E 131 32.08 15.30 56.79
N ARG E 132 31.60 16.26 57.58
CA ARG E 132 30.55 16.02 58.57
C ARG E 132 29.36 16.90 58.23
N ILE E 133 28.19 16.29 58.10
CA ILE E 133 26.96 17.02 57.81
C ILE E 133 26.04 16.85 59.02
N THR E 134 25.61 17.97 59.61
CA THR E 134 24.81 17.92 60.83
C THR E 134 23.33 18.10 60.46
N TYR E 135 22.46 17.96 61.48
CA TYR E 135 21.04 17.77 61.21
C TYR E 135 20.40 18.92 60.44
N ASP E 136 20.99 20.11 60.45
CA ASP E 136 20.39 21.25 59.76
C ASP E 136 21.01 21.51 58.39
N GLY E 137 21.91 20.64 57.93
CA GLY E 137 22.60 20.86 56.68
C GLY E 137 23.94 21.57 56.79
N SER E 138 24.43 21.79 58.00
CA SER E 138 25.76 22.35 58.18
C SER E 138 26.79 21.32 57.77
N ILE E 139 27.81 21.78 57.07
CA ILE E 139 28.82 20.93 56.49
C ILE E 139 30.19 21.39 56.98
N ALA E 140 31.04 20.44 57.36
CA ALA E 140 32.32 20.75 57.98
C ALA E 140 33.41 19.89 57.35
N ASP E 141 34.54 20.54 57.04
CA ASP E 141 35.69 19.91 56.41
C ASP E 141 36.68 19.51 57.50
N GLU E 142 36.85 18.21 57.71
CA GLU E 142 37.79 17.86 58.77
C GLU E 142 38.90 16.94 58.26
N PRO E 143 40.16 17.21 58.74
CA PRO E 143 41.39 16.58 58.21
C PRO E 143 41.85 15.29 58.87
N HIS E 144 41.48 15.07 60.15
CA HIS E 144 42.01 13.96 60.94
C HIS E 144 40.96 12.96 61.44
N PHE E 145 39.84 13.42 62.03
CA PHE E 145 38.82 12.50 62.53
C PHE E 145 37.47 13.23 62.61
N VAL E 146 36.39 12.44 62.71
CA VAL E 146 35.01 12.86 62.92
C VAL E 146 34.40 12.03 64.05
N VAL E 147 33.72 12.72 64.96
CA VAL E 147 33.00 12.08 66.05
C VAL E 147 31.55 12.49 65.95
N MET E 148 30.66 11.52 66.10
CA MET E 148 29.23 11.75 65.93
C MET E 148 28.42 10.98 66.95
N GLY E 149 27.36 11.61 67.44
CA GLY E 149 26.41 10.88 68.27
C GLY E 149 26.81 10.80 69.72
N GLY E 150 25.82 10.81 70.60
CA GLY E 150 26.10 10.69 72.02
C GLY E 150 26.93 11.85 72.58
N THR E 151 27.77 11.52 73.55
CA THR E 151 28.61 12.49 74.24
C THR E 151 29.88 12.65 73.43
N THR E 152 29.94 13.72 72.63
CA THR E 152 31.07 13.85 71.72
C THR E 152 32.31 14.36 72.42
N GLU E 153 32.16 15.15 73.49
CA GLU E 153 33.31 15.79 74.13
C GLU E 153 34.33 14.77 74.65
N PRO E 154 33.96 13.77 75.46
CA PRO E 154 34.97 12.79 75.89
C PRO E 154 35.71 12.14 74.74
N ILE E 155 34.99 11.77 73.66
CA ILE E 155 35.60 11.05 72.54
C ILE E 155 36.53 11.97 71.73
N ALA E 156 36.09 13.19 71.43
CA ALA E 156 36.94 14.10 70.67
C ALA E 156 38.20 14.44 71.45
N ASN E 157 38.08 14.63 72.76
CA ASN E 157 39.26 14.92 73.58
C ASN E 157 40.21 13.72 73.62
N ALA E 158 39.69 12.52 73.88
CA ALA E 158 40.53 11.33 73.89
C ALA E 158 41.28 11.19 72.57
N LEU E 159 40.61 11.52 71.45
CA LEU E 159 41.26 11.47 70.16
C LEU E 159 42.32 12.54 70.02
N LYS E 160 41.99 13.79 70.33
CA LYS E 160 42.99 14.86 70.28
C LYS E 160 44.26 14.48 71.06
N GLU E 161 44.11 13.82 72.21
CA GLU E 161 45.29 13.47 73.00
C GLU E 161 46.02 12.24 72.45
N SER E 162 45.28 11.24 71.98
CA SER E 162 45.90 9.99 71.56
C SER E 162 46.12 9.88 70.06
N TYR E 163 45.65 10.83 69.25
CA TYR E 163 45.70 10.68 67.80
C TYR E 163 47.10 10.96 67.26
N ALA E 164 47.57 10.07 66.38
CA ALA E 164 48.79 10.28 65.62
C ALA E 164 48.45 10.05 64.15
N GLU E 165 48.94 10.94 63.29
CA GLU E 165 48.71 10.80 61.86
C GLU E 165 49.38 9.55 61.32
N ASN E 166 48.80 8.98 60.26
CA ASN E 166 49.37 7.84 59.53
C ASN E 166 49.64 6.63 60.45
N ALA E 167 48.74 6.37 61.37
CA ALA E 167 48.86 5.21 62.23
C ALA E 167 48.53 3.93 61.47
N SER E 168 48.90 2.81 62.07
CA SER E 168 48.55 1.53 61.45
C SER E 168 47.07 1.25 61.65
N LEU E 169 46.59 0.21 60.97
CA LEU E 169 45.20 -0.19 61.17
C LEU E 169 44.96 -0.58 62.62
N THR E 170 45.86 -1.40 63.19
CA THR E 170 45.76 -1.81 64.60
C THR E 170 45.86 -0.60 65.55
N ASP E 171 46.80 0.32 65.28
CA ASP E 171 46.94 1.52 66.10
C ASP E 171 45.66 2.33 66.07
N ALA E 172 45.20 2.69 64.87
CA ALA E 172 44.02 3.54 64.76
C ALA E 172 42.82 2.86 65.39
N LEU E 173 42.71 1.54 65.25
CA LEU E 173 41.60 0.82 65.84
C LEU E 173 41.65 0.88 67.36
N ARG E 174 42.83 0.66 67.97
CA ARG E 174 42.91 0.75 69.42
C ARG E 174 42.59 2.17 69.89
N ILE E 175 43.21 3.18 69.27
CA ILE E 175 42.88 4.56 69.58
C ILE E 175 41.38 4.80 69.52
N ALA E 176 40.73 4.22 68.51
CA ALA E 176 39.32 4.47 68.27
C ALA E 176 38.45 3.86 69.36
N VAL E 177 38.65 2.59 69.68
CA VAL E 177 37.85 1.98 70.74
C VAL E 177 38.12 2.63 72.09
N ALA E 178 39.37 3.03 72.33
CA ALA E 178 39.70 3.75 73.55
C ALA E 178 38.89 5.04 73.64
N ALA E 179 38.86 5.81 72.56
CA ALA E 179 38.08 7.05 72.55
C ALA E 179 36.57 6.77 72.69
N LEU E 180 36.07 5.72 72.05
CA LEU E 180 34.65 5.39 72.11
C LEU E 180 34.21 5.08 73.54
N ARG E 181 34.91 4.16 74.21
CA ARG E 181 34.58 3.82 75.60
C ARG E 181 34.60 5.05 76.50
N ALA E 182 35.66 5.87 76.39
CA ALA E 182 35.75 7.09 77.18
C ALA E 182 34.49 7.94 77.09
N GLY E 183 33.91 8.03 75.89
CA GLY E 183 32.68 8.81 75.74
C GLY E 183 31.44 8.13 76.26
N SER E 184 31.44 6.80 76.34
CA SER E 184 30.26 6.10 76.84
C SER E 184 30.39 5.77 78.32
N THR E 194 33.63 -3.20 78.40
CA THR E 194 32.23 -3.09 78.03
C THR E 194 32.10 -3.10 76.48
N LEU E 195 33.22 -2.89 75.78
CA LEU E 195 33.30 -2.92 74.33
C LEU E 195 34.19 -4.08 73.85
N GLY E 196 34.16 -4.31 72.55
CA GLY E 196 34.69 -5.54 71.98
C GLY E 196 34.05 -5.80 70.63
N VAL E 197 34.32 -6.99 70.09
CA VAL E 197 33.82 -7.40 68.76
C VAL E 197 32.30 -7.34 68.68
N ALA E 198 31.63 -8.19 69.46
CA ALA E 198 30.17 -8.28 69.49
C ALA E 198 29.46 -6.93 69.59
N SER E 199 30.14 -5.88 70.05
CA SER E 199 29.53 -4.59 70.27
C SER E 199 29.98 -3.51 69.29
N LEU E 200 30.78 -3.86 68.27
CA LEU E 200 31.34 -2.86 67.37
C LEU E 200 30.98 -3.13 65.91
N GLU E 201 30.95 -2.05 65.14
CA GLU E 201 30.91 -2.14 63.70
C GLU E 201 32.11 -1.39 63.15
N VAL E 202 32.90 -2.06 62.31
CA VAL E 202 34.14 -1.50 61.79
C VAL E 202 34.23 -1.71 60.29
N ALA E 203 34.82 -0.73 59.61
CA ALA E 203 35.05 -0.84 58.18
C ALA E 203 36.13 0.16 57.81
N VAL E 204 36.79 -0.09 56.68
CA VAL E 204 37.86 0.77 56.21
C VAL E 204 37.60 1.16 54.76
N LEU E 205 38.03 2.36 54.42
CA LEU E 205 38.29 2.78 53.04
C LEU E 205 39.78 2.55 52.82
N ASP E 206 40.08 1.48 52.10
CA ASP E 206 41.44 0.96 51.94
C ASP E 206 41.99 1.49 50.63
N ALA E 207 42.85 2.52 50.71
CA ALA E 207 43.38 3.16 49.51
C ALA E 207 44.27 2.22 48.70
N ASN E 208 44.45 1.01 49.17
CA ASN E 208 45.25 0.04 48.45
C ASN E 208 44.42 -0.80 47.49
N ARG E 209 43.12 -0.87 47.73
CA ARG E 209 42.23 -1.66 46.89
C ARG E 209 42.14 -1.08 45.47
N PRO E 210 42.06 -1.94 44.47
CA PRO E 210 42.07 -1.44 43.07
C PRO E 210 40.85 -0.58 42.73
N ARG E 211 39.65 -1.03 43.09
CA ARG E 211 38.48 -0.23 42.77
C ARG E 211 37.63 0.07 43.99
N ARG E 212 36.95 -0.91 44.56
CA ARG E 212 36.07 -0.65 45.69
C ARG E 212 36.88 -0.68 46.99
N ALA E 213 37.06 0.50 47.59
CA ALA E 213 37.92 0.68 48.76
C ALA E 213 37.24 0.28 50.06
N PHE E 214 35.91 0.15 50.06
CA PHE E 214 35.16 -0.15 51.26
C PHE E 214 35.26 -1.64 51.62
N ARG E 215 35.63 -1.92 52.87
CA ARG E 215 35.87 -3.28 53.36
C ARG E 215 35.47 -3.38 54.82
N ARG E 216 34.66 -4.39 55.16
CA ARG E 216 34.27 -4.62 56.55
C ARG E 216 35.23 -5.59 57.24
N ILE E 217 35.47 -5.35 58.52
CA ILE E 217 36.34 -6.19 59.33
C ILE E 217 35.44 -6.84 60.37
N THR E 218 35.15 -8.12 60.22
CA THR E 218 34.22 -8.78 61.13
C THR E 218 34.87 -10.02 61.74
N GLY E 219 34.27 -10.47 62.84
CA GLY E 219 34.60 -11.72 63.49
C GLY E 219 36.06 -11.96 63.76
N SER E 220 36.58 -13.07 63.20
CA SER E 220 37.93 -13.51 63.51
C SER E 220 38.98 -12.46 63.15
N ALA E 221 38.82 -11.82 61.98
CA ALA E 221 39.79 -10.79 61.56
C ALA E 221 39.81 -9.61 62.51
N LEU E 222 38.63 -9.09 62.85
CA LEU E 222 38.52 -7.96 63.77
C LEU E 222 39.12 -8.30 65.13
N GLN E 223 38.71 -9.46 65.69
CA GLN E 223 39.24 -9.91 66.97
C GLN E 223 40.77 -9.98 66.94
N ALA E 224 41.34 -10.52 65.86
CA ALA E 224 42.79 -10.54 65.71
C ALA E 224 43.37 -9.14 65.74
N LEU E 225 42.64 -8.17 65.21
CA LEU E 225 43.15 -6.81 65.21
C LEU E 225 42.94 -6.07 66.53
N LEU E 226 42.06 -6.53 67.43
CA LEU E 226 41.93 -5.77 68.68
C LEU E 226 43.07 -6.08 69.66
N VAL E 227 43.39 -7.36 69.86
CA VAL E 227 44.32 -7.78 70.89
C VAL E 227 45.58 -8.40 70.26
N MET F 1 0.70 40.34 60.99
CA MET F 1 1.67 39.53 60.28
C MET F 1 2.96 40.28 60.09
N GLU F 2 2.95 41.61 60.28
CA GLU F 2 4.18 42.38 60.14
C GLU F 2 5.20 41.97 61.18
N GLN F 3 4.73 41.49 62.34
CA GLN F 3 5.65 40.95 63.33
C GLN F 3 6.23 39.61 62.87
N ALA F 4 5.44 38.79 62.17
CA ALA F 4 5.98 37.58 61.55
C ALA F 4 7.11 37.90 60.55
N MET F 5 6.94 38.98 59.77
CA MET F 5 8.02 39.36 58.87
C MET F 5 9.21 39.91 59.63
N ARG F 6 8.99 40.55 60.79
CA ARG F 6 10.13 40.95 61.62
C ARG F 6 10.87 39.74 62.16
N GLU F 7 10.13 38.71 62.58
CA GLU F 7 10.76 37.49 63.07
C GLU F 7 11.59 36.84 61.98
N ARG F 8 11.06 36.79 60.76
CA ARG F 8 11.84 36.26 59.65
C ARG F 8 13.08 37.10 59.38
N SER F 9 12.89 38.41 59.29
CA SER F 9 14.03 39.28 59.00
C SER F 9 15.10 39.17 60.08
N GLU F 10 14.70 39.02 61.35
CA GLU F 10 15.65 38.91 62.45
C GLU F 10 16.38 37.58 62.44
N LEU F 11 15.67 36.50 62.14
CA LEU F 11 16.35 35.23 61.98
C LEU F 11 17.40 35.30 60.87
N ALA F 12 17.03 35.91 59.74
CA ALA F 12 17.97 36.01 58.62
C ALA F 12 19.19 36.85 58.98
N ARG F 13 18.97 38.02 59.58
CA ARG F 13 20.10 38.90 59.94
C ARG F 13 21.02 38.22 60.96
N LYS F 14 20.43 37.55 61.97
CA LYS F 14 21.20 36.78 62.93
C LYS F 14 22.15 35.81 62.24
N GLY F 15 21.63 34.99 61.33
CA GLY F 15 22.49 34.06 60.61
C GLY F 15 23.70 34.72 59.98
N ILE F 16 23.50 35.91 59.42
CA ILE F 16 24.58 36.64 58.76
C ILE F 16 25.60 37.16 59.77
N ALA F 17 25.16 37.58 60.96
CA ALA F 17 26.11 38.13 61.93
C ALA F 17 27.13 37.11 62.42
N ARG F 18 26.76 35.83 62.53
CA ARG F 18 27.70 34.83 63.04
C ARG F 18 28.55 34.21 61.95
N ALA F 19 28.44 34.70 60.72
CA ALA F 19 29.09 34.12 59.55
C ALA F 19 30.33 34.91 59.17
N LYS F 20 31.30 34.21 58.59
CA LYS F 20 32.52 34.86 58.15
C LYS F 20 32.21 35.90 57.08
N SER F 21 33.04 36.94 57.05
CA SER F 21 32.85 38.10 56.18
C SER F 21 33.51 37.89 54.82
N VAL F 22 33.00 38.66 53.85
CA VAL F 22 33.43 38.64 52.46
C VAL F 22 33.48 40.06 51.97
N VAL F 23 34.50 40.39 51.17
CA VAL F 23 34.62 41.72 50.58
C VAL F 23 34.95 41.57 49.10
N ALA F 24 34.35 42.46 48.29
CA ALA F 24 34.62 42.55 46.87
C ALA F 24 34.87 44.01 46.51
N LEU F 25 35.98 44.27 45.83
CA LEU F 25 36.35 45.65 45.51
C LEU F 25 36.83 45.78 44.06
N ALA F 26 36.51 46.92 43.45
CA ALA F 26 36.94 47.21 42.09
C ALA F 26 38.37 47.74 42.10
N TYR F 27 39.22 47.17 41.25
CA TYR F 27 40.60 47.65 41.14
C TYR F 27 40.97 47.76 39.67
N ALA F 28 42.22 48.18 39.41
CA ALA F 28 42.65 48.52 38.05
C ALA F 28 42.49 47.36 37.08
N GLY F 29 42.70 46.12 37.53
CA GLY F 29 42.54 44.98 36.67
C GLY F 29 41.16 44.33 36.62
N GLY F 30 40.18 44.85 37.36
CA GLY F 30 38.86 44.24 37.40
C GLY F 30 38.19 44.20 38.77
N VAL F 31 37.85 43.01 39.30
CA VAL F 31 37.22 42.94 40.61
C VAL F 31 37.91 41.89 41.47
N LEU F 32 38.06 42.20 42.76
CA LEU F 32 38.74 41.31 43.70
C LEU F 32 37.73 40.82 44.73
N PHE F 33 37.78 39.50 44.96
CA PHE F 33 37.01 38.78 45.97
C PHE F 33 37.96 38.23 47.02
N VAL F 34 37.76 38.60 48.28
CA VAL F 34 38.50 38.01 49.38
C VAL F 34 37.51 37.67 50.50
N ALA F 35 37.55 36.43 50.95
CA ALA F 35 36.62 35.99 51.97
C ALA F 35 37.36 35.19 53.03
N GLU F 36 36.87 35.29 54.26
CA GLU F 36 37.40 34.49 55.35
C GLU F 36 36.88 33.08 55.17
N ASN F 37 37.75 32.12 54.95
CA ASN F 37 37.30 30.73 54.80
C ASN F 37 38.41 29.75 55.20
N PRO F 38 38.33 29.20 56.42
CA PRO F 38 39.29 28.14 56.81
C PRO F 38 39.14 26.87 56.01
N SER F 39 37.98 26.65 55.38
CA SER F 39 37.71 25.40 54.69
C SER F 39 38.66 25.19 53.52
N ARG F 40 39.02 23.94 53.28
CA ARG F 40 39.91 23.61 52.18
C ARG F 40 39.15 23.46 50.85
N SER F 41 37.96 22.86 50.89
CA SER F 41 37.24 22.40 49.70
C SER F 41 35.87 23.04 49.48
N LEU F 42 35.28 23.70 50.49
CA LEU F 42 34.00 24.38 50.36
C LEU F 42 34.17 25.88 50.11
N GLN F 43 33.59 26.34 49.01
CA GLN F 43 33.92 27.64 48.42
C GLN F 43 32.76 28.63 48.53
N LYS F 44 33.10 29.90 48.81
CA LYS F 44 32.17 31.03 48.99
C LYS F 44 32.13 31.98 47.79
N ILE F 45 33.13 31.93 46.92
CA ILE F 45 33.24 32.81 45.76
C ILE F 45 33.22 31.93 44.52
N SER F 46 32.46 32.33 43.53
CA SER F 46 32.37 31.43 42.39
C SER F 46 32.15 32.23 41.13
N GLU F 47 32.47 31.58 40.02
CA GLU F 47 32.21 32.10 38.71
C GLU F 47 30.75 31.84 38.38
N LEU F 48 30.08 32.85 37.84
CA LEU F 48 28.75 32.67 37.29
C LEU F 48 28.77 32.55 35.77
N TYR F 49 29.38 33.51 35.10
CA TYR F 49 29.45 33.52 33.65
C TYR F 49 30.73 34.22 33.23
N ASP F 50 30.93 34.36 31.91
CA ASP F 50 32.23 34.81 31.41
C ASP F 50 32.77 36.01 32.19
N ARG F 51 32.00 37.07 32.30
CA ARG F 51 32.53 38.26 32.95
C ARG F 51 31.81 38.55 34.25
N VAL F 52 31.14 37.54 34.82
CA VAL F 52 30.27 37.72 35.98
C VAL F 52 30.69 36.74 37.07
N GLY F 53 30.95 37.26 38.27
CA GLY F 53 31.34 36.46 39.41
C GLY F 53 30.35 36.62 40.57
N PHE F 54 30.50 35.71 41.54
CA PHE F 54 29.54 35.51 42.61
C PHE F 54 30.27 35.40 43.94
N ALA F 55 29.75 36.07 44.96
CA ALA F 55 30.29 35.90 46.30
C ALA F 55 29.13 35.87 47.29
N ALA F 56 29.31 35.12 48.38
CA ALA F 56 28.20 34.96 49.29
C ALA F 56 28.69 34.81 50.72
N ALA F 57 27.87 35.31 51.64
CA ALA F 57 28.09 35.15 53.07
C ALA F 57 26.85 34.52 53.68
N GLY F 58 27.05 33.65 54.66
CA GLY F 58 25.89 33.09 55.32
C GLY F 58 25.93 31.59 55.37
N LYS F 59 24.76 30.98 55.32
CA LYS F 59 24.66 29.53 55.42
C LYS F 59 25.06 28.85 54.11
N PHE F 60 25.96 27.87 54.20
CA PHE F 60 26.57 27.31 53.00
C PHE F 60 25.55 26.66 52.08
N ASN F 61 24.77 25.70 52.60
CA ASN F 61 23.83 25.02 51.72
C ASN F 61 22.88 26.00 51.05
N GLU F 62 22.52 27.09 51.73
CA GLU F 62 21.56 28.00 51.13
C GLU F 62 22.20 28.83 50.02
N PHE F 63 23.33 29.50 50.29
CA PHE F 63 23.95 30.28 49.21
C PHE F 63 24.58 29.40 48.14
N ASP F 64 24.85 28.12 48.43
CA ASP F 64 25.31 27.21 47.38
C ASP F 64 24.16 26.84 46.46
N ASN F 65 22.97 26.56 47.00
CA ASN F 65 21.81 26.43 46.13
C ASN F 65 21.60 27.70 45.31
N LEU F 66 21.69 28.88 45.91
CA LEU F 66 21.50 30.09 45.11
C LEU F 66 22.56 30.19 44.02
N ARG F 67 23.79 29.75 44.33
CA ARG F 67 24.88 29.78 43.35
C ARG F 67 24.61 28.84 42.19
N ARG F 68 24.14 27.62 42.48
CA ARG F 68 23.80 26.69 41.42
C ARG F 68 22.67 27.24 40.57
N GLY F 69 21.62 27.76 41.22
CA GLY F 69 20.51 28.34 40.47
C GLY F 69 20.93 29.48 39.56
N GLY F 70 21.88 30.30 40.02
CA GLY F 70 22.40 31.36 39.15
C GLY F 70 23.16 30.81 37.96
N ILE F 71 24.02 29.80 38.18
CA ILE F 71 24.73 29.23 37.04
C ILE F 71 23.75 28.68 36.02
N GLN F 72 22.71 27.99 36.48
CA GLN F 72 21.72 27.47 35.54
C GLN F 72 21.05 28.59 34.75
N PHE F 73 20.60 29.63 35.44
CA PHE F 73 19.98 30.74 34.74
C PHE F 73 20.89 31.30 33.65
N ALA F 74 22.15 31.58 34.01
CA ALA F 74 23.07 32.18 33.05
C ALA F 74 23.28 31.26 31.84
N ASP F 75 23.56 29.98 32.08
CA ASP F 75 23.85 29.08 30.97
C ASP F 75 22.64 28.90 30.08
N THR F 76 21.46 28.80 30.69
CA THR F 76 20.23 28.69 29.93
C THR F 76 19.98 29.93 29.09
N ARG F 77 20.17 31.13 29.66
CA ARG F 77 19.91 32.36 28.92
C ARG F 77 20.93 32.55 27.80
N GLY F 78 22.20 32.36 28.11
CA GLY F 78 23.23 32.48 27.09
C GLY F 78 23.06 31.48 25.96
N TYR F 79 22.61 30.27 26.28
CA TYR F 79 22.36 29.31 25.22
C TYR F 79 21.14 29.70 24.39
N ALA F 80 20.06 30.11 25.05
CA ALA F 80 18.82 30.44 24.34
C ALA F 80 18.96 31.67 23.46
N TYR F 81 19.80 32.64 23.87
CA TYR F 81 20.06 33.85 23.09
C TYR F 81 21.54 33.90 22.69
N ASP F 82 22.40 34.61 23.41
CA ASP F 82 23.82 34.54 23.07
C ASP F 82 24.62 34.89 24.31
N ARG F 83 25.90 34.49 24.29
CA ARG F 83 26.75 34.71 25.45
C ARG F 83 26.75 36.17 25.88
N ARG F 84 26.78 37.10 24.93
CA ARG F 84 26.83 38.50 25.30
C ARG F 84 25.50 39.01 25.89
N ASP F 85 24.44 38.25 25.82
CA ASP F 85 23.22 38.76 26.42
C ASP F 85 23.16 38.55 27.93
N VAL F 86 24.05 37.73 28.48
CA VAL F 86 24.07 37.51 29.92
C VAL F 86 24.82 38.66 30.58
N THR F 87 24.15 39.35 31.50
CA THR F 87 24.75 40.50 32.14
C THR F 87 24.69 40.37 33.66
N GLY F 88 25.62 41.07 34.32
CA GLY F 88 25.63 41.08 35.77
C GLY F 88 24.34 41.61 36.34
N ARG F 89 23.85 42.73 35.78
CA ARG F 89 22.54 43.28 36.15
C ARG F 89 21.44 42.24 36.08
N GLN F 90 21.47 41.39 35.07
CA GLN F 90 20.43 40.40 34.88
C GLN F 90 20.44 39.37 36.02
N LEU F 91 21.62 38.83 36.33
CA LEU F 91 21.70 37.83 37.40
C LEU F 91 21.37 38.46 38.76
N ALA F 92 21.83 39.69 38.99
CA ALA F 92 21.46 40.40 40.22
C ALA F 92 19.95 40.55 40.32
N ASN F 93 19.30 40.90 39.22
CA ASN F 93 17.86 41.06 39.22
C ASN F 93 17.17 39.73 39.54
N VAL F 94 17.65 38.61 38.96
CA VAL F 94 17.05 37.31 39.25
C VAL F 94 17.34 36.89 40.69
N TYR F 95 18.50 37.23 41.23
CA TYR F 95 18.75 36.90 42.63
C TYR F 95 17.80 37.70 43.53
N ALA F 96 17.58 38.98 43.20
CA ALA F 96 16.62 39.80 43.95
C ALA F 96 15.21 39.20 43.91
N GLN F 97 14.77 38.78 42.73
CA GLN F 97 13.45 38.15 42.67
C GLN F 97 13.43 36.84 43.46
N THR F 98 14.48 36.02 43.32
CA THR F 98 14.51 34.71 43.97
C THR F 98 14.50 34.83 45.49
N LEU F 99 15.36 35.69 46.03
CA LEU F 99 15.40 35.90 47.47
C LEU F 99 14.15 36.58 47.99
N GLY F 100 13.52 37.46 47.20
CA GLY F 100 12.23 37.97 47.63
C GLY F 100 11.23 36.85 47.86
N THR F 101 11.09 36.00 46.85
CA THR F 101 10.17 34.88 46.97
C THR F 101 10.54 33.98 48.16
N ILE F 102 11.82 33.61 48.26
CA ILE F 102 12.28 32.78 49.39
C ILE F 102 11.92 33.44 50.71
N PHE F 103 12.21 34.74 50.82
CA PHE F 103 12.00 35.40 52.10
C PHE F 103 10.55 35.41 52.52
N THR F 104 9.64 35.48 51.55
CA THR F 104 8.24 35.55 51.90
C THR F 104 7.57 34.18 52.01
N GLU F 105 8.05 33.16 51.31
CA GLU F 105 7.26 31.96 51.14
C GLU F 105 7.92 30.66 51.57
N GLN F 106 9.23 30.62 51.78
CA GLN F 106 9.86 29.38 52.21
C GLN F 106 9.56 29.17 53.69
N ALA F 107 9.71 27.91 54.14
CA ALA F 107 9.44 27.60 55.54
C ALA F 107 10.29 28.47 56.46
N LYS F 108 11.54 28.71 56.08
CA LYS F 108 12.55 29.51 56.76
C LYS F 108 13.21 30.44 55.74
N PRO F 109 13.43 31.71 56.08
CA PRO F 109 14.15 32.60 55.17
C PRO F 109 15.56 32.12 54.96
N TYR F 110 16.20 32.60 53.91
CA TYR F 110 17.58 32.20 53.67
C TYR F 110 18.52 33.08 54.47
N GLU F 111 19.43 32.45 55.22
CA GLU F 111 20.47 33.16 55.94
C GLU F 111 21.65 33.41 54.99
N VAL F 112 21.45 34.34 54.04
CA VAL F 112 22.47 34.58 53.02
C VAL F 112 22.55 36.07 52.70
N GLU F 113 23.71 36.49 52.17
CA GLU F 113 23.89 37.81 51.59
C GLU F 113 24.77 37.63 50.36
N LEU F 114 24.39 38.26 49.25
CA LEU F 114 24.92 37.93 47.95
C LEU F 114 25.57 39.12 47.27
N CYS F 115 26.61 38.83 46.50
CA CYS F 115 27.27 39.84 45.68
C CYS F 115 27.45 39.28 44.28
N VAL F 116 26.96 40.03 43.30
CA VAL F 116 27.18 39.77 41.88
C VAL F 116 28.09 40.85 41.35
N ALA F 117 29.17 40.45 40.67
CA ALA F 117 30.14 41.39 40.13
C ALA F 117 30.35 41.16 38.65
N GLU F 118 30.51 42.24 37.88
CA GLU F 118 30.70 42.14 36.44
C GLU F 118 31.84 43.06 36.02
N VAL F 119 32.74 42.55 35.18
CA VAL F 119 33.80 43.34 34.57
C VAL F 119 33.50 43.52 33.11
N ALA F 120 34.29 44.37 32.45
CA ALA F 120 34.11 44.63 31.02
C ALA F 120 34.63 43.47 30.16
N HIS F 121 34.14 43.41 28.93
CA HIS F 121 34.65 42.42 28.00
C HIS F 121 36.03 42.83 27.49
N TYR F 122 36.77 41.81 27.05
CA TYR F 122 38.16 41.99 26.64
C TYR F 122 38.30 43.10 25.61
N GLY F 123 39.22 44.02 25.86
CA GLY F 123 39.46 45.13 24.96
C GLY F 123 38.49 46.28 25.08
N GLU F 124 37.48 46.16 25.93
CA GLU F 124 36.44 47.17 26.11
C GLU F 124 36.68 48.01 27.36
N THR F 125 36.09 49.19 27.35
CA THR F 125 36.34 50.17 28.40
C THR F 125 35.04 50.44 29.17
N LYS F 126 34.84 49.74 30.28
CA LYS F 126 33.66 49.93 31.12
C LYS F 126 34.04 49.66 32.56
N ARG F 127 33.47 50.48 33.48
CA ARG F 127 33.89 50.39 34.85
C ARG F 127 33.17 49.23 35.53
N PRO F 128 33.89 48.44 36.33
CA PRO F 128 33.29 47.26 36.98
C PRO F 128 31.99 47.62 37.70
N GLU F 129 31.14 46.61 37.88
CA GLU F 129 29.87 46.80 38.56
C GLU F 129 29.75 45.85 39.74
N LEU F 130 29.29 46.38 40.88
CA LEU F 130 29.05 45.54 42.04
C LEU F 130 27.58 45.63 42.45
N TYR F 131 26.98 44.49 42.78
CA TYR F 131 25.61 44.42 43.26
C TYR F 131 25.57 43.61 44.56
N ARG F 132 24.78 44.10 45.52
CA ARG F 132 24.49 43.43 46.78
C ARG F 132 23.01 43.03 46.76
N ILE F 133 22.73 41.74 46.98
CA ILE F 133 21.37 41.25 47.14
C ILE F 133 21.28 40.72 48.56
N THR F 134 20.34 41.25 49.37
CA THR F 134 20.24 40.85 50.77
C THR F 134 19.13 39.81 50.97
N TYR F 135 18.97 39.37 52.22
CA TYR F 135 18.14 38.21 52.50
C TYR F 135 16.68 38.38 52.10
N ASP F 136 16.19 39.62 52.02
CA ASP F 136 14.80 39.91 51.70
C ASP F 136 14.59 40.26 50.22
N GLY F 137 15.65 40.18 49.41
CA GLY F 137 15.54 40.50 48.01
C GLY F 137 15.83 41.94 47.69
N SER F 138 16.26 42.73 48.66
CA SER F 138 16.65 44.09 48.36
C SER F 138 17.89 44.08 47.51
N ILE F 139 17.96 44.99 46.56
CA ILE F 139 19.05 45.00 45.61
C ILE F 139 19.70 46.37 45.66
N ALA F 140 21.03 46.37 45.64
CA ALA F 140 21.80 47.60 45.75
C ALA F 140 22.95 47.58 44.77
N ASP F 141 23.13 48.73 44.14
CA ASP F 141 24.19 48.97 43.18
C ASP F 141 25.38 49.64 43.86
N GLU F 142 26.53 48.98 43.84
CA GLU F 142 27.67 49.59 44.49
C GLU F 142 28.81 49.86 43.51
N PRO F 143 29.47 51.05 43.65
CA PRO F 143 30.50 51.49 42.70
C PRO F 143 31.93 51.09 43.05
N HIS F 144 32.23 50.92 44.32
CA HIS F 144 33.61 50.71 44.75
C HIS F 144 33.84 49.41 45.47
N PHE F 145 33.05 49.10 46.48
CA PHE F 145 33.30 47.91 47.28
C PHE F 145 32.01 47.45 47.93
N VAL F 146 31.98 46.19 48.31
CA VAL F 146 30.86 45.60 49.04
C VAL F 146 31.41 44.71 50.14
N VAL F 147 30.78 44.80 51.31
CA VAL F 147 31.12 43.98 52.46
C VAL F 147 29.87 43.20 52.86
N MET F 148 30.05 41.94 53.21
CA MET F 148 28.93 41.07 53.56
C MET F 148 29.33 40.14 54.70
N GLY F 149 28.40 39.90 55.61
CA GLY F 149 28.63 38.92 56.66
C GLY F 149 29.30 39.53 57.88
N GLY F 150 28.90 39.02 59.04
CA GLY F 150 29.40 39.40 60.34
C GLY F 150 29.17 40.85 60.68
N THR F 151 30.10 41.42 61.46
CA THR F 151 30.02 42.82 61.86
C THR F 151 30.73 43.58 60.76
N THR F 152 29.93 44.17 59.87
CA THR F 152 30.41 44.74 58.64
C THR F 152 31.00 46.14 58.81
N GLU F 153 30.59 46.91 59.85
CA GLU F 153 30.92 48.33 59.81
C GLU F 153 32.38 48.67 60.14
N PRO F 154 33.08 47.88 60.97
CA PRO F 154 34.56 48.03 60.98
C PRO F 154 35.19 47.86 59.62
N ILE F 155 34.78 46.83 58.87
CA ILE F 155 35.37 46.57 57.57
C ILE F 155 34.99 47.66 56.57
N ALA F 156 33.72 48.04 56.57
CA ALA F 156 33.25 49.07 55.65
C ALA F 156 33.91 50.41 55.95
N ASN F 157 34.11 50.71 57.22
CA ASN F 157 34.78 51.95 57.61
C ASN F 157 36.25 51.91 57.17
N ALA F 158 36.94 50.81 57.49
CA ALA F 158 38.35 50.67 57.12
C ALA F 158 38.54 50.85 55.62
N LEU F 159 37.69 50.21 54.82
CA LEU F 159 37.78 50.42 53.38
C LEU F 159 37.34 51.84 53.03
N LYS F 160 36.48 52.44 53.84
CA LYS F 160 35.96 53.74 53.47
C LYS F 160 37.04 54.81 53.57
N GLU F 161 38.00 54.64 54.49
CA GLU F 161 39.15 55.54 54.51
C GLU F 161 40.28 55.07 53.61
N SER F 162 40.44 53.76 53.44
CA SER F 162 41.66 53.27 52.82
C SER F 162 41.51 52.96 51.34
N TYR F 163 40.30 53.00 50.78
CA TYR F 163 40.11 52.53 49.40
C TYR F 163 40.54 53.56 48.39
N ALA F 164 41.28 53.11 47.40
CA ALA F 164 41.67 53.94 46.27
C ALA F 164 41.24 53.27 44.97
N GLU F 165 40.71 54.09 44.08
CA GLU F 165 40.27 53.67 42.77
C GLU F 165 41.48 53.24 41.94
N ASN F 166 41.29 52.24 41.11
CA ASN F 166 42.34 51.74 40.19
C ASN F 166 43.61 51.35 40.94
N ALA F 167 43.45 50.75 42.12
CA ALA F 167 44.63 50.25 42.81
C ALA F 167 45.13 49.00 42.10
N SER F 168 46.38 48.65 42.36
CA SER F 168 46.93 47.44 41.78
C SER F 168 46.40 46.22 42.52
N LEU F 169 46.61 45.04 41.92
CA LEU F 169 46.16 43.81 42.55
C LEU F 169 46.81 43.62 43.90
N THR F 170 48.13 43.79 43.98
CA THR F 170 48.84 43.68 45.25
C THR F 170 48.37 44.74 46.24
N ASP F 171 48.21 45.97 45.77
CA ASP F 171 47.76 47.05 46.65
C ASP F 171 46.33 46.76 47.16
N ALA F 172 45.41 46.49 46.23
CA ALA F 172 44.02 46.22 46.62
C ALA F 172 43.89 44.94 47.45
N LEU F 173 44.68 43.92 47.16
CA LEU F 173 44.58 42.72 47.99
C LEU F 173 44.93 43.05 49.43
N ARG F 174 46.00 43.82 49.63
CA ARG F 174 46.41 44.10 50.99
C ARG F 174 45.41 45.02 51.69
N ILE F 175 44.82 46.00 50.99
CA ILE F 175 43.80 46.80 51.64
C ILE F 175 42.61 45.93 52.04
N ALA F 176 42.26 44.93 51.21
CA ALA F 176 41.13 44.08 51.54
C ALA F 176 41.41 43.21 52.76
N VAL F 177 42.55 42.53 52.80
CA VAL F 177 42.86 41.72 53.99
C VAL F 177 43.00 42.60 55.22
N ALA F 178 43.52 43.81 55.05
CA ALA F 178 43.63 44.74 56.16
C ALA F 178 42.25 45.08 56.73
N ALA F 179 41.32 45.50 55.87
CA ALA F 179 39.98 45.86 56.33
C ALA F 179 39.23 44.66 56.91
N LEU F 180 39.38 43.48 56.31
CA LEU F 180 38.73 42.29 56.85
C LEU F 180 39.28 41.97 58.23
N ARG F 181 40.60 42.17 58.41
CA ARG F 181 41.24 42.01 59.72
C ARG F 181 40.71 43.02 60.73
N ALA F 182 40.55 44.29 60.31
CA ALA F 182 40.10 45.33 61.23
C ALA F 182 38.72 45.04 61.81
N GLY F 183 37.89 44.27 61.08
CA GLY F 183 36.53 43.95 61.47
C GLY F 183 36.34 42.73 62.36
N SER F 184 37.42 42.07 62.77
CA SER F 184 37.29 40.90 63.62
C SER F 184 38.56 40.72 64.42
N GLY F 196 45.38 35.64 57.38
CA GLY F 196 46.36 35.38 56.34
C GLY F 196 46.01 34.18 55.48
N VAL F 197 46.91 33.78 54.58
CA VAL F 197 46.65 32.65 53.68
C VAL F 197 46.31 31.41 54.49
N ALA F 198 45.57 30.48 53.87
CA ALA F 198 45.11 29.22 54.48
C ALA F 198 43.82 29.44 55.28
N SER F 199 43.56 30.68 55.66
CA SER F 199 42.30 31.07 56.27
C SER F 199 41.50 32.00 55.35
N LEU F 200 42.01 32.25 54.13
CA LEU F 200 41.45 33.16 53.14
C LEU F 200 41.15 32.46 51.83
N GLU F 201 40.11 32.92 51.15
CA GLU F 201 39.75 32.48 49.81
C GLU F 201 39.76 33.71 48.92
N VAL F 202 40.53 33.66 47.84
CA VAL F 202 40.72 34.83 46.99
C VAL F 202 40.43 34.44 45.56
N ALA F 203 39.83 35.38 44.83
CA ALA F 203 39.55 35.19 43.41
C ALA F 203 39.42 36.56 42.79
N VAL F 204 39.62 36.61 41.49
CA VAL F 204 39.59 37.85 40.75
C VAL F 204 38.72 37.66 39.51
N LEU F 205 38.04 38.75 39.11
CA LEU F 205 37.53 38.92 37.74
C LEU F 205 38.57 39.71 36.99
N ASP F 206 39.31 39.01 36.12
CA ASP F 206 40.50 39.54 35.47
C ASP F 206 40.03 40.09 34.14
N ALA F 207 39.86 41.41 34.06
CA ALA F 207 39.30 41.97 32.85
C ALA F 207 40.22 41.81 31.65
N ASN F 208 41.44 41.31 31.83
CA ASN F 208 42.33 41.19 30.69
C ASN F 208 42.43 39.77 30.15
N ARG F 209 41.60 38.86 30.61
CA ARG F 209 41.51 37.53 30.02
C ARG F 209 40.61 37.56 28.78
N PRO F 210 40.87 36.70 27.79
CA PRO F 210 40.12 36.83 26.53
C PRO F 210 38.66 36.45 26.67
N ARG F 211 38.31 35.41 27.41
CA ARG F 211 36.89 35.09 27.53
C ARG F 211 36.47 35.00 28.99
N ARG F 212 36.90 33.97 29.71
CA ARG F 212 36.49 33.73 31.10
C ARG F 212 37.38 34.53 32.05
N ALA F 213 36.76 35.51 32.73
CA ALA F 213 37.45 36.47 33.57
C ALA F 213 37.75 35.95 34.96
N PHE F 214 37.07 34.88 35.38
CA PHE F 214 37.23 34.37 36.73
C PHE F 214 38.51 33.56 36.89
N ARG F 215 39.32 33.92 37.88
CA ARG F 215 40.61 33.29 38.12
C ARG F 215 40.81 33.20 39.62
N ARG F 216 41.16 32.02 40.13
CA ARG F 216 41.47 31.86 41.55
C ARG F 216 42.94 32.15 41.82
N ILE F 217 43.21 32.73 42.98
CA ILE F 217 44.57 32.95 43.45
C ILE F 217 44.75 32.10 44.70
N THR F 218 45.42 30.97 44.56
CA THR F 218 45.58 30.04 45.67
C THR F 218 47.08 29.80 45.91
N GLY F 219 47.39 29.38 47.12
CA GLY F 219 48.72 28.98 47.55
C GLY F 219 49.86 29.92 47.25
N SER F 220 50.87 29.40 46.55
CA SER F 220 52.14 30.12 46.40
C SER F 220 51.95 31.51 45.81
N ALA F 221 51.09 31.62 44.78
CA ALA F 221 50.84 32.93 44.16
C ALA F 221 50.22 33.89 45.17
N LEU F 222 49.24 33.43 45.93
CA LEU F 222 48.62 34.29 46.93
C LEU F 222 49.64 34.73 47.97
N GLN F 223 50.46 33.81 48.48
CA GLN F 223 51.45 34.23 49.47
C GLN F 223 52.34 35.30 48.88
N ALA F 224 52.72 35.14 47.61
CA ALA F 224 53.51 36.15 46.92
C ALA F 224 52.79 37.50 46.88
N LEU F 225 51.46 37.52 46.87
CA LEU F 225 50.77 38.81 46.81
C LEU F 225 50.68 39.55 48.16
N LEU F 226 50.86 38.88 49.29
CA LEU F 226 50.90 39.62 50.56
C LEU F 226 52.28 40.22 50.83
N MET G 1 -10.13 37.81 60.53
CA MET G 1 -9.81 38.21 59.17
C MET G 1 -9.86 39.74 59.00
N GLU G 2 -10.59 40.40 59.90
CA GLU G 2 -10.38 41.83 60.06
C GLU G 2 -9.00 42.11 60.63
N GLN G 3 -8.53 41.26 61.56
CA GLN G 3 -7.13 41.27 61.98
C GLN G 3 -6.20 41.17 60.77
N ALA G 4 -6.32 40.08 59.99
CA ALA G 4 -5.40 39.86 58.88
C ALA G 4 -5.45 41.01 57.88
N MET G 5 -6.64 41.47 57.54
CA MET G 5 -6.69 42.52 56.52
C MET G 5 -6.09 43.82 57.05
N ARG G 6 -6.39 44.19 58.29
CA ARG G 6 -5.76 45.40 58.83
C ARG G 6 -4.25 45.28 58.79
N GLU G 7 -3.71 44.17 59.32
CA GLU G 7 -2.26 44.03 59.44
C GLU G 7 -1.57 44.03 58.09
N ARG G 8 -2.15 43.34 57.09
CA ARG G 8 -1.58 43.37 55.75
C ARG G 8 -1.59 44.79 55.20
N SER G 9 -2.73 45.48 55.33
CA SER G 9 -2.80 46.85 54.84
C SER G 9 -1.74 47.72 55.48
N GLU G 10 -1.51 47.54 56.79
CA GLU G 10 -0.52 48.38 57.46
C GLU G 10 0.89 48.00 57.03
N LEU G 11 1.15 46.71 56.80
CA LEU G 11 2.46 46.30 56.33
C LEU G 11 2.78 46.93 54.97
N ALA G 12 1.80 46.95 54.07
CA ALA G 12 1.97 47.59 52.76
C ALA G 12 2.15 49.10 52.89
N ARG G 13 1.32 49.75 53.71
CA ARG G 13 1.36 51.20 53.88
C ARG G 13 2.73 51.65 54.38
N LYS G 14 3.17 51.09 55.53
CA LYS G 14 4.49 51.40 56.07
C LYS G 14 5.59 51.06 55.07
N GLY G 15 5.41 50.00 54.27
CA GLY G 15 6.43 49.67 53.27
C GLY G 15 6.62 50.73 52.22
N ILE G 16 5.52 51.35 51.75
CA ILE G 16 5.57 52.40 50.74
C ILE G 16 5.99 53.75 51.31
N ALA G 17 5.60 54.04 52.57
CA ALA G 17 5.99 55.30 53.18
C ALA G 17 7.49 55.38 53.32
N ARG G 18 8.13 54.24 53.55
CA ARG G 18 9.56 54.13 53.68
C ARG G 18 10.30 54.26 52.35
N ALA G 19 9.61 54.38 51.22
CA ALA G 19 10.29 54.29 49.93
C ALA G 19 10.37 55.65 49.26
N LYS G 20 11.33 55.77 48.33
CA LYS G 20 11.49 57.04 47.62
C LYS G 20 10.27 57.33 46.77
N SER G 21 10.09 58.59 46.40
CA SER G 21 8.87 59.03 45.72
C SER G 21 9.03 59.12 44.20
N VAL G 22 7.90 59.01 43.52
CA VAL G 22 7.81 59.01 42.06
C VAL G 22 6.63 59.91 41.70
N VAL G 23 6.82 60.71 40.65
CA VAL G 23 5.85 61.69 40.20
C VAL G 23 5.63 61.46 38.72
N ALA G 24 4.36 61.51 38.31
CA ALA G 24 4.00 61.36 36.91
C ALA G 24 3.01 62.47 36.58
N LEU G 25 3.31 63.28 35.58
CA LEU G 25 2.42 64.41 35.31
C LEU G 25 2.26 64.62 33.81
N ALA G 26 1.05 65.01 33.42
CA ALA G 26 0.74 65.30 32.02
C ALA G 26 1.21 66.69 31.65
N TYR G 27 1.86 66.79 30.49
CA TYR G 27 2.29 68.07 29.97
C TYR G 27 1.94 68.15 28.48
N ALA G 28 2.26 69.30 27.87
CA ALA G 28 1.89 69.58 26.50
C ALA G 28 2.41 68.54 25.52
N GLY G 29 3.56 67.93 25.82
CA GLY G 29 4.17 66.91 24.98
C GLY G 29 3.82 65.47 25.28
N GLY G 30 2.98 65.23 26.28
CA GLY G 30 2.64 63.86 26.64
C GLY G 30 2.60 63.65 28.14
N VAL G 31 3.40 62.70 28.64
CA VAL G 31 3.47 62.43 30.06
C VAL G 31 4.93 62.41 30.46
N LEU G 32 5.22 62.98 31.63
CA LEU G 32 6.55 63.07 32.20
C LEU G 32 6.62 62.24 33.48
N PHE G 33 7.68 61.44 33.63
CA PHE G 33 7.99 60.63 34.81
C PHE G 33 9.28 61.14 35.44
N VAL G 34 9.23 61.48 36.73
CA VAL G 34 10.41 61.85 37.50
C VAL G 34 10.40 61.07 38.81
N ALA G 35 11.49 60.37 39.13
CA ALA G 35 11.58 59.60 40.36
C ALA G 35 12.93 59.81 41.05
N GLU G 36 12.92 59.73 42.39
CA GLU G 36 14.15 59.77 43.17
C GLU G 36 14.81 58.41 43.06
N ASN G 37 15.98 58.34 42.40
CA ASN G 37 16.64 57.07 42.13
C ASN G 37 18.14 57.26 42.08
N PRO G 38 18.87 56.87 43.13
CA PRO G 38 20.35 56.99 43.09
C PRO G 38 21.02 56.06 42.10
N SER G 39 20.43 54.89 41.82
CA SER G 39 21.08 53.82 41.08
C SER G 39 21.33 54.24 39.63
N ARG G 40 22.35 53.62 39.03
CA ARG G 40 22.60 53.86 37.61
C ARG G 40 21.83 52.90 36.71
N SER G 41 21.58 51.67 37.14
CA SER G 41 20.99 50.68 36.25
C SER G 41 19.65 50.11 36.71
N LEU G 42 19.25 50.31 37.97
CA LEU G 42 17.99 49.79 38.50
C LEU G 42 16.92 50.87 38.36
N GLN G 43 15.83 50.53 37.70
CA GLN G 43 14.94 51.53 37.11
C GLN G 43 13.51 51.32 37.59
N LYS G 44 12.95 52.39 38.17
CA LYS G 44 11.55 52.45 38.62
C LYS G 44 10.56 52.88 37.56
N ILE G 45 11.03 53.44 36.43
CA ILE G 45 10.18 53.92 35.35
C ILE G 45 10.50 53.15 34.10
N SER G 46 9.47 52.70 33.39
CA SER G 46 9.68 51.76 32.30
C SER G 46 8.64 51.90 31.19
N GLU G 47 9.03 51.40 30.03
CA GLU G 47 8.07 51.26 28.94
C GLU G 47 7.29 49.96 29.08
N LEU G 48 5.98 50.04 28.87
CA LEU G 48 5.10 48.89 28.78
C LEU G 48 4.73 48.57 27.34
N TYR G 49 4.23 49.56 26.61
CA TYR G 49 3.84 49.33 25.24
C TYR G 49 3.97 50.64 24.49
N ASP G 50 3.63 50.60 23.20
CA ASP G 50 3.94 51.70 22.28
C ASP G 50 3.65 53.08 22.86
N ARG G 51 2.43 53.29 23.35
CA ARG G 51 2.02 54.58 23.87
C ARG G 51 1.73 54.50 25.37
N VAL G 52 2.25 53.47 26.04
CA VAL G 52 1.94 53.17 27.43
C VAL G 52 3.23 53.04 28.21
N GLY G 53 3.33 53.81 29.30
CA GLY G 53 4.46 53.74 30.20
C GLY G 53 4.02 53.36 31.61
N PHE G 54 5.00 52.98 32.42
CA PHE G 54 4.83 52.39 33.74
C PHE G 54 5.78 53.05 34.72
N ALA G 55 5.29 53.31 35.92
CA ALA G 55 6.12 53.81 37.00
C ALA G 55 5.69 53.14 38.29
N ALA G 56 6.62 52.94 39.22
CA ALA G 56 6.31 52.23 40.43
C ALA G 56 7.11 52.77 41.60
N ALA G 57 6.54 52.67 42.79
CA ALA G 57 7.25 52.99 44.00
C ALA G 57 7.08 51.82 44.98
N GLY G 58 8.10 51.55 45.77
CA GLY G 58 8.01 50.49 46.73
C GLY G 58 9.16 49.52 46.65
N LYS G 59 8.91 48.25 46.93
CA LYS G 59 9.97 47.24 46.93
C LYS G 59 10.32 46.88 45.49
N PHE G 60 11.61 46.90 45.16
CA PHE G 60 12.00 46.78 43.76
C PHE G 60 11.57 45.44 43.18
N ASN G 61 11.95 44.32 43.82
CA ASN G 61 11.62 43.04 43.21
C ASN G 61 10.11 42.90 42.97
N GLU G 62 9.28 43.48 43.84
CA GLU G 62 7.83 43.31 43.67
C GLU G 62 7.32 44.14 42.50
N PHE G 63 7.66 45.44 42.45
CA PHE G 63 7.12 46.17 41.32
C PHE G 63 7.79 45.79 40.02
N ASP G 64 8.99 45.18 40.07
CA ASP G 64 9.62 44.66 38.86
C ASP G 64 8.88 43.42 38.37
N ASN G 65 8.49 42.54 39.29
CA ASN G 65 7.62 41.44 38.87
C ASN G 65 6.39 41.98 38.17
N LEU G 66 5.73 42.99 38.77
CA LEU G 66 4.53 43.54 38.12
C LEU G 66 4.85 44.19 36.78
N ARG G 67 6.02 44.82 36.64
CA ARG G 67 6.37 45.43 35.36
C ARG G 67 6.54 44.38 34.28
N ARG G 68 7.27 43.31 34.60
CA ARG G 68 7.47 42.23 33.64
C ARG G 68 6.15 41.57 33.30
N GLY G 69 5.31 41.26 34.30
CA GLY G 69 4.01 40.68 34.01
C GLY G 69 3.14 41.58 33.17
N GLY G 70 3.27 42.89 33.37
CA GLY G 70 2.53 43.85 32.55
C GLY G 70 2.98 43.84 31.11
N ILE G 71 4.29 43.73 30.91
CA ILE G 71 4.82 43.61 29.56
C ILE G 71 4.34 42.32 28.92
N GLN G 72 4.35 41.22 29.67
CA GLN G 72 3.83 39.98 29.12
C GLN G 72 2.38 40.15 28.68
N PHE G 73 1.56 40.76 29.54
CA PHE G 73 0.16 40.99 29.17
C PHE G 73 0.05 41.86 27.90
N ALA G 74 0.78 42.98 27.85
CA ALA G 74 0.66 43.85 26.68
C ALA G 74 1.12 43.12 25.42
N ASP G 75 2.27 42.46 25.46
CA ASP G 75 2.77 41.83 24.25
C ASP G 75 1.86 40.70 23.77
N THR G 76 1.35 39.88 24.70
CA THR G 76 0.42 38.82 24.30
C THR G 76 -0.85 39.40 23.71
N ARG G 77 -1.39 40.46 24.29
CA ARG G 77 -2.63 41.01 23.74
C ARG G 77 -2.39 41.58 22.34
N GLY G 78 -1.34 42.38 22.19
CA GLY G 78 -1.03 42.95 20.90
C GLY G 78 -0.80 41.91 19.83
N TYR G 79 -0.24 40.75 20.20
CA TYR G 79 -0.09 39.67 19.24
C TYR G 79 -1.43 39.02 18.92
N ALA G 80 -2.26 38.78 19.93
CA ALA G 80 -3.55 38.13 19.73
C ALA G 80 -4.50 39.01 18.91
N TYR G 81 -4.42 40.33 19.07
CA TYR G 81 -5.33 41.17 18.32
C TYR G 81 -4.55 42.12 17.42
N ASP G 82 -4.30 43.32 17.91
CA ASP G 82 -3.47 44.24 17.16
C ASP G 82 -2.86 45.21 18.15
N ARG G 83 -1.73 45.77 17.77
CA ARG G 83 -1.05 46.68 18.68
C ARG G 83 -1.98 47.79 19.11
N ARG G 84 -2.82 48.30 18.20
CA ARG G 84 -3.70 49.42 18.54
C ARG G 84 -4.81 49.04 19.50
N ASP G 85 -5.02 47.76 19.76
CA ASP G 85 -6.01 47.38 20.73
C ASP G 85 -5.48 47.43 22.15
N VAL G 86 -4.17 47.56 22.34
CA VAL G 86 -3.57 47.65 23.67
C VAL G 86 -3.70 49.06 24.18
N THR G 87 -4.34 49.21 25.36
CA THR G 87 -4.66 50.51 25.92
C THR G 87 -4.21 50.67 27.37
N GLY G 88 -4.02 51.94 27.74
CA GLY G 88 -3.64 52.24 29.12
C GLY G 88 -4.62 51.68 30.12
N ARG G 89 -5.92 51.93 29.91
CA ARG G 89 -6.94 51.43 30.84
C ARG G 89 -6.90 49.91 30.98
N GLN G 90 -6.52 49.19 29.92
CA GLN G 90 -6.44 47.74 30.07
C GLN G 90 -5.32 47.36 31.00
N LEU G 91 -4.14 47.95 30.83
CA LEU G 91 -3.05 47.59 31.73
C LEU G 91 -3.35 48.02 33.15
N ALA G 92 -3.93 49.22 33.34
CA ALA G 92 -4.33 49.62 34.69
C ALA G 92 -5.33 48.64 35.29
N ASN G 93 -6.26 48.14 34.48
CA ASN G 93 -7.27 47.20 34.95
C ASN G 93 -6.65 45.84 35.35
N VAL G 94 -5.72 45.32 34.55
CA VAL G 94 -5.08 44.04 34.88
C VAL G 94 -4.27 44.17 36.16
N TYR G 95 -3.61 45.30 36.34
CA TYR G 95 -2.87 45.51 37.56
C TYR G 95 -3.81 45.59 38.76
N ALA G 96 -4.96 46.25 38.61
CA ALA G 96 -5.91 46.26 39.73
C ALA G 96 -6.33 44.85 40.10
N GLN G 97 -6.66 44.04 39.09
CA GLN G 97 -7.07 42.66 39.37
C GLN G 97 -5.92 41.86 40.01
N THR G 98 -4.71 42.02 39.46
CA THR G 98 -3.55 41.26 39.94
C THR G 98 -3.24 41.62 41.37
N LEU G 99 -3.09 42.92 41.67
CA LEU G 99 -2.79 43.34 43.02
C LEU G 99 -3.92 43.03 44.00
N GLY G 100 -5.18 43.07 43.56
CA GLY G 100 -6.24 42.55 44.42
C GLY G 100 -5.99 41.11 44.82
N THR G 101 -5.66 40.27 43.84
CA THR G 101 -5.38 38.88 44.13
C THR G 101 -4.21 38.73 45.09
N ILE G 102 -3.07 39.37 44.78
CA ILE G 102 -1.87 39.30 45.60
C ILE G 102 -2.18 39.74 47.02
N PHE G 103 -2.85 40.89 47.14
CA PHE G 103 -3.13 41.46 48.45
C PHE G 103 -3.98 40.51 49.26
N THR G 104 -4.87 39.75 48.62
CA THR G 104 -5.74 38.85 49.38
C THR G 104 -5.18 37.45 49.56
N GLU G 105 -4.26 36.98 48.72
CA GLU G 105 -3.90 35.57 48.74
C GLU G 105 -2.42 35.23 48.86
N GLN G 106 -1.51 36.18 48.69
CA GLN G 106 -0.11 35.84 48.83
C GLN G 106 0.28 35.77 50.31
N ALA G 107 1.42 35.14 50.59
CA ALA G 107 1.89 35.09 51.96
C ALA G 107 2.02 36.50 52.54
N LYS G 108 2.62 37.42 51.78
CA LYS G 108 2.78 38.81 52.15
C LYS G 108 2.28 39.70 51.01
N PRO G 109 1.52 40.75 51.28
CA PRO G 109 1.09 41.67 50.21
C PRO G 109 2.28 42.36 49.57
N TYR G 110 2.07 42.90 48.37
CA TYR G 110 3.14 43.61 47.70
C TYR G 110 3.22 45.06 48.20
N GLU G 111 4.39 45.46 48.68
CA GLU G 111 4.57 46.83 49.16
C GLU G 111 4.93 47.72 47.97
N VAL G 112 3.96 47.90 47.06
CA VAL G 112 4.19 48.60 45.80
C VAL G 112 3.02 49.55 45.53
N GLU G 113 3.27 50.60 44.74
CA GLU G 113 2.19 51.41 44.18
C GLU G 113 2.57 51.88 42.79
N LEU G 114 1.59 51.77 41.91
CA LEU G 114 1.80 51.75 40.49
C LEU G 114 1.14 52.94 39.81
N CYS G 115 1.76 53.36 38.73
CA CYS G 115 1.18 54.32 37.81
C CYS G 115 1.34 53.80 36.40
N VAL G 116 0.24 53.72 35.68
CA VAL G 116 0.22 53.44 34.26
C VAL G 116 -0.22 54.70 33.54
N ALA G 117 0.57 55.18 32.57
CA ALA G 117 0.22 56.40 31.83
C ALA G 117 0.14 56.06 30.35
N GLU G 118 -0.77 56.72 29.65
CA GLU G 118 -0.92 56.53 28.21
C GLU G 118 -1.06 57.87 27.53
N VAL G 119 -0.36 58.05 26.41
CA VAL G 119 -0.54 59.23 25.58
C VAL G 119 -1.19 58.80 24.27
N ALA G 120 -1.59 59.78 23.48
CA ALA G 120 -2.29 59.51 22.23
C ALA G 120 -1.32 58.93 21.20
N HIS G 121 -1.90 58.26 20.21
CA HIS G 121 -1.11 57.78 19.07
C HIS G 121 -0.68 58.93 18.17
N TYR G 122 0.45 58.75 17.47
CA TYR G 122 0.99 59.82 16.66
C TYR G 122 -0.08 60.38 15.73
N GLY G 123 -0.17 61.71 15.67
CA GLY G 123 -1.12 62.38 14.81
C GLY G 123 -2.52 62.53 15.35
N GLU G 124 -2.81 61.96 16.51
CA GLU G 124 -4.12 62.05 17.13
C GLU G 124 -4.13 63.09 18.23
N THR G 125 -5.36 63.49 18.58
CA THR G 125 -5.65 64.51 19.58
C THR G 125 -6.36 63.77 20.71
N LYS G 126 -5.63 63.42 21.78
CA LYS G 126 -6.26 62.73 22.90
C LYS G 126 -5.52 63.12 24.17
N ARG G 127 -6.26 63.53 25.20
CA ARG G 127 -5.63 63.92 26.44
C ARG G 127 -4.89 62.73 27.06
N PRO G 128 -3.71 62.95 27.64
CA PRO G 128 -3.04 61.89 28.41
C PRO G 128 -3.95 61.30 29.47
N GLU G 129 -3.69 60.04 29.80
CA GLU G 129 -4.39 59.34 30.87
C GLU G 129 -3.39 58.85 31.90
N LEU G 130 -3.70 59.05 33.16
CA LEU G 130 -2.86 58.54 34.22
C LEU G 130 -3.71 57.71 35.18
N TYR G 131 -3.17 56.57 35.56
CA TYR G 131 -3.84 55.66 36.47
C TYR G 131 -2.94 55.32 37.63
N ARG G 132 -3.55 55.24 38.80
CA ARG G 132 -2.86 54.95 40.04
C ARG G 132 -3.52 53.71 40.63
N ILE G 133 -2.73 52.67 40.83
CA ILE G 133 -3.19 51.41 41.38
C ILE G 133 -2.46 51.22 42.71
N THR G 134 -3.21 50.98 43.78
CA THR G 134 -2.61 50.86 45.09
C THR G 134 -2.47 49.39 45.50
N TYR G 135 -1.84 49.19 46.66
CA TYR G 135 -1.39 47.87 47.04
C TYR G 135 -2.52 46.84 47.17
N ASP G 136 -3.76 47.27 47.42
CA ASP G 136 -4.84 46.31 47.56
C ASP G 136 -5.63 46.21 46.27
N GLY G 137 -5.16 46.85 45.22
CA GLY G 137 -5.86 46.80 43.97
C GLY G 137 -6.83 47.91 43.72
N SER G 138 -6.89 48.92 44.58
CA SER G 138 -7.75 50.05 44.29
C SER G 138 -7.18 50.81 43.11
N ILE G 139 -8.06 51.27 42.21
CA ILE G 139 -7.62 51.94 41.00
C ILE G 139 -8.35 53.28 40.86
N ALA G 140 -7.61 54.34 40.50
CA ALA G 140 -8.19 55.66 40.26
C ALA G 140 -7.46 56.33 39.11
N ASP G 141 -8.17 56.97 38.18
CA ASP G 141 -7.49 57.75 37.16
C ASP G 141 -7.47 59.22 37.59
N GLU G 142 -6.33 59.87 37.39
CA GLU G 142 -6.13 61.26 37.75
C GLU G 142 -5.81 62.06 36.48
N PRO G 143 -6.29 63.30 36.38
CA PRO G 143 -6.25 63.99 35.08
C PRO G 143 -4.94 64.68 34.80
N HIS G 144 -4.23 65.07 35.87
CA HIS G 144 -3.07 65.95 35.78
C HIS G 144 -1.78 65.31 36.27
N PHE G 145 -1.78 64.67 37.43
CA PHE G 145 -0.55 64.10 37.96
C PHE G 145 -0.89 63.04 38.99
N VAL G 146 0.11 62.20 39.28
CA VAL G 146 0.07 61.12 40.26
C VAL G 146 1.38 61.17 41.04
N VAL G 147 1.29 60.95 42.33
CA VAL G 147 2.46 60.87 43.19
C VAL G 147 2.41 59.53 43.91
N MET G 148 3.56 58.90 44.09
CA MET G 148 3.62 57.58 44.74
C MET G 148 4.85 57.48 45.62
N GLY G 149 4.71 56.85 46.78
CA GLY G 149 5.88 56.53 47.61
C GLY G 149 6.28 57.65 48.55
N GLY G 150 6.81 57.26 49.70
CA GLY G 150 7.22 58.24 50.71
C GLY G 150 6.04 59.02 51.26
N THR G 151 6.31 60.27 51.64
CA THR G 151 5.27 61.14 52.21
C THR G 151 4.64 61.91 51.06
N THR G 152 3.41 61.51 50.69
CA THR G 152 2.81 62.04 49.46
C THR G 152 2.23 63.44 49.65
N GLU G 153 1.54 63.70 50.76
CA GLU G 153 0.79 64.96 50.88
C GLU G 153 1.63 66.22 50.67
N PRO G 154 2.87 66.34 51.18
CA PRO G 154 3.65 67.55 50.84
C PRO G 154 3.88 67.70 49.35
N ILE G 155 4.19 66.60 48.67
CA ILE G 155 4.48 66.64 47.23
C ILE G 155 3.22 66.98 46.44
N ALA G 156 2.11 66.30 46.77
CA ALA G 156 0.85 66.57 46.06
C ALA G 156 0.37 67.99 46.29
N ASN G 157 0.58 68.54 47.49
CA ASN G 157 0.20 69.93 47.74
C ASN G 157 1.03 70.86 46.88
N ALA G 158 2.35 70.62 46.86
CA ALA G 158 3.25 71.42 46.04
C ALA G 158 2.80 71.40 44.57
N LEU G 159 2.40 70.24 44.06
CA LEU G 159 1.93 70.17 42.67
C LEU G 159 0.58 70.85 42.50
N LYS G 160 -0.37 70.60 43.39
CA LYS G 160 -1.70 71.15 43.23
C LYS G 160 -1.72 72.68 43.32
N GLU G 161 -0.68 73.30 43.89
CA GLU G 161 -0.54 74.74 43.67
C GLU G 161 0.41 75.08 42.54
N SER G 162 1.30 74.18 42.19
CA SER G 162 2.35 74.45 41.22
C SER G 162 2.00 74.05 39.80
N TYR G 163 1.02 73.17 39.61
CA TYR G 163 0.80 72.53 38.31
C TYR G 163 0.02 73.42 37.36
N ALA G 164 0.52 73.53 36.14
CA ALA G 164 -0.20 74.20 35.08
C ALA G 164 -0.26 73.27 33.87
N GLU G 165 -1.45 73.22 33.26
CA GLU G 165 -1.68 72.41 32.08
C GLU G 165 -0.85 72.94 30.92
N ASN G 166 -0.51 72.04 30.01
CA ASN G 166 0.20 72.44 28.80
C ASN G 166 1.53 73.13 29.12
N ALA G 167 2.22 72.64 30.14
CA ALA G 167 3.53 73.21 30.43
C ALA G 167 4.57 72.75 29.40
N SER G 168 5.71 73.44 29.39
CA SER G 168 6.84 73.02 28.57
C SER G 168 7.51 71.83 29.25
N LEU G 169 8.38 71.14 28.50
CA LEU G 169 9.12 70.04 29.10
C LEU G 169 10.00 70.56 30.24
N THR G 170 10.64 71.71 30.01
CA THR G 170 11.44 72.35 31.04
C THR G 170 10.60 72.80 32.24
N ASP G 171 9.42 73.40 31.97
CA ASP G 171 8.54 73.86 33.05
C ASP G 171 7.99 72.70 33.86
N ALA G 172 7.43 71.68 33.18
CA ALA G 172 6.88 70.53 33.90
C ALA G 172 7.95 69.80 34.68
N LEU G 173 9.15 69.67 34.11
CA LEU G 173 10.23 69.02 34.84
C LEU G 173 10.64 69.82 36.06
N ARG G 174 10.73 71.15 35.91
CA ARG G 174 11.15 71.97 37.04
C ARG G 174 10.14 71.92 38.20
N ILE G 175 8.84 72.08 37.89
CA ILE G 175 7.83 71.98 38.94
C ILE G 175 7.83 70.58 39.55
N ALA G 176 8.08 69.55 38.73
CA ALA G 176 8.08 68.19 39.26
C ALA G 176 9.20 67.99 40.25
N VAL G 177 10.42 68.42 39.89
CA VAL G 177 11.55 68.26 40.81
C VAL G 177 11.35 69.10 42.06
N ALA G 178 10.74 70.28 41.93
CA ALA G 178 10.42 71.06 43.13
C ALA G 178 9.48 70.28 44.06
N ALA G 179 8.39 69.73 43.51
CA ALA G 179 7.45 68.97 44.35
C ALA G 179 8.11 67.76 44.97
N LEU G 180 8.97 67.06 44.23
CA LEU G 180 9.69 65.93 44.82
C LEU G 180 10.60 66.39 45.95
N ARG G 181 11.29 67.52 45.73
CA ARG G 181 12.17 68.10 46.72
C ARG G 181 11.45 68.44 48.02
N ALA G 182 10.19 68.89 47.93
CA ALA G 182 9.41 69.15 49.13
C ALA G 182 9.22 67.91 50.01
N GLY G 183 9.32 66.71 49.45
CA GLY G 183 9.01 65.52 50.24
C GLY G 183 10.18 64.65 50.68
N SER G 184 11.40 65.01 50.29
CA SER G 184 12.59 64.20 50.56
C SER G 184 13.16 64.47 51.96
N ALA G 185 13.71 63.42 52.56
CA ALA G 185 14.36 63.51 53.86
C ALA G 185 15.36 62.37 54.00
N THR G 194 19.04 67.23 48.73
CA THR G 194 20.07 66.43 48.06
C THR G 194 19.60 65.73 46.76
N LEU G 195 19.45 66.49 45.67
CA LEU G 195 19.04 65.92 44.38
C LEU G 195 19.73 66.64 43.23
N GLY G 196 19.63 66.03 42.06
CA GLY G 196 20.40 66.42 40.90
C GLY G 196 20.33 65.31 39.88
N VAL G 197 21.14 65.42 38.82
CA VAL G 197 21.17 64.39 37.79
C VAL G 197 21.45 63.01 38.40
N ALA G 198 22.64 62.84 38.99
CA ALA G 198 23.06 61.61 39.65
C ALA G 198 22.01 61.04 40.63
N SER G 199 21.04 61.85 41.04
CA SER G 199 20.04 61.47 42.02
C SER G 199 18.62 61.28 41.45
N LEU G 200 18.44 61.43 40.14
CA LEU G 200 17.12 61.34 39.50
C LEU G 200 17.06 60.31 38.38
N GLU G 201 15.86 59.78 38.18
CA GLU G 201 15.52 58.94 37.03
C GLU G 201 14.35 59.62 36.33
N VAL G 202 14.54 59.98 35.06
CA VAL G 202 13.59 60.78 34.32
C VAL G 202 13.29 60.12 32.98
N ALA G 203 12.02 60.14 32.58
CA ALA G 203 11.65 59.61 31.28
C ALA G 203 10.32 60.21 30.88
N VAL G 204 10.08 60.25 29.58
CA VAL G 204 8.86 60.85 29.05
C VAL G 204 8.20 59.91 28.05
N LEU G 205 6.87 59.93 28.05
CA LEU G 205 6.05 59.43 26.95
C LEU G 205 5.79 60.61 26.01
N ASP G 206 6.46 60.58 24.86
CA ASP G 206 6.52 61.69 23.91
C ASP G 206 5.47 61.46 22.82
N ALA G 207 4.38 62.23 22.87
CA ALA G 207 3.29 62.08 21.92
C ALA G 207 3.71 62.41 20.49
N ASN G 208 4.93 62.91 20.28
CA ASN G 208 5.45 63.22 18.96
C ASN G 208 6.31 62.11 18.37
N ARG G 209 6.82 61.21 19.19
CA ARG G 209 7.51 60.07 18.62
C ARG G 209 6.53 59.27 17.75
N PRO G 210 6.98 58.78 16.58
CA PRO G 210 6.05 58.12 15.65
C PRO G 210 5.45 56.82 16.17
N ARG G 211 6.23 55.92 16.77
CA ARG G 211 5.58 54.70 17.26
C ARG G 211 5.85 54.49 18.74
N ARG G 212 7.10 54.25 19.12
CA ARG G 212 7.42 54.02 20.53
C ARG G 212 7.58 55.38 21.20
N ALA G 213 6.65 55.72 22.11
CA ALA G 213 6.65 57.05 22.72
C ALA G 213 7.61 57.19 23.90
N PHE G 214 8.01 56.08 24.52
CA PHE G 214 8.86 56.14 25.71
C PHE G 214 10.28 56.52 25.31
N ARG G 215 10.86 57.52 26.00
CA ARG G 215 12.25 57.91 25.81
C ARG G 215 12.80 58.49 27.11
N ARG G 216 14.06 58.22 27.38
CA ARG G 216 14.72 58.62 28.62
C ARG G 216 15.49 59.92 28.43
N ILE G 217 15.60 60.70 29.51
CA ILE G 217 16.41 61.90 29.53
C ILE G 217 17.51 61.71 30.58
N THR G 218 18.75 61.52 30.12
CA THR G 218 19.90 61.27 30.99
C THR G 218 21.01 62.29 30.76
N GLY G 219 21.91 62.35 31.75
CA GLY G 219 23.16 63.09 31.69
C GLY G 219 23.10 64.52 31.19
N SER G 220 23.85 64.78 30.11
CA SER G 220 23.99 66.15 29.61
C SER G 220 22.63 66.76 29.25
N ALA G 221 21.75 65.99 28.60
CA ALA G 221 20.43 66.49 28.23
C ALA G 221 19.61 66.84 29.46
N LEU G 222 19.62 65.95 30.47
CA LEU G 222 18.88 66.20 31.71
C LEU G 222 19.38 67.45 32.40
N GLN G 223 20.71 67.60 32.53
CA GLN G 223 21.31 68.80 33.12
C GLN G 223 20.89 70.07 32.38
N ALA G 224 20.91 70.02 31.04
CA ALA G 224 20.46 71.15 30.24
C ALA G 224 18.99 71.48 30.47
N LEU G 225 18.17 70.48 30.78
CA LEU G 225 16.76 70.72 31.04
C LEU G 225 16.47 71.17 32.48
N LEU G 226 17.36 70.86 33.42
CA LEU G 226 17.19 71.28 34.81
C LEU G 226 17.66 72.70 35.05
N VAL G 227 18.71 73.14 34.34
CA VAL G 227 19.10 74.55 34.36
C VAL G 227 18.03 75.42 33.69
N ASP G 228 17.11 74.80 32.95
CA ASP G 228 15.97 75.42 32.23
C ASP G 228 16.42 76.32 31.06
N THR H 1 -21.25 27.79 -4.95
CA THR H 1 -21.24 29.01 -4.13
C THR H 1 -20.45 30.13 -4.80
N THR H 2 -20.96 31.35 -4.79
CA THR H 2 -20.15 32.52 -5.12
C THR H 2 -20.52 33.67 -4.21
N ILE H 3 -19.51 34.31 -3.62
CA ILE H 3 -19.65 35.50 -2.79
C ILE H 3 -18.76 36.58 -3.42
N VAL H 4 -19.31 37.79 -3.60
CA VAL H 4 -18.57 38.94 -4.10
C VAL H 4 -18.56 40.06 -3.06
N ALA H 5 -17.54 40.91 -3.13
CA ALA H 5 -17.45 42.12 -2.32
C ALA H 5 -16.73 43.17 -3.13
N LEU H 6 -17.22 44.41 -3.11
CA LEU H 6 -16.54 45.47 -3.84
C LEU H 6 -16.67 46.81 -3.12
N LYS H 7 -15.62 47.64 -3.25
CA LYS H 7 -15.54 48.99 -2.67
C LYS H 7 -16.15 50.00 -3.63
N TYR H 8 -16.89 50.95 -3.08
CA TYR H 8 -17.34 52.12 -3.82
C TYR H 8 -17.04 53.37 -3.01
N PRO H 9 -17.14 54.58 -3.61
CA PRO H 9 -16.83 55.81 -2.85
C PRO H 9 -17.61 55.92 -1.55
N GLY H 10 -16.93 55.77 -0.42
CA GLY H 10 -17.57 55.92 0.87
C GLY H 10 -18.20 54.68 1.44
N GLY H 11 -17.97 53.52 0.84
CA GLY H 11 -18.58 52.33 1.38
C GLY H 11 -18.12 51.07 0.69
N VAL H 12 -18.79 49.97 1.06
CA VAL H 12 -18.50 48.66 0.52
C VAL H 12 -19.79 47.85 0.43
N VAL H 13 -19.82 46.90 -0.49
CA VAL H 13 -20.97 46.01 -0.70
C VAL H 13 -20.50 44.55 -0.81
N MET H 14 -21.32 43.64 -0.29
CA MET H 14 -21.06 42.20 -0.35
C MET H 14 -22.33 41.43 -0.72
N ALA H 15 -22.20 40.44 -1.61
CA ALA H 15 -23.36 39.71 -2.09
C ALA H 15 -23.04 38.24 -2.21
N GLY H 16 -24.06 37.40 -2.04
CA GLY H 16 -23.87 35.97 -2.14
C GLY H 16 -25.09 35.29 -2.73
N ASP H 17 -24.83 34.15 -3.37
CA ASP H 17 -25.88 33.38 -4.02
C ASP H 17 -26.64 32.58 -2.95
N ARG H 18 -27.64 31.81 -3.37
CA ARG H 18 -28.53 31.15 -2.42
C ARG H 18 -28.58 29.64 -2.55
N ARG H 19 -27.68 29.04 -3.35
CA ARG H 19 -27.78 27.63 -3.69
C ARG H 19 -26.95 26.75 -2.77
N SER H 20 -27.55 25.64 -2.35
CA SER H 20 -26.92 24.57 -1.57
C SER H 20 -26.96 23.26 -2.36
N THR H 21 -25.82 22.57 -2.44
CA THR H 21 -25.69 21.33 -3.19
C THR H 21 -25.07 20.22 -2.35
N GLN H 22 -25.35 18.99 -2.77
CA GLN H 22 -24.68 17.78 -2.29
C GLN H 22 -24.26 17.04 -3.54
N GLY H 23 -23.02 17.26 -3.97
CA GLY H 23 -22.60 16.81 -5.27
C GLY H 23 -23.28 17.62 -6.34
N ASN H 24 -23.99 16.92 -7.22
CA ASN H 24 -24.79 17.50 -8.29
C ASN H 24 -26.23 17.79 -7.89
N MET H 25 -26.68 17.27 -6.75
CA MET H 25 -28.04 17.47 -6.31
C MET H 25 -28.20 18.78 -5.56
N ILE H 26 -29.28 19.49 -5.88
CA ILE H 26 -29.63 20.75 -5.26
C ILE H 26 -30.26 20.42 -3.90
N SER H 27 -29.61 20.83 -2.81
CA SER H 27 -30.19 20.62 -1.48
C SER H 27 -30.78 21.89 -0.85
N GLY H 28 -30.65 23.05 -1.49
CA GLY H 28 -31.30 24.25 -0.98
C GLY H 28 -31.36 25.40 -1.98
N ARG H 29 -32.42 26.24 -1.93
CA ARG H 29 -32.52 27.36 -2.86
C ARG H 29 -32.57 28.73 -2.22
N ASP H 30 -32.59 28.83 -0.87
CA ASP H 30 -32.77 30.07 -0.12
C ASP H 30 -31.74 30.21 1.00
N VAL H 31 -30.65 29.44 0.94
CA VAL H 31 -29.67 29.52 2.02
C VAL H 31 -29.05 30.91 2.03
N ARG H 32 -28.56 31.34 3.20
CA ARG H 32 -27.94 32.65 3.35
C ARG H 32 -26.46 32.44 3.63
N LYS H 33 -25.62 33.14 2.87
CA LYS H 33 -24.19 32.95 2.98
C LYS H 33 -23.46 34.24 3.37
N VAL H 34 -24.18 35.36 3.51
CA VAL H 34 -23.58 36.63 3.93
C VAL H 34 -24.28 37.08 5.21
N TYR H 35 -23.48 37.41 6.24
CA TYR H 35 -23.97 37.74 7.57
C TYR H 35 -23.41 39.06 8.07
N ILE H 36 -24.27 39.85 8.71
CA ILE H 36 -23.81 41.01 9.45
C ILE H 36 -23.19 40.48 10.76
N THR H 37 -21.88 40.58 10.89
CA THR H 37 -21.26 40.06 12.09
C THR H 37 -21.02 41.15 13.12
N ASP H 38 -21.03 42.41 12.69
CA ASP H 38 -20.64 43.56 13.50
C ASP H 38 -21.26 44.83 12.91
N ASP H 39 -21.39 45.87 13.74
CA ASP H 39 -22.07 47.07 13.26
C ASP H 39 -21.45 47.64 11.99
N TYR H 40 -20.17 47.36 11.74
CA TYR H 40 -19.48 47.86 10.55
C TYR H 40 -18.80 46.74 9.77
N THR H 41 -19.22 45.49 9.99
CA THR H 41 -18.57 44.36 9.37
C THR H 41 -19.58 43.30 8.96
N ALA H 42 -19.38 42.73 7.75
CA ALA H 42 -20.12 41.58 7.24
C ALA H 42 -19.15 40.52 6.75
N THR H 43 -19.57 39.27 6.90
CA THR H 43 -18.80 38.11 6.46
C THR H 43 -19.62 37.21 5.55
N GLY H 44 -19.01 36.79 4.46
CA GLY H 44 -19.56 35.76 3.60
C GLY H 44 -18.65 34.54 3.65
N ILE H 45 -19.24 33.36 3.68
CA ILE H 45 -18.41 32.16 3.79
C ILE H 45 -18.83 31.16 2.72
N ALA H 46 -17.83 30.45 2.16
CA ALA H 46 -18.00 29.40 1.17
C ALA H 46 -17.46 28.09 1.72
N GLY H 47 -18.05 26.97 1.28
CA GLY H 47 -17.59 25.65 1.68
C GLY H 47 -18.69 24.85 2.34
N THR H 48 -18.29 23.95 3.25
CA THR H 48 -19.26 23.16 3.99
C THR H 48 -20.18 24.05 4.83
N ALA H 49 -21.49 23.88 4.64
CA ALA H 49 -22.46 24.76 5.29
C ALA H 49 -22.31 24.74 6.81
N ALA H 50 -22.23 23.54 7.40
CA ALA H 50 -22.12 23.43 8.84
C ALA H 50 -20.94 24.25 9.37
N VAL H 51 -19.77 24.08 8.75
CA VAL H 51 -18.60 24.80 9.22
C VAL H 51 -18.73 26.30 8.96
N ALA H 52 -19.32 26.68 7.81
CA ALA H 52 -19.47 28.09 7.48
C ALA H 52 -20.40 28.81 8.47
N VAL H 53 -21.56 28.20 8.77
CA VAL H 53 -22.49 28.86 9.69
C VAL H 53 -21.88 28.94 11.07
N GLU H 54 -21.19 27.88 11.51
CA GLU H 54 -20.51 27.95 12.80
C GLU H 54 -19.48 29.07 12.80
N PHE H 55 -18.73 29.22 11.73
CA PHE H 55 -17.75 30.28 11.64
C PHE H 55 -18.37 31.65 11.85
N ALA H 56 -19.37 31.99 11.04
CA ALA H 56 -19.98 33.30 11.12
C ALA H 56 -20.54 33.56 12.51
N ARG H 57 -21.22 32.56 13.07
CA ARG H 57 -21.83 32.73 14.37
C ARG H 57 -20.77 32.97 15.42
N LEU H 58 -19.80 32.05 15.46
CA LEU H 58 -18.75 32.09 16.47
C LEU H 58 -17.90 33.35 16.38
N TYR H 59 -17.64 33.81 15.16
CA TYR H 59 -16.88 35.04 14.92
C TYR H 59 -17.64 36.27 15.43
N ALA H 60 -18.93 36.36 15.11
CA ALA H 60 -19.72 37.47 15.65
C ALA H 60 -19.69 37.47 17.17
N VAL H 61 -19.79 36.28 17.77
CA VAL H 61 -19.71 36.19 19.22
C VAL H 61 -18.36 36.69 19.73
N GLU H 62 -17.25 36.30 19.07
CA GLU H 62 -15.95 36.73 19.56
C GLU H 62 -15.82 38.27 19.49
N LEU H 63 -16.31 38.86 18.41
CA LEU H 63 -16.23 40.32 18.29
C LEU H 63 -17.01 41.01 19.42
N GLU H 64 -18.25 40.58 19.64
CA GLU H 64 -19.05 41.29 20.65
C GLU H 64 -18.59 40.97 22.09
N HIS H 65 -18.16 39.73 22.32
CA HIS H 65 -17.50 39.37 23.56
C HIS H 65 -16.35 40.33 23.87
N TYR H 66 -15.46 40.56 22.90
CA TYR H 66 -14.37 41.51 23.15
C TYR H 66 -14.92 42.87 23.50
N GLU H 67 -15.93 43.32 22.75
CA GLU H 67 -16.45 44.68 22.91
C GLU H 67 -17.06 44.91 24.28
N LYS H 68 -17.81 43.93 24.79
CA LYS H 68 -18.39 44.04 26.11
C LYS H 68 -17.33 43.90 27.20
N LEU H 69 -16.30 43.09 26.97
CA LEU H 69 -15.30 42.97 28.02
C LEU H 69 -14.47 44.24 28.13
N GLU H 70 -14.13 44.86 27.01
CA GLU H 70 -13.15 45.94 27.03
C GLU H 70 -13.74 47.31 26.70
N GLY H 71 -15.06 47.41 26.54
CA GLY H 71 -15.73 48.69 26.39
C GLY H 71 -15.54 49.39 25.07
N VAL H 72 -14.76 48.82 24.16
CA VAL H 72 -14.53 49.39 22.85
C VAL H 72 -14.41 48.21 21.89
N PRO H 73 -14.85 48.34 20.64
CA PRO H 73 -14.69 47.23 19.69
C PRO H 73 -13.25 47.10 19.21
N LEU H 74 -12.96 45.93 18.66
CA LEU H 74 -11.66 45.65 18.09
C LEU H 74 -11.38 46.61 16.93
N THR H 75 -10.13 47.00 16.80
CA THR H 75 -9.71 47.61 15.56
C THR H 75 -9.92 46.61 14.41
N PHE H 76 -10.02 47.15 13.20
CA PHE H 76 -10.26 46.31 12.05
C PHE H 76 -9.15 45.29 11.89
N ALA H 77 -7.90 45.72 12.12
CA ALA H 77 -6.78 44.80 12.06
C ALA H 77 -6.98 43.63 13.04
N GLY H 78 -7.44 43.94 14.26
CA GLY H 78 -7.70 42.88 15.21
C GLY H 78 -8.76 41.92 14.73
N LYS H 79 -9.82 42.44 14.11
CA LYS H 79 -10.86 41.56 13.61
C LYS H 79 -10.29 40.59 12.58
N ILE H 80 -9.48 41.13 11.64
CA ILE H 80 -8.87 40.27 10.62
C ILE H 80 -8.02 39.19 11.27
N ASN H 81 -7.18 39.58 12.22
CA ASN H 81 -6.31 38.59 12.85
C ASN H 81 -7.14 37.50 13.54
N ARG H 82 -8.28 37.84 14.13
CA ARG H 82 -9.05 36.81 14.82
C ARG H 82 -9.74 35.86 13.85
N LEU H 83 -10.25 36.38 12.73
CA LEU H 83 -10.82 35.50 11.70
C LEU H 83 -9.76 34.57 11.13
N ALA H 84 -8.58 35.13 10.85
CA ALA H 84 -7.47 34.31 10.37
C ALA H 84 -7.10 33.22 11.37
N ILE H 85 -7.04 33.56 12.66
CA ILE H 85 -6.71 32.54 13.67
C ILE H 85 -7.79 31.47 13.69
N MET H 86 -9.06 31.86 13.48
CA MET H 86 -10.12 30.86 13.45
C MET H 86 -9.94 29.90 12.27
N VAL H 87 -9.71 30.44 11.08
CA VAL H 87 -9.53 29.61 9.89
C VAL H 87 -8.38 28.63 10.10
N ARG H 88 -7.18 29.19 10.35
CA ARG H 88 -6.01 28.37 10.61
C ARG H 88 -6.30 27.30 11.64
N GLY H 89 -7.12 27.65 12.63
CA GLY H 89 -7.53 26.68 13.62
C GLY H 89 -8.29 25.52 13.01
N ASN H 90 -9.06 25.79 11.96
CA ASN H 90 -9.83 24.72 11.31
C ASN H 90 -9.03 23.96 10.28
N LEU H 91 -7.76 24.31 10.08
CA LEU H 91 -7.04 23.78 8.92
C LEU H 91 -7.01 22.25 8.88
N ALA H 92 -6.84 21.59 10.04
CA ALA H 92 -6.82 20.12 10.04
C ALA H 92 -8.15 19.54 9.52
N ALA H 93 -9.26 19.97 10.14
CA ALA H 93 -10.58 19.51 9.73
C ALA H 93 -10.84 19.85 8.26
N ALA H 94 -10.35 21.00 7.78
CA ALA H 94 -10.51 21.33 6.37
C ALA H 94 -9.82 20.30 5.50
N MET H 95 -8.61 19.88 5.92
CA MET H 95 -7.88 18.84 5.20
C MET H 95 -8.65 17.53 5.19
N GLN H 96 -9.54 17.33 6.15
CA GLN H 96 -10.35 16.11 6.13
C GLN H 96 -11.71 16.30 5.45
N GLY H 97 -11.98 17.45 4.82
CA GLY H 97 -13.27 17.65 4.13
C GLY H 97 -14.22 18.71 4.72
N LEU H 98 -13.97 19.27 5.90
CA LEU H 98 -14.84 20.31 6.46
C LEU H 98 -14.25 21.70 6.20
N LEU H 99 -14.05 22.02 4.90
CA LEU H 99 -13.38 23.25 4.48
C LEU H 99 -14.39 24.40 4.40
N ALA H 100 -13.96 25.58 4.85
CA ALA H 100 -14.78 26.80 4.82
C ALA H 100 -13.87 28.00 4.67
N LEU H 101 -14.02 28.75 3.59
CA LEU H 101 -13.20 29.93 3.38
C LEU H 101 -14.04 31.18 3.52
N PRO H 102 -13.64 32.18 4.31
CA PRO H 102 -14.43 33.41 4.42
C PRO H 102 -13.93 34.55 3.55
N LEU H 103 -14.81 35.52 3.38
CA LEU H 103 -14.53 36.80 2.76
C LEU H 103 -15.07 37.87 3.68
N LEU H 104 -14.26 38.86 3.99
CA LEU H 104 -14.61 39.85 4.99
C LEU H 104 -14.77 41.22 4.33
N ALA H 105 -15.87 41.90 4.64
CA ALA H 105 -16.15 43.22 4.09
C ALA H 105 -16.47 44.14 5.25
N GLY H 106 -15.86 45.32 5.29
CA GLY H 106 -16.09 46.19 6.43
C GLY H 106 -15.91 47.66 6.09
N TYR H 107 -16.26 48.49 7.06
CA TYR H 107 -16.02 49.92 7.01
C TYR H 107 -15.23 50.31 8.26
N ASP H 108 -14.00 50.79 8.07
CA ASP H 108 -13.10 51.10 9.18
C ASP H 108 -13.35 52.52 9.68
N ILE H 109 -14.00 52.64 10.85
CA ILE H 109 -14.37 53.96 11.36
C ILE H 109 -13.17 54.78 11.79
N HIS H 110 -12.02 54.14 11.98
CA HIS H 110 -10.80 54.81 12.41
C HIS H 110 -9.86 55.09 11.24
N ALA H 111 -10.33 54.93 10.01
CA ALA H 111 -9.51 55.24 8.86
C ALA H 111 -9.45 56.75 8.70
N SER H 112 -8.41 57.23 8.07
CA SER H 112 -8.25 58.68 7.97
C SER H 112 -9.27 59.30 7.01
N ASP H 113 -9.41 58.74 5.81
CA ASP H 113 -10.29 59.34 4.82
C ASP H 113 -11.62 58.59 4.81
N PRO H 114 -12.74 59.22 5.22
CA PRO H 114 -14.02 58.48 5.29
C PRO H 114 -14.53 57.90 3.98
N GLN H 115 -14.11 58.41 2.82
CA GLN H 115 -14.64 57.86 1.59
C GLN H 115 -13.88 56.60 1.14
N SER H 116 -12.62 56.45 1.55
CA SER H 116 -11.83 55.29 1.19
C SER H 116 -11.61 54.35 2.39
N ALA H 117 -12.54 54.36 3.34
CA ALA H 117 -12.49 53.52 4.53
C ALA H 117 -13.02 52.11 4.29
N GLY H 118 -13.57 51.83 3.11
CA GLY H 118 -14.03 50.48 2.83
C GLY H 118 -12.89 49.50 2.78
N ARG H 119 -13.16 48.29 3.25
CA ARG H 119 -12.14 47.26 3.35
C ARG H 119 -12.68 45.91 2.93
N ILE H 120 -11.86 45.17 2.18
CA ILE H 120 -12.15 43.83 1.69
C ILE H 120 -10.96 42.93 2.03
N VAL H 121 -11.21 41.84 2.75
CA VAL H 121 -10.14 40.95 3.18
C VAL H 121 -10.47 39.54 2.72
N SER H 122 -9.52 38.91 2.02
CA SER H 122 -9.68 37.51 1.65
C SER H 122 -8.69 36.65 2.42
N PHE H 123 -9.02 35.36 2.50
CA PHE H 123 -8.28 34.39 3.29
C PHE H 123 -8.01 33.14 2.47
N ASP H 124 -7.06 32.34 2.91
CA ASP H 124 -6.84 31.02 2.35
C ASP H 124 -6.99 29.96 3.45
N ALA H 125 -6.87 28.70 3.07
CA ALA H 125 -7.19 27.61 3.99
C ALA H 125 -6.30 27.53 5.24
N ALA H 126 -5.09 28.09 5.19
CA ALA H 126 -4.21 28.16 6.35
C ALA H 126 -4.40 29.44 7.18
N GLY H 127 -5.31 30.32 6.76
CA GLY H 127 -5.58 31.59 7.38
C GLY H 127 -4.75 32.75 6.88
N GLY H 128 -3.97 32.57 5.83
CA GLY H 128 -3.42 33.69 5.10
C GLY H 128 -4.47 34.75 4.82
N TRP H 129 -4.14 36.04 4.94
CA TRP H 129 -5.11 37.07 4.62
C TRP H 129 -4.45 38.09 3.69
N ASN H 130 -5.28 38.80 2.94
CA ASN H 130 -4.82 39.91 2.10
C ASN H 130 -5.90 40.96 2.16
N ILE H 131 -5.50 42.18 2.50
CA ILE H 131 -6.39 43.34 2.41
C ILE H 131 -6.31 43.88 1.00
N GLU H 132 -7.45 43.85 0.30
CA GLU H 132 -7.47 44.07 -1.15
C GLU H 132 -7.45 45.57 -1.49
N GLU H 133 -6.42 45.96 -2.24
CA GLU H 133 -6.27 47.33 -2.69
C GLU H 133 -6.79 47.55 -4.11
N GLU H 134 -7.40 46.55 -4.74
CA GLU H 134 -7.78 46.65 -6.14
C GLU H 134 -9.29 46.78 -6.36
N GLY H 135 -10.09 46.84 -5.29
CA GLY H 135 -11.47 47.28 -5.38
C GLY H 135 -12.54 46.21 -5.25
N TYR H 136 -12.24 44.95 -5.60
CA TYR H 136 -13.25 43.90 -5.52
C TYR H 136 -12.59 42.56 -5.23
N GLN H 137 -13.38 41.58 -4.80
CA GLN H 137 -12.85 40.26 -4.55
C GLN H 137 -14.00 39.26 -4.50
N ALA H 138 -13.65 37.99 -4.59
CA ALA H 138 -14.68 36.96 -4.54
C ALA H 138 -14.16 35.66 -3.94
N VAL H 139 -15.09 34.77 -3.61
CA VAL H 139 -14.74 33.47 -3.04
C VAL H 139 -15.82 32.47 -3.45
N GLY H 140 -15.44 31.20 -3.53
CA GLY H 140 -16.37 30.14 -3.85
C GLY H 140 -16.05 29.55 -5.23
N SER H 141 -16.84 28.53 -5.60
CA SER H 141 -16.58 27.81 -6.84
C SER H 141 -16.78 28.67 -8.09
N GLY H 142 -17.53 29.77 -7.99
CA GLY H 142 -17.67 30.70 -9.09
C GLY H 142 -16.81 31.94 -8.97
N SER H 143 -15.84 31.97 -8.04
CA SER H 143 -15.17 33.23 -7.76
C SER H 143 -14.39 33.74 -8.97
N LEU H 144 -13.91 32.85 -9.83
CA LEU H 144 -13.14 33.29 -10.99
C LEU H 144 -14.01 33.98 -12.02
N PHE H 145 -15.19 33.42 -12.27
CA PHE H 145 -16.12 34.05 -13.21
C PHE H 145 -16.55 35.41 -12.71
N ALA H 146 -16.89 35.52 -11.43
CA ALA H 146 -17.26 36.81 -10.85
C ALA H 146 -16.09 37.79 -10.89
N LYS H 147 -14.88 37.34 -10.55
CA LYS H 147 -13.77 38.29 -10.59
C LYS H 147 -13.52 38.79 -11.99
N SER H 148 -13.63 37.92 -13.00
CA SER H 148 -13.41 38.33 -14.37
C SER H 148 -14.52 39.25 -14.88
N SER H 149 -15.73 39.04 -14.40
CA SER H 149 -16.85 39.91 -14.74
C SER H 149 -16.65 41.30 -14.14
N MET H 150 -16.38 41.38 -12.83
CA MET H 150 -16.16 42.67 -12.19
C MET H 150 -14.95 43.38 -12.77
N LYS H 151 -13.96 42.63 -13.27
CA LYS H 151 -12.80 43.27 -13.88
C LYS H 151 -13.23 44.18 -15.01
N LYS H 152 -14.29 43.82 -15.71
CA LYS H 152 -14.81 44.60 -16.81
C LYS H 152 -15.90 45.57 -16.35
N LEU H 153 -16.60 45.27 -15.27
CA LEU H 153 -17.70 46.13 -14.88
C LEU H 153 -17.35 47.16 -13.81
N TYR H 154 -16.15 47.14 -13.26
CA TYR H 154 -15.91 47.94 -12.05
C TYR H 154 -15.84 49.43 -12.36
N SER H 155 -15.41 49.79 -13.57
CA SER H 155 -15.28 51.20 -13.95
C SER H 155 -16.61 51.95 -13.87
N GLN H 156 -17.72 51.25 -13.85
CA GLN H 156 -19.02 51.88 -13.79
C GLN H 156 -19.46 52.16 -12.36
N VAL H 157 -18.63 51.87 -11.37
CA VAL H 157 -19.01 52.00 -9.97
C VAL H 157 -18.68 53.41 -9.52
N THR H 158 -19.72 54.19 -9.25
CA THR H 158 -19.60 55.56 -8.80
C THR H 158 -20.31 55.81 -7.48
N ASP H 159 -21.24 54.96 -7.08
CA ASP H 159 -21.94 55.12 -5.82
C ASP H 159 -22.40 53.75 -5.36
N GLY H 160 -23.09 53.71 -4.22
CA GLY H 160 -23.49 52.45 -3.66
C GLY H 160 -24.40 51.68 -4.57
N ASP H 161 -25.23 52.38 -5.33
CA ASP H 161 -26.23 51.70 -6.12
C ASP H 161 -25.61 51.02 -7.34
N SER H 162 -24.74 51.73 -8.07
CA SER H 162 -24.08 51.11 -9.21
C SER H 162 -23.18 49.96 -8.75
N GLY H 163 -22.52 50.12 -7.60
CA GLY H 163 -21.71 49.04 -7.07
C GLY H 163 -22.54 47.81 -6.75
N LEU H 164 -23.71 48.02 -6.15
CA LEU H 164 -24.58 46.88 -5.88
C LEU H 164 -25.02 46.22 -7.18
N ARG H 165 -25.19 47.00 -8.24
CA ARG H 165 -25.57 46.41 -9.51
C ARG H 165 -24.44 45.56 -10.09
N VAL H 166 -23.21 46.09 -10.16
CA VAL H 166 -22.15 45.25 -10.73
C VAL H 166 -21.96 44.01 -9.86
N ALA H 167 -22.17 44.12 -8.55
CA ALA H 167 -22.11 42.93 -7.72
C ALA H 167 -23.14 41.89 -8.19
N VAL H 168 -24.41 42.29 -8.33
CA VAL H 168 -25.43 41.31 -8.76
C VAL H 168 -25.16 40.77 -10.16
N GLU H 169 -24.59 41.58 -11.05
CA GLU H 169 -24.27 41.08 -12.38
C GLU H 169 -23.10 40.11 -12.33
N ALA H 170 -22.16 40.33 -11.40
CA ALA H 170 -21.08 39.37 -11.20
C ALA H 170 -21.61 38.04 -10.65
N LEU H 171 -22.56 38.08 -9.71
CA LEU H 171 -23.19 36.81 -9.30
C LEU H 171 -23.98 36.18 -10.44
N TYR H 172 -24.51 36.98 -11.34
CA TYR H 172 -25.22 36.43 -12.48
C TYR H 172 -24.25 35.69 -13.41
N ASP H 173 -23.09 36.31 -13.72
CA ASP H 173 -22.11 35.63 -14.55
C ASP H 173 -21.58 34.38 -13.87
N ALA H 174 -21.35 34.47 -12.57
CA ALA H 174 -20.91 33.30 -11.83
C ALA H 174 -21.90 32.16 -12.00
N ALA H 175 -23.18 32.43 -11.73
CA ALA H 175 -24.17 31.35 -11.86
C ALA H 175 -24.31 30.88 -13.30
N ASP H 176 -24.01 31.75 -14.25
CA ASP H 176 -24.15 31.43 -15.66
C ASP H 176 -23.14 30.40 -16.10
N ASP H 177 -21.97 30.38 -15.47
CA ASP H 177 -20.91 29.43 -15.83
C ASP H 177 -20.64 28.34 -14.80
N ASP H 178 -21.26 28.39 -13.62
CA ASP H 178 -20.98 27.48 -12.52
C ASP H 178 -22.29 26.90 -11.98
N SER H 179 -22.44 25.59 -12.03
CA SER H 179 -23.72 25.06 -11.59
C SER H 179 -23.85 25.08 -10.07
N ALA H 180 -22.76 25.21 -9.31
CA ALA H 180 -22.88 25.26 -7.86
C ALA H 180 -23.32 26.63 -7.33
N THR H 181 -23.34 27.65 -8.18
CA THR H 181 -23.87 28.96 -7.85
C THR H 181 -25.24 29.11 -8.51
N GLY H 182 -26.24 29.47 -7.72
CA GLY H 182 -27.61 29.59 -8.24
C GLY H 182 -27.90 31.01 -8.66
N GLY H 183 -28.41 31.17 -9.87
CA GLY H 183 -28.79 32.48 -10.35
C GLY H 183 -30.14 32.88 -9.81
N PRO H 184 -30.61 34.07 -10.24
CA PRO H 184 -31.93 34.54 -9.80
C PRO H 184 -33.02 33.62 -10.31
N ASP H 185 -33.87 33.15 -9.39
CA ASP H 185 -35.02 32.29 -9.68
C ASP H 185 -36.23 33.22 -9.74
N LEU H 186 -36.67 33.55 -10.96
CA LEU H 186 -37.79 34.46 -11.09
C LEU H 186 -39.13 33.77 -10.86
N VAL H 187 -39.18 32.43 -10.85
CA VAL H 187 -40.45 31.77 -10.54
C VAL H 187 -40.69 31.74 -9.03
N ARG H 188 -39.68 31.47 -8.23
CA ARG H 188 -39.86 31.52 -6.78
C ARG H 188 -39.56 32.89 -6.19
N GLY H 189 -39.02 33.83 -6.98
CA GLY H 189 -38.70 35.11 -6.42
C GLY H 189 -37.57 35.07 -5.41
N ILE H 190 -36.53 34.29 -5.69
CA ILE H 190 -35.36 34.19 -4.83
C ILE H 190 -34.17 34.81 -5.54
N PHE H 191 -33.53 35.79 -4.91
CA PHE H 191 -32.42 36.52 -5.50
C PHE H 191 -31.28 36.53 -4.51
N PRO H 192 -30.06 36.86 -4.96
CA PRO H 192 -28.93 36.90 -4.02
C PRO H 192 -29.17 37.79 -2.81
N THR H 193 -28.46 37.56 -1.72
CA THR H 193 -28.53 38.49 -0.59
C THR H 193 -27.35 39.45 -0.70
N ALA H 194 -27.56 40.66 -0.21
CA ALA H 194 -26.49 41.65 -0.22
C ALA H 194 -26.56 42.48 1.06
N VAL H 195 -25.38 42.96 1.46
CA VAL H 195 -25.18 43.88 2.56
C VAL H 195 -24.42 45.08 2.03
N ILE H 196 -24.81 46.27 2.49
CA ILE H 196 -24.08 47.51 2.26
C ILE H 196 -23.54 47.99 3.60
N ILE H 197 -22.32 48.52 3.60
CA ILE H 197 -21.75 49.13 4.80
C ILE H 197 -21.18 50.49 4.42
N ASP H 198 -21.63 51.54 5.10
CA ASP H 198 -21.04 52.86 4.90
C ASP H 198 -20.84 53.49 6.27
N ALA H 199 -20.59 54.81 6.29
CA ALA H 199 -20.27 55.49 7.55
C ALA H 199 -21.39 55.37 8.58
N ASP H 200 -22.62 55.20 8.13
CA ASP H 200 -23.81 55.04 8.97
C ASP H 200 -24.04 53.60 9.42
N GLY H 201 -23.15 52.69 9.07
CA GLY H 201 -23.20 51.33 9.57
C GLY H 201 -23.51 50.33 8.47
N ALA H 202 -23.80 49.11 8.92
CA ALA H 202 -24.06 47.97 8.05
C ALA H 202 -25.55 47.69 8.02
N VAL H 203 -26.11 47.69 6.81
CA VAL H 203 -27.52 47.45 6.65
C VAL H 203 -27.68 46.36 5.60
N ASP H 204 -28.71 45.56 5.77
CA ASP H 204 -29.05 44.53 4.79
C ASP H 204 -29.77 45.19 3.62
N VAL H 205 -29.40 44.81 2.40
CA VAL H 205 -30.06 45.36 1.19
C VAL H 205 -31.44 44.73 1.02
N PRO H 206 -32.48 45.52 0.78
CA PRO H 206 -33.83 44.96 0.64
C PRO H 206 -33.93 44.08 -0.61
N GLU H 207 -34.67 42.97 -0.47
CA GLU H 207 -34.77 42.01 -1.57
C GLU H 207 -35.36 42.63 -2.83
N SER H 208 -36.33 43.52 -2.68
CA SER H 208 -36.96 44.15 -3.83
C SER H 208 -35.95 44.89 -4.70
N ARG H 209 -34.99 45.57 -4.09
CA ARG H 209 -33.97 46.25 -4.87
C ARG H 209 -33.18 45.26 -5.72
N ILE H 210 -32.81 44.13 -5.12
CA ILE H 210 -32.03 43.11 -5.83
C ILE H 210 -32.87 42.47 -6.94
N ALA H 211 -34.17 42.29 -6.68
CA ALA H 211 -35.07 41.78 -7.71
C ALA H 211 -35.09 42.72 -8.91
N GLU H 212 -35.35 44.02 -8.67
CA GLU H 212 -35.21 45.02 -9.72
C GLU H 212 -33.92 44.81 -10.52
N LEU H 213 -32.76 44.84 -9.83
CA LEU H 213 -31.46 44.82 -10.53
C LEU H 213 -31.28 43.55 -11.34
N ALA H 214 -31.75 42.41 -10.80
CA ALA H 214 -31.73 41.14 -11.51
C ALA H 214 -32.50 41.23 -12.82
N ARG H 215 -33.75 41.68 -12.75
CA ARG H 215 -34.52 41.82 -13.98
C ARG H 215 -33.90 42.81 -14.95
N ALA H 216 -33.23 43.86 -14.47
CA ALA H 216 -32.55 44.74 -15.41
C ALA H 216 -31.48 43.98 -16.20
N ILE H 217 -30.69 43.14 -15.50
CA ILE H 217 -29.63 42.39 -16.16
C ILE H 217 -30.20 41.34 -17.12
N ILE H 218 -31.22 40.59 -16.67
CA ILE H 218 -31.85 39.59 -17.53
C ILE H 218 -32.40 40.24 -18.79
N GLU H 219 -33.14 41.33 -18.63
CA GLU H 219 -33.60 42.08 -19.78
C GLU H 219 -32.44 42.47 -20.68
N SER H 220 -31.41 43.09 -20.10
CA SER H 220 -30.28 43.56 -20.90
C SER H 220 -29.56 42.45 -21.65
N ARG H 221 -29.69 41.18 -21.23
CA ARG H 221 -29.05 40.10 -21.95
C ARG H 221 -29.95 39.40 -22.97
N SER H 222 -31.24 39.74 -23.02
CA SER H 222 -32.14 39.10 -23.98
C SER H 222 -32.05 39.64 -25.40
N THR I 1 -35.61 2.88 4.75
CA THR I 1 -36.16 3.93 5.59
C THR I 1 -36.59 5.17 4.81
N THR I 2 -37.81 5.64 5.10
CA THR I 2 -38.27 6.94 4.62
C THR I 2 -39.03 7.60 5.77
N ILE I 3 -38.64 8.85 6.05
CA ILE I 3 -39.31 9.73 7.01
C ILE I 3 -39.71 10.98 6.23
N VAL I 4 -40.99 11.37 6.30
CA VAL I 4 -41.49 12.57 5.64
C VAL I 4 -42.01 13.52 6.71
N ALA I 5 -41.94 14.81 6.39
CA ALA I 5 -42.54 15.77 7.31
C ALA I 5 -43.04 16.94 6.47
N LEU I 6 -44.26 17.41 6.74
CA LEU I 6 -44.78 18.52 5.94
C LEU I 6 -45.62 19.48 6.81
N LYS I 7 -45.59 20.76 6.41
CA LYS I 7 -46.35 21.82 7.05
C LYS I 7 -47.75 21.86 6.49
N TYR I 8 -48.72 22.08 7.36
CA TYR I 8 -50.08 22.42 6.95
C TYR I 8 -50.51 23.63 7.76
N PRO I 9 -51.56 24.38 7.33
CA PRO I 9 -51.99 25.57 8.08
C PRO I 9 -52.31 25.30 9.55
N GLY I 10 -51.49 25.83 10.46
CA GLY I 10 -51.73 25.63 11.87
C GLY I 10 -51.12 24.38 12.44
N GLY I 11 -50.31 23.65 11.69
CA GLY I 11 -49.69 22.49 12.25
C GLY I 11 -48.60 21.94 11.37
N VAL I 12 -48.06 20.81 11.80
CA VAL I 12 -47.04 20.07 11.08
C VAL I 12 -47.36 18.60 11.30
N VAL I 13 -46.98 17.77 10.33
CA VAL I 13 -47.20 16.32 10.43
C VAL I 13 -45.90 15.62 10.01
N MET I 14 -45.58 14.50 10.67
CA MET I 14 -44.37 13.74 10.37
C MET I 14 -44.72 12.26 10.34
N ALA I 15 -44.22 11.54 9.34
CA ALA I 15 -44.62 10.15 9.24
C ALA I 15 -43.45 9.30 8.77
N GLY I 16 -43.47 8.04 9.18
CA GLY I 16 -42.36 7.16 8.86
C GLY I 16 -42.80 5.72 8.68
N ASP I 17 -41.98 4.99 7.93
CA ASP I 17 -42.22 3.57 7.66
C ASP I 17 -41.76 2.70 8.83
N ARG I 18 -41.99 1.38 8.67
CA ARG I 18 -41.83 0.43 9.77
C ARG I 18 -40.77 -0.65 9.50
N ARG I 19 -39.95 -0.52 8.46
CA ARG I 19 -39.06 -1.59 8.05
C ARG I 19 -37.66 -1.48 8.64
N SER I 20 -37.14 -2.60 9.12
CA SER I 20 -35.77 -2.66 9.59
C SER I 20 -35.01 -3.70 8.75
N THR I 21 -33.84 -3.31 8.22
CA THR I 21 -33.08 -4.19 7.34
C THR I 21 -31.63 -4.33 7.79
N GLN I 22 -31.01 -5.42 7.35
CA GLN I 22 -29.57 -5.66 7.44
C GLN I 22 -29.22 -6.08 6.02
N GLY I 23 -28.80 -5.15 5.19
CA GLY I 23 -28.61 -5.50 3.80
C GLY I 23 -29.93 -5.78 3.11
N ASN I 24 -30.05 -6.96 2.48
CA ASN I 24 -31.30 -7.35 1.86
C ASN I 24 -32.27 -7.98 2.87
N MET I 25 -31.79 -8.38 4.03
CA MET I 25 -32.64 -9.13 4.93
C MET I 25 -33.53 -8.22 5.75
N ILE I 26 -34.79 -8.58 5.85
CA ILE I 26 -35.68 -7.80 6.68
C ILE I 26 -35.54 -8.25 8.13
N SER I 27 -35.04 -7.36 8.97
CA SER I 27 -34.89 -7.66 10.38
C SER I 27 -36.01 -7.08 11.23
N GLY I 28 -36.92 -6.33 10.65
CA GLY I 28 -38.07 -5.91 11.44
C GLY I 28 -39.19 -5.40 10.56
N ARG I 29 -40.43 -5.48 11.05
CA ARG I 29 -41.59 -5.00 10.32
C ARG I 29 -42.41 -3.95 11.03
N ASP I 30 -42.08 -3.62 12.30
CA ASP I 30 -42.95 -2.86 13.19
C ASP I 30 -42.18 -1.77 13.94
N VAL I 31 -40.96 -1.45 13.52
CA VAL I 31 -40.14 -0.52 14.25
C VAL I 31 -40.74 0.86 14.18
N ARG I 32 -40.35 1.71 15.13
CA ARG I 32 -40.80 3.10 15.20
C ARG I 32 -39.62 4.01 14.98
N LYS I 33 -39.72 4.85 13.95
CA LYS I 33 -38.65 5.77 13.59
C LYS I 33 -39.03 7.22 13.82
N VAL I 34 -40.24 7.49 14.26
CA VAL I 34 -40.71 8.84 14.55
C VAL I 34 -41.10 8.90 16.02
N TYR I 35 -40.49 9.83 16.77
CA TYR I 35 -40.71 9.94 18.20
C TYR I 35 -41.12 11.35 18.61
N ILE I 36 -42.10 11.43 19.49
CA ILE I 36 -42.41 12.71 20.13
C ILE I 36 -41.31 12.95 21.14
N THR I 37 -40.47 13.95 20.86
CA THR I 37 -39.35 14.29 21.73
C THR I 37 -39.73 15.35 22.74
N ASP I 38 -40.83 16.05 22.47
CA ASP I 38 -41.19 17.19 23.30
C ASP I 38 -42.66 17.52 23.07
N ASP I 39 -43.25 18.32 23.97
CA ASP I 39 -44.68 18.65 23.86
C ASP I 39 -45.02 19.34 22.53
N TYR I 40 -44.04 19.95 21.85
CA TYR I 40 -44.30 20.55 20.53
C TYR I 40 -43.33 20.03 19.48
N THR I 41 -42.64 18.92 19.75
CA THR I 41 -41.61 18.47 18.84
C THR I 41 -41.64 16.97 18.67
N ALA I 42 -41.37 16.58 17.43
CA ALA I 42 -41.14 15.21 17.01
C ALA I 42 -39.84 15.11 16.22
N THR I 43 -39.18 13.96 16.38
CA THR I 43 -37.97 13.67 15.63
C THR I 43 -38.14 12.34 14.90
N GLY I 44 -37.81 12.31 13.61
CA GLY I 44 -37.67 11.07 12.89
C GLY I 44 -36.24 10.91 12.43
N ILE I 45 -35.67 9.71 12.60
CA ILE I 45 -34.26 9.51 12.25
C ILE I 45 -34.09 8.32 11.31
N ALA I 46 -33.21 8.49 10.33
CA ALA I 46 -32.84 7.48 9.35
C ALA I 46 -31.37 7.09 9.57
N GLY I 47 -31.03 5.84 9.27
CA GLY I 47 -29.66 5.37 9.43
C GLY I 47 -29.57 4.18 10.36
N THR I 48 -28.42 4.07 11.05
CA THR I 48 -28.23 2.96 11.97
C THR I 48 -29.19 3.03 13.14
N ALA I 49 -29.95 1.95 13.33
CA ALA I 49 -31.03 1.99 14.30
C ALA I 49 -30.50 2.32 15.70
N ALA I 50 -29.42 1.64 16.13
CA ALA I 50 -28.88 1.89 17.47
C ALA I 50 -28.66 3.39 17.71
N VAL I 51 -27.95 4.05 16.80
CA VAL I 51 -27.69 5.47 16.98
C VAL I 51 -28.96 6.28 16.81
N ALA I 52 -29.86 5.89 15.91
CA ALA I 52 -31.08 6.68 15.69
C ALA I 52 -31.91 6.78 16.97
N VAL I 53 -32.11 5.63 17.63
CA VAL I 53 -32.80 5.62 18.92
C VAL I 53 -32.01 6.35 20.00
N GLU I 54 -30.70 6.13 20.09
CA GLU I 54 -29.93 6.84 21.10
C GLU I 54 -30.09 8.34 20.93
N PHE I 55 -30.02 8.80 19.68
CA PHE I 55 -30.25 10.21 19.38
C PHE I 55 -31.62 10.65 19.89
N ALA I 56 -32.66 9.87 19.57
CA ALA I 56 -33.99 10.26 20.01
C ALA I 56 -34.07 10.40 21.54
N ARG I 57 -33.61 9.37 22.29
CA ARG I 57 -33.75 9.40 23.74
C ARG I 57 -32.95 10.53 24.35
N LEU I 58 -31.68 10.62 23.97
CA LEU I 58 -30.80 11.61 24.57
C LEU I 58 -31.29 13.00 24.26
N TYR I 59 -31.78 13.22 23.04
CA TYR I 59 -32.28 14.55 22.71
C TYR I 59 -33.50 14.91 23.56
N ALA I 60 -34.45 13.98 23.69
CA ALA I 60 -35.63 14.26 24.51
C ALA I 60 -35.24 14.57 25.96
N VAL I 61 -34.35 13.77 26.58
CA VAL I 61 -33.94 14.12 27.94
C VAL I 61 -33.22 15.47 27.94
N GLU I 62 -32.41 15.76 26.92
CA GLU I 62 -31.69 17.04 26.95
C GLU I 62 -32.67 18.21 27.04
N LEU I 63 -33.75 18.15 26.24
CA LEU I 63 -34.76 19.21 26.26
C LEU I 63 -35.47 19.30 27.62
N GLU I 64 -35.95 18.17 28.13
CA GLU I 64 -36.63 18.26 29.41
C GLU I 64 -35.67 18.76 30.49
N HIS I 65 -34.42 18.32 30.44
CA HIS I 65 -33.41 18.72 31.41
C HIS I 65 -33.31 20.24 31.47
N TYR I 66 -33.07 20.88 30.32
CA TYR I 66 -32.98 22.32 30.32
C TYR I 66 -34.25 22.92 30.90
N GLU I 67 -35.39 22.31 30.58
CA GLU I 67 -36.67 22.87 31.03
C GLU I 67 -36.81 22.84 32.55
N LYS I 68 -36.41 21.73 33.20
CA LYS I 68 -36.50 21.63 34.65
C LYS I 68 -35.43 22.47 35.35
N LEU I 69 -34.25 22.63 34.74
CA LEU I 69 -33.22 23.43 35.39
C LEU I 69 -33.56 24.90 35.33
N GLU I 70 -34.06 25.37 34.20
CA GLU I 70 -34.23 26.82 33.98
C GLU I 70 -35.69 27.23 33.94
N GLY I 71 -36.61 26.31 34.23
CA GLY I 71 -38.02 26.61 34.40
C GLY I 71 -38.77 27.00 33.16
N VAL I 72 -38.09 27.06 32.03
CA VAL I 72 -38.70 27.50 30.79
C VAL I 72 -38.09 26.64 29.71
N PRO I 73 -38.86 26.28 28.69
CA PRO I 73 -38.30 25.50 27.58
C PRO I 73 -37.41 26.33 26.66
N LEU I 74 -36.57 25.60 25.93
CA LEU I 74 -35.69 26.20 24.95
C LEU I 74 -36.50 26.86 23.86
N THR I 75 -35.97 27.97 23.35
CA THR I 75 -36.48 28.51 22.10
C THR I 75 -36.32 27.48 21.00
N PHE I 76 -37.12 27.62 19.95
CA PHE I 76 -37.02 26.63 18.89
C PHE I 76 -35.62 26.65 18.27
N ALA I 77 -35.03 27.85 18.08
CA ALA I 77 -33.65 27.92 17.57
C ALA I 77 -32.69 27.16 18.46
N GLY I 78 -32.84 27.26 19.78
CA GLY I 78 -31.98 26.50 20.66
C GLY I 78 -32.10 25.01 20.46
N LYS I 79 -33.34 24.52 20.25
CA LYS I 79 -33.52 23.09 19.99
C LYS I 79 -32.81 22.68 18.72
N ILE I 80 -32.94 23.50 17.66
CA ILE I 80 -32.19 23.22 16.44
C ILE I 80 -30.71 23.10 16.74
N ASN I 81 -30.17 24.10 17.46
CA ASN I 81 -28.74 24.14 17.71
C ASN I 81 -28.26 22.93 18.51
N ARG I 82 -29.04 22.50 19.50
CA ARG I 82 -28.57 21.36 20.30
C ARG I 82 -28.59 20.09 19.48
N LEU I 83 -29.65 19.88 18.68
CA LEU I 83 -29.66 18.70 17.82
C LEU I 83 -28.49 18.70 16.84
N ALA I 84 -28.23 19.84 16.20
CA ALA I 84 -27.12 19.96 15.27
C ALA I 84 -25.81 19.58 15.94
N ILE I 85 -25.60 20.10 17.14
CA ILE I 85 -24.37 19.80 17.87
C ILE I 85 -24.29 18.30 18.12
N MET I 86 -25.43 17.67 18.36
CA MET I 86 -25.41 16.23 18.58
C MET I 86 -24.96 15.49 17.32
N VAL I 87 -25.49 15.88 16.16
CA VAL I 87 -25.09 15.25 14.89
C VAL I 87 -23.57 15.40 14.66
N ARG I 88 -23.09 16.66 14.69
CA ARG I 88 -21.66 16.88 14.48
C ARG I 88 -20.84 16.08 15.49
N GLY I 89 -21.34 15.95 16.73
CA GLY I 89 -20.66 15.12 17.70
C GLY I 89 -20.49 13.71 17.22
N ASN I 90 -21.45 13.20 16.46
CA ASN I 90 -21.38 11.83 15.99
C ASN I 90 -20.66 11.69 14.66
N LEU I 91 -20.12 12.76 14.08
CA LEU I 91 -19.58 12.61 12.72
C LEU I 91 -18.45 11.57 12.63
N ALA I 92 -17.52 11.55 13.60
CA ALA I 92 -16.44 10.57 13.52
C ALA I 92 -17.00 9.14 13.50
N ALA I 93 -17.91 8.85 14.42
CA ALA I 93 -18.57 7.54 14.39
C ALA I 93 -19.32 7.32 13.08
N ALA I 94 -19.92 8.37 12.51
CA ALA I 94 -20.69 8.21 11.27
C ALA I 94 -19.81 7.82 10.08
N MET I 95 -18.62 8.42 9.98
CA MET I 95 -17.66 8.09 8.91
C MET I 95 -17.15 6.66 9.01
N GLN I 96 -17.29 6.01 10.16
CA GLN I 96 -17.01 4.59 10.31
C GLN I 96 -18.25 3.72 10.11
N GLY I 97 -19.41 4.31 9.74
CA GLY I 97 -20.59 3.52 9.45
C GLY I 97 -21.75 3.67 10.41
N LEU I 98 -21.62 4.37 11.53
CA LEU I 98 -22.74 4.52 12.45
C LEU I 98 -23.47 5.85 12.22
N LEU I 99 -23.98 6.01 11.00
CA LEU I 99 -24.57 7.26 10.57
C LEU I 99 -26.08 7.30 10.85
N ALA I 100 -26.53 8.46 11.30
CA ALA I 100 -27.97 8.68 11.52
C ALA I 100 -28.28 10.15 11.29
N LEU I 101 -29.17 10.41 10.33
CA LEU I 101 -29.61 11.76 10.07
C LEU I 101 -31.03 11.95 10.57
N PRO I 102 -31.24 12.96 11.40
CA PRO I 102 -32.57 13.25 11.91
C PRO I 102 -33.30 14.28 11.04
N LEU I 103 -34.60 14.28 11.21
CA LEU I 103 -35.51 15.26 10.66
C LEU I 103 -36.36 15.73 11.83
N LEU I 104 -36.47 17.05 11.98
CA LEU I 104 -37.08 17.67 13.13
C LEU I 104 -38.36 18.37 12.69
N ALA I 105 -39.43 18.15 13.42
CA ALA I 105 -40.69 18.81 13.12
C ALA I 105 -41.25 19.39 14.41
N GLY I 106 -41.64 20.67 14.37
CA GLY I 106 -42.09 21.32 15.58
C GLY I 106 -43.14 22.36 15.31
N TYR I 107 -43.69 22.90 16.41
CA TYR I 107 -44.62 24.02 16.42
C TYR I 107 -44.04 25.09 17.34
N ASP I 108 -43.74 26.27 16.80
CA ASP I 108 -43.10 27.34 17.58
C ASP I 108 -44.15 28.18 18.30
N ILE I 109 -44.26 28.00 19.62
CA ILE I 109 -45.24 28.81 20.35
C ILE I 109 -44.88 30.28 20.41
N HIS I 110 -43.64 30.66 20.08
CA HIS I 110 -43.24 32.07 20.10
C HIS I 110 -43.26 32.71 18.72
N ALA I 111 -43.90 32.08 17.75
CA ALA I 111 -44.06 32.72 16.46
C ALA I 111 -45.23 33.71 16.49
N SER I 112 -45.14 34.73 15.64
CA SER I 112 -46.18 35.76 15.59
C SER I 112 -47.44 35.21 14.94
N ASP I 113 -47.28 34.50 13.84
CA ASP I 113 -48.38 34.03 13.02
C ASP I 113 -48.75 32.61 13.41
N PRO I 114 -49.95 32.37 13.93
CA PRO I 114 -50.36 31.00 14.33
C PRO I 114 -50.38 29.98 13.20
N GLN I 115 -50.24 30.40 11.93
CA GLN I 115 -50.21 29.51 10.79
C GLN I 115 -48.84 29.40 10.15
N SER I 116 -47.88 30.24 10.57
CA SER I 116 -46.47 30.09 10.30
C SER I 116 -45.71 29.56 11.52
N ALA I 117 -46.41 28.87 12.42
CA ALA I 117 -45.76 28.32 13.59
C ALA I 117 -45.20 26.92 13.37
N GLY I 118 -45.58 26.24 12.28
CA GLY I 118 -44.97 24.96 11.97
C GLY I 118 -43.53 25.15 11.53
N ARG I 119 -42.69 24.21 11.90
CA ARG I 119 -41.27 24.26 11.61
C ARG I 119 -40.86 22.88 11.12
N ILE I 120 -40.08 22.84 10.05
CA ILE I 120 -39.49 21.60 9.58
C ILE I 120 -38.01 21.84 9.36
N VAL I 121 -37.19 21.07 10.04
CA VAL I 121 -35.76 21.23 10.04
C VAL I 121 -35.14 19.95 9.54
N SER I 122 -34.32 20.05 8.51
CA SER I 122 -33.57 18.90 8.02
C SER I 122 -32.09 19.12 8.32
N PHE I 123 -31.34 18.02 8.38
CA PHE I 123 -29.92 18.08 8.78
C PHE I 123 -29.03 17.30 7.81
N ASP I 124 -27.73 17.57 7.87
CA ASP I 124 -26.76 16.73 7.18
C ASP I 124 -25.78 16.14 8.18
N ALA I 125 -24.88 15.28 7.69
CA ALA I 125 -24.03 14.49 8.57
C ALA I 125 -23.09 15.33 9.42
N ALA I 126 -22.78 16.56 9.01
CA ALA I 126 -21.93 17.49 9.76
C ALA I 126 -22.71 18.35 10.74
N GLY I 127 -24.02 18.18 10.84
CA GLY I 127 -24.84 19.00 11.69
C GLY I 127 -25.36 20.27 11.03
N GLY I 128 -24.89 20.62 9.83
CA GLY I 128 -25.58 21.60 9.03
C GLY I 128 -27.08 21.40 9.10
N TRP I 129 -27.86 22.48 9.18
CA TRP I 129 -29.31 22.38 9.23
C TRP I 129 -29.95 23.38 8.28
N ASN I 130 -31.20 23.10 7.94
CA ASN I 130 -32.02 23.94 7.08
C ASN I 130 -33.43 23.98 7.63
N ILE I 131 -33.93 25.18 7.91
CA ILE I 131 -35.35 25.39 8.21
C ILE I 131 -36.03 25.54 6.88
N GLU I 132 -36.95 24.61 6.59
CA GLU I 132 -37.49 24.47 5.24
C GLU I 132 -38.65 25.44 5.01
N GLU I 133 -38.42 26.39 4.10
CA GLU I 133 -39.47 27.33 3.74
C GLU I 133 -40.50 26.74 2.79
N GLU I 134 -40.19 25.63 2.11
CA GLU I 134 -41.02 25.22 0.98
C GLU I 134 -42.01 24.12 1.37
N GLY I 135 -42.19 23.82 2.67
CA GLY I 135 -43.37 23.12 3.14
C GLY I 135 -43.20 21.65 3.47
N TYR I 136 -42.21 20.97 2.89
CA TYR I 136 -42.02 19.55 3.17
C TYR I 136 -40.55 19.19 3.13
N GLN I 137 -40.24 18.04 3.71
CA GLN I 137 -38.89 17.52 3.70
C GLN I 137 -38.94 16.03 4.01
N ALA I 138 -37.86 15.32 3.66
CA ALA I 138 -37.80 13.89 3.91
C ALA I 138 -36.34 13.49 4.12
N VAL I 139 -36.16 12.31 4.72
CA VAL I 139 -34.83 11.76 4.96
C VAL I 139 -34.93 10.25 4.85
N GLY I 140 -33.84 9.64 4.42
CA GLY I 140 -33.76 8.20 4.29
C GLY I 140 -33.54 7.78 2.84
N SER I 141 -33.37 6.46 2.69
CA SER I 141 -33.07 5.89 1.37
C SER I 141 -34.21 6.10 0.39
N GLY I 142 -35.43 6.32 0.89
CA GLY I 142 -36.53 6.63 0.01
C GLY I 142 -36.86 8.11 -0.06
N SER I 143 -36.04 8.97 0.55
CA SER I 143 -36.42 10.38 0.66
C SER I 143 -36.54 11.04 -0.72
N LEU I 144 -35.80 10.55 -1.70
CA LEU I 144 -35.85 11.26 -2.97
C LEU I 144 -37.18 11.00 -3.67
N PHE I 145 -37.63 9.75 -3.63
CA PHE I 145 -38.93 9.40 -4.17
C PHE I 145 -40.05 10.13 -3.43
N ALA I 146 -39.98 10.13 -2.10
CA ALA I 146 -40.98 10.81 -1.29
C ALA I 146 -41.03 12.31 -1.59
N LYS I 147 -39.87 12.97 -1.70
CA LYS I 147 -39.89 14.41 -1.95
C LYS I 147 -40.44 14.70 -3.35
N SER I 148 -40.09 13.89 -4.36
CA SER I 148 -40.68 14.17 -5.69
C SER I 148 -42.17 13.90 -5.72
N SER I 149 -42.65 12.96 -4.92
CA SER I 149 -44.08 12.74 -4.80
C SER I 149 -44.76 13.92 -4.14
N MET I 150 -44.19 14.39 -3.03
CA MET I 150 -44.76 15.55 -2.37
C MET I 150 -44.71 16.77 -3.27
N LYS I 151 -43.72 16.82 -4.17
CA LYS I 151 -43.66 17.95 -5.09
C LYS I 151 -44.93 18.03 -5.94
N LYS I 152 -45.52 16.91 -6.27
CA LYS I 152 -46.75 16.91 -7.06
C LYS I 152 -48.00 16.94 -6.19
N LEU I 153 -47.94 16.42 -4.96
CA LEU I 153 -49.14 16.33 -4.16
C LEU I 153 -49.32 17.47 -3.17
N TYR I 154 -48.33 18.34 -2.98
CA TYR I 154 -48.41 19.27 -1.85
C TYR I 154 -49.48 20.32 -2.04
N SER I 155 -49.78 20.66 -3.29
CA SER I 155 -50.78 21.68 -3.60
C SER I 155 -52.14 21.34 -3.04
N GLN I 156 -52.43 20.09 -2.75
CA GLN I 156 -53.73 19.75 -2.21
C GLN I 156 -53.74 19.70 -0.69
N VAL I 157 -52.72 20.21 -0.01
CA VAL I 157 -52.67 20.17 1.44
C VAL I 157 -53.33 21.44 1.97
N THR I 158 -54.47 21.30 2.63
CA THR I 158 -55.17 22.44 3.22
C THR I 158 -55.43 22.31 4.71
N ASP I 159 -55.31 21.12 5.28
CA ASP I 159 -55.54 20.92 6.69
C ASP I 159 -54.78 19.66 7.12
N GLY I 160 -54.89 19.30 8.39
CA GLY I 160 -54.19 18.14 8.92
C GLY I 160 -54.62 16.85 8.26
N ASP I 161 -55.88 16.75 7.88
CA ASP I 161 -56.36 15.50 7.32
C ASP I 161 -55.76 15.27 5.93
N SER I 162 -55.84 16.27 5.06
CA SER I 162 -55.22 16.13 3.74
C SER I 162 -53.70 16.04 3.86
N GLY I 163 -53.10 16.79 4.78
CA GLY I 163 -51.65 16.71 4.93
C GLY I 163 -51.20 15.32 5.30
N LEU I 164 -51.93 14.67 6.22
CA LEU I 164 -51.63 13.30 6.59
C LEU I 164 -51.82 12.35 5.41
N ARG I 165 -52.80 12.59 4.55
CA ARG I 165 -52.93 11.77 3.35
C ARG I 165 -51.70 11.93 2.45
N VAL I 166 -51.33 13.17 2.14
CA VAL I 166 -50.15 13.38 1.30
C VAL I 166 -48.93 12.70 1.90
N ALA I 167 -48.78 12.74 3.22
CA ALA I 167 -47.66 12.07 3.88
C ALA I 167 -47.69 10.56 3.64
N VAL I 168 -48.83 9.93 3.93
CA VAL I 168 -48.91 8.49 3.70
C VAL I 168 -48.71 8.15 2.23
N GLU I 169 -49.16 9.02 1.32
CA GLU I 169 -48.97 8.69 -0.09
C GLU I 169 -47.51 8.85 -0.50
N ALA I 170 -46.81 9.83 0.07
CA ALA I 170 -45.39 9.98 -0.20
C ALA I 170 -44.59 8.80 0.32
N LEU I 171 -44.93 8.30 1.52
CA LEU I 171 -44.30 7.08 1.99
C LEU I 171 -44.66 5.89 1.12
N TYR I 172 -45.88 5.89 0.55
CA TYR I 172 -46.28 4.81 -0.34
C TYR I 172 -45.45 4.81 -1.60
N ASP I 173 -45.23 5.97 -2.20
CA ASP I 173 -44.36 6.04 -3.38
C ASP I 173 -42.92 5.66 -3.06
N ALA I 174 -42.41 6.10 -1.91
CA ALA I 174 -41.07 5.72 -1.48
C ALA I 174 -40.94 4.21 -1.38
N ALA I 175 -41.88 3.55 -0.67
CA ALA I 175 -41.85 2.10 -0.58
C ALA I 175 -42.05 1.44 -1.93
N ASP I 176 -42.71 2.13 -2.85
CA ASP I 176 -42.96 1.59 -4.19
C ASP I 176 -41.65 1.53 -4.98
N ASP I 177 -40.69 2.42 -4.70
CA ASP I 177 -39.42 2.45 -5.42
C ASP I 177 -38.20 2.00 -4.62
N ASP I 178 -38.34 1.75 -3.33
CA ASP I 178 -37.18 1.46 -2.50
C ASP I 178 -37.46 0.23 -1.64
N SER I 179 -36.65 -0.81 -1.83
CA SER I 179 -36.90 -2.05 -1.10
C SER I 179 -36.53 -1.92 0.37
N ALA I 180 -35.70 -0.94 0.73
CA ALA I 180 -35.38 -0.70 2.13
C ALA I 180 -36.48 0.05 2.88
N THR I 181 -37.47 0.61 2.17
CA THR I 181 -38.60 1.30 2.78
C THR I 181 -39.81 0.40 2.71
N GLY I 182 -40.50 0.23 3.85
CA GLY I 182 -41.62 -0.68 3.92
C GLY I 182 -42.97 -0.04 3.69
N GLY I 183 -43.76 -0.64 2.79
CA GLY I 183 -45.11 -0.21 2.57
C GLY I 183 -46.10 -0.80 3.56
N PRO I 184 -47.37 -0.43 3.38
CA PRO I 184 -48.43 -0.91 4.28
C PRO I 184 -48.61 -2.41 4.12
N ASP I 185 -48.50 -3.13 5.23
CA ASP I 185 -48.62 -4.59 5.27
C ASP I 185 -50.05 -4.90 5.65
N LEU I 186 -50.88 -5.20 4.65
CA LEU I 186 -52.30 -5.41 4.90
C LEU I 186 -52.60 -6.79 5.45
N VAL I 187 -51.69 -7.77 5.34
CA VAL I 187 -51.96 -9.06 5.98
C VAL I 187 -51.68 -8.97 7.47
N ARG I 188 -50.60 -8.29 7.86
CA ARG I 188 -50.34 -8.12 9.27
C ARG I 188 -50.96 -6.87 9.84
N GLY I 189 -51.48 -5.97 9.01
CA GLY I 189 -52.06 -4.75 9.56
C GLY I 189 -51.05 -3.82 10.20
N ILE I 190 -49.92 -3.61 9.54
CA ILE I 190 -48.85 -2.72 9.99
C ILE I 190 -48.82 -1.52 9.06
N PHE I 191 -48.86 -0.33 9.63
CA PHE I 191 -48.92 0.87 8.82
C PHE I 191 -47.90 1.88 9.29
N PRO I 192 -47.56 2.87 8.45
CA PRO I 192 -46.66 3.92 8.90
C PRO I 192 -47.18 4.55 10.19
N THR I 193 -46.25 5.11 10.98
CA THR I 193 -46.57 5.85 12.19
C THR I 193 -46.50 7.33 11.89
N ALA I 194 -47.36 8.11 12.56
CA ALA I 194 -47.36 9.54 12.31
C ALA I 194 -47.54 10.30 13.61
N VAL I 195 -46.96 11.49 13.64
CA VAL I 195 -47.12 12.43 14.73
C VAL I 195 -47.71 13.71 14.13
N ILE I 196 -48.76 14.21 14.73
CA ILE I 196 -49.36 15.46 14.30
C ILE I 196 -49.14 16.47 15.40
N ILE I 197 -48.79 17.71 15.04
CA ILE I 197 -48.48 18.73 16.02
C ILE I 197 -49.17 20.02 15.62
N ASP I 198 -49.94 20.58 16.55
CA ASP I 198 -50.57 21.87 16.32
C ASP I 198 -50.43 22.68 17.60
N ALA I 199 -51.24 23.74 17.72
CA ALA I 199 -51.21 24.63 18.88
C ALA I 199 -51.51 23.90 20.18
N ASP I 200 -52.22 22.77 20.10
CA ASP I 200 -52.49 21.91 21.26
C ASP I 200 -51.38 20.92 21.58
N GLY I 201 -50.32 20.88 20.82
CA GLY I 201 -49.23 19.97 21.14
C GLY I 201 -49.06 18.90 20.08
N ALA I 202 -48.24 17.91 20.44
CA ALA I 202 -47.87 16.81 19.56
C ALA I 202 -48.60 15.57 20.05
N VAL I 203 -49.34 14.93 19.17
CA VAL I 203 -50.10 13.75 19.53
C VAL I 203 -49.82 12.69 18.47
N ASP I 204 -49.82 11.43 18.90
CA ASP I 204 -49.63 10.34 17.95
C ASP I 204 -50.90 10.16 17.13
N VAL I 205 -50.74 10.03 15.83
CA VAL I 205 -51.91 9.76 15.00
C VAL I 205 -52.32 8.30 15.23
N PRO I 206 -53.58 8.01 15.56
CA PRO I 206 -53.93 6.62 15.86
C PRO I 206 -53.80 5.75 14.62
N GLU I 207 -53.59 4.45 14.86
CA GLU I 207 -53.38 3.50 13.77
C GLU I 207 -54.53 3.54 12.78
N SER I 208 -55.78 3.57 13.28
CA SER I 208 -56.94 3.38 12.41
C SER I 208 -57.03 4.45 11.31
N ARG I 209 -56.67 5.71 11.61
CA ARG I 209 -56.75 6.73 10.57
C ARG I 209 -55.73 6.47 9.47
N ILE I 210 -54.53 6.00 9.86
CA ILE I 210 -53.50 5.73 8.88
C ILE I 210 -53.88 4.53 8.03
N ALA I 211 -54.47 3.49 8.65
CA ALA I 211 -54.91 2.34 7.87
C ALA I 211 -55.97 2.73 6.84
N GLU I 212 -56.99 3.49 7.24
CA GLU I 212 -58.00 3.86 6.25
C GLU I 212 -57.39 4.71 5.13
N LEU I 213 -56.45 5.63 5.46
CA LEU I 213 -55.78 6.35 4.37
C LEU I 213 -55.01 5.40 3.47
N ALA I 214 -54.33 4.41 4.05
CA ALA I 214 -53.60 3.44 3.25
C ALA I 214 -54.53 2.74 2.29
N ARG I 215 -55.60 2.12 2.79
CA ARG I 215 -56.54 1.43 1.91
C ARG I 215 -57.12 2.38 0.87
N ALA I 216 -57.25 3.67 1.20
CA ALA I 216 -57.73 4.64 0.21
C ALA I 216 -56.75 4.74 -0.95
N ILE I 217 -55.45 4.82 -0.66
CA ILE I 217 -54.45 4.88 -1.73
C ILE I 217 -54.39 3.55 -2.49
N ILE I 218 -54.34 2.44 -1.77
CA ILE I 218 -54.28 1.13 -2.40
C ILE I 218 -55.49 0.93 -3.30
N GLU I 219 -56.64 1.47 -2.92
CA GLU I 219 -57.81 1.41 -3.79
C GLU I 219 -57.61 2.27 -5.02
N SER I 220 -57.15 3.50 -4.82
CA SER I 220 -57.01 4.44 -5.92
C SER I 220 -55.97 4.00 -6.95
N ARG I 221 -55.01 3.16 -6.58
CA ARG I 221 -53.98 2.71 -7.51
C ARG I 221 -54.35 1.41 -8.22
N SER I 222 -55.48 0.78 -7.86
CA SER I 222 -55.99 -0.40 -8.58
C SER I 222 -56.88 -0.06 -9.76
N THR J 1 -23.21 -21.67 16.26
CA THR J 1 -24.10 -21.41 17.39
C THR J 1 -25.54 -21.10 16.97
N THR J 2 -26.51 -21.64 17.70
CA THR J 2 -27.89 -21.17 17.54
C THR J 2 -28.57 -21.11 18.91
N ILE J 3 -29.17 -19.96 19.20
CA ILE J 3 -29.94 -19.74 20.42
C ILE J 3 -31.35 -19.38 19.98
N VAL J 4 -32.36 -20.09 20.51
CA VAL J 4 -33.75 -19.75 20.22
C VAL J 4 -34.45 -19.32 21.50
N ALA J 5 -35.45 -18.46 21.34
CA ALA J 5 -36.33 -18.06 22.43
C ALA J 5 -37.71 -17.87 21.85
N LEU J 6 -38.73 -18.35 22.58
CA LEU J 6 -40.11 -18.22 22.11
C LEU J 6 -41.05 -18.06 23.30
N LYS J 7 -42.17 -17.34 23.04
CA LYS J 7 -43.25 -17.08 23.99
C LYS J 7 -44.33 -18.17 23.94
N TYR J 8 -44.75 -18.61 25.11
CA TYR J 8 -45.91 -19.47 25.23
C TYR J 8 -46.87 -18.85 26.22
N PRO J 9 -48.11 -19.30 26.25
CA PRO J 9 -49.07 -18.72 27.19
C PRO J 9 -48.55 -18.73 28.61
N GLY J 10 -48.17 -17.55 29.10
CA GLY J 10 -47.73 -17.40 30.48
C GLY J 10 -46.26 -17.55 30.75
N GLY J 11 -45.41 -17.64 29.72
CA GLY J 11 -43.99 -17.78 29.96
C GLY J 11 -43.17 -17.67 28.68
N VAL J 12 -41.88 -17.97 28.81
CA VAL J 12 -40.94 -17.96 27.70
C VAL J 12 -39.98 -19.12 27.86
N VAL J 13 -39.44 -19.60 26.74
CA VAL J 13 -38.45 -20.66 26.73
C VAL J 13 -37.26 -20.21 25.90
N MET J 14 -36.06 -20.55 26.35
CA MET J 14 -34.85 -20.28 25.62
C MET J 14 -33.98 -21.52 25.64
N ALA J 15 -33.41 -21.86 24.50
CA ALA J 15 -32.57 -23.04 24.39
C ALA J 15 -31.42 -22.73 23.45
N GLY J 16 -30.28 -23.39 23.70
CA GLY J 16 -29.09 -23.16 22.90
C GLY J 16 -28.32 -24.45 22.73
N ASP J 17 -27.55 -24.51 21.65
CA ASP J 17 -26.73 -25.66 21.31
C ASP J 17 -25.45 -25.68 22.14
N ARG J 18 -24.67 -26.74 21.97
CA ARG J 18 -23.54 -27.05 22.85
C ARG J 18 -22.20 -27.10 22.12
N ARG J 19 -22.14 -26.66 20.87
CA ARG J 19 -20.95 -26.83 20.06
C ARG J 19 -20.05 -25.59 20.13
N SER J 20 -18.76 -25.83 20.31
CA SER J 20 -17.73 -24.80 20.31
C SER J 20 -16.72 -25.11 19.21
N THR J 21 -16.42 -24.09 18.39
CA THR J 21 -15.58 -24.30 17.23
C THR J 21 -14.42 -23.31 17.17
N GLN J 22 -13.38 -23.74 16.43
CA GLN J 22 -12.26 -22.90 16.01
C GLN J 22 -12.13 -23.16 14.52
N GLY J 23 -12.75 -22.31 13.71
CA GLY J 23 -12.75 -22.56 12.29
C GLY J 23 -13.55 -23.80 12.04
N ASN J 24 -12.94 -24.76 11.36
CA ASN J 24 -13.61 -26.03 11.12
C ASN J 24 -13.43 -27.03 12.26
N MET J 25 -12.58 -26.75 13.22
CA MET J 25 -12.32 -27.70 14.28
C MET J 25 -13.31 -27.58 15.43
N ILE J 26 -13.81 -28.72 15.89
CA ILE J 26 -14.72 -28.77 17.02
C ILE J 26 -13.84 -28.76 18.27
N SER J 27 -13.88 -27.68 19.02
CA SER J 27 -13.10 -27.55 20.24
C SER J 27 -13.96 -27.72 21.48
N GLY J 28 -15.26 -27.89 21.36
CA GLY J 28 -16.07 -28.11 22.54
C GLY J 28 -17.41 -28.68 22.17
N ARG J 29 -17.96 -29.50 23.05
CA ARG J 29 -19.23 -30.13 22.70
C ARG J 29 -20.25 -30.10 23.83
N ASP J 30 -19.88 -29.63 25.02
CA ASP J 30 -20.71 -29.62 26.22
C ASP J 30 -20.90 -28.18 26.71
N VAL J 31 -20.58 -27.24 25.83
CA VAL J 31 -20.60 -25.82 26.11
C VAL J 31 -22.01 -25.35 26.46
N ARG J 32 -22.07 -24.39 27.38
CA ARG J 32 -23.32 -23.76 27.76
C ARG J 32 -23.37 -22.33 27.23
N LYS J 33 -24.47 -21.97 26.58
CA LYS J 33 -24.60 -20.65 26.03
C LYS J 33 -25.80 -19.91 26.60
N VAL J 34 -26.61 -20.56 27.43
CA VAL J 34 -27.81 -19.96 27.99
C VAL J 34 -27.67 -19.95 29.51
N TYR J 35 -27.82 -18.77 30.11
CA TYR J 35 -27.57 -18.54 31.53
C TYR J 35 -28.77 -17.89 32.17
N ILE J 36 -29.03 -18.28 33.42
CA ILE J 36 -30.01 -17.56 34.24
C ILE J 36 -29.33 -16.28 34.72
N THR J 37 -29.78 -15.11 34.25
CA THR J 37 -29.11 -13.90 34.72
C THR J 37 -29.80 -13.30 35.95
N ASP J 38 -31.11 -13.55 36.17
CA ASP J 38 -31.78 -13.17 37.42
C ASP J 38 -33.06 -13.99 37.53
N ASP J 39 -33.77 -13.82 38.65
CA ASP J 39 -34.92 -14.69 38.94
C ASP J 39 -35.92 -14.79 37.79
N TYR J 40 -35.99 -13.77 36.94
CA TYR J 40 -36.94 -13.81 35.82
C TYR J 40 -36.28 -13.57 34.47
N THR J 41 -34.96 -13.70 34.34
CA THR J 41 -34.30 -13.41 33.07
C THR J 41 -33.20 -14.43 32.76
N ALA J 42 -33.14 -14.79 31.46
CA ALA J 42 -32.09 -15.62 30.88
C ALA J 42 -31.50 -14.91 29.67
N THR J 43 -30.19 -15.13 29.45
CA THR J 43 -29.47 -14.57 28.31
C THR J 43 -28.73 -15.68 27.59
N GLY J 44 -28.84 -15.73 26.26
CA GLY J 44 -28.00 -16.59 25.43
C GLY J 44 -27.16 -15.71 24.53
N ILE J 45 -25.88 -16.07 24.36
CA ILE J 45 -24.98 -15.23 23.56
C ILE J 45 -24.29 -16.09 22.51
N ALA J 46 -24.09 -15.50 21.33
CA ALA J 46 -23.37 -16.12 20.22
C ALA J 46 -22.13 -15.31 19.92
N GLY J 47 -21.10 -15.96 19.40
CA GLY J 47 -19.91 -15.24 19.02
C GLY J 47 -18.69 -15.77 19.75
N THR J 48 -17.75 -14.88 20.00
CA THR J 48 -16.52 -15.23 20.68
C THR J 48 -16.79 -15.68 22.09
N ALA J 49 -16.34 -16.89 22.41
CA ALA J 49 -16.67 -17.52 23.68
C ALA J 49 -16.19 -16.66 24.85
N ALA J 50 -14.95 -16.17 24.80
CA ALA J 50 -14.43 -15.32 25.88
C ALA J 50 -15.37 -14.15 26.14
N VAL J 51 -15.75 -13.45 25.06
CA VAL J 51 -16.61 -12.28 25.18
C VAL J 51 -18.05 -12.67 25.54
N ALA J 52 -18.56 -13.79 25.02
CA ALA J 52 -19.93 -14.20 25.34
C ALA J 52 -20.09 -14.49 26.84
N VAL J 53 -19.17 -15.29 27.38
CA VAL J 53 -19.17 -15.63 28.80
C VAL J 53 -18.91 -14.39 29.67
N GLU J 54 -17.98 -13.51 29.24
CA GLU J 54 -17.76 -12.27 29.98
C GLU J 54 -19.05 -11.45 30.04
N PHE J 55 -19.75 -11.32 28.92
CA PHE J 55 -21.03 -10.59 28.90
C PHE J 55 -22.00 -11.16 29.90
N ALA J 56 -22.29 -12.48 29.80
CA ALA J 56 -23.28 -13.06 30.67
C ALA J 56 -22.94 -12.85 32.14
N ARG J 57 -21.67 -13.11 32.50
CA ARG J 57 -21.27 -13.00 33.90
C ARG J 57 -21.39 -11.57 34.41
N LEU J 58 -20.81 -10.63 33.66
CA LEU J 58 -20.81 -9.23 34.09
C LEU J 58 -22.22 -8.66 34.15
N TYR J 59 -23.08 -9.06 33.22
CA TYR J 59 -24.48 -8.61 33.18
C TYR J 59 -25.25 -9.07 34.41
N ALA J 60 -25.11 -10.36 34.75
CA ALA J 60 -25.73 -10.87 35.97
C ALA J 60 -25.22 -10.10 37.19
N VAL J 61 -23.90 -9.90 37.26
CA VAL J 61 -23.37 -9.16 38.40
C VAL J 61 -23.98 -7.78 38.42
N GLU J 62 -24.12 -7.15 37.26
CA GLU J 62 -24.63 -5.79 37.21
C GLU J 62 -26.06 -5.71 37.76
N LEU J 63 -26.92 -6.65 37.35
CA LEU J 63 -28.32 -6.63 37.80
C LEU J 63 -28.43 -6.85 39.31
N GLU J 64 -27.72 -7.85 39.86
CA GLU J 64 -27.82 -8.08 41.30
C GLU J 64 -27.24 -6.88 42.07
N HIS J 65 -26.16 -6.29 41.56
CA HIS J 65 -25.57 -5.09 42.15
C HIS J 65 -26.62 -3.99 42.30
N TYR J 66 -27.30 -3.66 41.20
CA TYR J 66 -28.36 -2.67 41.30
C TYR J 66 -29.40 -3.09 42.33
N GLU J 67 -29.77 -4.36 42.31
CA GLU J 67 -30.85 -4.78 43.17
C GLU J 67 -30.50 -4.59 44.64
N LYS J 68 -29.28 -4.93 45.04
CA LYS J 68 -28.90 -4.78 46.43
C LYS J 68 -28.70 -3.32 46.80
N LEU J 69 -28.19 -2.51 45.87
CA LEU J 69 -27.93 -1.12 46.20
C LEU J 69 -29.24 -0.36 46.37
N GLU J 70 -30.24 -0.66 45.54
CA GLU J 70 -31.45 0.17 45.50
C GLU J 70 -32.69 -0.56 46.02
N GLY J 71 -32.53 -1.77 46.54
CA GLY J 71 -33.57 -2.51 47.20
C GLY J 71 -34.66 -3.08 46.31
N VAL J 72 -34.63 -2.81 45.02
CA VAL J 72 -35.67 -3.28 44.11
C VAL J 72 -34.97 -3.61 42.80
N PRO J 73 -35.35 -4.65 42.06
CA PRO J 73 -34.69 -4.93 40.79
C PRO J 73 -35.01 -3.89 39.72
N LEU J 74 -34.15 -3.87 38.71
CA LEU J 74 -34.38 -2.98 37.58
C LEU J 74 -35.65 -3.37 36.85
N THR J 75 -36.36 -2.36 36.34
CA THR J 75 -37.40 -2.61 35.36
C THR J 75 -36.80 -3.26 34.11
N PHE J 76 -37.64 -3.98 33.37
CA PHE J 76 -37.17 -4.73 32.22
C PHE J 76 -36.53 -3.81 31.19
N ALA J 77 -37.10 -2.61 31.00
CA ALA J 77 -36.47 -1.62 30.11
C ALA J 77 -35.06 -1.31 30.55
N GLY J 78 -34.84 -1.15 31.85
CA GLY J 78 -33.49 -0.91 32.34
C GLY J 78 -32.54 -2.05 32.03
N LYS J 79 -33.03 -3.30 32.13
CA LYS J 79 -32.21 -4.46 31.79
C LYS J 79 -31.83 -4.46 30.31
N ILE J 80 -32.80 -4.17 29.43
CA ILE J 80 -32.51 -4.09 28.00
C ILE J 80 -31.49 -3.00 27.75
N ASN J 81 -31.70 -1.84 28.38
CA ASN J 81 -30.81 -0.72 28.11
C ASN J 81 -29.38 -1.00 28.60
N ARG J 82 -29.21 -1.65 29.76
CA ARG J 82 -27.83 -1.92 30.18
C ARG J 82 -27.19 -2.95 29.26
N LEU J 83 -27.92 -3.98 28.85
CA LEU J 83 -27.32 -4.94 27.91
C LEU J 83 -26.94 -4.25 26.61
N ALA J 84 -27.83 -3.40 26.08
CA ALA J 84 -27.53 -2.64 24.88
C ALA J 84 -26.28 -1.76 25.06
N ILE J 85 -26.18 -1.04 26.18
CA ILE J 85 -25.00 -0.22 26.40
C ILE J 85 -23.75 -1.09 26.41
N MET J 86 -23.86 -2.30 26.97
CA MET J 86 -22.73 -3.22 27.04
C MET J 86 -22.27 -3.65 25.63
N VAL J 87 -23.20 -4.03 24.77
CA VAL J 87 -22.84 -4.41 23.41
C VAL J 87 -22.17 -3.21 22.72
N ARG J 88 -22.82 -2.05 22.72
CA ARG J 88 -22.19 -0.90 22.08
C ARG J 88 -20.82 -0.64 22.67
N GLY J 89 -20.61 -0.96 23.93
CA GLY J 89 -19.31 -0.75 24.54
C GLY J 89 -18.28 -1.68 23.94
N ASN J 90 -18.72 -2.87 23.55
CA ASN J 90 -17.85 -3.86 22.97
C ASN J 90 -17.69 -3.71 21.46
N LEU J 91 -18.31 -2.67 20.87
CA LEU J 91 -18.31 -2.56 19.42
C LEU J 91 -16.90 -2.47 18.84
N ALA J 92 -16.02 -1.68 19.46
CA ALA J 92 -14.69 -1.54 18.88
C ALA J 92 -13.98 -2.90 18.84
N ALA J 93 -13.97 -3.62 19.98
CA ALA J 93 -13.35 -4.94 19.99
C ALA J 93 -14.04 -5.89 19.00
N ALA J 94 -15.37 -5.79 18.88
CA ALA J 94 -16.09 -6.64 17.93
C ALA J 94 -15.59 -6.43 16.50
N MET J 95 -15.23 -5.18 16.17
CA MET J 95 -14.73 -4.90 14.83
C MET J 95 -13.45 -5.66 14.55
N GLN J 96 -12.51 -5.67 15.49
CA GLN J 96 -11.32 -6.50 15.39
C GLN J 96 -11.58 -7.98 15.71
N GLY J 97 -12.80 -8.51 15.60
CA GLY J 97 -13.05 -9.94 15.61
C GLY J 97 -13.61 -10.53 16.89
N LEU J 98 -13.65 -9.77 17.98
CA LEU J 98 -14.15 -10.26 19.28
C LEU J 98 -15.62 -9.89 19.44
N LEU J 99 -16.45 -10.47 18.57
CA LEU J 99 -17.87 -10.16 18.50
C LEU J 99 -18.68 -11.04 19.45
N ALA J 100 -19.70 -10.45 20.10
CA ALA J 100 -20.64 -11.21 20.94
C ALA J 100 -22.03 -10.61 20.82
N LEU J 101 -22.98 -11.40 20.32
CA LEU J 101 -24.35 -10.98 20.09
C LEU J 101 -25.30 -11.64 21.08
N PRO J 102 -26.04 -10.85 21.92
CA PRO J 102 -26.95 -11.48 22.89
C PRO J 102 -28.40 -11.60 22.44
N LEU J 103 -29.10 -12.52 23.06
CA LEU J 103 -30.54 -12.68 22.97
C LEU J 103 -31.07 -12.80 24.39
N LEU J 104 -32.07 -11.99 24.72
CA LEU J 104 -32.56 -11.87 26.08
C LEU J 104 -34.00 -12.37 26.16
N ALA J 105 -34.29 -13.19 27.16
CA ALA J 105 -35.63 -13.70 27.37
C ALA J 105 -36.01 -13.48 28.82
N GLY J 106 -37.19 -12.92 29.05
CA GLY J 106 -37.56 -12.66 30.42
C GLY J 106 -39.07 -12.65 30.62
N TYR J 107 -39.45 -12.63 31.89
CA TYR J 107 -40.85 -12.52 32.32
C TYR J 107 -40.94 -11.26 33.17
N ASP J 108 -41.72 -10.29 32.71
CA ASP J 108 -41.81 -8.98 33.35
C ASP J 108 -42.85 -9.03 34.47
N ILE J 109 -42.39 -8.96 35.73
CA ILE J 109 -43.34 -9.06 36.83
C ILE J 109 -44.19 -7.80 36.91
N HIS J 110 -43.60 -6.62 36.61
CA HIS J 110 -44.34 -5.36 36.58
C HIS J 110 -45.14 -5.16 35.29
N ALA J 111 -45.36 -6.20 34.50
CA ALA J 111 -46.19 -6.08 33.31
C ALA J 111 -47.66 -6.10 33.68
N SER J 112 -48.47 -5.49 32.82
CA SER J 112 -49.91 -5.38 33.08
C SER J 112 -50.63 -6.73 32.95
N ASP J 113 -50.38 -7.45 31.84
CA ASP J 113 -51.08 -8.68 31.51
C ASP J 113 -50.22 -9.86 31.93
N PRO J 114 -50.64 -10.71 32.88
CA PRO J 114 -49.77 -11.80 33.36
C PRO J 114 -49.36 -12.82 32.30
N GLN J 115 -50.22 -13.11 31.33
CA GLN J 115 -49.84 -14.09 30.33
C GLN J 115 -49.28 -13.45 29.07
N SER J 116 -49.25 -12.13 28.99
CA SER J 116 -48.40 -11.43 28.03
C SER J 116 -47.19 -10.80 28.72
N ALA J 117 -46.77 -11.37 29.86
CA ALA J 117 -45.60 -10.88 30.56
C ALA J 117 -44.31 -11.42 29.96
N GLY J 118 -44.40 -12.32 28.99
CA GLY J 118 -43.22 -12.80 28.32
C GLY J 118 -42.57 -11.73 27.46
N ARG J 119 -41.24 -11.77 27.42
CA ARG J 119 -40.42 -10.80 26.70
C ARG J 119 -39.29 -11.51 25.98
N ILE J 120 -39.09 -11.11 24.73
CA ILE J 120 -37.97 -11.57 23.92
C ILE J 120 -37.33 -10.38 23.24
N VAL J 121 -36.04 -10.18 23.47
CA VAL J 121 -35.31 -9.05 22.92
C VAL J 121 -34.08 -9.58 22.20
N SER J 122 -33.92 -9.15 20.94
CA SER J 122 -32.74 -9.45 20.17
C SER J 122 -31.96 -8.16 19.95
N PHE J 123 -30.67 -8.30 19.65
CA PHE J 123 -29.75 -7.16 19.52
C PHE J 123 -28.93 -7.23 18.23
N ASP J 124 -28.33 -6.11 17.87
CA ASP J 124 -27.35 -6.08 16.79
C ASP J 124 -26.01 -5.64 17.37
N ALA J 125 -24.96 -5.71 16.53
CA ALA J 125 -23.60 -5.52 17.02
C ALA J 125 -23.36 -4.13 17.61
N ALA J 126 -24.18 -3.15 17.25
CA ALA J 126 -24.11 -1.79 17.76
C ALA J 126 -24.89 -1.61 19.04
N GLY J 127 -25.57 -2.64 19.49
CA GLY J 127 -26.40 -2.57 20.65
C GLY J 127 -27.79 -2.07 20.36
N GLY J 128 -28.15 -1.91 19.08
CA GLY J 128 -29.53 -1.79 18.67
C GLY J 128 -30.37 -2.85 19.34
N TRP J 129 -31.59 -2.58 19.79
CA TRP J 129 -32.40 -3.65 20.37
C TRP J 129 -33.78 -3.70 19.72
N ASN J 130 -34.40 -4.87 19.82
CA ASN J 130 -35.75 -5.10 19.33
C ASN J 130 -36.49 -5.99 20.30
N ILE J 131 -37.61 -5.49 20.83
CA ILE J 131 -38.56 -6.29 21.60
C ILE J 131 -39.50 -6.94 20.59
N GLU J 132 -39.47 -8.26 20.54
CA GLU J 132 -40.12 -9.01 19.49
C GLU J 132 -41.59 -9.23 19.81
N GLU J 133 -42.46 -8.75 18.95
CA GLU J 133 -43.89 -8.90 19.17
C GLU J 133 -44.41 -10.22 18.63
N GLU J 134 -43.62 -10.93 17.83
CA GLU J 134 -44.13 -11.98 16.96
C GLU J 134 -43.89 -13.38 17.50
N GLY J 135 -43.37 -13.51 18.71
CA GLY J 135 -43.41 -14.74 19.46
C GLY J 135 -42.10 -15.48 19.57
N TYR J 136 -41.18 -15.31 18.60
CA TYR J 136 -39.93 -16.06 18.65
C TYR J 136 -38.81 -15.24 18.05
N GLN J 137 -37.60 -15.68 18.35
CA GLN J 137 -36.41 -15.04 17.83
C GLN J 137 -35.23 -16.00 18.02
N ALA J 138 -34.14 -15.73 17.28
CA ALA J 138 -32.94 -16.56 17.35
C ALA J 138 -31.72 -15.70 17.02
N VAL J 139 -30.55 -16.23 17.38
CA VAL J 139 -29.28 -15.57 17.10
C VAL J 139 -28.21 -16.63 16.87
N GLY J 140 -27.21 -16.30 16.05
CA GLY J 140 -26.10 -17.20 15.76
C GLY J 140 -26.08 -17.65 14.31
N SER J 141 -25.04 -18.42 13.98
CA SER J 141 -24.83 -18.83 12.59
C SER J 141 -25.97 -19.66 12.04
N GLY J 142 -26.76 -20.29 12.90
CA GLY J 142 -27.94 -21.03 12.51
C GLY J 142 -29.25 -20.30 12.73
N SER J 143 -29.22 -19.02 13.07
CA SER J 143 -30.44 -18.33 13.46
C SER J 143 -31.45 -18.27 12.33
N LEU J 144 -31.01 -18.19 11.06
CA LEU J 144 -31.98 -18.04 10.00
C LEU J 144 -32.72 -19.35 9.72
N PHE J 145 -32.02 -20.48 9.81
CA PHE J 145 -32.68 -21.78 9.70
C PHE J 145 -33.67 -22.00 10.84
N ALA J 146 -33.28 -21.64 12.06
CA ALA J 146 -34.17 -21.79 13.21
C ALA J 146 -35.39 -20.87 13.07
N LYS J 147 -35.18 -19.62 12.68
CA LYS J 147 -36.31 -18.71 12.58
C LYS J 147 -37.27 -19.19 11.50
N SER J 148 -36.75 -19.72 10.39
CA SER J 148 -37.65 -20.27 9.37
C SER J 148 -38.34 -21.55 9.83
N SER J 149 -37.69 -22.35 10.66
CA SER J 149 -38.37 -23.52 11.17
C SER J 149 -39.51 -23.11 12.10
N MET J 150 -39.23 -22.20 13.04
CA MET J 150 -40.26 -21.72 13.95
C MET J 150 -41.38 -20.99 13.21
N LYS J 151 -41.09 -20.33 12.09
CA LYS J 151 -42.15 -19.65 11.35
C LYS J 151 -43.24 -20.62 10.94
N LYS J 152 -42.89 -21.87 10.67
CA LYS J 152 -43.91 -22.83 10.33
C LYS J 152 -44.44 -23.54 11.56
N LEU J 153 -43.64 -23.68 12.62
CA LEU J 153 -44.08 -24.50 13.75
C LEU J 153 -44.72 -23.73 14.91
N TYR J 154 -44.75 -22.40 14.90
CA TYR J 154 -45.15 -21.69 16.10
C TYR J 154 -46.63 -21.83 16.39
N SER J 155 -47.45 -22.09 15.37
CA SER J 155 -48.86 -22.28 15.62
C SER J 155 -49.12 -23.47 16.54
N GLN J 156 -48.15 -24.35 16.75
CA GLN J 156 -48.40 -25.50 17.61
C GLN J 156 -48.12 -25.25 19.09
N VAL J 157 -47.73 -24.05 19.48
CA VAL J 157 -47.30 -23.80 20.86
C VAL J 157 -48.56 -23.42 21.65
N THR J 158 -48.94 -24.29 22.58
CA THR J 158 -50.13 -24.09 23.38
C THR J 158 -49.82 -24.08 24.87
N ASP J 159 -48.65 -24.55 25.27
CA ASP J 159 -48.26 -24.57 26.67
C ASP J 159 -46.73 -24.64 26.72
N GLY J 160 -46.19 -24.73 27.94
CA GLY J 160 -44.75 -24.77 28.09
C GLY J 160 -44.13 -25.99 27.40
N ASP J 161 -44.84 -27.11 27.39
CA ASP J 161 -44.26 -28.32 26.84
C ASP J 161 -44.15 -28.21 25.32
N SER J 162 -45.22 -27.78 24.66
CA SER J 162 -45.13 -27.60 23.21
C SER J 162 -44.12 -26.51 22.85
N GLY J 163 -44.09 -25.41 23.60
CA GLY J 163 -43.09 -24.39 23.31
C GLY J 163 -41.68 -24.94 23.41
N LEU J 164 -41.43 -25.74 24.45
CA LEU J 164 -40.12 -26.35 24.61
C LEU J 164 -39.79 -27.28 23.43
N ARG J 165 -40.80 -28.02 22.96
CA ARG J 165 -40.60 -28.92 21.83
C ARG J 165 -40.24 -28.15 20.56
N VAL J 166 -41.03 -27.13 20.20
CA VAL J 166 -40.68 -26.28 19.06
C VAL J 166 -39.28 -25.71 19.20
N ALA J 167 -38.92 -25.29 20.41
CA ALA J 167 -37.58 -24.76 20.63
C ALA J 167 -36.50 -25.80 20.26
N VAL J 168 -36.64 -27.02 20.80
CA VAL J 168 -35.66 -28.04 20.51
C VAL J 168 -35.64 -28.43 19.03
N GLU J 169 -36.80 -28.36 18.37
CA GLU J 169 -36.88 -28.72 16.96
C GLU J 169 -36.23 -27.66 16.08
N ALA J 170 -36.38 -26.39 16.44
CA ALA J 170 -35.68 -25.33 15.73
C ALA J 170 -34.17 -25.46 15.90
N LEU J 171 -33.71 -25.84 17.11
CA LEU J 171 -32.29 -26.15 17.25
C LEU J 171 -31.88 -27.33 16.39
N TYR J 172 -32.79 -28.29 16.18
CA TYR J 172 -32.47 -29.43 15.33
C TYR J 172 -32.31 -29.01 13.87
N ASP J 173 -33.23 -28.20 13.37
CA ASP J 173 -33.13 -27.71 11.99
C ASP J 173 -31.90 -26.82 11.79
N ALA J 174 -31.57 -26.02 12.82
CA ALA J 174 -30.36 -25.20 12.78
C ALA J 174 -29.12 -26.06 12.60
N ALA J 175 -28.92 -27.03 13.50
CA ALA J 175 -27.74 -27.89 13.36
C ALA J 175 -27.80 -28.74 12.10
N ASP J 176 -29.00 -29.00 11.59
CA ASP J 176 -29.16 -29.80 10.38
C ASP J 176 -28.61 -29.06 9.17
N ASP J 177 -28.65 -27.73 9.16
CA ASP J 177 -28.12 -27.00 8.03
C ASP J 177 -26.86 -26.20 8.35
N ASP J 178 -26.42 -26.15 9.61
CA ASP J 178 -25.29 -25.32 10.02
C ASP J 178 -24.30 -26.16 10.83
N SER J 179 -23.07 -26.28 10.33
CA SER J 179 -22.09 -27.14 10.98
C SER J 179 -21.54 -26.52 12.26
N ALA J 180 -21.68 -25.21 12.44
CA ALA J 180 -21.25 -24.55 13.67
C ALA J 180 -22.26 -24.74 14.80
N THR J 181 -23.44 -25.24 14.49
CA THR J 181 -24.45 -25.54 15.49
C THR J 181 -24.48 -27.04 15.70
N GLY J 182 -24.41 -27.45 16.97
CA GLY J 182 -24.33 -28.86 17.30
C GLY J 182 -25.71 -29.46 17.49
N GLY J 183 -25.95 -30.59 16.81
CA GLY J 183 -27.18 -31.32 17.01
C GLY J 183 -27.10 -32.19 18.25
N PRO J 184 -28.17 -32.95 18.48
CA PRO J 184 -28.17 -33.88 19.62
C PRO J 184 -27.11 -34.94 19.44
N ASP J 185 -26.30 -35.12 20.47
CA ASP J 185 -25.23 -36.12 20.47
C ASP J 185 -25.76 -37.33 21.23
N LEU J 186 -26.22 -38.34 20.49
CA LEU J 186 -26.81 -39.48 21.18
C LEU J 186 -25.77 -40.48 21.67
N VAL J 187 -24.54 -40.45 21.17
CA VAL J 187 -23.54 -41.38 21.70
C VAL J 187 -23.09 -40.93 23.07
N ARG J 188 -22.83 -39.63 23.21
CA ARG J 188 -22.41 -39.00 24.45
C ARG J 188 -23.59 -38.51 25.29
N GLY J 189 -24.80 -38.50 24.75
CA GLY J 189 -25.92 -38.05 25.53
C GLY J 189 -25.87 -36.60 25.93
N ILE J 190 -25.43 -35.74 25.02
CA ILE J 190 -25.35 -34.29 25.23
C ILE J 190 -26.45 -33.64 24.40
N PHE J 191 -27.26 -32.80 25.05
CA PHE J 191 -28.41 -32.20 24.41
C PHE J 191 -28.41 -30.70 24.62
N PRO J 192 -29.20 -29.95 23.83
CA PRO J 192 -29.26 -28.50 24.03
C PRO J 192 -29.61 -28.17 25.48
N THR J 193 -29.21 -27.00 25.94
CA THR J 193 -29.64 -26.54 27.25
C THR J 193 -30.85 -25.63 27.09
N ALA J 194 -31.73 -25.65 28.09
CA ALA J 194 -32.91 -24.80 28.01
C ALA J 194 -33.27 -24.23 29.39
N VAL J 195 -33.83 -23.03 29.36
CA VAL J 195 -34.36 -22.32 30.51
C VAL J 195 -35.80 -21.97 30.21
N ILE J 196 -36.67 -22.17 31.18
CA ILE J 196 -38.07 -21.77 31.10
C ILE J 196 -38.34 -20.73 32.17
N ILE J 197 -39.15 -19.72 31.84
CA ILE J 197 -39.49 -18.66 32.78
C ILE J 197 -41.00 -18.40 32.74
N ASP J 198 -41.63 -18.41 33.93
CA ASP J 198 -43.04 -18.02 34.09
C ASP J 198 -43.12 -17.16 35.35
N ALA J 199 -44.34 -16.98 35.89
CA ALA J 199 -44.52 -16.15 37.08
C ALA J 199 -43.75 -16.65 38.28
N ASP J 200 -43.42 -17.94 38.33
CA ASP J 200 -42.66 -18.50 39.43
C ASP J 200 -41.16 -18.29 39.31
N GLY J 201 -40.69 -17.67 38.22
CA GLY J 201 -39.27 -17.40 38.02
C GLY J 201 -38.70 -18.17 36.85
N ALA J 202 -37.37 -18.18 36.76
CA ALA J 202 -36.61 -18.84 35.70
C ALA J 202 -35.98 -20.11 36.24
N VAL J 203 -36.23 -21.23 35.60
CA VAL J 203 -35.62 -22.46 36.07
C VAL J 203 -34.98 -23.17 34.87
N ASP J 204 -33.93 -23.93 35.17
CA ASP J 204 -33.28 -24.76 34.17
C ASP J 204 -34.14 -25.98 33.90
N VAL J 205 -34.28 -26.31 32.62
CA VAL J 205 -34.99 -27.52 32.20
C VAL J 205 -34.10 -28.74 32.47
N PRO J 206 -34.62 -29.80 33.07
CA PRO J 206 -33.78 -30.97 33.34
C PRO J 206 -33.27 -31.61 32.06
N GLU J 207 -32.07 -32.20 32.13
CA GLU J 207 -31.44 -32.80 30.96
C GLU J 207 -32.33 -33.89 30.35
N SER J 208 -32.96 -34.71 31.18
CA SER J 208 -33.73 -35.86 30.69
C SER J 208 -34.94 -35.45 29.86
N ARG J 209 -35.60 -34.35 30.24
CA ARG J 209 -36.77 -33.89 29.48
C ARG J 209 -36.37 -33.47 28.06
N ILE J 210 -35.27 -32.71 27.95
CA ILE J 210 -34.83 -32.31 26.62
C ILE J 210 -34.39 -33.55 25.84
N ALA J 211 -33.77 -34.50 26.51
CA ALA J 211 -33.36 -35.74 25.86
C ALA J 211 -34.56 -36.44 25.22
N GLU J 212 -35.66 -36.57 25.96
CA GLU J 212 -36.79 -37.30 25.38
C GLU J 212 -37.50 -36.52 24.30
N LEU J 213 -37.54 -35.18 24.37
CA LEU J 213 -38.09 -34.44 23.23
C LEU J 213 -37.18 -34.57 22.00
N ALA J 214 -35.85 -34.51 22.20
CA ALA J 214 -34.94 -34.71 21.07
C ALA J 214 -35.16 -36.07 20.43
N ARG J 215 -35.10 -37.16 21.22
CA ARG J 215 -35.40 -38.50 20.70
C ARG J 215 -36.75 -38.51 19.97
N ALA J 216 -37.73 -37.77 20.47
CA ALA J 216 -39.01 -37.70 19.77
C ALA J 216 -38.84 -37.11 18.36
N ILE J 217 -38.04 -36.05 18.23
CA ILE J 217 -37.83 -35.41 16.92
C ILE J 217 -37.06 -36.34 15.98
N ILE J 218 -35.93 -36.88 16.45
CA ILE J 218 -35.11 -37.76 15.64
C ILE J 218 -35.93 -38.93 15.13
N GLU J 219 -36.57 -39.65 16.05
CA GLU J 219 -37.47 -40.75 15.69
C GLU J 219 -38.48 -40.30 14.64
N SER J 220 -39.13 -39.18 14.88
CA SER J 220 -40.18 -38.73 13.99
C SER J 220 -39.69 -38.34 12.59
N ARG J 221 -38.40 -38.03 12.38
CA ARG J 221 -37.98 -37.70 11.02
C ARG J 221 -37.33 -38.87 10.28
N SER J 222 -37.04 -39.99 10.95
CA SER J 222 -36.50 -41.17 10.27
C SER J 222 -37.53 -42.14 9.65
N THR K 1 6.12 -27.24 20.50
CA THR K 1 5.84 -27.40 21.91
C THR K 1 4.60 -28.28 22.05
N THR K 2 4.61 -29.19 23.03
CA THR K 2 3.39 -29.91 23.41
C THR K 2 3.31 -30.09 24.92
N ILE K 3 2.16 -29.72 25.49
CA ILE K 3 1.83 -29.89 26.90
C ILE K 3 0.57 -30.72 26.99
N VAL K 4 0.61 -31.78 27.79
CA VAL K 4 -0.58 -32.59 28.03
C VAL K 4 -0.96 -32.56 29.51
N ALA K 5 -2.25 -32.77 29.74
CA ALA K 5 -2.81 -32.89 31.08
C ALA K 5 -3.90 -33.95 31.06
N LEU K 6 -3.93 -34.75 32.12
CA LEU K 6 -4.77 -35.92 32.22
C LEU K 6 -5.36 -36.06 33.61
N LYS K 7 -6.65 -36.42 33.67
CA LYS K 7 -7.30 -36.75 34.94
C LYS K 7 -7.19 -38.25 35.16
N TYR K 8 -6.81 -38.64 36.38
CA TYR K 8 -6.89 -40.02 36.81
C TYR K 8 -7.63 -40.05 38.14
N PRO K 9 -8.15 -41.24 38.55
CA PRO K 9 -8.86 -41.32 39.84
C PRO K 9 -8.03 -40.80 41.01
N GLY K 10 -8.42 -39.64 41.55
CA GLY K 10 -7.76 -39.05 42.69
C GLY K 10 -6.64 -38.08 42.40
N GLY K 11 -6.43 -37.69 41.14
CA GLY K 11 -5.41 -36.70 40.83
C GLY K 11 -5.41 -36.26 39.38
N VAL K 12 -4.39 -35.47 39.04
CA VAL K 12 -4.12 -35.01 37.69
C VAL K 12 -2.63 -35.09 37.43
N VAL K 13 -2.25 -35.25 36.17
CA VAL K 13 -0.85 -35.26 35.76
C VAL K 13 -0.71 -34.31 34.59
N MET K 14 0.40 -33.58 34.56
CA MET K 14 0.72 -32.68 33.47
C MET K 14 2.16 -32.96 33.05
N ALA K 15 2.41 -33.01 31.74
CA ALA K 15 3.75 -33.33 31.24
C ALA K 15 4.03 -32.48 30.03
N GLY K 16 5.30 -32.17 29.83
CA GLY K 16 5.70 -31.34 28.70
C GLY K 16 7.06 -31.72 28.16
N ASP K 17 7.25 -31.43 26.88
CA ASP K 17 8.49 -31.72 26.18
C ASP K 17 9.52 -30.64 26.49
N ARG K 18 10.75 -30.81 25.98
CA ARG K 18 11.87 -29.98 26.37
C ARG K 18 12.47 -29.16 25.23
N ARG K 19 11.81 -29.08 24.07
CA ARG K 19 12.42 -28.50 22.86
C ARG K 19 12.14 -27.02 22.68
N SER K 20 13.18 -26.26 22.37
CA SER K 20 13.09 -24.84 22.07
C SER K 20 13.55 -24.61 20.64
N THR K 21 12.76 -23.84 19.90
CA THR K 21 13.03 -23.58 18.49
C THR K 21 12.96 -22.08 18.16
N GLN K 22 13.72 -21.73 17.14
CA GLN K 22 13.67 -20.44 16.46
C GLN K 22 13.69 -20.80 14.98
N GLY K 23 12.52 -20.81 14.36
CA GLY K 23 12.39 -21.30 13.01
C GLY K 23 12.58 -22.81 12.99
N ASN K 24 13.45 -23.29 12.09
CA ASN K 24 13.76 -24.71 12.04
C ASN K 24 14.95 -25.12 12.90
N MET K 25 15.76 -24.19 13.40
CA MET K 25 16.88 -24.62 14.22
C MET K 25 16.43 -24.82 15.65
N ILE K 26 16.98 -25.85 16.25
CA ILE K 26 16.75 -26.16 17.64
C ILE K 26 17.70 -25.29 18.46
N SER K 27 17.12 -24.37 19.24
CA SER K 27 17.83 -23.48 20.14
C SER K 27 17.79 -23.96 21.58
N GLY K 28 17.14 -25.08 21.85
CA GLY K 28 17.24 -25.60 23.20
C GLY K 28 16.80 -27.03 23.30
N ARG K 29 17.51 -27.82 24.14
CA ARG K 29 17.28 -29.24 24.41
C ARG K 29 16.71 -29.50 25.80
N ASP K 30 16.91 -28.56 26.73
CA ASP K 30 16.77 -28.75 28.18
C ASP K 30 15.65 -27.89 28.77
N VAL K 31 14.83 -27.25 27.93
CA VAL K 31 13.86 -26.27 28.38
C VAL K 31 12.82 -26.88 29.32
N ARG K 32 12.33 -26.07 30.25
CA ARG K 32 11.30 -26.49 31.20
C ARG K 32 10.02 -25.66 30.96
N LYS K 33 8.91 -26.35 30.68
CA LYS K 33 7.70 -25.69 30.26
C LYS K 33 6.53 -25.92 31.20
N VAL K 34 6.72 -26.68 32.27
CA VAL K 34 5.67 -27.00 33.23
C VAL K 34 6.12 -26.54 34.61
N TYR K 35 5.27 -25.76 35.27
CA TYR K 35 5.64 -25.17 36.54
C TYR K 35 4.55 -25.43 37.57
N ILE K 36 4.98 -25.71 38.80
CA ILE K 36 4.08 -25.78 39.94
C ILE K 36 3.73 -24.35 40.37
N THR K 37 2.45 -24.01 40.28
CA THR K 37 2.04 -22.64 40.57
C THR K 37 1.59 -22.44 42.02
N ASP K 38 1.07 -23.47 42.65
CA ASP K 38 0.74 -23.35 44.06
C ASP K 38 0.61 -24.76 44.60
N ASP K 39 0.35 -24.88 45.88
CA ASP K 39 0.38 -26.20 46.51
C ASP K 39 -0.47 -27.24 45.77
N TYR K 40 -1.50 -26.82 45.06
CA TYR K 40 -2.36 -27.76 44.34
C TYR K 40 -2.49 -27.47 42.86
N THR K 41 -1.60 -26.68 42.27
CA THR K 41 -1.81 -26.37 40.87
C THR K 41 -0.51 -26.22 40.10
N ALA K 42 -0.52 -26.73 38.86
CA ALA K 42 0.57 -26.58 37.91
C ALA K 42 0.07 -26.03 36.58
N THR K 43 0.94 -25.28 35.90
CA THR K 43 0.63 -24.77 34.58
C THR K 43 1.74 -25.09 33.57
N GLY K 44 1.35 -25.49 32.37
CA GLY K 44 2.28 -25.59 31.25
C GLY K 44 1.90 -24.54 30.22
N ILE K 45 2.90 -23.91 29.61
CA ILE K 45 2.62 -22.85 28.64
C ILE K 45 3.30 -23.17 27.32
N ALA K 46 2.60 -22.88 26.24
CA ALA K 46 3.16 -23.02 24.91
C ALA K 46 3.20 -21.62 24.30
N GLY K 47 4.20 -21.41 23.43
CA GLY K 47 4.33 -20.17 22.68
C GLY K 47 5.70 -19.54 22.90
N THR K 48 5.74 -18.20 22.78
CA THR K 48 6.95 -17.43 22.98
C THR K 48 7.49 -17.60 24.39
N ALA K 49 8.78 -17.93 24.49
CA ALA K 49 9.37 -18.23 25.79
C ALA K 49 9.22 -17.07 26.77
N ALA K 50 9.55 -15.85 26.35
CA ALA K 50 9.49 -14.70 27.26
C ALA K 50 8.12 -14.61 27.91
N VAL K 51 7.07 -14.66 27.09
CA VAL K 51 5.72 -14.51 27.60
C VAL K 51 5.33 -15.72 28.45
N ALA K 52 5.79 -16.92 28.10
CA ALA K 52 5.43 -18.11 28.87
C ALA K 52 6.00 -18.05 30.28
N VAL K 53 7.29 -17.75 30.42
CA VAL K 53 7.87 -17.65 31.76
C VAL K 53 7.22 -16.49 32.51
N GLU K 54 6.95 -15.38 31.84
CA GLU K 54 6.32 -14.26 32.54
C GLU K 54 4.96 -14.65 33.10
N PHE K 55 4.16 -15.38 32.30
CA PHE K 55 2.89 -15.90 32.76
C PHE K 55 3.08 -16.79 33.98
N ALA K 56 4.00 -17.75 33.89
CA ALA K 56 4.17 -18.71 34.98
C ALA K 56 4.57 -18.01 36.28
N ARG K 57 5.56 -17.13 36.20
CA ARG K 57 6.04 -16.46 37.40
C ARG K 57 4.96 -15.57 38.01
N LEU K 58 4.37 -14.69 37.20
CA LEU K 58 3.40 -13.74 37.72
C LEU K 58 2.17 -14.46 38.25
N TYR K 59 1.75 -15.54 37.60
CA TYR K 59 0.58 -16.28 38.06
C TYR K 59 0.86 -16.96 39.41
N ALA K 60 2.01 -17.65 39.54
CA ALA K 60 2.36 -18.23 40.83
C ALA K 60 2.39 -17.17 41.94
N VAL K 61 3.02 -16.02 41.65
CA VAL K 61 3.03 -14.92 42.60
C VAL K 61 1.61 -14.45 42.93
N GLU K 62 0.75 -14.37 41.91
CA GLU K 62 -0.59 -13.84 42.15
C GLU K 62 -1.36 -14.73 43.11
N LEU K 63 -1.27 -16.04 42.88
CA LEU K 63 -1.96 -16.98 43.74
C LEU K 63 -1.44 -16.92 45.17
N GLU K 64 -0.11 -16.98 45.36
CA GLU K 64 0.40 -16.97 46.73
C GLU K 64 0.08 -15.64 47.43
N HIS K 65 0.18 -14.52 46.71
CA HIS K 65 -0.16 -13.20 47.24
C HIS K 65 -1.57 -13.18 47.82
N TYR K 66 -2.56 -13.65 47.04
CA TYR K 66 -3.91 -13.71 47.59
C TYR K 66 -3.97 -14.59 48.83
N GLU K 67 -3.32 -15.74 48.78
CA GLU K 67 -3.46 -16.66 49.91
C GLU K 67 -2.87 -16.07 51.19
N LYS K 68 -1.68 -15.45 51.12
CA LYS K 68 -1.08 -14.84 52.31
C LYS K 68 -1.85 -13.62 52.77
N LEU K 69 -2.45 -12.87 51.85
CA LEU K 69 -3.21 -11.71 52.24
C LEU K 69 -4.49 -12.11 52.96
N GLU K 70 -5.15 -13.19 52.52
CA GLU K 70 -6.50 -13.46 53.02
C GLU K 70 -6.57 -14.70 53.90
N GLY K 71 -5.43 -15.32 54.21
CA GLY K 71 -5.44 -16.44 55.13
C GLY K 71 -6.03 -17.72 54.56
N VAL K 72 -6.54 -17.68 53.34
CA VAL K 72 -7.19 -18.81 52.68
C VAL K 72 -6.84 -18.80 51.20
N PRO K 73 -6.66 -19.94 50.53
CA PRO K 73 -6.40 -19.90 49.09
C PRO K 73 -7.64 -19.50 48.28
N LEU K 74 -7.38 -19.08 47.04
CA LEU K 74 -8.46 -18.82 46.10
C LEU K 74 -9.18 -20.11 45.77
N THR K 75 -10.48 -20.00 45.54
CA THR K 75 -11.25 -21.09 44.96
C THR K 75 -10.67 -21.45 43.60
N PHE K 76 -10.93 -22.69 43.15
CA PHE K 76 -10.35 -23.10 41.89
C PHE K 76 -10.86 -22.21 40.76
N ALA K 77 -12.15 -21.87 40.76
CA ALA K 77 -12.70 -20.96 39.76
C ALA K 77 -11.96 -19.64 39.77
N GLY K 78 -11.60 -19.15 40.97
CA GLY K 78 -10.86 -17.90 41.05
C GLY K 78 -9.52 -18.00 40.35
N LYS K 79 -8.84 -19.13 40.54
CA LYS K 79 -7.60 -19.35 39.83
C LYS K 79 -7.84 -19.32 38.33
N ILE K 80 -8.89 -20.02 37.85
CA ILE K 80 -9.21 -20.02 36.42
C ILE K 80 -9.45 -18.60 35.90
N ASN K 81 -10.26 -17.83 36.62
CA ASN K 81 -10.62 -16.51 36.11
C ASN K 81 -9.39 -15.60 36.04
N ARG K 82 -8.48 -15.71 37.02
CA ARG K 82 -7.30 -14.85 36.99
C ARG K 82 -6.33 -15.26 35.88
N LEU K 83 -6.19 -16.56 35.64
CA LEU K 83 -5.40 -16.98 34.50
C LEU K 83 -6.01 -16.48 33.17
N ALA K 84 -7.35 -16.55 33.05
CA ALA K 84 -8.04 -16.04 31.87
C ALA K 84 -7.78 -14.56 31.67
N ILE K 85 -7.90 -13.79 32.75
CA ILE K 85 -7.66 -12.36 32.66
C ILE K 85 -6.23 -12.10 32.24
N MET K 86 -5.28 -12.87 32.74
CA MET K 86 -3.90 -12.66 32.32
C MET K 86 -3.77 -12.85 30.80
N VAL K 87 -4.29 -13.97 30.27
CA VAL K 87 -4.21 -14.25 28.84
C VAL K 87 -4.80 -13.09 28.04
N ARG K 88 -6.05 -12.72 28.35
CA ARG K 88 -6.69 -11.63 27.60
C ARG K 88 -5.88 -10.35 27.70
N GLY K 89 -5.24 -10.10 28.86
CA GLY K 89 -4.37 -8.96 28.96
C GLY K 89 -3.24 -9.00 27.96
N ASN K 90 -2.74 -10.19 27.65
CA ASN K 90 -1.64 -10.31 26.69
C ASN K 90 -2.13 -10.36 25.26
N LEU K 91 -3.44 -10.23 25.04
CA LEU K 91 -3.97 -10.38 23.68
C LEU K 91 -3.38 -9.36 22.69
N ALA K 92 -3.20 -8.10 23.10
CA ALA K 92 -2.64 -7.11 22.19
C ALA K 92 -1.24 -7.52 21.75
N ALA K 93 -0.35 -7.86 22.71
CA ALA K 93 1.00 -8.32 22.38
C ALA K 93 0.96 -9.56 21.49
N ALA K 94 0.00 -10.45 21.76
CA ALA K 94 -0.12 -11.70 21.02
C ALA K 94 -0.42 -11.46 19.55
N MET K 95 -1.29 -10.49 19.23
CA MET K 95 -1.55 -10.21 17.82
C MET K 95 -0.34 -9.66 17.08
N GLN K 96 0.75 -9.33 17.78
CA GLN K 96 2.00 -8.85 17.20
C GLN K 96 3.12 -9.87 17.25
N GLY K 97 2.85 -11.08 17.72
CA GLY K 97 3.82 -12.15 17.67
C GLY K 97 4.20 -12.70 19.02
N LEU K 98 3.74 -12.07 20.09
CA LEU K 98 4.08 -12.51 21.45
C LEU K 98 2.93 -13.34 22.06
N LEU K 99 2.62 -14.45 21.40
CA LEU K 99 1.52 -15.33 21.80
C LEU K 99 1.97 -16.43 22.75
N ALA K 100 1.19 -16.64 23.81
CA ALA K 100 1.43 -17.73 24.76
C ALA K 100 0.10 -18.19 25.33
N LEU K 101 -0.19 -19.49 25.16
CA LEU K 101 -1.38 -20.17 25.68
C LEU K 101 -1.02 -21.07 26.83
N PRO K 102 -1.68 -20.91 27.95
CA PRO K 102 -1.48 -21.82 29.08
C PRO K 102 -2.47 -22.98 29.11
N LEU K 103 -2.07 -24.01 29.84
CA LEU K 103 -2.91 -25.14 30.22
C LEU K 103 -2.76 -25.29 31.72
N LEU K 104 -3.89 -25.42 32.40
CA LEU K 104 -3.97 -25.43 33.86
C LEU K 104 -4.40 -26.80 34.32
N ALA K 105 -3.67 -27.35 35.30
CA ALA K 105 -4.04 -28.63 35.93
C ALA K 105 -4.00 -28.46 37.43
N GLY K 106 -5.07 -28.89 38.11
CA GLY K 106 -5.15 -28.67 39.53
C GLY K 106 -5.97 -29.74 40.22
N TYR K 107 -5.94 -29.68 41.54
CA TYR K 107 -6.71 -30.54 42.43
C TYR K 107 -7.56 -29.65 43.33
N ASP K 108 -8.87 -29.79 43.25
CA ASP K 108 -9.77 -28.90 43.99
C ASP K 108 -9.99 -29.45 45.39
N ILE K 109 -9.38 -28.84 46.40
CA ILE K 109 -9.59 -29.30 47.78
C ILE K 109 -11.05 -29.16 48.22
N HIS K 110 -11.83 -28.26 47.60
CA HIS K 110 -13.24 -28.06 47.96
C HIS K 110 -14.21 -28.90 47.11
N ALA K 111 -13.72 -29.85 46.34
CA ALA K 111 -14.65 -30.73 45.65
C ALA K 111 -15.19 -31.76 46.64
N SER K 112 -16.35 -32.31 46.32
CA SER K 112 -17.01 -33.24 47.23
C SER K 112 -16.27 -34.58 47.28
N ASP K 113 -15.96 -35.15 46.12
CA ASP K 113 -15.39 -36.48 46.01
C ASP K 113 -13.88 -36.42 45.71
N PRO K 114 -12.96 -36.85 46.65
CA PRO K 114 -11.51 -36.70 46.40
C PRO K 114 -10.97 -37.46 45.20
N GLN K 115 -11.85 -38.01 44.38
CA GLN K 115 -11.44 -38.77 43.22
C GLN K 115 -11.85 -38.13 41.91
N SER K 116 -12.84 -37.24 41.93
CA SER K 116 -13.14 -36.38 40.80
C SER K 116 -12.75 -34.93 41.09
N ALA K 117 -11.76 -34.72 41.96
CA ALA K 117 -11.28 -33.39 42.32
C ALA K 117 -10.26 -32.84 41.33
N GLY K 118 -9.76 -33.68 40.42
CA GLY K 118 -8.85 -33.23 39.41
C GLY K 118 -9.53 -32.29 38.43
N ARG K 119 -8.76 -31.31 37.96
CA ARG K 119 -9.29 -30.28 37.09
C ARG K 119 -8.27 -30.02 36.00
N ILE K 120 -8.77 -29.91 34.77
CA ILE K 120 -7.96 -29.56 33.62
C ILE K 120 -8.69 -28.46 32.86
N VAL K 121 -8.03 -27.30 32.72
CA VAL K 121 -8.63 -26.13 32.11
C VAL K 121 -7.74 -25.70 30.95
N SER K 122 -8.34 -25.57 29.76
CA SER K 122 -7.61 -25.06 28.59
C SER K 122 -8.12 -23.66 28.29
N PHE K 123 -7.30 -22.89 27.58
CA PHE K 123 -7.57 -21.48 27.31
C PHE K 123 -7.45 -21.23 25.82
N ASP K 124 -7.98 -20.09 25.36
CA ASP K 124 -7.69 -19.65 24.01
C ASP K 124 -7.02 -18.29 24.08
N ALA K 125 -6.59 -17.80 22.91
CA ALA K 125 -5.81 -16.58 22.89
C ALA K 125 -6.59 -15.39 23.41
N ALA K 126 -7.92 -15.42 23.40
CA ALA K 126 -8.71 -14.32 23.93
C ALA K 126 -9.00 -14.48 25.41
N GLY K 127 -8.52 -15.57 26.01
CA GLY K 127 -8.69 -15.90 27.40
C GLY K 127 -9.95 -16.69 27.70
N GLY K 128 -10.72 -17.05 26.69
CA GLY K 128 -11.73 -18.08 26.81
C GLY K 128 -11.20 -19.28 27.57
N TRP K 129 -12.02 -19.91 28.41
CA TRP K 129 -11.56 -21.08 29.11
C TRP K 129 -12.57 -22.19 28.95
N ASN K 130 -12.08 -23.40 29.21
CA ASN K 130 -12.88 -24.61 29.20
C ASN K 130 -12.37 -25.54 30.29
N ILE K 131 -13.27 -25.91 31.20
CA ILE K 131 -12.99 -26.97 32.17
C ILE K 131 -13.29 -28.28 31.49
N GLU K 132 -12.26 -29.10 31.29
CA GLU K 132 -12.39 -30.26 30.43
C GLU K 132 -13.05 -31.41 31.18
N GLU K 133 -14.20 -31.87 30.67
CA GLU K 133 -14.92 -32.96 31.26
C GLU K 133 -14.50 -34.32 30.71
N GLU K 134 -13.69 -34.35 29.67
CA GLU K 134 -13.38 -35.59 29.00
C GLU K 134 -12.05 -36.22 29.42
N GLY K 135 -11.39 -35.69 30.44
CA GLY K 135 -10.29 -36.41 31.06
C GLY K 135 -8.91 -35.93 30.64
N TYR K 136 -8.79 -35.35 29.44
CA TYR K 136 -7.48 -34.92 28.99
C TYR K 136 -7.59 -33.67 28.13
N GLN K 137 -6.45 -33.01 27.95
CA GLN K 137 -6.38 -31.85 27.07
C GLN K 137 -4.91 -31.58 26.75
N ALA K 138 -4.68 -30.82 25.70
CA ALA K 138 -3.31 -30.53 25.31
C ALA K 138 -3.26 -29.13 24.71
N VAL K 139 -2.05 -28.60 24.62
CA VAL K 139 -1.82 -27.30 24.03
C VAL K 139 -0.45 -27.32 23.39
N GLY K 140 -0.28 -26.52 22.35
CA GLY K 140 0.99 -26.41 21.64
C GLY K 140 0.87 -26.89 20.20
N SER K 141 1.98 -26.78 19.49
CA SER K 141 1.93 -27.12 18.07
C SER K 141 1.65 -28.59 17.85
N GLY K 142 1.86 -29.44 18.86
CA GLY K 142 1.54 -30.85 18.76
C GLY K 142 0.28 -31.29 19.47
N SER K 143 -0.52 -30.35 19.99
CA SER K 143 -1.63 -30.74 20.83
C SER K 143 -2.64 -31.59 20.08
N LEU K 144 -2.81 -31.40 18.77
CA LEU K 144 -3.80 -32.23 18.08
C LEU K 144 -3.35 -33.69 17.93
N PHE K 145 -2.06 -33.92 17.67
CA PHE K 145 -1.54 -35.28 17.71
C PHE K 145 -1.67 -35.88 19.11
N ALA K 146 -1.32 -35.09 20.14
CA ALA K 146 -1.38 -35.57 21.52
C ALA K 146 -2.80 -35.93 21.93
N LYS K 147 -3.76 -35.07 21.59
CA LYS K 147 -5.16 -35.34 21.91
C LYS K 147 -5.68 -36.55 21.16
N SER K 148 -5.33 -36.68 19.87
CA SER K 148 -5.80 -37.86 19.12
C SER K 148 -5.16 -39.13 19.66
N SER K 149 -3.95 -39.02 20.19
CA SER K 149 -3.37 -40.18 20.85
C SER K 149 -4.13 -40.49 22.16
N MET K 150 -4.30 -39.50 23.03
CA MET K 150 -4.99 -39.78 24.30
C MET K 150 -6.41 -40.28 24.09
N LYS K 151 -7.05 -39.94 22.96
CA LYS K 151 -8.38 -40.45 22.70
C LYS K 151 -8.41 -41.98 22.63
N LYS K 152 -7.35 -42.60 22.10
CA LYS K 152 -7.26 -44.06 21.99
C LYS K 152 -6.60 -44.70 23.21
N LEU K 153 -5.72 -43.99 23.90
CA LEU K 153 -5.02 -44.58 25.03
C LEU K 153 -5.68 -44.27 26.36
N TYR K 154 -6.76 -43.46 26.37
CA TYR K 154 -7.22 -42.93 27.65
C TYR K 154 -7.87 -44.01 28.51
N SER K 155 -8.43 -45.05 27.89
CA SER K 155 -9.00 -46.17 28.63
C SER K 155 -7.97 -46.89 29.51
N GLN K 156 -6.67 -46.70 29.30
CA GLN K 156 -5.65 -47.36 30.11
C GLN K 156 -5.31 -46.58 31.37
N VAL K 157 -5.98 -45.47 31.62
CA VAL K 157 -5.63 -44.62 32.76
C VAL K 157 -6.34 -45.20 33.97
N THR K 158 -5.55 -45.65 34.96
CA THR K 158 -6.06 -46.27 36.17
C THR K 158 -5.64 -45.55 37.45
N ASP K 159 -4.47 -44.95 37.47
CA ASP K 159 -3.95 -44.27 38.64
C ASP K 159 -2.90 -43.30 38.14
N GLY K 160 -2.20 -42.67 39.06
CA GLY K 160 -1.16 -41.74 38.64
C GLY K 160 -0.11 -42.40 37.77
N ASP K 161 0.18 -43.68 38.02
CA ASP K 161 1.28 -44.34 37.31
C ASP K 161 0.91 -44.61 35.86
N SER K 162 -0.27 -45.20 35.63
CA SER K 162 -0.71 -45.40 34.25
C SER K 162 -0.99 -44.05 33.56
N GLY K 163 -1.54 -43.10 34.30
CA GLY K 163 -1.78 -41.78 33.73
C GLY K 163 -0.50 -41.11 33.28
N LEU K 164 0.55 -41.22 34.07
CA LEU K 164 1.85 -40.71 33.65
C LEU K 164 2.36 -41.46 32.41
N ARG K 165 2.07 -42.76 32.31
CA ARG K 165 2.54 -43.49 31.13
C ARG K 165 1.82 -43.02 29.87
N VAL K 166 0.52 -42.78 29.96
CA VAL K 166 -0.21 -42.21 28.85
C VAL K 166 0.23 -40.79 28.56
N ALA K 167 0.53 -40.02 29.61
CA ALA K 167 1.00 -38.66 29.38
C ALA K 167 2.25 -38.70 28.52
N VAL K 168 3.24 -39.49 28.95
CA VAL K 168 4.48 -39.60 28.19
C VAL K 168 4.28 -40.22 26.82
N GLU K 169 3.35 -41.16 26.67
CA GLU K 169 3.17 -41.69 25.34
C GLU K 169 2.53 -40.65 24.43
N ALA K 170 1.61 -39.85 24.97
CA ALA K 170 0.98 -38.80 24.18
C ALA K 170 2.01 -37.80 23.69
N LEU K 171 2.96 -37.44 24.55
CA LEU K 171 4.07 -36.59 24.14
C LEU K 171 4.92 -37.28 23.10
N TYR K 172 5.06 -38.60 23.20
CA TYR K 172 5.89 -39.32 22.25
C TYR K 172 5.29 -39.21 20.85
N ASP K 173 3.98 -39.39 20.74
CA ASP K 173 3.29 -39.26 19.46
C ASP K 173 3.34 -37.84 18.93
N ALA K 174 3.16 -36.86 19.81
CA ALA K 174 3.28 -35.47 19.37
C ALA K 174 4.64 -35.21 18.76
N ALA K 175 5.71 -35.60 19.46
CA ALA K 175 7.06 -35.39 18.91
C ALA K 175 7.28 -36.20 17.65
N ASP K 176 6.58 -37.32 17.51
CA ASP K 176 6.72 -38.18 16.34
C ASP K 176 6.18 -37.50 15.10
N ASP K 177 5.13 -36.67 15.24
CA ASP K 177 4.54 -36.01 14.06
C ASP K 177 4.76 -34.50 13.99
N ASP K 178 5.40 -33.89 14.99
CA ASP K 178 5.62 -32.44 15.03
C ASP K 178 7.08 -32.20 15.39
N SER K 179 7.82 -31.59 14.48
CA SER K 179 9.26 -31.41 14.70
C SER K 179 9.53 -30.36 15.75
N ALA K 180 8.57 -29.49 16.04
CA ALA K 180 8.76 -28.46 17.04
C ALA K 180 8.66 -28.98 18.47
N THR K 181 8.23 -30.24 18.62
CA THR K 181 8.12 -30.96 19.90
C THR K 181 9.28 -31.96 20.00
N GLY K 182 9.91 -32.02 21.17
CA GLY K 182 11.05 -32.90 21.37
C GLY K 182 10.67 -34.24 21.98
N GLY K 183 11.16 -35.33 21.38
CA GLY K 183 11.00 -36.62 21.98
C GLY K 183 12.06 -36.89 23.02
N PRO K 184 11.99 -38.10 23.61
CA PRO K 184 12.99 -38.50 24.60
C PRO K 184 14.36 -38.70 23.96
N ASP K 185 15.37 -38.03 24.51
CA ASP K 185 16.72 -38.14 23.98
C ASP K 185 17.47 -39.16 24.82
N LEU K 186 17.64 -40.37 24.28
CA LEU K 186 18.29 -41.40 25.07
C LEU K 186 19.80 -41.24 25.13
N VAL K 187 20.39 -40.45 24.25
CA VAL K 187 21.83 -40.22 24.31
C VAL K 187 22.20 -39.22 25.39
N ARG K 188 21.47 -38.13 25.52
CA ARG K 188 21.79 -37.11 26.52
C ARG K 188 21.06 -37.35 27.84
N GLY K 189 20.11 -38.27 27.88
CA GLY K 189 19.30 -38.55 29.06
C GLY K 189 18.33 -37.47 29.47
N ILE K 190 17.71 -36.81 28.49
CA ILE K 190 16.77 -35.71 28.72
C ILE K 190 15.37 -36.19 28.37
N PHE K 191 14.43 -36.00 29.29
CA PHE K 191 13.09 -36.50 29.10
C PHE K 191 12.06 -35.44 29.41
N PRO K 192 10.79 -35.64 29.02
CA PRO K 192 9.75 -34.67 29.38
C PRO K 192 9.73 -34.43 30.88
N THR K 193 9.27 -33.26 31.29
CA THR K 193 9.06 -33.06 32.72
C THR K 193 7.58 -33.31 33.01
N ALA K 194 7.29 -33.79 34.22
CA ALA K 194 5.90 -34.02 34.59
C ALA K 194 5.71 -33.63 36.05
N VAL K 195 4.51 -33.15 36.33
CA VAL K 195 4.04 -32.76 37.66
C VAL K 195 2.82 -33.60 37.93
N ILE K 196 2.75 -34.21 39.11
CA ILE K 196 1.58 -34.96 39.50
C ILE K 196 0.96 -34.30 40.73
N ILE K 197 -0.38 -34.23 40.77
CA ILE K 197 -1.10 -33.54 41.84
C ILE K 197 -2.21 -34.45 42.37
N ASP K 198 -2.18 -34.70 43.68
CA ASP K 198 -3.24 -35.44 44.38
C ASP K 198 -3.55 -34.68 45.67
N ALA K 199 -4.22 -35.37 46.61
CA ALA K 199 -4.65 -34.73 47.85
C ALA K 199 -3.47 -34.20 48.67
N ASP K 200 -2.27 -34.77 48.50
CA ASP K 200 -1.10 -34.29 49.23
C ASP K 200 -0.38 -33.13 48.55
N GLY K 201 -0.87 -32.68 47.40
CA GLY K 201 -0.31 -31.54 46.72
C GLY K 201 0.27 -31.91 45.38
N ALA K 202 1.05 -30.98 44.84
CA ALA K 202 1.68 -31.07 43.55
C ALA K 202 3.15 -31.35 43.77
N VAL K 203 3.66 -32.39 43.13
CA VAL K 203 5.07 -32.71 43.26
C VAL K 203 5.64 -32.92 41.86
N ASP K 204 6.93 -32.57 41.68
CA ASP K 204 7.61 -32.90 40.44
C ASP K 204 7.91 -34.38 40.42
N VAL K 205 7.60 -35.00 39.28
CA VAL K 205 7.91 -36.41 39.08
C VAL K 205 9.40 -36.56 38.79
N PRO K 206 10.11 -37.49 39.45
CA PRO K 206 11.56 -37.61 39.22
C PRO K 206 11.91 -38.00 37.78
N GLU K 207 13.01 -37.43 37.29
CA GLU K 207 13.51 -37.74 35.96
C GLU K 207 13.60 -39.24 35.69
N SER K 208 14.14 -40.02 36.63
CA SER K 208 14.43 -41.45 36.39
C SER K 208 13.18 -42.26 36.09
N ARG K 209 12.05 -41.86 36.64
CA ARG K 209 10.84 -42.63 36.43
C ARG K 209 10.22 -42.33 35.06
N ILE K 210 10.31 -41.07 34.63
CA ILE K 210 9.90 -40.75 33.26
C ILE K 210 10.84 -41.41 32.27
N ALA K 211 12.14 -41.43 32.57
CA ALA K 211 13.09 -42.10 31.71
C ALA K 211 12.74 -43.58 31.57
N GLU K 212 12.23 -44.17 32.65
CA GLU K 212 11.94 -45.61 32.64
C GLU K 212 10.67 -45.91 31.81
N LEU K 213 9.57 -45.16 32.02
CA LEU K 213 8.41 -45.30 31.12
C LEU K 213 8.74 -44.96 29.67
N ALA K 214 9.58 -43.94 29.45
CA ALA K 214 10.01 -43.61 28.09
C ALA K 214 10.65 -44.82 27.42
N ARG K 215 11.73 -45.35 28.03
CA ARG K 215 12.35 -46.53 27.44
C ARG K 215 11.35 -47.67 27.32
N ALA K 216 10.40 -47.76 28.24
CA ALA K 216 9.36 -48.80 28.13
C ALA K 216 8.53 -48.63 26.87
N ILE K 217 8.16 -47.38 26.54
CA ILE K 217 7.36 -47.10 25.35
C ILE K 217 8.16 -47.36 24.07
N ILE K 218 9.39 -46.85 24.02
CA ILE K 218 10.22 -47.06 22.84
C ILE K 218 10.37 -48.55 22.55
N GLU K 219 10.85 -49.30 23.55
CA GLU K 219 11.01 -50.75 23.37
C GLU K 219 9.69 -51.39 22.98
N SER K 220 8.59 -50.89 23.55
CA SER K 220 7.27 -51.38 23.18
C SER K 220 6.94 -51.18 21.70
N ARG K 221 7.53 -50.19 21.05
CA ARG K 221 7.23 -50.03 19.64
C ARG K 221 8.31 -50.62 18.73
N SER K 222 9.43 -51.05 19.28
CA SER K 222 10.41 -51.72 18.42
C SER K 222 10.19 -53.23 18.31
N GLY K 223 9.57 -53.84 19.32
CA GLY K 223 9.60 -55.29 19.49
C GLY K 223 10.89 -55.86 20.07
N THR L 1 30.15 -10.65 14.98
CA THR L 1 30.34 -10.99 16.37
C THR L 1 30.21 -12.46 16.65
N THR L 2 31.11 -13.00 17.47
CA THR L 2 30.92 -14.31 18.08
C THR L 2 31.41 -14.26 19.51
N ILE L 3 30.56 -14.69 20.43
CA ILE L 3 30.88 -14.81 21.84
C ILE L 3 30.63 -16.26 22.21
N VAL L 4 31.61 -16.90 22.85
CA VAL L 4 31.47 -18.28 23.34
C VAL L 4 31.60 -18.28 24.85
N ALA L 5 30.95 -19.26 25.48
CA ALA L 5 31.09 -19.50 26.91
C ALA L 5 31.00 -21.00 27.15
N LEU L 6 31.84 -21.50 28.07
CA LEU L 6 31.81 -22.92 28.39
C LEU L 6 32.15 -23.12 29.86
N LYS L 7 31.61 -24.19 30.44
CA LYS L 7 31.94 -24.59 31.80
C LYS L 7 33.15 -25.49 31.83
N TYR L 8 34.00 -25.29 32.84
CA TYR L 8 35.05 -26.24 33.14
C TYR L 8 34.91 -26.64 34.60
N PRO L 9 35.53 -27.77 35.00
CA PRO L 9 35.48 -28.19 36.42
C PRO L 9 35.98 -27.13 37.39
N GLY L 10 35.04 -26.51 38.11
CA GLY L 10 35.35 -25.48 39.08
C GLY L 10 35.36 -24.07 38.54
N GLY L 11 34.91 -23.86 37.31
CA GLY L 11 34.91 -22.54 36.74
C GLY L 11 34.16 -22.45 35.43
N VAL L 12 34.28 -21.28 34.80
CA VAL L 12 33.64 -20.98 33.54
C VAL L 12 34.59 -20.07 32.76
N VAL L 13 34.49 -20.12 31.43
CA VAL L 13 35.31 -19.29 30.55
C VAL L 13 34.36 -18.64 29.54
N MET L 14 34.65 -17.38 29.19
CA MET L 14 33.89 -16.66 28.17
C MET L 14 34.92 -15.91 27.31
N ALA L 15 34.72 -15.94 25.99
CA ALA L 15 35.65 -15.28 25.08
C ALA L 15 34.88 -14.67 23.92
N GLY L 16 35.38 -13.55 23.41
CA GLY L 16 34.72 -12.85 22.32
C GLY L 16 35.71 -12.18 21.41
N ASP L 17 35.32 -12.06 20.14
CA ASP L 17 36.18 -11.52 19.09
C ASP L 17 36.23 -9.99 19.20
N ARG L 18 37.04 -9.38 18.34
CA ARG L 18 37.39 -7.97 18.46
C ARG L 18 36.91 -7.15 17.27
N ARG L 19 36.10 -7.73 16.38
CA ARG L 19 35.79 -7.07 15.13
C ARG L 19 34.48 -6.32 15.20
N SER L 20 34.51 -5.08 14.74
CA SER L 20 33.37 -4.20 14.60
C SER L 20 33.16 -3.90 13.13
N THR L 21 31.93 -4.06 12.65
CA THR L 21 31.62 -3.86 11.25
C THR L 21 30.45 -2.91 11.08
N GLN L 22 30.38 -2.29 9.91
CA GLN L 22 29.24 -1.52 9.41
C GLN L 22 29.03 -2.06 8.01
N GLY L 23 28.13 -3.03 7.86
CA GLY L 23 27.96 -3.71 6.58
C GLY L 23 29.17 -4.55 6.27
N ASN L 24 29.80 -4.30 5.12
CA ASN L 24 31.03 -4.99 4.78
C ASN L 24 32.27 -4.27 5.29
N MET L 25 32.15 -3.03 5.74
CA MET L 25 33.32 -2.29 6.15
C MET L 25 33.72 -2.64 7.57
N ILE L 26 35.02 -2.79 7.79
CA ILE L 26 35.52 -2.99 9.14
C ILE L 26 35.71 -1.60 9.73
N SER L 27 34.94 -1.29 10.78
CA SER L 27 35.07 -0.05 11.53
C SER L 27 35.77 -0.26 12.87
N GLY L 28 36.15 -1.51 13.22
CA GLY L 28 36.93 -1.68 14.43
C GLY L 28 37.70 -2.99 14.52
N ARG L 29 38.95 -2.96 15.00
CA ARG L 29 39.71 -4.20 15.15
C ARG L 29 40.12 -4.52 16.59
N ASP L 30 40.01 -3.57 17.53
CA ASP L 30 40.46 -3.74 18.92
C ASP L 30 39.30 -3.75 19.90
N VAL L 31 38.08 -3.90 19.42
CA VAL L 31 36.87 -3.77 20.22
C VAL L 31 36.78 -4.78 21.37
N ARG L 32 36.06 -4.41 22.44
CA ARG L 32 35.81 -5.28 23.59
C ARG L 32 34.33 -5.65 23.65
N LYS L 33 34.04 -6.95 23.60
CA LYS L 33 32.67 -7.43 23.69
C LYS L 33 32.35 -8.26 24.93
N VAL L 34 33.33 -8.56 25.79
CA VAL L 34 33.07 -9.34 27.00
C VAL L 34 33.46 -8.50 28.20
N TYR L 35 32.54 -8.34 29.16
CA TYR L 35 32.76 -7.44 30.27
C TYR L 35 32.53 -8.14 31.58
N ILE L 36 33.44 -7.94 32.53
CA ILE L 36 33.22 -8.40 33.90
C ILE L 36 32.23 -7.43 34.52
N THR L 37 31.02 -7.92 34.77
CA THR L 37 29.93 -7.11 35.31
C THR L 37 29.76 -7.23 36.81
N ASP L 38 30.33 -8.28 37.39
CA ASP L 38 30.14 -8.59 38.80
C ASP L 38 31.35 -9.41 39.21
N ASP L 39 31.66 -9.44 40.49
CA ASP L 39 32.85 -10.18 40.92
C ASP L 39 32.77 -11.67 40.56
N TYR L 40 31.57 -12.22 40.32
CA TYR L 40 31.46 -13.62 39.91
C TYR L 40 30.69 -13.80 38.60
N THR L 41 30.51 -12.73 37.81
CA THR L 41 29.81 -12.86 36.55
C THR L 41 30.38 -11.90 35.50
N ALA L 42 30.42 -12.36 34.25
CA ALA L 42 30.74 -11.53 33.09
C ALA L 42 29.66 -11.74 32.03
N THR L 43 29.40 -10.69 31.25
CA THR L 43 28.44 -10.78 30.15
C THR L 43 29.13 -10.37 28.87
N GLY L 44 28.93 -11.17 27.82
CA GLY L 44 29.35 -10.80 26.48
C GLY L 44 28.09 -10.62 25.64
N ILE L 45 28.05 -9.52 24.86
CA ILE L 45 26.85 -9.10 24.15
C ILE L 45 27.11 -8.94 22.66
N ALA L 46 26.13 -9.33 21.84
CA ALA L 46 26.22 -9.16 20.40
C ALA L 46 25.14 -8.19 19.91
N GLY L 47 25.41 -7.55 18.76
CA GLY L 47 24.43 -6.68 18.15
C GLY L 47 24.98 -5.27 17.96
N THR L 48 24.08 -4.31 18.00
CA THR L 48 24.47 -2.93 17.85
C THR L 48 25.41 -2.54 18.98
N ALA L 49 26.55 -1.95 18.62
CA ALA L 49 27.59 -1.66 19.59
C ALA L 49 27.11 -0.73 20.69
N ALA L 50 26.42 0.36 20.32
CA ALA L 50 25.92 1.34 21.28
C ALA L 50 25.03 0.68 22.34
N VAL L 51 24.10 -0.15 21.90
CA VAL L 51 23.17 -0.83 22.80
C VAL L 51 23.87 -1.91 23.62
N ALA L 52 24.83 -2.62 23.04
CA ALA L 52 25.54 -3.67 23.78
C ALA L 52 26.36 -3.07 24.93
N VAL L 53 27.11 -2.00 24.65
CA VAL L 53 27.88 -1.34 25.71
C VAL L 53 26.94 -0.72 26.73
N GLU L 54 25.84 -0.13 26.28
CA GLU L 54 24.88 0.39 27.24
C GLU L 54 24.42 -0.72 28.18
N PHE L 55 24.08 -1.89 27.64
CA PHE L 55 23.61 -3.02 28.47
C PHE L 55 24.65 -3.41 29.50
N ALA L 56 25.89 -3.70 29.07
CA ALA L 56 26.90 -4.16 30.01
C ALA L 56 27.11 -3.14 31.10
N ARG L 57 27.22 -1.85 30.72
CA ARG L 57 27.46 -0.81 31.71
C ARG L 57 26.31 -0.68 32.70
N LEU L 58 25.09 -0.52 32.18
CA LEU L 58 23.94 -0.30 33.05
C LEU L 58 23.69 -1.50 33.94
N TYR L 59 23.84 -2.70 33.40
CA TYR L 59 23.60 -3.92 34.16
C TYR L 59 24.58 -4.03 35.32
N ALA L 60 25.88 -3.78 35.05
CA ALA L 60 26.87 -3.81 36.13
C ALA L 60 26.48 -2.84 37.25
N VAL L 61 26.13 -1.60 36.86
CA VAL L 61 25.66 -0.62 37.84
C VAL L 61 24.44 -1.13 38.59
N GLU L 62 23.52 -1.81 37.91
CA GLU L 62 22.37 -2.32 38.64
C GLU L 62 22.77 -3.33 39.70
N LEU L 63 23.66 -4.27 39.35
CA LEU L 63 24.05 -5.30 40.31
C LEU L 63 24.75 -4.69 41.52
N GLU L 64 25.72 -3.79 41.31
CA GLU L 64 26.41 -3.19 42.46
C GLU L 64 25.47 -2.28 43.25
N HIS L 65 24.56 -1.59 42.56
CA HIS L 65 23.53 -0.81 43.21
C HIS L 65 22.75 -1.64 44.23
N TYR L 66 22.21 -2.77 43.78
CA TYR L 66 21.49 -3.63 44.70
C TYR L 66 22.38 -4.02 45.86
N GLU L 67 23.64 -4.34 45.56
CA GLU L 67 24.54 -4.87 46.58
C GLU L 67 24.80 -3.84 47.66
N LYS L 68 25.02 -2.57 47.28
CA LYS L 68 25.26 -1.53 48.28
C LYS L 68 23.98 -1.18 49.04
N LEU L 69 22.82 -1.19 48.35
CA LEU L 69 21.60 -0.81 49.04
C LEU L 69 21.23 -1.85 50.09
N GLU L 70 21.39 -3.14 49.78
CA GLU L 70 20.87 -4.18 50.64
C GLU L 70 21.98 -4.98 51.32
N GLY L 71 23.25 -4.57 51.16
CA GLY L 71 24.35 -5.17 51.87
C GLY L 71 24.74 -6.56 51.44
N VAL L 72 24.06 -7.13 50.46
CA VAL L 72 24.32 -8.49 50.02
C VAL L 72 24.14 -8.51 48.49
N PRO L 73 24.94 -9.26 47.75
CA PRO L 73 24.72 -9.33 46.30
C PRO L 73 23.48 -10.16 46.00
N LEU L 74 22.94 -9.93 44.81
CA LEU L 74 21.76 -10.66 44.34
C LEU L 74 22.07 -12.14 44.18
N THR L 75 21.08 -12.97 44.48
CA THR L 75 21.22 -14.35 44.07
C THR L 75 21.38 -14.41 42.56
N PHE L 76 22.00 -15.50 42.08
CA PHE L 76 22.23 -15.63 40.65
C PHE L 76 20.92 -15.63 39.85
N ALA L 77 19.89 -16.32 40.34
CA ALA L 77 18.59 -16.25 39.67
C ALA L 77 18.13 -14.80 39.53
N GLY L 78 18.35 -13.98 40.56
CA GLY L 78 18.02 -12.56 40.48
C GLY L 78 18.80 -11.83 39.40
N LYS L 79 20.09 -12.14 39.26
CA LYS L 79 20.85 -11.53 38.18
C LYS L 79 20.27 -11.91 36.82
N ILE L 80 19.90 -13.18 36.65
CA ILE L 80 19.24 -13.61 35.41
C ILE L 80 18.00 -12.78 35.16
N ASN L 81 17.16 -12.61 36.18
CA ASN L 81 15.90 -11.90 36.00
C ASN L 81 16.11 -10.43 35.59
N ARG L 82 17.10 -9.76 36.19
CA ARG L 82 17.26 -8.37 35.85
C ARG L 82 17.76 -8.20 34.43
N LEU L 83 18.66 -9.07 34.00
CA LEU L 83 19.08 -9.01 32.62
C LEU L 83 17.91 -9.30 31.67
N ALA L 84 17.12 -10.34 31.98
CA ALA L 84 16.00 -10.64 31.12
C ALA L 84 15.07 -9.43 31.01
N ILE L 85 14.81 -8.76 32.14
CA ILE L 85 13.96 -7.57 32.16
C ILE L 85 14.56 -6.41 31.36
N MET L 86 15.89 -6.26 31.41
CA MET L 86 16.55 -5.23 30.62
C MET L 86 16.42 -5.52 29.12
N VAL L 87 16.70 -6.76 28.71
CA VAL L 87 16.56 -7.17 27.30
C VAL L 87 15.12 -6.97 26.82
N ARG L 88 14.15 -7.41 27.62
CA ARG L 88 12.75 -7.24 27.24
C ARG L 88 12.40 -5.77 27.11
N GLY L 89 12.94 -4.93 28.01
CA GLY L 89 12.73 -3.50 27.89
C GLY L 89 13.19 -2.94 26.57
N ASN L 90 14.26 -3.50 26.00
CA ASN L 90 14.75 -2.93 24.75
C ASN L 90 14.01 -3.45 23.52
N LEU L 91 12.93 -4.20 23.68
CA LEU L 91 12.35 -4.92 22.54
C LEU L 91 11.90 -3.98 21.41
N ALA L 92 11.27 -2.85 21.73
CA ALA L 92 10.80 -1.98 20.65
C ALA L 92 11.95 -1.48 19.78
N ALA L 93 12.98 -0.91 20.41
CA ALA L 93 14.16 -0.46 19.67
C ALA L 93 14.81 -1.62 18.94
N ALA L 94 14.78 -2.83 19.52
CA ALA L 94 15.34 -3.98 18.84
C ALA L 94 14.62 -4.23 17.53
N MET L 95 13.30 -4.09 17.52
CA MET L 95 12.56 -4.34 16.29
C MET L 95 12.97 -3.42 15.15
N GLN L 96 13.44 -2.21 15.44
CA GLN L 96 13.81 -1.29 14.37
C GLN L 96 15.31 -1.11 14.23
N GLY L 97 16.10 -2.02 14.80
CA GLY L 97 17.51 -2.15 14.47
C GLY L 97 18.46 -2.00 15.63
N LEU L 98 18.01 -1.59 16.82
CA LEU L 98 18.91 -1.41 17.96
C LEU L 98 18.97 -2.67 18.85
N LEU L 99 19.35 -3.79 18.22
CA LEU L 99 19.33 -5.09 18.85
C LEU L 99 20.61 -5.41 19.61
N ALA L 100 20.48 -6.03 20.77
CA ALA L 100 21.62 -6.52 21.54
C ALA L 100 21.20 -7.78 22.30
N LEU L 101 21.88 -8.89 22.03
CA LEU L 101 21.60 -10.13 22.74
C LEU L 101 22.74 -10.48 23.68
N PRO L 102 22.49 -10.65 24.96
CA PRO L 102 23.58 -10.97 25.87
C PRO L 102 23.72 -12.47 26.10
N LEU L 103 24.90 -12.82 26.58
CA LEU L 103 25.23 -14.16 27.05
C LEU L 103 25.89 -13.99 28.40
N LEU L 104 25.38 -14.73 29.38
CA LEU L 104 25.75 -14.52 30.77
C LEU L 104 26.53 -15.73 31.28
N ALA L 105 27.66 -15.46 31.92
CA ALA L 105 28.44 -16.54 32.50
C ALA L 105 28.79 -16.18 33.94
N GLY L 106 28.58 -17.12 34.84
CA GLY L 106 28.81 -16.81 36.22
C GLY L 106 29.26 -18.02 37.01
N TYR L 107 29.64 -17.74 38.24
CA TYR L 107 29.97 -18.75 39.23
C TYR L 107 29.08 -18.47 40.42
N ASP L 108 28.21 -19.41 40.72
CA ASP L 108 27.24 -19.22 41.80
C ASP L 108 27.88 -19.61 43.14
N ILE L 109 28.24 -18.60 43.95
CA ILE L 109 28.88 -18.91 45.23
C ILE L 109 27.95 -19.70 46.16
N HIS L 110 26.62 -19.56 45.98
CA HIS L 110 25.65 -20.25 46.81
C HIS L 110 25.27 -21.61 46.26
N ALA L 111 26.07 -22.12 45.34
CA ALA L 111 25.79 -23.44 44.78
C ALA L 111 26.24 -24.54 45.74
N SER L 112 25.61 -25.70 45.56
CA SER L 112 25.87 -26.86 46.42
C SER L 112 27.25 -27.46 46.13
N ASP L 113 27.56 -27.71 44.86
CA ASP L 113 28.80 -28.34 44.49
C ASP L 113 29.80 -27.31 43.99
N PRO L 114 30.94 -27.11 44.66
CA PRO L 114 31.90 -26.09 44.21
C PRO L 114 32.44 -26.30 42.80
N GLN L 115 32.30 -27.51 42.24
CA GLN L 115 32.88 -27.81 40.94
C GLN L 115 31.87 -27.71 39.80
N SER L 116 30.58 -27.69 40.11
CA SER L 116 29.52 -27.42 39.16
C SER L 116 28.80 -26.10 39.45
N ALA L 117 29.50 -25.16 40.07
CA ALA L 117 28.91 -23.88 40.37
C ALA L 117 28.88 -22.97 39.16
N GLY L 118 29.53 -23.38 38.07
CA GLY L 118 29.52 -22.57 36.86
C GLY L 118 28.13 -22.53 36.25
N ARG L 119 27.81 -21.39 35.66
CA ARG L 119 26.49 -21.16 35.08
C ARG L 119 26.66 -20.43 33.74
N ILE L 120 25.88 -20.85 32.75
CA ILE L 120 25.82 -20.20 31.45
C ILE L 120 24.36 -19.96 31.13
N VAL L 121 23.99 -18.72 30.87
CA VAL L 121 22.61 -18.35 30.59
C VAL L 121 22.53 -17.62 29.26
N SER L 122 21.66 -18.09 28.38
CA SER L 122 21.44 -17.43 27.09
C SER L 122 20.06 -16.77 27.04
N PHE L 123 19.95 -15.75 26.19
CA PHE L 123 18.74 -14.95 26.10
C PHE L 123 18.31 -14.82 24.66
N ASP L 124 17.06 -14.43 24.46
CA ASP L 124 16.57 -14.03 23.15
C ASP L 124 16.09 -12.59 23.23
N ALA L 125 15.78 -12.03 22.05
CA ALA L 125 15.47 -10.61 21.92
C ALA L 125 14.24 -10.17 22.70
N ALA L 126 13.37 -11.11 23.07
CA ALA L 126 12.16 -10.87 23.85
C ALA L 126 12.38 -10.99 25.35
N GLY L 127 13.60 -11.31 25.76
CA GLY L 127 13.90 -11.54 27.15
C GLY L 127 13.76 -12.98 27.63
N GLY L 128 13.05 -13.85 26.89
CA GLY L 128 13.13 -15.27 27.17
C GLY L 128 14.53 -15.71 27.53
N TRP L 129 14.72 -16.56 28.55
CA TRP L 129 16.06 -16.98 28.90
C TRP L 129 16.08 -18.49 29.12
N ASN L 130 17.28 -19.08 29.03
CA ASN L 130 17.48 -20.49 29.30
C ASN L 130 18.84 -20.68 29.97
N ILE L 131 18.85 -21.37 31.10
CA ILE L 131 20.09 -21.80 31.73
C ILE L 131 20.55 -23.08 31.08
N GLU L 132 21.77 -23.05 30.57
CA GLU L 132 22.32 -24.13 29.78
C GLU L 132 22.77 -25.23 30.72
N GLU L 133 22.41 -26.46 30.37
CA GLU L 133 22.81 -27.64 31.10
C GLU L 133 23.63 -28.56 30.20
N GLU L 134 24.41 -27.99 29.27
CA GLU L 134 25.27 -28.81 28.43
C GLU L 134 26.70 -28.34 28.30
N GLY L 135 27.13 -27.31 29.02
CA GLY L 135 28.54 -27.02 29.15
C GLY L 135 29.06 -25.87 28.32
N TYR L 136 28.40 -25.56 27.19
CA TYR L 136 28.86 -24.47 26.32
C TYR L 136 27.68 -23.80 25.64
N GLN L 137 27.92 -22.60 25.11
CA GLN L 137 26.96 -21.84 24.34
C GLN L 137 27.70 -20.70 23.63
N ALA L 138 27.04 -20.09 22.64
CA ALA L 138 27.59 -18.98 21.87
C ALA L 138 26.44 -18.08 21.40
N VAL L 139 26.80 -16.86 21.01
CA VAL L 139 25.84 -15.89 20.49
C VAL L 139 26.55 -15.03 19.44
N GLY L 140 25.80 -14.55 18.46
CA GLY L 140 26.35 -13.73 17.40
C GLY L 140 26.27 -14.44 16.06
N SER L 141 26.69 -13.71 15.02
CA SER L 141 26.57 -14.19 13.64
C SER L 141 27.43 -15.42 13.36
N GLY L 142 28.43 -15.73 14.18
CA GLY L 142 29.18 -16.96 14.03
C GLY L 142 28.85 -18.06 15.03
N SER L 143 27.84 -17.88 15.86
CA SER L 143 27.64 -18.77 17.00
C SER L 143 27.35 -20.20 16.58
N LEU L 144 26.81 -20.40 15.39
CA LEU L 144 26.48 -21.75 14.96
C LEU L 144 27.76 -22.53 14.64
N PHE L 145 28.71 -21.86 13.99
CA PHE L 145 30.01 -22.47 13.74
C PHE L 145 30.75 -22.76 15.04
N ALA L 146 30.73 -21.79 15.96
CA ALA L 146 31.40 -21.96 17.23
C ALA L 146 30.81 -23.13 18.00
N LYS L 147 29.49 -23.23 17.97
CA LYS L 147 28.83 -24.30 18.69
C LYS L 147 29.14 -25.66 18.06
N SER L 148 29.26 -25.74 16.74
CA SER L 148 29.60 -27.04 16.15
C SER L 148 31.04 -27.44 16.44
N SER L 149 31.94 -26.45 16.47
CA SER L 149 33.31 -26.70 16.87
C SER L 149 33.36 -27.21 18.31
N MET L 150 32.70 -26.50 19.24
CA MET L 150 32.73 -26.92 20.62
C MET L 150 32.05 -28.28 20.80
N LYS L 151 31.01 -28.58 20.00
CA LYS L 151 30.39 -29.90 20.10
C LYS L 151 31.39 -31.00 19.82
N LYS L 152 32.36 -30.73 18.94
CA LYS L 152 33.38 -31.74 18.68
C LYS L 152 34.56 -31.68 19.65
N LEU L 153 34.90 -30.49 20.18
CA LEU L 153 36.07 -30.30 21.03
C LEU L 153 35.76 -30.31 22.53
N TYR L 154 34.51 -30.43 22.95
CA TYR L 154 34.22 -30.17 24.35
C TYR L 154 34.73 -31.29 25.26
N SER L 155 34.81 -32.52 24.74
CA SER L 155 35.31 -33.64 25.54
C SER L 155 36.75 -33.45 26.02
N GLN L 156 37.50 -32.49 25.44
CA GLN L 156 38.87 -32.23 25.87
C GLN L 156 38.98 -31.21 27.00
N VAL L 157 37.86 -30.77 27.57
CA VAL L 157 37.90 -29.75 28.61
C VAL L 157 38.09 -30.46 29.94
N THR L 158 39.25 -30.25 30.55
CA THR L 158 39.59 -30.92 31.82
C THR L 158 39.92 -29.95 32.93
N ASP L 159 40.29 -28.72 32.61
CA ASP L 159 40.69 -27.72 33.59
C ASP L 159 40.48 -26.35 32.95
N GLY L 160 40.92 -25.30 33.65
CA GLY L 160 40.76 -23.97 33.11
C GLY L 160 41.48 -23.79 31.78
N ASP L 161 42.68 -24.38 31.65
CA ASP L 161 43.46 -24.12 30.44
C ASP L 161 42.89 -24.85 29.21
N SER L 162 42.52 -26.12 29.32
CA SER L 162 41.93 -26.74 28.14
C SER L 162 40.63 -26.04 27.76
N GLY L 163 39.83 -25.63 28.74
CA GLY L 163 38.60 -24.93 28.41
C GLY L 163 38.85 -23.63 27.69
N LEU L 164 39.80 -22.85 28.17
CA LEU L 164 40.15 -21.60 27.50
C LEU L 164 40.61 -21.86 26.07
N ARG L 165 41.31 -22.98 25.83
CA ARG L 165 41.76 -23.32 24.48
C ARG L 165 40.58 -23.70 23.57
N VAL L 166 39.68 -24.55 24.05
CA VAL L 166 38.49 -24.84 23.27
C VAL L 166 37.74 -23.56 22.94
N ALA L 167 37.69 -22.62 23.90
CA ALA L 167 37.02 -21.35 23.65
C ALA L 167 37.65 -20.60 22.49
N VAL L 168 38.98 -20.43 22.53
CA VAL L 168 39.66 -19.74 21.43
C VAL L 168 39.53 -20.50 20.13
N GLU L 169 39.49 -21.82 20.18
CA GLU L 169 39.43 -22.57 18.94
C GLU L 169 38.06 -22.47 18.30
N ALA L 170 37.01 -22.41 19.11
CA ALA L 170 35.65 -22.16 18.62
C ALA L 170 35.54 -20.77 18.03
N LEU L 171 36.15 -19.76 18.67
CA LEU L 171 36.17 -18.46 18.04
C LEU L 171 36.94 -18.51 16.74
N TYR L 172 37.97 -19.37 16.66
CA TYR L 172 38.78 -19.46 15.45
C TYR L 172 37.98 -20.01 14.28
N ASP L 173 37.23 -21.09 14.51
CA ASP L 173 36.37 -21.66 13.47
C ASP L 173 35.27 -20.67 13.10
N ALA L 174 34.72 -19.96 14.08
CA ALA L 174 33.72 -18.95 13.78
C ALA L 174 34.26 -17.91 12.80
N ALA L 175 35.40 -17.30 13.13
CA ALA L 175 35.95 -16.32 12.20
C ALA L 175 36.40 -16.98 10.90
N ASP L 176 36.61 -18.29 10.91
CA ASP L 176 36.97 -18.96 9.67
C ASP L 176 35.80 -19.04 8.71
N ASP L 177 34.56 -19.12 9.20
CA ASP L 177 33.39 -19.22 8.32
C ASP L 177 32.47 -17.99 8.32
N ASP L 178 32.76 -16.98 9.14
CA ASP L 178 31.94 -15.77 9.23
C ASP L 178 32.83 -14.54 9.17
N SER L 179 32.59 -13.68 8.18
CA SER L 179 33.43 -12.50 7.99
C SER L 179 33.13 -11.41 9.02
N ALA L 180 31.97 -11.45 9.65
CA ALA L 180 31.68 -10.46 10.68
C ALA L 180 32.40 -10.79 11.99
N THR L 181 33.00 -11.97 12.11
CA THR L 181 33.81 -12.38 13.26
C THR L 181 35.29 -12.30 12.88
N GLY L 182 36.08 -11.64 13.73
CA GLY L 182 37.48 -11.43 13.44
C GLY L 182 38.36 -12.53 14.02
N GLY L 183 39.27 -13.04 13.20
CA GLY L 183 40.26 -13.96 13.69
C GLY L 183 41.42 -13.25 14.32
N PRO L 184 42.41 -14.04 14.76
CA PRO L 184 43.63 -13.45 15.34
C PRO L 184 44.37 -12.63 14.30
N ASP L 185 44.69 -11.38 14.64
CA ASP L 185 45.47 -10.49 13.78
C ASP L 185 46.91 -10.53 14.30
N LEU L 186 47.74 -11.35 13.65
CA LEU L 186 49.12 -11.54 14.10
C LEU L 186 50.03 -10.40 13.70
N VAL L 187 49.63 -9.60 12.72
CA VAL L 187 50.45 -8.45 12.37
C VAL L 187 50.30 -7.37 13.41
N ARG L 188 49.08 -7.13 13.87
CA ARG L 188 48.82 -6.15 14.90
C ARG L 188 48.87 -6.74 16.30
N GLY L 189 48.96 -8.06 16.42
CA GLY L 189 48.96 -8.66 17.73
C GLY L 189 47.66 -8.47 18.47
N ILE L 190 46.52 -8.59 17.78
CA ILE L 190 45.19 -8.43 18.39
C ILE L 190 44.50 -9.79 18.47
N PHE L 191 44.04 -10.15 19.67
CA PHE L 191 43.47 -11.46 19.91
C PHE L 191 42.15 -11.36 20.66
N PRO L 192 41.34 -12.43 20.66
CA PRO L 192 40.09 -12.39 21.43
C PRO L 192 40.30 -12.05 22.89
N THR L 193 39.27 -11.45 23.50
CA THR L 193 39.33 -11.22 24.93
C THR L 193 38.61 -12.36 25.61
N ALA L 194 39.03 -12.66 26.83
CA ALA L 194 38.43 -13.74 27.58
C ALA L 194 38.37 -13.35 29.05
N VAL L 195 37.40 -13.95 29.73
CA VAL L 195 37.20 -13.87 31.17
C VAL L 195 37.11 -15.30 31.71
N ILE L 196 37.83 -15.56 32.79
CA ILE L 196 37.74 -16.83 33.49
C ILE L 196 37.15 -16.56 34.86
N ILE L 197 36.27 -17.44 35.32
CA ILE L 197 35.63 -17.26 36.61
C ILE L 197 35.69 -18.57 37.39
N ASP L 198 36.24 -18.51 38.61
CA ASP L 198 36.24 -19.64 39.56
C ASP L 198 35.84 -19.11 40.93
N ALA L 199 36.04 -19.94 41.97
CA ALA L 199 35.70 -19.52 43.32
C ALA L 199 36.49 -18.30 43.78
N ASP L 200 37.64 -18.04 43.16
CA ASP L 200 38.44 -16.86 43.48
C ASP L 200 37.96 -15.60 42.75
N GLY L 201 36.91 -15.68 41.95
CA GLY L 201 36.38 -14.50 41.29
C GLY L 201 36.51 -14.56 39.78
N ALA L 202 36.33 -13.41 39.14
CA ALA L 202 36.40 -13.23 37.70
C ALA L 202 37.69 -12.47 37.35
N VAL L 203 38.45 -13.02 36.41
CA VAL L 203 39.71 -12.43 36.01
C VAL L 203 39.74 -12.27 34.49
N ASP L 204 40.36 -11.18 34.04
CA ASP L 204 40.64 -11.05 32.62
C ASP L 204 41.86 -11.88 32.27
N VAL L 205 41.74 -12.68 31.22
CA VAL L 205 42.86 -13.48 30.73
C VAL L 205 43.81 -12.57 29.99
N PRO L 206 45.11 -12.59 30.29
CA PRO L 206 46.04 -11.71 29.59
C PRO L 206 46.07 -12.01 28.09
N GLU L 207 46.37 -10.98 27.31
CA GLU L 207 46.38 -11.17 25.87
C GLU L 207 47.57 -11.99 25.42
N SER L 208 48.72 -11.89 26.11
CA SER L 208 49.85 -12.74 25.74
C SER L 208 49.49 -14.21 25.86
N ARG L 209 48.64 -14.54 26.84
CA ARG L 209 48.16 -15.91 27.03
C ARG L 209 47.31 -16.38 25.85
N ILE L 210 46.33 -15.55 25.46
CA ILE L 210 45.49 -15.94 24.33
C ILE L 210 46.31 -15.95 23.05
N ALA L 211 47.29 -15.05 22.94
CA ALA L 211 48.20 -15.09 21.80
C ALA L 211 48.93 -16.44 21.73
N GLU L 212 49.35 -16.97 22.88
CA GLU L 212 49.95 -18.30 22.89
C GLU L 212 48.97 -19.36 22.38
N LEU L 213 47.72 -19.32 22.85
CA LEU L 213 46.76 -20.34 22.41
C LEU L 213 46.46 -20.22 20.92
N ALA L 214 46.32 -18.99 20.42
CA ALA L 214 46.08 -18.76 19.01
C ALA L 214 47.21 -19.33 18.17
N ARG L 215 48.44 -18.86 18.42
CA ARG L 215 49.60 -19.38 17.68
C ARG L 215 49.65 -20.91 17.75
N ALA L 216 49.19 -21.50 18.85
CA ALA L 216 49.14 -22.97 18.94
C ALA L 216 48.13 -23.58 17.98
N ILE L 217 46.93 -23.00 17.92
CA ILE L 217 45.90 -23.52 17.03
C ILE L 217 46.30 -23.34 15.57
N ILE L 218 46.81 -22.16 15.22
CA ILE L 218 47.29 -21.92 13.87
C ILE L 218 48.35 -22.95 13.49
N GLU L 219 49.45 -22.99 14.25
CA GLU L 219 50.51 -23.94 13.94
C GLU L 219 49.99 -25.38 13.91
N SER L 220 48.88 -25.66 14.60
CA SER L 220 48.30 -26.99 14.51
C SER L 220 47.47 -27.19 13.26
N ARG L 221 47.01 -26.12 12.60
CA ARG L 221 46.31 -26.31 11.34
C ARG L 221 47.19 -26.11 10.12
N SER L 222 48.42 -25.61 10.31
CA SER L 222 49.41 -25.46 9.24
C SER L 222 50.22 -26.73 8.98
N GLY L 223 50.24 -27.66 9.94
CA GLY L 223 51.08 -28.86 9.87
C GLY L 223 51.73 -29.21 11.19
N THR M 1 31.69 16.70 3.16
CA THR M 1 32.28 17.02 4.45
C THR M 1 33.39 16.03 4.79
N THR M 2 34.52 16.51 5.30
CA THR M 2 35.52 15.63 5.88
C THR M 2 36.23 16.27 7.06
N ILE M 3 36.33 15.51 8.14
CA ILE M 3 37.03 15.88 9.34
C ILE M 3 38.09 14.81 9.61
N VAL M 4 39.32 15.24 9.87
CA VAL M 4 40.40 14.33 10.23
C VAL M 4 40.91 14.70 11.62
N ALA M 5 41.43 13.68 12.31
CA ALA M 5 42.11 13.91 13.59
C ALA M 5 43.22 12.89 13.74
N LEU M 6 44.38 13.34 14.20
CA LEU M 6 45.51 12.43 14.34
C LEU M 6 46.39 12.83 15.52
N LYS M 7 47.00 11.81 16.15
CA LYS M 7 47.92 12.00 17.27
C LYS M 7 49.34 12.25 16.79
N TYR M 8 50.02 13.18 17.45
CA TYR M 8 51.45 13.40 17.26
C TYR M 8 52.13 13.32 18.61
N PRO M 9 53.48 13.21 18.63
CA PRO M 9 54.18 13.17 19.92
C PRO M 9 53.80 14.31 20.85
N GLY M 10 53.01 13.98 21.86
CA GLY M 10 52.65 14.92 22.90
C GLY M 10 51.41 15.75 22.63
N GLY M 11 50.66 15.43 21.60
CA GLY M 11 49.47 16.21 21.34
C GLY M 11 48.61 15.58 20.26
N VAL M 12 47.58 16.31 19.87
CA VAL M 12 46.64 15.84 18.86
C VAL M 12 46.28 17.02 17.97
N VAL M 13 45.92 16.72 16.72
CA VAL M 13 45.55 17.75 15.77
C VAL M 13 44.26 17.32 15.08
N MET M 14 43.40 18.29 14.79
CA MET M 14 42.14 18.04 14.08
C MET M 14 41.95 19.12 13.01
N ALA M 15 41.51 18.72 11.82
CA ALA M 15 41.31 19.67 10.73
C ALA M 15 40.09 19.25 9.93
N GLY M 16 39.42 20.26 9.35
CA GLY M 16 38.21 20.02 8.56
C GLY M 16 38.09 20.99 7.41
N ASP M 17 37.36 20.57 6.37
CA ASP M 17 37.17 21.35 5.14
C ASP M 17 36.10 22.42 5.35
N ARG M 18 35.90 23.24 4.31
CA ARG M 18 35.09 24.47 4.42
C ARG M 18 33.86 24.46 3.54
N ARG M 19 33.51 23.36 2.91
CA ARG M 19 32.43 23.38 1.93
C ARG M 19 31.12 23.04 2.62
N SER M 20 30.09 23.81 2.30
CA SER M 20 28.72 23.53 2.70
C SER M 20 27.93 23.29 1.43
N THR M 21 27.16 22.22 1.42
CA THR M 21 26.47 21.82 0.21
C THR M 21 25.00 21.55 0.51
N GLN M 22 24.17 21.69 -0.53
CA GLN M 22 22.74 21.31 -0.51
C GLN M 22 22.43 20.50 -1.77
N GLY M 23 22.49 19.18 -1.67
CA GLY M 23 22.42 18.38 -2.87
C GLY M 23 23.70 18.54 -3.64
N ASN M 24 23.58 18.90 -4.90
CA ASN M 24 24.79 19.16 -5.67
C ASN M 24 25.21 20.61 -5.64
N MET M 25 24.36 21.48 -5.15
CA MET M 25 24.66 22.89 -5.14
C MET M 25 25.58 23.24 -3.99
N ILE M 26 26.55 24.10 -4.27
CA ILE M 26 27.41 24.60 -3.20
C ILE M 26 26.69 25.76 -2.53
N SER M 27 26.40 25.61 -1.24
CA SER M 27 25.77 26.66 -0.47
C SER M 27 26.76 27.42 0.43
N GLY M 28 28.02 27.01 0.53
CA GLY M 28 28.95 27.77 1.32
C GLY M 28 30.37 27.37 1.03
N ARG M 29 31.31 28.31 1.08
CA ARG M 29 32.69 27.92 0.85
C ARG M 29 33.61 28.25 2.01
N ASP M 30 33.08 28.80 3.12
CA ASP M 30 33.90 29.30 4.23
C ASP M 30 33.47 28.77 5.60
N VAL M 31 32.57 27.79 5.67
CA VAL M 31 32.06 27.32 6.96
C VAL M 31 33.19 26.72 7.83
N ARG M 32 32.93 26.66 9.13
CA ARG M 32 33.85 26.08 10.10
C ARG M 32 33.17 24.87 10.72
N LYS M 33 33.86 23.74 10.74
CA LYS M 33 33.26 22.50 11.18
C LYS M 33 34.02 21.93 12.35
N VAL M 34 35.08 22.60 12.76
CA VAL M 34 35.93 22.17 13.84
C VAL M 34 35.89 23.25 14.90
N TYR M 35 35.60 22.86 16.15
CA TYR M 35 35.42 23.78 17.25
C TYR M 35 36.23 23.41 18.48
N ILE M 36 36.85 24.42 19.06
CA ILE M 36 37.47 24.27 20.38
C ILE M 36 36.32 24.26 21.38
N THR M 37 36.05 23.11 22.00
CA THR M 37 34.94 23.06 22.93
C THR M 37 35.38 23.36 24.35
N ASP M 38 36.65 23.14 24.67
CA ASP M 38 37.16 23.50 25.99
C ASP M 38 38.67 23.59 25.90
N ASP M 39 39.27 24.02 27.00
CA ASP M 39 40.71 24.31 27.00
C ASP M 39 41.55 23.13 26.52
N TYR M 40 41.06 21.91 26.68
CA TYR M 40 41.82 20.76 26.23
C TYR M 40 41.01 19.85 25.32
N THR M 41 39.92 20.34 24.70
CA THR M 41 39.09 19.49 23.86
C THR M 41 38.57 20.24 22.64
N ALA M 42 38.56 19.54 21.50
CA ALA M 42 38.00 20.02 20.24
C ALA M 42 37.00 19.02 19.66
N THR M 43 36.00 19.57 18.97
CA THR M 43 34.95 18.78 18.33
C THR M 43 34.79 19.19 16.87
N GLY M 44 34.77 18.21 15.98
CA GLY M 44 34.41 18.44 14.59
C GLY M 44 33.19 17.60 14.25
N ILE M 45 32.27 18.14 13.46
CA ILE M 45 31.04 17.41 13.21
C ILE M 45 30.75 17.34 11.72
N ALA M 46 30.23 16.20 11.28
CA ALA M 46 29.79 16.00 9.91
C ALA M 46 28.29 15.82 9.93
N GLY M 47 27.63 16.18 8.83
CA GLY M 47 26.21 15.94 8.69
C GLY M 47 25.41 17.21 8.45
N THR M 48 24.15 17.19 8.86
CA THR M 48 23.32 18.37 8.68
C THR M 48 23.84 19.55 9.50
N ALA M 49 24.05 20.68 8.83
CA ALA M 49 24.72 21.80 9.46
C ALA M 49 23.97 22.27 10.72
N ALA M 50 22.65 22.42 10.64
CA ALA M 50 21.89 22.89 11.79
C ALA M 50 22.20 22.04 13.03
N VAL M 51 22.10 20.72 12.87
CA VAL M 51 22.31 19.83 14.00
C VAL M 51 23.77 19.85 14.42
N ALA M 52 24.69 19.97 13.47
CA ALA M 52 26.11 19.95 13.80
C ALA M 52 26.50 21.15 14.68
N VAL M 53 26.12 22.37 14.26
CA VAL M 53 26.43 23.56 15.04
C VAL M 53 25.74 23.51 16.38
N GLU M 54 24.50 23.02 16.40
CA GLU M 54 23.78 22.84 17.65
C GLU M 54 24.53 21.90 18.60
N PHE M 55 25.05 20.79 18.07
CA PHE M 55 25.85 19.90 18.90
C PHE M 55 27.06 20.63 19.47
N ALA M 56 27.85 21.28 18.60
CA ALA M 56 29.09 21.91 19.07
C ALA M 56 28.82 22.90 20.19
N ARG M 57 27.81 23.75 19.98
CA ARG M 57 27.42 24.79 20.93
C ARG M 57 26.92 24.18 22.25
N LEU M 58 25.93 23.29 22.17
CA LEU M 58 25.34 22.76 23.39
C LEU M 58 26.33 21.90 24.16
N TYR M 59 27.18 21.18 23.45
CA TYR M 59 28.19 20.35 24.11
C TYR M 59 29.22 21.20 24.86
N ALA M 60 29.70 22.29 24.23
CA ALA M 60 30.59 23.19 24.97
C ALA M 60 29.90 23.74 26.20
N VAL M 61 28.63 24.19 26.03
CA VAL M 61 27.93 24.73 27.20
C VAL M 61 27.80 23.67 28.27
N GLU M 62 27.52 22.45 27.89
CA GLU M 62 27.37 21.43 28.91
C GLU M 62 28.68 21.29 29.69
N LEU M 63 29.81 21.28 28.99
CA LEU M 63 31.09 21.12 29.68
C LEU M 63 31.34 22.25 30.68
N GLU M 64 31.31 23.50 30.21
CA GLU M 64 31.47 24.62 31.14
C GLU M 64 30.46 24.55 32.29
N HIS M 65 29.24 24.09 32.01
CA HIS M 65 28.20 24.02 33.03
C HIS M 65 28.62 23.08 34.15
N TYR M 66 29.07 21.87 33.80
CA TYR M 66 29.58 20.97 34.85
C TYR M 66 30.75 21.62 35.59
N GLU M 67 31.66 22.27 34.87
CA GLU M 67 32.84 22.81 35.56
C GLU M 67 32.46 23.92 36.54
N LYS M 68 31.55 24.81 36.17
CA LYS M 68 31.17 25.87 37.09
C LYS M 68 30.33 25.33 38.24
N LEU M 69 29.54 24.27 38.02
CA LEU M 69 28.73 23.75 39.11
C LEU M 69 29.56 22.98 40.13
N GLU M 70 30.55 22.20 39.70
CA GLU M 70 31.24 21.29 40.61
C GLU M 70 32.70 21.67 40.85
N GLY M 71 33.14 22.82 40.34
CA GLY M 71 34.48 23.31 40.62
C GLY M 71 35.62 22.59 39.94
N VAL M 72 35.33 21.57 39.14
CA VAL M 72 36.29 20.73 38.46
C VAL M 72 35.69 20.33 37.10
N PRO M 73 36.49 20.23 36.04
CA PRO M 73 35.95 19.77 34.76
C PRO M 73 35.65 18.29 34.79
N LEU M 74 34.84 17.84 33.83
CA LEU M 74 34.56 16.41 33.68
C LEU M 74 35.83 15.65 33.31
N THR M 75 35.96 14.44 33.86
CA THR M 75 36.97 13.52 33.32
C THR M 75 36.67 13.25 31.85
N PHE M 76 37.71 12.85 31.11
CA PHE M 76 37.56 12.64 29.67
C PHE M 76 36.55 11.55 29.35
N ALA M 77 36.55 10.46 30.13
CA ALA M 77 35.51 9.45 29.95
C ALA M 77 34.13 10.07 30.02
N GLY M 78 33.94 10.97 30.99
CA GLY M 78 32.65 11.62 31.14
C GLY M 78 32.26 12.49 29.96
N LYS M 79 33.24 13.23 29.41
CA LYS M 79 32.98 14.03 28.21
C LYS M 79 32.59 13.15 27.02
N ILE M 80 33.29 12.02 26.85
CA ILE M 80 32.86 11.06 25.84
C ILE M 80 31.42 10.66 26.09
N ASN M 81 31.11 10.31 27.34
CA ASN M 81 29.78 9.81 27.63
C ASN M 81 28.70 10.85 27.33
N ARG M 82 28.94 12.12 27.67
CA ARG M 82 27.87 13.07 27.44
C ARG M 82 27.68 13.34 25.95
N LEU M 83 28.78 13.40 25.18
CA LEU M 83 28.60 13.54 23.73
C LEU M 83 27.86 12.33 23.16
N ALA M 84 28.28 11.12 23.56
CA ALA M 84 27.62 9.89 23.09
C ALA M 84 26.13 9.92 23.38
N ILE M 85 25.76 10.33 24.60
CA ILE M 85 24.34 10.42 24.98
C ILE M 85 23.63 11.47 24.13
N MET M 86 24.31 12.56 23.80
CA MET M 86 23.68 13.56 22.93
C MET M 86 23.36 12.97 21.56
N VAL M 87 24.35 12.31 20.95
CA VAL M 87 24.12 11.66 19.66
C VAL M 87 22.96 10.68 19.77
N ARG M 88 22.98 9.86 20.82
CA ARG M 88 21.92 8.86 20.95
C ARG M 88 20.57 9.53 21.08
N GLY M 89 20.53 10.69 21.76
CA GLY M 89 19.30 11.43 21.89
C GLY M 89 18.76 11.87 20.55
N ASN M 90 19.63 12.19 19.60
CA ASN M 90 19.15 12.69 18.31
C ASN M 90 18.78 11.59 17.33
N LEU M 91 18.76 10.32 17.77
CA LEU M 91 18.64 9.23 16.79
C LEU M 91 17.35 9.28 16.00
N ALA M 92 16.23 9.59 16.65
CA ALA M 92 14.97 9.63 15.91
C ALA M 92 15.03 10.68 14.80
N ALA M 93 15.49 11.89 15.12
CA ALA M 93 15.68 12.91 14.07
C ALA M 93 16.67 12.45 13.01
N ALA M 94 17.73 11.74 13.42
CA ALA M 94 18.72 11.29 12.43
C ALA M 94 18.07 10.41 11.38
N MET M 95 17.17 9.52 11.81
CA MET M 95 16.48 8.63 10.88
C MET M 95 15.61 9.37 9.89
N GLN M 96 15.45 10.69 10.07
CA GLN M 96 14.63 11.53 9.21
C GLN M 96 15.47 12.51 8.40
N GLY M 97 16.79 12.37 8.38
CA GLY M 97 17.64 13.22 7.57
C GLY M 97 18.43 14.27 8.33
N LEU M 98 18.20 14.43 9.63
CA LEU M 98 18.98 15.36 10.44
C LEU M 98 20.09 14.63 11.20
N LEU M 99 21.03 14.06 10.44
CA LEU M 99 22.14 13.29 10.98
C LEU M 99 23.34 14.19 11.27
N ALA M 100 24.02 13.92 12.39
CA ALA M 100 25.23 14.64 12.76
C ALA M 100 26.14 13.69 13.52
N LEU M 101 27.33 13.39 12.94
CA LEU M 101 28.30 12.53 13.58
C LEU M 101 29.48 13.35 14.03
N PRO M 102 29.83 13.28 15.30
CA PRO M 102 30.96 14.04 15.79
C PRO M 102 32.23 13.22 15.77
N LEU M 103 33.33 13.96 15.85
CA LEU M 103 34.65 13.43 16.05
C LEU M 103 35.27 14.27 17.14
N LEU M 104 35.83 13.60 18.15
CA LEU M 104 36.31 14.24 19.36
C LEU M 104 37.83 14.08 19.46
N ALA M 105 38.54 15.17 19.76
CA ALA M 105 39.97 15.13 19.98
C ALA M 105 40.32 15.91 21.24
N GLY M 106 41.15 15.34 22.10
CA GLY M 106 41.48 16.01 23.35
C GLY M 106 42.84 15.60 23.86
N TYR M 107 43.26 16.28 24.93
CA TYR M 107 44.48 15.97 25.68
C TYR M 107 44.02 15.72 27.11
N ASP M 108 44.28 14.51 27.62
CA ASP M 108 43.82 14.16 28.97
C ASP M 108 44.87 14.61 29.96
N ILE M 109 44.60 15.69 30.69
CA ILE M 109 45.56 16.18 31.68
C ILE M 109 45.70 15.20 32.83
N HIS M 110 44.79 14.25 32.94
CA HIS M 110 44.82 13.20 33.94
C HIS M 110 45.34 11.90 33.36
N ALA M 111 46.02 11.98 32.22
CA ALA M 111 46.62 10.82 31.59
C ALA M 111 47.89 10.40 32.32
N SER M 112 48.22 9.11 32.16
CA SER M 112 49.39 8.56 32.83
C SER M 112 50.67 9.10 32.23
N ASP M 113 50.81 9.00 30.91
CA ASP M 113 52.02 9.39 30.22
C ASP M 113 51.80 10.74 29.54
N PRO M 114 52.48 11.81 29.95
CA PRO M 114 52.26 13.12 29.30
C PRO M 114 52.58 13.14 27.80
N GLN M 115 53.27 12.12 27.26
CA GLN M 115 53.45 12.02 25.82
C GLN M 115 52.26 11.32 25.17
N SER M 116 51.60 10.41 25.89
CA SER M 116 50.49 9.60 25.40
C SER M 116 49.12 10.15 25.86
N ALA M 117 49.03 11.46 26.12
CA ALA M 117 47.80 12.08 26.60
C ALA M 117 46.82 12.46 25.48
N GLY M 118 47.20 12.35 24.21
CA GLY M 118 46.25 12.63 23.14
C GLY M 118 45.16 11.57 23.04
N ARG M 119 43.95 12.02 22.73
CA ARG M 119 42.78 11.17 22.67
C ARG M 119 42.02 11.53 21.39
N ILE M 120 41.58 10.49 20.67
CA ILE M 120 40.77 10.60 19.46
C ILE M 120 39.59 9.64 19.57
N VAL M 121 38.36 10.16 19.49
CA VAL M 121 37.14 9.41 19.72
C VAL M 121 36.19 9.59 18.53
N SER M 122 35.77 8.46 17.93
CA SER M 122 34.80 8.47 16.85
C SER M 122 33.46 7.88 17.29
N PHE M 123 32.38 8.31 16.63
CA PHE M 123 31.03 7.93 17.01
C PHE M 123 30.25 7.44 15.80
N ASP M 124 29.16 6.73 16.07
CA ASP M 124 28.18 6.38 15.05
C ASP M 124 26.81 6.95 15.44
N ALA M 125 25.86 6.90 14.51
CA ALA M 125 24.57 7.56 14.71
C ALA M 125 23.79 7.06 15.94
N ALA M 126 24.16 5.91 16.51
CA ALA M 126 23.52 5.45 17.73
C ALA M 126 24.22 5.94 19.00
N GLY M 127 25.30 6.72 18.88
CA GLY M 127 26.06 7.13 20.04
C GLY M 127 27.16 6.16 20.48
N GLY M 128 27.25 4.98 19.85
CA GLY M 128 28.43 4.15 19.94
C GLY M 128 29.68 4.99 19.86
N TRP M 129 30.72 4.65 20.62
CA TRP M 129 31.95 5.41 20.55
C TRP M 129 33.13 4.47 20.48
N ASN M 130 34.25 5.01 20.02
CA ASN M 130 35.52 4.29 19.97
C ASN M 130 36.66 5.25 20.28
N ILE M 131 37.46 4.87 21.26
CA ILE M 131 38.73 5.53 21.50
C ILE M 131 39.73 4.82 20.58
N GLU M 132 40.31 5.57 19.65
CA GLU M 132 41.12 4.99 18.59
C GLU M 132 42.54 4.74 19.06
N GLU M 133 43.04 3.53 18.83
CA GLU M 133 44.38 3.15 19.23
C GLU M 133 45.39 3.26 18.11
N GLU M 134 44.98 3.73 16.93
CA GLU M 134 45.79 3.60 15.74
C GLU M 134 46.28 4.95 15.22
N GLY M 135 46.04 6.04 15.95
CA GLY M 135 46.73 7.28 15.71
C GLY M 135 45.94 8.29 14.91
N TYR M 136 44.98 7.83 14.10
CA TYR M 136 44.19 8.75 13.27
C TYR M 136 42.78 8.21 13.12
N GLN M 137 41.89 9.10 12.72
CA GLN M 137 40.50 8.76 12.45
C GLN M 137 39.90 9.90 11.63
N ALA M 138 38.74 9.65 11.02
CA ALA M 138 38.06 10.68 10.23
C ALA M 138 36.56 10.45 10.24
N VAL M 139 35.81 11.47 9.79
CA VAL M 139 34.35 11.38 9.70
C VAL M 139 33.91 12.22 8.52
N GLY M 140 32.83 11.82 7.89
CA GLY M 140 32.24 12.55 6.78
C GLY M 140 32.32 11.80 5.45
N SER M 141 31.67 12.38 4.45
CA SER M 141 31.53 11.70 3.16
C SER M 141 32.87 11.46 2.50
N GLY M 142 33.92 12.15 2.89
CA GLY M 142 35.21 11.80 2.38
C GLY M 142 36.04 10.98 3.34
N SER M 143 35.45 10.49 4.44
CA SER M 143 36.32 9.96 5.49
C SER M 143 37.11 8.73 5.02
N LEU M 144 36.59 7.96 4.07
CA LEU M 144 37.33 6.75 3.69
C LEU M 144 38.54 7.10 2.83
N PHE M 145 38.40 8.08 1.94
CA PHE M 145 39.57 8.56 1.21
C PHE M 145 40.60 9.14 2.17
N ALA M 146 40.15 9.93 3.16
CA ALA M 146 41.09 10.51 4.11
C ALA M 146 41.77 9.42 4.97
N LYS M 147 41.02 8.44 5.47
CA LYS M 147 41.63 7.39 6.30
C LYS M 147 42.59 6.54 5.48
N SER M 148 42.23 6.25 4.23
CA SER M 148 43.14 5.48 3.40
C SER M 148 44.38 6.29 3.04
N SER M 149 44.25 7.60 2.94
CA SER M 149 45.40 8.48 2.75
C SER M 149 46.30 8.46 3.98
N MET M 150 45.72 8.64 5.16
CA MET M 150 46.51 8.63 6.39
C MET M 150 47.13 7.26 6.64
N LYS M 151 46.48 6.19 6.20
CA LYS M 151 47.10 4.87 6.35
C LYS M 151 48.48 4.82 5.69
N LYS M 152 48.67 5.61 4.63
CA LYS M 152 49.94 5.67 3.90
C LYS M 152 50.85 6.80 4.36
N LEU M 153 50.31 7.89 4.89
CA LEU M 153 51.17 9.00 5.26
C LEU M 153 51.52 9.04 6.75
N TYR M 154 50.94 8.18 7.59
CA TYR M 154 51.03 8.46 9.02
C TYR M 154 52.45 8.27 9.55
N SER M 155 53.25 7.42 8.92
CA SER M 155 54.65 7.26 9.33
C SER M 155 55.46 8.55 9.22
N GLN M 156 54.98 9.54 8.49
CA GLN M 156 55.69 10.81 8.35
C GLN M 156 55.39 11.79 9.47
N VAL M 157 54.60 11.41 10.46
CA VAL M 157 54.25 12.30 11.56
C VAL M 157 55.27 12.08 12.68
N THR M 158 56.09 13.10 12.97
CA THR M 158 57.09 13.01 14.04
C THR M 158 56.97 14.13 15.07
N ASP M 159 56.25 15.20 14.77
CA ASP M 159 56.06 16.34 15.65
C ASP M 159 54.73 17.00 15.26
N GLY M 160 54.41 18.12 15.90
CA GLY M 160 53.15 18.79 15.60
C GLY M 160 53.04 19.30 14.17
N ASP M 161 54.17 19.75 13.59
CA ASP M 161 54.13 20.33 12.26
C ASP M 161 53.93 19.27 11.19
N SER M 162 54.71 18.18 11.26
CA SER M 162 54.52 17.13 10.28
C SER M 162 53.12 16.53 10.41
N GLY M 163 52.62 16.41 11.65
CA GLY M 163 51.26 15.91 11.86
C GLY M 163 50.18 16.79 11.26
N LEU M 164 50.32 18.11 11.44
CA LEU M 164 49.39 19.03 10.80
C LEU M 164 49.45 18.88 9.28
N ARG M 165 50.65 18.73 8.72
CA ARG M 165 50.77 18.60 7.26
C ARG M 165 50.10 17.33 6.76
N VAL M 166 50.33 16.21 7.44
CA VAL M 166 49.67 14.97 7.03
C VAL M 166 48.16 15.14 7.07
N ALA M 167 47.64 15.84 8.10
CA ALA M 167 46.21 16.11 8.16
C ALA M 167 45.73 16.89 6.93
N VAL M 168 46.39 18.02 6.61
CA VAL M 168 45.94 18.84 5.48
C VAL M 168 46.02 18.07 4.18
N GLU M 169 46.99 17.15 4.05
CA GLU M 169 47.08 16.34 2.85
C GLU M 169 45.98 15.29 2.77
N ALA M 170 45.61 14.70 3.92
CA ALA M 170 44.49 13.77 3.93
C ALA M 170 43.20 14.46 3.51
N LEU M 171 42.98 15.69 3.99
CA LEU M 171 41.83 16.45 3.50
C LEU M 171 41.98 16.75 2.00
N TYR M 172 43.20 16.93 1.52
CA TYR M 172 43.37 17.20 0.09
C TYR M 172 42.92 16.02 -0.73
N ASP M 173 43.35 14.82 -0.35
CA ASP M 173 42.95 13.61 -1.05
C ASP M 173 41.44 13.40 -0.92
N ALA M 174 40.87 13.68 0.26
CA ALA M 174 39.43 13.56 0.43
C ALA M 174 38.68 14.43 -0.58
N ALA M 175 39.03 15.72 -0.65
CA ALA M 175 38.36 16.63 -1.59
C ALA M 175 38.64 16.22 -3.03
N ASP M 176 39.76 15.56 -3.26
CA ASP M 176 40.12 15.12 -4.60
C ASP M 176 39.18 14.05 -5.08
N ASP M 177 38.65 13.23 -4.17
CA ASP M 177 37.77 12.15 -4.59
C ASP M 177 36.31 12.36 -4.21
N ASP M 178 35.97 13.39 -3.43
CA ASP M 178 34.60 13.59 -2.93
C ASP M 178 34.17 15.03 -3.18
N SER M 179 33.12 15.20 -4.00
CA SER M 179 32.72 16.56 -4.37
C SER M 179 32.04 17.30 -3.23
N ALA M 180 31.61 16.62 -2.18
CA ALA M 180 31.04 17.27 -1.00
C ALA M 180 32.09 17.83 -0.04
N THR M 181 33.37 17.53 -0.24
CA THR M 181 34.48 18.07 0.53
C THR M 181 35.19 19.12 -0.32
N GLY M 182 35.43 20.29 0.28
CA GLY M 182 36.07 21.40 -0.42
C GLY M 182 37.58 21.41 -0.24
N GLY M 183 38.29 21.51 -1.35
CA GLY M 183 39.72 21.61 -1.32
C GLY M 183 40.18 23.04 -1.13
N PRO M 184 41.51 23.21 -1.16
CA PRO M 184 42.07 24.56 -1.01
C PRO M 184 41.67 25.46 -2.17
N ASP M 185 41.10 26.62 -1.83
CA ASP M 185 40.70 27.61 -2.82
C ASP M 185 41.77 28.71 -2.82
N LEU M 186 42.67 28.64 -3.81
CA LEU M 186 43.74 29.64 -3.88
C LEU M 186 43.25 30.96 -4.44
N VAL M 187 42.09 31.01 -5.11
CA VAL M 187 41.59 32.28 -5.63
C VAL M 187 41.00 33.13 -4.52
N ARG M 188 40.17 32.53 -3.65
CA ARG M 188 39.58 33.28 -2.55
C ARG M 188 40.39 33.20 -1.28
N GLY M 189 41.41 32.36 -1.23
CA GLY M 189 42.19 32.20 -0.01
C GLY M 189 41.44 31.52 1.11
N ILE M 190 40.69 30.48 0.81
CA ILE M 190 39.98 29.70 1.82
C ILE M 190 40.66 28.34 1.92
N PHE M 191 41.01 27.96 3.13
CA PHE M 191 41.76 26.75 3.42
C PHE M 191 41.05 26.02 4.54
N PRO M 192 41.33 24.73 4.71
CA PRO M 192 40.74 23.99 5.83
C PRO M 192 41.08 24.67 7.15
N THR M 193 40.25 24.43 8.16
CA THR M 193 40.55 24.89 9.52
C THR M 193 41.15 23.76 10.35
N ALA M 194 42.02 24.13 11.29
CA ALA M 194 42.63 23.12 12.16
C ALA M 194 42.79 23.69 13.57
N VAL M 195 42.70 22.78 14.55
CA VAL M 195 42.94 23.02 15.96
C VAL M 195 44.07 22.09 16.39
N ILE M 196 45.01 22.62 17.15
CA ILE M 196 46.09 21.84 17.74
C ILE M 196 45.85 21.80 19.25
N ILE M 197 46.12 20.65 19.87
CA ILE M 197 45.96 20.51 21.32
C ILE M 197 47.19 19.81 21.91
N ASP M 198 47.85 20.47 22.86
CA ASP M 198 48.93 19.84 23.61
C ASP M 198 48.79 20.23 25.08
N ALA M 199 49.84 20.00 25.88
CA ALA M 199 49.74 20.31 27.31
C ALA M 199 49.48 21.79 27.58
N ASP M 200 49.88 22.68 26.66
CA ASP M 200 49.61 24.11 26.83
C ASP M 200 48.18 24.49 26.48
N GLY M 201 47.37 23.55 26.04
CA GLY M 201 45.97 23.78 25.74
C GLY M 201 45.63 23.55 24.28
N ALA M 202 44.42 24.01 23.91
CA ALA M 202 43.89 23.87 22.56
C ALA M 202 43.89 25.22 21.88
N VAL M 203 44.60 25.32 20.77
CA VAL M 203 44.69 26.58 20.07
C VAL M 203 44.36 26.38 18.59
N ASP M 204 43.77 27.42 18.03
CA ASP M 204 43.40 27.44 16.62
C ASP M 204 44.66 27.75 15.79
N VAL M 205 44.85 26.99 14.71
CA VAL M 205 46.00 27.20 13.82
C VAL M 205 45.78 28.44 12.97
N PRO M 206 46.73 29.35 12.88
CA PRO M 206 46.54 30.49 11.99
C PRO M 206 46.52 30.02 10.53
N GLU M 207 45.69 30.67 9.73
CA GLU M 207 45.49 30.29 8.33
C GLU M 207 46.79 30.31 7.53
N SER M 208 47.68 31.27 7.80
CA SER M 208 48.97 31.36 7.13
C SER M 208 49.68 30.02 7.08
N ARG M 209 49.76 29.31 8.21
CA ARG M 209 50.50 28.04 8.24
C ARG M 209 49.83 27.00 7.34
N ILE M 210 48.51 26.97 7.32
CA ILE M 210 47.80 25.96 6.56
C ILE M 210 47.85 26.27 5.07
N ALA M 211 47.77 27.56 4.71
CA ALA M 211 47.94 27.95 3.32
C ALA M 211 49.33 27.62 2.81
N GLU M 212 50.35 27.84 3.64
CA GLU M 212 51.68 27.37 3.27
C GLU M 212 51.66 25.87 3.03
N LEU M 213 51.14 25.08 3.98
CA LEU M 213 51.18 23.62 3.81
C LEU M 213 50.36 23.18 2.59
N ALA M 214 49.20 23.79 2.39
CA ALA M 214 48.34 23.50 1.26
C ALA M 214 49.06 23.77 -0.06
N ARG M 215 49.68 24.95 -0.18
CA ARG M 215 50.42 25.24 -1.40
C ARG M 215 51.61 24.29 -1.57
N ALA M 216 52.30 23.93 -0.48
CA ALA M 216 53.39 22.98 -0.60
C ALA M 216 52.93 21.68 -1.23
N ILE M 217 51.75 21.19 -0.81
CA ILE M 217 51.17 19.96 -1.36
C ILE M 217 50.81 20.15 -2.83
N ILE M 218 50.22 21.30 -3.16
CA ILE M 218 49.87 21.58 -4.55
C ILE M 218 51.12 21.48 -5.41
N GLU M 219 52.14 22.32 -5.14
CA GLU M 219 53.34 22.38 -5.97
C GLU M 219 54.12 21.09 -5.93
N SER M 220 53.97 20.30 -4.87
CA SER M 220 54.63 19.01 -4.82
C SER M 220 53.92 17.95 -5.66
N ARG M 221 52.65 18.17 -6.03
CA ARG M 221 51.92 17.22 -6.88
C ARG M 221 51.83 17.59 -8.35
N SER M 222 52.28 18.77 -8.77
CA SER M 222 52.25 19.09 -10.18
C SER M 222 53.47 18.52 -10.91
N THR N 1 8.59 33.55 -5.50
CA THR N 1 9.08 34.58 -4.59
C THR N 1 10.59 34.74 -4.72
N THR N 2 11.07 35.97 -4.64
CA THR N 2 12.49 36.17 -4.44
C THR N 2 12.69 37.35 -3.53
N ILE N 3 13.53 37.17 -2.52
CA ILE N 3 13.99 38.24 -1.63
C ILE N 3 15.51 38.23 -1.72
N VAL N 4 16.08 39.41 -1.92
CA VAL N 4 17.52 39.62 -1.99
C VAL N 4 17.92 40.56 -0.87
N ALA N 5 19.17 40.46 -0.45
CA ALA N 5 19.75 41.39 0.51
C ALA N 5 21.23 41.51 0.19
N LEU N 6 21.77 42.72 0.27
CA LEU N 6 23.19 42.90 -0.02
C LEU N 6 23.75 44.02 0.84
N LYS N 7 25.04 43.89 1.16
CA LYS N 7 25.80 44.91 1.90
C LYS N 7 26.39 45.93 0.95
N TYR N 8 26.40 47.19 1.38
CA TYR N 8 27.16 48.27 0.76
C TYR N 8 27.93 49.00 1.86
N PRO N 9 28.92 49.81 1.49
CA PRO N 9 29.72 50.49 2.52
C PRO N 9 28.90 51.31 3.53
N GLY N 10 28.86 50.83 4.77
CA GLY N 10 28.16 51.51 5.84
C GLY N 10 26.72 51.12 6.02
N GLY N 11 26.25 50.08 5.32
CA GLY N 11 24.88 49.67 5.50
C GLY N 11 24.55 48.38 4.78
N VAL N 12 23.27 48.06 4.81
CA VAL N 12 22.70 46.85 4.20
C VAL N 12 21.34 47.22 3.58
N VAL N 13 20.95 46.47 2.52
CA VAL N 13 19.67 46.67 1.82
C VAL N 13 18.98 45.32 1.61
N MET N 14 17.65 45.33 1.73
CA MET N 14 16.86 44.14 1.47
C MET N 14 15.66 44.49 0.61
N ALA N 15 15.38 43.65 -0.40
CA ALA N 15 14.30 43.94 -1.32
C ALA N 15 13.58 42.63 -1.65
N GLY N 16 12.28 42.73 -1.89
CA GLY N 16 11.48 41.55 -2.17
C GLY N 16 10.39 41.87 -3.16
N ASP N 17 9.97 40.85 -3.91
CA ASP N 17 8.96 40.98 -4.95
C ASP N 17 7.57 41.02 -4.33
N ARG N 18 6.54 41.22 -5.18
CA ARG N 18 5.19 41.51 -4.68
C ARG N 18 4.17 40.45 -5.06
N ARG N 19 4.60 39.32 -5.61
CA ARG N 19 3.66 38.38 -6.20
C ARG N 19 3.21 37.33 -5.19
N SER N 20 1.92 37.04 -5.22
CA SER N 20 1.35 35.95 -4.44
C SER N 20 0.70 34.94 -5.37
N THR N 21 1.03 33.66 -5.20
CA THR N 21 0.61 32.63 -6.13
C THR N 21 -0.02 31.44 -5.43
N GLN N 22 -0.92 30.76 -6.15
CA GLN N 22 -1.47 29.44 -5.78
C GLN N 22 -1.43 28.58 -7.04
N GLY N 23 -0.38 27.76 -7.16
CA GLY N 23 -0.15 27.03 -8.40
C GLY N 23 0.29 27.93 -9.53
N ASN N 24 -0.46 27.91 -10.65
CA ASN N 24 -0.17 28.83 -11.73
C ASN N 24 -0.96 30.13 -11.62
N MET N 25 -1.97 30.20 -10.77
CA MET N 25 -2.78 31.41 -10.70
C MET N 25 -2.18 32.48 -9.79
N ILE N 26 -2.20 33.72 -10.29
CA ILE N 26 -1.71 34.86 -9.54
C ILE N 26 -2.83 35.26 -8.59
N SER N 27 -2.59 35.09 -7.31
CA SER N 27 -3.55 35.42 -6.26
C SER N 27 -3.22 36.75 -5.58
N GLY N 28 -2.11 37.39 -5.90
CA GLY N 28 -1.82 38.70 -5.35
C GLY N 28 -0.77 39.39 -6.17
N ARG N 29 -0.85 40.74 -6.22
CA ARG N 29 0.11 41.53 -6.96
C ARG N 29 0.85 42.57 -6.13
N ASP N 30 0.38 42.89 -4.92
CA ASP N 30 0.88 44.00 -4.13
C ASP N 30 1.42 43.56 -2.78
N VAL N 31 1.56 42.25 -2.59
CA VAL N 31 1.92 41.64 -1.32
C VAL N 31 3.28 42.14 -0.83
N ARG N 32 3.41 42.31 0.49
CA ARG N 32 4.65 42.78 1.11
C ARG N 32 5.34 41.59 1.79
N LYS N 33 6.61 41.35 1.44
CA LYS N 33 7.33 40.22 2.00
C LYS N 33 8.54 40.65 2.80
N VAL N 34 8.85 41.93 2.82
CA VAL N 34 10.00 42.45 3.52
C VAL N 34 9.53 43.42 4.58
N TYR N 35 9.97 43.19 5.83
CA TYR N 35 9.48 43.85 7.04
C TYR N 35 10.59 44.48 7.89
N ILE N 36 10.31 45.65 8.44
CA ILE N 36 11.14 46.21 9.51
C ILE N 36 10.82 45.40 10.77
N THR N 37 11.79 44.64 11.27
CA THR N 37 11.49 43.88 12.48
C THR N 37 11.96 44.56 13.76
N ASP N 38 12.95 45.44 13.66
CA ASP N 38 13.37 46.28 14.80
C ASP N 38 14.18 47.44 14.22
N ASP N 39 14.47 48.41 15.08
CA ASP N 39 15.06 49.65 14.60
C ASP N 39 16.33 49.46 13.77
N TYR N 40 17.05 48.33 13.95
CA TYR N 40 18.27 48.06 13.17
C TYR N 40 18.25 46.71 12.45
N THR N 41 17.08 46.07 12.27
CA THR N 41 16.98 44.79 11.57
C THR N 41 15.72 44.75 10.72
N ALA N 42 15.85 44.15 9.54
CA ALA N 42 14.76 43.88 8.63
C ALA N 42 14.76 42.40 8.27
N THR N 43 13.55 41.83 8.09
CA THR N 43 13.37 40.41 7.79
C THR N 43 12.50 40.25 6.55
N GLY N 44 12.94 39.43 5.61
CA GLY N 44 12.11 39.03 4.48
C GLY N 44 11.93 37.52 4.53
N ILE N 45 10.72 37.05 4.24
CA ILE N 45 10.43 35.63 4.36
C ILE N 45 9.85 35.10 3.06
N ALA N 46 10.18 33.85 2.73
CA ALA N 46 9.66 33.16 1.56
C ALA N 46 8.86 31.92 1.98
N GLY N 47 7.87 31.55 1.16
CA GLY N 47 7.10 30.34 1.41
C GLY N 47 5.62 30.63 1.51
N THR N 48 4.94 29.80 2.31
CA THR N 48 3.49 29.89 2.59
C THR N 48 3.17 31.18 3.33
N ALA N 49 2.26 31.97 2.75
CA ALA N 49 2.00 33.34 3.22
C ALA N 49 1.53 33.38 4.67
N ALA N 50 0.58 32.52 5.04
CA ALA N 50 0.07 32.49 6.40
C ALA N 50 1.22 32.35 7.40
N VAL N 51 2.09 31.37 7.15
CA VAL N 51 3.21 31.08 8.03
C VAL N 51 4.27 32.18 7.95
N ALA N 52 4.50 32.72 6.75
CA ALA N 52 5.54 33.74 6.59
C ALA N 52 5.21 35.00 7.38
N VAL N 53 3.97 35.49 7.26
CA VAL N 53 3.60 36.66 8.06
C VAL N 53 3.53 36.29 9.53
N GLU N 54 3.03 35.11 9.87
CA GLU N 54 3.05 34.75 11.28
C GLU N 54 4.46 34.84 11.85
N PHE N 55 5.45 34.30 11.12
CA PHE N 55 6.84 34.36 11.56
C PHE N 55 7.30 35.80 11.75
N ALA N 56 7.12 36.64 10.72
CA ALA N 56 7.64 38.00 10.84
C ALA N 56 7.01 38.71 12.03
N ARG N 57 5.69 38.56 12.21
CA ARG N 57 5.01 39.27 13.28
C ARG N 57 5.53 38.81 14.63
N LEU N 58 5.48 37.50 14.86
CA LEU N 58 5.92 36.95 16.15
C LEU N 58 7.37 37.28 16.43
N TYR N 59 8.20 37.25 15.40
CA TYR N 59 9.62 37.53 15.58
C TYR N 59 9.85 38.97 16.03
N ALA N 60 9.19 39.94 15.36
CA ALA N 60 9.29 41.31 15.82
C ALA N 60 8.80 41.45 17.26
N VAL N 61 7.69 40.79 17.60
CA VAL N 61 7.23 40.86 18.98
C VAL N 61 8.24 40.25 19.93
N GLU N 62 8.87 39.14 19.57
CA GLU N 62 9.83 38.50 20.45
C GLU N 62 11.02 39.43 20.73
N LEU N 63 11.55 40.07 19.70
CA LEU N 63 12.66 40.98 19.92
C LEU N 63 12.23 42.10 20.86
N GLU N 64 11.12 42.79 20.52
CA GLU N 64 10.71 43.94 21.34
C GLU N 64 10.41 43.52 22.77
N HIS N 65 9.87 42.32 22.95
CA HIS N 65 9.59 41.80 24.27
C HIS N 65 10.87 41.72 25.08
N TYR N 66 11.91 41.09 24.49
CA TYR N 66 13.18 41.04 25.19
C TYR N 66 13.63 42.44 25.55
N GLU N 67 13.53 43.39 24.60
CA GLU N 67 14.08 44.72 24.87
C GLU N 67 13.35 45.43 26.01
N LYS N 68 12.01 45.36 26.04
CA LYS N 68 11.34 46.04 27.15
C LYS N 68 11.57 45.31 28.47
N LEU N 69 11.66 43.99 28.45
CA LEU N 69 11.86 43.32 29.73
C LEU N 69 13.23 43.63 30.31
N GLU N 70 14.27 43.70 29.47
CA GLU N 70 15.64 43.73 29.98
C GLU N 70 16.36 45.05 29.76
N GLY N 71 15.67 46.09 29.27
CA GLY N 71 16.27 47.41 29.16
C GLY N 71 17.32 47.54 28.08
N VAL N 72 17.63 46.47 27.37
CA VAL N 72 18.64 46.48 26.30
C VAL N 72 18.17 45.54 25.19
N PRO N 73 18.42 45.88 23.92
CA PRO N 73 18.03 44.97 22.85
C PRO N 73 18.94 43.75 22.83
N LEU N 74 18.49 42.72 22.13
CA LEU N 74 19.32 41.53 21.97
C LEU N 74 20.58 41.83 21.17
N THR N 75 21.64 41.12 21.50
CA THR N 75 22.76 41.09 20.58
C THR N 75 22.31 40.51 19.25
N PHE N 76 23.05 40.86 18.20
CA PHE N 76 22.69 40.38 16.87
C PHE N 76 22.76 38.85 16.81
N ALA N 77 23.80 38.24 17.41
CA ALA N 77 23.85 36.78 17.46
C ALA N 77 22.62 36.20 18.14
N GLY N 78 22.17 36.85 19.24
CA GLY N 78 20.94 36.39 19.88
C GLY N 78 19.74 36.48 18.95
N LYS N 79 19.66 37.54 18.16
CA LYS N 79 18.57 37.62 17.20
C LYS N 79 18.65 36.49 16.17
N ILE N 80 19.86 36.22 15.64
CA ILE N 80 20.00 35.11 14.70
C ILE N 80 19.51 33.83 15.34
N ASN N 81 19.94 33.58 16.58
CA ASN N 81 19.55 32.35 17.25
C ASN N 81 18.04 32.26 17.42
N ARG N 82 17.37 33.38 17.71
CA ARG N 82 15.93 33.26 17.91
C ARG N 82 15.22 32.95 16.58
N LEU N 83 15.67 33.56 15.48
CA LEU N 83 15.04 33.20 14.22
C LEU N 83 15.29 31.72 13.90
N ALA N 84 16.53 31.25 14.14
CA ALA N 84 16.86 29.84 13.91
C ALA N 84 15.96 28.89 14.69
N ILE N 85 15.79 29.17 15.99
CA ILE N 85 14.95 28.36 16.86
C ILE N 85 13.50 28.38 16.39
N MET N 86 13.05 29.54 15.92
CA MET N 86 11.70 29.62 15.39
C MET N 86 11.51 28.73 14.15
N VAL N 87 12.44 28.83 13.19
CA VAL N 87 12.36 28.01 11.98
C VAL N 87 12.38 26.52 12.32
N ARG N 88 13.39 26.07 13.10
CA ARG N 88 13.40 24.63 13.38
C ARG N 88 12.13 24.23 14.09
N GLY N 89 11.62 25.08 14.98
CA GLY N 89 10.33 24.80 15.55
C GLY N 89 9.27 24.51 14.52
N ASN N 90 9.34 25.17 13.37
CA ASN N 90 8.31 24.95 12.37
C ASN N 90 8.62 23.78 11.43
N LEU N 91 9.73 23.07 11.62
CA LEU N 91 10.13 22.06 10.63
C LEU N 91 9.08 20.96 10.44
N ALA N 92 8.40 20.53 11.51
CA ALA N 92 7.40 19.46 11.34
C ALA N 92 6.27 19.90 10.42
N ALA N 93 5.64 21.05 10.70
CA ALA N 93 4.59 21.56 9.83
C ALA N 93 5.12 21.88 8.43
N ALA N 94 6.34 22.40 8.36
CA ALA N 94 6.96 22.74 7.08
C ALA N 94 7.09 21.50 6.19
N MET N 95 7.39 20.35 6.81
CA MET N 95 7.44 19.09 6.07
C MET N 95 6.12 18.76 5.40
N GLN N 96 5.00 19.22 5.95
CA GLN N 96 3.68 18.91 5.44
C GLN N 96 3.14 19.98 4.50
N GLY N 97 3.95 20.96 4.10
CA GLY N 97 3.50 21.97 3.17
C GLY N 97 3.43 23.37 3.70
N LEU N 98 3.64 23.59 5.01
CA LEU N 98 3.61 24.94 5.61
C LEU N 98 5.03 25.48 5.82
N LEU N 99 5.73 25.72 4.70
CA LEU N 99 7.15 26.13 4.70
C LEU N 99 7.31 27.64 4.75
N ALA N 100 8.32 28.09 5.50
CA ALA N 100 8.71 29.49 5.54
C ALA N 100 10.21 29.57 5.79
N LEU N 101 10.95 30.12 4.84
CA LEU N 101 12.39 30.34 4.96
C LEU N 101 12.64 31.82 5.10
N PRO N 102 13.32 32.27 6.14
CA PRO N 102 13.63 33.70 6.24
C PRO N 102 15.01 34.09 5.73
N LEU N 103 15.14 35.36 5.48
CA LEU N 103 16.39 36.04 5.23
C LEU N 103 16.41 37.26 6.15
N LEU N 104 17.53 37.47 6.82
CA LEU N 104 17.68 38.52 7.82
C LEU N 104 18.73 39.52 7.34
N ALA N 105 18.44 40.81 7.47
CA ALA N 105 19.43 41.85 7.15
C ALA N 105 19.44 42.90 8.26
N GLY N 106 20.62 43.23 8.76
CA GLY N 106 20.67 44.15 9.88
C GLY N 106 21.95 44.94 9.92
N TYR N 107 21.99 45.88 10.86
CA TYR N 107 23.17 46.68 11.17
C TYR N 107 23.51 46.41 12.63
N ASP N 108 24.70 45.88 12.88
CA ASP N 108 25.15 45.58 14.23
C ASP N 108 25.78 46.82 14.85
N ILE N 109 25.06 47.47 15.76
CA ILE N 109 25.60 48.65 16.43
C ILE N 109 26.78 48.32 17.36
N HIS N 110 26.90 47.10 17.86
CA HIS N 110 28.05 46.75 18.69
C HIS N 110 29.21 46.21 17.87
N ALA N 111 29.22 46.44 16.57
CA ALA N 111 30.29 45.92 15.74
C ALA N 111 31.56 46.73 15.92
N SER N 112 32.68 46.09 15.61
CA SER N 112 33.99 46.71 15.81
C SER N 112 34.16 47.88 14.85
N ASP N 113 34.04 47.61 13.56
CA ASP N 113 34.20 48.60 12.52
C ASP N 113 32.85 49.01 11.95
N PRO N 114 32.38 50.25 12.18
CA PRO N 114 31.09 50.64 11.59
C PRO N 114 31.06 50.61 10.08
N GLN N 115 32.21 50.56 9.41
CA GLN N 115 32.23 50.40 7.98
C GLN N 115 31.57 49.07 7.57
N SER N 116 31.96 47.99 8.25
CA SER N 116 31.51 46.61 7.97
C SER N 116 30.55 46.08 9.03
N ALA N 117 29.72 46.96 9.59
CA ALA N 117 28.74 46.56 10.60
C ALA N 117 27.48 45.96 9.98
N GLY N 118 27.33 46.00 8.67
CA GLY N 118 26.19 45.35 8.05
C GLY N 118 26.29 43.84 8.18
N ARG N 119 25.12 43.19 8.29
CA ARG N 119 25.02 41.75 8.46
C ARG N 119 23.92 41.17 7.56
N ILE N 120 24.22 40.04 6.92
CA ILE N 120 23.26 39.30 6.09
C ILE N 120 23.25 37.85 6.51
N VAL N 121 22.09 37.35 6.95
CA VAL N 121 21.99 35.99 7.47
C VAL N 121 20.91 35.23 6.71
N SER N 122 21.28 34.09 6.14
CA SER N 122 20.31 33.24 5.47
C SER N 122 20.14 31.96 6.26
N PHE N 123 19.00 31.32 6.05
CA PHE N 123 18.62 30.16 6.83
C PHE N 123 18.17 29.03 5.91
N ASP N 124 18.12 27.84 6.47
CA ASP N 124 17.51 26.70 5.80
C ASP N 124 16.36 26.18 6.65
N ALA N 125 15.63 25.22 6.10
CA ALA N 125 14.40 24.73 6.71
C ALA N 125 14.63 24.08 8.06
N ALA N 126 15.84 23.63 8.34
CA ALA N 126 16.17 23.06 9.65
C ALA N 126 16.57 24.14 10.65
N GLY N 127 16.61 25.39 10.23
CA GLY N 127 17.05 26.47 11.07
C GLY N 127 18.54 26.67 11.07
N GLY N 128 19.29 25.95 10.23
CA GLY N 128 20.66 26.30 9.88
C GLY N 128 20.83 27.75 9.47
N TRP N 129 21.91 28.42 9.88
CA TRP N 129 22.10 29.82 9.49
C TRP N 129 23.48 30.02 8.89
N ASN N 130 23.59 31.12 8.15
CA ASN N 130 24.82 31.56 7.52
C ASN N 130 24.91 33.06 7.69
N ILE N 131 25.99 33.53 8.33
CA ILE N 131 26.33 34.94 8.33
C ILE N 131 27.26 35.15 7.14
N GLU N 132 26.80 35.92 6.15
CA GLU N 132 27.43 35.95 4.84
C GLU N 132 28.62 36.90 4.78
N GLU N 133 29.81 36.36 4.48
CA GLU N 133 31.01 37.15 4.23
C GLU N 133 31.30 37.27 2.74
N GLU N 134 30.27 37.44 1.91
CA GLU N 134 30.48 37.68 0.48
C GLU N 134 29.49 38.70 -0.07
N GLY N 135 28.66 39.31 0.77
CA GLY N 135 28.01 40.54 0.41
C GLY N 135 26.56 40.45 0.00
N TYR N 136 26.09 39.30 -0.49
CA TYR N 136 24.70 39.25 -0.91
C TYR N 136 24.11 37.87 -0.70
N GLN N 137 22.79 37.83 -0.67
CA GLN N 137 22.11 36.57 -0.48
C GLN N 137 20.68 36.73 -0.93
N ALA N 138 20.04 35.61 -1.19
CA ALA N 138 18.66 35.61 -1.64
C ALA N 138 18.03 34.33 -1.18
N VAL N 139 16.70 34.34 -1.18
CA VAL N 139 15.88 33.22 -0.75
C VAL N 139 14.60 33.26 -1.56
N GLY N 140 14.01 32.09 -1.80
CA GLY N 140 12.80 31.95 -2.57
C GLY N 140 13.06 31.17 -3.85
N SER N 141 11.97 30.98 -4.63
CA SER N 141 12.05 30.21 -5.88
C SER N 141 12.91 30.87 -6.95
N GLY N 142 13.13 32.18 -6.88
CA GLY N 142 14.01 32.85 -7.80
C GLY N 142 15.39 33.13 -7.25
N SER N 143 15.73 32.57 -6.09
CA SER N 143 16.98 32.94 -5.46
C SER N 143 18.20 32.56 -6.29
N LEU N 144 18.15 31.50 -7.09
CA LEU N 144 19.40 31.18 -7.79
C LEU N 144 19.64 32.15 -8.94
N PHE N 145 18.57 32.56 -9.63
CA PHE N 145 18.71 33.59 -10.65
C PHE N 145 19.22 34.88 -10.05
N ALA N 146 18.63 35.30 -8.92
CA ALA N 146 19.06 36.54 -8.28
C ALA N 146 20.51 36.46 -7.83
N LYS N 147 20.90 35.34 -7.19
CA LYS N 147 22.29 35.25 -6.73
C LYS N 147 23.24 35.24 -7.90
N SER N 148 22.90 34.55 -9.00
CA SER N 148 23.77 34.54 -10.18
C SER N 148 23.86 35.88 -10.87
N SER N 149 22.79 36.69 -10.79
CA SER N 149 22.80 38.07 -11.26
C SER N 149 23.72 38.94 -10.41
N MET N 150 23.54 38.90 -9.08
CA MET N 150 24.39 39.67 -8.18
C MET N 150 25.85 39.25 -8.28
N LYS N 151 26.12 38.00 -8.63
CA LYS N 151 27.52 37.61 -8.80
C LYS N 151 28.20 38.46 -9.86
N LYS N 152 27.47 38.86 -10.90
CA LYS N 152 28.03 39.68 -11.97
C LYS N 152 27.88 41.18 -11.70
N LEU N 153 26.86 41.59 -10.97
CA LEU N 153 26.62 43.00 -10.72
C LEU N 153 27.16 43.49 -9.39
N TYR N 154 27.73 42.63 -8.53
CA TYR N 154 28.03 43.08 -7.17
C TYR N 154 29.23 44.01 -7.15
N SER N 155 30.12 43.89 -8.15
CA SER N 155 31.31 44.75 -8.23
C SER N 155 30.99 46.24 -8.35
N GLN N 156 29.77 46.58 -8.80
CA GLN N 156 29.32 47.95 -9.00
C GLN N 156 28.73 48.57 -7.74
N VAL N 157 28.83 47.91 -6.60
CA VAL N 157 28.28 48.45 -5.37
C VAL N 157 29.36 49.29 -4.69
N THR N 158 29.13 50.60 -4.64
CA THR N 158 30.05 51.54 -4.00
C THR N 158 29.39 52.38 -2.91
N ASP N 159 28.05 52.51 -2.90
CA ASP N 159 27.33 53.30 -1.90
C ASP N 159 25.90 52.75 -1.80
N GLY N 160 25.08 53.38 -0.96
CA GLY N 160 23.72 52.91 -0.78
C GLY N 160 22.90 52.95 -2.06
N ASP N 161 23.17 53.95 -2.93
CA ASP N 161 22.36 54.08 -4.13
C ASP N 161 22.65 52.98 -5.15
N SER N 162 23.92 52.74 -5.45
CA SER N 162 24.23 51.67 -6.39
C SER N 162 23.81 50.31 -5.86
N GLY N 163 23.97 50.08 -4.55
CA GLY N 163 23.54 48.81 -3.98
C GLY N 163 22.05 48.59 -4.11
N LEU N 164 21.25 49.62 -3.82
CA LEU N 164 19.81 49.47 -4.00
C LEU N 164 19.51 49.12 -5.46
N ARG N 165 20.12 49.86 -6.39
CA ARG N 165 19.86 49.58 -7.79
C ARG N 165 20.16 48.13 -8.12
N VAL N 166 21.33 47.64 -7.70
CA VAL N 166 21.73 46.27 -8.06
C VAL N 166 20.74 45.26 -7.48
N ALA N 167 20.23 45.52 -6.26
CA ALA N 167 19.23 44.66 -5.65
C ALA N 167 17.97 44.56 -6.51
N VAL N 168 17.43 45.71 -6.92
CA VAL N 168 16.25 45.66 -7.77
C VAL N 168 16.56 44.95 -9.08
N GLU N 169 17.80 45.05 -9.57
CA GLU N 169 18.11 44.42 -10.84
C GLU N 169 18.18 42.90 -10.72
N ALA N 170 18.71 42.39 -9.60
CA ALA N 170 18.68 40.95 -9.37
C ALA N 170 17.24 40.46 -9.18
N LEU N 171 16.42 41.24 -8.46
CA LEU N 171 15.02 40.86 -8.37
C LEU N 171 14.37 40.86 -9.74
N TYR N 172 14.85 41.73 -10.63
CA TYR N 172 14.34 41.75 -12.00
C TYR N 172 14.74 40.48 -12.75
N ASP N 173 16.01 40.08 -12.66
CA ASP N 173 16.44 38.87 -13.36
C ASP N 173 15.71 37.63 -12.81
N ALA N 174 15.52 37.58 -11.48
CA ALA N 174 14.73 36.51 -10.89
C ALA N 174 13.31 36.48 -11.46
N ALA N 175 12.63 37.63 -11.47
CA ALA N 175 11.26 37.62 -11.99
C ALA N 175 11.22 37.27 -13.47
N ASP N 176 12.31 37.52 -14.20
CA ASP N 176 12.38 37.22 -15.63
C ASP N 176 12.49 35.73 -15.91
N ASP N 177 13.09 34.98 -14.99
CA ASP N 177 13.23 33.54 -15.17
C ASP N 177 12.33 32.72 -14.25
N ASP N 178 11.60 33.33 -13.32
CA ASP N 178 10.77 32.60 -12.37
C ASP N 178 9.38 33.19 -12.38
N SER N 179 8.41 32.38 -12.77
CA SER N 179 7.05 32.91 -12.91
C SER N 179 6.38 33.12 -11.55
N ALA N 180 6.89 32.52 -10.49
CA ALA N 180 6.31 32.80 -9.18
C ALA N 180 6.80 34.12 -8.61
N THR N 181 7.79 34.76 -9.23
CA THR N 181 8.28 36.05 -8.79
C THR N 181 7.75 37.13 -9.73
N GLY N 182 7.15 38.17 -9.14
CA GLY N 182 6.53 39.23 -9.92
C GLY N 182 7.54 40.33 -10.19
N GLY N 183 7.65 40.70 -11.46
CA GLY N 183 8.47 41.82 -11.85
C GLY N 183 7.72 43.11 -11.70
N PRO N 184 8.39 44.21 -12.08
CA PRO N 184 7.78 45.53 -11.98
C PRO N 184 6.56 45.64 -12.90
N ASP N 185 5.43 46.02 -12.31
CA ASP N 185 4.16 46.16 -13.01
C ASP N 185 4.00 47.65 -13.34
N LEU N 186 4.30 48.02 -14.60
CA LEU N 186 4.32 49.43 -15.02
C LEU N 186 2.92 50.01 -15.22
N VAL N 187 1.90 49.16 -15.36
CA VAL N 187 0.51 49.63 -15.49
C VAL N 187 -0.12 49.95 -14.15
N ARG N 188 0.09 49.12 -13.14
CA ARG N 188 -0.46 49.41 -11.84
C ARG N 188 0.50 50.14 -10.92
N GLY N 189 1.75 50.32 -11.31
CA GLY N 189 2.68 51.00 -10.43
C GLY N 189 2.98 50.19 -9.19
N ILE N 190 3.17 48.88 -9.34
CA ILE N 190 3.55 48.01 -8.26
C ILE N 190 4.97 47.58 -8.52
N PHE N 191 5.83 47.76 -7.53
CA PHE N 191 7.25 47.49 -7.65
C PHE N 191 7.69 46.72 -6.42
N PRO N 192 8.88 46.08 -6.44
CA PRO N 192 9.41 45.42 -5.23
C PRO N 192 9.45 46.38 -4.04
N THR N 193 9.40 45.89 -2.79
CA THR N 193 9.65 46.76 -1.64
C THR N 193 11.08 46.57 -1.18
N ALA N 194 11.65 47.62 -0.60
CA ALA N 194 13.03 47.54 -0.11
C ALA N 194 13.15 48.29 1.21
N VAL N 195 14.04 47.80 2.04
CA VAL N 195 14.42 48.41 3.31
C VAL N 195 15.92 48.66 3.26
N ILE N 196 16.33 49.86 3.69
CA ILE N 196 17.73 50.24 3.80
C ILE N 196 18.04 50.41 5.30
N ILE N 197 19.21 49.93 5.73
CA ILE N 197 19.61 50.02 7.14
C ILE N 197 21.04 50.53 7.21
N ASP N 198 21.26 51.60 7.94
CA ASP N 198 22.62 52.09 8.20
C ASP N 198 22.67 52.50 9.67
N ALA N 199 23.69 53.28 10.02
CA ALA N 199 23.86 53.73 11.39
C ALA N 199 22.67 54.57 11.87
N ASP N 200 21.93 55.23 10.97
CA ASP N 200 20.75 56.00 11.34
C ASP N 200 19.52 55.13 11.53
N GLY N 201 19.63 53.83 11.30
CA GLY N 201 18.55 52.92 11.52
C GLY N 201 18.06 52.31 10.23
N ALA N 202 16.89 51.67 10.32
CA ALA N 202 16.25 50.94 9.22
C ALA N 202 15.01 51.68 8.75
N VAL N 203 14.98 52.05 7.47
CA VAL N 203 13.86 52.77 6.91
C VAL N 203 13.43 52.05 5.63
N ASP N 204 12.11 52.07 5.36
CA ASP N 204 11.58 51.50 4.13
C ASP N 204 11.86 52.49 3.00
N VAL N 205 12.39 52.02 1.87
CA VAL N 205 12.74 52.97 0.80
C VAL N 205 11.48 53.49 0.12
N PRO N 206 11.41 54.79 -0.18
CA PRO N 206 10.19 55.33 -0.78
C PRO N 206 9.92 54.70 -2.14
N GLU N 207 8.65 54.34 -2.35
CA GLU N 207 8.19 53.62 -3.55
C GLU N 207 8.59 54.32 -4.85
N SER N 208 8.55 55.65 -4.87
CA SER N 208 9.01 56.39 -6.04
C SER N 208 10.43 55.99 -6.43
N ARG N 209 11.30 55.76 -5.45
CA ARG N 209 12.69 55.46 -5.77
C ARG N 209 12.82 54.09 -6.43
N ILE N 210 11.93 53.17 -6.04
CA ILE N 210 11.90 51.86 -6.67
C ILE N 210 11.33 51.96 -8.08
N ALA N 211 10.28 52.77 -8.26
CA ALA N 211 9.73 52.96 -9.61
C ALA N 211 10.77 53.57 -10.54
N GLU N 212 11.53 54.56 -10.04
CA GLU N 212 12.61 55.12 -10.84
C GLU N 212 13.67 54.07 -11.17
N LEU N 213 14.12 53.28 -10.19
CA LEU N 213 15.13 52.27 -10.54
C LEU N 213 14.58 51.17 -11.44
N ALA N 214 13.33 50.78 -11.22
CA ALA N 214 12.68 49.77 -12.04
C ALA N 214 12.63 50.18 -13.50
N ARG N 215 11.94 51.29 -13.80
CA ARG N 215 11.90 51.77 -15.18
C ARG N 215 13.30 52.01 -15.71
N ALA N 216 14.22 52.44 -14.84
CA ALA N 216 15.61 52.59 -15.25
C ALA N 216 16.19 51.30 -15.78
N ILE N 217 15.93 50.17 -15.09
CA ILE N 217 16.43 48.85 -15.50
C ILE N 217 15.73 48.37 -16.76
N ILE N 218 14.41 48.57 -16.81
CA ILE N 218 13.64 48.16 -17.98
C ILE N 218 14.19 48.82 -19.24
N GLU N 219 14.37 50.15 -19.21
CA GLU N 219 14.98 50.81 -20.36
C GLU N 219 16.42 50.34 -20.55
N SER N 220 17.14 50.10 -19.45
CA SER N 220 18.51 49.61 -19.55
C SER N 220 18.61 48.35 -20.38
N ARG N 221 17.50 47.60 -20.48
CA ARG N 221 17.45 46.41 -21.33
C ARG N 221 16.66 46.58 -22.62
N SER N 222 15.95 47.69 -22.82
CA SER N 222 15.22 47.89 -24.06
C SER N 222 16.11 48.37 -25.21
N GLY N 223 17.07 49.24 -24.91
CA GLY N 223 17.95 49.80 -25.93
C GLY N 223 18.84 48.79 -26.65
N MET O 1 0.42 -38.77 -60.30
CA MET O 1 0.74 -39.05 -58.90
C MET O 1 1.33 -40.41 -58.70
N GLU O 2 0.59 -41.45 -59.11
CA GLU O 2 1.09 -42.80 -58.95
C GLU O 2 2.28 -43.08 -59.83
N GLN O 3 2.48 -42.27 -60.87
CA GLN O 3 3.76 -42.26 -61.58
C GLN O 3 4.88 -41.74 -60.68
N ALA O 4 4.68 -40.56 -60.07
CA ALA O 4 5.61 -40.08 -59.05
C ALA O 4 5.81 -41.10 -57.94
N MET O 5 4.75 -41.81 -57.55
CA MET O 5 4.87 -42.80 -56.47
C MET O 5 5.73 -43.98 -56.89
N ARG O 6 5.52 -44.48 -58.12
CA ARG O 6 6.41 -45.52 -58.64
C ARG O 6 7.86 -45.03 -58.70
N GLU O 7 8.07 -43.79 -59.19
CA GLU O 7 9.43 -43.23 -59.25
C GLU O 7 10.03 -43.15 -57.86
N ARG O 8 9.22 -42.73 -56.86
CA ARG O 8 9.68 -42.64 -55.47
C ARG O 8 10.10 -43.98 -54.89
N SER O 9 9.24 -44.98 -55.01
CA SER O 9 9.54 -46.32 -54.54
C SER O 9 10.79 -46.89 -55.21
N GLU O 10 10.98 -46.59 -56.50
CA GLU O 10 12.16 -47.15 -57.19
C GLU O 10 13.44 -46.46 -56.73
N LEU O 11 13.41 -45.13 -56.56
CA LEU O 11 14.60 -44.44 -56.05
C LEU O 11 14.99 -44.97 -54.68
N ALA O 12 14.00 -45.17 -53.80
CA ALA O 12 14.28 -45.68 -52.46
C ALA O 12 14.81 -47.11 -52.49
N ARG O 13 14.15 -47.99 -53.23
CA ARG O 13 14.58 -49.38 -53.26
C ARG O 13 16.02 -49.51 -53.77
N LYS O 14 16.35 -48.87 -54.92
CA LYS O 14 17.70 -48.99 -55.43
C LYS O 14 18.71 -48.38 -54.46
N GLY O 15 18.39 -47.18 -53.96
CA GLY O 15 19.19 -46.57 -52.90
C GLY O 15 19.53 -47.58 -51.84
N ILE O 16 18.56 -48.43 -51.48
CA ILE O 16 18.79 -49.43 -50.43
C ILE O 16 19.70 -50.54 -50.94
N ALA O 17 19.55 -50.93 -52.21
CA ALA O 17 20.35 -52.00 -52.79
C ALA O 17 21.84 -51.64 -52.92
N ARG O 18 22.19 -50.35 -53.03
CA ARG O 18 23.60 -49.94 -53.09
C ARG O 18 24.28 -49.88 -51.74
N ALA O 19 23.55 -50.01 -50.63
CA ALA O 19 24.10 -49.83 -49.29
C ALA O 19 24.49 -51.15 -48.67
N LYS O 20 25.44 -51.09 -47.74
CA LYS O 20 25.91 -52.31 -47.09
C LYS O 20 24.76 -52.97 -46.30
N SER O 21 24.89 -54.28 -46.10
CA SER O 21 23.82 -55.07 -45.50
C SER O 21 23.93 -55.17 -43.98
N VAL O 22 22.77 -55.43 -43.36
CA VAL O 22 22.62 -55.52 -41.91
C VAL O 22 21.70 -56.68 -41.59
N VAL O 23 22.04 -57.43 -40.54
CA VAL O 23 21.24 -58.57 -40.10
C VAL O 23 20.99 -58.47 -38.60
N ALA O 24 19.76 -58.79 -38.17
CA ALA O 24 19.41 -58.80 -36.75
C ALA O 24 18.64 -60.08 -36.42
N LEU O 25 19.16 -60.87 -35.48
CA LEU O 25 18.53 -62.15 -35.17
C LEU O 25 18.54 -62.38 -33.67
N ALA O 26 17.49 -63.08 -33.22
CA ALA O 26 17.30 -63.41 -31.81
C ALA O 26 18.11 -64.62 -31.39
N TYR O 27 18.76 -64.52 -30.23
CA TYR O 27 19.52 -65.64 -29.68
C TYR O 27 19.14 -65.82 -28.20
N ALA O 28 19.79 -66.77 -27.56
CA ALA O 28 19.38 -67.16 -26.22
C ALA O 28 19.42 -65.98 -25.26
N GLY O 29 20.42 -65.11 -25.38
CA GLY O 29 20.62 -64.01 -24.47
C GLY O 29 19.92 -62.72 -24.81
N GLY O 30 19.16 -62.68 -25.92
CA GLY O 30 18.48 -61.48 -26.36
C GLY O 30 18.49 -61.27 -27.86
N VAL O 31 19.03 -60.14 -28.32
CA VAL O 31 19.06 -59.84 -29.75
C VAL O 31 20.48 -59.47 -30.16
N LEU O 32 20.89 -59.96 -31.32
CA LEU O 32 22.19 -59.70 -31.89
C LEU O 32 22.00 -58.91 -33.18
N PHE O 33 22.76 -57.82 -33.31
CA PHE O 33 22.83 -56.97 -34.49
C PHE O 33 24.23 -57.13 -35.10
N VAL O 34 24.28 -57.51 -36.37
CA VAL O 34 25.53 -57.65 -37.10
C VAL O 34 25.43 -56.87 -38.41
N ALA O 35 26.35 -55.94 -38.62
CA ALA O 35 26.32 -55.11 -39.82
C ALA O 35 27.69 -55.07 -40.45
N GLU O 36 27.73 -55.02 -41.78
CA GLU O 36 28.97 -54.75 -42.49
C GLU O 36 29.18 -53.24 -42.50
N ASN O 37 30.23 -52.76 -41.82
CA ASN O 37 30.45 -51.33 -41.65
C ASN O 37 31.94 -51.02 -41.52
N PRO O 38 32.56 -50.46 -42.57
CA PRO O 38 33.99 -50.14 -42.50
C PRO O 38 34.33 -49.02 -41.53
N SER O 39 33.39 -48.12 -41.25
CA SER O 39 33.71 -46.89 -40.50
C SER O 39 34.14 -47.19 -39.07
N ARG O 40 35.13 -46.43 -38.60
CA ARG O 40 35.59 -46.57 -37.24
C ARG O 40 34.78 -45.75 -36.25
N SER O 41 33.96 -44.80 -36.72
CA SER O 41 33.21 -43.94 -35.81
C SER O 41 31.75 -43.71 -36.18
N LEU O 42 31.32 -44.01 -37.40
CA LEU O 42 29.93 -43.80 -37.81
C LEU O 42 29.12 -45.09 -37.67
N GLN O 43 28.00 -45.01 -36.93
CA GLN O 43 27.26 -46.17 -36.44
C GLN O 43 25.99 -46.42 -37.25
N LYS O 44 25.75 -47.68 -37.63
CA LYS O 44 24.49 -48.14 -38.22
C LYS O 44 23.55 -48.77 -37.19
N ILE O 45 24.06 -49.11 -36.02
CA ILE O 45 23.32 -49.76 -34.95
C ILE O 45 23.34 -48.84 -33.73
N SER O 46 22.22 -48.73 -33.04
CA SER O 46 22.11 -47.75 -31.96
C SER O 46 21.17 -48.26 -30.88
N GLU O 47 21.38 -47.75 -29.67
CA GLU O 47 20.41 -47.92 -28.60
C GLU O 47 19.29 -46.90 -28.83
N LEU O 48 18.05 -47.36 -28.64
CA LEU O 48 16.89 -46.48 -28.63
C LEU O 48 16.41 -46.19 -27.20
N TYR O 49 16.10 -47.24 -26.44
CA TYR O 49 15.69 -47.07 -25.06
C TYR O 49 16.20 -48.28 -24.30
N ASP O 50 15.89 -48.32 -23.00
CA ASP O 50 16.50 -49.28 -22.08
C ASP O 50 16.54 -50.70 -22.66
N ARG O 51 15.41 -51.20 -23.18
CA ARG O 51 15.36 -52.55 -23.73
C ARG O 51 15.08 -52.57 -25.24
N VAL O 52 15.27 -51.45 -25.93
CA VAL O 52 14.91 -51.32 -27.34
C VAL O 52 16.11 -50.85 -28.12
N GLY O 53 16.41 -51.58 -29.20
CA GLY O 53 17.50 -51.27 -30.09
C GLY O 53 17.05 -51.03 -31.51
N PHE O 54 17.99 -50.48 -32.29
CA PHE O 54 17.75 -49.93 -33.62
C PHE O 54 18.88 -50.39 -34.53
N ALA O 55 18.53 -50.84 -35.74
CA ALA O 55 19.55 -51.10 -36.76
C ALA O 55 19.00 -50.66 -38.10
N ALA O 56 19.86 -50.18 -38.99
CA ALA O 56 19.36 -49.56 -40.22
C ALA O 56 20.27 -49.84 -41.40
N ALA O 57 19.66 -49.76 -42.59
CA ALA O 57 20.35 -49.85 -43.87
C ALA O 57 19.98 -48.67 -44.74
N GLY O 58 20.95 -48.16 -45.50
CA GLY O 58 20.64 -47.09 -46.44
C GLY O 58 21.56 -45.89 -46.31
N LYS O 59 21.03 -44.71 -46.58
CA LYS O 59 21.84 -43.49 -46.52
C LYS O 59 22.05 -43.06 -45.07
N PHE O 60 23.32 -42.80 -44.70
CA PHE O 60 23.63 -42.58 -43.29
C PHE O 60 22.90 -41.34 -42.75
N ASN O 61 23.02 -40.20 -43.42
CA ASN O 61 22.40 -39.00 -42.85
C ASN O 61 20.90 -39.18 -42.63
N GLU O 62 20.23 -39.97 -43.48
CA GLU O 62 18.79 -40.14 -43.36
C GLU O 62 18.44 -41.11 -42.21
N PHE O 63 19.04 -42.30 -42.17
CA PHE O 63 18.67 -43.14 -41.04
C PHE O 63 19.24 -42.61 -39.73
N ASP O 64 20.23 -41.70 -39.78
CA ASP O 64 20.66 -41.04 -38.56
C ASP O 64 19.61 -40.02 -38.12
N ASN O 65 18.98 -39.30 -39.06
CA ASN O 65 17.83 -38.48 -38.69
C ASN O 65 16.77 -39.33 -38.01
N LEU O 66 16.40 -40.46 -38.63
CA LEU O 66 15.36 -41.29 -37.99
C LEU O 66 15.83 -41.83 -36.65
N ARG O 67 17.11 -42.11 -36.51
CA ARG O 67 17.63 -42.61 -35.25
C ARG O 67 17.46 -41.58 -34.14
N ARG O 68 17.89 -40.33 -34.41
CA ARG O 68 17.74 -39.25 -33.43
C ARG O 68 16.26 -38.96 -33.15
N GLY O 69 15.41 -39.01 -34.19
CA GLY O 69 13.99 -38.80 -33.97
C GLY O 69 13.34 -39.86 -33.10
N GLY O 70 13.76 -41.11 -33.26
CA GLY O 70 13.25 -42.16 -32.40
C GLY O 70 13.70 -42.02 -30.96
N ILE O 71 14.97 -41.63 -30.77
CA ILE O 71 15.49 -41.39 -29.42
C ILE O 71 14.74 -40.23 -28.75
N GLN O 72 14.51 -39.15 -29.50
CA GLN O 72 13.74 -38.03 -28.96
C GLN O 72 12.35 -38.50 -28.53
N PHE O 73 11.70 -39.29 -29.40
CA PHE O 73 10.38 -39.81 -29.10
C PHE O 73 10.37 -40.64 -27.82
N ALA O 74 11.28 -41.61 -27.73
CA ALA O 74 11.32 -42.51 -26.59
C ALA O 74 11.56 -41.75 -25.30
N ASP O 75 12.54 -40.83 -25.30
CA ASP O 75 12.86 -40.06 -24.11
C ASP O 75 11.67 -39.22 -23.67
N THR O 76 10.98 -38.59 -24.63
CA THR O 76 9.79 -37.85 -24.26
C THR O 76 8.73 -38.74 -23.63
N ARG O 77 8.48 -39.92 -24.19
CA ARG O 77 7.45 -40.76 -23.60
C ARG O 77 7.84 -41.25 -22.21
N GLY O 78 9.08 -41.66 -22.03
CA GLY O 78 9.53 -42.08 -20.71
C GLY O 78 9.41 -40.99 -19.68
N TYR O 79 9.66 -39.73 -20.10
CA TYR O 79 9.53 -38.63 -19.15
C TYR O 79 8.06 -38.29 -18.85
N ALA O 80 7.21 -38.23 -19.89
CA ALA O 80 5.80 -37.88 -19.70
C ALA O 80 5.06 -38.93 -18.88
N TYR O 81 5.50 -40.19 -18.97
CA TYR O 81 4.89 -41.29 -18.26
C TYR O 81 5.85 -42.00 -17.33
N ASP O 82 6.43 -43.11 -17.80
CA ASP O 82 7.41 -43.87 -17.06
C ASP O 82 8.29 -44.59 -18.08
N ARG O 83 9.53 -44.89 -17.65
CA ARG O 83 10.45 -45.57 -18.55
C ARG O 83 9.83 -46.87 -19.06
N ARG O 84 9.15 -47.59 -18.18
CA ARG O 84 8.54 -48.86 -18.52
C ARG O 84 7.36 -48.71 -19.47
N ASP O 85 6.93 -47.48 -19.74
CA ASP O 85 5.85 -47.32 -20.70
C ASP O 85 6.33 -47.31 -22.15
N VAL O 86 7.62 -47.13 -22.37
CA VAL O 86 8.19 -47.19 -23.71
C VAL O 86 8.38 -48.65 -24.11
N THR O 87 7.85 -49.03 -25.27
CA THR O 87 7.99 -50.39 -25.80
C THR O 87 8.50 -50.36 -27.23
N GLY O 88 9.04 -51.50 -27.67
CA GLY O 88 9.50 -51.62 -29.05
C GLY O 88 8.39 -51.42 -30.06
N ARG O 89 7.21 -51.96 -29.77
CA ARG O 89 6.07 -51.80 -30.67
C ARG O 89 5.68 -50.35 -30.86
N GLN O 90 5.80 -49.53 -29.82
CA GLN O 90 5.60 -48.08 -29.97
C GLN O 90 6.59 -47.47 -30.91
N LEU O 91 7.88 -47.78 -30.76
CA LEU O 91 8.87 -47.22 -31.69
C LEU O 91 8.65 -47.73 -33.11
N ALA O 92 8.34 -49.01 -33.27
CA ALA O 92 8.05 -49.55 -34.59
C ALA O 92 6.90 -48.80 -35.22
N ASN O 93 5.86 -48.53 -34.42
CA ASN O 93 4.67 -47.83 -34.89
C ASN O 93 5.00 -46.39 -35.29
N VAL O 94 5.81 -45.71 -34.48
CA VAL O 94 6.17 -44.32 -34.77
C VAL O 94 7.04 -44.24 -36.00
N TYR O 95 7.92 -45.22 -36.21
CA TYR O 95 8.70 -45.25 -37.44
C TYR O 95 7.80 -45.50 -38.64
N ALA O 96 6.80 -46.36 -38.49
CA ALA O 96 5.87 -46.59 -39.60
C ALA O 96 5.14 -45.30 -40.00
N GLN O 97 4.61 -44.58 -39.02
CA GLN O 97 3.94 -43.31 -39.29
C GLN O 97 4.92 -42.29 -39.89
N THR O 98 6.13 -42.23 -39.35
CA THR O 98 7.12 -41.26 -39.79
C THR O 98 7.55 -41.51 -41.23
N LEU O 99 7.92 -42.74 -41.55
CA LEU O 99 8.34 -43.05 -42.91
C LEU O 99 7.16 -42.95 -43.88
N GLY O 100 5.93 -43.22 -43.42
CA GLY O 100 4.77 -42.95 -44.28
C GLY O 100 4.70 -41.49 -44.69
N THR O 101 4.83 -40.59 -43.71
CA THR O 101 4.85 -39.16 -44.01
C THR O 101 6.03 -38.79 -44.92
N ILE O 102 7.24 -39.24 -44.57
CA ILE O 102 8.43 -38.93 -45.36
C ILE O 102 8.23 -39.40 -46.80
N PHE O 103 7.79 -40.64 -46.96
CA PHE O 103 7.69 -41.23 -48.27
C PHE O 103 6.67 -40.49 -49.13
N THR O 104 5.60 -39.95 -48.53
CA THR O 104 4.62 -39.29 -49.38
C THR O 104 4.87 -37.79 -49.55
N GLU O 105 5.61 -37.13 -48.65
CA GLU O 105 5.59 -35.68 -48.62
C GLU O 105 6.93 -34.98 -48.80
N GLN O 106 8.05 -35.64 -48.53
CA GLN O 106 9.34 -34.97 -48.58
C GLN O 106 9.72 -34.72 -50.02
N ALA O 107 10.68 -33.82 -50.22
CA ALA O 107 11.19 -33.55 -51.57
C ALA O 107 11.67 -34.83 -52.23
N LYS O 108 12.41 -35.65 -51.47
CA LYS O 108 12.84 -36.98 -51.85
C LYS O 108 12.59 -37.93 -50.70
N PRO O 109 12.05 -39.11 -50.99
CA PRO O 109 11.84 -40.12 -49.94
C PRO O 109 13.16 -40.60 -49.35
N TYR O 110 13.05 -41.18 -48.16
CA TYR O 110 14.23 -41.67 -47.47
C TYR O 110 14.60 -43.05 -48.02
N GLU O 111 15.85 -43.19 -48.48
CA GLU O 111 16.37 -44.46 -48.97
C GLU O 111 16.88 -45.27 -47.77
N VAL O 112 15.93 -45.71 -46.94
CA VAL O 112 16.29 -46.31 -45.66
C VAL O 112 15.46 -47.54 -45.42
N GLU O 113 15.98 -48.41 -44.57
CA GLU O 113 15.23 -49.54 -44.07
C GLU O 113 15.60 -49.81 -42.61
N LEU O 114 14.58 -50.01 -41.77
CA LEU O 114 14.72 -49.95 -40.33
C LEU O 114 14.37 -51.28 -39.68
N CYS O 115 15.05 -51.56 -38.56
CA CYS O 115 14.72 -52.66 -37.66
C CYS O 115 14.68 -52.14 -36.23
N VAL O 116 13.54 -52.36 -35.56
CA VAL O 116 13.37 -52.08 -34.14
C VAL O 116 13.23 -53.39 -33.40
N ALA O 117 14.05 -53.60 -32.36
CA ALA O 117 13.99 -54.84 -31.59
C ALA O 117 13.88 -54.56 -30.09
N GLU O 118 13.19 -55.45 -29.37
CA GLU O 118 13.01 -55.32 -27.93
C GLU O 118 13.23 -56.65 -27.22
N VAL O 119 13.96 -56.62 -26.12
CA VAL O 119 14.06 -57.79 -25.25
C VAL O 119 13.34 -57.51 -23.94
N ALA O 120 13.29 -58.52 -23.09
CA ALA O 120 12.59 -58.44 -21.81
C ALA O 120 13.34 -57.56 -20.83
N HIS O 121 12.62 -57.08 -19.82
CA HIS O 121 13.28 -56.39 -18.73
C HIS O 121 13.99 -57.40 -17.84
N TYR O 122 15.02 -56.92 -17.12
CA TYR O 122 15.84 -57.81 -16.28
C TYR O 122 15.00 -58.63 -15.34
N GLY O 123 15.23 -59.93 -15.35
CA GLY O 123 14.50 -60.81 -14.50
C GLY O 123 13.14 -61.22 -15.02
N GLU O 124 12.71 -60.66 -16.15
CA GLU O 124 11.43 -61.02 -16.74
C GLU O 124 11.61 -61.93 -17.94
N THR O 125 10.56 -62.71 -18.24
CA THR O 125 10.58 -63.77 -19.25
C THR O 125 9.62 -63.48 -20.41
N LYS O 126 10.15 -63.00 -21.52
CA LYS O 126 9.38 -62.76 -22.75
C LYS O 126 10.37 -62.94 -23.89
N ARG O 127 9.92 -63.46 -25.02
CA ARG O 127 10.85 -63.63 -26.14
C ARG O 127 11.05 -62.29 -26.85
N PRO O 128 12.23 -62.09 -27.47
CA PRO O 128 12.53 -60.82 -28.13
C PRO O 128 11.56 -60.53 -29.28
N GLU O 129 11.44 -59.25 -29.60
CA GLU O 129 10.59 -58.81 -30.68
C GLU O 129 11.43 -58.13 -31.74
N LEU O 130 11.16 -58.47 -33.00
CA LEU O 130 11.79 -57.81 -34.13
C LEU O 130 10.73 -57.26 -35.07
N TYR O 131 10.93 -56.02 -35.48
CA TYR O 131 10.09 -55.33 -36.42
C TYR O 131 10.97 -54.80 -37.54
N ARG O 132 10.43 -54.86 -38.75
CA ARG O 132 11.05 -54.33 -39.95
C ARG O 132 10.13 -53.25 -40.51
N ILE O 133 10.64 -52.02 -40.63
CA ILE O 133 9.90 -50.91 -41.24
C ILE O 133 10.64 -50.50 -42.51
N THR O 134 9.94 -50.52 -43.66
CA THR O 134 10.57 -50.20 -44.94
C THR O 134 10.27 -48.76 -45.36
N TYR O 135 10.85 -48.35 -46.49
CA TYR O 135 10.89 -46.94 -46.83
C TYR O 135 9.51 -46.30 -46.96
N ASP O 136 8.46 -47.07 -47.17
CA ASP O 136 7.13 -46.45 -47.34
C ASP O 136 6.27 -46.49 -46.07
N GLY O 137 6.82 -46.92 -44.95
CA GLY O 137 6.04 -47.02 -43.76
C GLY O 137 5.36 -48.35 -43.58
N SER O 138 5.63 -49.33 -44.44
CA SER O 138 5.11 -50.66 -44.21
C SER O 138 5.84 -51.28 -43.02
N ILE O 139 5.10 -51.97 -42.17
CA ILE O 139 5.62 -52.51 -40.92
C ILE O 139 5.39 -54.02 -40.89
N ALA O 140 6.40 -54.75 -40.43
CA ALA O 140 6.32 -56.20 -40.42
C ALA O 140 6.87 -56.74 -39.10
N ASP O 141 6.14 -57.70 -38.54
CA ASP O 141 6.52 -58.38 -37.32
C ASP O 141 7.27 -59.66 -37.71
N GLU O 142 8.52 -59.76 -37.29
CA GLU O 142 9.33 -60.92 -37.65
C GLU O 142 9.72 -61.68 -36.38
N PRO O 143 9.61 -63.02 -36.37
CA PRO O 143 9.88 -63.80 -35.15
C PRO O 143 11.32 -64.27 -34.93
N HIS O 144 12.10 -64.42 -36.02
CA HIS O 144 13.41 -65.07 -36.00
C HIS O 144 14.56 -64.17 -36.44
N PHE O 145 14.42 -63.45 -37.55
CA PHE O 145 15.51 -62.61 -38.03
C PHE O 145 14.98 -61.56 -39.01
N VAL O 146 15.81 -60.53 -39.23
CA VAL O 146 15.56 -59.44 -40.16
C VAL O 146 16.83 -59.20 -40.97
N VAL O 147 16.65 -59.00 -42.28
CA VAL O 147 17.74 -58.65 -43.18
C VAL O 147 17.38 -57.36 -43.89
N MET O 148 18.36 -56.46 -44.02
CA MET O 148 18.12 -55.16 -44.64
C MET O 148 19.31 -54.70 -45.44
N GLY O 149 19.04 -54.09 -46.59
CA GLY O 149 20.06 -53.42 -47.38
C GLY O 149 20.75 -54.32 -48.38
N GLY O 150 21.11 -53.73 -49.52
CA GLY O 150 21.79 -54.43 -50.57
C GLY O 150 20.96 -55.59 -51.10
N THR O 151 21.66 -56.65 -51.47
CA THR O 151 21.05 -57.89 -51.96
C THR O 151 20.81 -58.79 -50.77
N THR O 152 19.57 -58.81 -50.26
CA THR O 152 19.26 -59.46 -48.99
C THR O 152 19.00 -60.96 -49.11
N GLU O 153 18.90 -61.53 -50.31
CA GLU O 153 18.32 -62.88 -50.44
C GLU O 153 19.31 -64.01 -50.18
N PRO O 154 20.58 -63.93 -50.63
CA PRO O 154 21.57 -64.88 -50.07
C PRO O 154 21.67 -64.81 -48.55
N ILE O 155 21.67 -63.61 -47.96
CA ILE O 155 21.79 -63.50 -46.50
C ILE O 155 20.56 -64.09 -45.82
N ALA O 156 19.36 -63.79 -46.34
CA ALA O 156 18.14 -64.33 -45.75
C ALA O 156 18.05 -65.85 -45.89
N ASN O 157 18.41 -66.40 -47.07
CA ASN O 157 18.34 -67.85 -47.26
C ASN O 157 19.34 -68.59 -46.36
N ALA O 158 20.59 -68.12 -46.30
CA ALA O 158 21.57 -68.77 -45.41
C ALA O 158 21.04 -68.84 -43.99
N LEU O 159 20.39 -67.78 -43.51
CA LEU O 159 19.82 -67.76 -42.17
C LEU O 159 18.62 -68.68 -42.03
N LYS O 160 17.75 -68.73 -43.03
CA LYS O 160 16.69 -69.73 -43.01
C LYS O 160 17.28 -71.12 -42.79
N GLU O 161 18.40 -71.43 -43.46
CA GLU O 161 18.94 -72.78 -43.31
C GLU O 161 19.60 -72.99 -41.95
N SER O 162 20.43 -72.03 -41.48
CA SER O 162 21.34 -72.29 -40.36
C SER O 162 20.88 -71.69 -39.03
N TYR O 163 19.62 -71.26 -38.92
CA TYR O 163 19.12 -70.62 -37.71
C TYR O 163 18.41 -71.64 -36.80
N ALA O 164 18.79 -71.63 -35.52
CA ALA O 164 18.13 -72.36 -34.45
C ALA O 164 17.87 -71.42 -33.28
N GLU O 165 16.73 -71.58 -32.62
CA GLU O 165 16.40 -70.77 -31.46
C GLU O 165 17.38 -71.07 -30.32
N ASN O 166 17.65 -70.06 -29.51
CA ASN O 166 18.47 -70.18 -28.30
C ASN O 166 19.93 -70.59 -28.54
N ALA O 167 20.56 -70.13 -29.62
CA ALA O 167 21.99 -70.41 -29.80
C ALA O 167 22.83 -69.51 -28.89
N SER O 168 24.10 -69.85 -28.71
CA SER O 168 24.93 -68.96 -27.90
C SER O 168 25.29 -67.70 -28.68
N LEU O 169 25.85 -66.72 -27.97
CA LEU O 169 26.27 -65.49 -28.63
C LEU O 169 27.33 -65.77 -29.68
N THR O 170 28.32 -66.60 -29.35
CA THR O 170 29.35 -66.95 -30.33
C THR O 170 28.76 -67.72 -31.51
N ASP O 171 27.88 -68.69 -31.22
CA ASP O 171 27.31 -69.48 -32.30
C ASP O 171 26.48 -68.60 -33.22
N ALA O 172 25.57 -67.80 -32.65
CA ALA O 172 24.69 -66.94 -33.43
C ALA O 172 25.47 -65.87 -34.19
N LEU O 173 26.54 -65.32 -33.59
CA LEU O 173 27.34 -64.35 -34.30
C LEU O 173 28.02 -64.98 -35.50
N ARG O 174 28.61 -66.17 -35.34
CA ARG O 174 29.21 -66.84 -36.47
C ARG O 174 28.19 -67.12 -37.58
N ILE O 175 26.99 -67.60 -37.21
CA ILE O 175 25.91 -67.73 -38.20
C ILE O 175 25.65 -66.42 -38.93
N ALA O 176 25.71 -65.31 -38.20
CA ALA O 176 25.42 -64.02 -38.83
C ALA O 176 26.53 -63.63 -39.81
N VAL O 177 27.81 -63.72 -39.40
CA VAL O 177 28.90 -63.37 -40.32
C VAL O 177 28.91 -64.30 -41.52
N ALA O 178 28.54 -65.56 -41.30
CA ALA O 178 28.40 -66.52 -42.40
C ALA O 178 27.35 -66.06 -43.40
N ALA O 179 26.17 -65.70 -42.91
CA ALA O 179 25.11 -65.26 -43.82
C ALA O 179 25.46 -63.94 -44.51
N LEU O 180 26.06 -62.99 -43.79
CA LEU O 180 26.44 -61.74 -44.43
C LEU O 180 27.49 -61.95 -45.51
N ARG O 181 28.43 -62.88 -45.29
CA ARG O 181 29.54 -63.10 -46.20
C ARG O 181 29.05 -63.73 -47.50
N ALA O 182 27.73 -63.87 -47.65
CA ALA O 182 27.16 -64.40 -48.87
C ALA O 182 26.65 -63.32 -49.84
N GLY O 183 26.18 -62.18 -49.35
CA GLY O 183 25.63 -61.16 -50.24
C GLY O 183 26.61 -60.08 -50.69
N LEU O 195 35.19 -61.01 -44.21
CA LEU O 195 34.44 -60.33 -43.16
C LEU O 195 35.00 -60.55 -41.74
N GLY O 196 35.62 -59.50 -41.18
CA GLY O 196 36.26 -59.58 -39.88
C GLY O 196 35.90 -58.41 -38.97
N VAL O 197 36.59 -58.33 -37.83
CA VAL O 197 36.32 -57.26 -36.86
C VAL O 197 36.43 -55.90 -37.53
N ALA O 198 37.56 -55.62 -38.17
CA ALA O 198 37.74 -54.35 -38.85
C ALA O 198 36.58 -53.95 -39.79
N SER O 199 35.82 -54.92 -40.34
CA SER O 199 34.76 -54.60 -41.30
C SER O 199 33.34 -54.82 -40.75
N LEU O 200 33.21 -55.15 -39.47
CA LEU O 200 31.91 -55.41 -38.87
C LEU O 200 31.68 -54.54 -37.66
N GLU O 201 30.40 -54.22 -37.45
CA GLU O 201 29.88 -53.52 -36.28
C GLU O 201 28.85 -54.43 -35.66
N VAL O 202 29.00 -54.76 -34.38
CA VAL O 202 28.08 -55.70 -33.74
C VAL O 202 27.67 -55.16 -32.38
N ALA O 203 26.45 -55.49 -31.98
CA ALA O 203 25.94 -55.10 -30.66
C ALA O 203 24.81 -56.02 -30.29
N VAL O 204 24.56 -56.15 -28.99
CA VAL O 204 23.48 -57.01 -28.51
C VAL O 204 22.56 -56.23 -27.58
N LEU O 205 21.29 -56.61 -27.61
CA LEU O 205 20.34 -56.33 -26.55
C LEU O 205 20.43 -57.52 -25.61
N ASP O 206 21.09 -57.31 -24.49
CA ASP O 206 21.43 -58.36 -23.54
C ASP O 206 20.37 -58.37 -22.44
N ALA O 207 19.45 -59.33 -22.49
CA ALA O 207 18.38 -59.36 -21.51
C ALA O 207 18.88 -59.59 -20.09
N ASN O 208 20.16 -59.82 -19.92
CA ASN O 208 20.74 -60.06 -18.62
C ASN O 208 21.26 -58.79 -17.97
N ARG O 209 21.36 -57.71 -18.73
CA ARG O 209 21.72 -56.43 -18.13
C ARG O 209 20.56 -55.92 -17.29
N PRO O 210 20.85 -55.30 -16.17
CA PRO O 210 19.78 -54.89 -15.25
C PRO O 210 18.92 -53.77 -15.83
N ARG O 211 19.50 -52.74 -16.46
CA ARG O 211 18.64 -51.71 -17.04
C ARG O 211 18.88 -51.46 -18.52
N ARG O 212 20.02 -50.86 -18.88
CA ARG O 212 20.28 -50.57 -20.29
C ARG O 212 20.83 -51.83 -20.93
N ALA O 213 20.05 -52.43 -21.84
CA ALA O 213 20.40 -53.72 -22.41
C ALA O 213 21.36 -53.64 -23.60
N PHE O 214 21.43 -52.50 -24.26
CA PHE O 214 22.26 -52.38 -25.45
C PHE O 214 23.72 -52.41 -25.08
N ARG O 215 24.51 -53.10 -25.90
CA ARG O 215 25.92 -53.26 -25.58
C ARG O 215 26.71 -53.51 -26.86
N ARG O 216 27.63 -52.60 -27.16
CA ARG O 216 28.50 -52.80 -28.30
C ARG O 216 29.58 -53.80 -27.99
N ILE O 217 29.89 -54.60 -28.99
CA ILE O 217 30.98 -55.57 -28.95
C ILE O 217 32.04 -55.13 -29.96
N THR O 218 33.14 -54.54 -29.48
CA THR O 218 34.16 -53.98 -30.35
C THR O 218 35.54 -54.58 -30.06
N GLY O 219 36.42 -54.46 -31.06
CA GLY O 219 37.86 -54.72 -30.93
C GLY O 219 38.27 -56.00 -30.23
N SER O 220 38.99 -55.84 -29.11
CA SER O 220 39.57 -56.98 -28.40
C SER O 220 38.48 -58.00 -28.08
N ALA O 221 37.35 -57.55 -27.54
CA ALA O 221 36.30 -58.51 -27.26
C ALA O 221 35.81 -59.16 -28.56
N LEU O 222 35.47 -58.35 -29.57
CA LEU O 222 34.88 -58.89 -30.80
C LEU O 222 35.80 -59.93 -31.44
N GLN O 223 37.10 -59.61 -31.60
CA GLN O 223 38.04 -60.58 -32.17
C GLN O 223 38.07 -61.85 -31.33
N ALA O 224 38.15 -61.69 -30.01
CA ALA O 224 38.12 -62.87 -29.17
C ALA O 224 36.86 -63.71 -29.40
N LEU O 225 35.73 -63.07 -29.76
CA LEU O 225 34.44 -63.74 -29.94
C LEU O 225 34.22 -64.36 -31.31
N LEU O 226 35.01 -63.99 -32.32
CA LEU O 226 34.75 -64.59 -33.63
C LEU O 226 35.28 -66.03 -33.75
N VAL O 227 36.46 -66.33 -33.18
CA VAL O 227 37.07 -67.66 -33.30
C VAL O 227 36.08 -68.76 -32.88
N MET P 1 -7.02 -32.08 -62.44
CA MET P 1 -8.22 -32.30 -61.63
C MET P 1 -8.86 -33.72 -61.71
N GLU P 2 -9.67 -34.00 -62.76
CA GLU P 2 -10.27 -35.33 -62.93
C GLU P 2 -9.22 -36.41 -63.13
N GLN P 3 -8.20 -36.15 -63.95
CA GLN P 3 -7.14 -37.14 -64.07
C GLN P 3 -6.56 -37.44 -62.69
N ALA P 4 -6.16 -36.37 -61.98
CA ALA P 4 -5.62 -36.54 -60.64
C ALA P 4 -6.57 -37.33 -59.73
N MET P 5 -7.87 -37.01 -59.76
CA MET P 5 -8.81 -37.71 -58.86
C MET P 5 -9.00 -39.16 -59.24
N ARG P 6 -9.11 -39.45 -60.54
CA ARG P 6 -9.17 -40.82 -61.01
C ARG P 6 -7.96 -41.64 -60.57
N GLU P 7 -6.75 -41.05 -60.70
CA GLU P 7 -5.54 -41.73 -60.27
C GLU P 7 -5.54 -41.94 -58.76
N ARG P 8 -5.99 -40.95 -58.00
CA ARG P 8 -6.06 -41.14 -56.56
C ARG P 8 -7.00 -42.29 -56.23
N SER P 9 -8.16 -42.29 -56.85
CA SER P 9 -9.11 -43.38 -56.64
C SER P 9 -8.47 -44.71 -56.97
N GLU P 10 -7.66 -44.76 -58.03
CA GLU P 10 -7.08 -46.03 -58.45
C GLU P 10 -6.00 -46.51 -57.49
N LEU P 11 -5.15 -45.60 -57.02
CA LEU P 11 -4.13 -45.98 -56.07
C LEU P 11 -4.79 -46.55 -54.82
N ALA P 12 -5.83 -45.87 -54.35
CA ALA P 12 -6.50 -46.29 -53.13
C ALA P 12 -7.17 -47.65 -53.29
N ARG P 13 -7.94 -47.79 -54.37
CA ARG P 13 -8.62 -49.05 -54.65
C ARG P 13 -7.65 -50.21 -54.79
N LYS P 14 -6.50 -49.98 -55.41
CA LYS P 14 -5.58 -51.08 -55.61
C LYS P 14 -4.94 -51.47 -54.29
N GLY P 15 -4.40 -50.49 -53.55
CA GLY P 15 -3.90 -50.80 -52.21
C GLY P 15 -4.89 -51.61 -51.39
N ILE P 16 -6.17 -51.26 -51.46
CA ILE P 16 -7.19 -51.99 -50.73
C ILE P 16 -7.34 -53.40 -51.29
N ALA P 17 -7.10 -53.55 -52.58
CA ALA P 17 -7.24 -54.86 -53.22
C ALA P 17 -6.22 -55.87 -52.68
N ARG P 18 -4.97 -55.46 -52.53
CA ARG P 18 -3.89 -56.37 -52.18
C ARG P 18 -3.78 -56.61 -50.68
N ALA P 19 -4.59 -55.92 -49.88
CA ALA P 19 -4.53 -56.05 -48.43
C ALA P 19 -5.43 -57.18 -47.96
N LYS P 20 -5.13 -57.68 -46.77
CA LYS P 20 -5.89 -58.78 -46.22
C LYS P 20 -7.28 -58.28 -45.80
N SER P 21 -8.24 -59.20 -45.76
CA SER P 21 -9.66 -58.86 -45.62
C SER P 21 -10.14 -59.04 -44.18
N VAL P 22 -11.23 -58.35 -43.86
CA VAL P 22 -11.83 -58.27 -42.52
C VAL P 22 -13.33 -58.37 -42.65
N VAL P 23 -13.95 -59.04 -41.69
CA VAL P 23 -15.40 -59.24 -41.69
C VAL P 23 -15.95 -58.76 -40.35
N ALA P 24 -17.10 -58.10 -40.39
CA ALA P 24 -17.77 -57.66 -39.18
C ALA P 24 -19.24 -58.02 -39.29
N LEU P 25 -19.75 -58.77 -38.32
CA LEU P 25 -21.14 -59.21 -38.47
C LEU P 25 -21.87 -59.13 -37.14
N ALA P 26 -23.18 -58.90 -37.25
CA ALA P 26 -24.07 -58.82 -36.11
C ALA P 26 -24.45 -60.21 -35.59
N TYR P 27 -24.36 -60.41 -34.27
CA TYR P 27 -24.83 -61.67 -33.70
C TYR P 27 -25.60 -61.36 -32.41
N ALA P 28 -26.16 -62.40 -31.80
CA ALA P 28 -27.03 -62.27 -30.63
C ALA P 28 -26.33 -61.60 -29.46
N GLY P 29 -25.02 -61.79 -29.32
CA GLY P 29 -24.29 -61.21 -28.22
C GLY P 29 -23.73 -59.85 -28.47
N GLY P 30 -23.96 -59.28 -29.66
CA GLY P 30 -23.42 -57.97 -30.02
C GLY P 30 -22.93 -57.92 -31.46
N VAL P 31 -21.64 -57.65 -31.63
CA VAL P 31 -21.02 -57.62 -32.94
C VAL P 31 -19.73 -58.42 -32.85
N LEU P 32 -19.41 -59.15 -33.92
CA LEU P 32 -18.19 -59.95 -34.01
C LEU P 32 -17.28 -59.41 -35.12
N PHE P 33 -16.01 -59.21 -34.79
CA PHE P 33 -14.98 -58.76 -35.73
C PHE P 33 -13.97 -59.89 -35.92
N VAL P 34 -13.73 -60.30 -37.16
CA VAL P 34 -12.67 -61.24 -37.45
C VAL P 34 -11.87 -60.77 -38.66
N ALA P 35 -10.55 -60.69 -38.49
CA ALA P 35 -9.68 -60.23 -39.55
C ALA P 35 -8.49 -61.17 -39.68
N GLU P 36 -8.05 -61.41 -40.91
CA GLU P 36 -6.85 -62.20 -41.15
C GLU P 36 -5.62 -61.34 -40.94
N ASN P 37 -4.81 -61.65 -39.92
CA ASN P 37 -3.58 -60.88 -39.73
C ASN P 37 -2.55 -61.75 -39.04
N PRO P 38 -1.43 -62.05 -39.70
CA PRO P 38 -0.42 -62.93 -39.08
C PRO P 38 0.20 -62.36 -37.84
N SER P 39 0.17 -61.04 -37.67
CA SER P 39 0.96 -60.40 -36.62
C SER P 39 0.50 -60.84 -35.24
N ARG P 40 1.33 -60.52 -34.25
CA ARG P 40 1.02 -60.75 -32.85
C ARG P 40 0.74 -59.47 -32.09
N SER P 41 1.39 -58.35 -32.44
CA SER P 41 1.18 -57.10 -31.72
C SER P 41 0.58 -55.97 -32.57
N LEU P 42 0.60 -56.06 -33.89
CA LEU P 42 0.03 -55.01 -34.74
C LEU P 42 -1.41 -55.37 -35.09
N GLN P 43 -2.36 -54.51 -34.69
CA GLN P 43 -3.77 -54.88 -34.63
C GLN P 43 -4.61 -54.07 -35.61
N LYS P 44 -5.60 -54.73 -36.23
CA LYS P 44 -6.53 -54.11 -37.20
C LYS P 44 -7.90 -53.79 -36.63
N ILE P 45 -8.23 -54.35 -35.45
CA ILE P 45 -9.52 -54.15 -34.78
C ILE P 45 -9.24 -53.53 -33.42
N SER P 46 -10.01 -52.53 -33.05
CA SER P 46 -9.73 -51.84 -31.80
C SER P 46 -11.03 -51.29 -31.21
N GLU P 47 -10.98 -50.99 -29.93
CA GLU P 47 -12.06 -50.26 -29.27
C GLU P 47 -11.96 -48.79 -29.62
N LEU P 48 -13.12 -48.18 -29.88
CA LEU P 48 -13.20 -46.72 -29.99
C LEU P 48 -13.80 -46.08 -28.74
N TYR P 49 -14.96 -46.55 -28.29
CA TYR P 49 -15.59 -45.99 -27.10
C TYR P 49 -16.41 -47.09 -26.43
N ASP P 50 -17.13 -46.73 -25.35
CA ASP P 50 -17.75 -47.75 -24.50
C ASP P 50 -18.46 -48.85 -25.30
N ARG P 51 -19.32 -48.45 -26.24
CA ARG P 51 -20.07 -49.42 -27.03
C ARG P 51 -19.71 -49.37 -28.51
N VAL P 52 -18.57 -48.78 -28.87
CA VAL P 52 -18.25 -48.55 -30.27
C VAL P 52 -16.89 -49.15 -30.59
N GLY P 53 -16.84 -50.00 -31.63
CA GLY P 53 -15.63 -50.62 -32.07
C GLY P 53 -15.32 -50.20 -33.49
N PHE P 54 -14.09 -50.51 -33.89
CA PHE P 54 -13.47 -50.06 -35.13
C PHE P 54 -12.73 -51.21 -35.78
N ALA P 55 -12.89 -51.35 -37.10
CA ALA P 55 -12.18 -52.38 -37.84
C ALA P 55 -11.70 -51.79 -39.16
N ALA P 56 -10.56 -52.26 -39.65
CA ALA P 56 -9.98 -51.55 -40.78
C ALA P 56 -9.24 -52.51 -41.70
N ALA P 57 -9.14 -52.11 -42.97
CA ALA P 57 -8.39 -52.86 -43.96
C ALA P 57 -7.47 -51.92 -44.72
N GLY P 58 -6.26 -52.40 -45.06
CA GLY P 58 -5.40 -51.59 -45.89
C GLY P 58 -4.02 -51.31 -45.37
N LYS P 59 -3.48 -50.13 -45.66
CA LYS P 59 -2.14 -49.80 -45.20
C LYS P 59 -2.20 -49.54 -43.69
N PHE P 60 -1.32 -50.21 -42.93
CA PHE P 60 -1.44 -50.20 -41.48
C PHE P 60 -1.26 -48.79 -40.90
N ASN P 61 -0.14 -48.12 -41.23
CA ASN P 61 0.11 -46.81 -40.62
C ASN P 61 -1.06 -45.86 -40.89
N GLU P 62 -1.76 -46.04 -42.02
CA GLU P 62 -2.84 -45.14 -42.39
C GLU P 62 -4.13 -45.41 -41.61
N PHE P 63 -4.59 -46.65 -41.55
CA PHE P 63 -5.78 -46.85 -40.72
C PHE P 63 -5.44 -46.77 -39.24
N ASP P 64 -4.15 -46.86 -38.87
CA ASP P 64 -3.80 -46.60 -37.48
C ASP P 64 -3.87 -45.11 -37.19
N ASN P 65 -3.38 -44.26 -38.09
CA ASN P 65 -3.60 -42.82 -37.92
C ASN P 65 -5.10 -42.54 -37.74
N LEU P 66 -5.94 -43.12 -38.61
CA LEU P 66 -7.39 -42.89 -38.50
C LEU P 66 -7.99 -43.43 -37.22
N ARG P 67 -7.49 -44.58 -36.73
CA ARG P 67 -7.97 -45.12 -35.47
C ARG P 67 -7.59 -44.20 -34.29
N ARG P 68 -6.32 -43.75 -34.24
CA ARG P 68 -5.93 -42.84 -33.16
C ARG P 68 -6.74 -41.57 -33.20
N GLY P 69 -6.97 -41.02 -34.39
CA GLY P 69 -7.86 -39.87 -34.52
C GLY P 69 -9.27 -40.17 -34.06
N GLY P 70 -9.75 -41.40 -34.29
CA GLY P 70 -11.09 -41.76 -33.85
C GLY P 70 -11.23 -41.80 -32.34
N ILE P 71 -10.24 -42.39 -31.65
CA ILE P 71 -10.23 -42.38 -30.19
C ILE P 71 -10.14 -40.93 -29.69
N GLN P 72 -9.31 -40.10 -30.35
CA GLN P 72 -9.22 -38.70 -29.95
C GLN P 72 -10.58 -38.04 -30.02
N PHE P 73 -11.29 -38.18 -31.14
CA PHE P 73 -12.60 -37.56 -31.26
C PHE P 73 -13.55 -38.06 -30.18
N ALA P 74 -13.72 -39.39 -30.05
CA ALA P 74 -14.72 -39.93 -29.12
C ALA P 74 -14.44 -39.49 -27.69
N ASP P 75 -13.18 -39.60 -27.26
CA ASP P 75 -12.84 -39.20 -25.91
C ASP P 75 -13.11 -37.71 -25.67
N THR P 76 -12.76 -36.85 -26.63
CA THR P 76 -13.03 -35.43 -26.45
C THR P 76 -14.53 -35.17 -26.38
N ARG P 77 -15.33 -35.84 -27.20
CA ARG P 77 -16.78 -35.63 -27.12
C ARG P 77 -17.38 -36.15 -25.83
N GLY P 78 -16.94 -37.33 -25.38
CA GLY P 78 -17.44 -37.82 -24.11
C GLY P 78 -17.13 -36.88 -22.97
N TYR P 79 -15.93 -36.25 -23.01
CA TYR P 79 -15.57 -35.31 -21.95
C TYR P 79 -16.32 -33.98 -22.09
N ALA P 80 -16.41 -33.44 -23.30
CA ALA P 80 -17.12 -32.17 -23.46
C ALA P 80 -18.61 -32.31 -23.16
N TYR P 81 -19.20 -33.49 -23.46
CA TYR P 81 -20.63 -33.68 -23.22
C TYR P 81 -20.84 -34.77 -22.18
N ASP P 82 -21.11 -35.99 -22.61
CA ASP P 82 -21.23 -37.10 -21.67
C ASP P 82 -20.87 -38.36 -22.42
N ARG P 83 -20.52 -39.39 -21.64
CA ARG P 83 -20.14 -40.63 -22.28
C ARG P 83 -21.24 -41.08 -23.23
N ARG P 84 -22.50 -41.00 -22.81
CA ARG P 84 -23.62 -41.49 -23.62
C ARG P 84 -23.92 -40.66 -24.84
N ASP P 85 -23.35 -39.47 -24.98
CA ASP P 85 -23.58 -38.70 -26.21
C ASP P 85 -22.70 -39.16 -27.34
N VAL P 86 -21.72 -40.00 -27.07
CA VAL P 86 -20.88 -40.57 -28.11
C VAL P 86 -21.60 -41.74 -28.74
N THR P 87 -21.81 -41.69 -30.07
CA THR P 87 -22.49 -42.74 -30.81
C THR P 87 -21.67 -43.20 -32.01
N GLY P 88 -21.91 -44.44 -32.44
CA GLY P 88 -21.26 -44.93 -33.63
C GLY P 88 -21.63 -44.14 -34.88
N ARG P 89 -22.87 -43.68 -34.96
CA ARG P 89 -23.28 -42.84 -36.06
C ARG P 89 -22.35 -41.65 -36.24
N GLN P 90 -22.06 -40.93 -35.15
CA GLN P 90 -21.24 -39.73 -35.31
C GLN P 90 -19.80 -40.10 -35.57
N LEU P 91 -19.28 -41.19 -35.00
CA LEU P 91 -17.92 -41.58 -35.38
C LEU P 91 -17.85 -41.86 -36.87
N ALA P 92 -18.83 -42.60 -37.43
CA ALA P 92 -18.87 -42.83 -38.87
C ALA P 92 -18.94 -41.52 -39.64
N ASN P 93 -19.70 -40.56 -39.14
CA ASN P 93 -19.81 -39.29 -39.85
C ASN P 93 -18.46 -38.57 -39.88
N VAL P 94 -17.79 -38.52 -38.73
CA VAL P 94 -16.50 -37.85 -38.72
C VAL P 94 -15.50 -38.63 -39.56
N TYR P 95 -15.63 -39.94 -39.63
CA TYR P 95 -14.74 -40.69 -40.52
C TYR P 95 -15.01 -40.38 -42.00
N ALA P 96 -16.28 -40.29 -42.38
CA ALA P 96 -16.58 -39.88 -43.76
C ALA P 96 -15.98 -38.51 -44.05
N GLN P 97 -16.15 -37.55 -43.14
CA GLN P 97 -15.61 -36.22 -43.34
C GLN P 97 -14.08 -36.23 -43.49
N THR P 98 -13.41 -36.97 -42.60
CA THR P 98 -11.95 -37.02 -42.57
C THR P 98 -11.38 -37.62 -43.83
N LEU P 99 -11.92 -38.78 -44.23
CA LEU P 99 -11.44 -39.47 -45.42
C LEU P 99 -11.74 -38.67 -46.68
N GLY P 100 -12.85 -37.91 -46.68
CA GLY P 100 -13.10 -36.99 -47.78
C GLY P 100 -11.99 -35.95 -47.92
N THR P 101 -11.66 -35.30 -46.81
CA THR P 101 -10.56 -34.33 -46.84
C THR P 101 -9.26 -35.01 -47.26
N ILE P 102 -8.95 -36.17 -46.67
CA ILE P 102 -7.70 -36.88 -46.98
C ILE P 102 -7.66 -37.21 -48.47
N PHE P 103 -8.76 -37.77 -48.96
CA PHE P 103 -8.81 -38.22 -50.33
C PHE P 103 -8.61 -37.05 -51.29
N THR P 104 -9.05 -35.85 -50.93
CA THR P 104 -8.85 -34.77 -51.88
C THR P 104 -7.57 -33.97 -51.68
N GLU P 105 -6.99 -33.96 -50.48
CA GLU P 105 -5.97 -32.97 -50.17
C GLU P 105 -4.64 -33.52 -49.70
N GLN P 106 -4.56 -34.77 -49.27
CA GLN P 106 -3.27 -35.24 -48.81
C GLN P 106 -2.39 -35.55 -50.01
N ALA P 107 -1.07 -35.64 -49.76
CA ALA P 107 -0.13 -35.91 -50.84
C ALA P 107 -0.52 -37.19 -51.57
N LYS P 108 -0.90 -38.21 -50.83
CA LYS P 108 -1.39 -39.48 -51.31
C LYS P 108 -2.63 -39.87 -50.52
N PRO P 109 -3.68 -40.34 -51.18
CA PRO P 109 -4.85 -40.81 -50.45
C PRO P 109 -4.52 -42.01 -49.59
N TYR P 110 -5.37 -42.26 -48.61
CA TYR P 110 -5.18 -43.39 -47.71
C TYR P 110 -5.75 -44.65 -48.36
N GLU P 111 -4.90 -45.67 -48.49
CA GLU P 111 -5.31 -46.97 -49.03
C GLU P 111 -5.96 -47.73 -47.87
N VAL P 112 -7.15 -47.26 -47.50
CA VAL P 112 -7.79 -47.68 -46.26
C VAL P 112 -9.28 -47.89 -46.49
N GLU P 113 -9.88 -48.79 -45.69
CA GLU P 113 -11.34 -48.96 -45.63
C GLU P 113 -11.77 -49.27 -44.19
N LEU P 114 -12.83 -48.62 -43.74
CA LEU P 114 -13.17 -48.53 -42.33
C LEU P 114 -14.54 -49.10 -42.01
N CYS P 115 -14.66 -49.69 -40.82
CA CYS P 115 -15.93 -50.15 -40.28
C CYS P 115 -16.10 -49.67 -38.85
N VAL P 116 -17.19 -48.97 -38.57
CA VAL P 116 -17.57 -48.57 -37.23
C VAL P 116 -18.78 -49.38 -36.83
N ALA P 117 -18.72 -50.04 -35.66
CA ALA P 117 -19.85 -50.81 -35.15
C ALA P 117 -20.22 -50.34 -33.75
N GLU P 118 -21.53 -50.35 -33.47
CA GLU P 118 -22.02 -49.94 -32.15
C GLU P 118 -23.04 -50.97 -31.66
N VAL P 119 -22.94 -51.38 -30.40
CA VAL P 119 -23.93 -52.23 -29.75
C VAL P 119 -24.72 -51.42 -28.75
N ALA P 120 -25.78 -52.03 -28.23
CA ALA P 120 -26.62 -51.29 -27.29
C ALA P 120 -25.91 -51.12 -25.96
N HIS P 121 -26.33 -50.10 -25.20
CA HIS P 121 -25.81 -49.90 -23.86
C HIS P 121 -26.36 -50.97 -22.93
N TYR P 122 -25.61 -51.28 -21.86
CA TYR P 122 -25.96 -52.42 -21.02
C TYR P 122 -27.39 -52.35 -20.52
N GLY P 123 -28.12 -53.44 -20.73
CA GLY P 123 -29.50 -53.52 -20.33
C GLY P 123 -30.48 -52.86 -21.27
N GLU P 124 -30.02 -52.18 -22.32
CA GLU P 124 -30.94 -51.57 -23.25
C GLU P 124 -31.06 -52.49 -24.47
N THR P 125 -32.18 -52.36 -25.18
CA THR P 125 -32.51 -53.27 -26.28
C THR P 125 -32.56 -52.49 -27.60
N LYS P 126 -31.48 -52.56 -28.37
CA LYS P 126 -31.37 -51.89 -29.66
C LYS P 126 -30.52 -52.78 -30.57
N ARG P 127 -30.89 -52.86 -31.84
CA ARG P 127 -30.14 -53.69 -32.75
C ARG P 127 -28.79 -53.07 -33.03
N PRO P 128 -27.73 -53.88 -33.20
CA PRO P 128 -26.43 -53.30 -33.56
C PRO P 128 -26.50 -52.40 -34.79
N GLU P 129 -25.55 -51.47 -34.88
CA GLU P 129 -25.39 -50.63 -36.07
C GLU P 129 -24.02 -50.90 -36.68
N LEU P 130 -23.98 -50.97 -38.01
CA LEU P 130 -22.74 -51.12 -38.76
C LEU P 130 -22.62 -50.02 -39.82
N TYR P 131 -21.43 -49.44 -39.93
CA TYR P 131 -21.10 -48.42 -40.91
C TYR P 131 -19.84 -48.81 -41.66
N ARG P 132 -19.85 -48.63 -42.99
CA ARG P 132 -18.67 -48.78 -43.80
C ARG P 132 -18.34 -47.41 -44.36
N ILE P 133 -17.07 -47.05 -44.29
CA ILE P 133 -16.56 -45.82 -44.86
C ILE P 133 -15.41 -46.21 -45.78
N THR P 134 -15.47 -45.79 -47.03
CA THR P 134 -14.44 -46.15 -47.98
C THR P 134 -13.45 -45.00 -48.12
N TYR P 135 -12.41 -45.21 -48.94
CA TYR P 135 -11.25 -44.33 -48.96
C TYR P 135 -11.56 -42.89 -49.39
N ASP P 136 -12.67 -42.66 -50.10
CA ASP P 136 -13.00 -41.32 -50.60
C ASP P 136 -14.03 -40.61 -49.72
N GLY P 137 -14.38 -41.20 -48.58
CA GLY P 137 -15.34 -40.64 -47.67
C GLY P 137 -16.75 -41.11 -47.85
N SER P 138 -16.98 -42.04 -48.76
CA SER P 138 -18.32 -42.57 -48.94
C SER P 138 -18.72 -43.35 -47.71
N ILE P 139 -19.94 -43.14 -47.26
CA ILE P 139 -20.42 -43.74 -46.02
C ILE P 139 -21.66 -44.55 -46.36
N ALA P 140 -21.76 -45.74 -45.78
CA ALA P 140 -22.86 -46.63 -46.06
C ALA P 140 -23.32 -47.25 -44.76
N ASP P 141 -24.63 -47.34 -44.65
CA ASP P 141 -25.34 -47.91 -43.51
C ASP P 141 -25.65 -49.37 -43.83
N GLU P 142 -25.15 -50.30 -43.01
CA GLU P 142 -25.40 -51.70 -43.38
C GLU P 142 -26.13 -52.45 -42.27
N PRO P 143 -27.05 -53.33 -42.60
CA PRO P 143 -27.91 -53.91 -41.55
C PRO P 143 -27.36 -55.18 -40.90
N HIS P 144 -26.55 -55.95 -41.60
CA HIS P 144 -26.12 -57.23 -41.08
C HIS P 144 -24.62 -57.44 -41.00
N PHE P 145 -23.86 -57.12 -42.06
CA PHE P 145 -22.43 -57.42 -42.06
C PHE P 145 -21.69 -56.47 -43.00
N VAL P 146 -20.38 -56.40 -42.79
CA VAL P 146 -19.46 -55.60 -43.60
C VAL P 146 -18.24 -56.45 -43.94
N VAL P 147 -17.82 -56.37 -45.18
CA VAL P 147 -16.62 -57.03 -45.66
C VAL P 147 -15.69 -55.96 -46.18
N MET P 148 -14.40 -56.06 -45.85
CA MET P 148 -13.47 -55.03 -46.27
C MET P 148 -12.13 -55.64 -46.67
N GLY P 149 -11.55 -55.08 -47.71
CA GLY P 149 -10.20 -55.52 -48.04
C GLY P 149 -10.18 -56.71 -48.96
N GLY P 150 -9.16 -56.76 -49.81
CA GLY P 150 -8.96 -57.87 -50.71
C GLY P 150 -10.11 -58.02 -51.69
N THR P 151 -10.38 -59.28 -52.04
CA THR P 151 -11.42 -59.61 -53.01
C THR P 151 -12.73 -59.81 -52.27
N THR P 152 -13.55 -58.76 -52.27
CA THR P 152 -14.67 -58.66 -51.34
C THR P 152 -15.87 -59.52 -51.72
N GLU P 153 -16.22 -59.53 -53.00
CA GLU P 153 -17.52 -60.05 -53.44
C GLU P 153 -17.75 -61.55 -53.18
N PRO P 154 -16.73 -62.43 -53.27
CA PRO P 154 -16.98 -63.83 -52.85
C PRO P 154 -17.30 -63.96 -51.37
N ILE P 155 -16.56 -63.25 -50.51
CA ILE P 155 -16.78 -63.34 -49.06
C ILE P 155 -18.12 -62.73 -48.71
N ALA P 156 -18.42 -61.57 -49.29
CA ALA P 156 -19.70 -60.91 -49.04
C ALA P 156 -20.84 -61.79 -49.51
N ASN P 157 -20.68 -62.49 -50.63
CA ASN P 157 -21.74 -63.39 -51.09
C ASN P 157 -21.92 -64.59 -50.16
N ALA P 158 -20.80 -65.21 -49.76
CA ALA P 158 -20.88 -66.33 -48.84
C ALA P 158 -21.68 -65.99 -47.60
N LEU P 159 -21.35 -64.85 -46.96
CA LEU P 159 -22.10 -64.45 -45.79
C LEU P 159 -23.50 -64.08 -46.22
N LYS P 160 -23.65 -63.59 -47.46
CA LYS P 160 -24.93 -63.11 -47.95
C LYS P 160 -25.96 -64.23 -47.92
N GLU P 161 -25.52 -65.48 -47.95
CA GLU P 161 -26.47 -66.56 -47.79
C GLU P 161 -26.27 -67.43 -46.54
N SER P 162 -25.07 -67.49 -45.96
CA SER P 162 -24.89 -68.25 -44.72
C SER P 162 -25.19 -67.43 -43.47
N TYR P 163 -25.46 -66.13 -43.59
CA TYR P 163 -25.64 -65.31 -42.42
C TYR P 163 -27.03 -65.56 -41.84
N ALA P 164 -27.07 -65.76 -40.54
CA ALA P 164 -28.32 -65.88 -39.80
C ALA P 164 -28.34 -64.89 -38.65
N GLU P 165 -29.47 -64.22 -38.50
CA GLU P 165 -29.70 -63.27 -37.43
C GLU P 165 -29.74 -64.04 -36.11
N ASN P 166 -29.30 -63.37 -35.05
CA ASN P 166 -29.37 -63.88 -33.68
C ASN P 166 -28.61 -65.21 -33.55
N ALA P 167 -27.51 -65.33 -34.27
CA ALA P 167 -26.68 -66.52 -34.18
C ALA P 167 -25.87 -66.50 -32.88
N SER P 168 -25.38 -67.69 -32.49
CA SER P 168 -24.52 -67.77 -31.32
C SER P 168 -23.11 -67.29 -31.68
N LEU P 169 -22.32 -67.00 -30.64
CA LEU P 169 -20.97 -66.51 -30.88
C LEU P 169 -20.13 -67.56 -31.60
N THR P 170 -20.23 -68.83 -31.15
CA THR P 170 -19.52 -69.92 -31.81
C THR P 170 -19.99 -70.07 -33.25
N ASP P 171 -21.29 -69.96 -33.45
CA ASP P 171 -21.86 -70.10 -34.78
C ASP P 171 -21.37 -68.98 -35.71
N ALA P 172 -21.50 -67.72 -35.28
CA ALA P 172 -21.07 -66.60 -36.11
C ALA P 172 -19.58 -66.66 -36.40
N LEU P 173 -18.79 -67.10 -35.42
CA LEU P 173 -17.36 -67.21 -35.68
C LEU P 173 -17.10 -68.22 -36.78
N ARG P 174 -17.80 -69.37 -36.74
CA ARG P 174 -17.63 -70.38 -37.79
C ARG P 174 -17.99 -69.82 -39.17
N ILE P 175 -19.20 -69.27 -39.28
CA ILE P 175 -19.65 -68.71 -40.54
C ILE P 175 -18.65 -67.73 -41.09
N ALA P 176 -18.16 -66.83 -40.24
CA ALA P 176 -17.28 -65.76 -40.71
C ALA P 176 -15.96 -66.32 -41.22
N VAL P 177 -15.33 -67.24 -40.47
CA VAL P 177 -14.05 -67.81 -40.91
C VAL P 177 -14.24 -68.58 -42.22
N ALA P 178 -15.40 -69.25 -42.38
CA ALA P 178 -15.70 -69.92 -43.63
C ALA P 178 -15.72 -68.96 -44.81
N ALA P 179 -16.50 -67.88 -44.67
CA ALA P 179 -16.57 -66.88 -45.74
C ALA P 179 -15.19 -66.29 -46.00
N LEU P 180 -14.37 -66.08 -44.95
CA LEU P 180 -13.01 -65.60 -45.19
C LEU P 180 -12.19 -66.59 -46.01
N ARG P 181 -12.45 -67.89 -45.83
CA ARG P 181 -11.73 -68.87 -46.64
C ARG P 181 -12.18 -68.86 -48.09
N ALA P 182 -13.42 -68.42 -48.38
CA ALA P 182 -13.85 -68.34 -49.79
C ALA P 182 -12.85 -67.57 -50.66
N GLY P 183 -12.32 -66.45 -50.16
CA GLY P 183 -11.20 -65.77 -50.81
C GLY P 183 -9.86 -66.28 -50.31
N SER P 184 -8.85 -66.25 -51.18
CA SER P 184 -7.55 -66.89 -50.89
C SER P 184 -6.53 -65.99 -50.19
N THR P 194 -4.61 -71.82 -44.78
CA THR P 194 -5.59 -72.26 -43.79
C THR P 194 -5.59 -71.30 -42.59
N LEU P 195 -6.76 -71.10 -41.97
CA LEU P 195 -6.98 -70.04 -40.99
C LEU P 195 -7.12 -70.63 -39.60
N GLY P 196 -6.27 -70.19 -38.69
CA GLY P 196 -6.30 -70.68 -37.34
C GLY P 196 -5.92 -69.54 -36.44
N VAL P 197 -5.69 -69.81 -35.15
CA VAL P 197 -5.34 -68.73 -34.22
C VAL P 197 -4.11 -67.98 -34.71
N ALA P 198 -3.01 -68.69 -35.05
CA ALA P 198 -1.78 -68.08 -35.53
C ALA P 198 -1.98 -67.06 -36.66
N SER P 199 -3.10 -67.12 -37.39
CA SER P 199 -3.38 -66.20 -38.49
C SER P 199 -4.64 -65.34 -38.28
N LEU P 200 -5.31 -65.40 -37.12
CA LEU P 200 -6.56 -64.65 -37.00
C LEU P 200 -6.52 -63.65 -35.85
N GLU P 201 -7.23 -62.53 -36.04
CA GLU P 201 -7.46 -61.52 -35.02
C GLU P 201 -8.96 -61.44 -34.81
N VAL P 202 -9.40 -61.62 -33.56
CA VAL P 202 -10.82 -61.72 -33.23
C VAL P 202 -11.13 -60.81 -32.05
N ALA P 203 -12.31 -60.19 -32.09
CA ALA P 203 -12.79 -59.38 -30.98
C ALA P 203 -14.30 -59.22 -31.10
N VAL P 204 -14.93 -58.85 -30.00
CA VAL P 204 -16.37 -58.61 -29.99
C VAL P 204 -16.69 -57.28 -29.31
N LEU P 205 -17.79 -56.70 -29.75
CA LEU P 205 -18.51 -55.71 -28.95
C LEU P 205 -19.59 -56.52 -28.23
N ASP P 206 -19.33 -56.82 -26.96
CA ASP P 206 -20.15 -57.73 -26.18
C ASP P 206 -21.16 -56.91 -25.40
N ALA P 207 -22.41 -56.94 -25.86
CA ALA P 207 -23.51 -56.13 -25.33
C ALA P 207 -23.84 -56.46 -23.88
N ASN P 208 -23.21 -57.49 -23.35
CA ASN P 208 -23.54 -57.88 -22.00
C ASN P 208 -22.62 -57.24 -20.96
N ARG P 209 -21.39 -56.88 -21.32
CA ARG P 209 -20.53 -56.21 -20.35
C ARG P 209 -21.15 -54.87 -19.97
N PRO P 210 -20.99 -54.45 -18.71
CA PRO P 210 -21.73 -53.26 -18.24
C PRO P 210 -21.27 -51.94 -18.87
N ARG P 211 -19.97 -51.69 -19.00
CA ARG P 211 -19.53 -50.43 -19.60
C ARG P 211 -18.69 -50.68 -20.85
N ARG P 212 -17.46 -51.21 -20.74
CA ARG P 212 -16.65 -51.39 -21.93
C ARG P 212 -17.03 -52.73 -22.59
N ALA P 213 -17.59 -52.67 -23.81
CA ALA P 213 -18.06 -53.86 -24.51
C ALA P 213 -16.97 -54.60 -25.29
N PHE P 214 -15.85 -53.94 -25.61
CA PHE P 214 -14.83 -54.51 -26.49
C PHE P 214 -13.98 -55.55 -25.77
N ARG P 215 -14.05 -56.79 -26.23
CA ARG P 215 -13.23 -57.87 -25.69
C ARG P 215 -12.50 -58.55 -26.83
N ARG P 216 -11.20 -58.75 -26.67
CA ARG P 216 -10.50 -59.60 -27.63
C ARG P 216 -10.61 -61.06 -27.17
N ILE P 217 -10.68 -61.95 -28.14
CA ILE P 217 -10.68 -63.39 -27.93
C ILE P 217 -9.35 -63.93 -28.47
N THR P 218 -8.44 -64.28 -27.57
CA THR P 218 -7.08 -64.64 -27.93
C THR P 218 -6.82 -66.09 -27.55
N GLY P 219 -5.82 -66.68 -28.20
CA GLY P 219 -5.29 -67.99 -27.84
C GLY P 219 -6.24 -69.15 -27.57
N SER P 220 -6.13 -69.69 -26.35
CA SER P 220 -6.81 -70.94 -26.00
C SER P 220 -8.32 -70.85 -26.15
N ALA P 221 -8.91 -69.77 -25.66
CA ALA P 221 -10.35 -69.59 -25.78
C ALA P 221 -10.76 -69.52 -27.25
N LEU P 222 -9.99 -68.78 -28.05
CA LEU P 222 -10.27 -68.68 -29.47
C LEU P 222 -10.25 -70.07 -30.11
N GLN P 223 -9.23 -70.88 -29.77
CA GLN P 223 -9.17 -72.26 -30.26
C GLN P 223 -10.41 -73.05 -29.87
N ALA P 224 -10.89 -72.87 -28.63
CA ALA P 224 -12.10 -73.57 -28.21
C ALA P 224 -13.30 -73.17 -29.04
N LEU P 225 -13.37 -71.91 -29.46
CA LEU P 225 -14.51 -71.47 -30.26
C LEU P 225 -14.41 -71.85 -31.72
N LEU P 226 -13.22 -72.20 -32.21
CA LEU P 226 -13.06 -72.62 -33.60
C LEU P 226 -13.50 -74.08 -33.78
N VAL P 227 -13.25 -74.92 -32.76
CA VAL P 227 -13.70 -76.31 -32.74
C VAL P 227 -15.11 -76.41 -32.16
N MET Q 1 -6.66 -21.57 -68.30
CA MET Q 1 -7.36 -21.90 -67.09
C MET Q 1 -8.77 -22.40 -67.42
N GLU Q 2 -9.26 -22.08 -68.62
CA GLU Q 2 -10.56 -22.59 -69.05
C GLU Q 2 -10.61 -24.11 -69.04
N GLN Q 3 -9.46 -24.77 -69.26
CA GLN Q 3 -9.37 -26.21 -69.06
C GLN Q 3 -9.74 -26.60 -67.64
N ALA Q 4 -9.03 -26.03 -66.66
CA ALA Q 4 -9.27 -26.39 -65.27
C ALA Q 4 -10.71 -26.11 -64.85
N MET Q 5 -11.28 -24.97 -65.27
CA MET Q 5 -12.65 -24.66 -64.85
C MET Q 5 -13.67 -25.57 -65.55
N ARG Q 6 -13.39 -25.97 -66.79
CA ARG Q 6 -14.30 -26.91 -67.44
C ARG Q 6 -14.25 -28.26 -66.75
N GLU Q 7 -13.04 -28.74 -66.50
CA GLU Q 7 -12.85 -30.03 -65.88
C GLU Q 7 -13.46 -30.07 -64.47
N ARG Q 8 -13.30 -28.99 -63.68
CA ARG Q 8 -13.94 -28.92 -62.35
C ARG Q 8 -15.45 -28.98 -62.50
N SER Q 9 -15.96 -28.16 -63.41
CA SER Q 9 -17.39 -28.14 -63.64
C SER Q 9 -17.91 -29.52 -64.00
N GLU Q 10 -17.18 -30.24 -64.84
CA GLU Q 10 -17.71 -31.49 -65.29
C GLU Q 10 -17.53 -32.58 -64.24
N LEU Q 11 -16.43 -32.58 -63.49
CA LEU Q 11 -16.30 -33.54 -62.41
C LEU Q 11 -17.47 -33.37 -61.42
N ALA Q 12 -17.83 -32.13 -61.10
CA ALA Q 12 -18.97 -31.91 -60.20
C ALA Q 12 -20.29 -32.39 -60.83
N ARG Q 13 -20.54 -31.98 -62.07
CA ARG Q 13 -21.80 -32.32 -62.75
C ARG Q 13 -21.97 -33.82 -62.93
N LYS Q 14 -20.91 -34.51 -63.34
CA LYS Q 14 -21.00 -35.97 -63.42
C LYS Q 14 -21.25 -36.57 -62.04
N GLY Q 15 -20.52 -36.10 -61.02
CA GLY Q 15 -20.76 -36.63 -59.69
C GLY Q 15 -22.19 -36.46 -59.21
N ILE Q 16 -22.78 -35.29 -59.46
CA ILE Q 16 -24.14 -35.07 -58.99
C ILE Q 16 -25.10 -35.94 -59.78
N ALA Q 17 -24.75 -36.21 -61.06
CA ALA Q 17 -25.59 -37.03 -61.93
C ALA Q 17 -25.72 -38.48 -61.44
N ARG Q 18 -24.66 -39.01 -60.83
CA ARG Q 18 -24.71 -40.36 -60.25
C ARG Q 18 -25.43 -40.41 -58.91
N ALA Q 19 -25.76 -39.27 -58.31
CA ALA Q 19 -26.39 -39.25 -57.00
C ALA Q 19 -27.86 -39.55 -57.13
N LYS Q 20 -28.45 -40.03 -56.04
CA LYS Q 20 -29.90 -40.21 -56.04
C LYS Q 20 -30.60 -38.86 -55.95
N SER Q 21 -31.89 -38.84 -56.27
CA SER Q 21 -32.58 -37.57 -56.48
C SER Q 21 -33.48 -37.21 -55.29
N VAL Q 22 -33.74 -35.90 -55.17
CA VAL Q 22 -34.53 -35.37 -54.07
C VAL Q 22 -35.42 -34.24 -54.57
N VAL Q 23 -36.61 -34.14 -54.01
CA VAL Q 23 -37.65 -33.19 -54.43
C VAL Q 23 -38.14 -32.38 -53.23
N ALA Q 24 -38.35 -31.09 -53.47
CA ALA Q 24 -38.93 -30.19 -52.47
C ALA Q 24 -40.03 -29.40 -53.18
N LEU Q 25 -41.25 -29.44 -52.66
CA LEU Q 25 -42.34 -28.76 -53.34
C LEU Q 25 -43.22 -28.06 -52.31
N ALA Q 26 -43.77 -26.93 -52.73
CA ALA Q 26 -44.64 -26.16 -51.87
C ALA Q 26 -46.03 -26.79 -51.87
N TYR Q 27 -46.62 -26.91 -50.67
CA TYR Q 27 -47.99 -27.37 -50.55
C TYR Q 27 -48.71 -26.48 -49.53
N ALA Q 28 -49.99 -26.81 -49.31
CA ALA Q 28 -50.85 -25.97 -48.47
C ALA Q 28 -50.33 -25.86 -47.04
N GLY Q 29 -49.71 -26.90 -46.51
CA GLY Q 29 -49.21 -26.84 -45.16
C GLY Q 29 -47.81 -26.30 -45.02
N GLY Q 30 -47.17 -25.90 -46.13
CA GLY Q 30 -45.81 -25.43 -46.04
C GLY Q 30 -44.94 -25.94 -47.16
N VAL Q 31 -43.89 -26.70 -46.81
CA VAL Q 31 -43.00 -27.30 -47.79
C VAL Q 31 -42.80 -28.77 -47.47
N LEU Q 32 -42.77 -29.58 -48.52
CA LEU Q 32 -42.57 -31.01 -48.37
C LEU Q 32 -41.24 -31.38 -49.04
N PHE Q 33 -40.41 -32.14 -48.31
CA PHE Q 33 -39.15 -32.67 -48.78
C PHE Q 33 -39.33 -34.17 -48.86
N VAL Q 34 -39.09 -34.73 -50.05
CA VAL Q 34 -39.08 -36.18 -50.25
C VAL Q 34 -37.83 -36.55 -51.00
N ALA Q 35 -37.07 -37.48 -50.44
CA ALA Q 35 -35.82 -37.89 -51.06
C ALA Q 35 -35.71 -39.40 -51.07
N GLU Q 36 -35.11 -39.91 -52.15
CA GLU Q 36 -34.80 -41.33 -52.27
C GLU Q 36 -33.60 -41.62 -51.41
N ASN Q 37 -33.80 -42.43 -50.37
CA ASN Q 37 -32.72 -42.64 -49.42
C ASN Q 37 -32.89 -43.99 -48.73
N PRO Q 38 -32.08 -44.99 -49.07
CA PRO Q 38 -32.18 -46.30 -48.39
C PRO Q 38 -31.74 -46.30 -46.95
N SER Q 39 -30.88 -45.37 -46.57
CA SER Q 39 -30.17 -45.49 -45.30
C SER Q 39 -31.14 -45.49 -44.15
N ARG Q 40 -30.69 -46.05 -43.04
CA ARG Q 40 -31.53 -46.07 -41.86
C ARG Q 40 -31.30 -44.84 -41.00
N SER Q 41 -30.10 -44.26 -41.05
CA SER Q 41 -29.71 -43.23 -40.11
C SER Q 41 -29.07 -42.02 -40.74
N LEU Q 42 -28.60 -42.09 -41.97
CA LEU Q 42 -27.93 -40.96 -42.59
C LEU Q 42 -28.95 -40.15 -43.37
N GLN Q 43 -28.95 -38.85 -43.13
CA GLN Q 43 -30.04 -38.00 -43.58
C GLN Q 43 -29.57 -37.11 -44.74
N LYS Q 44 -30.50 -36.84 -45.67
CA LYS Q 44 -30.33 -35.88 -46.73
C LYS Q 44 -31.16 -34.64 -46.53
N ILE Q 45 -32.11 -34.69 -45.62
CA ILE Q 45 -33.02 -33.59 -45.32
C ILE Q 45 -32.83 -33.20 -43.86
N SER Q 46 -32.74 -31.90 -43.59
CA SER Q 46 -32.44 -31.49 -42.24
C SER Q 46 -33.05 -30.12 -41.96
N GLU Q 47 -33.23 -29.85 -40.67
CA GLU Q 47 -33.64 -28.53 -40.21
C GLU Q 47 -32.45 -27.58 -40.15
N LEU Q 48 -32.65 -26.34 -40.60
CA LEU Q 48 -31.65 -25.30 -40.41
C LEU Q 48 -31.99 -24.35 -39.27
N TYR Q 49 -33.19 -23.76 -39.30
CA TYR Q 49 -33.59 -22.85 -38.25
C TYR Q 49 -35.10 -22.94 -38.12
N ASP Q 50 -35.68 -22.10 -37.26
CA ASP Q 50 -37.09 -22.23 -36.88
C ASP Q 50 -38.00 -22.52 -38.08
N ARG Q 51 -37.89 -21.71 -39.15
CA ARG Q 51 -38.76 -21.88 -40.31
C ARG Q 51 -37.99 -22.25 -41.57
N VAL Q 52 -36.74 -22.71 -41.45
CA VAL Q 52 -35.89 -22.92 -42.63
C VAL Q 52 -35.38 -24.35 -42.60
N GLY Q 53 -35.57 -25.05 -43.72
CA GLY Q 53 -35.13 -26.42 -43.88
C GLY Q 53 -34.17 -26.59 -45.03
N PHE Q 54 -33.51 -27.74 -45.05
CA PHE Q 54 -32.37 -27.98 -45.93
C PHE Q 54 -32.54 -29.35 -46.58
N ALA Q 55 -32.27 -29.41 -47.89
CA ALA Q 55 -32.26 -30.68 -48.61
C ALA Q 55 -31.09 -30.70 -49.57
N ALA Q 56 -30.47 -31.86 -49.74
CA ALA Q 56 -29.27 -31.88 -50.56
C ALA Q 56 -29.15 -33.21 -51.30
N ALA Q 57 -28.47 -33.17 -52.44
CA ALA Q 57 -28.15 -34.33 -53.24
C ALA Q 57 -26.66 -34.33 -53.55
N GLY Q 58 -26.07 -35.52 -53.67
CA GLY Q 58 -24.68 -35.53 -54.08
C GLY Q 58 -23.80 -36.33 -53.16
N LYS Q 59 -22.55 -35.93 -52.97
CA LYS Q 59 -21.66 -36.67 -52.08
C LYS Q 59 -21.97 -36.33 -50.62
N PHE Q 60 -22.18 -37.36 -49.77
CA PHE Q 60 -22.73 -37.14 -48.42
C PHE Q 60 -21.82 -36.28 -47.55
N ASN Q 61 -20.53 -36.66 -47.41
CA ASN Q 61 -19.66 -35.91 -46.51
C ASN Q 61 -19.65 -34.45 -46.89
N GLU Q 62 -19.81 -34.17 -48.19
CA GLU Q 62 -19.75 -32.79 -48.64
C GLU Q 62 -21.02 -32.02 -48.27
N PHE Q 63 -22.20 -32.55 -48.60
CA PHE Q 63 -23.37 -31.76 -48.20
C PHE Q 63 -23.66 -31.84 -46.71
N ASP Q 64 -23.06 -32.79 -45.99
CA ASP Q 64 -23.10 -32.77 -44.53
C ASP Q 64 -22.27 -31.60 -44.02
N ASN Q 65 -21.08 -31.38 -44.60
CA ASN Q 65 -20.32 -30.18 -44.25
C ASN Q 65 -21.13 -28.92 -44.50
N LEU Q 66 -21.76 -28.81 -45.67
CA LEU Q 66 -22.52 -27.60 -45.94
C LEU Q 66 -23.70 -27.47 -44.99
N ARG Q 67 -24.30 -28.60 -44.62
CA ARG Q 67 -25.42 -28.56 -43.71
C ARG Q 67 -24.98 -28.02 -42.34
N ARG Q 68 -23.82 -28.52 -41.83
CA ARG Q 68 -23.29 -28.04 -40.56
C ARG Q 68 -22.93 -26.57 -40.63
N GLY Q 69 -22.23 -26.15 -41.68
CA GLY Q 69 -21.91 -24.74 -41.82
C GLY Q 69 -23.14 -23.87 -41.88
N GLY Q 70 -24.23 -24.37 -42.49
CA GLY Q 70 -25.47 -23.63 -42.49
C GLY Q 70 -26.08 -23.51 -41.11
N ILE Q 71 -26.06 -24.61 -40.35
CA ILE Q 71 -26.58 -24.52 -39.00
C ILE Q 71 -25.74 -23.54 -38.18
N GLN Q 72 -24.41 -23.62 -38.31
CA GLN Q 72 -23.55 -22.68 -37.61
C GLN Q 72 -23.89 -21.25 -37.99
N PHE Q 73 -24.02 -20.99 -39.28
CA PHE Q 73 -24.34 -19.65 -39.73
C PHE Q 73 -25.63 -19.15 -39.09
N ALA Q 74 -26.68 -19.97 -39.16
CA ALA Q 74 -27.99 -19.58 -38.67
C ALA Q 74 -28.00 -19.34 -37.16
N ASP Q 75 -27.43 -20.27 -36.37
CA ASP Q 75 -27.44 -20.08 -34.93
C ASP Q 75 -26.62 -18.86 -34.52
N THR Q 76 -25.47 -18.64 -35.17
CA THR Q 76 -24.67 -17.46 -34.88
C THR Q 76 -25.40 -16.18 -35.21
N ARG Q 77 -26.10 -16.12 -36.33
CA ARG Q 77 -26.80 -14.88 -36.66
C ARG Q 77 -27.94 -14.63 -35.69
N GLY Q 78 -28.71 -15.68 -35.38
CA GLY Q 78 -29.81 -15.51 -34.45
C GLY Q 78 -29.35 -15.04 -33.09
N TYR Q 79 -28.18 -15.55 -32.65
CA TYR Q 79 -27.61 -15.09 -31.37
C TYR Q 79 -27.01 -13.68 -31.52
N ALA Q 80 -26.31 -13.40 -32.61
CA ALA Q 80 -25.69 -12.07 -32.76
C ALA Q 80 -26.75 -11.00 -32.84
N TYR Q 81 -27.88 -11.29 -33.50
CA TYR Q 81 -29.01 -10.36 -33.69
C TYR Q 81 -30.29 -10.85 -33.03
N ASP Q 82 -31.21 -11.44 -33.79
CA ASP Q 82 -32.39 -12.06 -33.21
C ASP Q 82 -32.84 -13.14 -34.14
N ARG Q 83 -33.61 -14.07 -33.57
CA ARG Q 83 -34.07 -15.23 -34.33
C ARG Q 83 -34.78 -14.81 -35.59
N ARG Q 84 -35.65 -13.81 -35.51
CA ARG Q 84 -36.43 -13.38 -36.66
C ARG Q 84 -35.60 -12.70 -37.73
N ASP Q 85 -34.37 -12.33 -37.46
CA ASP Q 85 -33.52 -11.77 -38.49
C ASP Q 85 -32.86 -12.86 -39.32
N VAL Q 86 -32.98 -14.11 -38.91
CA VAL Q 86 -32.50 -15.25 -39.70
C VAL Q 86 -33.56 -15.58 -40.75
N THR Q 87 -33.17 -15.56 -42.03
CA THR Q 87 -34.11 -15.84 -43.12
C THR Q 87 -33.60 -16.94 -44.06
N GLY Q 88 -34.54 -17.54 -44.81
CA GLY Q 88 -34.18 -18.47 -45.85
C GLY Q 88 -33.34 -17.84 -46.95
N ARG Q 89 -33.65 -16.59 -47.31
CA ARG Q 89 -32.85 -15.87 -48.30
C ARG Q 89 -31.39 -15.70 -47.83
N GLN Q 90 -31.17 -15.41 -46.55
CA GLN Q 90 -29.80 -15.26 -46.06
C GLN Q 90 -29.03 -16.56 -46.18
N LEU Q 91 -29.65 -17.66 -45.77
CA LEU Q 91 -28.97 -18.93 -45.88
C LEU Q 91 -28.67 -19.29 -47.34
N ALA Q 92 -29.62 -19.06 -48.24
CA ALA Q 92 -29.34 -19.33 -49.65
C ALA Q 92 -28.17 -18.49 -50.14
N ASN Q 93 -28.13 -17.22 -49.74
CA ASN Q 93 -27.07 -16.35 -50.21
C ASN Q 93 -25.72 -16.83 -49.68
N VAL Q 94 -25.65 -17.20 -48.41
CA VAL Q 94 -24.36 -17.66 -47.92
C VAL Q 94 -23.98 -18.99 -48.56
N TYR Q 95 -24.95 -19.88 -48.83
CA TYR Q 95 -24.58 -21.12 -49.53
C TYR Q 95 -24.02 -20.82 -50.92
N ALA Q 96 -24.61 -19.84 -51.61
CA ALA Q 96 -24.10 -19.44 -52.91
C ALA Q 96 -22.65 -18.95 -52.81
N GLN Q 97 -22.37 -18.11 -51.82
CA GLN Q 97 -21.01 -17.58 -51.66
C GLN Q 97 -20.03 -18.71 -51.34
N THR Q 98 -20.42 -19.56 -50.41
CA THR Q 98 -19.53 -20.63 -49.97
C THR Q 98 -19.23 -21.60 -51.10
N LEU Q 99 -20.27 -22.09 -51.79
CA LEU Q 99 -20.06 -23.03 -52.89
C LEU Q 99 -19.31 -22.40 -54.06
N GLY Q 100 -19.46 -21.09 -54.28
CA GLY Q 100 -18.58 -20.42 -55.24
C GLY Q 100 -17.12 -20.56 -54.86
N THR Q 101 -16.80 -20.26 -53.59
CA THR Q 101 -15.43 -20.42 -53.09
C THR Q 101 -14.96 -21.86 -53.18
N ILE Q 102 -15.79 -22.80 -52.72
CA ILE Q 102 -15.42 -24.21 -52.80
C ILE Q 102 -15.11 -24.58 -54.23
N PHE Q 103 -15.98 -24.15 -55.16
CA PHE Q 103 -15.86 -24.57 -56.54
C PHE Q 103 -14.56 -24.08 -57.17
N THR Q 104 -14.14 -22.85 -56.83
CA THR Q 104 -12.97 -22.27 -57.47
C THR Q 104 -11.66 -22.58 -56.74
N GLU Q 105 -11.70 -22.85 -55.44
CA GLU Q 105 -10.47 -22.81 -54.67
C GLU Q 105 -10.13 -24.08 -53.91
N GLN Q 106 -11.08 -24.98 -53.71
CA GLN Q 106 -10.75 -26.21 -52.97
C GLN Q 106 -10.05 -27.22 -53.87
N ALA Q 107 -9.45 -28.23 -53.23
CA ALA Q 107 -8.71 -29.26 -53.95
C ALA Q 107 -9.56 -29.91 -55.03
N LYS Q 108 -10.81 -30.25 -54.68
CA LYS Q 108 -11.79 -30.79 -55.59
C LYS Q 108 -13.11 -30.08 -55.31
N PRO Q 109 -13.85 -29.68 -56.34
CA PRO Q 109 -15.16 -29.04 -56.09
C PRO Q 109 -16.10 -30.00 -55.39
N TYR Q 110 -17.10 -29.43 -54.73
CA TYR Q 110 -18.09 -30.23 -54.05
C TYR Q 110 -19.13 -30.73 -55.05
N GLU Q 111 -19.34 -32.04 -55.09
CA GLU Q 111 -20.34 -32.67 -55.95
C GLU Q 111 -21.68 -32.70 -55.21
N VAL Q 112 -22.28 -31.53 -55.05
CA VAL Q 112 -23.48 -31.40 -54.22
C VAL Q 112 -24.48 -30.48 -54.92
N GLU Q 113 -25.74 -30.60 -54.54
CA GLU Q 113 -26.72 -29.60 -54.94
C GLU Q 113 -27.67 -29.40 -53.76
N LEU Q 114 -27.96 -28.15 -53.43
CA LEU Q 114 -28.64 -27.80 -52.19
C LEU Q 114 -29.93 -27.06 -52.47
N CYS Q 115 -30.91 -27.26 -51.61
CA CYS Q 115 -32.17 -26.52 -51.59
C CYS Q 115 -32.40 -26.02 -50.16
N VAL Q 116 -32.61 -24.71 -50.01
CA VAL Q 116 -33.06 -24.15 -48.74
C VAL Q 116 -34.49 -23.70 -48.96
N ALA Q 117 -35.36 -24.07 -48.02
CA ALA Q 117 -36.78 -23.70 -48.08
C ALA Q 117 -37.18 -22.96 -46.82
N GLU Q 118 -38.09 -22.00 -46.97
CA GLU Q 118 -38.58 -21.21 -45.85
C GLU Q 118 -40.09 -21.14 -45.88
N VAL Q 119 -40.73 -21.35 -44.73
CA VAL Q 119 -42.17 -21.16 -44.58
C VAL Q 119 -42.44 -19.92 -43.73
N ALA Q 120 -43.70 -19.54 -43.66
CA ALA Q 120 -44.05 -18.34 -42.92
C ALA Q 120 -43.90 -18.59 -41.44
N HIS Q 121 -43.64 -17.52 -40.70
CA HIS Q 121 -43.65 -17.64 -39.25
C HIS Q 121 -45.09 -17.85 -38.80
N TYR Q 122 -45.27 -18.52 -37.66
CA TYR Q 122 -46.60 -18.92 -37.24
C TYR Q 122 -47.60 -17.77 -37.22
N GLY Q 123 -48.76 -18.01 -37.82
CA GLY Q 123 -49.84 -17.05 -37.84
C GLY Q 123 -49.74 -15.96 -38.88
N GLU Q 124 -48.66 -15.92 -39.65
CA GLU Q 124 -48.47 -14.93 -40.71
C GLU Q 124 -48.76 -15.56 -42.07
N THR Q 125 -48.99 -14.68 -43.06
CA THR Q 125 -49.36 -15.09 -44.42
C THR Q 125 -48.20 -14.76 -45.34
N LYS Q 126 -47.43 -15.79 -45.70
CA LYS Q 126 -46.25 -15.66 -46.53
C LYS Q 126 -46.22 -16.88 -47.44
N ARG Q 127 -45.99 -16.62 -48.72
CA ARG Q 127 -45.80 -17.71 -49.66
C ARG Q 127 -44.45 -18.35 -49.41
N PRO Q 128 -44.38 -19.69 -49.31
CA PRO Q 128 -43.10 -20.37 -49.11
C PRO Q 128 -42.05 -19.96 -50.14
N GLU Q 129 -40.79 -20.04 -49.74
CA GLU Q 129 -39.69 -19.72 -50.63
C GLU Q 129 -38.85 -20.97 -50.84
N LEU Q 130 -38.49 -21.23 -52.10
CA LEU Q 130 -37.56 -22.31 -52.36
C LEU Q 130 -36.36 -21.76 -53.10
N TYR Q 131 -35.18 -22.22 -52.71
CA TYR Q 131 -33.93 -21.83 -53.34
C TYR Q 131 -33.14 -23.08 -53.70
N ARG Q 132 -32.52 -23.05 -54.88
CA ARG Q 132 -31.59 -24.09 -55.30
C ARG Q 132 -30.21 -23.45 -55.49
N ILE Q 133 -29.20 -24.02 -54.83
CA ILE Q 133 -27.81 -23.63 -55.02
C ILE Q 133 -27.06 -24.81 -55.63
N THR Q 134 -26.44 -24.56 -56.78
CA THR Q 134 -25.74 -25.60 -57.53
C THR Q 134 -24.24 -25.54 -57.24
N TYR Q 135 -23.51 -26.54 -57.77
CA TYR Q 135 -22.15 -26.79 -57.30
C TYR Q 135 -21.23 -25.61 -57.56
N ASP Q 136 -21.55 -24.75 -58.51
CA ASP Q 136 -20.69 -23.62 -58.82
C ASP Q 136 -21.10 -22.35 -58.10
N GLY Q 137 -22.09 -22.43 -57.21
CA GLY Q 137 -22.56 -21.25 -56.53
C GLY Q 137 -23.67 -20.52 -57.24
N SER Q 138 -24.17 -21.09 -58.34
CA SER Q 138 -25.31 -20.50 -58.99
C SER Q 138 -26.52 -20.70 -58.09
N ILE Q 139 -27.36 -19.68 -58.00
CA ILE Q 139 -28.50 -19.68 -57.10
C ILE Q 139 -29.75 -19.38 -57.91
N ALA Q 140 -30.82 -20.09 -57.56
CA ALA Q 140 -32.06 -20.04 -58.27
C ALA Q 140 -33.22 -19.86 -57.31
N ASP Q 141 -34.09 -18.93 -57.69
CA ASP Q 141 -35.30 -18.60 -56.96
C ASP Q 141 -36.45 -19.42 -57.51
N GLU Q 142 -37.03 -20.28 -56.67
CA GLU Q 142 -38.11 -21.13 -57.16
C GLU Q 142 -39.39 -21.00 -56.33
N PRO Q 143 -40.56 -20.91 -57.04
CA PRO Q 143 -41.86 -20.67 -56.39
C PRO Q 143 -42.66 -21.94 -56.07
N HIS Q 144 -42.42 -23.03 -56.82
CA HIS Q 144 -43.25 -24.22 -56.74
C HIS Q 144 -42.52 -25.47 -56.27
N PHE Q 145 -41.38 -25.79 -56.86
CA PHE Q 145 -40.65 -27.00 -56.49
C PHE Q 145 -39.22 -26.86 -56.98
N VAL Q 146 -38.37 -27.74 -56.44
CA VAL Q 146 -36.98 -27.91 -56.77
C VAL Q 146 -36.74 -29.40 -56.90
N VAL Q 147 -35.99 -29.79 -57.91
CA VAL Q 147 -35.54 -31.16 -58.09
C VAL Q 147 -34.02 -31.13 -58.13
N MET Q 148 -33.38 -32.10 -57.48
CA MET Q 148 -31.93 -32.10 -57.45
C MET Q 148 -31.40 -33.52 -57.53
N GLY Q 149 -30.28 -33.67 -58.24
CA GLY Q 149 -29.58 -34.94 -58.19
C GLY Q 149 -30.07 -35.96 -59.20
N GLY Q 150 -29.14 -36.79 -59.65
CA GLY Q 150 -29.47 -37.82 -60.59
C GLY Q 150 -29.93 -37.22 -61.90
N THR Q 151 -30.85 -37.91 -62.54
CA THR Q 151 -31.37 -37.45 -63.83
C THR Q 151 -32.58 -36.56 -63.51
N THR Q 152 -32.35 -35.24 -63.54
CA THR Q 152 -33.33 -34.31 -62.99
C THR Q 152 -34.47 -34.06 -63.96
N GLU Q 153 -34.17 -34.05 -65.26
CA GLU Q 153 -35.13 -33.55 -66.27
C GLU Q 153 -36.43 -34.35 -66.31
N PRO Q 154 -36.44 -35.69 -66.28
CA PRO Q 154 -37.73 -36.41 -66.20
C PRO Q 154 -38.52 -36.14 -64.92
N ILE Q 155 -37.84 -36.01 -63.78
CA ILE Q 155 -38.55 -35.75 -62.53
C ILE Q 155 -39.17 -34.37 -62.59
N ALA Q 156 -38.41 -33.39 -63.06
CA ALA Q 156 -38.93 -32.04 -63.15
C ALA Q 156 -40.11 -31.99 -64.12
N ASN Q 157 -40.01 -32.70 -65.24
CA ASN Q 157 -41.12 -32.73 -66.19
C ASN Q 157 -42.36 -33.36 -65.59
N ALA Q 158 -42.19 -34.50 -64.92
CA ALA Q 158 -43.33 -35.15 -64.27
C ALA Q 158 -44.02 -34.19 -63.31
N LEU Q 159 -43.24 -33.44 -62.51
CA LEU Q 159 -43.87 -32.49 -61.60
C LEU Q 159 -44.54 -31.34 -62.34
N LYS Q 160 -43.97 -30.91 -63.47
CA LYS Q 160 -44.55 -29.80 -64.21
C LYS Q 160 -45.96 -30.15 -64.70
N GLU Q 161 -46.22 -31.42 -64.97
CA GLU Q 161 -47.51 -31.88 -65.46
C GLU Q 161 -48.36 -32.53 -64.37
N SER Q 162 -47.95 -32.46 -63.10
CA SER Q 162 -48.74 -33.04 -62.02
C SER Q 162 -48.90 -32.14 -60.81
N TYR Q 163 -48.18 -31.03 -60.74
CA TYR Q 163 -48.16 -30.20 -59.55
C TYR Q 163 -49.40 -29.31 -59.47
N ALA Q 164 -49.98 -29.23 -58.27
CA ALA Q 164 -51.08 -28.31 -57.98
C ALA Q 164 -50.75 -27.47 -56.75
N GLU Q 165 -51.06 -26.18 -56.83
CA GLU Q 165 -50.80 -25.28 -55.70
C GLU Q 165 -51.72 -25.65 -54.54
N ASN Q 166 -51.24 -25.39 -53.33
CA ASN Q 166 -52.07 -25.59 -52.15
C ASN Q 166 -52.57 -27.03 -52.10
N ALA Q 167 -51.71 -27.97 -52.46
CA ALA Q 167 -52.09 -29.36 -52.41
C ALA Q 167 -52.17 -29.83 -50.95
N SER Q 168 -52.92 -30.91 -50.72
CA SER Q 168 -52.95 -31.49 -49.39
C SER Q 168 -51.68 -32.29 -49.18
N LEU Q 169 -51.42 -32.66 -47.93
CA LEU Q 169 -50.18 -33.40 -47.67
C LEU Q 169 -50.16 -34.71 -48.45
N THR Q 170 -51.26 -35.46 -48.43
CA THR Q 170 -51.28 -36.74 -49.12
C THR Q 170 -51.06 -36.60 -50.61
N ASP Q 171 -51.70 -35.60 -51.22
CA ASP Q 171 -51.54 -35.32 -52.64
C ASP Q 171 -50.11 -34.97 -53.00
N ALA Q 172 -49.51 -34.03 -52.27
CA ALA Q 172 -48.15 -33.63 -52.59
C ALA Q 172 -47.19 -34.80 -52.45
N LEU Q 173 -47.39 -35.61 -51.42
CA LEU Q 173 -46.53 -36.76 -51.25
C LEU Q 173 -46.70 -37.71 -52.43
N ARG Q 174 -47.95 -37.99 -52.81
CA ARG Q 174 -48.19 -38.91 -53.92
C ARG Q 174 -47.55 -38.40 -55.22
N ILE Q 175 -47.79 -37.14 -55.60
CA ILE Q 175 -47.22 -36.66 -56.85
C ILE Q 175 -45.69 -36.65 -56.77
N ALA Q 176 -45.15 -36.38 -55.57
CA ALA Q 176 -43.71 -36.31 -55.40
C ALA Q 176 -43.06 -37.68 -55.63
N VAL Q 177 -43.58 -38.72 -54.98
CA VAL Q 177 -43.04 -40.06 -55.20
C VAL Q 177 -43.23 -40.52 -56.63
N ALA Q 178 -44.32 -40.10 -57.27
CA ALA Q 178 -44.49 -40.40 -58.68
C ALA Q 178 -43.34 -39.82 -59.50
N ALA Q 179 -43.08 -38.52 -59.34
CA ALA Q 179 -42.03 -37.88 -60.12
C ALA Q 179 -40.66 -38.49 -59.83
N LEU Q 180 -40.42 -38.85 -58.56
CA LEU Q 180 -39.17 -39.52 -58.22
C LEU Q 180 -39.06 -40.87 -58.91
N ARG Q 181 -40.18 -41.58 -59.02
CA ARG Q 181 -40.19 -42.89 -59.67
C ARG Q 181 -40.05 -42.79 -61.18
N ALA Q 182 -40.33 -41.63 -61.77
CA ALA Q 182 -40.06 -41.42 -63.19
C ALA Q 182 -38.60 -41.08 -63.47
N GLY Q 183 -37.67 -41.65 -62.72
CA GLY Q 183 -36.28 -41.24 -62.80
C GLY Q 183 -35.24 -42.34 -62.58
N SER Q 184 -35.61 -43.43 -61.93
CA SER Q 184 -34.64 -44.52 -61.73
C SER Q 184 -35.22 -45.87 -62.12
N LEU Q 195 -40.81 -47.72 -54.48
CA LEU Q 195 -40.49 -46.65 -53.53
C LEU Q 195 -41.44 -46.61 -52.31
N GLY Q 196 -41.07 -47.35 -51.27
CA GLY Q 196 -41.84 -47.43 -50.04
C GLY Q 196 -41.16 -46.67 -48.91
N VAL Q 197 -41.65 -46.94 -47.68
CA VAL Q 197 -41.08 -46.29 -46.50
C VAL Q 197 -39.58 -46.58 -46.40
N ALA Q 198 -39.20 -47.87 -46.32
CA ALA Q 198 -37.80 -48.27 -46.21
C ALA Q 198 -36.85 -47.57 -47.18
N SER Q 199 -37.33 -47.07 -48.33
CA SER Q 199 -36.45 -46.44 -49.32
C SER Q 199 -36.63 -44.93 -49.43
N LEU Q 200 -37.45 -44.30 -48.59
CA LEU Q 200 -37.70 -42.87 -48.66
C LEU Q 200 -37.39 -42.21 -47.33
N GLU Q 201 -36.99 -40.94 -47.42
CA GLU Q 201 -36.86 -40.02 -46.30
C GLU Q 201 -37.75 -38.82 -46.58
N VAL Q 202 -38.64 -38.51 -45.63
CA VAL Q 202 -39.68 -37.48 -45.81
C VAL Q 202 -39.70 -36.58 -44.59
N ALA Q 203 -39.90 -35.29 -44.85
CA ALA Q 203 -40.00 -34.34 -43.76
C ALA Q 203 -40.68 -33.10 -44.32
N VAL Q 204 -41.28 -32.32 -43.43
CA VAL Q 204 -41.98 -31.11 -43.86
C VAL Q 204 -41.51 -29.92 -43.05
N LEU Q 205 -41.58 -28.74 -43.67
CA LEU Q 205 -41.65 -27.47 -42.98
C LEU Q 205 -43.13 -27.16 -42.81
N ASP Q 206 -43.63 -27.35 -41.59
CA ASP Q 206 -45.05 -27.28 -41.24
C ASP Q 206 -45.35 -25.88 -40.71
N ALA Q 207 -45.95 -25.04 -41.56
CA ALA Q 207 -46.18 -23.66 -41.16
C ALA Q 207 -47.14 -23.50 -39.99
N ASN Q 208 -47.74 -24.60 -39.52
CA ASN Q 208 -48.67 -24.54 -38.42
C ASN Q 208 -48.04 -24.90 -37.08
N ARG Q 209 -46.74 -25.02 -37.01
CA ARG Q 209 -46.17 -25.21 -35.68
C ARG Q 209 -45.73 -23.86 -35.11
N PRO Q 210 -45.87 -23.63 -33.79
CA PRO Q 210 -45.55 -22.29 -33.25
C PRO Q 210 -44.12 -21.82 -33.49
N ARG Q 211 -43.10 -22.64 -33.26
CA ARG Q 211 -41.73 -22.19 -33.53
C ARG Q 211 -41.01 -23.09 -34.52
N ARG Q 212 -40.62 -24.31 -34.15
CA ARG Q 212 -39.81 -25.12 -35.06
C ARG Q 212 -40.71 -25.80 -36.10
N ALA Q 213 -40.60 -25.39 -37.35
CA ALA Q 213 -41.50 -25.87 -38.39
C ALA Q 213 -41.09 -27.23 -38.93
N PHE Q 214 -39.84 -27.64 -38.73
CA PHE Q 214 -39.37 -28.89 -39.27
C PHE Q 214 -39.94 -30.06 -38.50
N ARG Q 215 -40.40 -31.08 -39.24
CA ARG Q 215 -40.80 -32.34 -38.61
C ARG Q 215 -40.66 -33.47 -39.62
N ARG Q 216 -40.02 -34.54 -39.18
CA ARG Q 216 -39.87 -35.73 -39.98
C ARG Q 216 -41.18 -36.51 -39.92
N ILE Q 217 -41.51 -37.19 -41.01
CA ILE Q 217 -42.62 -38.14 -41.08
C ILE Q 217 -42.01 -39.50 -41.33
N THR Q 218 -41.96 -40.33 -40.30
CA THR Q 218 -41.22 -41.57 -40.34
C THR Q 218 -42.17 -42.73 -40.17
N GLY Q 219 -41.73 -43.91 -40.62
CA GLY Q 219 -42.40 -45.17 -40.34
C GLY Q 219 -43.90 -45.27 -40.53
N SER Q 220 -44.62 -45.62 -39.45
CA SER Q 220 -46.04 -45.94 -39.54
C SER Q 220 -46.85 -44.77 -40.10
N ALA Q 221 -46.59 -43.55 -39.63
CA ALA Q 221 -47.28 -42.37 -40.15
C ALA Q 221 -46.98 -42.18 -41.63
N LEU Q 222 -45.70 -42.38 -42.01
CA LEU Q 222 -45.30 -42.27 -43.41
C LEU Q 222 -46.06 -43.25 -44.28
N GLN Q 223 -46.09 -44.52 -43.89
CA GLN Q 223 -46.87 -45.51 -44.64
C GLN Q 223 -48.34 -45.16 -44.70
N ALA Q 224 -48.91 -44.72 -43.57
CA ALA Q 224 -50.33 -44.37 -43.55
C ALA Q 224 -50.67 -43.28 -44.54
N LEU Q 225 -49.72 -42.32 -44.75
CA LEU Q 225 -49.93 -41.25 -45.72
C LEU Q 225 -49.61 -41.68 -47.15
N LEU Q 226 -48.85 -42.75 -47.32
CA LEU Q 226 -48.58 -43.31 -48.66
C LEU Q 226 -49.75 -44.16 -49.17
N VAL Q 227 -50.38 -44.95 -48.30
CA VAL Q 227 -51.39 -45.92 -48.73
C VAL Q 227 -52.72 -45.23 -49.07
N ASP Q 228 -53.11 -44.22 -48.30
CA ASP Q 228 -54.37 -43.48 -48.51
C ASP Q 228 -54.18 -41.96 -48.35
N MET R 1 2.45 -16.86 -69.33
CA MET R 1 2.04 -15.52 -68.90
C MET R 1 1.05 -14.87 -69.87
N GLU R 2 1.46 -14.74 -71.15
CA GLU R 2 0.55 -14.29 -72.20
C GLU R 2 -0.63 -15.23 -72.34
N GLN R 3 -0.36 -16.54 -72.28
CA GLN R 3 -1.40 -17.55 -72.31
C GLN R 3 -2.43 -17.33 -71.20
N ALA R 4 -1.96 -17.28 -69.95
CA ALA R 4 -2.88 -17.25 -68.82
C ALA R 4 -3.77 -16.00 -68.83
N MET R 5 -3.20 -14.82 -69.12
CA MET R 5 -4.03 -13.62 -69.13
C MET R 5 -5.00 -13.62 -70.29
N ARG R 6 -4.54 -14.07 -71.48
CA ARG R 6 -5.47 -14.23 -72.60
C ARG R 6 -6.66 -15.08 -72.16
N GLU R 7 -6.38 -16.13 -71.40
CA GLU R 7 -7.37 -17.17 -71.19
C GLU R 7 -8.32 -16.79 -70.05
N ARG R 8 -7.78 -16.15 -69.01
CA ARG R 8 -8.61 -15.59 -67.94
C ARG R 8 -9.53 -14.52 -68.50
N SER R 9 -8.95 -13.62 -69.31
CA SER R 9 -9.74 -12.59 -69.95
C SER R 9 -10.87 -13.18 -70.77
N GLU R 10 -10.61 -14.29 -71.44
CA GLU R 10 -11.67 -14.84 -72.28
C GLU R 10 -12.75 -15.50 -71.44
N LEU R 11 -12.36 -16.22 -70.38
CA LEU R 11 -13.38 -16.81 -69.50
C LEU R 11 -14.29 -15.73 -68.93
N ALA R 12 -13.69 -14.64 -68.43
CA ALA R 12 -14.49 -13.57 -67.86
C ALA R 12 -15.37 -12.93 -68.93
N ARG R 13 -14.81 -12.62 -70.10
CA ARG R 13 -15.56 -11.93 -71.14
C ARG R 13 -16.80 -12.71 -71.54
N LYS R 14 -16.69 -14.03 -71.72
CA LYS R 14 -17.88 -14.76 -72.14
C LYS R 14 -18.81 -15.09 -70.95
N GLY R 15 -18.28 -15.15 -69.73
CA GLY R 15 -19.18 -15.22 -68.59
C GLY R 15 -20.14 -14.03 -68.54
N ILE R 16 -19.61 -12.81 -68.80
CA ILE R 16 -20.44 -11.61 -68.80
C ILE R 16 -21.33 -11.57 -70.05
N ALA R 17 -20.80 -12.03 -71.18
CA ALA R 17 -21.61 -12.01 -72.39
C ALA R 17 -22.81 -12.95 -72.25
N ARG R 18 -22.68 -14.04 -71.50
CA ARG R 18 -23.80 -14.95 -71.28
C ARG R 18 -24.84 -14.44 -70.29
N ALA R 19 -24.65 -13.26 -69.72
CA ALA R 19 -25.44 -12.85 -68.58
C ALA R 19 -26.54 -11.87 -69.00
N LYS R 20 -27.43 -11.60 -68.07
CA LYS R 20 -28.54 -10.71 -68.41
C LYS R 20 -28.12 -9.25 -68.32
N SER R 21 -28.91 -8.40 -68.96
CA SER R 21 -28.49 -7.02 -69.20
C SER R 21 -29.13 -6.06 -68.21
N VAL R 22 -28.39 -5.00 -67.91
CA VAL R 22 -28.82 -3.97 -66.98
C VAL R 22 -28.36 -2.62 -67.52
N VAL R 23 -29.22 -1.61 -67.39
CA VAL R 23 -28.94 -0.26 -67.88
C VAL R 23 -29.16 0.72 -66.75
N ALA R 24 -28.33 1.78 -66.74
CA ALA R 24 -28.45 2.91 -65.82
C ALA R 24 -28.38 4.18 -66.64
N LEU R 25 -29.36 5.06 -66.46
CA LEU R 25 -29.48 6.26 -67.29
C LEU R 25 -29.69 7.47 -66.40
N ALA R 26 -29.07 8.59 -66.76
CA ALA R 26 -29.30 9.83 -66.01
C ALA R 26 -30.56 10.52 -66.53
N TYR R 27 -31.42 10.95 -65.60
CA TYR R 27 -32.64 11.65 -65.96
C TYR R 27 -32.82 12.88 -65.06
N ALA R 28 -33.92 13.60 -65.29
CA ALA R 28 -34.17 14.85 -64.59
C ALA R 28 -34.21 14.63 -63.08
N GLY R 29 -34.69 13.46 -62.62
CA GLY R 29 -34.77 13.11 -61.22
C GLY R 29 -33.57 12.42 -60.61
N GLY R 30 -32.51 12.15 -61.37
CA GLY R 30 -31.37 11.47 -60.80
C GLY R 30 -30.80 10.39 -61.70
N VAL R 31 -30.78 9.15 -61.20
CA VAL R 31 -30.31 8.04 -62.01
C VAL R 31 -31.33 6.93 -61.89
N LEU R 32 -31.59 6.26 -63.00
CA LEU R 32 -32.53 5.15 -63.06
C LEU R 32 -31.78 3.87 -63.39
N PHE R 33 -31.98 2.84 -62.57
CA PHE R 33 -31.41 1.52 -62.80
C PHE R 33 -32.57 0.62 -63.17
N VAL R 34 -32.45 -0.04 -64.32
CA VAL R 34 -33.41 -1.06 -64.71
C VAL R 34 -32.64 -2.26 -65.27
N ALA R 35 -32.92 -3.42 -64.71
CA ALA R 35 -32.27 -4.66 -65.10
C ALA R 35 -33.34 -5.72 -65.29
N GLU R 36 -33.15 -6.60 -66.26
CA GLU R 36 -34.05 -7.73 -66.39
C GLU R 36 -33.64 -8.75 -65.32
N ASN R 37 -34.58 -9.04 -64.42
CA ASN R 37 -34.34 -9.85 -63.24
C ASN R 37 -35.59 -10.66 -62.91
N PRO R 38 -35.58 -11.97 -63.23
CA PRO R 38 -36.74 -12.82 -62.93
C PRO R 38 -36.99 -13.04 -61.45
N SER R 39 -35.98 -12.93 -60.60
CA SER R 39 -36.13 -13.30 -59.20
C SER R 39 -37.07 -12.30 -58.50
N ARG R 40 -37.38 -12.61 -57.23
CA ARG R 40 -38.11 -11.70 -56.35
C ARG R 40 -37.26 -11.15 -55.21
N SER R 41 -36.29 -11.94 -54.73
CA SER R 41 -35.48 -11.61 -53.59
C SER R 41 -34.01 -11.35 -53.92
N LEU R 42 -33.54 -11.79 -55.09
CA LEU R 42 -32.13 -11.62 -55.44
C LEU R 42 -31.95 -10.33 -56.24
N GLN R 43 -31.10 -9.44 -55.74
CA GLN R 43 -30.95 -8.09 -56.26
C GLN R 43 -29.68 -7.94 -57.10
N LYS R 44 -29.83 -7.38 -58.30
CA LYS R 44 -28.73 -6.89 -59.13
C LYS R 44 -28.46 -5.40 -58.94
N ILE R 45 -29.38 -4.68 -58.29
CA ILE R 45 -29.26 -3.25 -58.03
C ILE R 45 -29.25 -3.03 -56.52
N SER R 46 -28.38 -2.16 -56.04
CA SER R 46 -28.29 -2.02 -54.60
C SER R 46 -27.86 -0.60 -54.23
N GLU R 47 -28.17 -0.22 -53.00
CA GLU R 47 -27.67 1.02 -52.45
C GLU R 47 -26.23 0.80 -51.96
N LEU R 48 -25.36 1.78 -52.20
CA LEU R 48 -24.03 1.78 -51.61
C LEU R 48 -23.92 2.75 -50.43
N TYR R 49 -24.29 4.01 -50.66
CA TYR R 49 -24.27 5.01 -49.59
C TYR R 49 -25.33 6.04 -49.95
N ASP R 50 -25.45 7.06 -49.11
CA ASP R 50 -26.58 7.99 -49.18
C ASP R 50 -26.96 8.44 -50.59
N ARG R 51 -25.99 8.92 -51.38
CA ARG R 51 -26.27 9.38 -52.73
C ARG R 51 -25.59 8.52 -53.77
N VAL R 52 -25.20 7.31 -53.40
CA VAL R 52 -24.42 6.44 -54.27
C VAL R 52 -25.09 5.10 -54.40
N GLY R 53 -25.33 4.69 -55.66
CA GLY R 53 -25.95 3.42 -55.96
C GLY R 53 -25.07 2.54 -56.85
N PHE R 54 -25.48 1.27 -56.94
CA PHE R 54 -24.69 0.16 -57.49
C PHE R 54 -25.57 -0.71 -58.39
N ALA R 55 -25.03 -1.12 -59.54
CA ALA R 55 -25.70 -2.11 -60.37
C ALA R 55 -24.65 -3.07 -60.93
N ALA R 56 -25.05 -4.32 -61.16
CA ALA R 56 -24.06 -5.32 -61.55
C ALA R 56 -24.65 -6.36 -62.49
N ALA R 57 -23.78 -6.85 -63.36
CA ALA R 57 -24.10 -7.89 -64.31
C ALA R 57 -23.11 -9.05 -64.16
N GLY R 58 -23.60 -10.27 -64.33
CA GLY R 58 -22.71 -11.40 -64.28
C GLY R 58 -23.12 -12.48 -63.30
N LYS R 59 -22.14 -13.12 -62.67
CA LYS R 59 -22.45 -14.18 -61.72
C LYS R 59 -22.89 -13.57 -60.40
N PHE R 60 -24.03 -14.05 -59.88
CA PHE R 60 -24.62 -13.40 -58.74
C PHE R 60 -23.68 -13.41 -57.54
N ASN R 61 -23.20 -14.58 -57.13
CA ASN R 61 -22.39 -14.65 -55.91
C ASN R 61 -21.17 -13.74 -56.00
N GLU R 62 -20.61 -13.55 -57.20
CA GLU R 62 -19.42 -12.72 -57.34
C GLU R 62 -19.76 -11.23 -57.25
N PHE R 63 -20.77 -10.76 -57.99
CA PHE R 63 -21.04 -9.34 -57.85
C PHE R 63 -21.71 -9.02 -56.51
N ASP R 64 -22.28 -10.02 -55.83
CA ASP R 64 -22.79 -9.81 -54.47
C ASP R 64 -21.65 -9.72 -53.45
N ASN R 65 -20.59 -10.51 -53.61
CA ASN R 65 -19.38 -10.28 -52.82
C ASN R 65 -18.86 -8.85 -53.01
N LEU R 66 -18.73 -8.43 -54.28
CA LEU R 66 -18.22 -7.08 -54.55
C LEU R 66 -19.15 -6.02 -53.99
N ARG R 67 -20.45 -6.31 -53.97
CA ARG R 67 -21.43 -5.39 -53.43
C ARG R 67 -21.26 -5.21 -51.93
N ARG R 68 -21.13 -6.33 -51.20
CA ARG R 68 -20.92 -6.25 -49.75
C ARG R 68 -19.62 -5.56 -49.40
N GLY R 69 -18.54 -5.83 -50.15
CA GLY R 69 -17.31 -5.09 -49.91
C GLY R 69 -17.45 -3.60 -50.16
N GLY R 70 -18.21 -3.21 -51.19
CA GLY R 70 -18.44 -1.79 -51.42
C GLY R 70 -19.21 -1.17 -50.25
N ILE R 71 -20.23 -1.87 -49.76
CA ILE R 71 -20.96 -1.36 -48.61
C ILE R 71 -20.01 -1.22 -47.43
N GLN R 72 -19.12 -2.21 -47.26
CA GLN R 72 -18.13 -2.15 -46.20
C GLN R 72 -17.24 -0.90 -46.34
N PHE R 73 -16.67 -0.71 -47.54
CA PHE R 73 -15.78 0.43 -47.80
C PHE R 73 -16.47 1.76 -47.54
N ALA R 74 -17.68 1.92 -48.09
CA ALA R 74 -18.42 3.16 -47.91
C ALA R 74 -18.70 3.41 -46.43
N ASP R 75 -19.21 2.40 -45.73
CA ASP R 75 -19.59 2.58 -44.32
C ASP R 75 -18.37 2.88 -43.45
N THR R 76 -17.26 2.16 -43.66
CA THR R 76 -16.03 2.44 -42.92
C THR R 76 -15.52 3.86 -43.21
N ARG R 77 -15.51 4.24 -44.49
CA ARG R 77 -14.96 5.54 -44.85
C ARG R 77 -15.81 6.65 -44.25
N GLY R 78 -17.13 6.49 -44.31
CA GLY R 78 -18.01 7.48 -43.69
C GLY R 78 -17.85 7.58 -42.19
N TYR R 79 -17.61 6.44 -41.51
CA TYR R 79 -17.42 6.48 -40.07
C TYR R 79 -16.09 7.12 -39.69
N ALA R 80 -15.02 6.75 -40.39
CA ALA R 80 -13.69 7.29 -40.09
C ALA R 80 -13.61 8.79 -40.37
N TYR R 81 -14.32 9.29 -41.40
CA TYR R 81 -14.27 10.71 -41.72
C TYR R 81 -15.66 11.30 -41.50
N ASP R 82 -16.47 11.45 -42.54
CA ASP R 82 -17.86 11.86 -42.36
C ASP R 82 -18.62 11.37 -43.59
N ARG R 83 -19.93 11.26 -43.45
CA ARG R 83 -20.70 10.74 -44.56
C ARG R 83 -20.37 11.48 -45.85
N ARG R 84 -20.22 12.80 -45.76
CA ARG R 84 -20.00 13.64 -46.96
C ARG R 84 -18.68 13.39 -47.68
N ASP R 85 -17.72 12.73 -47.07
CA ASP R 85 -16.48 12.45 -47.78
C ASP R 85 -16.58 11.24 -48.67
N VAL R 86 -17.66 10.45 -48.56
CA VAL R 86 -17.86 9.29 -49.42
C VAL R 86 -18.45 9.71 -50.76
N THR R 87 -17.74 9.40 -51.84
CA THR R 87 -18.17 9.79 -53.17
C THR R 87 -18.25 8.55 -54.06
N GLY R 88 -19.08 8.66 -55.10
CA GLY R 88 -19.17 7.60 -56.10
C GLY R 88 -17.87 7.36 -56.84
N ARG R 89 -17.18 8.44 -57.23
CA ARG R 89 -15.84 8.28 -57.78
C ARG R 89 -14.99 7.37 -56.90
N GLN R 90 -15.03 7.58 -55.59
CA GLN R 90 -14.13 6.87 -54.69
C GLN R 90 -14.44 5.38 -54.69
N LEU R 91 -15.72 5.04 -54.62
CA LEU R 91 -16.09 3.64 -54.65
C LEU R 91 -15.75 3.01 -56.00
N ALA R 92 -15.97 3.73 -57.10
CA ALA R 92 -15.55 3.22 -58.41
C ALA R 92 -14.06 2.96 -58.45
N ASN R 93 -13.27 3.83 -57.82
CA ASN R 93 -11.82 3.67 -57.83
C ASN R 93 -11.41 2.41 -57.08
N VAL R 94 -12.01 2.18 -55.90
CA VAL R 94 -11.67 0.98 -55.14
C VAL R 94 -12.19 -0.26 -55.87
N TYR R 95 -13.29 -0.16 -56.62
CA TYR R 95 -13.73 -1.28 -57.45
C TYR R 95 -12.72 -1.57 -58.56
N ALA R 96 -12.12 -0.52 -59.14
CA ALA R 96 -11.08 -0.76 -60.12
C ALA R 96 -9.92 -1.53 -59.49
N GLN R 97 -9.44 -1.06 -58.35
CA GLN R 97 -8.30 -1.71 -57.72
C GLN R 97 -8.65 -3.13 -57.33
N THR R 98 -9.81 -3.30 -56.74
CA THR R 98 -10.25 -4.60 -56.27
C THR R 98 -10.36 -5.60 -57.41
N LEU R 99 -11.11 -5.23 -58.46
CA LEU R 99 -11.31 -6.16 -59.59
C LEU R 99 -10.02 -6.40 -60.37
N GLY R 100 -9.12 -5.41 -60.43
CA GLY R 100 -7.81 -5.66 -60.99
C GLY R 100 -7.10 -6.76 -60.23
N THR R 101 -7.09 -6.65 -58.91
CA THR R 101 -6.42 -7.68 -58.12
C THR R 101 -7.08 -9.04 -58.32
N ILE R 102 -8.41 -9.11 -58.25
CA ILE R 102 -9.09 -10.39 -58.47
C ILE R 102 -8.72 -10.96 -59.83
N PHE R 103 -8.80 -10.15 -60.87
CA PHE R 103 -8.57 -10.64 -62.22
C PHE R 103 -7.15 -11.13 -62.41
N THR R 104 -6.20 -10.55 -61.69
CA THR R 104 -4.79 -10.87 -61.85
C THR R 104 -4.36 -12.01 -60.95
N GLU R 105 -4.98 -12.13 -59.81
CA GLU R 105 -4.42 -12.94 -58.74
C GLU R 105 -5.36 -13.97 -58.17
N GLN R 106 -6.65 -13.90 -58.44
CA GLN R 106 -7.62 -14.80 -57.86
C GLN R 106 -7.56 -16.16 -58.53
N ALA R 107 -8.12 -17.17 -57.87
CA ALA R 107 -8.14 -18.52 -58.44
C ALA R 107 -8.79 -18.54 -59.82
N LYS R 108 -9.96 -17.92 -59.95
CA LYS R 108 -10.68 -17.76 -61.20
C LYS R 108 -11.14 -16.31 -61.27
N PRO R 109 -11.01 -15.62 -62.40
CA PRO R 109 -11.45 -14.24 -62.46
C PRO R 109 -12.94 -14.08 -62.22
N TYR R 110 -13.32 -12.86 -61.87
CA TYR R 110 -14.72 -12.56 -61.63
C TYR R 110 -15.45 -12.27 -62.93
N GLU R 111 -16.55 -12.98 -63.15
CA GLU R 111 -17.43 -12.78 -64.30
C GLU R 111 -18.45 -11.68 -63.99
N VAL R 112 -17.97 -10.44 -63.93
CA VAL R 112 -18.82 -9.33 -63.48
C VAL R 112 -18.52 -8.08 -64.28
N GLU R 113 -19.50 -7.19 -64.29
CA GLU R 113 -19.34 -5.81 -64.74
C GLU R 113 -20.18 -4.96 -63.80
N LEU R 114 -19.62 -3.84 -63.36
CA LEU R 114 -20.14 -3.05 -62.26
C LEU R 114 -20.46 -1.65 -62.77
N CYS R 115 -21.47 -1.05 -62.18
CA CYS R 115 -21.80 0.35 -62.38
C CYS R 115 -22.02 1.04 -61.04
N VAL R 116 -21.31 2.14 -60.85
CA VAL R 116 -21.51 3.01 -59.69
C VAL R 116 -22.13 4.32 -60.18
N ALA R 117 -23.22 4.74 -59.52
CA ALA R 117 -23.89 5.97 -59.87
C ALA R 117 -23.97 6.87 -58.66
N GLU R 118 -23.83 8.18 -58.88
CA GLU R 118 -23.89 9.19 -57.83
C GLU R 118 -24.78 10.34 -58.30
N VAL R 119 -25.71 10.76 -57.44
CA VAL R 119 -26.51 11.95 -57.66
C VAL R 119 -26.08 13.02 -56.67
N ALA R 120 -26.58 14.23 -56.88
CA ALA R 120 -26.19 15.30 -55.98
C ALA R 120 -26.82 15.11 -54.62
N HIS R 121 -26.22 15.78 -53.63
CA HIS R 121 -26.87 15.87 -52.35
C HIS R 121 -28.07 16.82 -52.47
N TYR R 122 -29.04 16.65 -51.58
CA TYR R 122 -30.32 17.36 -51.65
C TYR R 122 -30.13 18.88 -51.78
N GLY R 123 -30.76 19.46 -52.80
CA GLY R 123 -30.70 20.90 -52.98
C GLY R 123 -29.44 21.44 -53.62
N GLU R 124 -28.47 20.60 -53.92
CA GLU R 124 -27.23 21.02 -54.57
C GLU R 124 -27.32 20.75 -56.06
N THR R 125 -26.51 21.45 -56.82
CA THR R 125 -26.59 21.38 -58.28
C THR R 125 -25.35 20.70 -58.82
N LYS R 126 -25.47 19.40 -59.10
CA LYS R 126 -24.36 18.64 -59.64
C LYS R 126 -24.95 17.62 -60.59
N ARG R 127 -24.31 17.50 -61.75
CA ARG R 127 -24.73 16.55 -62.77
C ARG R 127 -24.45 15.11 -62.32
N PRO R 128 -25.36 14.16 -62.60
CA PRO R 128 -25.12 12.78 -62.18
C PRO R 128 -23.80 12.23 -62.71
N GLU R 129 -23.24 11.28 -61.96
CA GLU R 129 -22.01 10.62 -62.34
C GLU R 129 -22.30 9.14 -62.51
N LEU R 130 -21.81 8.57 -63.61
CA LEU R 130 -21.91 7.15 -63.85
C LEU R 130 -20.52 6.60 -64.14
N TYR R 131 -20.18 5.50 -63.50
CA TYR R 131 -18.91 4.86 -63.72
C TYR R 131 -19.17 3.41 -64.06
N ARG R 132 -18.43 2.93 -65.07
CA ARG R 132 -18.46 1.54 -65.47
C ARG R 132 -17.12 0.93 -65.12
N ILE R 133 -17.14 -0.22 -64.40
CA ILE R 133 -15.93 -0.98 -64.08
C ILE R 133 -16.09 -2.41 -64.64
N THR R 134 -15.13 -2.83 -65.45
CA THR R 134 -15.16 -4.14 -66.09
C THR R 134 -14.30 -5.15 -65.32
N TYR R 135 -14.36 -6.41 -65.78
CA TYR R 135 -13.81 -7.51 -65.00
C TYR R 135 -12.32 -7.42 -64.79
N ASP R 136 -11.60 -6.69 -65.64
CA ASP R 136 -10.16 -6.61 -65.45
C ASP R 136 -9.78 -5.35 -64.69
N GLY R 137 -10.77 -4.62 -64.20
CA GLY R 137 -10.55 -3.40 -63.48
C GLY R 137 -10.53 -2.17 -64.34
N SER R 138 -10.83 -2.28 -65.62
CA SER R 138 -10.88 -1.08 -66.43
C SER R 138 -12.02 -0.22 -65.97
N ILE R 139 -11.75 1.08 -65.91
CA ILE R 139 -12.68 2.06 -65.36
C ILE R 139 -12.96 3.08 -66.43
N ALA R 140 -14.23 3.44 -66.59
CA ALA R 140 -14.63 4.43 -67.56
C ALA R 140 -15.70 5.32 -66.96
N ASP R 141 -15.50 6.61 -67.14
CA ASP R 141 -16.44 7.62 -66.70
C ASP R 141 -17.37 7.86 -67.87
N GLU R 142 -18.68 7.61 -67.68
CA GLU R 142 -19.57 7.81 -68.84
C GLU R 142 -20.66 8.84 -68.58
N PRO R 143 -20.96 9.69 -69.60
CA PRO R 143 -21.73 10.92 -69.35
C PRO R 143 -23.24 10.79 -69.33
N HIS R 144 -23.81 9.83 -70.06
CA HIS R 144 -25.26 9.75 -70.27
C HIS R 144 -25.88 8.45 -69.78
N PHE R 145 -25.27 7.30 -70.09
CA PHE R 145 -25.88 6.03 -69.74
C PHE R 145 -24.79 4.98 -69.66
N VAL R 146 -25.13 3.85 -69.03
CA VAL R 146 -24.25 2.69 -68.93
C VAL R 146 -25.08 1.44 -69.19
N VAL R 147 -24.51 0.55 -70.01
CA VAL R 147 -25.09 -0.75 -70.34
C VAL R 147 -24.09 -1.83 -69.96
N MET R 148 -24.57 -2.88 -69.31
CA MET R 148 -23.69 -3.95 -68.85
C MET R 148 -24.37 -5.29 -69.01
N GLY R 149 -23.59 -6.29 -69.42
CA GLY R 149 -24.07 -7.67 -69.45
C GLY R 149 -24.74 -8.04 -70.75
N GLY R 150 -24.62 -9.31 -71.11
CA GLY R 150 -25.19 -9.80 -72.35
C GLY R 150 -24.54 -9.14 -73.55
N THR R 151 -25.33 -8.97 -74.62
CA THR R 151 -24.86 -8.35 -75.86
C THR R 151 -25.18 -6.85 -75.81
N THR R 152 -24.17 -6.03 -75.52
CA THR R 152 -24.40 -4.61 -75.23
C THR R 152 -24.69 -3.81 -76.49
N GLU R 153 -24.05 -4.14 -77.62
CA GLU R 153 -24.10 -3.29 -78.82
C GLU R 153 -25.51 -2.92 -79.25
N PRO R 154 -26.46 -3.85 -79.36
CA PRO R 154 -27.82 -3.41 -79.72
C PRO R 154 -28.43 -2.44 -78.71
N ILE R 155 -28.25 -2.66 -77.40
CA ILE R 155 -28.87 -1.80 -76.38
C ILE R 155 -28.24 -0.42 -76.39
N ALA R 156 -26.92 -0.37 -76.44
CA ALA R 156 -26.20 0.90 -76.51
C ALA R 156 -26.58 1.65 -77.77
N ASN R 157 -26.78 0.93 -78.87
CA ASN R 157 -27.22 1.57 -80.10
C ASN R 157 -28.63 2.14 -79.94
N ALA R 158 -29.55 1.37 -79.35
CA ALA R 158 -30.90 1.88 -79.10
C ALA R 158 -30.86 3.14 -78.24
N LEU R 159 -30.00 3.17 -77.21
CA LEU R 159 -29.91 4.38 -76.40
C LEU R 159 -29.30 5.54 -77.18
N LYS R 160 -28.21 5.29 -77.91
CA LYS R 160 -27.48 6.32 -78.65
C LYS R 160 -28.38 7.16 -79.56
N GLU R 161 -29.55 6.63 -79.96
CA GLU R 161 -30.53 7.41 -80.71
C GLU R 161 -31.91 7.35 -80.09
N SER R 162 -31.99 7.22 -78.77
CA SER R 162 -33.24 7.50 -78.05
C SER R 162 -33.07 8.30 -76.76
N TYR R 163 -31.85 8.53 -76.28
CA TYR R 163 -31.65 9.18 -75.00
C TYR R 163 -31.74 10.69 -75.15
N ALA R 164 -32.46 11.33 -74.23
CA ALA R 164 -32.49 12.78 -74.12
C ALA R 164 -32.16 13.15 -72.69
N GLU R 165 -31.41 14.23 -72.54
CA GLU R 165 -31.10 14.74 -71.23
C GLU R 165 -32.38 15.21 -70.54
N ASN R 166 -32.38 15.08 -69.22
CA ASN R 166 -33.42 15.62 -68.33
C ASN R 166 -34.82 15.15 -68.69
N ALA R 167 -34.93 13.88 -69.08
CA ALA R 167 -36.22 13.28 -69.34
C ALA R 167 -36.98 13.07 -68.02
N SER R 168 -38.28 12.87 -68.13
CA SER R 168 -39.07 12.56 -66.93
C SER R 168 -38.79 11.13 -66.52
N LEU R 169 -39.20 10.76 -65.30
CA LEU R 169 -38.91 9.40 -64.86
C LEU R 169 -39.60 8.39 -65.75
N THR R 170 -40.87 8.60 -66.06
CA THR R 170 -41.61 7.65 -66.87
C THR R 170 -41.01 7.53 -68.28
N ASP R 171 -40.63 8.66 -68.89
CA ASP R 171 -40.02 8.61 -70.21
C ASP R 171 -38.69 7.84 -70.17
N ALA R 172 -37.84 8.14 -69.19
CA ALA R 172 -36.57 7.44 -69.10
C ALA R 172 -36.78 5.93 -68.90
N LEU R 173 -37.82 5.56 -68.15
CA LEU R 173 -38.13 4.15 -67.92
C LEU R 173 -38.51 3.45 -69.22
N ARG R 174 -39.36 4.09 -70.04
CA ARG R 174 -39.76 3.43 -71.27
C ARG R 174 -38.61 3.38 -72.29
N ILE R 175 -37.80 4.45 -72.41
CA ILE R 175 -36.57 4.36 -73.23
C ILE R 175 -35.72 3.18 -72.79
N ALA R 176 -35.64 2.96 -71.48
CA ALA R 176 -34.80 1.91 -70.91
C ALA R 176 -35.31 0.51 -71.25
N VAL R 177 -36.60 0.27 -71.03
CA VAL R 177 -37.14 -1.06 -71.33
C VAL R 177 -37.12 -1.32 -72.84
N ALA R 178 -37.35 -0.29 -73.65
CA ALA R 178 -37.26 -0.44 -75.10
C ALA R 178 -35.84 -0.85 -75.53
N ALA R 179 -34.81 -0.13 -75.04
CA ALA R 179 -33.44 -0.49 -75.39
C ALA R 179 -33.08 -1.88 -74.88
N LEU R 180 -33.58 -2.28 -73.70
CA LEU R 180 -33.33 -3.64 -73.22
C LEU R 180 -33.97 -4.68 -74.13
N ARG R 181 -35.16 -4.37 -74.67
CA ARG R 181 -35.81 -5.28 -75.62
C ARG R 181 -34.99 -5.41 -76.90
N ALA R 182 -34.51 -4.30 -77.46
CA ALA R 182 -33.67 -4.38 -78.66
C ALA R 182 -32.46 -5.29 -78.48
N GLY R 183 -32.07 -5.59 -77.24
CA GLY R 183 -30.93 -6.46 -77.00
C GLY R 183 -31.30 -7.93 -77.00
N SER R 184 -32.49 -8.25 -76.52
CA SER R 184 -32.97 -9.63 -76.55
C SER R 184 -34.50 -9.68 -76.39
N LEU R 195 -41.29 -7.93 -71.19
CA LEU R 195 -40.67 -7.27 -70.04
C LEU R 195 -41.67 -6.46 -69.21
N GLY R 196 -42.36 -7.15 -68.28
CA GLY R 196 -43.27 -6.51 -67.36
C GLY R 196 -42.73 -6.48 -65.94
N VAL R 197 -43.60 -6.07 -65.01
CA VAL R 197 -43.18 -5.91 -63.63
C VAL R 197 -42.53 -7.17 -63.06
N ALA R 198 -43.02 -8.35 -63.44
CA ALA R 198 -42.50 -9.60 -62.88
C ALA R 198 -41.07 -9.94 -63.31
N SER R 199 -40.62 -9.43 -64.46
CA SER R 199 -39.29 -9.75 -64.99
C SER R 199 -38.30 -8.58 -64.91
N LEU R 200 -38.67 -7.48 -64.27
CA LEU R 200 -37.79 -6.32 -64.18
C LEU R 200 -37.53 -5.94 -62.72
N GLU R 201 -36.35 -5.37 -62.50
CA GLU R 201 -35.96 -4.78 -61.23
C GLU R 201 -35.57 -3.33 -61.52
N VAL R 202 -36.23 -2.39 -60.85
CA VAL R 202 -35.97 -0.98 -61.10
C VAL R 202 -35.80 -0.26 -59.78
N ALA R 203 -34.92 0.74 -59.80
CA ALA R 203 -34.69 1.58 -58.63
C ALA R 203 -34.10 2.89 -59.11
N VAL R 204 -34.22 3.91 -58.28
CA VAL R 204 -33.73 5.23 -58.65
C VAL R 204 -32.84 5.74 -57.54
N LEU R 205 -31.82 6.48 -57.95
CA LEU R 205 -31.13 7.42 -57.08
C LEU R 205 -31.85 8.73 -57.33
N ASP R 206 -32.70 9.11 -56.37
CA ASP R 206 -33.62 10.25 -56.46
C ASP R 206 -32.96 11.45 -55.79
N ALA R 207 -32.52 12.44 -56.60
CA ALA R 207 -31.85 13.62 -56.05
C ALA R 207 -32.78 14.47 -55.17
N ASN R 208 -34.06 14.13 -55.12
CA ASN R 208 -35.06 14.84 -54.34
C ASN R 208 -35.26 14.28 -52.93
N ARG R 209 -34.51 13.24 -52.54
CA ARG R 209 -34.80 12.82 -51.18
C ARG R 209 -33.82 13.46 -50.20
N PRO R 210 -34.20 13.60 -48.93
CA PRO R 210 -33.36 14.38 -48.00
C PRO R 210 -32.01 13.76 -47.69
N ARG R 211 -31.94 12.44 -47.44
CA ARG R 211 -30.64 11.82 -47.19
C ARG R 211 -30.40 10.63 -48.12
N ARG R 212 -31.16 9.56 -47.89
CA ARG R 212 -30.97 8.33 -48.63
C ARG R 212 -31.74 8.40 -49.93
N ALA R 213 -30.99 8.51 -51.02
CA ALA R 213 -31.57 8.76 -52.33
C ALA R 213 -32.06 7.48 -53.01
N PHE R 214 -31.59 6.32 -52.57
CA PHE R 214 -31.96 5.07 -53.22
C PHE R 214 -33.39 4.66 -52.86
N ARG R 215 -34.21 4.41 -53.87
CA ARG R 215 -35.48 3.75 -53.58
C ARG R 215 -35.90 2.84 -54.73
N ARG R 216 -36.45 1.70 -54.37
CA ARG R 216 -36.90 0.72 -55.34
C ARG R 216 -38.28 1.07 -55.85
N ILE R 217 -38.53 0.81 -57.13
CA ILE R 217 -39.86 0.98 -57.71
C ILE R 217 -40.37 -0.42 -58.01
N THR R 218 -41.30 -0.89 -57.19
CA THR R 218 -41.74 -2.26 -57.26
C THR R 218 -43.26 -2.34 -57.43
N GLY R 219 -43.70 -3.50 -57.91
CA GLY R 219 -45.10 -3.88 -58.01
C GLY R 219 -46.02 -2.86 -58.67
N SER R 220 -47.12 -2.53 -57.96
CA SER R 220 -48.16 -1.69 -58.55
C SER R 220 -47.61 -0.35 -59.01
N ALA R 221 -46.76 0.25 -58.18
CA ALA R 221 -46.18 1.55 -58.51
C ALA R 221 -45.39 1.46 -59.81
N LEU R 222 -44.59 0.41 -59.97
CA LEU R 222 -43.85 0.21 -61.21
C LEU R 222 -44.79 0.06 -62.40
N GLN R 223 -45.83 -0.78 -62.23
CA GLN R 223 -46.80 -1.01 -63.30
C GLN R 223 -47.40 0.28 -63.81
N ALA R 224 -47.74 1.20 -62.91
CA ALA R 224 -48.30 2.46 -63.36
C ALA R 224 -47.36 3.20 -64.32
N LEU R 225 -46.05 3.07 -64.13
CA LEU R 225 -45.09 3.77 -65.00
C LEU R 225 -44.80 3.04 -66.32
N LEU R 226 -45.11 1.75 -66.42
CA LEU R 226 -44.84 1.02 -67.66
C LEU R 226 -45.83 1.33 -68.77
N VAL R 227 -46.98 1.87 -68.43
CA VAL R 227 -47.92 2.33 -69.45
C VAL R 227 -48.50 3.70 -69.06
N MET S 1 12.49 -19.16 -67.66
CA MET S 1 13.10 -17.91 -67.19
C MET S 1 13.33 -16.93 -68.38
N GLU S 2 14.02 -17.35 -69.45
CA GLU S 2 14.11 -16.56 -70.69
C GLU S 2 12.71 -16.22 -71.22
N GLN S 3 11.79 -17.17 -71.12
CA GLN S 3 10.47 -17.05 -71.73
C GLN S 3 9.53 -16.18 -70.89
N ALA S 4 9.46 -16.45 -69.59
CA ALA S 4 8.59 -15.66 -68.70
C ALA S 4 8.91 -14.17 -68.77
N MET S 5 10.20 -13.80 -68.75
CA MET S 5 10.57 -12.39 -68.80
C MET S 5 10.31 -11.77 -70.17
N ARG S 6 10.41 -12.57 -71.23
CA ARG S 6 10.09 -12.08 -72.58
C ARG S 6 8.59 -11.80 -72.73
N GLU S 7 7.75 -12.70 -72.21
CA GLU S 7 6.31 -12.50 -72.29
C GLU S 7 5.84 -11.39 -71.36
N ARG S 8 6.40 -11.31 -70.15
CA ARG S 8 6.05 -10.23 -69.24
C ARG S 8 6.42 -8.88 -69.84
N SER S 9 7.66 -8.77 -70.34
CA SER S 9 8.06 -7.53 -70.99
C SER S 9 7.15 -7.22 -72.15
N GLU S 10 6.74 -8.24 -72.91
CA GLU S 10 5.96 -8.00 -74.10
C GLU S 10 4.55 -7.54 -73.72
N LEU S 11 3.98 -8.17 -72.70
CA LEU S 11 2.64 -7.83 -72.21
C LEU S 11 2.57 -6.41 -71.70
N ALA S 12 3.57 -6.02 -70.91
CA ALA S 12 3.59 -4.66 -70.40
C ALA S 12 3.79 -3.65 -71.52
N ARG S 13 4.77 -3.88 -72.40
CA ARG S 13 5.06 -2.92 -73.47
C ARG S 13 3.87 -2.73 -74.40
N LYS S 14 3.19 -3.82 -74.78
CA LYS S 14 1.99 -3.64 -75.56
C LYS S 14 0.87 -3.03 -74.74
N GLY S 15 0.84 -3.24 -73.43
CA GLY S 15 -0.14 -2.58 -72.60
C GLY S 15 0.03 -1.06 -72.64
N ILE S 16 1.27 -0.60 -72.59
CA ILE S 16 1.52 0.84 -72.59
C ILE S 16 1.28 1.40 -73.98
N ALA S 17 1.65 0.63 -75.01
CA ALA S 17 1.51 1.10 -76.38
C ALA S 17 0.05 1.30 -76.80
N ARG S 18 -0.92 0.64 -76.15
CA ARG S 18 -2.34 0.81 -76.42
C ARG S 18 -2.99 1.92 -75.60
N ALA S 19 -2.24 2.57 -74.71
CA ALA S 19 -2.81 3.57 -73.83
C ALA S 19 -2.66 4.96 -74.45
N LYS S 20 -3.44 5.90 -73.92
CA LYS S 20 -3.34 7.27 -74.39
C LYS S 20 -1.98 7.85 -74.03
N SER S 21 -1.64 8.95 -74.67
CA SER S 21 -0.31 9.53 -74.49
C SER S 21 -0.37 10.68 -73.49
N VAL S 22 0.80 10.96 -72.88
CA VAL S 22 1.00 12.04 -71.92
C VAL S 22 2.37 12.64 -72.21
N VAL S 23 2.50 13.96 -72.05
CA VAL S 23 3.78 14.67 -72.20
C VAL S 23 4.01 15.55 -70.99
N ALA S 24 5.27 15.66 -70.60
CA ALA S 24 5.69 16.55 -69.52
C ALA S 24 6.85 17.35 -70.07
N LEU S 25 6.71 18.68 -70.09
CA LEU S 25 7.79 19.45 -70.67
C LEU S 25 8.06 20.66 -69.78
N ALA S 26 9.32 21.05 -69.74
CA ALA S 26 9.73 22.22 -68.98
C ALA S 26 9.41 23.50 -69.72
N TYR S 27 8.88 24.49 -69.01
CA TYR S 27 8.62 25.78 -69.61
C TYR S 27 9.11 26.87 -68.65
N ALA S 28 8.97 28.12 -69.08
CA ALA S 28 9.53 29.25 -68.33
C ALA S 28 9.01 29.29 -66.90
N GLY S 29 7.75 28.93 -66.70
CA GLY S 29 7.09 28.97 -65.43
C GLY S 29 7.20 27.71 -64.60
N GLY S 30 7.87 26.70 -65.13
CA GLY S 30 7.99 25.47 -64.37
C GLY S 30 7.93 24.22 -65.21
N VAL S 31 6.95 23.35 -64.93
CA VAL S 31 6.79 22.10 -65.67
C VAL S 31 5.32 22.00 -66.06
N LEU S 32 5.08 21.54 -67.28
CA LEU S 32 3.74 21.39 -67.85
C LEU S 32 3.45 19.92 -68.08
N PHE S 33 2.30 19.47 -67.62
CA PHE S 33 1.81 18.10 -67.82
C PHE S 33 0.59 18.18 -68.72
N VAL S 34 0.61 17.46 -69.84
CA VAL S 34 -0.56 17.38 -70.68
C VAL S 34 -0.82 15.92 -71.03
N ALA S 35 -2.05 15.47 -70.79
CA ALA S 35 -2.40 14.09 -71.04
C ALA S 35 -3.72 14.00 -71.79
N GLU S 36 -3.81 13.00 -72.65
CA GLU S 36 -5.05 12.72 -73.35
C GLU S 36 -5.98 11.99 -72.38
N ASN S 37 -7.10 12.64 -72.06
CA ASN S 37 -7.97 12.05 -71.05
C ASN S 37 -9.43 12.45 -71.26
N PRO S 38 -10.26 11.53 -71.74
CA PRO S 38 -11.68 11.85 -71.96
C PRO S 38 -12.47 12.09 -70.69
N SER S 39 -12.00 11.56 -69.55
CA SER S 39 -12.77 11.58 -68.31
C SER S 39 -12.76 12.97 -67.69
N ARG S 40 -13.82 13.26 -66.94
CA ARG S 40 -13.86 14.47 -66.13
C ARG S 40 -13.06 14.32 -64.83
N SER S 41 -13.18 13.16 -64.14
CA SER S 41 -12.72 12.95 -62.77
C SER S 41 -11.59 11.93 -62.60
N LEU S 42 -11.30 11.10 -63.59
CA LEU S 42 -10.24 10.10 -63.46
C LEU S 42 -8.95 10.72 -63.97
N GLN S 43 -7.99 10.85 -63.06
CA GLN S 43 -6.82 11.69 -63.28
C GLN S 43 -5.59 10.82 -63.56
N LYS S 44 -4.85 11.18 -64.60
CA LYS S 44 -3.58 10.54 -64.88
C LYS S 44 -2.41 11.33 -64.32
N ILE S 45 -2.64 12.59 -63.93
CA ILE S 45 -1.61 13.48 -63.40
C ILE S 45 -1.99 13.90 -61.98
N SER S 46 -0.99 13.93 -61.08
CA SER S 46 -1.26 14.15 -59.67
C SER S 46 -0.10 14.88 -59.01
N GLU S 47 -0.40 15.51 -57.89
CA GLU S 47 0.62 16.06 -57.03
C GLU S 47 1.21 14.91 -56.22
N LEU S 48 2.53 14.91 -56.05
CA LEU S 48 3.18 14.00 -55.10
C LEU S 48 3.58 14.70 -53.81
N TYR S 49 4.31 15.80 -53.94
CA TYR S 49 4.75 16.54 -52.77
C TYR S 49 4.89 17.98 -53.22
N ASP S 50 5.32 18.85 -52.30
CA ASP S 50 5.24 20.31 -52.50
C ASP S 50 5.74 20.73 -53.90
N ARG S 51 6.93 20.30 -54.28
CA ARG S 51 7.49 20.71 -55.56
C ARG S 51 7.62 19.54 -56.54
N VAL S 52 6.90 18.44 -56.28
CA VAL S 52 7.10 17.19 -57.02
C VAL S 52 5.76 16.72 -57.57
N GLY S 53 5.72 16.45 -58.88
CA GLY S 53 4.53 15.99 -59.57
C GLY S 53 4.71 14.66 -60.29
N PHE S 54 3.58 14.06 -60.66
CA PHE S 54 3.50 12.69 -61.13
C PHE S 54 2.60 12.61 -62.37
N ALA S 55 3.04 11.85 -63.37
CA ALA S 55 2.21 11.59 -64.54
C ALA S 55 2.38 10.15 -65.01
N ALA S 56 1.32 9.57 -65.59
CA ALA S 56 1.40 8.14 -65.88
C ALA S 56 0.63 7.77 -67.14
N ALA S 57 1.09 6.71 -67.78
CA ALA S 57 0.37 6.17 -68.91
C ALA S 57 0.15 4.68 -68.70
N GLY S 58 -0.99 4.16 -69.13
CA GLY S 58 -1.19 2.72 -69.00
C GLY S 58 -2.48 2.34 -68.34
N LYS S 59 -2.51 1.24 -67.56
CA LYS S 59 -3.74 0.80 -66.88
C LYS S 59 -4.05 1.66 -65.65
N PHE S 60 -5.29 2.15 -65.54
CA PHE S 60 -5.59 3.15 -64.52
C PHE S 60 -5.37 2.59 -63.12
N ASN S 61 -6.02 1.47 -62.79
CA ASN S 61 -5.89 0.96 -61.43
C ASN S 61 -4.42 0.71 -61.06
N GLU S 62 -3.57 0.41 -62.05
CA GLU S 62 -2.18 0.11 -61.74
C GLU S 62 -1.38 1.38 -61.48
N PHE S 63 -1.45 2.36 -62.39
CA PHE S 63 -0.69 3.57 -62.06
C PHE S 63 -1.34 4.36 -60.94
N ASP S 64 -2.62 4.12 -60.63
CA ASP S 64 -3.22 4.71 -59.45
C ASP S 64 -2.71 4.06 -58.17
N ASN S 65 -2.57 2.72 -58.16
CA ASN S 65 -1.90 2.09 -57.04
C ASN S 65 -0.53 2.72 -56.83
N LEU S 66 0.26 2.84 -57.91
CA LEU S 66 1.61 3.38 -57.80
C LEU S 66 1.61 4.84 -57.36
N ARG S 67 0.61 5.60 -57.81
CA ARG S 67 0.52 6.99 -57.43
C ARG S 67 0.30 7.10 -55.92
N ARG S 68 -0.65 6.30 -55.40
CA ARG S 68 -0.92 6.27 -53.97
C ARG S 68 0.30 5.83 -53.17
N GLY S 69 1.04 4.84 -53.66
CA GLY S 69 2.26 4.46 -52.98
C GLY S 69 3.28 5.57 -52.96
N GLY S 70 3.35 6.36 -54.05
CA GLY S 70 4.27 7.49 -54.08
C GLY S 70 3.91 8.57 -53.07
N ILE S 71 2.61 8.86 -52.95
CA ILE S 71 2.16 9.84 -51.96
C ILE S 71 2.43 9.33 -50.56
N GLN S 72 2.13 8.05 -50.29
CA GLN S 72 2.46 7.52 -48.96
C GLN S 72 3.96 7.61 -48.67
N PHE S 73 4.81 7.21 -49.62
CA PHE S 73 6.24 7.32 -49.41
C PHE S 73 6.65 8.77 -49.12
N ALA S 74 6.18 9.72 -49.94
CA ALA S 74 6.58 11.12 -49.78
C ALA S 74 6.14 11.69 -48.43
N ASP S 75 4.88 11.45 -48.04
CA ASP S 75 4.37 11.96 -46.79
C ASP S 75 5.09 11.35 -45.58
N THR S 76 5.38 10.05 -45.65
CA THR S 76 6.13 9.41 -44.57
C THR S 76 7.54 9.95 -44.48
N ARG S 77 8.23 10.08 -45.61
CA ARG S 77 9.61 10.54 -45.55
C ARG S 77 9.66 11.98 -45.04
N GLY S 78 8.74 12.82 -45.52
CA GLY S 78 8.67 14.19 -45.03
C GLY S 78 8.36 14.29 -43.55
N TYR S 79 7.52 13.38 -43.04
CA TYR S 79 7.21 13.39 -41.62
C TYR S 79 8.39 12.88 -40.78
N ALA S 80 9.07 11.84 -41.22
CA ALA S 80 10.19 11.33 -40.41
C ALA S 80 11.35 12.33 -40.34
N TYR S 81 11.60 13.11 -41.40
CA TYR S 81 12.71 14.06 -41.45
C TYR S 81 12.22 15.49 -41.58
N ASP S 82 12.18 15.99 -42.80
CA ASP S 82 11.57 17.29 -43.02
C ASP S 82 11.09 17.36 -44.44
N ARG S 83 10.16 18.28 -44.67
CA ARG S 83 9.60 18.43 -46.00
C ARG S 83 10.69 18.65 -47.06
N ARG S 84 11.69 19.49 -46.75
CA ARG S 84 12.68 19.72 -47.81
C ARG S 84 13.60 18.53 -48.06
N ASP S 85 13.58 17.50 -47.23
CA ASP S 85 14.40 16.34 -47.50
C ASP S 85 13.78 15.44 -48.55
N VAL S 86 12.51 15.68 -48.91
CA VAL S 86 11.85 14.97 -49.99
C VAL S 86 12.22 15.60 -51.32
N THR S 87 12.79 14.81 -52.20
CA THR S 87 13.23 15.27 -53.51
C THR S 87 12.60 14.40 -54.59
N GLY S 88 12.51 14.96 -55.80
CA GLY S 88 12.02 14.18 -56.92
C GLY S 88 12.90 12.99 -57.24
N ARG S 89 14.22 13.16 -57.14
CA ARG S 89 15.12 12.03 -57.27
C ARG S 89 14.71 10.90 -56.32
N GLN S 90 14.49 11.21 -55.03
CA GLN S 90 14.08 10.15 -54.11
C GLN S 90 12.87 9.40 -54.62
N LEU S 91 11.86 10.12 -55.08
CA LEU S 91 10.66 9.44 -55.56
C LEU S 91 10.94 8.62 -56.82
N ALA S 92 11.66 9.18 -57.78
CA ALA S 92 11.99 8.38 -58.95
C ALA S 92 12.72 7.11 -58.53
N ASN S 93 13.62 7.21 -57.54
CA ASN S 93 14.40 6.06 -57.11
C ASN S 93 13.50 4.99 -56.49
N VAL S 94 12.57 5.40 -55.64
CA VAL S 94 11.69 4.41 -55.04
C VAL S 94 10.74 3.81 -56.09
N TYR S 95 10.34 4.59 -57.10
CA TYR S 95 9.51 4.01 -58.17
C TYR S 95 10.30 3.01 -58.99
N ALA S 96 11.57 3.31 -59.28
CA ALA S 96 12.41 2.35 -59.99
C ALA S 96 12.50 1.05 -59.22
N GLN S 97 12.76 1.15 -57.90
CA GLN S 97 12.87 -0.07 -57.10
C GLN S 97 11.54 -0.83 -57.09
N THR S 98 10.44 -0.11 -56.84
CA THR S 98 9.12 -0.71 -56.70
C THR S 98 8.68 -1.38 -57.98
N LEU S 99 8.78 -0.67 -59.10
CA LEU S 99 8.40 -1.27 -60.38
C LEU S 99 9.33 -2.43 -60.71
N GLY S 100 10.59 -2.40 -60.30
CA GLY S 100 11.40 -3.59 -60.46
C GLY S 100 10.80 -4.81 -59.77
N THR S 101 10.48 -4.66 -58.48
CA THR S 101 9.90 -5.79 -57.77
C THR S 101 8.60 -6.25 -58.42
N ILE S 102 7.68 -5.32 -58.70
CA ILE S 102 6.39 -5.69 -59.33
C ILE S 102 6.64 -6.47 -60.61
N PHE S 103 7.56 -5.99 -61.45
CA PHE S 103 7.79 -6.63 -62.73
C PHE S 103 8.28 -8.06 -62.60
N THR S 104 9.10 -8.35 -61.59
CA THR S 104 9.64 -9.70 -61.49
C THR S 104 8.79 -10.65 -60.65
N GLU S 105 8.00 -10.13 -59.72
CA GLU S 105 7.46 -10.93 -58.63
C GLU S 105 5.95 -10.92 -58.58
N GLN S 106 5.30 -9.98 -59.26
CA GLN S 106 3.84 -9.88 -59.23
C GLN S 106 3.22 -10.90 -60.18
N ALA S 107 1.96 -11.24 -59.91
CA ALA S 107 1.25 -12.17 -60.78
C ALA S 107 1.25 -11.70 -62.23
N LYS S 108 1.02 -10.42 -62.45
CA LYS S 108 1.08 -9.82 -63.77
C LYS S 108 1.89 -8.53 -63.67
N PRO S 109 2.77 -8.24 -64.62
CA PRO S 109 3.47 -6.96 -64.55
C PRO S 109 2.50 -5.80 -64.73
N TYR S 110 2.95 -4.63 -64.30
CA TYR S 110 2.13 -3.44 -64.43
C TYR S 110 2.33 -2.83 -65.80
N GLU S 111 1.22 -2.59 -66.50
CA GLU S 111 1.28 -1.93 -67.81
C GLU S 111 1.29 -0.41 -67.62
N VAL S 112 2.41 0.11 -67.11
CA VAL S 112 2.46 1.53 -66.76
C VAL S 112 3.80 2.14 -67.17
N GLU S 113 3.78 3.43 -67.38
CA GLU S 113 5.01 4.16 -67.57
C GLU S 113 4.83 5.46 -66.83
N LEU S 114 5.85 5.85 -66.05
CA LEU S 114 5.71 6.90 -65.05
C LEU S 114 6.64 8.05 -65.35
N CYS S 115 6.21 9.24 -64.95
CA CYS S 115 7.06 10.43 -64.98
C CYS S 115 6.99 11.15 -63.63
N VAL S 116 8.15 11.39 -63.04
CA VAL S 116 8.28 12.23 -61.85
C VAL S 116 8.97 13.52 -62.25
N ALA S 117 8.38 14.65 -61.90
CA ALA S 117 8.95 15.95 -62.23
C ALA S 117 9.12 16.78 -60.95
N GLU S 118 10.17 17.61 -60.93
CA GLU S 118 10.43 18.47 -59.79
C GLU S 118 10.81 19.86 -60.29
N VAL S 119 10.24 20.88 -59.67
CA VAL S 119 10.61 22.28 -59.93
C VAL S 119 11.36 22.79 -58.72
N ALA S 120 11.86 24.02 -58.80
CA ALA S 120 12.58 24.60 -57.67
C ALA S 120 11.63 25.03 -56.56
N HIS S 121 12.16 25.12 -55.34
CA HIS S 121 11.39 25.73 -54.27
C HIS S 121 11.28 27.24 -54.52
N TYR S 122 10.25 27.85 -53.92
CA TYR S 122 9.98 29.27 -54.17
C TYR S 122 11.22 30.13 -53.91
N GLY S 123 11.51 31.00 -54.87
CA GLY S 123 12.63 31.91 -54.73
C GLY S 123 13.98 31.34 -55.08
N GLU S 124 14.06 30.06 -55.39
CA GLU S 124 15.34 29.47 -55.74
C GLU S 124 15.45 29.31 -57.25
N THR S 125 16.69 29.21 -57.72
CA THR S 125 17.02 29.14 -59.14
C THR S 125 17.62 27.77 -59.42
N LYS S 126 16.84 26.79 -59.89
CA LYS S 126 17.47 25.51 -60.23
C LYS S 126 16.65 24.87 -61.35
N ARG S 127 17.31 24.25 -62.32
CA ARG S 127 16.59 23.88 -63.55
C ARG S 127 15.69 22.67 -63.26
N PRO S 128 14.48 22.63 -63.84
CA PRO S 128 13.55 21.54 -63.53
C PRO S 128 14.18 20.19 -63.81
N GLU S 129 13.72 19.18 -63.08
CA GLU S 129 14.20 17.82 -63.25
C GLU S 129 13.03 16.94 -63.70
N LEU S 130 13.26 16.13 -64.73
CA LEU S 130 12.29 15.14 -65.18
C LEU S 130 12.92 13.77 -65.15
N TYR S 131 12.18 12.80 -64.62
CA TYR S 131 12.58 11.40 -64.56
C TYR S 131 11.49 10.56 -65.16
N ARG S 132 11.92 9.54 -65.90
CA ARG S 132 11.02 8.59 -66.56
C ARG S 132 11.33 7.19 -66.04
N ILE S 133 10.30 6.47 -65.60
CA ILE S 133 10.43 5.13 -65.03
C ILE S 133 9.55 4.18 -65.83
N THR S 134 10.14 3.12 -66.38
CA THR S 134 9.36 2.22 -67.22
C THR S 134 8.89 0.99 -66.46
N TYR S 135 8.12 0.14 -67.16
CA TYR S 135 7.41 -0.94 -66.50
C TYR S 135 8.35 -1.93 -65.79
N ASP S 136 9.62 -2.01 -66.20
CA ASP S 136 10.58 -2.93 -65.60
C ASP S 136 11.48 -2.26 -64.58
N GLY S 137 11.24 -0.97 -64.27
CA GLY S 137 12.07 -0.28 -63.32
C GLY S 137 13.23 0.50 -63.88
N SER S 138 13.34 0.62 -65.20
CA SER S 138 14.37 1.46 -65.76
C SER S 138 14.05 2.91 -65.50
N ILE S 139 15.08 3.67 -65.15
CA ILE S 139 14.93 5.07 -64.80
C ILE S 139 15.86 5.87 -65.67
N ALA S 140 15.38 7.01 -66.15
CA ALA S 140 16.18 7.87 -67.00
C ALA S 140 15.96 9.34 -66.65
N ASP S 141 17.06 10.09 -66.73
CA ASP S 141 17.03 11.54 -66.56
C ASP S 141 16.65 12.16 -67.91
N GLU S 142 15.58 12.90 -67.96
CA GLU S 142 15.27 13.50 -69.24
C GLU S 142 15.42 15.00 -69.12
N PRO S 143 16.08 15.64 -70.10
CA PRO S 143 16.50 17.04 -69.92
C PRO S 143 15.44 18.05 -70.30
N HIS S 144 14.63 17.75 -71.30
CA HIS S 144 13.72 18.74 -71.84
C HIS S 144 12.27 18.31 -71.72
N PHE S 145 11.96 17.06 -72.06
CA PHE S 145 10.58 16.59 -72.05
C PHE S 145 10.53 15.07 -71.95
N VAL S 146 9.34 14.57 -71.59
CA VAL S 146 9.06 13.14 -71.50
C VAL S 146 7.73 12.86 -72.17
N VAL S 147 7.69 11.79 -72.97
CA VAL S 147 6.47 11.33 -73.62
C VAL S 147 6.25 9.86 -73.27
N MET S 148 5.00 9.51 -72.95
CA MET S 148 4.68 8.17 -72.47
C MET S 148 3.35 7.74 -73.06
N GLY S 149 3.25 6.47 -73.38
CA GLY S 149 1.96 5.93 -73.81
C GLY S 149 1.79 6.08 -75.32
N GLY S 150 1.12 5.08 -75.89
CA GLY S 150 0.87 5.05 -77.32
C GLY S 150 2.16 5.02 -78.13
N THR S 151 2.08 5.62 -79.33
CA THR S 151 3.22 5.71 -80.24
C THR S 151 3.95 7.01 -79.96
N THR S 152 5.06 6.93 -79.22
CA THR S 152 5.72 8.15 -78.78
C THR S 152 6.59 8.76 -79.88
N GLU S 153 7.10 7.98 -80.84
CA GLU S 153 8.00 8.50 -81.87
C GLU S 153 7.47 9.75 -82.57
N PRO S 154 6.25 9.78 -83.13
CA PRO S 154 5.78 11.03 -83.75
C PRO S 154 5.75 12.21 -82.78
N ILE S 155 5.30 11.97 -81.53
CA ILE S 155 5.17 13.03 -80.53
C ILE S 155 6.53 13.59 -80.12
N ALA S 156 7.49 12.71 -79.86
CA ALA S 156 8.82 13.15 -79.49
C ALA S 156 9.47 13.91 -80.64
N ASN S 157 9.22 13.49 -81.89
CA ASN S 157 9.74 14.23 -83.03
C ASN S 157 9.13 15.63 -83.11
N ALA S 158 7.80 15.73 -82.99
CA ALA S 158 7.16 17.04 -82.98
C ALA S 158 7.74 17.91 -81.88
N LEU S 159 8.00 17.31 -80.71
CA LEU S 159 8.59 18.11 -79.66
C LEU S 159 10.01 18.52 -80.01
N LYS S 160 10.79 17.68 -80.69
CA LYS S 160 12.17 18.07 -80.95
C LYS S 160 12.25 19.33 -81.80
N GLU S 161 11.44 19.42 -82.86
CA GLU S 161 11.45 20.62 -83.71
C GLU S 161 10.98 21.82 -82.92
N SER S 162 9.81 21.71 -82.34
CA SER S 162 9.11 22.89 -81.88
C SER S 162 9.43 23.23 -80.45
N TYR S 163 10.19 22.40 -79.74
CA TYR S 163 10.35 22.63 -78.32
C TYR S 163 11.34 23.75 -78.05
N ALA S 164 10.93 24.65 -77.18
CA ALA S 164 11.83 25.64 -76.63
C ALA S 164 11.67 25.61 -75.11
N GLU S 165 12.80 25.60 -74.41
CA GLU S 165 12.76 25.99 -73.01
C GLU S 165 12.39 27.46 -72.97
N ASN S 166 11.95 27.93 -71.82
CA ASN S 166 11.60 29.34 -71.63
C ASN S 166 10.46 29.78 -72.54
N ALA S 167 9.53 28.88 -72.86
CA ALA S 167 8.30 29.22 -73.54
C ALA S 167 7.25 29.73 -72.55
N SER S 168 6.25 30.40 -73.08
CA SER S 168 5.13 30.81 -72.24
C SER S 168 4.28 29.60 -71.88
N LEU S 169 3.40 29.76 -70.89
CA LEU S 169 2.49 28.66 -70.57
C LEU S 169 1.59 28.38 -71.76
N THR S 170 1.02 29.43 -72.37
CA THR S 170 0.20 29.25 -73.57
C THR S 170 0.99 28.65 -74.71
N ASP S 171 2.21 29.16 -74.92
CA ASP S 171 3.03 28.67 -76.01
C ASP S 171 3.37 27.21 -75.80
N ALA S 172 3.89 26.88 -74.61
CA ALA S 172 4.28 25.50 -74.35
C ALA S 172 3.07 24.58 -74.41
N LEU S 173 1.90 25.05 -73.96
CA LEU S 173 0.70 24.22 -74.05
C LEU S 173 0.34 23.91 -75.50
N ARG S 174 0.37 24.92 -76.37
CA ARG S 174 0.02 24.67 -77.77
C ARG S 174 1.10 23.87 -78.50
N ILE S 175 2.36 23.95 -78.06
CA ILE S 175 3.42 23.06 -78.57
C ILE S 175 3.12 21.62 -78.19
N ALA S 176 2.76 21.41 -76.93
CA ALA S 176 2.53 20.07 -76.43
C ALA S 176 1.28 19.44 -77.06
N VAL S 177 0.18 20.21 -77.14
CA VAL S 177 -1.03 19.68 -77.77
C VAL S 177 -0.79 19.45 -79.25
N ALA S 178 0.01 20.30 -79.88
CA ALA S 178 0.38 20.04 -81.27
C ALA S 178 1.09 18.71 -81.39
N ALA S 179 2.06 18.45 -80.52
CA ALA S 179 2.81 17.18 -80.54
C ALA S 179 1.91 15.99 -80.25
N LEU S 180 0.94 16.13 -79.35
CA LEU S 180 0.01 15.03 -79.11
C LEU S 180 -0.79 14.70 -80.36
N ARG S 181 -1.30 15.73 -81.05
CA ARG S 181 -2.10 15.45 -82.24
C ARG S 181 -1.25 14.87 -83.36
N ALA S 182 0.03 15.26 -83.45
CA ALA S 182 0.97 14.69 -84.43
C ALA S 182 1.20 13.18 -84.25
N GLY S 183 0.62 12.53 -83.25
CA GLY S 183 0.85 11.11 -83.03
C GLY S 183 -0.39 10.42 -82.51
N SER S 184 -1.53 10.80 -83.08
CA SER S 184 -2.81 10.10 -82.85
C SER S 184 -3.76 10.32 -84.05
N LEU S 195 -8.50 17.96 -80.13
CA LEU S 195 -8.10 17.99 -78.73
C LEU S 195 -8.42 19.34 -78.08
N GLY S 196 -9.60 19.43 -77.47
CA GLY S 196 -10.04 20.58 -76.73
C GLY S 196 -10.06 20.31 -75.24
N VAL S 197 -10.79 21.15 -74.51
CA VAL S 197 -10.95 20.96 -73.07
C VAL S 197 -11.48 19.56 -72.77
N ALA S 198 -12.65 19.24 -73.33
CA ALA S 198 -13.31 17.94 -73.18
C ALA S 198 -12.41 16.73 -73.37
N SER S 199 -11.28 16.85 -74.07
CA SER S 199 -10.39 15.72 -74.35
C SER S 199 -9.05 15.78 -73.65
N LEU S 200 -8.81 16.79 -72.81
CA LEU S 200 -7.50 16.99 -72.22
C LEU S 200 -7.54 17.09 -70.70
N GLU S 201 -6.42 16.69 -70.10
CA GLU S 201 -6.11 16.91 -68.69
C GLU S 201 -4.80 17.67 -68.61
N VAL S 202 -4.81 18.84 -67.97
CA VAL S 202 -3.65 19.71 -67.98
C VAL S 202 -3.30 20.14 -66.56
N ALA S 203 -2.02 20.19 -66.25
CA ALA S 203 -1.65 20.64 -64.91
C ALA S 203 -0.22 21.15 -64.95
N VAL S 204 0.11 22.04 -64.02
CA VAL S 204 1.46 22.58 -63.96
C VAL S 204 2.05 22.43 -62.58
N LEU S 205 3.36 22.28 -62.56
CA LEU S 205 4.18 22.58 -61.40
C LEU S 205 4.71 23.98 -61.59
N ASP S 206 4.14 24.94 -60.83
CA ASP S 206 4.44 26.36 -60.97
C ASP S 206 5.51 26.78 -59.96
N ALA S 207 6.75 26.96 -60.43
CA ALA S 207 7.83 27.30 -59.49
C ALA S 207 7.62 28.66 -58.83
N ASN S 208 6.60 29.42 -59.23
CA ASN S 208 6.33 30.71 -58.63
C ASN S 208 5.33 30.66 -57.49
N ARG S 209 4.72 29.48 -57.24
CA ARG S 209 3.84 29.34 -56.10
C ARG S 209 4.65 29.19 -54.83
N PRO S 210 4.15 29.68 -53.69
CA PRO S 210 5.02 29.76 -52.53
C PRO S 210 5.30 28.40 -51.90
N ARG S 211 4.32 27.53 -51.79
CA ARG S 211 4.52 26.23 -51.15
C ARG S 211 4.18 25.06 -52.06
N ARG S 212 2.92 24.80 -52.35
CA ARG S 212 2.51 23.72 -53.23
C ARG S 212 2.51 24.18 -54.68
N ALA S 213 3.38 23.57 -55.50
CA ALA S 213 3.59 23.98 -56.89
C ALA S 213 2.56 23.42 -57.85
N PHE S 214 1.90 22.33 -57.49
CA PHE S 214 0.95 21.65 -58.37
C PHE S 214 -0.37 22.40 -58.46
N ARG S 215 -0.84 22.64 -59.69
CA ARG S 215 -2.19 23.16 -59.87
C ARG S 215 -2.74 22.70 -61.23
N ARG S 216 -4.05 22.49 -61.26
CA ARG S 216 -4.74 22.07 -62.47
C ARG S 216 -5.25 23.28 -63.23
N ILE S 217 -5.25 23.18 -64.56
CA ILE S 217 -5.77 24.21 -65.43
C ILE S 217 -7.05 23.62 -66.03
N THR S 218 -8.18 24.16 -65.60
CA THR S 218 -9.48 23.56 -65.87
C THR S 218 -10.36 24.52 -66.67
N GLY S 219 -11.32 23.92 -67.38
CA GLY S 219 -12.41 24.65 -67.99
C GLY S 219 -12.05 25.89 -68.77
N SER S 220 -12.60 27.02 -68.30
CA SER S 220 -12.46 28.29 -68.99
C SER S 220 -11.01 28.69 -69.13
N ALA S 221 -10.22 28.49 -68.05
CA ALA S 221 -8.82 28.85 -68.08
C ALA S 221 -8.07 28.08 -69.15
N LEU S 222 -8.33 26.76 -69.21
CA LEU S 222 -7.69 25.93 -70.23
C LEU S 222 -8.11 26.40 -71.62
N GLN S 223 -9.42 26.65 -71.81
CA GLN S 223 -9.93 27.15 -73.08
C GLN S 223 -9.25 28.44 -73.50
N ALA S 224 -9.08 29.38 -72.55
CA ALA S 224 -8.37 30.62 -72.83
C ALA S 224 -6.93 30.37 -73.22
N LEU S 225 -6.32 29.32 -72.69
CA LEU S 225 -4.95 29.01 -73.09
C LEU S 225 -4.89 28.28 -74.43
N LEU S 226 -6.00 27.68 -74.88
CA LEU S 226 -6.01 26.95 -76.15
C LEU S 226 -6.22 27.87 -77.36
N VAL S 227 -7.24 28.73 -77.30
CA VAL S 227 -7.63 29.58 -78.44
C VAL S 227 -7.82 31.01 -77.93
N ASP S 228 -7.82 31.95 -78.88
CA ASP S 228 -8.07 33.37 -78.58
C ASP S 228 -9.44 33.84 -79.09
N MET T 1 15.81 -26.70 -64.64
CA MET T 1 17.05 -26.46 -63.84
C MET T 1 18.57 -26.40 -64.34
N GLU T 2 19.34 -27.47 -64.74
CA GLU T 2 20.66 -27.04 -65.27
C GLU T 2 20.42 -26.19 -66.49
N GLN T 3 19.32 -26.48 -67.20
CA GLN T 3 18.73 -25.53 -68.13
C GLN T 3 18.37 -24.21 -67.45
N ALA T 4 17.61 -24.27 -66.34
CA ALA T 4 17.23 -23.07 -65.61
C ALA T 4 18.45 -22.21 -65.24
N MET T 5 19.52 -22.83 -64.75
CA MET T 5 20.72 -22.08 -64.38
C MET T 5 21.46 -21.54 -65.60
N ARG T 6 21.41 -22.25 -66.73
CA ARG T 6 22.03 -21.70 -67.94
C ARG T 6 21.26 -20.48 -68.44
N GLU T 7 19.94 -20.54 -68.40
CA GLU T 7 19.14 -19.40 -68.80
C GLU T 7 19.34 -18.23 -67.85
N ARG T 8 19.41 -18.49 -66.55
CA ARG T 8 19.66 -17.41 -65.59
C ARG T 8 20.99 -16.74 -65.85
N SER T 9 22.05 -17.54 -65.99
CA SER T 9 23.36 -16.97 -66.27
C SER T 9 23.33 -16.19 -67.59
N GLU T 10 22.56 -16.66 -68.58
CA GLU T 10 22.58 -15.96 -69.86
C GLU T 10 21.81 -14.65 -69.78
N LEU T 11 20.66 -14.64 -69.08
CA LEU T 11 19.91 -13.40 -68.88
C LEU T 11 20.77 -12.36 -68.17
N ALA T 12 21.50 -12.80 -67.13
CA ALA T 12 22.39 -11.88 -66.42
C ALA T 12 23.54 -11.42 -67.30
N ARG T 13 24.23 -12.35 -67.97
CA ARG T 13 25.33 -11.95 -68.83
C ARG T 13 24.87 -10.93 -69.85
N LYS T 14 23.78 -11.24 -70.56
CA LYS T 14 23.23 -10.32 -71.55
C LYS T 14 22.94 -8.97 -70.93
N GLY T 15 22.32 -8.96 -69.75
CA GLY T 15 22.03 -7.70 -69.09
C GLY T 15 23.26 -6.86 -68.83
N ILE T 16 24.36 -7.48 -68.36
CA ILE T 16 25.58 -6.73 -68.05
C ILE T 16 26.27 -6.28 -69.33
N ALA T 17 26.22 -7.12 -70.37
CA ALA T 17 26.86 -6.82 -71.64
C ALA T 17 26.23 -5.62 -72.36
N ARG T 18 25.04 -5.17 -71.97
CA ARG T 18 24.46 -3.95 -72.52
C ARG T 18 24.67 -2.72 -71.66
N ALA T 19 25.28 -2.86 -70.50
CA ALA T 19 25.48 -1.73 -69.64
C ALA T 19 26.69 -0.91 -70.09
N LYS T 20 26.62 0.39 -69.86
CA LYS T 20 27.80 1.23 -69.94
C LYS T 20 28.86 0.67 -69.00
N SER T 21 30.12 0.96 -69.26
CA SER T 21 31.20 0.29 -68.54
C SER T 21 31.82 1.18 -67.47
N VAL T 22 32.45 0.52 -66.48
CA VAL T 22 33.09 1.19 -65.35
C VAL T 22 34.40 0.48 -65.02
N VAL T 23 35.41 1.26 -64.65
CA VAL T 23 36.71 0.72 -64.29
C VAL T 23 37.16 1.34 -62.97
N ALA T 24 37.92 0.54 -62.21
CA ALA T 24 38.52 0.95 -60.95
C ALA T 24 39.99 0.56 -61.01
N LEU T 25 40.86 1.52 -60.71
CA LEU T 25 42.30 1.38 -60.88
C LEU T 25 42.99 1.78 -59.60
N ALA T 26 44.04 1.07 -59.26
CA ALA T 26 44.85 1.46 -58.13
C ALA T 26 45.81 2.56 -58.60
N TYR T 27 45.92 3.66 -57.85
CA TYR T 27 46.88 4.70 -58.20
C TYR T 27 47.60 5.16 -56.93
N ALA T 28 48.51 6.12 -57.11
CA ALA T 28 49.35 6.55 -56.01
C ALA T 28 48.52 7.03 -54.82
N GLY T 29 47.43 7.73 -55.09
CA GLY T 29 46.63 8.28 -54.01
C GLY T 29 45.56 7.37 -53.47
N GLY T 30 45.46 6.15 -53.98
CA GLY T 30 44.41 5.27 -53.52
C GLY T 30 43.81 4.45 -54.63
N VAL T 31 42.50 4.60 -54.85
CA VAL T 31 41.79 3.90 -55.94
C VAL T 31 40.91 4.89 -56.67
N LEU T 32 40.83 4.73 -57.99
CA LEU T 32 40.05 5.59 -58.87
C LEU T 32 38.91 4.82 -59.53
N PHE T 33 37.71 5.39 -59.49
CA PHE T 33 36.53 4.87 -60.13
C PHE T 33 36.18 5.83 -61.25
N VAL T 34 36.08 5.31 -62.48
CA VAL T 34 35.58 6.11 -63.60
C VAL T 34 34.56 5.26 -64.35
N ALA T 35 33.37 5.82 -64.55
CA ALA T 35 32.25 5.11 -65.16
C ALA T 35 31.58 5.96 -66.23
N GLU T 36 31.13 5.31 -67.29
CA GLU T 36 30.45 6.04 -68.36
C GLU T 36 29.01 6.30 -67.92
N ASN T 37 28.65 7.57 -67.71
CA ASN T 37 27.32 7.82 -67.19
C ASN T 37 26.79 9.18 -67.64
N PRO T 38 25.83 9.20 -68.59
CA PRO T 38 25.26 10.49 -69.03
C PRO T 38 24.46 11.19 -67.97
N SER T 39 23.96 10.47 -66.97
CA SER T 39 22.95 11.04 -66.09
C SER T 39 23.52 12.19 -65.28
N ARG T 40 22.65 13.13 -64.94
CA ARG T 40 23.03 14.29 -64.14
C ARG T 40 22.76 14.11 -62.65
N SER T 41 22.22 12.98 -62.22
CA SER T 41 21.86 12.83 -60.81
C SER T 41 21.80 11.37 -60.33
N LEU T 42 21.82 10.41 -61.24
CA LEU T 42 21.84 9.00 -60.85
C LEU T 42 23.28 8.47 -60.82
N GLN T 43 23.60 7.68 -59.80
CA GLN T 43 24.99 7.35 -59.52
C GLN T 43 25.26 5.85 -59.73
N LYS T 44 26.45 5.55 -60.25
CA LYS T 44 26.95 4.18 -60.28
C LYS T 44 28.11 3.93 -59.34
N ILE T 45 28.72 4.98 -58.81
CA ILE T 45 29.85 4.86 -57.89
C ILE T 45 29.42 5.49 -56.57
N SER T 46 29.79 4.85 -55.47
CA SER T 46 29.27 5.28 -54.18
C SER T 46 30.26 4.96 -53.08
N GLU T 47 30.12 5.70 -51.98
CA GLU T 47 30.80 5.39 -50.72
C GLU T 47 30.08 4.26 -50.02
N LEU T 48 30.83 3.29 -49.49
CA LEU T 48 30.20 2.31 -48.59
C LEU T 48 30.53 2.59 -47.13
N TYR T 49 31.81 2.79 -46.79
CA TYR T 49 32.21 3.09 -45.42
C TYR T 49 33.49 3.90 -45.47
N ASP T 50 34.07 4.21 -44.30
CA ASP T 50 35.14 5.20 -44.19
C ASP T 50 36.17 5.07 -45.30
N ARG T 51 36.70 3.86 -45.47
CA ARG T 51 37.74 3.56 -46.43
C ARG T 51 37.27 2.60 -47.53
N VAL T 52 35.96 2.42 -47.69
CA VAL T 52 35.42 1.40 -48.59
C VAL T 52 34.46 2.04 -49.58
N GLY T 53 34.70 1.80 -50.87
CA GLY T 53 33.87 2.33 -51.92
C GLY T 53 33.27 1.25 -52.80
N PHE T 54 32.27 1.66 -53.59
CA PHE T 54 31.38 0.73 -54.29
C PHE T 54 31.17 1.21 -55.72
N ALA T 55 31.23 0.30 -56.67
CA ALA T 55 30.85 0.64 -58.03
C ALA T 55 30.21 -0.56 -58.70
N ALA T 56 29.28 -0.28 -59.61
CA ALA T 56 28.49 -1.37 -60.15
C ALA T 56 28.16 -1.09 -61.61
N ALA T 57 27.90 -2.18 -62.32
CA ALA T 57 27.45 -2.17 -63.70
C ALA T 57 26.17 -2.97 -63.81
N GLY T 58 25.29 -2.54 -64.71
CA GLY T 58 24.09 -3.33 -64.94
C GLY T 58 22.79 -2.55 -64.82
N LYS T 59 21.73 -3.22 -64.37
CA LYS T 59 20.43 -2.58 -64.20
C LYS T 59 20.42 -1.72 -62.93
N PHE T 60 20.02 -0.45 -63.06
CA PHE T 60 20.23 0.53 -61.99
C PHE T 60 19.52 0.12 -60.69
N ASN T 61 18.21 -0.13 -60.76
CA ASN T 61 17.48 -0.43 -59.52
C ASN T 61 18.13 -1.59 -58.75
N GLU T 62 18.71 -2.55 -59.46
CA GLU T 62 19.26 -3.71 -58.76
C GLU T 62 20.57 -3.36 -58.06
N PHE T 63 21.52 -2.77 -58.77
CA PHE T 63 22.73 -2.46 -58.03
C PHE T 63 22.52 -1.33 -57.03
N ASP T 64 21.45 -0.54 -57.15
CA ASP T 64 21.16 0.43 -56.10
C ASP T 64 20.59 -0.25 -54.87
N ASN T 65 19.75 -1.28 -55.06
CA ASN T 65 19.38 -2.13 -53.94
C ASN T 65 20.62 -2.70 -53.26
N LEU T 66 21.56 -3.26 -54.03
CA LEU T 66 22.74 -3.84 -53.41
C LEU T 66 23.60 -2.79 -52.71
N ARG T 67 23.65 -1.57 -53.26
CA ARG T 67 24.41 -0.50 -52.65
C ARG T 67 23.79 -0.13 -51.28
N ARG T 68 22.46 0.00 -51.23
CA ARG T 68 21.82 0.29 -49.95
C ARG T 68 22.05 -0.83 -48.95
N GLY T 69 21.88 -2.08 -49.37
CA GLY T 69 22.13 -3.19 -48.47
C GLY T 69 23.55 -3.21 -47.96
N GLY T 70 24.51 -2.85 -48.81
CA GLY T 70 25.89 -2.78 -48.35
C GLY T 70 26.07 -1.67 -47.32
N ILE T 71 25.49 -0.48 -47.56
CA ILE T 71 25.58 0.57 -46.56
C ILE T 71 24.94 0.12 -45.26
N GLN T 72 23.81 -0.58 -45.36
CA GLN T 72 23.09 -1.12 -44.22
C GLN T 72 23.98 -2.05 -43.40
N PHE T 73 24.61 -3.00 -44.08
CA PHE T 73 25.50 -3.94 -43.43
C PHE T 73 26.67 -3.23 -42.75
N ALA T 74 27.33 -2.33 -43.48
CA ALA T 74 28.51 -1.64 -42.95
C ALA T 74 28.16 -0.80 -41.71
N ASP T 75 27.11 0.03 -41.80
CA ASP T 75 26.77 0.91 -40.68
C ASP T 75 26.39 0.10 -39.45
N THR T 76 25.62 -0.98 -39.63
CA THR T 76 25.28 -1.83 -38.49
C THR T 76 26.52 -2.51 -37.90
N ARG T 77 27.43 -2.97 -38.75
CA ARG T 77 28.61 -3.65 -38.25
C ARG T 77 29.54 -2.71 -37.52
N GLY T 78 29.74 -1.51 -38.05
CA GLY T 78 30.55 -0.53 -37.36
C GLY T 78 29.95 -0.13 -36.03
N TYR T 79 28.61 -0.06 -35.95
CA TYR T 79 27.95 0.34 -34.71
C TYR T 79 28.00 -0.77 -33.65
N ALA T 80 27.71 -2.01 -34.05
CA ALA T 80 27.67 -3.13 -33.12
C ALA T 80 29.05 -3.41 -32.51
N TYR T 81 30.11 -3.15 -33.28
CA TYR T 81 31.48 -3.36 -32.88
C TYR T 81 32.21 -2.03 -32.93
N ASP T 82 33.05 -1.79 -33.94
CA ASP T 82 33.65 -0.48 -34.08
C ASP T 82 33.94 -0.28 -35.55
N ARG T 83 34.07 1.00 -35.90
CA ARG T 83 34.27 1.42 -37.29
C ARG T 83 35.48 0.72 -37.92
N ARG T 84 36.55 0.53 -37.15
CA ARG T 84 37.76 -0.10 -37.67
C ARG T 84 37.58 -1.59 -37.90
N ASP T 85 36.49 -2.18 -37.45
CA ASP T 85 36.26 -3.56 -37.78
C ASP T 85 35.59 -3.75 -39.14
N VAL T 86 35.08 -2.69 -39.75
CA VAL T 86 34.49 -2.83 -41.07
C VAL T 86 35.60 -2.84 -42.11
N THR T 87 35.65 -3.90 -42.92
CA THR T 87 36.69 -4.05 -43.93
C THR T 87 36.09 -4.32 -45.30
N GLY T 88 36.89 -4.01 -46.32
CA GLY T 88 36.47 -4.29 -47.68
C GLY T 88 36.22 -5.76 -47.90
N ARG T 89 37.10 -6.61 -47.37
CA ARG T 89 36.91 -8.05 -47.49
C ARG T 89 35.54 -8.46 -46.95
N GLN T 90 35.11 -7.84 -45.87
CA GLN T 90 33.84 -8.22 -45.25
C GLN T 90 32.66 -7.85 -46.14
N LEU T 91 32.66 -6.64 -46.68
CA LEU T 91 31.58 -6.26 -47.58
C LEU T 91 31.59 -7.09 -48.86
N ALA T 92 32.78 -7.33 -49.45
CA ALA T 92 32.83 -8.17 -50.64
C ALA T 92 32.26 -9.55 -50.36
N ASN T 93 32.59 -10.13 -49.21
CA ASN T 93 32.08 -11.45 -48.85
C ASN T 93 30.56 -11.42 -48.70
N VAL T 94 30.03 -10.37 -48.06
CA VAL T 94 28.58 -10.31 -47.89
C VAL T 94 27.88 -10.13 -49.23
N TYR T 95 28.49 -9.39 -50.17
CA TYR T 95 27.93 -9.30 -51.51
C TYR T 95 28.00 -10.63 -52.23
N ALA T 96 29.09 -11.40 -52.06
CA ALA T 96 29.12 -12.71 -52.69
C ALA T 96 27.97 -13.57 -52.20
N GLN T 97 27.77 -13.64 -50.88
CA GLN T 97 26.66 -14.44 -50.36
C GLN T 97 25.32 -13.90 -50.84
N THR T 98 25.15 -12.58 -50.80
CA THR T 98 23.86 -11.99 -51.16
C THR T 98 23.50 -12.25 -52.62
N LEU T 99 24.44 -11.99 -53.55
CA LEU T 99 24.17 -12.23 -54.96
C LEU T 99 24.02 -13.71 -55.28
N GLY T 100 24.76 -14.59 -54.58
CA GLY T 100 24.56 -16.01 -54.76
C GLY T 100 23.13 -16.42 -54.45
N THR T 101 22.63 -15.99 -53.29
CA THR T 101 21.25 -16.30 -52.93
C THR T 101 20.27 -15.72 -53.94
N ILE T 102 20.44 -14.44 -54.31
CA ILE T 102 19.55 -13.84 -55.30
C ILE T 102 19.56 -14.64 -56.59
N PHE T 103 20.76 -14.95 -57.07
CA PHE T 103 20.92 -15.59 -58.38
C PHE T 103 20.23 -16.95 -58.40
N THR T 104 20.24 -17.67 -57.29
CA THR T 104 19.64 -19.00 -57.29
C THR T 104 18.17 -19.02 -56.91
N GLU T 105 17.67 -18.03 -56.17
CA GLU T 105 16.36 -18.17 -55.53
C GLU T 105 15.35 -17.06 -55.81
N GLN T 106 15.76 -15.89 -56.30
CA GLN T 106 14.81 -14.84 -56.58
C GLN T 106 14.10 -15.13 -57.90
N ALA T 107 13.00 -14.41 -58.13
CA ALA T 107 12.21 -14.57 -59.35
C ALA T 107 13.06 -14.42 -60.61
N LYS T 108 13.91 -13.41 -60.65
CA LYS T 108 14.87 -13.15 -61.72
C LYS T 108 16.21 -12.78 -61.09
N PRO T 109 17.31 -13.31 -61.63
CA PRO T 109 18.62 -12.92 -61.13
C PRO T 109 18.89 -11.45 -61.37
N TYR T 110 19.80 -10.89 -60.57
CA TYR T 110 20.18 -9.49 -60.68
C TYR T 110 21.19 -9.30 -61.82
N GLU T 111 20.85 -8.41 -62.76
CA GLU T 111 21.75 -8.09 -63.87
C GLU T 111 22.75 -7.04 -63.38
N VAL T 112 23.67 -7.49 -62.51
CA VAL T 112 24.62 -6.57 -61.89
C VAL T 112 26.00 -7.19 -61.84
N GLU T 113 27.00 -6.33 -61.76
CA GLU T 113 28.37 -6.73 -61.52
C GLU T 113 28.96 -5.69 -60.58
N LEU T 114 29.63 -6.13 -59.53
CA LEU T 114 29.94 -5.28 -58.40
C LEU T 114 31.44 -5.19 -58.19
N CYS T 115 31.87 -4.04 -57.68
CA CYS T 115 33.25 -3.86 -57.27
C CYS T 115 33.27 -3.19 -55.90
N VAL T 116 34.00 -3.81 -54.95
CA VAL T 116 34.30 -3.24 -53.64
C VAL T 116 35.77 -2.89 -53.57
N ALA T 117 36.07 -1.66 -53.16
CA ALA T 117 37.43 -1.17 -53.09
C ALA T 117 37.74 -0.65 -51.69
N GLU T 118 38.98 -0.86 -51.25
CA GLU T 118 39.40 -0.38 -49.94
C GLU T 118 40.81 0.21 -50.03
N VAL T 119 40.99 1.38 -49.43
CA VAL T 119 42.31 2.00 -49.27
C VAL T 119 42.74 1.93 -47.81
N ALA T 120 44.00 2.30 -47.57
CA ALA T 120 44.50 2.24 -46.21
C ALA T 120 43.92 3.37 -45.36
N HIS T 121 44.01 3.18 -44.05
CA HIS T 121 43.65 4.23 -43.11
C HIS T 121 44.74 5.29 -43.04
N TYR T 122 44.36 6.51 -42.63
CA TYR T 122 45.31 7.63 -42.61
C TYR T 122 46.53 7.29 -41.77
N GLY T 123 47.71 7.52 -42.34
CA GLY T 123 48.97 7.22 -41.71
C GLY T 123 49.44 5.79 -41.90
N GLU T 124 48.66 4.96 -42.54
CA GLU T 124 49.02 3.56 -42.74
C GLU T 124 49.59 3.32 -44.12
N THR T 125 50.34 2.24 -44.20
CA THR T 125 51.04 1.82 -45.42
C THR T 125 50.40 0.50 -45.85
N LYS T 126 49.45 0.56 -46.78
CA LYS T 126 48.74 -0.65 -47.20
C LYS T 126 48.36 -0.52 -48.67
N ARG T 127 48.59 -1.58 -49.44
CA ARG T 127 48.25 -1.53 -50.86
C ARG T 127 46.74 -1.68 -51.04
N PRO T 128 46.14 -0.91 -51.96
CA PRO T 128 44.69 -0.96 -52.16
C PRO T 128 44.19 -2.35 -52.49
N GLU T 129 42.92 -2.60 -52.15
CA GLU T 129 42.28 -3.88 -52.45
C GLU T 129 41.06 -3.63 -53.34
N LEU T 130 40.94 -4.42 -54.40
CA LEU T 130 39.76 -4.41 -55.27
C LEU T 130 39.19 -5.82 -55.35
N TYR T 131 37.88 -5.90 -55.21
CA TYR T 131 37.16 -7.17 -55.32
C TYR T 131 36.07 -7.00 -56.37
N ARG T 132 35.96 -7.99 -57.25
CA ARG T 132 34.91 -8.06 -58.25
C ARG T 132 33.97 -9.17 -57.86
N ILE T 133 32.69 -8.84 -57.70
CA ILE T 133 31.65 -9.79 -57.37
C ILE T 133 30.75 -9.86 -58.58
N THR T 134 30.55 -11.05 -59.11
CA THR T 134 29.71 -11.13 -60.29
C THR T 134 28.31 -11.59 -59.90
N TYR T 135 27.44 -11.65 -60.90
CA TYR T 135 26.02 -11.82 -60.65
C TYR T 135 25.66 -13.12 -59.96
N ASP T 136 26.50 -14.16 -60.03
CA ASP T 136 26.14 -15.45 -59.44
C ASP T 136 26.77 -15.66 -58.06
N GLY T 137 27.43 -14.64 -57.52
CA GLY T 137 28.13 -14.70 -56.26
C GLY T 137 29.59 -15.06 -56.37
N SER T 138 30.12 -15.22 -57.56
CA SER T 138 31.54 -15.45 -57.71
C SER T 138 32.29 -14.20 -57.31
N ILE T 139 33.37 -14.40 -56.58
CA ILE T 139 34.17 -13.31 -56.06
C ILE T 139 35.61 -13.53 -56.47
N ALA T 140 36.28 -12.46 -56.89
CA ALA T 140 37.67 -12.48 -57.32
C ALA T 140 38.35 -11.23 -56.79
N ASP T 141 39.52 -11.37 -56.17
CA ASP T 141 40.31 -10.23 -55.71
C ASP T 141 41.38 -9.93 -56.76
N GLU T 142 41.40 -8.70 -57.27
CA GLU T 142 42.39 -8.39 -58.29
C GLU T 142 43.32 -7.28 -57.82
N PRO T 143 44.60 -7.32 -58.21
CA PRO T 143 45.58 -6.41 -57.60
C PRO T 143 45.67 -5.05 -58.26
N HIS T 144 45.37 -4.96 -59.55
CA HIS T 144 45.69 -3.70 -60.23
C HIS T 144 44.44 -2.99 -60.70
N PHE T 145 43.51 -3.68 -61.33
CA PHE T 145 42.34 -2.98 -61.85
C PHE T 145 41.17 -3.93 -61.99
N VAL T 146 39.98 -3.34 -62.14
CA VAL T 146 38.74 -4.04 -62.39
C VAL T 146 37.97 -3.34 -63.50
N VAL T 147 37.41 -4.14 -64.41
CA VAL T 147 36.59 -3.68 -65.52
C VAL T 147 35.24 -4.40 -65.46
N MET T 148 34.14 -3.63 -65.58
CA MET T 148 32.79 -4.17 -65.47
C MET T 148 31.83 -3.49 -66.44
N GLY T 149 30.95 -4.27 -67.02
CA GLY T 149 29.92 -3.72 -67.89
C GLY T 149 30.38 -3.65 -69.33
N GLY T 150 29.40 -3.77 -70.23
CA GLY T 150 29.64 -3.70 -71.65
C GLY T 150 30.57 -4.82 -72.09
N THR T 151 31.36 -4.52 -73.13
CA THR T 151 32.33 -5.45 -73.70
C THR T 151 33.65 -5.22 -73.00
N THR T 152 33.99 -6.11 -72.07
CA THR T 152 35.10 -5.84 -71.16
C THR T 152 36.47 -6.10 -71.77
N GLU T 153 36.62 -7.13 -72.62
CA GLU T 153 37.97 -7.50 -73.03
C GLU T 153 38.72 -6.40 -73.78
N PRO T 154 38.11 -5.62 -74.70
CA PRO T 154 38.84 -4.44 -75.21
C PRO T 154 39.34 -3.50 -74.11
N ILE T 155 38.52 -3.20 -73.09
CA ILE T 155 38.94 -2.27 -72.04
C ILE T 155 40.07 -2.86 -71.21
N ALA T 156 39.95 -4.14 -70.83
CA ALA T 156 40.99 -4.79 -70.05
C ALA T 156 42.30 -4.89 -70.84
N ASN T 157 42.20 -5.10 -72.17
CA ASN T 157 43.41 -5.14 -72.99
C ASN T 157 44.10 -3.79 -73.01
N ALA T 158 43.35 -2.71 -73.25
CA ALA T 158 43.95 -1.38 -73.23
C ALA T 158 44.62 -1.10 -71.88
N LEU T 159 43.96 -1.49 -70.77
CA LEU T 159 44.56 -1.24 -69.47
C LEU T 159 45.80 -2.10 -69.20
N LYS T 160 45.88 -3.32 -69.75
CA LYS T 160 47.14 -4.06 -69.60
C LYS T 160 48.24 -3.40 -70.42
N GLU T 161 47.92 -2.89 -71.61
CA GLU T 161 48.91 -2.14 -72.37
C GLU T 161 49.41 -0.93 -71.60
N SER T 162 48.56 -0.32 -70.77
CA SER T 162 48.83 1.01 -70.26
C SER T 162 48.91 1.14 -68.73
N TYR T 163 48.56 0.12 -67.94
CA TYR T 163 48.50 0.32 -66.50
C TYR T 163 49.89 0.24 -65.89
N ALA T 164 50.22 1.22 -65.06
CA ALA T 164 51.43 1.24 -64.27
C ALA T 164 51.05 1.52 -62.82
N GLU T 165 51.69 0.80 -61.91
CA GLU T 165 51.45 1.01 -60.49
C GLU T 165 51.90 2.41 -60.10
N ASN T 166 51.27 2.94 -59.05
CA ASN T 166 51.67 4.22 -58.47
C ASN T 166 51.60 5.34 -59.52
N ALA T 167 50.63 5.28 -60.43
CA ALA T 167 50.47 6.36 -61.39
C ALA T 167 49.86 7.58 -60.69
N SER T 168 50.04 8.76 -61.29
CA SER T 168 49.45 9.96 -60.71
C SER T 168 47.96 10.02 -61.00
N LEU T 169 47.25 10.91 -60.30
CA LEU T 169 45.80 10.98 -60.50
C LEU T 169 45.45 11.39 -61.93
N THR T 170 46.08 12.45 -62.45
CA THR T 170 45.77 12.86 -63.82
C THR T 170 46.19 11.79 -64.81
N ASP T 171 47.38 11.22 -64.61
CA ASP T 171 47.88 10.19 -65.49
C ASP T 171 46.97 8.95 -65.44
N ALA T 172 46.61 8.50 -64.23
CA ALA T 172 45.77 7.31 -64.07
C ALA T 172 44.37 7.51 -64.64
N LEU T 173 43.78 8.70 -64.46
CA LEU T 173 42.47 8.92 -65.06
C LEU T 173 42.57 8.98 -66.58
N ARG T 174 43.61 9.64 -67.11
CA ARG T 174 43.86 9.69 -68.54
C ARG T 174 43.90 8.28 -69.14
N ILE T 175 44.72 7.38 -68.58
CA ILE T 175 44.74 6.00 -69.08
C ILE T 175 43.36 5.35 -68.91
N ALA T 176 42.64 5.69 -67.83
CA ALA T 176 41.34 5.08 -67.57
C ALA T 176 40.34 5.46 -68.65
N VAL T 177 40.24 6.76 -68.95
CA VAL T 177 39.34 7.21 -70.00
C VAL T 177 39.80 6.66 -71.34
N ALA T 178 41.11 6.54 -71.54
CA ALA T 178 41.64 5.96 -72.77
C ALA T 178 41.13 4.54 -72.97
N ALA T 179 41.23 3.70 -71.94
CA ALA T 179 40.74 2.33 -72.04
C ALA T 179 39.23 2.27 -72.23
N LEU T 180 38.48 3.15 -71.55
CA LEU T 180 37.03 3.18 -71.74
C LEU T 180 36.63 3.59 -73.15
N ARG T 181 37.42 4.46 -73.80
CA ARG T 181 37.18 4.81 -75.19
C ARG T 181 37.20 3.58 -76.09
N ALA T 182 38.05 2.58 -75.78
CA ALA T 182 38.17 1.40 -76.61
C ALA T 182 37.02 0.40 -76.43
N GLY T 183 35.83 0.87 -76.07
CA GLY T 183 34.70 0.00 -75.82
C GLY T 183 33.51 0.22 -76.74
N THR T 194 34.55 11.07 -78.05
CA THR T 194 35.07 11.96 -77.02
C THR T 194 34.35 11.84 -75.66
N LEU T 195 35.07 11.44 -74.61
CA LEU T 195 34.50 11.23 -73.29
C LEU T 195 34.80 12.43 -72.41
N GLY T 196 33.81 13.30 -72.23
CA GLY T 196 33.95 14.54 -71.53
C GLY T 196 33.28 14.50 -70.17
N VAL T 197 33.21 15.68 -69.54
CA VAL T 197 32.59 15.77 -68.22
C VAL T 197 31.17 15.22 -68.27
N ALA T 198 30.32 15.81 -69.12
CA ALA T 198 28.93 15.40 -69.30
C ALA T 198 28.72 13.90 -69.47
N SER T 199 29.76 13.14 -69.84
CA SER T 199 29.64 11.71 -70.09
C SER T 199 30.32 10.82 -69.05
N LEU T 200 30.92 11.38 -68.01
CA LEU T 200 31.68 10.58 -67.05
C LEU T 200 31.16 10.78 -65.64
N GLU T 201 31.39 9.76 -64.82
CA GLU T 201 31.24 9.81 -63.37
C GLU T 201 32.58 9.39 -62.77
N VAL T 202 33.19 10.23 -61.94
CA VAL T 202 34.50 9.94 -61.38
C VAL T 202 34.50 10.17 -59.88
N ALA T 203 35.23 9.31 -59.17
CA ALA T 203 35.39 9.43 -57.74
C ALA T 203 36.64 8.66 -57.35
N VAL T 204 37.21 9.03 -56.21
CA VAL T 204 38.39 8.37 -55.70
C VAL T 204 38.14 7.96 -54.27
N LEU T 205 38.82 6.90 -53.86
CA LEU T 205 39.12 6.62 -52.46
C LEU T 205 40.53 7.16 -52.23
N ASP T 206 40.61 8.32 -51.54
CA ASP T 206 41.86 9.05 -51.34
C ASP T 206 42.43 8.68 -49.97
N ALA T 207 43.51 7.88 -49.99
CA ALA T 207 44.13 7.42 -48.75
C ALA T 207 44.73 8.56 -47.91
N ASN T 208 44.76 9.80 -48.39
CA ASN T 208 45.36 10.89 -47.63
C ASN T 208 44.35 11.68 -46.81
N ARG T 209 43.06 11.61 -47.14
CA ARG T 209 42.05 12.26 -46.31
C ARG T 209 41.93 11.54 -44.97
N PRO T 210 41.70 12.28 -43.88
CA PRO T 210 41.93 11.68 -42.55
C PRO T 210 40.93 10.59 -42.22
N ARG T 211 39.65 10.78 -42.55
CA ARG T 211 38.69 9.74 -42.21
C ARG T 211 37.88 9.21 -43.39
N ARG T 212 36.98 9.98 -43.97
CA ARG T 212 36.17 9.50 -45.09
C ARG T 212 36.97 9.64 -46.38
N ALA T 213 37.32 8.51 -47.01
CA ALA T 213 38.20 8.51 -48.17
C ALA T 213 37.47 8.81 -49.49
N PHE T 214 36.15 8.70 -49.50
CA PHE T 214 35.38 8.88 -50.74
C PHE T 214 35.28 10.35 -51.11
N ARG T 215 35.82 10.68 -52.28
CA ARG T 215 35.80 12.01 -52.90
C ARG T 215 35.16 11.88 -54.27
N ARG T 216 34.35 12.86 -54.68
CA ARG T 216 33.94 12.96 -56.08
C ARG T 216 34.69 14.08 -56.78
N ILE T 217 35.02 13.83 -58.05
CA ILE T 217 35.67 14.79 -58.91
C ILE T 217 34.69 15.13 -60.03
N THR T 218 34.10 16.31 -59.94
CA THR T 218 33.07 16.74 -60.88
C THR T 218 33.42 18.10 -61.47
N GLY T 219 32.78 18.40 -62.60
CA GLY T 219 32.81 19.70 -63.25
C GLY T 219 34.16 20.34 -63.47
N SER T 220 34.37 21.52 -62.88
CA SER T 220 35.59 22.30 -63.16
C SER T 220 36.83 21.47 -62.83
N ALA T 221 36.82 20.83 -61.67
CA ALA T 221 37.96 20.04 -61.22
C ALA T 221 38.22 18.86 -62.15
N LEU T 222 37.15 18.16 -62.54
CA LEU T 222 37.32 17.02 -63.44
C LEU T 222 37.85 17.45 -64.80
N GLN T 223 37.24 18.47 -65.41
CA GLN T 223 37.68 18.92 -66.71
C GLN T 223 39.14 19.38 -66.66
N ALA T 224 39.51 20.13 -65.61
CA ALA T 224 40.90 20.48 -65.39
C ALA T 224 41.77 19.26 -65.18
N LEU T 225 41.20 18.17 -64.65
CA LEU T 225 41.99 16.97 -64.39
C LEU T 225 42.22 16.13 -65.64
N LEU T 226 41.35 16.24 -66.65
CA LEU T 226 41.54 15.46 -67.88
C LEU T 226 42.58 16.12 -68.77
N VAL T 227 42.54 17.45 -68.84
CA VAL T 227 43.37 18.23 -69.76
C VAL T 227 44.85 18.05 -69.44
N ASP T 228 45.23 18.07 -68.16
CA ASP T 228 46.66 17.95 -67.79
C ASP T 228 47.19 16.56 -68.10
N MET U 1 11.71 -37.37 -61.12
CA MET U 1 12.43 -37.07 -59.90
C MET U 1 13.85 -37.68 -59.83
N GLU U 2 14.04 -38.86 -60.44
CA GLU U 2 15.39 -39.35 -60.64
C GLU U 2 16.08 -38.59 -61.77
N GLN U 3 15.29 -38.00 -62.67
CA GLN U 3 15.81 -37.00 -63.58
C GLN U 3 16.18 -35.71 -62.83
N ALA U 4 15.40 -35.37 -61.80
CA ALA U 4 15.72 -34.20 -60.98
C ALA U 4 16.93 -34.47 -60.11
N MET U 5 16.99 -35.66 -59.51
CA MET U 5 18.14 -35.99 -58.68
C MET U 5 19.40 -36.17 -59.52
N ARG U 6 19.28 -36.75 -60.71
CA ARG U 6 20.44 -36.99 -61.57
C ARG U 6 20.96 -35.68 -62.00
N GLU U 7 20.00 -34.80 -62.18
CA GLU U 7 20.33 -33.52 -62.69
C GLU U 7 21.02 -32.66 -61.66
N ARG U 8 20.52 -32.69 -60.43
CA ARG U 8 21.18 -32.01 -59.34
C ARG U 8 22.58 -32.57 -59.16
N SER U 9 22.67 -33.90 -59.17
CA SER U 9 23.97 -34.52 -59.02
C SER U 9 24.94 -34.04 -60.09
N GLU U 10 24.46 -33.85 -61.33
CA GLU U 10 25.36 -33.45 -62.40
C GLU U 10 25.77 -31.99 -62.29
N LEU U 11 24.83 -31.13 -61.93
CA LEU U 11 25.17 -29.72 -61.73
C LEU U 11 26.21 -29.56 -60.64
N ALA U 12 26.04 -30.31 -59.53
CA ALA U 12 26.99 -30.23 -58.43
C ALA U 12 28.36 -30.82 -58.81
N ARG U 13 28.36 -32.02 -59.38
CA ARG U 13 29.61 -32.71 -59.71
C ARG U 13 30.43 -31.92 -60.74
N LYS U 14 29.75 -31.26 -61.70
CA LYS U 14 30.45 -30.41 -62.66
C LYS U 14 30.95 -29.13 -62.01
N GLY U 15 30.15 -28.52 -61.13
CA GLY U 15 30.66 -27.38 -60.39
C GLY U 15 31.95 -27.71 -59.65
N ILE U 16 32.02 -28.90 -59.05
CA ILE U 16 33.20 -29.32 -58.29
C ILE U 16 34.36 -29.61 -59.24
N ALA U 17 34.04 -30.20 -60.39
CA ALA U 17 35.07 -30.58 -61.34
C ALA U 17 35.84 -29.38 -61.87
N ARG U 18 35.20 -28.21 -62.00
CA ARG U 18 35.86 -27.03 -62.56
C ARG U 18 36.59 -26.17 -61.53
N ALA U 19 36.65 -26.62 -60.28
CA ALA U 19 37.25 -25.82 -59.23
C ALA U 19 38.65 -26.33 -58.90
N LYS U 20 39.43 -25.50 -58.19
CA LYS U 20 40.75 -25.86 -57.69
C LYS U 20 40.67 -26.98 -56.64
N SER U 21 41.81 -27.60 -56.40
CA SER U 21 41.87 -28.82 -55.60
C SER U 21 42.44 -28.56 -54.22
N VAL U 22 42.06 -29.46 -53.32
CA VAL U 22 42.36 -29.39 -51.92
C VAL U 22 42.76 -30.77 -51.45
N VAL U 23 43.75 -30.84 -50.58
CA VAL U 23 44.23 -32.09 -50.04
C VAL U 23 44.36 -31.95 -48.53
N ALA U 24 44.06 -33.05 -47.82
CA ALA U 24 44.23 -33.16 -46.37
C ALA U 24 44.94 -34.47 -46.07
N LEU U 25 46.01 -34.41 -45.27
CA LEU U 25 46.85 -35.56 -44.97
C LEU U 25 47.07 -35.67 -43.48
N ALA U 26 47.11 -36.89 -42.99
CA ALA U 26 47.53 -37.14 -41.62
C ALA U 26 49.05 -37.26 -41.58
N TYR U 27 49.67 -36.56 -40.64
CA TYR U 27 51.10 -36.70 -40.46
C TYR U 27 51.39 -36.80 -38.97
N ALA U 28 52.68 -36.94 -38.64
CA ALA U 28 53.12 -37.18 -37.26
C ALA U 28 52.64 -36.09 -36.30
N GLY U 29 52.56 -34.84 -36.76
CA GLY U 29 52.13 -33.76 -35.91
C GLY U 29 50.65 -33.45 -35.95
N GLY U 30 49.87 -34.15 -36.75
CA GLY U 30 48.46 -33.83 -36.83
C GLY U 30 47.87 -33.89 -38.22
N VAL U 31 47.27 -32.80 -38.72
CA VAL U 31 46.68 -32.86 -40.06
C VAL U 31 47.14 -31.66 -40.88
N LEU U 32 47.44 -31.93 -42.15
CA LEU U 32 47.94 -30.92 -43.07
C LEU U 32 46.89 -30.67 -44.14
N PHE U 33 46.60 -29.39 -44.36
CA PHE U 33 45.71 -28.92 -45.41
C PHE U 33 46.54 -28.11 -46.40
N VAL U 34 46.50 -28.51 -47.66
CA VAL U 34 47.14 -27.75 -48.72
C VAL U 34 46.16 -27.60 -49.88
N ALA U 35 45.90 -26.36 -50.29
CA ALA U 35 44.96 -26.10 -51.37
C ALA U 35 45.57 -25.11 -52.33
N GLU U 36 45.24 -25.27 -53.62
CA GLU U 36 45.65 -24.30 -54.64
C GLU U 36 44.70 -23.10 -54.60
N ASN U 37 45.26 -21.90 -54.28
CA ASN U 37 44.51 -20.67 -54.07
C ASN U 37 45.31 -19.41 -54.41
N PRO U 38 44.99 -18.75 -55.53
CA PRO U 38 45.69 -17.49 -55.88
C PRO U 38 45.36 -16.33 -54.94
N SER U 39 44.24 -16.37 -54.23
CA SER U 39 43.73 -15.19 -53.53
C SER U 39 44.68 -14.73 -52.43
N ARG U 40 44.69 -13.42 -52.21
CA ARG U 40 45.43 -12.80 -51.12
C ARG U 40 44.62 -12.68 -49.84
N SER U 41 43.29 -12.85 -49.90
CA SER U 41 42.48 -12.61 -48.71
C SER U 41 41.26 -13.53 -48.59
N LEU U 42 40.85 -14.23 -49.66
CA LEU U 42 39.71 -15.16 -49.59
C LEU U 42 40.16 -16.61 -49.41
N GLN U 43 39.68 -17.25 -48.34
CA GLN U 43 40.28 -18.48 -47.79
C GLN U 43 39.35 -19.69 -47.86
N LYS U 44 39.92 -20.85 -48.20
CA LYS U 44 39.20 -22.13 -48.33
C LYS U 44 39.40 -23.05 -47.14
N ILE U 45 40.38 -22.78 -46.30
CA ILE U 45 40.68 -23.62 -45.16
C ILE U 45 40.53 -22.77 -43.92
N SER U 46 39.86 -23.32 -42.91
CA SER U 46 39.57 -22.51 -41.75
C SER U 46 39.52 -23.38 -40.51
N GLU U 47 39.72 -22.71 -39.40
CA GLU U 47 39.50 -23.27 -38.08
C GLU U 47 38.00 -23.35 -37.85
N LEU U 48 37.55 -24.47 -37.27
CA LEU U 48 36.19 -24.66 -36.76
C LEU U 48 36.12 -24.57 -35.25
N TYR U 49 36.91 -25.36 -34.54
CA TYR U 49 36.93 -25.36 -33.07
C TYR U 49 38.34 -25.78 -32.62
N ASP U 50 38.53 -25.88 -31.30
CA ASP U 50 39.87 -26.00 -30.72
C ASP U 50 40.74 -27.02 -31.46
N ARG U 51 40.22 -28.23 -31.69
CA ARG U 51 40.96 -29.31 -32.33
C ARG U 51 40.35 -29.73 -33.67
N VAL U 52 39.51 -28.88 -34.26
CA VAL U 52 38.76 -29.25 -35.46
C VAL U 52 38.95 -28.18 -36.53
N GLY U 53 39.36 -28.64 -37.72
CA GLY U 53 39.58 -27.80 -38.87
C GLY U 53 38.73 -28.22 -40.07
N PHE U 54 38.67 -27.32 -41.04
CA PHE U 54 37.74 -27.38 -42.14
C PHE U 54 38.45 -26.99 -43.42
N ALA U 55 38.21 -27.76 -44.48
CA ALA U 55 38.67 -27.38 -45.80
C ALA U 55 37.58 -27.71 -46.79
N ALA U 56 37.48 -26.94 -47.86
CA ALA U 56 36.36 -27.08 -48.78
C ALA U 56 36.80 -26.83 -50.21
N ALA U 57 36.12 -27.48 -51.16
CA ALA U 57 36.35 -27.24 -52.57
C ALA U 57 35.02 -26.88 -53.24
N GLY U 58 35.11 -26.01 -54.23
CA GLY U 58 33.89 -25.70 -54.94
C GLY U 58 33.59 -24.23 -55.04
N LYS U 59 32.29 -23.90 -54.97
CA LYS U 59 31.82 -22.52 -55.07
C LYS U 59 32.06 -21.80 -53.74
N PHE U 60 32.74 -20.65 -53.80
CA PHE U 60 33.21 -20.03 -52.56
C PHE U 60 32.05 -19.63 -51.65
N ASN U 61 31.11 -18.83 -52.14
CA ASN U 61 30.04 -18.36 -51.24
C ASN U 61 29.30 -19.52 -50.57
N GLU U 62 29.18 -20.67 -51.24
CA GLU U 62 28.45 -21.77 -50.62
C GLU U 62 29.27 -22.43 -49.54
N PHE U 63 30.53 -22.78 -49.81
CA PHE U 63 31.26 -23.41 -48.73
C PHE U 63 31.62 -22.42 -47.63
N ASP U 64 31.55 -21.11 -47.91
CA ASP U 64 31.69 -20.12 -46.84
C ASP U 64 30.42 -20.06 -46.01
N ASN U 65 29.24 -20.16 -46.65
CA ASN U 65 28.03 -20.30 -45.84
C ASN U 65 28.15 -21.50 -44.89
N LEU U 66 28.55 -22.66 -45.42
CA LEU U 66 28.70 -23.86 -44.60
C LEU U 66 29.79 -23.70 -43.55
N ARG U 67 30.86 -22.94 -43.85
CA ARG U 67 31.88 -22.73 -42.85
C ARG U 67 31.31 -21.94 -41.67
N ARG U 68 30.59 -20.86 -41.98
CA ARG U 68 30.00 -20.04 -40.94
C ARG U 68 28.97 -20.82 -40.12
N GLY U 69 28.11 -21.60 -40.78
CA GLY U 69 27.16 -22.42 -40.04
C GLY U 69 27.83 -23.44 -39.12
N GLY U 70 28.96 -24.00 -39.57
CA GLY U 70 29.68 -24.95 -38.72
C GLY U 70 30.28 -24.29 -37.50
N ILE U 71 30.88 -23.10 -37.67
CA ILE U 71 31.41 -22.34 -36.53
C ILE U 71 30.31 -22.00 -35.55
N GLN U 72 29.15 -21.54 -36.06
CA GLN U 72 28.02 -21.27 -35.19
C GLN U 72 27.61 -22.52 -34.41
N PHE U 73 27.50 -23.66 -35.10
CA PHE U 73 27.12 -24.91 -34.43
C PHE U 73 28.11 -25.27 -33.31
N ALA U 74 29.41 -25.24 -33.62
CA ALA U 74 30.43 -25.62 -32.65
C ALA U 74 30.42 -24.68 -31.45
N ASP U 75 30.43 -23.37 -31.69
CA ASP U 75 30.45 -22.41 -30.58
C ASP U 75 29.20 -22.56 -29.69
N THR U 76 28.03 -22.79 -30.31
CA THR U 76 26.84 -23.06 -29.50
C THR U 76 26.98 -24.35 -28.70
N ARG U 77 27.50 -25.41 -29.30
CA ARG U 77 27.63 -26.66 -28.55
C ARG U 77 28.62 -26.51 -27.40
N GLY U 78 29.75 -25.88 -27.65
CA GLY U 78 30.71 -25.67 -26.59
C GLY U 78 30.19 -24.79 -25.48
N TYR U 79 29.35 -23.81 -25.81
CA TYR U 79 28.83 -22.95 -24.76
C TYR U 79 27.78 -23.68 -23.93
N ALA U 80 26.87 -24.38 -24.61
CA ALA U 80 25.76 -25.09 -23.98
C ALA U 80 26.21 -26.24 -23.11
N TYR U 81 27.31 -26.89 -23.47
CA TYR U 81 27.81 -28.02 -22.71
C TYR U 81 29.21 -27.72 -22.17
N ASP U 82 30.22 -28.11 -22.91
CA ASP U 82 31.60 -27.80 -22.59
C ASP U 82 32.42 -27.90 -23.86
N ARG U 83 33.55 -27.19 -23.89
CA ARG U 83 34.38 -27.19 -25.09
C ARG U 83 34.72 -28.63 -25.51
N ARG U 84 35.04 -29.52 -24.55
CA ARG U 84 35.46 -30.90 -24.89
C ARG U 84 34.32 -31.78 -25.38
N ASP U 85 33.06 -31.33 -25.32
CA ASP U 85 32.00 -32.14 -25.91
C ASP U 85 31.91 -31.98 -27.39
N VAL U 86 32.59 -30.97 -27.91
CA VAL U 86 32.62 -30.72 -29.35
C VAL U 86 33.67 -31.63 -29.99
N THR U 87 33.23 -32.45 -30.94
CA THR U 87 34.12 -33.36 -31.63
C THR U 87 33.97 -33.24 -33.14
N GLY U 88 35.03 -33.63 -33.85
CA GLY U 88 34.97 -33.61 -35.30
C GLY U 88 33.83 -34.46 -35.83
N ARG U 89 33.61 -35.64 -35.25
CA ARG U 89 32.52 -36.48 -35.70
C ARG U 89 31.17 -35.73 -35.68
N GLN U 90 30.97 -34.86 -34.67
CA GLN U 90 29.73 -34.08 -34.58
C GLN U 90 29.60 -33.09 -35.72
N LEU U 91 30.64 -32.32 -35.99
CA LEU U 91 30.52 -31.37 -37.08
C LEU U 91 30.34 -32.10 -38.40
N ALA U 92 31.08 -33.17 -38.62
CA ALA U 92 30.91 -33.94 -39.85
C ALA U 92 29.48 -34.43 -40.01
N ASN U 93 28.90 -34.91 -38.92
CA ASN U 93 27.53 -35.41 -38.98
C ASN U 93 26.56 -34.27 -39.30
N VAL U 94 26.78 -33.09 -38.72
CA VAL U 94 25.88 -31.96 -38.98
C VAL U 94 26.02 -31.47 -40.43
N TYR U 95 27.24 -31.50 -40.97
CA TYR U 95 27.41 -31.15 -42.38
C TYR U 95 26.75 -32.20 -43.27
N ALA U 96 26.85 -33.48 -42.91
CA ALA U 96 26.17 -34.52 -43.69
C ALA U 96 24.66 -34.27 -43.74
N GLN U 97 24.06 -33.98 -42.58
CA GLN U 97 22.62 -33.69 -42.52
C GLN U 97 22.26 -32.42 -43.30
N THR U 98 23.05 -31.35 -43.13
CA THR U 98 22.75 -30.10 -43.80
C THR U 98 22.84 -30.25 -45.31
N LEU U 99 23.96 -30.77 -45.80
CA LEU U 99 24.11 -30.92 -47.24
C LEU U 99 23.09 -31.88 -47.80
N GLY U 100 22.70 -32.89 -47.04
CA GLY U 100 21.59 -33.72 -47.48
C GLY U 100 20.33 -32.89 -47.70
N THR U 101 19.98 -32.04 -46.73
CA THR U 101 18.80 -31.22 -46.90
C THR U 101 18.94 -30.25 -48.08
N ILE U 102 20.04 -29.51 -48.15
CA ILE U 102 20.22 -28.58 -49.26
C ILE U 102 20.07 -29.31 -50.57
N PHE U 103 20.77 -30.44 -50.69
CA PHE U 103 20.79 -31.17 -51.95
C PHE U 103 19.41 -31.60 -52.35
N THR U 104 18.55 -31.88 -51.38
CA THR U 104 17.23 -32.40 -51.67
C THR U 104 16.17 -31.32 -51.82
N GLU U 105 16.31 -30.17 -51.17
CA GLU U 105 15.20 -29.25 -50.99
C GLU U 105 15.45 -27.84 -51.45
N GLN U 106 16.69 -27.41 -51.63
CA GLN U 106 16.91 -26.03 -52.01
C GLN U 106 16.74 -25.88 -53.52
N ALA U 107 16.58 -24.62 -53.95
CA ALA U 107 16.40 -24.33 -55.36
C ALA U 107 17.52 -24.92 -56.19
N LYS U 108 18.77 -24.79 -55.72
CA LYS U 108 19.92 -25.38 -56.38
C LYS U 108 20.80 -26.09 -55.36
N PRO U 109 21.32 -27.26 -55.68
CA PRO U 109 22.25 -27.91 -54.75
C PRO U 109 23.55 -27.12 -54.61
N TYR U 110 24.25 -27.38 -53.52
CA TYR U 110 25.51 -26.70 -53.30
C TYR U 110 26.61 -27.41 -54.08
N GLU U 111 27.36 -26.64 -54.87
CA GLU U 111 28.52 -27.16 -55.61
C GLU U 111 29.74 -27.17 -54.68
N VAL U 112 29.71 -28.02 -53.65
CA VAL U 112 30.79 -27.99 -52.67
C VAL U 112 31.16 -29.41 -52.25
N GLU U 113 32.39 -29.57 -51.77
CA GLU U 113 32.79 -30.79 -51.08
C GLU U 113 33.67 -30.41 -49.92
N LEU U 114 33.39 -31.06 -48.80
CA LEU U 114 33.83 -30.64 -47.49
C LEU U 114 34.74 -31.67 -46.87
N CYS U 115 35.68 -31.20 -46.07
CA CYS U 115 36.49 -32.06 -45.21
C CYS U 115 36.59 -31.45 -43.82
N VAL U 116 36.15 -32.21 -42.82
CA VAL U 116 36.30 -31.90 -41.41
C VAL U 116 37.38 -32.81 -40.82
N ALA U 117 38.34 -32.22 -40.13
CA ALA U 117 39.44 -32.96 -39.54
C ALA U 117 39.58 -32.64 -38.06
N GLU U 118 40.01 -33.65 -37.29
CA GLU U 118 40.24 -33.47 -35.86
C GLU U 118 41.54 -34.13 -35.44
N VAL U 119 42.34 -33.42 -34.65
CA VAL U 119 43.51 -33.99 -34.01
C VAL U 119 43.23 -34.08 -32.50
N ALA U 120 44.14 -34.74 -31.78
CA ALA U 120 43.97 -34.97 -30.34
C ALA U 120 44.15 -33.69 -29.53
N HIS U 121 43.62 -33.70 -28.30
CA HIS U 121 43.88 -32.59 -27.38
C HIS U 121 45.29 -32.68 -26.81
N TYR U 122 45.87 -31.53 -26.46
CA TYR U 122 47.26 -31.51 -26.00
C TYR U 122 47.41 -32.53 -24.89
N GLY U 123 48.43 -33.37 -24.98
CA GLY U 123 48.60 -34.34 -23.93
C GLY U 123 47.85 -35.65 -24.05
N GLU U 124 47.18 -35.93 -25.14
CA GLU U 124 46.60 -37.26 -25.25
C GLU U 124 46.90 -37.79 -26.65
N THR U 125 46.85 -39.11 -26.78
CA THR U 125 47.31 -39.81 -27.98
C THR U 125 46.13 -40.47 -28.69
N LYS U 126 45.66 -39.85 -29.78
CA LYS U 126 44.57 -40.37 -30.57
C LYS U 126 44.83 -39.99 -32.02
N ARG U 127 44.75 -40.98 -32.92
CA ARG U 127 45.12 -40.75 -34.31
C ARG U 127 44.24 -39.68 -34.92
N PRO U 128 44.79 -38.81 -35.77
CA PRO U 128 43.95 -37.79 -36.43
C PRO U 128 42.78 -38.46 -37.16
N GLU U 129 41.65 -37.75 -37.29
CA GLU U 129 40.47 -38.26 -38.00
C GLU U 129 40.15 -37.32 -39.15
N LEU U 130 39.99 -37.85 -40.37
CA LEU U 130 39.55 -36.92 -41.39
C LEU U 130 38.28 -37.42 -42.04
N TYR U 131 37.33 -36.51 -42.28
CA TYR U 131 36.01 -36.83 -42.83
C TYR U 131 35.75 -36.02 -44.07
N ARG U 132 35.28 -36.69 -45.12
CA ARG U 132 34.84 -36.03 -46.34
C ARG U 132 33.32 -36.13 -46.47
N ILE U 133 32.66 -34.97 -46.63
CA ILE U 133 31.21 -34.88 -46.84
C ILE U 133 30.98 -34.37 -48.24
N THR U 134 30.20 -35.09 -49.01
CA THR U 134 29.99 -34.72 -50.41
C THR U 134 28.67 -33.99 -50.58
N TYR U 135 28.45 -33.47 -51.79
CA TYR U 135 27.38 -32.50 -51.99
C TYR U 135 26.00 -33.05 -51.66
N ASP U 136 25.79 -34.36 -51.69
CA ASP U 136 24.46 -34.89 -51.38
C ASP U 136 24.36 -35.31 -49.92
N GLY U 137 25.38 -35.01 -49.10
CA GLY U 137 25.36 -35.37 -47.71
C GLY U 137 25.96 -36.71 -47.38
N SER U 138 26.54 -37.37 -48.36
CA SER U 138 27.25 -38.61 -48.09
C SER U 138 28.49 -38.27 -47.29
N ILE U 139 28.80 -39.12 -46.32
CA ILE U 139 29.89 -38.90 -45.38
C ILE U 139 30.83 -40.10 -45.39
N ALA U 140 32.13 -39.83 -45.34
CA ALA U 140 33.17 -40.86 -45.34
C ALA U 140 34.25 -40.51 -44.32
N ASP U 141 34.63 -41.48 -43.49
CA ASP U 141 35.75 -41.30 -42.57
C ASP U 141 36.98 -41.96 -43.18
N GLU U 142 38.03 -41.19 -43.33
CA GLU U 142 39.28 -41.60 -43.92
C GLU U 142 40.40 -41.48 -42.89
N PRO U 143 41.33 -42.43 -42.92
CA PRO U 143 42.44 -42.46 -41.96
C PRO U 143 43.69 -41.71 -42.41
N HIS U 144 43.90 -41.54 -43.72
CA HIS U 144 45.17 -41.01 -44.22
C HIS U 144 45.04 -39.69 -44.95
N PHE U 145 44.19 -39.62 -45.97
CA PHE U 145 44.10 -38.38 -46.74
C PHE U 145 42.77 -38.30 -47.44
N VAL U 146 42.45 -37.07 -47.84
CA VAL U 146 41.25 -36.72 -48.59
C VAL U 146 41.67 -35.78 -49.71
N VAL U 147 41.11 -35.99 -50.89
CA VAL U 147 41.34 -35.15 -52.05
C VAL U 147 39.99 -34.62 -52.50
N MET U 148 39.91 -33.33 -52.81
CA MET U 148 38.64 -32.73 -53.19
C MET U 148 38.84 -31.69 -54.28
N GLY U 149 37.89 -31.63 -55.22
CA GLY U 149 37.80 -30.56 -56.21
C GLY U 149 38.64 -30.82 -57.45
N GLY U 150 38.12 -30.35 -58.58
CA GLY U 150 38.82 -30.57 -59.84
C GLY U 150 38.93 -32.04 -60.19
N THR U 151 40.02 -32.40 -60.90
CA THR U 151 40.25 -33.77 -61.34
C THR U 151 41.01 -34.48 -60.25
N THR U 152 40.29 -35.27 -59.43
CA THR U 152 40.83 -35.83 -58.20
C THR U 152 41.68 -37.07 -58.39
N GLU U 153 41.61 -37.75 -59.55
CA GLU U 153 42.20 -39.09 -59.69
C GLU U 153 43.73 -39.06 -59.87
N PRO U 154 44.31 -38.18 -60.70
CA PRO U 154 45.78 -38.06 -60.69
C PRO U 154 46.34 -37.72 -59.31
N ILE U 155 45.66 -36.82 -58.58
CA ILE U 155 46.10 -36.41 -57.25
C ILE U 155 45.98 -37.55 -56.27
N ALA U 156 44.86 -38.26 -56.30
CA ALA U 156 44.64 -39.39 -55.42
C ALA U 156 45.64 -40.50 -55.69
N ASN U 157 45.97 -40.71 -56.96
CA ASN U 157 46.97 -41.70 -57.33
C ASN U 157 48.36 -41.28 -56.84
N ALA U 158 48.75 -40.03 -57.10
CA ALA U 158 50.04 -39.54 -56.61
C ALA U 158 50.18 -39.73 -55.11
N LEU U 159 49.10 -39.47 -54.35
CA LEU U 159 49.15 -39.69 -52.91
C LEU U 159 49.19 -41.18 -52.56
N LYS U 160 48.49 -42.03 -53.31
CA LYS U 160 48.53 -43.46 -53.03
C LYS U 160 49.90 -44.09 -53.29
N GLU U 161 50.66 -43.56 -54.24
CA GLU U 161 51.99 -44.09 -54.50
C GLU U 161 53.08 -43.39 -53.71
N SER U 162 52.78 -42.24 -53.08
CA SER U 162 53.81 -41.51 -52.34
C SER U 162 53.53 -41.34 -50.84
N TYR U 163 52.32 -41.68 -50.33
CA TYR U 163 51.98 -41.39 -48.93
C TYR U 163 52.49 -42.47 -47.99
N ALA U 164 53.13 -42.03 -46.91
CA ALA U 164 53.56 -42.87 -45.79
C ALA U 164 53.02 -42.29 -44.49
N GLU U 165 52.58 -43.19 -43.61
CA GLU U 165 52.02 -42.76 -42.34
C GLU U 165 53.07 -42.02 -41.52
N ASN U 166 52.59 -41.07 -40.72
CA ASN U 166 53.41 -40.37 -39.75
C ASN U 166 54.58 -39.65 -40.40
N ALA U 167 54.38 -39.09 -41.58
CA ALA U 167 55.49 -38.37 -42.19
C ALA U 167 55.73 -37.07 -41.43
N SER U 168 56.89 -36.48 -41.67
CA SER U 168 57.17 -35.21 -41.06
C SER U 168 56.41 -34.10 -41.81
N LEU U 169 56.38 -32.90 -41.21
CA LEU U 169 55.71 -31.77 -41.85
C LEU U 169 56.34 -31.44 -43.20
N THR U 170 57.68 -31.38 -43.25
CA THR U 170 58.35 -31.04 -44.52
C THR U 170 58.07 -32.10 -45.59
N ASP U 171 58.15 -33.37 -45.22
CA ASP U 171 57.92 -34.43 -46.18
C ASP U 171 56.48 -34.43 -46.66
N ALA U 172 55.52 -34.35 -45.73
CA ALA U 172 54.09 -34.38 -46.07
C ALA U 172 53.69 -33.19 -46.93
N LEU U 173 54.26 -32.01 -46.66
CA LEU U 173 53.99 -30.88 -47.54
C LEU U 173 54.54 -31.18 -48.92
N ARG U 174 55.74 -31.81 -48.99
CA ARG U 174 56.35 -32.10 -50.30
C ARG U 174 55.47 -33.06 -51.11
N ILE U 175 55.12 -34.21 -50.52
CA ILE U 175 54.26 -35.16 -51.21
C ILE U 175 52.92 -34.52 -51.59
N ALA U 176 52.37 -33.65 -50.73
CA ALA U 176 51.08 -33.04 -51.04
C ALA U 176 51.16 -32.07 -52.22
N VAL U 177 52.14 -31.16 -52.20
CA VAL U 177 52.28 -30.16 -53.27
C VAL U 177 52.65 -30.82 -54.59
N ALA U 178 53.48 -31.87 -54.53
CA ALA U 178 53.75 -32.66 -55.73
C ALA U 178 52.49 -33.31 -56.26
N ALA U 179 51.73 -33.96 -55.38
CA ALA U 179 50.51 -34.64 -55.80
C ALA U 179 49.50 -33.67 -56.38
N LEU U 180 49.45 -32.45 -55.84
CA LEU U 180 48.61 -31.42 -56.45
C LEU U 180 49.09 -31.05 -57.84
N ARG U 181 50.40 -30.77 -57.97
CA ARG U 181 50.96 -30.45 -59.29
C ARG U 181 50.66 -31.56 -60.30
N ALA U 182 50.59 -32.81 -59.86
CA ALA U 182 50.27 -33.87 -60.78
C ALA U 182 48.79 -33.86 -61.16
N GLY U 183 48.20 -32.68 -61.31
CA GLY U 183 46.79 -32.61 -61.64
C GLY U 183 46.42 -31.31 -62.34
N SER U 184 47.42 -30.67 -62.95
CA SER U 184 47.33 -29.40 -63.71
C SER U 184 46.48 -28.33 -63.01
N LEU U 195 54.91 -25.62 -56.27
CA LEU U 195 53.84 -24.88 -56.93
C LEU U 195 53.90 -23.40 -56.55
N GLY U 196 54.65 -23.10 -55.49
CA GLY U 196 54.93 -21.72 -55.14
C GLY U 196 53.99 -21.18 -54.07
N VAL U 197 54.51 -20.26 -53.27
CA VAL U 197 53.75 -19.67 -52.18
C VAL U 197 52.49 -18.97 -52.70
N ALA U 198 52.68 -17.93 -53.52
CA ALA U 198 51.60 -17.11 -54.05
C ALA U 198 50.40 -17.87 -54.62
N SER U 199 50.56 -19.15 -55.01
CA SER U 199 49.44 -19.93 -55.56
C SER U 199 48.94 -21.02 -54.62
N LEU U 200 49.44 -21.05 -53.38
CA LEU U 200 49.07 -22.06 -52.38
C LEU U 200 48.55 -21.43 -51.09
N GLU U 201 47.63 -22.15 -50.45
CA GLU U 201 47.14 -21.87 -49.12
C GLU U 201 47.40 -23.10 -48.25
N VAL U 202 48.13 -22.92 -47.14
CA VAL U 202 48.54 -24.06 -46.32
C VAL U 202 48.26 -23.79 -44.85
N ALA U 203 47.83 -24.83 -44.15
CA ALA U 203 47.56 -24.76 -42.72
C ALA U 203 47.59 -26.17 -42.12
N VAL U 204 47.84 -26.23 -40.82
CA VAL U 204 47.89 -27.49 -40.10
C VAL U 204 46.96 -27.39 -38.91
N LEU U 205 46.43 -28.55 -38.53
CA LEU U 205 45.96 -28.78 -37.17
C LEU U 205 47.12 -29.41 -36.43
N ASP U 206 47.76 -28.61 -35.57
CA ASP U 206 48.98 -28.98 -34.86
C ASP U 206 48.59 -29.53 -33.49
N ALA U 207 48.64 -30.86 -33.34
CA ALA U 207 48.26 -31.54 -32.10
C ALA U 207 49.17 -31.17 -30.94
N ASN U 208 50.22 -30.38 -31.17
CA ASN U 208 51.10 -30.01 -30.08
C ASN U 208 50.74 -28.68 -29.45
N ARG U 209 49.96 -27.83 -30.12
CA ARG U 209 49.57 -26.57 -29.52
C ARG U 209 48.64 -26.82 -28.34
N PRO U 210 48.72 -26.01 -27.27
CA PRO U 210 47.95 -26.34 -26.05
C PRO U 210 46.43 -26.28 -26.19
N ARG U 211 45.86 -25.27 -26.85
CA ARG U 211 44.41 -25.26 -27.00
C ARG U 211 44.00 -25.17 -28.47
N ARG U 212 44.25 -24.05 -29.15
CA ARG U 212 43.84 -23.89 -30.54
C ARG U 212 44.88 -24.52 -31.49
N ALA U 213 44.47 -25.58 -32.18
CA ALA U 213 45.38 -26.37 -33.01
C ALA U 213 45.59 -25.80 -34.41
N PHE U 214 44.72 -24.92 -34.88
CA PHE U 214 44.81 -24.41 -36.24
C PHE U 214 45.96 -23.41 -36.38
N ARG U 215 46.80 -23.62 -37.41
CA ARG U 215 47.99 -22.81 -37.70
C ARG U 215 48.08 -22.60 -39.20
N ARG U 216 48.28 -21.37 -39.66
CA ARG U 216 48.58 -21.09 -41.06
C ARG U 216 50.08 -20.98 -41.28
N ILE U 217 50.57 -21.46 -42.41
CA ILE U 217 51.99 -21.36 -42.76
C ILE U 217 52.12 -20.48 -43.99
N THR U 218 52.65 -19.25 -43.81
CA THR U 218 52.70 -18.26 -44.88
C THR U 218 54.10 -17.73 -45.16
N GLY U 219 54.26 -17.21 -46.38
CA GLY U 219 55.42 -16.45 -46.83
C GLY U 219 56.80 -17.04 -46.58
N SER U 220 57.62 -16.30 -45.83
CA SER U 220 59.00 -16.70 -45.59
C SER U 220 59.06 -18.08 -44.95
N ALA U 221 58.20 -18.34 -43.96
CA ALA U 221 58.16 -19.65 -43.30
C ALA U 221 57.75 -20.75 -44.28
N LEU U 222 56.70 -20.49 -45.06
CA LEU U 222 56.22 -21.50 -46.00
C LEU U 222 57.27 -21.87 -47.05
N GLN U 223 57.84 -20.86 -47.74
CA GLN U 223 58.90 -21.17 -48.71
C GLN U 223 60.11 -21.76 -48.04
N ALA U 224 60.46 -21.25 -46.85
CA ALA U 224 61.59 -21.80 -46.10
C ALA U 224 61.39 -23.28 -45.85
N LEU U 225 60.13 -23.71 -45.79
CA LEU U 225 59.78 -25.11 -45.67
C LEU U 225 59.84 -25.81 -47.05
N LEU U 226 59.89 -25.04 -48.15
CA LEU U 226 60.01 -25.56 -49.52
C LEU U 226 61.46 -25.57 -50.05
N VAL U 227 62.48 -25.65 -49.17
CA VAL U 227 63.90 -25.78 -49.59
C VAL U 227 64.64 -26.79 -48.71
N THR V 1 16.02 -30.66 5.50
CA THR V 1 16.81 -31.55 4.65
C THR V 1 18.30 -31.36 4.81
N THR V 2 19.04 -32.45 4.79
CA THR V 2 20.48 -32.30 4.63
C THR V 2 20.95 -33.36 3.65
N ILE V 3 21.77 -32.93 2.70
CA ILE V 3 22.47 -33.81 1.78
C ILE V 3 23.95 -33.55 1.96
N VAL V 4 24.74 -34.60 2.18
CA VAL V 4 26.19 -34.48 2.30
C VAL V 4 26.85 -35.28 1.19
N ALA V 5 28.05 -34.83 0.82
CA ALA V 5 28.90 -35.54 -0.14
C ALA V 5 30.34 -35.28 0.25
N LEU V 6 31.17 -36.31 0.18
CA LEU V 6 32.57 -36.14 0.54
C LEU V 6 33.40 -37.03 -0.38
N LYS V 7 34.64 -36.61 -0.64
CA LYS V 7 35.60 -37.42 -1.41
C LYS V 7 36.39 -38.37 -0.50
N TYR V 8 36.57 -39.60 -0.94
CA TYR V 8 37.48 -40.52 -0.27
C TYR V 8 38.44 -41.07 -1.32
N PRO V 9 39.58 -41.67 -0.90
CA PRO V 9 40.56 -42.14 -1.90
C PRO V 9 39.97 -43.06 -2.96
N GLY V 10 39.89 -42.58 -4.20
CA GLY V 10 39.38 -43.39 -5.27
C GLY V 10 37.88 -43.36 -5.46
N GLY V 11 37.16 -42.47 -4.76
CA GLY V 11 35.72 -42.42 -4.92
C GLY V 11 35.09 -41.22 -4.24
N VAL V 12 33.75 -41.22 -4.25
CA VAL V 12 32.95 -40.17 -3.64
C VAL V 12 31.74 -40.82 -2.99
N VAL V 13 31.23 -40.20 -1.92
CA VAL V 13 30.05 -40.73 -1.24
C VAL V 13 29.10 -39.57 -1.02
N MET V 14 27.80 -39.83 -1.21
CA MET V 14 26.75 -38.84 -1.05
C MET V 14 25.63 -39.50 -0.26
N ALA V 15 25.09 -38.79 0.74
CA ALA V 15 24.05 -39.36 1.59
C ALA V 15 23.04 -38.28 1.97
N GLY V 16 21.80 -38.69 2.17
CA GLY V 16 20.75 -37.74 2.51
C GLY V 16 19.75 -38.33 3.49
N ASP V 17 19.13 -37.45 4.25
CA ASP V 17 18.16 -37.82 5.27
C ASP V 17 16.81 -38.17 4.63
N ARG V 18 15.85 -38.58 5.45
CA ARG V 18 14.60 -39.13 4.92
C ARG V 18 13.38 -38.31 5.29
N ARG V 19 13.55 -37.10 5.83
CA ARG V 19 12.41 -36.39 6.40
C ARG V 19 11.79 -35.42 5.39
N SER V 20 10.48 -35.47 5.29
CA SER V 20 9.70 -34.50 4.51
C SER V 20 8.76 -33.75 5.45
N THR V 21 8.79 -32.41 5.39
CA THR V 21 8.02 -31.58 6.31
C THR V 21 7.19 -30.50 5.61
N GLN V 22 6.17 -30.05 6.34
CA GLN V 22 5.37 -28.86 5.98
C GLN V 22 5.34 -27.98 7.20
N GLY V 23 6.20 -26.95 7.24
CA GLY V 23 6.32 -26.15 8.42
C GLY V 23 6.95 -26.99 9.51
N ASN V 24 6.27 -27.11 10.64
CA ASN V 24 6.72 -28.00 11.69
C ASN V 24 6.17 -29.43 11.54
N MET V 25 5.22 -29.65 10.62
CA MET V 25 4.64 -30.98 10.51
C MET V 25 5.50 -31.95 9.69
N ILE V 26 5.65 -33.16 10.22
CA ILE V 26 6.32 -34.24 9.50
C ILE V 26 5.31 -34.88 8.55
N SER V 27 5.54 -34.72 7.25
CA SER V 27 4.72 -35.30 6.19
C SER V 27 5.37 -36.51 5.51
N GLY V 28 6.57 -36.90 5.94
CA GLY V 28 7.19 -38.10 5.41
C GLY V 28 8.40 -38.57 6.21
N ARG V 29 8.54 -39.88 6.41
CA ARG V 29 9.69 -40.44 7.12
C ARG V 29 10.58 -41.34 6.26
N ASP V 30 10.21 -41.56 5.00
CA ASP V 30 10.80 -42.54 4.10
C ASP V 30 11.31 -41.93 2.80
N VAL V 31 11.39 -40.60 2.71
CA VAL V 31 11.72 -39.91 1.47
C VAL V 31 13.12 -40.27 0.95
N ARG V 32 13.30 -40.24 -0.36
CA ARG V 32 14.63 -40.42 -0.96
C ARG V 32 15.06 -39.14 -1.64
N LYS V 33 16.21 -38.61 -1.24
CA LYS V 33 16.65 -37.33 -1.75
C LYS V 33 17.94 -37.43 -2.54
N VAL V 34 18.53 -38.62 -2.64
CA VAL V 34 19.76 -38.86 -3.37
C VAL V 34 19.45 -39.86 -4.49
N TYR V 35 19.79 -39.49 -5.71
CA TYR V 35 19.44 -40.23 -6.92
C TYR V 35 20.68 -40.51 -7.74
N ILE V 36 20.78 -41.73 -8.24
CA ILE V 36 21.80 -42.06 -9.22
C ILE V 36 21.32 -41.52 -10.56
N THR V 37 21.97 -40.49 -11.08
CA THR V 37 21.55 -39.92 -12.33
C THR V 37 22.30 -40.52 -13.53
N ASP V 38 23.46 -41.12 -13.30
CA ASP V 38 24.24 -41.68 -14.40
C ASP V 38 25.22 -42.69 -13.80
N ASP V 39 25.82 -43.52 -14.65
CA ASP V 39 26.69 -44.58 -14.13
C ASP V 39 27.84 -44.03 -13.27
N TYR V 40 28.21 -42.77 -13.45
CA TYR V 40 29.27 -42.20 -12.61
C TYR V 40 28.85 -40.93 -11.89
N THR V 41 27.56 -40.66 -11.77
CA THR V 41 27.14 -39.45 -11.07
C THR V 41 25.85 -39.68 -10.28
N ALA V 42 25.76 -39.03 -9.12
CA ALA V 42 24.55 -38.93 -8.32
C ALA V 42 24.29 -37.46 -7.99
N THR V 43 23.01 -37.10 -7.86
CA THR V 43 22.59 -35.78 -7.42
C THR V 43 21.60 -35.90 -6.28
N GLY V 44 21.79 -35.08 -5.26
CA GLY V 44 20.82 -34.92 -4.20
C GLY V 44 20.26 -33.51 -4.22
N ILE V 45 18.97 -33.36 -3.98
CA ILE V 45 18.35 -32.04 -4.04
C ILE V 45 17.61 -31.74 -2.75
N ALA V 46 17.65 -30.48 -2.34
CA ALA V 46 16.95 -29.95 -1.18
C ALA V 46 15.93 -28.92 -1.66
N GLY V 47 14.85 -28.75 -0.89
CA GLY V 47 13.89 -27.70 -1.21
C GLY V 47 12.51 -28.27 -1.45
N THR V 48 11.75 -27.60 -2.30
CA THR V 48 10.41 -28.07 -2.59
C THR V 48 10.45 -29.44 -3.22
N ALA V 49 9.72 -30.40 -2.66
CA ALA V 49 9.83 -31.78 -3.13
C ALA V 49 9.47 -31.91 -4.61
N ALA V 50 8.36 -31.32 -5.04
CA ALA V 50 7.92 -31.43 -6.43
C ALA V 50 9.02 -31.02 -7.40
N VAL V 51 9.61 -29.84 -7.16
CA VAL V 51 10.64 -29.33 -8.04
C VAL V 51 11.89 -30.19 -7.91
N ALA V 52 12.23 -30.61 -6.69
CA ALA V 52 13.44 -31.39 -6.49
C ALA V 52 13.37 -32.71 -7.26
N VAL V 53 12.28 -33.44 -7.12
CA VAL V 53 12.19 -34.71 -7.84
C VAL V 53 12.17 -34.47 -9.34
N GLU V 54 11.40 -33.45 -9.79
CA GLU V 54 11.38 -33.17 -11.23
C GLU V 54 12.78 -32.85 -11.77
N PHE V 55 13.57 -32.07 -11.01
CA PHE V 55 14.97 -31.81 -11.38
C PHE V 55 15.71 -33.11 -11.57
N ALA V 56 15.67 -33.99 -10.55
CA ALA V 56 16.45 -35.22 -10.62
C ALA V 56 16.09 -36.03 -11.86
N ARG V 57 14.79 -36.21 -12.08
CA ARG V 57 14.30 -37.02 -13.19
C ARG V 57 14.68 -36.40 -14.53
N LEU V 58 14.41 -35.09 -14.70
CA LEU V 58 14.69 -34.42 -15.96
C LEU V 58 16.19 -34.40 -16.27
N TYR V 59 17.01 -34.19 -15.24
CA TYR V 59 18.45 -34.18 -15.41
C TYR V 59 18.96 -35.53 -15.88
N ALA V 60 18.51 -36.61 -15.23
CA ALA V 60 18.92 -37.93 -15.70
C ALA V 60 18.50 -38.14 -17.16
N VAL V 61 17.28 -37.71 -17.51
CA VAL V 61 16.85 -37.84 -18.90
C VAL V 61 17.77 -37.07 -19.83
N GLU V 62 18.17 -35.87 -19.45
CA GLU V 62 19.03 -35.11 -20.34
C GLU V 62 20.38 -35.83 -20.54
N LEU V 63 20.99 -36.32 -19.46
CA LEU V 63 22.28 -36.98 -19.63
C LEU V 63 22.17 -38.17 -20.57
N GLU V 64 21.21 -39.05 -20.35
CA GLU V 64 21.12 -40.24 -21.21
C GLU V 64 20.71 -39.90 -22.65
N HIS V 65 19.92 -38.83 -22.80
CA HIS V 65 19.58 -38.32 -24.12
C HIS V 65 20.81 -37.91 -24.91
N TYR V 66 21.69 -37.11 -24.30
CA TYR V 66 22.93 -36.76 -24.99
C TYR V 66 23.75 -38.02 -25.28
N GLU V 67 23.83 -38.93 -24.32
CA GLU V 67 24.69 -40.08 -24.51
C GLU V 67 24.22 -40.92 -25.69
N LYS V 68 22.90 -41.12 -25.81
CA LYS V 68 22.43 -41.92 -26.93
C LYS V 68 22.49 -41.19 -28.25
N LEU V 69 22.24 -39.87 -28.26
CA LEU V 69 22.25 -39.11 -29.50
C LEU V 69 23.66 -39.02 -30.09
N GLU V 70 24.67 -38.85 -29.23
CA GLU V 70 26.00 -38.57 -29.73
C GLU V 70 26.95 -39.71 -29.49
N GLY V 71 26.45 -40.82 -28.95
CA GLY V 71 27.21 -42.04 -28.75
C GLY V 71 28.21 -42.03 -27.63
N VAL V 72 28.42 -40.89 -26.97
CA VAL V 72 29.40 -40.77 -25.89
C VAL V 72 28.80 -39.86 -24.83
N PRO V 73 29.02 -40.11 -23.54
CA PRO V 73 28.45 -39.22 -22.51
C PRO V 73 29.11 -37.85 -22.46
N LEU V 74 28.38 -36.94 -21.85
CA LEU V 74 28.91 -35.60 -21.64
C LEU V 74 30.14 -35.70 -20.75
N THR V 75 31.11 -34.82 -21.01
CA THR V 75 32.18 -34.56 -20.07
C THR V 75 31.64 -34.03 -18.76
N PHE V 76 32.42 -34.19 -17.70
CA PHE V 76 31.89 -33.80 -16.40
C PHE V 76 31.56 -32.31 -16.38
N ALA V 77 32.42 -31.49 -17.00
CA ALA V 77 32.12 -30.05 -17.13
C ALA V 77 30.77 -29.83 -17.81
N GLY V 78 30.47 -30.63 -18.84
CA GLY V 78 29.17 -30.53 -19.51
C GLY V 78 28.00 -30.85 -18.59
N LYS V 79 28.15 -31.88 -17.76
CA LYS V 79 27.08 -32.21 -16.81
C LYS V 79 26.86 -31.07 -15.80
N ILE V 80 27.94 -30.50 -15.29
CA ILE V 80 27.82 -29.37 -14.36
C ILE V 80 27.08 -28.23 -15.04
N ASN V 81 27.47 -27.90 -16.27
CA ASN V 81 26.85 -26.75 -16.93
C ASN V 81 25.38 -27.00 -17.17
N ARG V 82 25.00 -28.23 -17.53
CA ARG V 82 23.59 -28.44 -17.81
C ARG V 82 22.78 -28.34 -16.54
N LEU V 83 23.34 -28.84 -15.43
CA LEU V 83 22.63 -28.71 -14.16
C LEU V 83 22.47 -27.23 -13.78
N ALA V 84 23.55 -26.46 -13.90
CA ALA V 84 23.50 -25.02 -13.60
C ALA V 84 22.46 -24.33 -14.43
N ILE V 85 22.39 -24.68 -15.72
CA ILE V 85 21.40 -24.05 -16.58
C ILE V 85 20.01 -24.40 -16.08
N MET V 86 19.81 -25.62 -15.60
CA MET V 86 18.50 -26.00 -15.07
C MET V 86 18.12 -25.14 -13.87
N VAL V 87 19.05 -24.97 -12.91
CA VAL V 87 18.79 -24.15 -11.72
C VAL V 87 18.46 -22.72 -12.12
N ARG V 88 19.33 -22.09 -12.91
CA ARG V 88 19.05 -20.73 -13.32
C ARG V 88 17.70 -20.66 -14.02
N GLY V 89 17.39 -21.69 -14.81
CA GLY V 89 16.11 -21.73 -15.50
C GLY V 89 14.93 -21.65 -14.55
N ASN V 90 15.06 -22.21 -13.36
CA ASN V 90 13.99 -22.21 -12.38
C ASN V 90 14.02 -21.02 -11.41
N LEU V 91 14.94 -20.07 -11.60
CA LEU V 91 15.11 -19.03 -10.60
C LEU V 91 13.82 -18.24 -10.33
N ALA V 92 13.04 -17.95 -11.37
CA ALA V 92 11.81 -17.17 -11.21
C ALA V 92 10.80 -17.87 -10.31
N ALA V 93 10.52 -19.15 -10.60
CA ALA V 93 9.64 -19.93 -9.73
C ALA V 93 10.23 -20.08 -8.33
N ALA V 94 11.55 -20.18 -8.22
CA ALA V 94 12.16 -20.33 -6.90
C ALA V 94 11.91 -19.09 -6.06
N MET V 95 12.00 -17.90 -6.65
CA MET V 95 11.78 -16.71 -5.83
C MET V 95 10.34 -16.65 -5.31
N GLN V 96 9.39 -17.21 -6.04
CA GLN V 96 8.01 -17.29 -5.58
C GLN V 96 7.70 -18.58 -4.81
N GLY V 97 8.73 -19.24 -4.25
CA GLY V 97 8.53 -20.25 -3.23
C GLY V 97 8.81 -21.69 -3.63
N LEU V 98 9.07 -21.99 -4.90
CA LEU V 98 9.40 -23.35 -5.32
C LEU V 98 10.91 -23.54 -5.54
N LEU V 99 11.70 -23.34 -4.49
CA LEU V 99 13.15 -23.35 -4.62
C LEU V 99 13.68 -24.76 -4.43
N ALA V 100 14.70 -25.13 -5.22
CA ALA V 100 15.35 -26.44 -5.08
C ALA V 100 16.82 -26.30 -5.45
N LEU V 101 17.69 -26.63 -4.52
CA LEU V 101 19.13 -26.55 -4.74
C LEU V 101 19.70 -27.96 -4.80
N PRO V 102 20.45 -28.29 -5.85
CA PRO V 102 21.09 -29.61 -5.98
C PRO V 102 22.52 -29.62 -5.46
N LEU V 103 22.99 -30.83 -5.21
CA LEU V 103 24.38 -31.16 -4.91
C LEU V 103 24.77 -32.32 -5.81
N LEU V 104 25.90 -32.21 -6.51
CA LEU V 104 26.31 -33.19 -7.50
C LEU V 104 27.57 -33.89 -7.03
N ALA V 105 27.63 -35.21 -7.17
CA ALA V 105 28.83 -35.97 -6.85
C ALA V 105 29.09 -36.95 -7.97
N GLY V 106 30.34 -37.02 -8.45
CA GLY V 106 30.62 -37.89 -9.58
C GLY V 106 32.02 -38.46 -9.57
N TYR V 107 32.27 -39.40 -10.48
CA TYR V 107 33.60 -39.96 -10.69
C TYR V 107 33.99 -39.64 -12.12
N ASP V 108 35.00 -38.80 -12.29
CA ASP V 108 35.39 -38.32 -13.62
C ASP V 108 36.29 -39.35 -14.28
N ILE V 109 35.80 -39.95 -15.36
CA ILE V 109 36.53 -41.03 -16.01
C ILE V 109 37.77 -40.52 -16.72
N HIS V 110 37.73 -39.26 -17.19
CA HIS V 110 38.81 -38.65 -17.94
C HIS V 110 39.82 -37.97 -17.03
N ALA V 111 39.75 -38.20 -15.71
CA ALA V 111 40.76 -37.67 -14.83
C ALA V 111 42.01 -38.54 -14.94
N SER V 112 43.17 -37.90 -14.84
CA SER V 112 44.44 -38.62 -14.91
C SER V 112 44.74 -39.37 -13.62
N ASP V 113 44.42 -38.78 -12.47
CA ASP V 113 44.75 -39.40 -11.20
C ASP V 113 43.55 -40.19 -10.68
N PRO V 114 43.62 -41.52 -10.63
CA PRO V 114 42.48 -42.31 -10.14
C PRO V 114 42.11 -42.02 -8.71
N GLN V 115 42.94 -41.30 -7.96
CA GLN V 115 42.66 -41.08 -6.55
C GLN V 115 41.81 -39.84 -6.36
N SER V 116 42.14 -38.77 -7.06
CA SER V 116 41.38 -37.53 -6.99
C SER V 116 40.33 -37.43 -8.08
N ALA V 117 39.84 -38.57 -8.58
CA ALA V 117 38.86 -38.54 -9.65
C ALA V 117 37.45 -38.26 -9.16
N GLY V 118 37.22 -38.33 -7.86
CA GLY V 118 35.94 -37.95 -7.33
C GLY V 118 35.74 -36.46 -7.48
N ARG V 119 34.49 -36.07 -7.69
CA ARG V 119 34.13 -34.68 -7.90
C ARG V 119 32.90 -34.37 -7.05
N ILE V 120 32.92 -33.20 -6.43
CA ILE V 120 31.75 -32.71 -5.71
C ILE V 120 31.46 -31.28 -6.13
N VAL V 121 30.20 -31.02 -6.52
CA VAL V 121 29.78 -29.72 -7.02
C VAL V 121 28.60 -29.21 -6.21
N SER V 122 28.72 -27.99 -5.69
CA SER V 122 27.64 -27.31 -4.98
C SER V 122 27.13 -26.12 -5.80
N PHE V 123 25.86 -25.77 -5.57
CA PHE V 123 25.19 -24.78 -6.39
C PHE V 123 24.50 -23.78 -5.48
N ASP V 124 24.16 -22.64 -6.06
CA ASP V 124 23.31 -21.64 -5.41
C ASP V 124 22.05 -21.45 -6.24
N ALA V 125 21.13 -20.62 -5.73
CA ALA V 125 19.83 -20.44 -6.35
C ALA V 125 19.91 -19.80 -7.75
N ALA V 126 20.99 -19.09 -8.08
CA ALA V 126 21.20 -18.50 -9.41
C ALA V 126 21.87 -19.45 -10.38
N GLY V 127 22.24 -20.65 -9.92
CA GLY V 127 22.92 -21.65 -10.73
C GLY V 127 24.42 -21.50 -10.80
N GLY V 128 24.99 -20.56 -10.03
CA GLY V 128 26.39 -20.54 -9.69
C GLY V 128 26.85 -21.92 -9.28
N TRP V 129 28.08 -22.29 -9.60
CA TRP V 129 28.56 -23.59 -9.18
C TRP V 129 29.91 -23.47 -8.48
N ASN V 130 30.22 -24.55 -7.77
CA ASN V 130 31.49 -24.73 -7.08
C ASN V 130 31.93 -26.17 -7.21
N ILE V 131 33.08 -26.40 -7.81
CA ILE V 131 33.75 -27.70 -7.72
C ILE V 131 34.62 -27.61 -6.47
N GLU V 132 34.31 -28.45 -5.48
CA GLU V 132 34.92 -28.31 -4.16
C GLU V 132 36.28 -29.00 -4.10
N GLU V 133 37.31 -28.21 -3.80
CA GLU V 133 38.66 -28.73 -3.64
C GLU V 133 38.89 -29.35 -2.26
N GLU V 134 38.18 -28.87 -1.24
CA GLU V 134 38.50 -29.20 0.14
C GLU V 134 37.82 -30.50 0.64
N GLY V 135 37.26 -31.32 -0.24
CA GLY V 135 36.98 -32.68 0.15
C GLY V 135 35.54 -33.01 0.49
N TYR V 136 34.76 -32.04 0.97
CA TYR V 136 33.38 -32.34 1.36
C TYR V 136 32.50 -31.13 1.08
N GLN V 137 31.19 -31.36 1.04
CA GLN V 137 30.22 -30.28 0.84
C GLN V 137 28.83 -30.76 1.27
N ALA V 138 27.92 -29.81 1.51
CA ALA V 138 26.55 -30.17 1.89
C ALA V 138 25.57 -29.09 1.41
N VAL V 139 24.30 -29.47 1.40
CA VAL V 139 23.23 -28.55 1.02
C VAL V 139 22.01 -28.91 1.86
N GLY V 140 21.19 -27.91 2.13
CA GLY V 140 19.97 -28.08 2.90
C GLY V 140 20.02 -27.31 4.20
N SER V 141 18.91 -27.38 4.92
CA SER V 141 18.75 -26.59 6.14
C SER V 141 19.72 -26.99 7.24
N GLY V 142 20.28 -28.20 7.19
CA GLY V 142 21.32 -28.64 8.09
C GLY V 142 22.72 -28.59 7.50
N SER V 143 22.88 -27.98 6.34
CA SER V 143 24.14 -28.07 5.63
C SER V 143 25.28 -27.45 6.44
N LEU V 144 25.00 -26.42 7.23
CA LEU V 144 26.08 -25.79 7.97
C LEU V 144 26.49 -26.65 9.17
N PHE V 145 25.52 -27.27 9.84
CA PHE V 145 25.88 -28.22 10.89
C PHE V 145 26.68 -29.38 10.32
N ALA V 146 26.22 -29.95 9.20
CA ALA V 146 26.93 -31.07 8.58
C ALA V 146 28.34 -30.67 8.14
N LYS V 147 28.49 -29.49 7.53
CA LYS V 147 29.81 -29.05 7.11
C LYS V 147 30.72 -28.80 8.31
N SER V 148 30.19 -28.25 9.40
CA SER V 148 31.03 -27.99 10.55
C SER V 148 31.46 -29.27 11.24
N SER V 149 30.62 -30.32 11.17
CA SER V 149 30.99 -31.63 11.67
C SER V 149 32.08 -32.26 10.81
N MET V 150 31.90 -32.25 9.48
CA MET V 150 32.91 -32.81 8.60
C MET V 150 34.24 -32.07 8.71
N LYS V 151 34.21 -30.77 9.03
CA LYS V 151 35.44 -30.03 9.24
C LYS V 151 36.29 -30.71 10.31
N LYS V 152 35.65 -31.28 11.33
CA LYS V 152 36.39 -31.97 12.38
C LYS V 152 36.60 -33.44 12.08
N LEU V 153 35.71 -34.09 11.35
CA LEU V 153 35.84 -35.53 11.15
C LEU V 153 36.49 -35.94 9.83
N TYR V 154 36.85 -35.00 8.95
CA TYR V 154 37.20 -35.41 7.59
C TYR V 154 38.55 -36.10 7.53
N SER V 155 39.46 -35.72 8.43
CA SER V 155 40.80 -36.30 8.48
C SER V 155 40.78 -37.79 8.78
N GLN V 156 39.66 -38.33 9.25
CA GLN V 156 39.55 -39.74 9.56
C GLN V 156 39.12 -40.58 8.36
N VAL V 157 38.95 -39.97 7.21
CA VAL V 157 38.49 -40.68 6.02
C VAL V 157 39.70 -41.18 5.24
N THR V 158 39.84 -42.49 5.12
CA THR V 158 40.95 -43.07 4.38
C THR V 158 40.47 -44.05 3.32
N ASP V 159 39.21 -44.44 3.37
CA ASP V 159 38.66 -45.43 2.47
C ASP V 159 37.16 -45.20 2.34
N GLY V 160 36.49 -46.05 1.57
CA GLY V 160 35.06 -45.88 1.37
C GLY V 160 34.29 -46.04 2.66
N ASP V 161 34.73 -46.94 3.53
CA ASP V 161 34.00 -47.20 4.76
C ASP V 161 34.18 -46.05 5.75
N SER V 162 35.40 -45.54 5.94
CA SER V 162 35.55 -44.40 6.82
C SER V 162 34.77 -43.22 6.27
N GLY V 163 34.81 -43.05 4.94
CA GLY V 163 34.09 -41.93 4.33
C GLY V 163 32.60 -42.01 4.53
N LEU V 164 32.02 -43.19 4.33
CA LEU V 164 30.60 -43.39 4.58
C LEU V 164 30.27 -43.09 6.04
N ARG V 165 31.13 -43.52 6.96
CA ARG V 165 30.88 -43.24 8.38
C ARG V 165 30.86 -41.74 8.63
N VAL V 166 31.87 -41.02 8.13
CA VAL V 166 31.88 -39.57 8.38
C VAL V 166 30.65 -38.91 7.80
N ALA V 167 30.18 -39.38 6.64
CA ALA V 167 28.95 -38.84 6.05
C ALA V 167 27.77 -39.04 6.99
N VAL V 168 27.55 -40.28 7.42
CA VAL V 168 26.45 -40.59 8.34
C VAL V 168 26.57 -39.82 9.64
N GLU V 169 27.80 -39.60 10.14
CA GLU V 169 27.89 -38.85 11.37
C GLU V 169 27.54 -37.40 11.15
N ALA V 170 27.90 -36.84 9.97
CA ALA V 170 27.50 -35.48 9.63
C ALA V 170 25.99 -35.35 9.53
N LEU V 171 25.31 -36.33 8.92
CA LEU V 171 23.86 -36.28 8.94
C LEU V 171 23.31 -36.41 10.36
N TYR V 172 23.98 -37.18 11.21
CA TYR V 172 23.48 -37.30 12.57
C TYR V 172 23.53 -35.96 13.27
N ASP V 173 24.65 -35.24 13.13
CA ASP V 173 24.76 -33.91 13.70
C ASP V 173 23.76 -32.96 13.08
N ALA V 174 23.56 -33.06 11.77
CA ALA V 174 22.57 -32.23 11.10
C ALA V 174 21.20 -32.39 11.74
N ALA V 175 20.73 -33.63 11.86
CA ALA V 175 19.42 -33.84 12.48
C ALA V 175 19.43 -33.47 13.96
N ASP V 176 20.58 -33.56 14.60
CA ASP V 176 20.64 -33.25 16.01
C ASP V 176 20.41 -31.77 16.25
N ASP V 177 20.77 -30.92 15.29
CA ASP V 177 20.62 -29.48 15.48
C ASP V 177 19.57 -28.83 14.56
N ASP V 178 18.99 -29.57 13.62
CA ASP V 178 18.02 -29.04 12.64
C ASP V 178 16.78 -29.90 12.62
N SER V 179 15.62 -29.31 12.93
CA SER V 179 14.40 -30.12 13.01
C SER V 179 13.87 -30.56 11.65
N ALA V 180 14.22 -29.88 10.57
CA ALA V 180 13.76 -30.30 9.25
C ALA V 180 14.57 -31.46 8.69
N THR V 181 15.68 -31.85 9.34
CA THR V 181 16.46 -33.00 8.92
C THR V 181 16.18 -34.19 9.83
N GLY V 182 15.89 -35.33 9.23
CA GLY V 182 15.52 -36.51 9.97
C GLY V 182 16.74 -37.32 10.29
N GLY V 183 16.89 -37.68 11.56
CA GLY V 183 17.94 -38.57 11.98
C GLY V 183 17.58 -40.02 11.78
N PRO V 184 18.49 -40.91 12.18
CA PRO V 184 18.27 -42.35 12.03
C PRO V 184 17.17 -42.81 12.98
N ASP V 185 16.16 -43.47 12.43
CA ASP V 185 14.99 -43.92 13.18
C ASP V 185 15.17 -45.40 13.52
N LEU V 186 15.63 -45.70 14.73
CA LEU V 186 15.87 -47.10 15.09
C LEU V 186 14.60 -47.85 15.47
N VAL V 187 13.47 -47.18 15.69
CA VAL V 187 12.24 -47.91 15.96
C VAL V 187 11.65 -48.50 14.70
N ARG V 188 11.65 -47.76 13.61
CA ARG V 188 11.15 -48.25 12.34
C ARG V 188 12.23 -48.84 11.44
N GLY V 189 13.50 -48.67 11.80
CA GLY V 189 14.58 -49.12 10.94
C GLY V 189 14.75 -48.35 9.67
N ILE V 190 14.62 -47.02 9.73
CA ILE V 190 14.78 -46.13 8.58
C ILE V 190 16.06 -45.34 8.78
N PHE V 191 16.93 -45.37 7.79
CA PHE V 191 18.23 -44.73 7.91
C PHE V 191 18.47 -43.84 6.71
N PRO V 192 19.47 -42.96 6.78
CA PRO V 192 19.77 -42.15 5.60
C PRO V 192 20.03 -43.04 4.38
N THR V 193 19.81 -42.48 3.21
CA THR V 193 20.17 -43.17 1.98
C THR V 193 21.53 -42.68 1.54
N ALA V 194 22.28 -43.56 0.90
CA ALA V 194 23.59 -43.17 0.43
C ALA V 194 23.92 -43.85 -0.89
N VAL V 195 24.70 -43.16 -1.70
CA VAL V 195 25.26 -43.67 -2.95
C VAL V 195 26.77 -43.52 -2.87
N ILE V 196 27.48 -44.58 -3.25
CA ILE V 196 28.94 -44.55 -3.35
C ILE V 196 29.29 -44.69 -4.83
N ILE V 197 30.34 -43.97 -5.26
CA ILE V 197 30.78 -43.99 -6.67
C ILE V 197 32.29 -44.15 -6.74
N ASP V 198 32.74 -45.20 -7.43
CA ASP V 198 34.18 -45.42 -7.64
C ASP V 198 34.41 -45.77 -9.10
N ALA V 199 35.60 -46.29 -9.43
CA ALA V 199 35.89 -46.63 -10.82
C ALA V 199 34.94 -47.67 -11.39
N ASP V 200 34.36 -48.52 -10.53
CA ASP V 200 33.41 -49.54 -10.97
C ASP V 200 31.99 -49.01 -11.17
N GLY V 201 31.75 -47.73 -10.94
CA GLY V 201 30.45 -47.14 -11.20
C GLY V 201 29.79 -46.66 -9.94
N ALA V 202 28.50 -46.35 -10.06
CA ALA V 202 27.71 -45.80 -8.97
C ALA V 202 26.79 -46.88 -8.43
N VAL V 203 26.85 -47.11 -7.13
CA VAL V 203 25.96 -48.11 -6.54
C VAL V 203 25.29 -47.52 -5.31
N ASP V 204 24.06 -47.94 -5.08
CA ASP V 204 23.34 -47.60 -3.87
C ASP V 204 23.86 -48.44 -2.72
N VAL V 205 24.16 -47.80 -1.59
CA VAL V 205 24.69 -48.47 -0.40
C VAL V 205 23.56 -49.25 0.27
N PRO V 206 23.76 -50.53 0.61
CA PRO V 206 22.73 -51.27 1.34
C PRO V 206 22.48 -50.67 2.72
N GLU V 207 21.20 -50.59 3.11
CA GLU V 207 20.89 -49.91 4.36
C GLU V 207 21.37 -50.67 5.59
N SER V 208 21.59 -51.99 5.48
CA SER V 208 22.16 -52.67 6.63
C SER V 208 23.46 -52.03 7.06
N ARG V 209 24.28 -51.60 6.11
CA ARG V 209 25.56 -50.99 6.48
C ARG V 209 25.35 -49.63 7.16
N ILE V 210 24.43 -48.82 6.62
CA ILE V 210 24.19 -47.51 7.23
C ILE V 210 23.62 -47.68 8.63
N ALA V 211 22.76 -48.68 8.84
CA ALA V 211 22.24 -48.95 10.18
C ALA V 211 23.36 -49.35 11.14
N GLU V 212 24.30 -50.19 10.69
CA GLU V 212 25.43 -50.54 11.56
C GLU V 212 26.19 -49.30 11.97
N LEU V 213 26.49 -48.45 11.00
CA LEU V 213 27.19 -47.20 11.27
C LEU V 213 26.39 -46.32 12.23
N ALA V 214 25.08 -46.27 12.05
CA ALA V 214 24.21 -45.49 12.93
C ALA V 214 24.32 -45.96 14.37
N ARG V 215 24.16 -47.26 14.60
CA ARG V 215 24.30 -47.77 15.96
C ARG V 215 25.67 -47.47 16.53
N ALA V 216 26.74 -47.64 15.73
CA ALA V 216 28.07 -47.33 16.23
C ALA V 216 28.16 -45.89 16.71
N ILE V 217 27.59 -44.96 15.92
CA ILE V 217 27.67 -43.54 16.28
C ILE V 217 26.87 -43.27 17.56
N ILE V 218 25.65 -43.80 17.61
CA ILE V 218 24.81 -43.59 18.79
C ILE V 218 25.49 -44.12 20.04
N GLU V 219 26.19 -45.24 19.92
CA GLU V 219 26.83 -45.79 21.12
C GLU V 219 28.08 -45.01 21.48
N SER V 220 28.86 -44.58 20.48
CA SER V 220 30.02 -43.75 20.78
C SER V 220 29.59 -42.46 21.46
N ARG V 221 28.33 -42.04 21.31
CA ARG V 221 27.86 -40.85 22.00
C ARG V 221 27.07 -41.13 23.28
N SER V 222 26.72 -42.39 23.56
CA SER V 222 26.07 -42.73 24.82
C SER V 222 27.05 -42.87 25.97
N GLY V 223 28.32 -43.18 25.68
CA GLY V 223 29.29 -43.49 26.71
C GLY V 223 29.48 -44.99 26.82
N THR W 1 -14.01 -32.24 4.60
CA THR W 1 -13.64 -33.45 3.85
C THR W 1 -12.56 -34.24 4.55
N THR W 2 -12.73 -35.56 4.52
CA THR W 2 -11.66 -36.49 4.85
C THR W 2 -11.72 -37.66 3.90
N ILE W 3 -10.57 -38.01 3.31
CA ILE W 3 -10.40 -39.21 2.50
C ILE W 3 -9.28 -40.01 3.13
N VAL W 4 -9.53 -41.29 3.39
CA VAL W 4 -8.50 -42.16 3.93
C VAL W 4 -8.19 -43.28 2.94
N ALA W 5 -6.96 -43.79 3.01
CA ALA W 5 -6.61 -44.96 2.23
C ALA W 5 -5.60 -45.78 3.02
N LEU W 6 -5.75 -47.11 2.97
CA LEU W 6 -4.78 -47.94 3.66
C LEU W 6 -4.56 -49.26 2.94
N LYS W 7 -3.31 -49.76 3.03
CA LYS W 7 -2.90 -51.04 2.49
C LYS W 7 -3.19 -52.16 3.48
N TYR W 8 -3.67 -53.27 2.96
CA TYR W 8 -3.75 -54.48 3.74
C TYR W 8 -3.13 -55.60 2.93
N PRO W 9 -2.78 -56.73 3.58
CA PRO W 9 -2.18 -57.85 2.84
C PRO W 9 -3.03 -58.20 1.63
N GLY W 10 -2.49 -57.93 0.44
CA GLY W 10 -3.16 -58.31 -0.78
C GLY W 10 -4.12 -57.30 -1.36
N GLY W 11 -4.15 -56.07 -0.87
CA GLY W 11 -5.05 -55.07 -1.43
C GLY W 11 -4.92 -53.71 -0.77
N VAL W 12 -5.80 -52.80 -1.20
CA VAL W 12 -5.84 -51.44 -0.68
C VAL W 12 -7.30 -51.01 -0.58
N VAL W 13 -7.60 -50.14 0.39
CA VAL W 13 -8.97 -49.64 0.60
C VAL W 13 -8.93 -48.12 0.65
N MET W 14 -9.94 -47.48 0.08
CA MET W 14 -10.04 -46.03 0.15
C MET W 14 -11.48 -45.67 0.52
N ALA W 15 -11.65 -44.70 1.42
CA ALA W 15 -13.00 -44.33 1.87
C ALA W 15 -13.10 -42.82 2.07
N GLY W 16 -14.29 -42.29 1.85
CA GLY W 16 -14.49 -40.86 1.95
C GLY W 16 -15.86 -40.48 2.48
N ASP W 17 -15.93 -39.30 3.10
CA ASP W 17 -17.17 -38.79 3.70
C ASP W 17 -18.06 -38.16 2.63
N ARG W 18 -19.24 -37.72 3.07
CA ARG W 18 -20.28 -37.28 2.16
C ARG W 18 -20.71 -35.83 2.35
N ARG W 19 -20.00 -35.03 3.15
CA ARG W 19 -20.50 -33.70 3.45
C ARG W 19 -19.92 -32.68 2.48
N SER W 20 -20.79 -31.81 1.96
CA SER W 20 -20.38 -30.68 1.13
C SER W 20 -20.75 -29.39 1.85
N THR W 21 -19.82 -28.44 1.92
CA THR W 21 -19.99 -27.23 2.71
C THR W 21 -19.77 -25.97 1.89
N GLN W 22 -20.36 -24.88 2.35
CA GLN W 22 -20.02 -23.51 1.90
C GLN W 22 -19.83 -22.72 3.17
N GLY W 23 -18.59 -22.62 3.60
CA GLY W 23 -18.31 -22.05 4.89
C GLY W 23 -18.79 -23.00 5.94
N ASN W 24 -19.60 -22.49 6.87
CA ASN W 24 -20.18 -23.38 7.86
C ASN W 24 -21.51 -23.95 7.39
N MET W 25 -22.05 -23.48 6.28
CA MET W 25 -23.32 -24.00 5.84
C MET W 25 -23.15 -25.34 5.12
N ILE W 26 -24.00 -26.31 5.48
CA ILE W 26 -23.98 -27.59 4.81
C ILE W 26 -24.80 -27.46 3.52
N SER W 27 -24.11 -27.61 2.39
CA SER W 27 -24.66 -27.56 1.04
C SER W 27 -24.82 -28.93 0.42
N GLY W 28 -24.42 -29.99 1.12
CA GLY W 28 -24.62 -31.34 0.64
C GLY W 28 -24.43 -32.45 1.67
N ARG W 29 -25.17 -33.54 1.53
CA ARG W 29 -25.08 -34.61 2.49
C ARG W 29 -24.66 -35.93 1.90
N ASP W 30 -24.64 -36.05 0.59
CA ASP W 30 -24.48 -37.37 -0.03
C ASP W 30 -23.48 -37.37 -1.17
N VAL W 31 -22.64 -36.34 -1.30
CA VAL W 31 -21.75 -36.25 -2.42
C VAL W 31 -20.76 -37.42 -2.40
N ARG W 32 -20.21 -37.74 -3.56
CA ARG W 32 -19.21 -38.79 -3.69
C ARG W 32 -17.85 -38.16 -3.87
N LYS W 33 -16.88 -38.51 -3.02
CA LYS W 33 -15.55 -37.95 -3.13
C LYS W 33 -14.48 -38.96 -3.52
N VAL W 34 -14.83 -40.24 -3.71
CA VAL W 34 -13.93 -41.30 -4.12
C VAL W 34 -14.49 -41.95 -5.38
N TYR W 35 -13.65 -42.05 -6.40
CA TYR W 35 -14.09 -42.56 -7.69
C TYR W 35 -13.17 -43.68 -8.12
N ILE W 36 -13.78 -44.73 -8.69
CA ILE W 36 -12.98 -45.73 -9.40
C ILE W 36 -12.56 -45.08 -10.71
N THR W 37 -11.26 -44.83 -10.86
CA THR W 37 -10.77 -44.17 -12.06
C THR W 37 -10.32 -45.15 -13.14
N ASP W 38 -10.07 -46.39 -12.76
CA ASP W 38 -9.50 -47.38 -13.67
C ASP W 38 -9.69 -48.75 -13.04
N ASP W 39 -9.52 -49.81 -13.84
CA ASP W 39 -9.78 -51.18 -13.37
C ASP W 39 -9.02 -51.53 -12.08
N TYR W 40 -7.88 -50.88 -11.82
CA TYR W 40 -7.09 -51.13 -10.62
C TYR W 40 -6.76 -49.87 -9.86
N THR W 41 -7.44 -48.76 -10.12
CA THR W 41 -7.09 -47.61 -9.33
C THR W 41 -8.33 -46.78 -9.04
N ALA W 42 -8.30 -46.15 -7.87
CA ALA W 42 -9.29 -45.17 -7.45
C ALA W 42 -8.62 -43.89 -6.94
N THR W 43 -9.32 -42.76 -7.10
CA THR W 43 -8.86 -41.45 -6.63
C THR W 43 -9.92 -40.79 -5.76
N GLY W 44 -9.51 -40.30 -4.60
CA GLY W 44 -10.36 -39.47 -3.76
C GLY W 44 -9.73 -38.09 -3.71
N ILE W 45 -10.55 -37.05 -3.85
CA ILE W 45 -10.03 -35.70 -3.95
C ILE W 45 -10.69 -34.81 -2.89
N ALA W 46 -9.89 -33.89 -2.33
CA ALA W 46 -10.36 -32.91 -1.36
C ALA W 46 -10.20 -31.49 -1.90
N GLY W 47 -11.09 -30.58 -1.48
CA GLY W 47 -11.00 -29.21 -1.88
C GLY W 47 -12.27 -28.72 -2.57
N THR W 48 -12.09 -27.77 -3.49
CA THR W 48 -13.21 -27.20 -4.24
C THR W 48 -13.89 -28.25 -5.10
N ALA W 49 -15.20 -28.38 -4.92
CA ALA W 49 -15.95 -29.48 -5.52
C ALA W 49 -15.80 -29.49 -7.05
N ALA W 50 -15.99 -28.33 -7.69
CA ALA W 50 -15.87 -28.26 -9.16
C ALA W 50 -14.53 -28.83 -9.64
N VAL W 51 -13.44 -28.37 -9.02
CA VAL W 51 -12.11 -28.78 -9.43
C VAL W 51 -11.86 -30.25 -9.07
N ALA W 52 -12.35 -30.71 -7.92
CA ALA W 52 -12.14 -32.12 -7.56
C ALA W 52 -12.81 -33.07 -8.56
N VAL W 53 -14.07 -32.81 -8.91
CA VAL W 53 -14.76 -33.68 -9.87
C VAL W 53 -14.14 -33.59 -11.25
N GLU W 54 -13.78 -32.39 -11.68
CA GLU W 54 -13.13 -32.29 -12.98
C GLU W 54 -11.81 -33.09 -12.99
N PHE W 55 -11.03 -32.99 -11.90
CA PHE W 55 -9.80 -33.80 -11.80
C PHE W 55 -10.12 -35.28 -11.96
N ALA W 56 -11.06 -35.79 -11.17
CA ALA W 56 -11.36 -37.22 -11.20
C ALA W 56 -11.77 -37.67 -12.59
N ARG W 57 -12.68 -36.93 -13.20
CA ARG W 57 -13.21 -37.28 -14.50
C ARG W 57 -12.14 -37.24 -15.58
N LEU W 58 -11.44 -36.11 -15.67
CA LEU W 58 -10.44 -35.95 -16.72
C LEU W 58 -9.30 -36.94 -16.55
N TYR W 59 -8.91 -37.21 -15.30
CA TYR W 59 -7.86 -38.18 -15.03
C TYR W 59 -8.26 -39.56 -15.53
N ALA W 60 -9.49 -39.98 -15.23
CA ALA W 60 -9.96 -41.27 -15.73
C ALA W 60 -9.94 -41.29 -17.26
N VAL W 61 -10.44 -40.23 -17.89
CA VAL W 61 -10.45 -40.16 -19.35
C VAL W 61 -9.04 -40.25 -19.92
N GLU W 62 -8.06 -39.63 -19.25
CA GLU W 62 -6.68 -39.72 -19.73
C GLU W 62 -6.15 -41.15 -19.65
N LEU W 63 -6.39 -41.84 -18.52
CA LEU W 63 -5.87 -43.21 -18.41
C LEU W 63 -6.48 -44.12 -19.47
N GLU W 64 -7.80 -44.00 -19.70
CA GLU W 64 -8.43 -44.85 -20.70
C GLU W 64 -8.01 -44.47 -22.11
N HIS W 65 -7.83 -43.18 -22.36
CA HIS W 65 -7.26 -42.71 -23.61
C HIS W 65 -5.94 -43.39 -23.90
N TYR W 66 -5.01 -43.36 -22.94
CA TYR W 66 -3.73 -44.03 -23.19
C TYR W 66 -3.94 -45.50 -23.49
N GLU W 67 -4.82 -46.18 -22.73
CA GLU W 67 -5.01 -47.61 -22.93
C GLU W 67 -5.56 -47.93 -24.32
N LYS W 68 -6.51 -47.13 -24.80
CA LYS W 68 -7.03 -47.38 -26.14
C LYS W 68 -6.05 -46.98 -27.23
N LEU W 69 -5.20 -45.99 -26.98
CA LEU W 69 -4.24 -45.60 -28.00
C LEU W 69 -3.15 -46.65 -28.16
N GLU W 70 -2.64 -47.20 -27.06
CA GLU W 70 -1.45 -48.02 -27.14
C GLU W 70 -1.70 -49.47 -26.82
N GLY W 71 -2.97 -49.86 -26.64
CA GLY W 71 -3.37 -51.25 -26.40
C GLY W 71 -3.06 -51.83 -25.04
N VAL W 72 -2.39 -51.07 -24.17
CA VAL W 72 -2.00 -51.52 -22.83
C VAL W 72 -2.24 -50.38 -21.86
N PRO W 73 -2.61 -50.68 -20.61
CA PRO W 73 -2.76 -49.61 -19.63
C PRO W 73 -1.40 -49.07 -19.19
N LEU W 74 -1.43 -47.86 -18.64
CA LEU W 74 -0.22 -47.25 -18.13
C LEU W 74 0.32 -48.03 -16.94
N THR W 75 1.64 -48.05 -16.79
CA THR W 75 2.23 -48.53 -15.53
C THR W 75 1.79 -47.65 -14.38
N PHE W 76 1.85 -48.20 -13.17
CA PHE W 76 1.41 -47.40 -12.03
C PHE W 76 2.25 -46.12 -11.89
N ALA W 77 3.57 -46.21 -12.09
CA ALA W 77 4.37 -44.99 -12.08
C ALA W 77 3.83 -43.97 -13.10
N GLY W 78 3.42 -44.45 -14.27
CA GLY W 78 2.87 -43.53 -15.26
C GLY W 78 1.61 -42.84 -14.78
N LYS W 79 0.75 -43.57 -14.09
CA LYS W 79 -0.43 -42.93 -13.51
C LYS W 79 -0.02 -41.90 -12.48
N ILE W 80 0.92 -42.24 -11.60
CA ILE W 80 1.40 -41.26 -10.63
C ILE W 80 1.87 -39.99 -11.34
N ASN W 81 2.69 -40.19 -12.38
CA ASN W 81 3.27 -39.04 -13.05
C ASN W 81 2.18 -38.17 -13.69
N ARG W 82 1.16 -38.79 -14.29
CA ARG W 82 0.15 -37.98 -14.96
C ARG W 82 -0.72 -37.23 -13.97
N LEU W 83 -1.05 -37.87 -12.85
CA LEU W 83 -1.83 -37.16 -11.83
C LEU W 83 -1.05 -35.98 -11.28
N ALA W 84 0.23 -36.21 -10.98
CA ALA W 84 1.10 -35.15 -10.48
C ALA W 84 1.18 -33.99 -11.45
N ILE W 85 1.37 -34.28 -12.74
CA ILE W 85 1.46 -33.23 -13.76
C ILE W 85 0.17 -32.44 -13.84
N MET W 86 -0.98 -33.11 -13.69
CA MET W 86 -2.26 -32.40 -13.67
C MET W 86 -2.33 -31.44 -12.47
N VAL W 87 -1.94 -31.91 -11.28
CA VAL W 87 -1.97 -31.05 -10.09
C VAL W 87 -1.06 -29.83 -10.25
N ARG W 88 0.21 -30.09 -10.60
CA ARG W 88 1.14 -28.99 -10.87
C ARG W 88 0.51 -28.02 -11.84
N GLY W 89 -0.22 -28.55 -12.83
CA GLY W 89 -0.86 -27.72 -13.83
C GLY W 89 -1.92 -26.81 -13.24
N ASN W 90 -2.60 -27.27 -12.20
CA ASN W 90 -3.64 -26.47 -11.58
C ASN W 90 -3.11 -25.52 -10.50
N LEU W 91 -1.79 -25.45 -10.29
CA LEU W 91 -1.28 -24.74 -9.12
C LEU W 91 -1.72 -23.26 -9.06
N ALA W 92 -1.68 -22.53 -10.18
CA ALA W 92 -2.05 -21.11 -10.13
C ALA W 92 -3.50 -20.93 -9.68
N ALA W 93 -4.40 -21.70 -10.28
CA ALA W 93 -5.79 -21.66 -9.86
C ALA W 93 -5.92 -22.03 -8.39
N ALA W 94 -5.11 -22.98 -7.92
CA ALA W 94 -5.19 -23.38 -6.53
C ALA W 94 -4.84 -22.25 -5.58
N MET W 95 -3.77 -21.49 -5.88
CA MET W 95 -3.35 -20.40 -5.00
C MET W 95 -4.38 -19.29 -4.95
N GLN W 96 -5.22 -19.17 -5.99
CA GLN W 96 -6.32 -18.23 -6.05
C GLN W 96 -7.62 -18.77 -5.43
N GLY W 97 -7.59 -19.94 -4.78
CA GLY W 97 -8.74 -20.48 -4.08
C GLY W 97 -9.41 -21.71 -4.67
N LEU W 98 -9.06 -22.16 -5.87
CA LEU W 98 -9.68 -23.35 -6.45
C LEU W 98 -8.80 -24.59 -6.23
N LEU W 99 -8.55 -24.92 -4.97
CA LEU W 99 -7.58 -25.95 -4.64
C LEU W 99 -8.23 -27.32 -4.68
N ALA W 100 -7.50 -28.29 -5.19
CA ALA W 100 -7.97 -29.68 -5.19
C ALA W 100 -6.79 -30.62 -5.03
N LEU W 101 -6.72 -31.39 -3.92
CA LEU W 101 -5.65 -32.37 -3.66
C LEU W 101 -6.13 -33.81 -3.79
N PRO W 102 -5.45 -34.63 -4.63
CA PRO W 102 -5.88 -36.03 -4.76
C PRO W 102 -5.08 -36.96 -3.86
N LEU W 103 -5.72 -38.10 -3.62
CA LEU W 103 -5.17 -39.24 -2.93
C LEU W 103 -5.47 -40.42 -3.83
N LEU W 104 -4.42 -41.17 -4.14
CA LEU W 104 -4.44 -42.21 -5.14
C LEU W 104 -4.24 -43.56 -4.47
N ALA W 105 -5.09 -44.53 -4.80
CA ALA W 105 -4.98 -45.89 -4.30
C ALA W 105 -5.09 -46.88 -5.45
N GLY W 106 -4.16 -47.83 -5.53
CA GLY W 106 -4.21 -48.77 -6.63
C GLY W 106 -3.60 -50.11 -6.27
N TYR W 107 -3.78 -51.05 -7.18
CA TYR W 107 -3.18 -52.38 -7.08
C TYR W 107 -2.30 -52.60 -8.30
N ASP W 108 -0.99 -52.79 -8.09
CA ASP W 108 -0.01 -52.91 -9.19
C ASP W 108 0.04 -54.35 -9.68
N ILE W 109 -0.62 -54.60 -10.81
CA ILE W 109 -0.56 -55.92 -11.42
C ILE W 109 0.86 -56.34 -11.74
N HIS W 110 1.75 -55.39 -12.05
CA HIS W 110 3.10 -55.70 -12.49
C HIS W 110 4.12 -55.71 -11.37
N ALA W 111 3.69 -55.75 -10.11
CA ALA W 111 4.64 -55.86 -9.03
C ALA W 111 5.08 -57.31 -8.87
N SER W 112 6.27 -57.50 -8.28
CA SER W 112 6.80 -58.85 -8.15
C SER W 112 5.98 -59.67 -7.13
N ASP W 113 5.73 -59.13 -5.93
CA ASP W 113 5.01 -59.84 -4.87
C ASP W 113 3.56 -59.37 -4.79
N PRO W 114 2.58 -60.21 -5.13
CA PRO W 114 1.16 -59.77 -5.10
C PRO W 114 0.62 -59.38 -3.72
N GLN W 115 1.26 -59.79 -2.63
CA GLN W 115 0.78 -59.40 -1.32
C GLN W 115 1.26 -58.02 -0.90
N SER W 116 2.28 -57.47 -1.57
CA SER W 116 2.72 -56.10 -1.39
C SER W 116 2.37 -55.22 -2.59
N ALA W 117 1.40 -55.63 -3.39
CA ALA W 117 1.03 -54.92 -4.62
C ALA W 117 0.12 -53.72 -4.38
N GLY W 118 -0.37 -53.54 -3.15
CA GLY W 118 -1.18 -52.39 -2.83
C GLY W 118 -0.34 -51.12 -2.87
N ARG W 119 -0.95 -50.04 -3.33
CA ARG W 119 -0.26 -48.79 -3.57
C ARG W 119 -1.10 -47.62 -3.08
N ILE W 120 -0.46 -46.71 -2.36
CA ILE W 120 -1.08 -45.47 -1.91
C ILE W 120 -0.14 -44.32 -2.22
N VAL W 121 -0.65 -43.33 -2.95
CA VAL W 121 0.13 -42.18 -3.37
C VAL W 121 -0.58 -40.94 -2.87
N SER W 122 0.15 -40.09 -2.15
CA SER W 122 -0.36 -38.81 -1.69
C SER W 122 0.33 -37.71 -2.49
N PHE W 123 -0.33 -36.55 -2.55
CA PHE W 123 0.16 -35.41 -3.33
C PHE W 123 0.11 -34.15 -2.48
N ASP W 124 0.87 -33.14 -2.90
CA ASP W 124 0.82 -31.79 -2.36
C ASP W 124 0.36 -30.83 -3.46
N ALA W 125 0.14 -29.55 -3.12
CA ALA W 125 -0.45 -28.65 -4.13
C ALA W 125 0.45 -28.41 -5.33
N ALA W 126 1.76 -28.62 -5.21
CA ALA W 126 2.69 -28.41 -6.32
C ALA W 126 2.88 -29.66 -7.17
N GLY W 127 2.23 -30.74 -6.82
CA GLY W 127 2.35 -31.98 -7.50
C GLY W 127 3.49 -32.84 -6.98
N GLY W 128 4.14 -32.42 -5.89
CA GLY W 128 4.95 -33.34 -5.13
C GLY W 128 4.18 -34.62 -4.92
N TRP W 129 4.82 -35.79 -4.99
CA TRP W 129 4.11 -37.00 -4.66
C TRP W 129 4.95 -37.86 -3.73
N ASN W 130 4.27 -38.73 -2.99
CA ASN W 130 4.94 -39.70 -2.15
C ASN W 130 4.13 -41.00 -2.16
N ILE W 131 4.82 -42.08 -2.53
CA ILE W 131 4.32 -43.43 -2.39
C ILE W 131 4.52 -43.81 -0.93
N GLU W 132 3.42 -44.05 -0.22
CA GLU W 132 3.48 -44.21 1.23
C GLU W 132 3.88 -45.64 1.54
N GLU W 133 5.05 -45.79 2.14
CA GLU W 133 5.56 -47.08 2.54
C GLU W 133 5.17 -47.44 3.98
N GLU W 134 4.26 -46.70 4.61
CA GLU W 134 3.86 -46.98 5.99
C GLU W 134 2.41 -47.42 6.13
N GLY W 135 1.72 -47.68 5.01
CA GLY W 135 0.50 -48.43 5.05
C GLY W 135 -0.77 -47.63 4.98
N TYR W 136 -0.75 -46.37 5.41
CA TYR W 136 -2.00 -45.61 5.36
C TYR W 136 -1.68 -44.15 5.11
N GLN W 137 -2.71 -43.42 4.69
CA GLN W 137 -2.58 -42.01 4.43
C GLN W 137 -3.98 -41.39 4.40
N ALA W 138 -4.04 -40.07 4.53
CA ALA W 138 -5.32 -39.37 4.42
C ALA W 138 -5.08 -37.97 3.87
N VAL W 139 -6.16 -37.35 3.38
CA VAL W 139 -6.11 -35.98 2.85
C VAL W 139 -7.44 -35.30 3.19
N GLY W 140 -7.38 -33.98 3.36
CA GLY W 140 -8.54 -33.19 3.68
C GLY W 140 -8.41 -32.55 5.06
N SER W 141 -9.41 -31.73 5.39
CA SER W 141 -9.38 -30.95 6.63
C SER W 141 -9.43 -31.83 7.87
N GLY W 142 -9.90 -33.06 7.76
CA GLY W 142 -9.83 -33.97 8.87
C GLY W 142 -8.69 -34.95 8.77
N SER W 143 -7.77 -34.79 7.81
CA SER W 143 -6.79 -35.82 7.54
C SER W 143 -5.89 -36.09 8.75
N LEU W 144 -5.61 -35.07 9.56
CA LEU W 144 -4.70 -35.31 10.67
C LEU W 144 -5.38 -36.10 11.79
N PHE W 145 -6.67 -35.82 12.07
CA PHE W 145 -7.40 -36.64 13.02
C PHE W 145 -7.48 -38.09 12.54
N ALA W 146 -7.80 -38.27 11.26
CA ALA W 146 -7.93 -39.61 10.70
C ALA W 146 -6.61 -40.35 10.75
N LYS W 147 -5.51 -39.71 10.35
CA LYS W 147 -4.22 -40.38 10.36
C LYS W 147 -3.78 -40.71 11.78
N SER W 148 -4.06 -39.82 12.74
CA SER W 148 -3.71 -40.11 14.13
C SER W 148 -4.53 -41.26 14.68
N SER W 149 -5.77 -41.41 14.22
CA SER W 149 -6.59 -42.55 14.60
C SER W 149 -6.04 -43.85 13.99
N MET W 150 -5.74 -43.83 12.70
CA MET W 150 -5.18 -45.03 12.07
C MET W 150 -3.82 -45.37 12.66
N LYS W 151 -3.06 -44.38 13.16
CA LYS W 151 -1.77 -44.70 13.76
C LYS W 151 -1.94 -45.68 14.92
N LYS W 152 -3.05 -45.57 15.63
CA LYS W 152 -3.36 -46.44 16.76
C LYS W 152 -4.14 -47.68 16.35
N LEU W 153 -4.94 -47.63 15.28
CA LEU W 153 -5.75 -48.80 14.89
C LEU W 153 -5.13 -49.68 13.82
N TYR W 154 -4.01 -49.26 13.22
CA TYR W 154 -3.57 -49.95 12.01
C TYR W 154 -2.97 -51.30 12.33
N SER W 155 -2.41 -51.47 13.54
CA SER W 155 -1.89 -52.78 13.92
C SER W 155 -2.96 -53.86 13.84
N GLN W 156 -4.24 -53.48 13.87
CA GLN W 156 -5.34 -54.45 13.83
C GLN W 156 -5.76 -54.81 12.42
N VAL W 157 -5.09 -54.28 11.40
CA VAL W 157 -5.47 -54.53 10.01
C VAL W 157 -4.76 -55.78 9.54
N THR W 158 -5.52 -56.83 9.27
CA THR W 158 -4.97 -58.10 8.86
C THR W 158 -5.47 -58.57 7.50
N ASP W 159 -6.58 -58.01 7.02
CA ASP W 159 -7.15 -58.37 5.74
C ASP W 159 -8.05 -57.22 5.30
N GLY W 160 -8.78 -57.45 4.20
CA GLY W 160 -9.64 -56.42 3.65
C GLY W 160 -10.71 -55.96 4.63
N ASP W 161 -11.22 -56.85 5.45
CA ASP W 161 -12.30 -56.48 6.36
C ASP W 161 -11.83 -55.65 7.55
N SER W 162 -10.75 -56.07 8.21
CA SER W 162 -10.23 -55.25 9.27
C SER W 162 -9.78 -53.90 8.70
N GLY W 163 -9.26 -53.91 7.47
CA GLY W 163 -8.88 -52.66 6.83
C GLY W 163 -10.05 -51.74 6.60
N LEU W 164 -11.15 -52.27 6.09
CA LEU W 164 -12.34 -51.45 5.87
C LEU W 164 -12.91 -50.92 7.19
N ARG W 165 -12.94 -51.75 8.24
CA ARG W 165 -13.37 -51.27 9.55
C ARG W 165 -12.50 -50.09 10.01
N VAL W 166 -11.17 -50.27 10.03
CA VAL W 166 -10.28 -49.17 10.42
C VAL W 166 -10.53 -47.91 9.58
N ALA W 167 -10.84 -48.08 8.29
CA ALA W 167 -11.14 -46.93 7.44
C ALA W 167 -12.37 -46.18 7.93
N VAL W 168 -13.47 -46.90 8.12
CA VAL W 168 -14.69 -46.21 8.56
C VAL W 168 -14.55 -45.61 9.93
N GLU W 169 -13.78 -46.25 10.81
CA GLU W 169 -13.60 -45.72 12.15
C GLU W 169 -12.72 -44.47 12.12
N ALA W 170 -11.71 -44.44 11.25
CA ALA W 170 -10.88 -43.24 11.08
C ALA W 170 -11.69 -42.08 10.50
N LEU W 171 -12.56 -42.36 9.52
CA LEU W 171 -13.47 -41.31 9.07
C LEU W 171 -14.39 -40.87 10.19
N TYR W 172 -14.74 -41.80 11.08
CA TYR W 172 -15.57 -41.42 12.21
C TYR W 172 -14.82 -40.47 13.13
N ASP W 173 -13.55 -40.76 13.40
CA ASP W 173 -12.78 -39.86 14.24
C ASP W 173 -12.63 -38.50 13.59
N ALA W 174 -12.38 -38.49 12.28
CA ALA W 174 -12.30 -37.24 11.54
C ALA W 174 -13.55 -36.43 11.73
N ALA W 175 -14.72 -37.04 11.47
CA ALA W 175 -15.97 -36.31 11.60
C ALA W 175 -16.25 -35.91 13.04
N ASP W 176 -15.67 -36.62 14.00
CA ASP W 176 -15.86 -36.32 15.41
C ASP W 176 -15.18 -35.02 15.77
N ASP W 177 -14.06 -34.71 15.11
CA ASP W 177 -13.27 -33.51 15.41
C ASP W 177 -13.34 -32.43 14.33
N ASP W 178 -13.98 -32.69 13.18
CA ASP W 178 -13.97 -31.74 12.06
C ASP W 178 -15.39 -31.54 11.58
N SER W 179 -15.89 -30.31 11.71
CA SER W 179 -17.26 -30.01 11.33
C SER W 179 -17.44 -30.03 9.82
N ALA W 180 -16.35 -29.90 9.07
CA ALA W 180 -16.44 -29.99 7.61
C ALA W 180 -16.49 -31.42 7.11
N THR W 181 -16.24 -32.40 7.96
CA THR W 181 -16.31 -33.82 7.59
C THR W 181 -17.58 -34.43 8.19
N GLY W 182 -18.37 -35.08 7.34
CA GLY W 182 -19.65 -35.61 7.76
C GLY W 182 -19.54 -37.01 8.28
N GLY W 183 -20.07 -37.24 9.48
CA GLY W 183 -20.13 -38.54 10.08
C GLY W 183 -21.30 -39.35 9.58
N PRO W 184 -21.47 -40.55 10.15
CA PRO W 184 -22.58 -41.42 9.73
C PRO W 184 -23.92 -40.79 10.10
N ASP W 185 -24.76 -40.57 9.10
CA ASP W 185 -26.08 -40.00 9.28
C ASP W 185 -27.06 -41.15 9.34
N LEU W 186 -27.36 -41.61 10.55
CA LEU W 186 -28.21 -42.78 10.69
C LEU W 186 -29.68 -42.48 10.49
N VAL W 187 -30.07 -41.21 10.55
CA VAL W 187 -31.45 -40.82 10.26
C VAL W 187 -31.75 -40.83 8.78
N ARG W 188 -30.81 -40.35 7.98
CA ARG W 188 -31.01 -40.36 6.54
C ARG W 188 -30.45 -41.61 5.86
N GLY W 189 -29.69 -42.44 6.57
CA GLY W 189 -29.06 -43.61 5.95
C GLY W 189 -27.96 -43.30 4.95
N ILE W 190 -27.12 -42.32 5.25
CA ILE W 190 -26.01 -41.90 4.40
C ILE W 190 -24.72 -42.21 5.16
N PHE W 191 -23.81 -42.91 4.51
CA PHE W 191 -22.56 -43.36 5.11
C PHE W 191 -21.42 -43.04 4.16
N PRO W 192 -20.16 -43.09 4.64
CA PRO W 192 -19.03 -42.93 3.73
C PRO W 192 -19.11 -43.92 2.58
N THR W 193 -18.49 -43.55 1.46
CA THR W 193 -18.34 -44.45 0.33
C THR W 193 -16.96 -45.09 0.44
N ALA W 194 -16.84 -46.28 -0.12
CA ALA W 194 -15.57 -46.96 -0.08
C ALA W 194 -15.34 -47.76 -1.35
N VAL W 195 -14.07 -47.91 -1.68
CA VAL W 195 -13.61 -48.75 -2.77
C VAL W 195 -12.57 -49.72 -2.23
N ILE W 196 -12.69 -51.00 -2.62
CA ILE W 196 -11.69 -52.02 -2.33
C ILE W 196 -10.99 -52.39 -3.63
N ILE W 197 -9.67 -52.61 -3.57
CA ILE W 197 -8.90 -53.00 -4.75
C ILE W 197 -7.99 -54.18 -4.39
N ASP W 198 -8.12 -55.28 -5.13
CA ASP W 198 -7.25 -56.44 -4.99
C ASP W 198 -6.91 -56.95 -6.38
N ALA W 199 -6.37 -58.16 -6.46
CA ALA W 199 -6.02 -58.73 -7.77
C ALA W 199 -7.23 -58.90 -8.68
N ASP W 200 -8.44 -58.96 -8.13
CA ASP W 200 -9.62 -59.03 -8.98
C ASP W 200 -10.10 -57.68 -9.49
N GLY W 201 -9.48 -56.58 -9.09
CA GLY W 201 -9.86 -55.26 -9.54
C GLY W 201 -10.40 -54.40 -8.39
N ALA W 202 -11.02 -53.30 -8.79
CA ALA W 202 -11.57 -52.29 -7.91
C ALA W 202 -13.08 -52.40 -7.91
N VAL W 203 -13.68 -52.47 -6.73
CA VAL W 203 -15.13 -52.57 -6.62
C VAL W 203 -15.59 -51.57 -5.57
N ASP W 204 -16.78 -51.03 -5.78
CA ASP W 204 -17.43 -50.19 -4.78
C ASP W 204 -17.99 -51.06 -3.70
N VAL W 205 -17.71 -50.68 -2.47
CA VAL W 205 -18.30 -51.38 -1.33
C VAL W 205 -19.77 -51.02 -1.29
N PRO W 206 -20.67 -51.99 -1.22
CA PRO W 206 -22.10 -51.67 -1.16
C PRO W 206 -22.40 -50.95 0.15
N GLU W 207 -23.37 -50.02 0.08
CA GLU W 207 -23.62 -49.10 1.20
C GLU W 207 -23.87 -49.88 2.49
N SER W 208 -24.60 -50.99 2.40
CA SER W 208 -25.05 -51.69 3.61
C SER W 208 -23.89 -52.25 4.42
N ARG W 209 -22.82 -52.71 3.76
CA ARG W 209 -21.65 -53.18 4.52
C ARG W 209 -21.05 -52.06 5.34
N ILE W 210 -20.99 -50.86 4.77
CA ILE W 210 -20.47 -49.73 5.52
C ILE W 210 -21.43 -49.34 6.63
N ALA W 211 -22.75 -49.45 6.39
CA ALA W 211 -23.72 -49.17 7.45
C ALA W 211 -23.57 -50.13 8.65
N GLU W 212 -23.29 -51.41 8.38
CA GLU W 212 -22.98 -52.35 9.46
C GLU W 212 -21.76 -51.89 10.24
N LEU W 213 -20.71 -51.47 9.52
CA LEU W 213 -19.53 -51.07 10.25
C LEU W 213 -19.79 -49.82 11.08
N ALA W 214 -20.49 -48.84 10.50
CA ALA W 214 -20.78 -47.61 11.22
C ALA W 214 -21.52 -47.90 12.51
N ARG W 215 -22.52 -48.78 12.48
CA ARG W 215 -23.24 -49.10 13.71
C ARG W 215 -22.35 -49.81 14.72
N ALA W 216 -21.51 -50.74 14.27
CA ALA W 216 -20.58 -51.37 15.21
C ALA W 216 -19.73 -50.33 15.91
N ILE W 217 -19.26 -49.31 15.17
CA ILE W 217 -18.41 -48.30 15.77
C ILE W 217 -19.19 -47.48 16.80
N ILE W 218 -20.38 -47.03 16.42
CA ILE W 218 -21.19 -46.21 17.31
C ILE W 218 -21.44 -46.94 18.63
N GLU W 219 -21.78 -48.23 18.56
CA GLU W 219 -22.03 -48.95 19.81
C GLU W 219 -20.74 -49.13 20.61
N SER W 220 -19.61 -49.43 19.94
CA SER W 220 -18.37 -49.61 20.68
C SER W 220 -17.97 -48.32 21.40
N ARG W 221 -18.41 -47.17 20.91
CA ARG W 221 -18.10 -45.93 21.60
C ARG W 221 -19.23 -45.48 22.51
N SER W 222 -20.39 -46.14 22.48
CA SER W 222 -21.41 -45.83 23.47
C SER W 222 -21.20 -46.58 24.78
N GLY W 223 -20.11 -47.31 24.93
CA GLY W 223 -19.79 -48.02 26.18
C GLY W 223 -18.34 -47.94 26.62
N THR X 1 -33.80 -11.75 -5.55
CA THR X 1 -34.14 -12.89 -6.41
C THR X 1 -34.27 -14.20 -5.63
N THR X 2 -35.33 -14.97 -5.91
CA THR X 2 -35.43 -16.35 -5.45
C THR X 2 -36.05 -17.18 -6.55
N ILE X 3 -35.41 -18.29 -6.88
CA ILE X 3 -35.98 -19.27 -7.80
C ILE X 3 -36.01 -20.61 -7.10
N VAL X 4 -37.18 -21.29 -7.15
CA VAL X 4 -37.36 -22.60 -6.53
C VAL X 4 -37.66 -23.66 -7.57
N ALA X 5 -37.27 -24.90 -7.27
CA ALA X 5 -37.62 -26.04 -8.12
C ALA X 5 -37.87 -27.27 -7.25
N LEU X 6 -38.93 -28.02 -7.56
CA LEU X 6 -39.25 -29.18 -6.72
C LEU X 6 -39.86 -30.31 -7.56
N LYS X 7 -39.61 -31.55 -7.12
CA LYS X 7 -40.13 -32.76 -7.76
C LYS X 7 -41.51 -33.07 -7.23
N TYR X 8 -42.40 -33.46 -8.14
CA TYR X 8 -43.65 -34.07 -7.73
C TYR X 8 -43.81 -35.36 -8.53
N PRO X 9 -44.73 -36.26 -8.11
CA PRO X 9 -44.90 -37.55 -8.82
C PRO X 9 -45.15 -37.35 -10.30
N GLY X 10 -44.14 -37.70 -11.11
CA GLY X 10 -44.22 -37.60 -12.55
C GLY X 10 -43.79 -36.29 -13.17
N GLY X 11 -43.21 -35.36 -12.40
CA GLY X 11 -42.79 -34.11 -13.02
C GLY X 11 -41.96 -33.25 -12.09
N VAL X 12 -41.67 -32.05 -12.58
CA VAL X 12 -40.91 -31.04 -11.84
C VAL X 12 -41.55 -29.67 -12.07
N VAL X 13 -41.37 -28.80 -11.09
CA VAL X 13 -41.90 -27.45 -11.12
C VAL X 13 -40.77 -26.49 -10.84
N MET X 14 -40.78 -25.36 -11.53
CA MET X 14 -39.83 -24.31 -11.23
C MET X 14 -40.56 -22.98 -11.25
N ALA X 15 -40.28 -22.12 -10.28
CA ALA X 15 -40.95 -20.84 -10.22
C ALA X 15 -39.95 -19.77 -9.74
N GLY X 16 -40.13 -18.55 -10.24
CA GLY X 16 -39.24 -17.46 -9.87
C GLY X 16 -39.98 -16.16 -9.73
N ASP X 17 -39.44 -15.27 -8.86
CA ASP X 17 -40.05 -13.98 -8.55
C ASP X 17 -39.78 -13.01 -9.69
N ARG X 18 -40.29 -11.77 -9.54
CA ARG X 18 -40.31 -10.83 -10.64
C ARG X 18 -39.54 -9.54 -10.35
N ARG X 19 -38.77 -9.47 -9.26
CA ARG X 19 -38.17 -8.20 -8.84
C ARG X 19 -36.75 -8.03 -9.36
N SER X 20 -36.47 -6.84 -9.88
CA SER X 20 -35.15 -6.43 -10.31
C SER X 20 -34.73 -5.22 -9.49
N THR X 21 -33.52 -5.26 -8.93
CA THR X 21 -33.02 -4.23 -8.03
C THR X 21 -31.66 -3.69 -8.46
N GLN X 22 -31.37 -2.48 -8.02
CA GLN X 22 -30.04 -1.90 -8.12
C GLN X 22 -29.74 -1.37 -6.73
N GLY X 23 -29.11 -2.18 -5.90
CA GLY X 23 -28.99 -1.81 -4.51
C GLY X 23 -30.33 -1.87 -3.81
N ASN X 24 -30.73 -0.78 -3.16
CA ASN X 24 -32.02 -0.72 -2.51
C ASN X 24 -33.14 -0.29 -3.45
N MET X 25 -32.80 0.21 -4.63
CA MET X 25 -33.79 0.70 -5.55
C MET X 25 -34.41 -0.44 -6.37
N ILE X 26 -35.72 -0.35 -6.58
CA ILE X 26 -36.43 -1.28 -7.45
C ILE X 26 -36.36 -0.75 -8.87
N SER X 27 -35.66 -1.46 -9.75
CA SER X 27 -35.56 -1.13 -11.17
C SER X 27 -36.40 -2.02 -12.08
N GLY X 28 -37.13 -3.00 -11.55
CA GLY X 28 -38.03 -3.77 -12.38
C GLY X 28 -39.04 -4.58 -11.57
N ARG X 29 -40.27 -4.71 -12.08
CA ARG X 29 -41.34 -5.38 -11.34
C ARG X 29 -41.94 -6.58 -12.06
N ASP X 30 -41.60 -6.82 -13.33
CA ASP X 30 -42.25 -7.84 -14.15
C ASP X 30 -41.21 -8.66 -14.88
N VAL X 31 -39.95 -8.61 -14.42
CA VAL X 31 -38.86 -9.35 -15.06
C VAL X 31 -39.16 -10.84 -14.94
N ARG X 32 -38.60 -11.61 -15.86
CA ARG X 32 -38.78 -13.06 -15.91
C ARG X 32 -37.44 -13.75 -15.68
N LYS X 33 -37.36 -14.58 -14.65
CA LYS X 33 -36.10 -15.21 -14.32
C LYS X 33 -36.09 -16.70 -14.64
N VAL X 34 -37.22 -17.27 -15.10
CA VAL X 34 -37.36 -18.69 -15.39
C VAL X 34 -37.70 -18.85 -16.85
N TYR X 35 -36.93 -19.69 -17.55
CA TYR X 35 -37.07 -19.82 -19.00
C TYR X 35 -37.19 -21.28 -19.41
N ILE X 36 -38.04 -21.54 -20.41
CA ILE X 36 -38.06 -22.85 -21.07
C ILE X 36 -36.88 -22.89 -22.05
N THR X 37 -35.86 -23.66 -21.73
CA THR X 37 -34.71 -23.68 -22.62
C THR X 37 -34.79 -24.79 -23.65
N ASP X 38 -35.60 -25.80 -23.38
CA ASP X 38 -35.60 -27.02 -24.12
C ASP X 38 -36.95 -27.69 -23.94
N ASP X 39 -37.30 -28.59 -24.84
CA ASP X 39 -38.64 -29.18 -24.78
C ASP X 39 -38.91 -29.80 -23.41
N TYR X 40 -37.85 -30.25 -22.72
CA TYR X 40 -37.99 -30.88 -21.40
C TYR X 40 -37.09 -30.23 -20.36
N THR X 41 -36.64 -28.99 -20.57
CA THR X 41 -35.72 -28.34 -19.64
C THR X 41 -36.10 -26.89 -19.45
N ALA X 42 -36.01 -26.45 -18.19
CA ALA X 42 -36.15 -25.06 -17.80
C ALA X 42 -34.96 -24.65 -16.95
N THR X 43 -34.57 -23.38 -17.05
CA THR X 43 -33.49 -22.79 -16.27
C THR X 43 -33.96 -21.52 -15.60
N GLY X 44 -33.63 -21.34 -14.33
CA GLY X 44 -33.82 -20.06 -13.65
C GLY X 44 -32.47 -19.55 -13.19
N ILE X 45 -32.24 -18.25 -13.32
CA ILE X 45 -30.93 -17.75 -12.95
C ILE X 45 -31.06 -16.61 -11.96
N ALA X 46 -30.11 -16.56 -11.04
CA ALA X 46 -29.96 -15.48 -10.09
C ALA X 46 -28.66 -14.76 -10.41
N GLY X 47 -28.58 -13.47 -10.06
CA GLY X 47 -27.35 -12.72 -10.18
C GLY X 47 -27.51 -11.47 -11.02
N THR X 48 -26.40 -11.05 -11.63
CA THR X 48 -26.42 -9.89 -12.49
C THR X 48 -27.33 -10.16 -13.68
N ALA X 49 -28.28 -9.27 -13.92
CA ALA X 49 -29.31 -9.54 -14.91
C ALA X 49 -28.71 -9.77 -16.30
N ALA X 50 -27.78 -8.89 -16.71
CA ALA X 50 -27.18 -9.03 -18.03
C ALA X 50 -26.59 -10.42 -18.24
N VAL X 51 -25.77 -10.87 -17.29
CA VAL X 51 -25.16 -12.17 -17.49
C VAL X 51 -26.20 -13.28 -17.33
N ALA X 52 -27.21 -13.11 -16.45
CA ALA X 52 -28.21 -14.17 -16.26
C ALA X 52 -28.98 -14.41 -17.56
N VAL X 53 -29.50 -13.34 -18.17
CA VAL X 53 -30.21 -13.50 -19.44
C VAL X 53 -29.28 -14.02 -20.51
N GLU X 54 -28.03 -13.55 -20.53
CA GLU X 54 -27.08 -14.04 -21.52
C GLU X 54 -26.90 -15.55 -21.38
N PHE X 55 -26.71 -16.03 -20.16
CA PHE X 55 -26.59 -17.46 -19.91
C PHE X 55 -27.82 -18.19 -20.42
N ALA X 56 -29.02 -17.73 -20.07
CA ALA X 56 -30.23 -18.45 -20.46
C ALA X 56 -30.35 -18.57 -21.98
N ARG X 57 -30.16 -17.45 -22.68
CA ARG X 57 -30.31 -17.43 -24.14
C ARG X 57 -29.25 -18.29 -24.82
N LEU X 58 -27.98 -18.06 -24.48
CA LEU X 58 -26.88 -18.77 -25.12
C LEU X 58 -27.00 -20.27 -24.88
N TYR X 59 -27.42 -20.65 -23.68
CA TYR X 59 -27.57 -22.07 -23.33
C TYR X 59 -28.67 -22.74 -24.15
N ALA X 60 -29.86 -22.10 -24.22
CA ALA X 60 -30.90 -22.67 -25.06
C ALA X 60 -30.42 -22.85 -26.51
N VAL X 61 -29.72 -21.83 -27.03
CA VAL X 61 -29.17 -21.93 -28.37
C VAL X 61 -28.18 -23.08 -28.48
N GLU X 62 -27.30 -23.25 -27.49
CA GLU X 62 -26.32 -24.33 -27.56
C GLU X 62 -26.99 -25.71 -27.62
N LEU X 63 -28.02 -25.93 -26.79
CA LEU X 63 -28.69 -27.22 -26.76
C LEU X 63 -29.35 -27.53 -28.10
N GLU X 64 -30.03 -26.53 -28.68
CA GLU X 64 -30.66 -26.76 -29.98
C GLU X 64 -29.62 -26.95 -31.09
N HIS X 65 -28.59 -26.09 -31.14
CA HIS X 65 -27.46 -26.28 -32.04
C HIS X 65 -26.98 -27.73 -32.06
N TYR X 66 -26.67 -28.28 -30.88
CA TYR X 66 -26.26 -29.68 -30.85
C TYR X 66 -27.34 -30.58 -31.45
N GLU X 67 -28.61 -30.34 -31.08
CA GLU X 67 -29.68 -31.23 -31.55
C GLU X 67 -29.80 -31.24 -33.08
N LYS X 68 -29.66 -30.07 -33.72
CA LYS X 68 -29.74 -29.99 -35.18
C LYS X 68 -28.49 -30.54 -35.87
N LEU X 69 -27.32 -30.37 -35.25
CA LEU X 69 -26.12 -30.88 -35.87
C LEU X 69 -26.09 -32.40 -35.84
N GLU X 70 -26.54 -33.00 -34.74
CA GLU X 70 -26.33 -34.43 -34.56
C GLU X 70 -27.61 -35.27 -34.57
N GLY X 71 -28.78 -34.67 -34.86
CA GLY X 71 -30.04 -35.38 -35.00
C GLY X 71 -30.70 -35.85 -33.71
N VAL X 72 -30.06 -35.63 -32.57
CA VAL X 72 -30.61 -36.06 -31.27
C VAL X 72 -30.25 -35.04 -30.21
N PRO X 73 -31.11 -34.89 -29.22
CA PRO X 73 -30.80 -34.01 -28.09
C PRO X 73 -29.71 -34.60 -27.22
N LEU X 74 -29.09 -33.71 -26.44
CA LEU X 74 -28.05 -34.10 -25.50
C LEU X 74 -28.64 -34.95 -24.38
N THR X 75 -27.87 -35.93 -23.93
CA THR X 75 -28.25 -36.60 -22.69
C THR X 75 -28.33 -35.55 -21.59
N PHE X 76 -29.13 -35.85 -20.58
CA PHE X 76 -29.31 -34.86 -19.53
C PHE X 76 -27.97 -34.53 -18.88
N ALA X 77 -27.12 -35.55 -18.69
CA ALA X 77 -25.76 -35.32 -18.16
C ALA X 77 -24.98 -34.36 -19.04
N GLY X 78 -25.10 -34.48 -20.36
CA GLY X 78 -24.45 -33.53 -21.24
C GLY X 78 -24.95 -32.11 -21.04
N LYS X 79 -26.27 -31.95 -20.85
CA LYS X 79 -26.82 -30.62 -20.57
C LYS X 79 -26.25 -30.03 -19.30
N ILE X 80 -26.18 -30.86 -18.24
CA ILE X 80 -25.59 -30.40 -17.00
C ILE X 80 -24.16 -29.93 -17.23
N ASN X 81 -23.36 -30.77 -17.92
CA ASN X 81 -21.95 -30.45 -18.11
C ASN X 81 -21.75 -29.17 -18.91
N ARG X 82 -22.58 -28.94 -19.93
CA ARG X 82 -22.38 -27.73 -20.70
C ARG X 82 -22.74 -26.53 -19.87
N LEU X 83 -23.80 -26.64 -19.05
CA LEU X 83 -24.14 -25.50 -18.18
C LEU X 83 -23.01 -25.21 -17.19
N ALA X 84 -22.47 -26.25 -16.53
CA ALA X 84 -21.35 -26.09 -15.61
C ALA X 84 -20.16 -25.43 -16.29
N ILE X 85 -19.87 -25.85 -17.53
CA ILE X 85 -18.76 -25.28 -18.28
C ILE X 85 -18.98 -23.79 -18.52
N MET X 86 -20.23 -23.39 -18.79
CA MET X 86 -20.54 -21.98 -18.99
C MET X 86 -20.33 -21.16 -17.71
N VAL X 87 -20.80 -21.69 -16.56
CA VAL X 87 -20.61 -21.00 -15.27
C VAL X 87 -19.12 -20.83 -14.93
N ARG X 88 -18.34 -21.91 -15.09
CA ARG X 88 -16.93 -21.76 -14.75
C ARG X 88 -16.23 -20.80 -15.69
N GLY X 89 -16.57 -20.87 -16.99
CA GLY X 89 -16.07 -19.90 -17.93
C GLY X 89 -16.33 -18.48 -17.48
N ASN X 90 -17.44 -18.25 -16.78
CA ASN X 90 -17.75 -16.92 -16.31
C ASN X 90 -17.11 -16.58 -14.96
N LEU X 91 -16.34 -17.49 -14.36
CA LEU X 91 -15.88 -17.28 -12.97
C LEU X 91 -15.07 -15.99 -12.79
N ALA X 92 -14.19 -15.66 -13.74
CA ALA X 92 -13.38 -14.44 -13.61
C ALA X 92 -14.27 -13.20 -13.56
N ALA X 93 -15.25 -13.10 -14.48
CA ALA X 93 -16.17 -11.96 -14.43
C ALA X 93 -16.97 -11.94 -13.13
N ALA X 94 -17.37 -13.11 -12.64
CA ALA X 94 -18.13 -13.17 -11.40
C ALA X 94 -17.32 -12.62 -10.24
N MET X 95 -16.01 -12.87 -10.24
CA MET X 95 -15.14 -12.33 -9.20
C MET X 95 -15.18 -10.81 -9.22
N GLN X 96 -15.19 -10.22 -10.40
CA GLN X 96 -15.33 -8.79 -10.53
C GLN X 96 -16.80 -8.35 -10.46
N GLY X 97 -17.70 -9.17 -9.92
CA GLY X 97 -19.03 -8.73 -9.58
C GLY X 97 -20.17 -9.06 -10.54
N LEU X 98 -19.91 -9.63 -11.72
CA LEU X 98 -20.98 -9.96 -12.67
C LEU X 98 -21.38 -11.44 -12.55
N LEU X 99 -21.93 -11.78 -11.36
CA LEU X 99 -22.22 -13.17 -11.00
C LEU X 99 -23.59 -13.61 -11.48
N ALA X 100 -23.67 -14.87 -11.93
CA ALA X 100 -24.94 -15.48 -12.29
C ALA X 100 -24.88 -16.97 -11.97
N LEU X 101 -25.77 -17.42 -11.08
CA LEU X 101 -25.91 -18.83 -10.71
C LEU X 101 -27.18 -19.39 -11.28
N PRO X 102 -27.13 -20.52 -11.97
CA PRO X 102 -28.35 -21.14 -12.48
C PRO X 102 -28.90 -22.21 -11.53
N LEU X 103 -30.16 -22.51 -11.77
CA LEU X 103 -30.86 -23.66 -11.24
C LEU X 103 -31.57 -24.30 -12.44
N LEU X 104 -31.40 -25.60 -12.61
CA LEU X 104 -31.84 -26.33 -13.79
C LEU X 104 -32.91 -27.33 -13.37
N ALA X 105 -34.01 -27.42 -14.11
CA ALA X 105 -35.05 -28.41 -13.81
C ALA X 105 -35.46 -29.09 -15.11
N GLY X 106 -35.56 -30.42 -15.08
CA GLY X 106 -35.88 -31.10 -16.31
C GLY X 106 -36.60 -32.40 -16.07
N TYR X 107 -37.06 -32.98 -17.17
CA TYR X 107 -37.69 -34.30 -17.21
C TYR X 107 -36.88 -35.13 -18.18
N ASP X 108 -36.29 -36.22 -17.69
CA ASP X 108 -35.38 -37.02 -18.51
C ASP X 108 -36.14 -38.12 -19.24
N ILE X 109 -36.39 -37.92 -20.54
CA ILE X 109 -37.08 -38.94 -21.33
C ILE X 109 -36.34 -40.27 -21.37
N HIS X 110 -35.02 -40.28 -21.12
CA HIS X 110 -34.25 -41.51 -21.05
C HIS X 110 -34.00 -41.97 -19.62
N ALA X 111 -34.78 -41.47 -18.66
CA ALA X 111 -34.62 -41.91 -17.29
C ALA X 111 -35.19 -43.32 -17.11
N SER X 112 -34.70 -43.99 -16.05
CA SER X 112 -35.06 -45.39 -15.83
C SER X 112 -36.56 -45.51 -15.60
N ASP X 113 -37.06 -45.04 -14.47
CA ASP X 113 -38.44 -45.13 -14.13
C ASP X 113 -39.12 -43.80 -14.33
N PRO X 114 -40.15 -43.69 -15.18
CA PRO X 114 -40.76 -42.37 -15.50
C PRO X 114 -41.44 -41.65 -14.33
N GLN X 115 -41.14 -42.08 -13.08
CA GLN X 115 -41.37 -41.22 -11.92
C GLN X 115 -40.08 -40.76 -11.26
N SER X 116 -38.99 -41.51 -11.44
CA SER X 116 -37.66 -41.00 -11.16
C SER X 116 -37.10 -40.16 -12.34
N ALA X 117 -37.97 -39.66 -13.23
CA ALA X 117 -37.59 -38.85 -14.39
C ALA X 117 -37.46 -37.36 -14.08
N GLY X 118 -37.90 -36.92 -12.91
CA GLY X 118 -37.69 -35.55 -12.52
C GLY X 118 -36.23 -35.30 -12.21
N ARG X 119 -35.77 -34.08 -12.52
CA ARG X 119 -34.39 -33.69 -12.28
C ARG X 119 -34.30 -32.25 -11.79
N ILE X 120 -33.52 -32.03 -10.74
CA ILE X 120 -33.24 -30.70 -10.23
C ILE X 120 -31.75 -30.61 -10.04
N VAL X 121 -31.12 -29.60 -10.65
CA VAL X 121 -29.67 -29.44 -10.59
C VAL X 121 -29.32 -28.03 -10.14
N SER X 122 -28.55 -27.92 -9.06
CA SER X 122 -28.09 -26.62 -8.59
C SER X 122 -26.60 -26.49 -8.84
N PHE X 123 -26.12 -25.24 -8.89
CA PHE X 123 -24.74 -24.96 -9.23
C PHE X 123 -24.09 -23.95 -8.28
N ASP X 124 -22.75 -23.90 -8.28
CA ASP X 124 -22.02 -22.85 -7.58
C ASP X 124 -21.19 -22.06 -8.58
N ALA X 125 -20.57 -20.98 -8.09
CA ALA X 125 -19.88 -20.05 -8.98
C ALA X 125 -18.70 -20.68 -9.72
N ALA X 126 -18.17 -21.80 -9.25
CA ALA X 126 -17.08 -22.49 -9.94
C ALA X 126 -17.57 -23.51 -10.96
N GLY X 127 -18.87 -23.64 -11.16
CA GLY X 127 -19.41 -24.63 -12.05
C GLY X 127 -19.61 -25.98 -11.40
N GLY X 128 -19.34 -26.11 -10.10
CA GLY X 128 -19.83 -27.24 -9.32
C GLY X 128 -21.29 -27.51 -9.57
N TRP X 129 -21.72 -28.77 -9.69
CA TRP X 129 -23.14 -29.07 -9.87
C TRP X 129 -23.58 -30.13 -8.86
N ASN X 130 -24.89 -30.17 -8.63
CA ASN X 130 -25.52 -31.14 -7.76
C ASN X 130 -26.83 -31.59 -8.38
N ILE X 131 -26.98 -32.89 -8.59
CA ILE X 131 -28.27 -33.48 -8.95
C ILE X 131 -28.97 -33.79 -7.63
N GLU X 132 -30.09 -33.10 -7.37
CA GLU X 132 -30.72 -33.18 -6.07
C GLU X 132 -31.62 -34.40 -6.01
N GLU X 133 -31.39 -35.23 -5.00
CA GLU X 133 -32.19 -36.42 -4.77
C GLU X 133 -33.13 -36.26 -3.59
N GLU X 134 -33.24 -35.05 -3.03
CA GLU X 134 -34.08 -34.85 -1.86
C GLU X 134 -35.27 -33.93 -2.17
N GLY X 135 -35.54 -33.65 -3.46
CA GLY X 135 -36.84 -33.17 -3.88
C GLY X 135 -36.98 -31.69 -4.20
N TYR X 136 -36.16 -30.83 -3.61
CA TYR X 136 -36.31 -29.39 -3.88
C TYR X 136 -34.95 -28.70 -3.85
N GLN X 137 -34.91 -27.48 -4.41
CA GLN X 137 -33.73 -26.63 -4.41
C GLN X 137 -34.15 -25.20 -4.72
N ALA X 138 -33.24 -24.26 -4.45
CA ALA X 138 -33.51 -22.86 -4.70
C ALA X 138 -32.20 -22.14 -4.98
N VAL X 139 -32.32 -20.93 -5.52
CA VAL X 139 -31.16 -20.09 -5.77
C VAL X 139 -31.58 -18.62 -5.65
N GLY X 140 -30.65 -17.78 -5.22
CA GLY X 140 -30.85 -16.34 -5.06
C GLY X 140 -30.78 -15.88 -3.62
N SER X 141 -30.88 -14.56 -3.44
CA SER X 141 -30.73 -13.96 -2.11
C SER X 141 -31.78 -14.44 -1.12
N GLY X 142 -32.88 -15.02 -1.59
CA GLY X 142 -33.87 -15.62 -0.73
C GLY X 142 -33.78 -17.12 -0.66
N SER X 143 -32.69 -17.70 -1.17
CA SER X 143 -32.63 -19.14 -1.37
C SER X 143 -32.79 -19.91 -0.07
N LEU X 144 -32.20 -19.42 1.01
CA LEU X 144 -32.25 -20.20 2.24
C LEU X 144 -33.64 -20.14 2.86
N PHE X 145 -34.32 -18.99 2.76
CA PHE X 145 -35.69 -18.92 3.24
C PHE X 145 -36.62 -19.87 2.45
N ALA X 146 -36.49 -19.90 1.13
CA ALA X 146 -37.31 -20.80 0.33
C ALA X 146 -37.03 -22.26 0.68
N LYS X 147 -35.76 -22.63 0.83
CA LYS X 147 -35.44 -24.02 1.14
C LYS X 147 -35.93 -24.39 2.54
N SER X 148 -35.81 -23.48 3.52
CA SER X 148 -36.34 -23.82 4.83
C SER X 148 -37.86 -23.90 4.84
N SER X 149 -38.56 -23.11 4.02
CA SER X 149 -40.00 -23.25 3.91
C SER X 149 -40.38 -24.59 3.27
N MET X 150 -39.75 -24.91 2.14
CA MET X 150 -40.06 -26.18 1.48
C MET X 150 -39.73 -27.38 2.37
N LYS X 151 -38.76 -27.24 3.29
CA LYS X 151 -38.46 -28.34 4.20
C LYS X 151 -39.67 -28.74 5.05
N LYS X 152 -40.55 -27.78 5.39
CA LYS X 152 -41.74 -28.09 6.17
C LYS X 152 -42.96 -28.38 5.30
N LEU X 153 -43.02 -27.79 4.11
CA LEU X 153 -44.19 -27.91 3.25
C LEU X 153 -44.07 -29.01 2.21
N TYR X 154 -42.94 -29.71 2.12
CA TYR X 154 -42.78 -30.61 1.00
C TYR X 154 -43.63 -31.86 1.16
N SER X 155 -43.90 -32.27 2.40
CA SER X 155 -44.74 -33.46 2.59
C SER X 155 -46.11 -33.29 1.96
N GLN X 156 -46.55 -32.07 1.67
CA GLN X 156 -47.85 -31.81 1.07
C GLN X 156 -47.84 -31.90 -0.46
N VAL X 157 -46.72 -32.28 -1.08
CA VAL X 157 -46.66 -32.35 -2.54
C VAL X 157 -47.09 -33.75 -2.96
N THR X 158 -48.25 -33.84 -3.61
CA THR X 158 -48.84 -35.10 -4.06
C THR X 158 -49.13 -35.15 -5.55
N ASP X 159 -49.18 -34.02 -6.24
CA ASP X 159 -49.48 -33.97 -7.65
C ASP X 159 -48.92 -32.65 -8.19
N GLY X 160 -49.19 -32.34 -9.45
CA GLY X 160 -48.67 -31.11 -10.01
C GLY X 160 -49.21 -29.87 -9.32
N ASP X 161 -50.48 -29.90 -8.93
CA ASP X 161 -51.08 -28.69 -8.40
C ASP X 161 -50.58 -28.39 -6.98
N SER X 162 -50.48 -29.41 -6.11
CA SER X 162 -49.90 -29.16 -4.80
C SER X 162 -48.44 -28.75 -4.91
N GLY X 163 -47.69 -29.38 -5.82
CA GLY X 163 -46.31 -28.96 -6.00
C GLY X 163 -46.21 -27.50 -6.39
N LEU X 164 -47.09 -27.06 -7.29
CA LEU X 164 -47.09 -25.65 -7.69
C LEU X 164 -47.45 -24.73 -6.51
N ARG X 165 -48.36 -25.18 -5.64
CA ARG X 165 -48.73 -24.36 -4.49
C ARG X 165 -47.56 -24.22 -3.51
N VAL X 166 -46.91 -25.35 -3.17
CA VAL X 166 -45.74 -25.28 -2.31
C VAL X 166 -44.66 -24.42 -2.93
N ALA X 167 -44.50 -24.48 -4.25
CA ALA X 167 -43.52 -23.64 -4.92
C ALA X 167 -43.82 -22.15 -4.67
N VAL X 168 -45.06 -21.73 -4.93
CA VAL X 168 -45.47 -20.34 -4.69
C VAL X 168 -45.45 -19.98 -3.19
N GLU X 169 -45.69 -20.94 -2.31
CA GLU X 169 -45.65 -20.60 -0.90
C GLU X 169 -44.22 -20.35 -0.45
N ALA X 170 -43.28 -21.14 -0.99
CA ALA X 170 -41.86 -20.91 -0.70
C ALA X 170 -41.40 -19.57 -1.27
N LEU X 171 -41.82 -19.21 -2.49
CA LEU X 171 -41.48 -17.88 -2.97
C LEU X 171 -42.10 -16.80 -2.10
N TYR X 172 -43.27 -17.10 -1.51
CA TYR X 172 -43.91 -16.12 -0.63
C TYR X 172 -43.08 -15.88 0.62
N ASP X 173 -42.57 -16.96 1.22
CA ASP X 173 -41.74 -16.83 2.43
C ASP X 173 -40.41 -16.14 2.14
N ALA X 174 -39.79 -16.45 1.00
CA ALA X 174 -38.58 -15.73 0.61
C ALA X 174 -38.85 -14.24 0.55
N ALA X 175 -39.92 -13.86 -0.15
CA ALA X 175 -40.24 -12.44 -0.32
C ALA X 175 -40.56 -11.79 1.01
N ASP X 176 -41.04 -12.59 1.97
CA ASP X 176 -41.38 -12.06 3.28
C ASP X 176 -40.13 -11.72 4.06
N ASP X 177 -39.03 -12.46 3.87
CA ASP X 177 -37.82 -12.20 4.64
C ASP X 177 -36.65 -11.60 3.86
N ASP X 178 -36.76 -11.45 2.53
CA ASP X 178 -35.67 -10.93 1.70
C ASP X 178 -36.18 -9.81 0.79
N SER X 179 -35.63 -8.60 0.97
CA SER X 179 -36.15 -7.45 0.25
C SER X 179 -35.80 -7.46 -1.22
N ALA X 180 -34.79 -8.24 -1.61
CA ALA X 180 -34.39 -8.38 -3.01
C ALA X 180 -35.30 -9.32 -3.80
N THR X 181 -36.19 -10.05 -3.13
CA THR X 181 -37.18 -10.92 -3.73
C THR X 181 -38.54 -10.27 -3.65
N GLY X 182 -39.25 -10.21 -4.78
CA GLY X 182 -40.54 -9.59 -4.83
C GLY X 182 -41.65 -10.61 -4.62
N GLY X 183 -42.57 -10.27 -3.71
CA GLY X 183 -43.76 -11.05 -3.50
C GLY X 183 -44.87 -10.71 -4.46
N PRO X 184 -46.04 -11.30 -4.21
CA PRO X 184 -47.22 -11.05 -5.05
C PRO X 184 -47.69 -9.60 -4.94
N ASP X 185 -47.85 -8.95 -6.09
CA ASP X 185 -48.32 -7.57 -6.19
C ASP X 185 -49.79 -7.62 -6.59
N LEU X 186 -50.71 -7.42 -5.61
CA LEU X 186 -52.13 -7.51 -5.96
C LEU X 186 -52.68 -6.25 -6.63
N VAL X 187 -52.01 -5.10 -6.45
CA VAL X 187 -52.42 -3.84 -7.06
C VAL X 187 -52.11 -3.83 -8.55
N ARG X 188 -50.91 -4.26 -8.92
CA ARG X 188 -50.57 -4.33 -10.33
C ARG X 188 -50.91 -5.69 -10.92
N GLY X 189 -51.20 -6.68 -10.08
CA GLY X 189 -51.50 -8.01 -10.59
C GLY X 189 -50.32 -8.70 -11.21
N ILE X 190 -49.15 -8.61 -10.60
CA ILE X 190 -47.93 -9.27 -11.07
C ILE X 190 -47.62 -10.41 -10.11
N PHE X 191 -47.41 -11.61 -10.63
CA PHE X 191 -47.19 -12.77 -9.80
C PHE X 191 -45.95 -13.53 -10.25
N PRO X 192 -45.42 -14.44 -9.42
CA PRO X 192 -44.30 -15.27 -9.87
C PRO X 192 -44.61 -16.01 -11.16
N THR X 193 -43.56 -16.29 -11.94
CA THR X 193 -43.75 -17.12 -13.13
C THR X 193 -43.34 -18.56 -12.80
N ALA X 194 -43.97 -19.51 -13.48
CA ALA X 194 -43.68 -20.93 -13.25
C ALA X 194 -43.68 -21.67 -14.57
N VAL X 195 -42.88 -22.73 -14.59
CA VAL X 195 -42.85 -23.72 -15.67
C VAL X 195 -43.03 -25.09 -15.05
N ILE X 196 -43.91 -25.90 -15.66
CA ILE X 196 -44.16 -27.27 -15.22
C ILE X 196 -43.65 -28.22 -16.31
N ILE X 197 -43.00 -29.31 -15.90
CA ILE X 197 -42.43 -30.24 -16.87
C ILE X 197 -42.80 -31.67 -16.48
N ASP X 198 -43.41 -32.38 -17.41
CA ASP X 198 -43.69 -33.81 -17.21
C ASP X 198 -43.38 -34.56 -18.51
N ALA X 199 -43.90 -35.78 -18.61
CA ALA X 199 -43.60 -36.63 -19.76
C ALA X 199 -44.04 -36.00 -21.09
N ASP X 200 -45.03 -35.10 -21.07
CA ASP X 200 -45.49 -34.37 -22.25
C ASP X 200 -44.73 -33.11 -22.55
N GLY X 201 -43.71 -32.77 -21.78
CA GLY X 201 -42.90 -31.62 -22.08
C GLY X 201 -43.04 -30.53 -21.05
N ALA X 202 -42.49 -29.37 -21.41
CA ALA X 202 -42.40 -28.22 -20.53
C ALA X 202 -43.37 -27.15 -21.00
N VAL X 203 -44.27 -26.75 -20.13
CA VAL X 203 -45.24 -25.74 -20.53
C VAL X 203 -45.26 -24.66 -19.46
N ASP X 204 -45.54 -23.43 -19.91
CA ASP X 204 -45.63 -22.29 -19.01
C ASP X 204 -46.95 -22.35 -18.25
N VAL X 205 -46.86 -22.13 -16.95
CA VAL X 205 -48.05 -22.10 -16.10
C VAL X 205 -48.74 -20.76 -16.28
N PRO X 206 -50.04 -20.75 -16.58
CA PRO X 206 -50.77 -19.48 -16.78
C PRO X 206 -50.87 -18.62 -15.54
N GLU X 207 -50.71 -17.30 -15.74
CA GLU X 207 -50.76 -16.32 -14.62
C GLU X 207 -51.96 -16.52 -13.72
N SER X 208 -53.10 -16.88 -14.29
CA SER X 208 -54.34 -16.97 -13.52
C SER X 208 -54.23 -17.98 -12.38
N ARG X 209 -53.72 -19.19 -12.66
CA ARG X 209 -53.64 -20.22 -11.62
C ARG X 209 -52.69 -19.80 -10.50
N ILE X 210 -51.60 -19.12 -10.86
CA ILE X 210 -50.70 -18.59 -9.83
C ILE X 210 -51.41 -17.50 -9.03
N ALA X 211 -52.24 -16.69 -9.67
CA ALA X 211 -52.99 -15.69 -8.91
C ALA X 211 -53.94 -16.34 -7.89
N GLU X 212 -54.63 -17.42 -8.29
CA GLU X 212 -55.46 -18.14 -7.32
C GLU X 212 -54.62 -18.65 -6.16
N LEU X 213 -53.49 -19.29 -6.46
CA LEU X 213 -52.70 -19.85 -5.37
C LEU X 213 -52.16 -18.76 -4.44
N ALA X 214 -51.67 -17.66 -5.02
CA ALA X 214 -51.21 -16.55 -4.19
C ALA X 214 -52.34 -16.04 -3.31
N ARG X 215 -53.55 -15.89 -3.86
CA ARG X 215 -54.61 -15.35 -3.03
C ARG X 215 -55.01 -16.31 -1.91
N ALA X 216 -54.94 -17.61 -2.17
CA ALA X 216 -55.20 -18.59 -1.11
C ALA X 216 -54.17 -18.48 0.00
N ILE X 217 -52.90 -18.26 -0.36
CA ILE X 217 -51.86 -18.12 0.66
C ILE X 217 -52.06 -16.84 1.47
N ILE X 218 -52.29 -15.72 0.78
CA ILE X 218 -52.50 -14.44 1.45
C ILE X 218 -53.69 -14.46 2.40
N GLU X 219 -54.84 -15.02 1.99
CA GLU X 219 -55.95 -15.13 2.93
C GLU X 219 -55.60 -16.07 4.09
N SER X 220 -54.85 -17.15 3.82
CA SER X 220 -54.47 -18.06 4.90
C SER X 220 -53.55 -17.43 5.94
N ARG X 221 -52.82 -16.39 5.59
CA ARG X 221 -51.93 -15.74 6.57
C ARG X 221 -52.53 -14.48 7.14
N SER X 222 -53.74 -14.10 6.72
CA SER X 222 -54.50 -12.96 7.22
C SER X 222 -55.26 -13.26 8.50
N THR Y 1 -27.13 15.25 -16.70
CA THR Y 1 -27.84 14.81 -17.90
C THR Y 1 -29.12 14.12 -17.50
N THR Y 2 -30.21 14.41 -18.21
CA THR Y 2 -31.45 13.63 -18.11
C THR Y 2 -32.01 13.41 -19.50
N ILE Y 3 -32.39 12.16 -19.78
CA ILE Y 3 -33.06 11.76 -21.01
C ILE Y 3 -34.34 11.03 -20.63
N VAL Y 4 -35.45 11.46 -21.21
CA VAL Y 4 -36.75 10.89 -20.92
C VAL Y 4 -37.32 10.27 -22.20
N ALA Y 5 -38.10 9.20 -22.01
CA ALA Y 5 -38.80 8.57 -23.14
C ALA Y 5 -40.10 7.99 -22.61
N LEU Y 6 -41.19 8.21 -23.35
CA LEU Y 6 -42.48 7.74 -22.89
C LEU Y 6 -43.32 7.32 -24.09
N LYS Y 7 -44.17 6.32 -23.86
CA LYS Y 7 -45.15 5.87 -24.85
C LYS Y 7 -46.41 6.72 -24.78
N TYR Y 8 -46.96 7.06 -25.94
CA TYR Y 8 -48.30 7.63 -26.02
C TYR Y 8 -49.06 6.83 -27.07
N PRO Y 9 -50.40 6.94 -27.13
CA PRO Y 9 -51.16 6.12 -28.10
C PRO Y 9 -50.64 6.23 -29.54
N GLY Y 10 -50.00 5.19 -30.05
CA GLY Y 10 -49.52 5.23 -31.41
C GLY Y 10 -48.13 5.78 -31.63
N GLY Y 11 -47.35 5.99 -30.59
CA GLY Y 11 -46.00 6.49 -30.80
C GLY Y 11 -45.19 6.53 -29.52
N VAL Y 12 -43.99 7.11 -29.64
CA VAL Y 12 -43.06 7.30 -28.53
C VAL Y 12 -42.49 8.71 -28.65
N VAL Y 13 -42.07 9.26 -27.50
CA VAL Y 13 -41.47 10.60 -27.39
C VAL Y 13 -40.17 10.45 -26.62
N MET Y 14 -39.14 11.17 -27.03
CA MET Y 14 -37.87 11.15 -26.30
C MET Y 14 -37.31 12.56 -26.24
N ALA Y 15 -36.81 12.97 -25.08
CA ALA Y 15 -36.32 14.33 -24.95
C ALA Y 15 -35.09 14.36 -24.02
N GLY Y 16 -34.22 15.34 -24.25
CA GLY Y 16 -33.00 15.43 -23.46
C GLY Y 16 -32.55 16.85 -23.24
N ASP Y 17 -31.85 17.06 -22.13
CA ASP Y 17 -31.41 18.40 -21.79
C ASP Y 17 -30.22 18.80 -22.64
N ARG Y 18 -29.75 20.03 -22.44
CA ARG Y 18 -28.75 20.60 -23.34
C ARG Y 18 -27.44 20.89 -22.64
N ARG Y 19 -27.27 20.44 -21.40
CA ARG Y 19 -26.16 20.89 -20.59
C ARG Y 19 -24.97 19.94 -20.70
N SER Y 20 -23.80 20.51 -20.88
CA SER Y 20 -22.57 19.77 -20.85
C SER Y 20 -21.73 20.33 -19.71
N THR Y 21 -21.21 19.43 -18.87
CA THR Y 21 -20.49 19.84 -17.69
C THR Y 21 -19.13 19.16 -17.63
N GLN Y 22 -18.21 19.83 -16.92
CA GLN Y 22 -16.91 19.28 -16.53
C GLN Y 22 -16.78 19.58 -15.04
N GLY Y 23 -17.13 18.59 -14.20
CA GLY Y 23 -17.21 18.83 -12.76
C GLY Y 23 -18.42 19.70 -12.45
N ASN Y 24 -18.20 20.81 -11.75
CA ASN Y 24 -19.29 21.76 -11.54
C ASN Y 24 -19.35 22.83 -12.64
N MET Y 25 -18.32 22.94 -13.49
CA MET Y 25 -18.27 23.99 -14.48
C MET Y 25 -19.15 23.62 -15.69
N ILE Y 26 -19.91 24.60 -16.18
CA ILE Y 26 -20.77 24.41 -17.34
C ILE Y 26 -19.93 24.66 -18.60
N SER Y 27 -19.71 23.61 -19.37
CA SER Y 27 -18.93 23.64 -20.59
C SER Y 27 -19.79 23.63 -21.84
N GLY Y 28 -21.10 23.53 -21.70
CA GLY Y 28 -21.95 23.55 -22.87
C GLY Y 28 -23.41 23.84 -22.56
N ARG Y 29 -24.00 24.68 -23.40
CA ARG Y 29 -25.37 25.11 -23.17
C ARG Y 29 -26.35 24.56 -24.19
N ASP Y 30 -25.87 24.03 -25.32
CA ASP Y 30 -26.72 23.67 -26.46
C ASP Y 30 -26.48 22.25 -26.97
N VAL Y 31 -25.82 21.38 -26.21
CA VAL Y 31 -25.47 20.05 -26.75
C VAL Y 31 -26.71 19.22 -27.07
N ARG Y 32 -26.52 18.20 -27.90
CA ARG Y 32 -27.56 17.27 -28.33
C ARG Y 32 -27.27 15.87 -27.80
N LYS Y 33 -28.23 15.29 -27.09
CA LYS Y 33 -28.07 14.00 -26.46
C LYS Y 33 -29.07 12.99 -26.99
N VAL Y 34 -30.00 13.40 -27.85
CA VAL Y 34 -31.04 12.57 -28.45
C VAL Y 34 -30.83 12.59 -29.94
N TYR Y 35 -30.75 11.43 -30.54
CA TYR Y 35 -30.44 11.31 -31.95
C TYR Y 35 -31.43 10.36 -32.64
N ILE Y 36 -31.86 10.71 -33.85
CA ILE Y 36 -32.57 9.74 -34.67
C ILE Y 36 -31.52 8.77 -35.20
N THR Y 37 -31.58 7.52 -34.78
CA THR Y 37 -30.59 6.58 -35.27
C THR Y 37 -31.10 5.80 -36.46
N ASP Y 38 -32.40 5.79 -36.65
CA ASP Y 38 -33.01 5.00 -37.70
C ASP Y 38 -34.38 5.59 -38.02
N ASP Y 39 -34.95 5.20 -39.16
CA ASP Y 39 -36.26 5.75 -39.53
C ASP Y 39 -37.32 5.55 -38.45
N TYR Y 40 -37.16 4.55 -37.59
CA TYR Y 40 -38.15 4.36 -36.53
C TYR Y 40 -37.52 4.31 -35.14
N THR Y 41 -36.27 4.75 -34.98
CA THR Y 41 -35.68 4.66 -33.66
C THR Y 41 -34.84 5.89 -33.36
N ALA Y 42 -34.87 6.29 -32.09
CA ALA Y 42 -33.99 7.30 -31.55
C ALA Y 42 -33.31 6.75 -30.29
N THR Y 43 -32.11 7.26 -30.03
CA THR Y 43 -31.33 6.94 -28.85
C THR Y 43 -30.90 8.23 -28.14
N GLY Y 44 -31.02 8.22 -26.83
CA GLY Y 44 -30.43 9.25 -25.99
C GLY Y 44 -29.41 8.58 -25.09
N ILE Y 45 -28.26 9.24 -24.90
CA ILE Y 45 -27.20 8.65 -24.09
C ILE Y 45 -26.76 9.62 -23.02
N ALA Y 46 -26.45 9.09 -21.84
CA ALA Y 46 -25.92 9.87 -20.73
C ALA Y 46 -24.50 9.38 -20.44
N GLY Y 47 -23.67 10.27 -19.90
CA GLY Y 47 -22.33 9.91 -19.50
C GLY Y 47 -21.28 10.82 -20.13
N THR Y 48 -20.07 10.29 -20.26
CA THR Y 48 -18.99 11.09 -20.82
C THR Y 48 -19.32 11.41 -22.29
N ALA Y 49 -19.23 12.71 -22.64
CA ALA Y 49 -19.76 13.18 -23.91
C ALA Y 49 -19.17 12.40 -25.08
N ALA Y 50 -17.84 12.26 -25.10
CA ALA Y 50 -17.15 11.59 -26.19
C ALA Y 50 -17.70 10.19 -26.45
N VAL Y 51 -17.80 9.38 -25.39
CA VAL Y 51 -18.24 8.00 -25.56
C VAL Y 51 -19.70 7.94 -25.97
N ALA Y 52 -20.53 8.83 -25.42
CA ALA Y 52 -21.96 8.85 -25.76
C ALA Y 52 -22.18 9.17 -27.23
N VAL Y 53 -21.53 10.21 -27.73
CA VAL Y 53 -21.66 10.53 -29.15
C VAL Y 53 -21.09 9.43 -30.01
N GLU Y 54 -19.96 8.85 -29.59
CA GLU Y 54 -19.37 7.78 -30.36
C GLU Y 54 -20.33 6.60 -30.48
N PHE Y 55 -20.98 6.24 -29.37
CA PHE Y 55 -21.97 5.17 -29.40
C PHE Y 55 -23.10 5.49 -30.37
N ALA Y 56 -23.72 6.67 -30.23
CA ALA Y 56 -24.86 6.96 -31.10
C ALA Y 56 -24.45 6.89 -32.57
N ARG Y 57 -23.29 7.45 -32.90
CA ARG Y 57 -22.82 7.45 -34.29
C ARG Y 57 -22.56 6.03 -34.81
N LEU Y 58 -21.81 5.24 -34.04
CA LEU Y 58 -21.48 3.89 -34.46
C LEU Y 58 -22.72 3.02 -34.52
N TYR Y 59 -23.63 3.21 -33.58
CA TYR Y 59 -24.87 2.44 -33.59
C TYR Y 59 -25.70 2.74 -34.84
N ALA Y 60 -25.88 4.02 -35.17
CA ALA Y 60 -26.60 4.32 -36.40
C ALA Y 60 -25.92 3.68 -37.59
N VAL Y 61 -24.59 3.80 -37.67
CA VAL Y 61 -23.87 3.18 -38.78
C VAL Y 61 -24.12 1.68 -38.80
N GLU Y 62 -24.09 1.02 -37.65
CA GLU Y 62 -24.27 -0.42 -37.63
C GLU Y 62 -25.63 -0.84 -38.17
N LEU Y 63 -26.70 -0.15 -37.76
CA LEU Y 63 -28.04 -0.51 -38.22
C LEU Y 63 -28.19 -0.31 -39.73
N GLU Y 64 -27.68 0.81 -40.25
CA GLU Y 64 -27.86 1.02 -41.68
C GLU Y 64 -27.01 0.04 -42.49
N HIS Y 65 -25.83 -0.30 -41.96
CA HIS Y 65 -24.96 -1.31 -42.58
C HIS Y 65 -25.68 -2.65 -42.70
N TYR Y 66 -26.26 -3.13 -41.60
CA TYR Y 66 -27.01 -4.37 -41.69
C TYR Y 66 -28.09 -4.25 -42.75
N GLU Y 67 -28.83 -3.13 -42.75
CA GLU Y 67 -29.96 -3.03 -43.67
C GLU Y 67 -29.53 -3.05 -45.14
N LYS Y 68 -28.45 -2.34 -45.49
CA LYS Y 68 -27.99 -2.35 -46.87
C LYS Y 68 -27.36 -3.69 -47.25
N LEU Y 69 -26.72 -4.38 -46.30
CA LEU Y 69 -26.15 -5.67 -46.63
C LEU Y 69 -27.22 -6.72 -46.86
N GLU Y 70 -28.29 -6.71 -46.07
CA GLU Y 70 -29.23 -7.83 -46.14
C GLU Y 70 -30.57 -7.43 -46.73
N GLY Y 71 -30.69 -6.20 -47.23
CA GLY Y 71 -31.89 -5.71 -47.88
C GLY Y 71 -33.04 -5.43 -46.93
N VAL Y 72 -32.88 -5.72 -45.65
CA VAL Y 72 -33.98 -5.56 -44.70
C VAL Y 72 -33.42 -4.98 -43.40
N PRO Y 73 -34.13 -4.08 -42.71
CA PRO Y 73 -33.61 -3.62 -41.43
C PRO Y 73 -33.72 -4.70 -40.35
N LEU Y 74 -32.97 -4.53 -39.28
CA LEU Y 74 -33.04 -5.48 -38.19
C LEU Y 74 -34.42 -5.45 -37.55
N THR Y 75 -34.87 -6.62 -37.07
CA THR Y 75 -36.02 -6.63 -36.18
C THR Y 75 -35.71 -5.77 -34.95
N PHE Y 76 -36.76 -5.25 -34.29
CA PHE Y 76 -36.50 -4.39 -33.14
C PHE Y 76 -35.70 -5.13 -32.07
N ALA Y 77 -36.03 -6.40 -31.85
CA ALA Y 77 -35.25 -7.20 -30.91
C ALA Y 77 -33.77 -7.20 -31.29
N GLY Y 78 -33.47 -7.36 -32.57
CA GLY Y 78 -32.08 -7.33 -32.99
C GLY Y 78 -31.39 -6.02 -32.66
N LYS Y 79 -32.09 -4.90 -32.85
CA LYS Y 79 -31.53 -3.60 -32.48
C LYS Y 79 -31.22 -3.54 -30.99
N ILE Y 80 -32.14 -4.02 -30.16
CA ILE Y 80 -31.88 -4.09 -28.72
C ILE Y 80 -30.61 -4.90 -28.45
N ASN Y 81 -30.51 -6.10 -29.05
CA ASN Y 81 -29.34 -6.95 -28.77
C ASN Y 81 -28.05 -6.26 -29.19
N ARG Y 82 -28.06 -5.55 -30.30
CA ARG Y 82 -26.83 -4.95 -30.76
C ARG Y 82 -26.42 -3.79 -29.86
N LEU Y 83 -27.38 -2.99 -29.39
CA LEU Y 83 -27.07 -1.92 -28.46
C LEU Y 83 -26.53 -2.47 -27.13
N ALA Y 84 -27.15 -3.54 -26.64
CA ALA Y 84 -26.65 -4.22 -25.45
C ALA Y 84 -25.22 -4.69 -25.65
N ILE Y 85 -24.94 -5.26 -26.81
CA ILE Y 85 -23.59 -5.76 -27.05
C ILE Y 85 -22.60 -4.62 -27.03
N MET Y 86 -22.98 -3.48 -27.60
CA MET Y 86 -22.08 -2.33 -27.60
C MET Y 86 -21.79 -1.84 -26.17
N VAL Y 87 -22.85 -1.71 -25.34
CA VAL Y 87 -22.69 -1.27 -23.95
C VAL Y 87 -21.82 -2.24 -23.17
N ARG Y 88 -22.00 -3.54 -23.39
CA ARG Y 88 -21.18 -4.47 -22.63
C ARG Y 88 -19.72 -4.36 -23.04
N GLY Y 89 -19.45 -4.20 -24.33
CA GLY Y 89 -18.08 -3.99 -24.79
C GLY Y 89 -17.35 -2.88 -24.07
N ASN Y 90 -18.07 -1.79 -23.70
CA ASN Y 90 -17.47 -0.60 -23.08
C ASN Y 90 -17.33 -0.72 -21.58
N LEU Y 91 -17.68 -1.88 -21.00
CA LEU Y 91 -17.78 -1.97 -19.55
C LEU Y 91 -16.46 -1.71 -18.85
N ALA Y 92 -15.34 -2.25 -19.38
CA ALA Y 92 -14.05 -2.00 -18.75
C ALA Y 92 -13.72 -0.51 -18.76
N ALA Y 93 -13.81 0.09 -19.95
CA ALA Y 93 -13.60 1.53 -20.10
C ALA Y 93 -14.58 2.30 -19.22
N ALA Y 94 -15.82 1.79 -19.10
CA ALA Y 94 -16.81 2.45 -18.24
C ALA Y 94 -16.35 2.46 -16.80
N MET Y 95 -15.74 1.35 -16.35
CA MET Y 95 -15.21 1.28 -15.00
C MET Y 95 -14.09 2.29 -14.82
N GLN Y 96 -13.31 2.55 -15.85
CA GLN Y 96 -12.22 3.51 -15.70
C GLN Y 96 -12.64 4.95 -16.04
N GLY Y 97 -13.94 5.25 -16.08
CA GLY Y 97 -14.43 6.61 -16.26
C GLY Y 97 -15.06 6.93 -17.62
N LEU Y 98 -14.93 6.10 -18.64
CA LEU Y 98 -15.57 6.40 -19.92
C LEU Y 98 -16.93 5.70 -20.04
N LEU Y 99 -17.84 6.09 -19.16
CA LEU Y 99 -19.14 5.47 -19.06
C LEU Y 99 -20.14 6.12 -20.02
N ALA Y 100 -20.98 5.30 -20.63
CA ALA Y 100 -22.06 5.76 -21.51
C ALA Y 100 -23.25 4.83 -21.37
N LEU Y 101 -24.39 5.36 -20.91
CA LEU Y 101 -25.62 4.61 -20.75
C LEU Y 101 -26.66 5.07 -21.76
N PRO Y 102 -27.17 4.18 -22.63
CA PRO Y 102 -28.20 4.62 -23.58
C PRO Y 102 -29.62 4.35 -23.11
N LEU Y 103 -30.54 5.06 -23.74
CA LEU Y 103 -31.98 4.84 -23.63
C LEU Y 103 -32.51 4.81 -25.05
N LEU Y 104 -33.31 3.79 -25.37
CA LEU Y 104 -33.76 3.52 -26.75
C LEU Y 104 -35.28 3.65 -26.83
N ALA Y 105 -35.76 4.43 -27.79
CA ALA Y 105 -37.19 4.57 -28.00
C ALA Y 105 -37.45 4.39 -29.49
N GLY Y 106 -38.40 3.53 -29.84
CA GLY Y 106 -38.62 3.21 -31.23
C GLY Y 106 -40.06 2.86 -31.48
N TYR Y 107 -40.40 2.66 -32.75
CA TYR Y 107 -41.73 2.22 -33.18
C TYR Y 107 -41.56 0.93 -33.97
N ASP Y 108 -42.13 -0.16 -33.45
CA ASP Y 108 -41.92 -1.47 -34.05
C ASP Y 108 -42.93 -1.70 -35.17
N ILE Y 109 -42.48 -1.45 -36.40
CA ILE Y 109 -43.26 -1.64 -37.63
C ILE Y 109 -43.97 -3.00 -37.63
N HIS Y 110 -43.31 -4.03 -37.10
CA HIS Y 110 -43.79 -5.40 -37.15
C HIS Y 110 -44.53 -5.81 -35.89
N ALA Y 111 -44.93 -4.85 -35.07
CA ALA Y 111 -45.69 -5.19 -33.89
C ALA Y 111 -47.14 -5.52 -34.29
N SER Y 112 -47.81 -6.28 -33.42
CA SER Y 112 -49.17 -6.73 -33.71
C SER Y 112 -50.16 -5.57 -33.67
N ASP Y 113 -50.15 -4.79 -32.58
CA ASP Y 113 -51.11 -3.71 -32.38
C ASP Y 113 -50.46 -2.36 -32.66
N PRO Y 114 -50.88 -1.60 -33.70
CA PRO Y 114 -50.26 -0.27 -33.96
C PRO Y 114 -50.42 0.75 -32.84
N GLN Y 115 -51.05 0.34 -31.74
CA GLN Y 115 -51.13 1.15 -30.53
C GLN Y 115 -50.04 0.83 -29.51
N SER Y 116 -49.75 -0.45 -29.30
CA SER Y 116 -48.59 -0.88 -28.52
C SER Y 116 -47.38 -1.15 -29.40
N ALA Y 117 -47.29 -0.50 -30.56
CA ALA Y 117 -46.09 -0.67 -31.38
C ALA Y 117 -44.96 0.25 -30.92
N GLY Y 118 -45.24 1.19 -30.02
CA GLY Y 118 -44.19 1.98 -29.43
C GLY Y 118 -43.39 1.12 -28.46
N ARG Y 119 -42.08 1.36 -28.40
CA ARG Y 119 -41.14 0.56 -27.64
C ARG Y 119 -40.17 1.45 -26.87
N ILE Y 120 -39.91 1.11 -25.62
CA ILE Y 120 -38.94 1.81 -24.77
C ILE Y 120 -38.02 0.80 -24.10
N VAL Y 121 -36.73 0.97 -24.28
CA VAL Y 121 -35.71 0.06 -23.76
C VAL Y 121 -34.69 0.86 -22.96
N SER Y 122 -34.46 0.46 -21.72
CA SER Y 122 -33.44 1.06 -20.88
C SER Y 122 -32.33 0.05 -20.60
N PHE Y 123 -31.13 0.55 -20.30
CA PHE Y 123 -29.99 -0.35 -20.15
C PHE Y 123 -29.26 -0.08 -18.84
N ASP Y 124 -28.39 -0.99 -18.45
CA ASP Y 124 -27.46 -0.74 -17.37
C ASP Y 124 -26.02 -0.86 -17.87
N ALA Y 125 -25.08 -0.49 -16.99
CA ALA Y 125 -23.68 -0.34 -17.39
C ALA Y 125 -23.05 -1.64 -17.88
N ALA Y 126 -23.65 -2.78 -17.53
CA ALA Y 126 -23.25 -4.11 -17.97
C ALA Y 126 -23.93 -4.53 -19.26
N GLY Y 127 -24.71 -3.67 -19.87
CA GLY Y 127 -25.47 -4.08 -21.02
C GLY Y 127 -26.72 -4.74 -20.51
N GLY Y 128 -27.64 -5.04 -21.39
CA GLY Y 128 -28.72 -5.81 -20.83
C GLY Y 128 -29.79 -4.90 -20.27
N TRP Y 129 -31.01 -5.27 -20.58
CA TRP Y 129 -31.97 -4.33 -21.07
C TRP Y 129 -33.31 -4.56 -20.40
N ASN Y 130 -34.16 -3.55 -20.53
CA ASN Y 130 -35.53 -3.64 -20.09
C ASN Y 130 -36.40 -3.01 -21.15
N ILE Y 131 -37.30 -3.82 -21.69
CA ILE Y 131 -38.38 -3.32 -22.51
C ILE Y 131 -39.48 -2.91 -21.52
N GLU Y 132 -39.75 -1.62 -21.44
CA GLU Y 132 -40.60 -1.09 -20.39
C GLU Y 132 -42.07 -1.23 -20.73
N GLU Y 133 -42.81 -1.97 -19.91
CA GLU Y 133 -44.25 -2.10 -20.11
C GLU Y 133 -45.04 -1.14 -19.24
N GLU Y 134 -44.42 -0.09 -18.72
CA GLU Y 134 -45.12 0.83 -17.85
C GLU Y 134 -45.12 2.24 -18.42
N GLY Y 135 -44.66 2.42 -19.66
CA GLY Y 135 -44.98 3.59 -20.42
C GLY Y 135 -43.87 4.62 -20.52
N TYR Y 136 -42.94 4.64 -19.55
CA TYR Y 136 -41.89 5.65 -19.55
C TYR Y 136 -40.60 5.09 -18.97
N GLN Y 137 -39.53 5.82 -19.21
CA GLN Y 137 -38.22 5.53 -18.67
C GLN Y 137 -37.36 6.78 -18.81
N ALA Y 138 -36.26 6.78 -18.07
CA ALA Y 138 -35.31 7.87 -18.12
C ALA Y 138 -33.93 7.35 -17.76
N VAL Y 139 -32.92 8.15 -18.11
CA VAL Y 139 -31.52 7.84 -17.81
C VAL Y 139 -30.80 9.15 -17.58
N GLY Y 140 -29.74 9.11 -16.78
CA GLY Y 140 -28.90 10.25 -16.45
C GLY Y 140 -29.00 10.59 -14.98
N SER Y 141 -28.19 11.57 -14.56
CA SER Y 141 -28.15 11.88 -13.14
C SER Y 141 -29.47 12.44 -12.64
N GLY Y 142 -30.33 12.93 -13.54
CA GLY Y 142 -31.65 13.39 -13.14
C GLY Y 142 -32.79 12.41 -13.38
N SER Y 143 -32.48 11.16 -13.75
CA SER Y 143 -33.53 10.22 -14.18
C SER Y 143 -34.51 9.87 -13.06
N LEU Y 144 -34.07 9.85 -11.80
CA LEU Y 144 -35.02 9.49 -10.74
C LEU Y 144 -36.02 10.61 -10.49
N PHE Y 145 -35.57 11.87 -10.56
CA PHE Y 145 -36.53 12.97 -10.47
C PHE Y 145 -37.52 12.93 -11.64
N ALA Y 146 -37.00 12.79 -12.87
CA ALA Y 146 -37.88 12.76 -14.04
C ALA Y 146 -38.85 11.58 -13.97
N LYS Y 147 -38.38 10.39 -13.55
CA LYS Y 147 -39.28 9.25 -13.44
C LYS Y 147 -40.33 9.44 -12.34
N SER Y 148 -39.97 10.05 -11.21
CA SER Y 148 -40.98 10.31 -10.17
C SER Y 148 -41.98 11.39 -10.58
N SER Y 149 -41.56 12.32 -11.42
CA SER Y 149 -42.51 13.26 -11.97
C SER Y 149 -43.46 12.56 -12.95
N MET Y 150 -42.90 11.79 -13.90
CA MET Y 150 -43.74 11.11 -14.89
C MET Y 150 -44.68 10.14 -14.21
N LYS Y 151 -44.29 9.61 -13.05
CA LYS Y 151 -45.18 8.74 -12.28
C LYS Y 151 -46.49 9.45 -11.95
N LYS Y 152 -46.44 10.77 -11.72
CA LYS Y 152 -47.62 11.54 -11.39
C LYS Y 152 -48.30 12.15 -12.61
N LEU Y 153 -47.54 12.46 -13.67
CA LEU Y 153 -48.08 13.14 -14.83
C LEU Y 153 -48.48 12.20 -15.95
N TYR Y 154 -48.18 10.91 -15.84
CA TYR Y 154 -48.33 10.04 -17.00
C TYR Y 154 -49.80 9.77 -17.32
N SER Y 155 -50.68 9.85 -16.31
CA SER Y 155 -52.12 9.72 -16.56
C SER Y 155 -52.61 10.77 -17.54
N GLN Y 156 -51.89 11.86 -17.72
CA GLN Y 156 -52.34 12.89 -18.64
C GLN Y 156 -51.85 12.66 -20.06
N VAL Y 157 -51.22 11.53 -20.36
CA VAL Y 157 -50.65 11.28 -21.68
C VAL Y 157 -51.75 10.65 -22.54
N THR Y 158 -52.18 11.40 -23.55
CA THR Y 158 -53.32 11.05 -24.39
C THR Y 158 -52.96 10.97 -25.87
N ASP Y 159 -51.95 11.73 -26.27
CA ASP Y 159 -51.53 11.80 -27.65
C ASP Y 159 -50.11 12.37 -27.68
N GLY Y 160 -49.62 12.67 -28.89
CA GLY Y 160 -48.27 13.22 -29.02
C GLY Y 160 -48.09 14.53 -28.30
N ASP Y 161 -49.14 15.37 -28.25
CA ASP Y 161 -49.00 16.69 -27.65
C ASP Y 161 -48.90 16.61 -26.13
N SER Y 162 -49.80 15.85 -25.51
CA SER Y 162 -49.68 15.66 -24.08
C SER Y 162 -48.42 14.88 -23.70
N GLY Y 163 -48.06 13.84 -24.46
CA GLY Y 163 -46.85 13.11 -24.16
C GLY Y 163 -45.61 13.99 -24.25
N LEU Y 164 -45.57 14.85 -25.26
CA LEU Y 164 -44.45 15.78 -25.36
C LEU Y 164 -44.44 16.76 -24.18
N ARG Y 165 -45.61 17.25 -23.74
CA ARG Y 165 -45.59 18.15 -22.58
C ARG Y 165 -45.05 17.44 -21.35
N VAL Y 166 -45.56 16.24 -21.05
CA VAL Y 166 -45.05 15.49 -19.90
C VAL Y 166 -43.55 15.21 -20.00
N ALA Y 167 -43.06 14.90 -21.19
CA ALA Y 167 -41.62 14.70 -21.33
C ALA Y 167 -40.87 15.99 -20.97
N VAL Y 168 -41.29 17.12 -21.55
CA VAL Y 168 -40.61 18.39 -21.26
C VAL Y 168 -40.74 18.76 -19.78
N GLU Y 169 -41.86 18.40 -19.16
CA GLU Y 169 -42.09 18.74 -17.75
C GLU Y 169 -41.24 17.86 -16.83
N ALA Y 170 -41.10 16.60 -17.18
CA ALA Y 170 -40.17 15.75 -16.44
C ALA Y 170 -38.74 16.26 -16.57
N LEU Y 171 -38.37 16.76 -17.76
CA LEU Y 171 -37.06 17.40 -17.88
C LEU Y 171 -36.95 18.63 -17.02
N TYR Y 172 -38.06 19.37 -16.86
CA TYR Y 172 -38.07 20.58 -16.06
C TYR Y 172 -37.85 20.27 -14.59
N ASP Y 173 -38.55 19.26 -14.08
CA ASP Y 173 -38.37 18.85 -12.69
C ASP Y 173 -36.98 18.28 -12.44
N ALA Y 174 -36.49 17.46 -13.36
CA ALA Y 174 -35.13 16.94 -13.24
C ALA Y 174 -34.14 18.08 -13.13
N ALA Y 175 -34.20 19.05 -14.05
CA ALA Y 175 -33.29 20.18 -13.99
C ALA Y 175 -33.50 21.00 -12.73
N ASP Y 176 -34.71 20.94 -12.20
CA ASP Y 176 -35.07 21.67 -11.00
C ASP Y 176 -34.35 21.11 -9.78
N ASP Y 177 -34.05 19.81 -9.78
CA ASP Y 177 -33.38 19.23 -8.61
C ASP Y 177 -31.94 18.75 -8.85
N ASP Y 178 -31.43 18.79 -10.08
CA ASP Y 178 -30.10 18.27 -10.41
C ASP Y 178 -29.34 19.30 -11.23
N SER Y 179 -28.22 19.78 -10.67
CA SER Y 179 -27.51 20.87 -11.33
C SER Y 179 -26.83 20.43 -12.62
N ALA Y 180 -26.63 19.13 -12.82
CA ALA Y 180 -26.06 18.66 -14.08
C ALA Y 180 -27.06 18.60 -15.21
N THR Y 181 -28.36 18.78 -14.92
CA THR Y 181 -29.39 18.82 -15.96
C THR Y 181 -29.76 20.28 -16.17
N GLY Y 182 -29.78 20.72 -17.43
CA GLY Y 182 -30.08 22.11 -17.75
C GLY Y 182 -31.55 22.31 -18.05
N GLY Y 183 -32.13 23.32 -17.43
CA GLY Y 183 -33.47 23.73 -17.76
C GLY Y 183 -33.49 24.66 -18.95
N PRO Y 184 -34.70 25.14 -19.27
CA PRO Y 184 -34.86 26.09 -20.40
C PRO Y 184 -34.21 27.44 -20.13
N ASP Y 185 -33.36 27.87 -21.06
CA ASP Y 185 -32.64 29.14 -20.99
C ASP Y 185 -33.43 30.16 -21.80
N LEU Y 186 -34.23 30.98 -21.13
CA LEU Y 186 -35.05 31.92 -21.90
C LEU Y 186 -34.26 33.13 -22.37
N VAL Y 187 -33.07 33.37 -21.81
CA VAL Y 187 -32.27 34.47 -22.33
C VAL Y 187 -31.65 34.08 -23.65
N ARG Y 188 -31.13 32.87 -23.73
CA ARG Y 188 -30.52 32.41 -24.97
C ARG Y 188 -31.51 31.70 -25.88
N GLY Y 189 -32.69 31.36 -25.42
CA GLY Y 189 -33.58 30.62 -26.28
C GLY Y 189 -33.12 29.21 -26.58
N ILE Y 190 -32.58 28.50 -25.58
CA ILE Y 190 -32.14 27.13 -25.72
C ILE Y 190 -33.06 26.23 -24.93
N PHE Y 191 -33.61 25.24 -25.59
CA PHE Y 191 -34.59 24.35 -24.99
C PHE Y 191 -34.21 22.90 -25.23
N PRO Y 192 -34.76 21.97 -24.44
CA PRO Y 192 -34.51 20.55 -24.68
C PRO Y 192 -34.77 20.11 -26.11
N THR Y 193 -34.10 19.04 -26.53
CA THR Y 193 -34.39 18.49 -27.85
C THR Y 193 -35.36 17.32 -27.69
N ALA Y 194 -36.20 17.11 -28.70
CA ALA Y 194 -37.18 16.03 -28.66
C ALA Y 194 -37.34 15.38 -30.01
N VAL Y 195 -37.59 14.09 -30.00
CA VAL Y 195 -37.90 13.31 -31.19
C VAL Y 195 -39.23 12.62 -30.91
N ILE Y 196 -40.14 12.68 -31.88
CA ILE Y 196 -41.40 11.92 -31.81
C ILE Y 196 -41.37 10.85 -32.90
N ILE Y 197 -41.84 9.65 -32.59
CA ILE Y 197 -41.82 8.53 -33.53
C ILE Y 197 -43.21 7.89 -33.60
N ASP Y 198 -43.78 7.83 -34.81
CA ASP Y 198 -45.06 7.12 -35.04
C ASP Y 198 -44.93 6.31 -36.33
N ALA Y 199 -46.06 5.86 -36.86
CA ALA Y 199 -46.02 5.00 -38.04
C ALA Y 199 -45.37 5.69 -39.24
N ASP Y 200 -45.37 7.02 -39.29
CA ASP Y 200 -44.70 7.74 -40.37
C ASP Y 200 -43.21 7.98 -40.14
N GLY Y 201 -42.62 7.42 -39.10
CA GLY Y 201 -41.19 7.55 -38.89
C GLY Y 201 -40.90 8.39 -37.67
N ALA Y 202 -39.63 8.77 -37.56
CA ALA Y 202 -39.10 9.56 -36.46
C ALA Y 202 -38.85 10.96 -36.98
N VAL Y 203 -39.38 11.97 -36.30
CA VAL Y 203 -39.13 13.33 -36.74
C VAL Y 203 -38.66 14.15 -35.53
N ASP Y 204 -37.77 15.11 -35.80
CA ASP Y 204 -37.34 16.03 -34.77
C ASP Y 204 -38.40 17.08 -34.55
N VAL Y 205 -38.70 17.34 -33.28
CA VAL Y 205 -39.61 18.41 -32.85
C VAL Y 205 -38.91 19.75 -33.02
N PRO Y 206 -39.54 20.72 -33.67
CA PRO Y 206 -38.89 22.02 -33.83
C PRO Y 206 -38.64 22.68 -32.49
N GLU Y 207 -37.54 23.43 -32.42
CA GLU Y 207 -37.19 24.17 -31.21
C GLU Y 207 -38.39 24.93 -30.64
N SER Y 208 -39.11 25.66 -31.52
CA SER Y 208 -40.13 26.62 -31.07
C SER Y 208 -41.29 25.94 -30.36
N ARG Y 209 -41.64 24.73 -30.79
CA ARG Y 209 -42.65 23.94 -30.10
C ARG Y 209 -42.23 23.68 -28.65
N ILE Y 210 -41.01 23.19 -28.46
CA ILE Y 210 -40.51 22.94 -27.12
C ILE Y 210 -40.48 24.24 -26.33
N ALA Y 211 -40.15 25.35 -27.00
CA ALA Y 211 -40.19 26.65 -26.34
C ALA Y 211 -41.60 26.97 -25.82
N GLU Y 212 -42.63 26.67 -26.61
CA GLU Y 212 -44.00 26.97 -26.19
C GLU Y 212 -44.37 26.15 -24.96
N LEU Y 213 -44.15 24.83 -25.01
CA LEU Y 213 -44.40 23.95 -23.86
C LEU Y 213 -43.65 24.40 -22.63
N ALA Y 214 -42.40 24.84 -22.82
CA ALA Y 214 -41.61 25.36 -21.72
C ALA Y 214 -42.31 26.54 -21.08
N ARG Y 215 -42.62 27.57 -21.88
CA ARG Y 215 -43.31 28.74 -21.33
C ARG Y 215 -44.61 28.34 -20.64
N ALA Y 216 -45.31 27.32 -21.15
CA ALA Y 216 -46.51 26.87 -20.47
C ALA Y 216 -46.19 26.31 -19.08
N ILE Y 217 -45.13 25.53 -18.95
CA ILE Y 217 -44.79 24.97 -17.63
C ILE Y 217 -44.37 26.09 -16.66
N ILE Y 218 -43.49 26.98 -17.11
CA ILE Y 218 -43.03 28.09 -16.27
C ILE Y 218 -44.19 28.92 -15.79
N GLU Y 219 -45.08 29.28 -16.71
CA GLU Y 219 -46.23 30.08 -16.29
C GLU Y 219 -47.09 29.30 -15.31
N SER Y 220 -47.30 28.02 -15.58
CA SER Y 220 -48.11 27.25 -14.65
C SER Y 220 -47.49 27.16 -13.27
N ARG Y 221 -46.19 27.37 -13.11
CA ARG Y 221 -45.61 27.35 -11.77
C ARG Y 221 -45.42 28.75 -11.17
N SER Y 222 -45.59 29.81 -11.97
CA SER Y 222 -45.54 31.18 -11.43
C SER Y 222 -46.88 31.62 -10.84
N GLY Y 223 -47.97 31.29 -11.53
CA GLY Y 223 -49.30 31.74 -11.17
C GLY Y 223 -50.24 31.61 -12.36
N THR Z 1 -0.22 28.21 -20.77
CA THR Z 1 -0.70 28.41 -22.13
C THR Z 1 -2.14 28.88 -22.21
N THR Z 2 -2.42 29.82 -23.11
CA THR Z 2 -3.80 30.13 -23.45
C THR Z 2 -3.92 30.38 -24.94
N ILE Z 3 -4.87 29.69 -25.56
CA ILE Z 3 -5.17 29.84 -26.98
C ILE Z 3 -6.63 30.23 -27.09
N VAL Z 4 -6.88 31.28 -27.85
CA VAL Z 4 -8.19 31.85 -28.05
C VAL Z 4 -8.57 31.80 -29.52
N ALA Z 5 -9.87 31.72 -29.77
CA ALA Z 5 -10.37 31.76 -31.13
C ALA Z 5 -11.77 32.35 -31.14
N LEU Z 6 -12.03 33.20 -32.12
CA LEU Z 6 -13.34 33.80 -32.19
C LEU Z 6 -13.75 33.97 -33.65
N LYS Z 7 -15.07 33.90 -33.87
CA LYS Z 7 -15.70 34.18 -35.16
C LYS Z 7 -15.96 35.67 -35.29
N TYR Z 8 -15.71 36.21 -36.48
CA TYR Z 8 -16.13 37.56 -36.85
C TYR Z 8 -16.86 37.50 -38.18
N PRO Z 9 -17.63 38.58 -38.55
CA PRO Z 9 -18.40 38.52 -39.81
C PRO Z 9 -17.56 38.16 -41.03
N GLY Z 10 -17.72 36.94 -41.50
CA GLY Z 10 -16.99 36.45 -42.66
C GLY Z 10 -15.66 35.76 -42.41
N GLY Z 11 -15.31 35.47 -41.15
CA GLY Z 11 -14.06 34.79 -40.93
C GLY Z 11 -13.92 34.37 -39.50
N VAL Z 12 -12.72 33.89 -39.17
CA VAL Z 12 -12.35 33.48 -37.82
C VAL Z 12 -10.95 33.95 -37.55
N VAL Z 13 -10.65 34.15 -36.27
CA VAL Z 13 -9.32 34.54 -35.83
C VAL Z 13 -8.93 33.61 -34.71
N MET Z 14 -7.65 33.25 -34.65
CA MET Z 14 -7.11 32.43 -33.58
C MET Z 14 -5.78 33.04 -33.13
N ALA Z 15 -5.56 33.15 -31.82
CA ALA Z 15 -4.33 33.72 -31.29
C ALA Z 15 -3.88 32.93 -30.07
N GLY Z 16 -2.56 32.91 -29.84
CA GLY Z 16 -1.97 32.17 -28.74
C GLY Z 16 -0.75 32.88 -28.17
N ASP Z 17 -0.47 32.57 -26.89
CA ASP Z 17 0.66 33.15 -26.16
C ASP Z 17 1.97 32.45 -26.55
N ARG Z 18 3.09 32.90 -25.97
CA ARG Z 18 4.42 32.47 -26.39
C ARG Z 18 5.23 31.84 -25.27
N ARG Z 19 4.62 31.52 -24.13
CA ARG Z 19 5.37 31.09 -22.95
C ARG Z 19 5.50 29.58 -22.87
N SER Z 20 6.71 29.13 -22.59
CA SER Z 20 6.99 27.73 -22.33
C SER Z 20 7.52 27.65 -20.92
N THR Z 21 6.99 26.72 -20.10
CA THR Z 21 7.35 26.58 -18.70
C THR Z 21 7.74 25.14 -18.36
N GLN Z 22 8.53 24.96 -17.30
CA GLN Z 22 8.77 23.67 -16.65
C GLN Z 22 8.51 23.90 -15.16
N GLY Z 23 7.31 23.63 -14.70
CA GLY Z 23 6.99 23.99 -13.34
C GLY Z 23 6.89 25.50 -13.21
N ASN Z 24 7.68 26.09 -12.32
CA ASN Z 24 7.65 27.54 -12.16
C ASN Z 24 8.64 28.26 -13.07
N MET Z 25 9.61 27.55 -13.66
CA MET Z 25 10.64 28.20 -14.46
C MET Z 25 10.20 28.44 -15.89
N ILE Z 26 10.55 29.62 -16.41
CA ILE Z 26 10.28 29.95 -17.80
C ILE Z 26 11.36 29.35 -18.69
N SER Z 27 10.97 28.41 -19.56
CA SER Z 27 11.88 27.78 -20.52
C SER Z 27 11.77 28.37 -21.92
N GLY Z 28 10.82 29.24 -22.16
CA GLY Z 28 10.79 29.85 -23.47
C GLY Z 28 9.93 31.10 -23.53
N ARG Z 29 10.41 32.10 -24.27
CA ARG Z 29 9.68 33.34 -24.35
C ARG Z 29 9.00 33.56 -25.69
N ASP Z 30 9.37 32.77 -26.71
CA ASP Z 30 8.98 33.04 -28.10
C ASP Z 30 8.32 31.85 -28.79
N VAL Z 31 7.87 30.83 -28.04
CA VAL Z 31 7.35 29.62 -28.67
C VAL Z 31 6.07 29.90 -29.46
N ARG Z 32 5.73 28.96 -30.33
CA ARG Z 32 4.63 29.10 -31.26
C ARG Z 32 3.62 27.98 -31.00
N LYS Z 33 2.38 28.36 -30.72
CA LYS Z 33 1.36 27.37 -30.40
C LYS Z 33 0.23 27.31 -31.39
N VAL Z 34 0.18 28.21 -32.37
CA VAL Z 34 -0.88 28.24 -33.36
C VAL Z 34 -0.28 28.01 -34.74
N TYR Z 35 -0.84 27.02 -35.47
CA TYR Z 35 -0.30 26.56 -36.74
C TYR Z 35 -1.37 26.55 -37.81
N ILE Z 36 -1.03 27.04 -38.99
CA ILE Z 36 -1.90 26.88 -40.15
C ILE Z 36 -1.77 25.45 -40.60
N THR Z 37 -2.85 24.68 -40.47
CA THR Z 37 -2.80 23.27 -40.82
C THR Z 37 -3.26 22.99 -42.24
N ASP Z 38 -4.05 23.89 -42.84
CA ASP Z 38 -4.32 23.75 -44.27
C ASP Z 38 -4.81 25.11 -44.77
N ASP Z 39 -5.02 25.21 -46.07
CA ASP Z 39 -5.34 26.50 -46.63
C ASP Z 39 -6.51 27.18 -45.92
N TYR Z 40 -7.40 26.42 -45.28
CA TYR Z 40 -8.53 27.06 -44.61
C TYR Z 40 -8.68 26.67 -43.15
N THR Z 41 -7.62 26.17 -42.50
CA THR Z 41 -7.75 25.68 -41.13
C THR Z 41 -6.51 26.01 -40.30
N ALA Z 42 -6.74 26.40 -39.05
CA ALA Z 42 -5.69 26.63 -38.06
C ALA Z 42 -5.99 25.83 -36.81
N THR Z 43 -4.92 25.34 -36.17
CA THR Z 43 -5.03 24.61 -34.90
C THR Z 43 -4.05 25.21 -33.88
N GLY Z 44 -4.53 25.44 -32.67
CA GLY Z 44 -3.68 25.78 -31.54
C GLY Z 44 -3.80 24.69 -30.50
N ILE Z 45 -2.69 24.30 -29.88
CA ILE Z 45 -2.70 23.21 -28.90
C ILE Z 45 -2.08 23.64 -27.57
N ALA Z 46 -2.65 23.14 -26.47
CA ALA Z 46 -2.15 23.35 -25.13
C ALA Z 46 -1.69 22.01 -24.56
N GLY Z 47 -0.73 22.06 -23.63
CA GLY Z 47 -0.26 20.88 -22.93
C GLY Z 47 1.24 20.69 -23.08
N THR Z 48 1.68 19.45 -22.96
CA THR Z 48 3.11 19.21 -23.08
C THR Z 48 3.55 19.48 -24.52
N ALA Z 49 4.59 20.30 -24.65
CA ALA Z 49 4.97 20.81 -25.96
C ALA Z 49 5.25 19.67 -26.94
N ALA Z 50 6.00 18.66 -26.50
CA ALA Z 50 6.32 17.56 -27.40
C ALA Z 50 5.07 17.01 -28.07
N VAL Z 51 4.05 16.70 -27.27
CA VAL Z 51 2.84 16.13 -27.80
C VAL Z 51 2.06 17.18 -28.61
N ALA Z 52 2.03 18.43 -28.15
CA ALA Z 52 1.25 19.46 -28.84
C ALA Z 52 1.77 19.74 -30.25
N VAL Z 53 3.09 19.95 -30.38
CA VAL Z 53 3.69 20.21 -31.68
C VAL Z 53 3.62 18.97 -32.59
N GLU Z 54 3.86 17.78 -32.02
CA GLU Z 54 3.70 16.57 -32.83
C GLU Z 54 2.27 16.43 -33.34
N PHE Z 55 1.27 16.76 -32.52
CA PHE Z 55 -0.11 16.74 -32.99
C PHE Z 55 -0.30 17.69 -34.17
N ALA Z 56 0.13 18.95 -34.00
CA ALA Z 56 -0.11 19.92 -35.07
C ALA Z 56 0.53 19.46 -36.38
N ARG Z 57 1.80 19.04 -36.31
CA ARG Z 57 2.53 18.62 -37.48
C ARG Z 57 1.85 17.43 -38.14
N LEU Z 58 1.60 16.39 -37.35
CA LEU Z 58 1.02 15.17 -37.89
C LEU Z 58 -0.36 15.42 -38.46
N TYR Z 59 -1.15 16.26 -37.82
CA TYR Z 59 -2.51 16.52 -38.29
C TYR Z 59 -2.49 17.17 -39.66
N ALA Z 60 -1.69 18.24 -39.81
CA ALA Z 60 -1.58 18.86 -41.12
C ALA Z 60 -1.17 17.83 -42.16
N VAL Z 61 -0.18 16.98 -41.83
CA VAL Z 61 0.16 15.90 -42.77
C VAL Z 61 -1.05 15.01 -43.06
N GLU Z 62 -1.86 14.72 -42.06
CA GLU Z 62 -2.99 13.84 -42.32
C GLU Z 62 -3.92 14.48 -43.34
N LEU Z 63 -4.20 15.78 -43.16
CA LEU Z 63 -5.10 16.49 -44.08
C LEU Z 63 -4.55 16.56 -45.51
N GLU Z 64 -3.29 16.96 -45.67
CA GLU Z 64 -2.68 16.98 -47.00
C GLU Z 64 -2.65 15.59 -47.63
N HIS Z 65 -2.39 14.56 -46.82
CA HIS Z 65 -2.37 13.19 -47.32
C HIS Z 65 -3.71 12.84 -47.94
N TYR Z 66 -4.80 13.09 -47.19
CA TYR Z 66 -6.13 12.79 -47.72
C TYR Z 66 -6.38 13.56 -49.02
N GLU Z 67 -6.01 14.84 -49.02
CA GLU Z 67 -6.32 15.68 -50.18
C GLU Z 67 -5.59 15.19 -51.42
N LYS Z 68 -4.31 14.81 -51.28
CA LYS Z 68 -3.58 14.33 -52.45
C LYS Z 68 -4.04 12.93 -52.87
N LEU Z 69 -4.42 12.07 -51.93
CA LEU Z 69 -4.81 10.73 -52.35
C LEU Z 69 -6.13 10.77 -53.08
N GLU Z 70 -7.08 11.57 -52.62
CA GLU Z 70 -8.44 11.54 -53.14
C GLU Z 70 -8.78 12.78 -53.95
N GLY Z 71 -7.80 13.65 -54.18
CA GLY Z 71 -8.01 14.79 -55.06
C GLY Z 71 -8.90 15.89 -54.53
N VAL Z 72 -9.47 15.74 -53.35
CA VAL Z 72 -10.29 16.80 -52.76
C VAL Z 72 -10.04 16.85 -51.27
N PRO Z 73 -10.10 18.04 -50.68
CA PRO Z 73 -9.83 18.14 -49.26
C PRO Z 73 -10.99 17.51 -48.47
N LEU Z 74 -10.70 17.13 -47.23
CA LEU Z 74 -11.73 16.59 -46.35
C LEU Z 74 -12.78 17.67 -46.05
N THR Z 75 -14.04 17.27 -45.94
CA THR Z 75 -15.05 18.17 -45.40
C THR Z 75 -14.71 18.61 -43.99
N PHE Z 76 -15.29 19.74 -43.56
CA PHE Z 76 -14.94 20.20 -42.21
C PHE Z 76 -15.33 19.17 -41.15
N ALA Z 77 -16.51 18.56 -41.27
CA ALA Z 77 -16.88 17.50 -40.32
C ALA Z 77 -15.83 16.38 -40.29
N GLY Z 78 -15.28 16.02 -41.46
CA GLY Z 78 -14.21 15.02 -41.49
C GLY Z 78 -12.94 15.47 -40.78
N LYS Z 79 -12.56 16.73 -40.97
CA LYS Z 79 -11.38 17.23 -40.26
C LYS Z 79 -11.58 17.18 -38.75
N ILE Z 80 -12.79 17.55 -38.27
CA ILE Z 80 -13.07 17.45 -36.85
C ILE Z 80 -12.92 16.01 -36.40
N ASN Z 81 -13.53 15.08 -37.14
CA ASN Z 81 -13.49 13.71 -36.67
C ASN Z 81 -12.07 13.20 -36.57
N ARG Z 82 -11.23 13.56 -37.53
CA ARG Z 82 -9.87 13.02 -37.49
C ARG Z 82 -9.07 13.60 -36.34
N LEU Z 83 -9.19 14.90 -36.09
CA LEU Z 83 -8.50 15.45 -34.92
C LEU Z 83 -9.01 14.79 -33.63
N ALA Z 84 -10.33 14.63 -33.50
CA ALA Z 84 -10.91 13.99 -32.31
C ALA Z 84 -10.35 12.58 -32.11
N ILE Z 85 -10.26 11.79 -33.19
CA ILE Z 85 -9.69 10.45 -33.05
C ILE Z 85 -8.25 10.53 -32.56
N MET Z 86 -7.48 11.51 -33.06
CA MET Z 86 -6.10 11.61 -32.62
C MET Z 86 -6.01 11.90 -31.10
N VAL Z 87 -6.84 12.85 -30.62
CA VAL Z 87 -6.88 13.15 -29.17
C VAL Z 87 -7.30 11.94 -28.36
N ARG Z 88 -8.27 11.16 -28.85
CA ARG Z 88 -8.67 9.94 -28.15
C ARG Z 88 -7.53 8.91 -28.12
N GLY Z 89 -6.78 8.80 -29.22
CA GLY Z 89 -5.70 7.86 -29.27
C GLY Z 89 -4.63 8.16 -28.25
N ASN Z 90 -4.40 9.44 -27.95
CA ASN Z 90 -3.36 9.81 -26.99
C ASN Z 90 -3.82 9.74 -25.54
N LEU Z 91 -5.05 9.29 -25.25
CA LEU Z 91 -5.58 9.46 -23.89
C LEU Z 91 -4.77 8.72 -22.85
N ALA Z 92 -4.28 7.52 -23.16
CA ALA Z 92 -3.50 6.82 -22.15
C ALA Z 92 -2.26 7.64 -21.79
N ALA Z 93 -1.50 8.09 -22.80
CA ALA Z 93 -0.32 8.90 -22.53
C ALA Z 93 -0.66 10.19 -21.78
N ALA Z 94 -1.82 10.80 -22.10
CA ALA Z 94 -2.23 12.02 -21.38
C ALA Z 94 -2.44 11.74 -19.89
N MET Z 95 -2.97 10.56 -19.55
CA MET Z 95 -3.10 10.23 -18.14
C MET Z 95 -1.75 10.15 -17.42
N GLN Z 96 -0.65 9.92 -18.17
CA GLN Z 96 0.71 9.85 -17.65
C GLN Z 96 1.43 11.20 -17.65
N GLY Z 97 0.78 12.27 -18.11
CA GLY Z 97 1.38 13.57 -18.11
C GLY Z 97 1.66 14.12 -19.49
N LEU Z 98 1.48 13.32 -20.54
CA LEU Z 98 1.74 13.77 -21.92
C LEU Z 98 0.41 14.24 -22.56
N LEU Z 99 -0.12 15.29 -21.99
CA LEU Z 99 -1.44 15.82 -22.34
C LEU Z 99 -1.38 16.81 -23.52
N ALA Z 100 -2.39 16.76 -24.37
CA ALA Z 100 -2.48 17.72 -25.46
C ALA Z 100 -3.95 17.96 -25.76
N LEU Z 101 -4.39 19.20 -25.58
CA LEU Z 101 -5.76 19.57 -25.97
C LEU Z 101 -5.71 20.50 -27.16
N PRO Z 102 -6.40 20.21 -28.25
CA PRO Z 102 -6.42 21.13 -29.39
C PRO Z 102 -7.60 22.08 -29.37
N LEU Z 103 -7.47 23.13 -30.17
CA LEU Z 103 -8.54 24.06 -30.53
C LEU Z 103 -8.44 24.29 -32.02
N LEU Z 104 -9.56 24.13 -32.71
CA LEU Z 104 -9.61 24.11 -34.17
C LEU Z 104 -10.42 25.30 -34.66
N ALA Z 105 -9.87 26.07 -35.61
CA ALA Z 105 -10.59 27.19 -36.18
C ALA Z 105 -10.47 27.14 -37.69
N GLY Z 106 -11.60 27.23 -38.38
CA GLY Z 106 -11.55 27.09 -39.83
C GLY Z 106 -12.62 27.89 -40.52
N TYR Z 107 -12.51 27.91 -41.84
CA TYR Z 107 -13.48 28.51 -42.76
C TYR Z 107 -13.99 27.43 -43.68
N ASP Z 108 -15.28 27.10 -43.58
CA ASP Z 108 -15.90 25.99 -44.32
C ASP Z 108 -16.34 26.51 -45.68
N ILE Z 109 -15.57 26.18 -46.72
CA ILE Z 109 -15.83 26.69 -48.06
C ILE Z 109 -17.12 26.12 -48.66
N HIS Z 110 -17.62 24.98 -48.15
CA HIS Z 110 -18.93 24.43 -48.50
C HIS Z 110 -20.04 24.89 -47.58
N ALA Z 111 -19.84 25.93 -46.81
CA ALA Z 111 -20.92 26.41 -45.98
C ALA Z 111 -21.94 27.18 -46.83
N SER Z 112 -23.16 27.26 -46.32
CA SER Z 112 -24.21 27.93 -47.09
C SER Z 112 -24.01 29.45 -47.12
N ASP Z 113 -23.87 30.08 -45.95
CA ASP Z 113 -23.77 31.53 -45.87
C ASP Z 113 -22.33 31.96 -45.65
N PRO Z 114 -21.72 32.68 -46.60
CA PRO Z 114 -20.31 33.06 -46.45
C PRO Z 114 -19.97 33.90 -45.21
N GLN Z 115 -20.95 34.54 -44.57
CA GLN Z 115 -20.61 35.33 -43.39
C GLN Z 115 -20.79 34.58 -42.09
N SER Z 116 -21.39 33.39 -42.13
CA SER Z 116 -21.39 32.46 -41.01
C SER Z 116 -20.64 31.16 -41.34
N ALA Z 117 -19.70 31.21 -42.29
CA ALA Z 117 -18.93 30.05 -42.68
C ALA Z 117 -17.79 29.75 -41.72
N GLY Z 118 -17.55 30.63 -40.75
CA GLY Z 118 -16.53 30.40 -39.75
C GLY Z 118 -16.89 29.28 -38.80
N ARG Z 119 -15.87 28.56 -38.35
CA ARG Z 119 -16.08 27.44 -37.47
C ARG Z 119 -15.06 27.48 -36.35
N ILE Z 120 -15.54 27.23 -35.14
CA ILE Z 120 -14.69 27.10 -33.97
C ILE Z 120 -15.05 25.81 -33.24
N VAL Z 121 -14.04 24.96 -33.01
CA VAL Z 121 -14.24 23.64 -32.41
C VAL Z 121 -13.30 23.49 -31.24
N SER Z 122 -13.86 23.12 -30.07
CA SER Z 122 -13.09 22.80 -28.87
C SER Z 122 -13.19 21.31 -28.54
N PHE Z 123 -12.20 20.82 -27.80
CA PHE Z 123 -12.08 19.40 -27.50
C PHE Z 123 -11.83 19.14 -26.03
N ASP Z 124 -12.09 17.91 -25.61
CA ASP Z 124 -11.69 17.43 -24.29
C ASP Z 124 -10.70 16.28 -24.44
N ALA Z 125 -10.12 15.87 -23.30
CA ALA Z 125 -9.03 14.93 -23.32
C ALA Z 125 -9.42 13.57 -23.90
N ALA Z 126 -10.71 13.23 -23.88
CA ALA Z 126 -11.25 12.00 -24.44
C ALA Z 126 -11.61 12.11 -25.92
N GLY Z 127 -11.43 13.29 -26.52
CA GLY Z 127 -11.75 13.57 -27.90
C GLY Z 127 -13.17 14.00 -28.15
N GLY Z 128 -13.97 14.22 -27.10
CA GLY Z 128 -15.19 14.97 -27.20
C GLY Z 128 -14.98 16.23 -27.99
N TRP Z 129 -15.92 16.64 -28.83
CA TRP Z 129 -15.77 17.89 -29.54
C TRP Z 129 -17.03 18.73 -29.45
N ASN Z 130 -16.83 20.00 -29.69
CA ASN Z 130 -17.91 20.96 -29.72
C ASN Z 130 -17.65 21.95 -30.83
N ILE Z 131 -18.61 22.03 -31.75
CA ILE Z 131 -18.67 23.09 -32.73
C ILE Z 131 -19.39 24.22 -32.01
N GLU Z 132 -18.70 25.36 -31.87
CA GLU Z 132 -19.12 26.42 -30.97
C GLU Z 132 -20.16 27.33 -31.61
N GLU Z 133 -21.24 27.57 -30.87
CA GLU Z 133 -22.33 28.38 -31.38
C GLU Z 133 -22.37 29.78 -30.79
N GLU Z 134 -21.44 30.16 -29.94
CA GLU Z 134 -21.51 31.49 -29.32
C GLU Z 134 -20.35 32.40 -29.70
N GLY Z 135 -19.51 32.03 -30.67
CA GLY Z 135 -18.64 33.00 -31.30
C GLY Z 135 -17.19 32.95 -30.86
N TYR Z 136 -16.91 32.42 -29.67
CA TYR Z 136 -15.55 32.36 -29.15
C TYR Z 136 -15.40 31.08 -28.35
N GLN Z 137 -14.14 30.70 -28.15
CA GLN Z 137 -13.78 29.54 -27.34
C GLN Z 137 -12.27 29.65 -27.03
N ALA Z 138 -11.81 28.93 -26.00
CA ALA Z 138 -10.41 29.00 -25.60
C ALA Z 138 -9.96 27.68 -24.98
N VAL Z 139 -8.64 27.53 -24.85
CA VAL Z 139 -8.04 26.33 -24.25
C VAL Z 139 -6.75 26.71 -23.53
N GLY Z 140 -6.43 25.97 -22.48
CA GLY Z 140 -5.22 26.17 -21.72
C GLY Z 140 -5.51 26.59 -20.29
N SER Z 141 -4.43 26.73 -19.51
CA SER Z 141 -4.60 27.06 -18.09
C SER Z 141 -5.23 28.43 -17.89
N GLY Z 142 -5.14 29.33 -18.86
CA GLY Z 142 -5.77 30.63 -18.78
C GLY Z 142 -7.08 30.76 -19.50
N SER Z 143 -7.63 29.67 -20.03
CA SER Z 143 -8.82 29.77 -20.86
C SER Z 143 -10.02 30.33 -20.10
N LEU Z 144 -10.05 30.15 -18.78
CA LEU Z 144 -11.24 30.61 -18.08
C LEU Z 144 -11.25 32.13 -18.00
N PHE Z 145 -10.09 32.71 -17.75
CA PHE Z 145 -9.99 34.16 -17.78
C PHE Z 145 -10.28 34.71 -19.17
N ALA Z 146 -9.74 34.05 -20.21
CA ALA Z 146 -9.96 34.49 -21.58
C ALA Z 146 -11.44 34.42 -21.97
N LYS Z 147 -12.11 33.31 -21.67
CA LYS Z 147 -13.51 33.26 -22.06
C LYS Z 147 -14.32 34.26 -21.29
N SER Z 148 -14.01 34.45 -20.01
CA SER Z 148 -14.77 35.42 -19.23
C SER Z 148 -14.50 36.86 -19.70
N SER Z 149 -13.32 37.14 -20.26
CA SER Z 149 -13.10 38.44 -20.87
C SER Z 149 -13.94 38.60 -22.12
N MET Z 150 -13.87 37.60 -23.02
CA MET Z 150 -14.59 37.69 -24.27
C MET Z 150 -16.10 37.76 -24.08
N LYS Z 151 -16.61 37.19 -23.00
CA LYS Z 151 -18.05 37.32 -22.78
C LYS Z 151 -18.47 38.79 -22.70
N LYS Z 152 -17.58 39.67 -22.21
CA LYS Z 152 -17.82 41.10 -22.10
C LYS Z 152 -17.34 41.89 -23.32
N LEU Z 153 -16.30 41.42 -24.00
CA LEU Z 153 -15.76 42.17 -25.12
C LEU Z 153 -16.31 41.72 -26.47
N TYR Z 154 -17.14 40.67 -26.50
CA TYR Z 154 -17.50 40.06 -27.79
C TYR Z 154 -18.51 40.88 -28.59
N SER Z 155 -19.38 41.63 -27.90
CA SER Z 155 -20.37 42.45 -28.57
C SER Z 155 -19.77 43.51 -29.46
N GLN Z 156 -18.53 43.91 -29.22
CA GLN Z 156 -17.91 44.93 -30.06
C GLN Z 156 -17.15 44.35 -31.27
N VAL Z 157 -17.31 43.07 -31.58
CA VAL Z 157 -16.61 42.44 -32.71
C VAL Z 157 -17.46 42.64 -33.97
N THR Z 158 -16.94 43.43 -34.93
CA THR Z 158 -17.65 43.67 -36.19
C THR Z 158 -16.84 43.37 -37.45
N ASP Z 159 -15.51 43.24 -37.37
CA ASP Z 159 -14.68 42.98 -38.54
C ASP Z 159 -13.41 42.27 -38.10
N GLY Z 160 -12.50 42.06 -39.04
CA GLY Z 160 -11.27 41.38 -38.70
C GLY Z 160 -10.49 42.11 -37.63
N ASP Z 161 -10.47 43.47 -37.69
CA ASP Z 161 -9.68 44.27 -36.75
C ASP Z 161 -10.28 44.23 -35.35
N SER Z 162 -11.59 44.49 -35.21
CA SER Z 162 -12.14 44.44 -33.85
C SER Z 162 -12.05 43.03 -33.27
N GLY Z 163 -12.30 42.00 -34.09
CA GLY Z 163 -12.18 40.65 -33.59
C GLY Z 163 -10.78 40.30 -33.13
N LEU Z 164 -9.78 40.65 -33.96
CA LEU Z 164 -8.40 40.41 -33.58
C LEU Z 164 -8.04 41.20 -32.34
N ARG Z 165 -8.59 42.40 -32.19
CA ARG Z 165 -8.31 43.18 -30.99
C ARG Z 165 -8.86 42.47 -29.78
N VAL Z 166 -10.09 41.95 -29.88
CA VAL Z 166 -10.67 41.23 -28.74
C VAL Z 166 -9.90 39.96 -28.43
N ALA Z 167 -9.41 39.26 -29.47
CA ALA Z 167 -8.60 38.08 -29.24
C ALA Z 167 -7.34 38.44 -28.44
N VAL Z 168 -6.57 39.43 -28.90
CA VAL Z 168 -5.37 39.74 -28.14
C VAL Z 168 -5.70 40.32 -26.77
N GLU Z 169 -6.84 41.00 -26.61
CA GLU Z 169 -7.14 41.52 -25.29
C GLU Z 169 -7.47 40.40 -24.32
N ALA Z 170 -8.17 39.37 -24.79
CA ALA Z 170 -8.46 38.20 -23.98
C ALA Z 170 -7.16 37.46 -23.60
N LEU Z 171 -6.23 37.32 -24.55
CA LEU Z 171 -4.94 36.78 -24.14
C LEU Z 171 -4.27 37.65 -23.11
N TYR Z 172 -4.49 38.98 -23.20
CA TYR Z 172 -3.93 39.90 -22.20
C TYR Z 172 -4.50 39.62 -20.81
N ASP Z 173 -5.82 39.42 -20.71
CA ASP Z 173 -6.40 39.11 -19.42
C ASP Z 173 -5.93 37.77 -18.90
N ALA Z 174 -5.81 36.77 -19.78
CA ALA Z 174 -5.24 35.49 -19.37
C ALA Z 174 -3.86 35.68 -18.75
N ALA Z 175 -2.97 36.38 -19.45
CA ALA Z 175 -1.63 36.59 -18.88
C ALA Z 175 -1.68 37.41 -17.62
N ASP Z 176 -2.72 38.21 -17.45
CA ASP Z 176 -2.80 39.01 -16.25
C ASP Z 176 -3.14 38.17 -15.03
N ASP Z 177 -3.88 37.07 -15.20
CA ASP Z 177 -4.29 36.27 -14.06
C ASP Z 177 -3.64 34.88 -13.98
N ASP Z 178 -2.87 34.48 -14.99
CA ASP Z 178 -2.29 33.15 -15.06
C ASP Z 178 -0.80 33.30 -15.37
N SER Z 179 0.04 32.81 -14.48
CA SER Z 179 1.47 32.98 -14.68
C SER Z 179 2.03 32.06 -15.76
N ALA Z 180 1.34 30.97 -16.11
CA ALA Z 180 1.82 30.11 -17.21
C ALA Z 180 1.51 30.69 -18.59
N THR Z 181 0.70 31.75 -18.66
CA THR Z 181 0.38 32.44 -19.90
C THR Z 181 1.15 33.75 -19.95
N GLY Z 182 1.83 33.99 -21.07
CA GLY Z 182 2.70 35.14 -21.22
C GLY Z 182 2.05 36.35 -21.86
N GLY Z 183 2.24 37.51 -21.24
CA GLY Z 183 1.77 38.74 -21.80
C GLY Z 183 2.70 39.28 -22.86
N PRO Z 184 2.36 40.46 -23.39
CA PRO Z 184 3.22 41.12 -24.40
C PRO Z 184 4.53 41.59 -23.78
N ASP Z 185 5.67 41.14 -24.33
CA ASP Z 185 6.98 41.52 -23.81
C ASP Z 185 7.48 42.67 -24.65
N LEU Z 186 7.30 43.90 -24.17
CA LEU Z 186 7.69 45.05 -24.99
C LEU Z 186 9.18 45.32 -24.93
N VAL Z 187 9.88 44.76 -23.95
CA VAL Z 187 11.32 44.88 -23.87
C VAL Z 187 12.02 44.01 -24.90
N ARG Z 188 11.51 42.79 -25.14
CA ARG Z 188 12.06 41.91 -26.17
C ARG Z 188 11.31 42.04 -27.49
N GLY Z 189 10.17 42.73 -27.49
CA GLY Z 189 9.30 42.87 -28.65
C GLY Z 189 8.60 41.60 -29.08
N ILE Z 190 8.17 40.77 -28.14
CA ILE Z 190 7.50 39.49 -28.41
C ILE Z 190 6.02 39.61 -28.06
N PHE Z 191 5.16 39.23 -28.98
CA PHE Z 191 3.73 39.40 -28.82
C PHE Z 191 3.01 38.11 -29.18
N PRO Z 192 1.73 37.97 -28.84
CA PRO Z 192 1.02 36.75 -29.21
C PRO Z 192 1.10 36.53 -30.71
N THR Z 193 1.01 35.26 -31.13
CA THR Z 193 0.90 34.95 -32.54
C THR Z 193 -0.57 34.80 -32.90
N ALA Z 194 -0.90 35.12 -34.15
CA ALA Z 194 -2.27 35.08 -34.61
C ALA Z 194 -2.32 34.52 -36.03
N VAL Z 195 -3.43 33.87 -36.33
CA VAL Z 195 -3.80 33.43 -37.66
C VAL Z 195 -5.18 34.00 -37.93
N ILE Z 196 -5.37 34.60 -39.11
CA ILE Z 196 -6.68 35.06 -39.55
C ILE Z 196 -7.11 34.24 -40.77
N ILE Z 197 -8.38 33.84 -40.82
CA ILE Z 197 -8.90 33.02 -41.93
C ILE Z 197 -10.23 33.58 -42.45
N ASP Z 198 -10.27 33.86 -43.75
CA ASP Z 198 -11.52 34.29 -44.42
C ASP Z 198 -11.64 33.53 -45.74
N ALA Z 199 -12.48 34.01 -46.64
CA ALA Z 199 -12.64 33.27 -47.89
C ALA Z 199 -11.33 33.18 -48.67
N ASP Z 200 -10.40 34.11 -48.49
CA ASP Z 200 -9.16 33.98 -49.24
C ASP Z 200 -8.18 32.99 -48.64
N GLY Z 201 -8.50 32.38 -47.50
CA GLY Z 201 -7.63 31.41 -46.87
C GLY Z 201 -7.12 31.85 -45.52
N ALA Z 202 -6.10 31.15 -45.02
CA ALA Z 202 -5.50 31.38 -43.71
C ALA Z 202 -4.15 32.05 -43.90
N VAL Z 203 -3.96 33.18 -43.23
CA VAL Z 203 -2.71 33.92 -43.31
C VAL Z 203 -2.24 34.27 -41.89
N ASP Z 204 -0.91 34.34 -41.70
CA ASP Z 204 -0.36 34.75 -40.42
C ASP Z 204 -0.47 36.26 -40.23
N VAL Z 205 -0.94 36.67 -39.06
CA VAL Z 205 -0.98 38.11 -38.77
C VAL Z 205 0.43 38.59 -38.49
N PRO Z 206 0.87 39.68 -39.10
CA PRO Z 206 2.22 40.19 -38.85
C PRO Z 206 2.39 40.64 -37.41
N GLU Z 207 3.63 40.57 -36.93
CA GLU Z 207 3.92 40.92 -35.54
C GLU Z 207 3.54 42.36 -35.26
N SER Z 208 3.83 43.23 -36.23
CA SER Z 208 3.69 44.67 -36.05
C SER Z 208 2.26 45.04 -35.73
N ARG Z 209 1.31 44.33 -36.31
CA ARG Z 209 -0.08 44.56 -36.05
C ARG Z 209 -0.50 44.05 -34.66
N ILE Z 210 0.00 42.88 -34.25
CA ILE Z 210 -0.33 42.44 -32.89
C ILE Z 210 0.24 43.41 -31.88
N ALA Z 211 1.46 43.90 -32.15
CA ALA Z 211 2.14 44.88 -31.30
C ALA Z 211 1.33 46.16 -31.15
N GLU Z 212 0.95 46.78 -32.26
CA GLU Z 212 0.12 47.99 -32.20
C GLU Z 212 -1.12 47.75 -31.34
N LEU Z 213 -1.78 46.60 -31.52
CA LEU Z 213 -2.96 46.30 -30.71
C LEU Z 213 -2.60 46.17 -29.23
N ALA Z 214 -1.44 45.56 -28.96
CA ALA Z 214 -0.95 45.39 -27.60
C ALA Z 214 -0.79 46.73 -26.92
N ARG Z 215 0.01 47.62 -27.50
CA ARG Z 215 0.15 48.96 -26.94
C ARG Z 215 -1.20 49.62 -26.73
N ALA Z 216 -2.14 49.47 -27.68
CA ALA Z 216 -3.46 50.08 -27.49
C ALA Z 216 -4.15 49.58 -26.23
N ILE Z 217 -4.03 48.27 -25.95
CA ILE Z 217 -4.65 47.66 -24.77
C ILE Z 217 -3.97 48.11 -23.48
N ILE Z 218 -2.62 48.03 -23.45
CA ILE Z 218 -1.87 48.42 -22.26
C ILE Z 218 -2.20 49.86 -21.90
N GLU Z 219 -2.03 50.75 -22.86
CA GLU Z 219 -2.26 52.17 -22.62
C GLU Z 219 -3.72 52.45 -22.34
N SER Z 220 -4.64 51.68 -22.91
CA SER Z 220 -6.05 51.83 -22.56
C SER Z 220 -6.35 51.42 -21.11
N ARG Z 221 -5.47 50.64 -20.47
CA ARG Z 221 -5.64 50.29 -19.06
C ARG Z 221 -4.75 51.10 -18.11
N SER Z 222 -3.87 51.96 -18.65
CA SER Z 222 -3.07 52.85 -17.80
C SER Z 222 -3.85 54.12 -17.47
N THR AA 1 27.40 18.21 -14.36
CA THR AA 1 27.53 18.36 -15.79
C THR AA 1 27.03 19.70 -16.21
N THR AA 2 27.79 20.38 -17.06
CA THR AA 2 27.29 21.56 -17.73
C THR AA 2 27.82 21.53 -19.16
N ILE AA 3 26.92 21.79 -20.10
CA ILE AA 3 27.23 21.98 -21.51
C ILE AA 3 26.68 23.35 -21.87
N VAL AA 4 27.49 24.18 -22.50
CA VAL AA 4 27.06 25.49 -22.98
C VAL AA 4 27.19 25.53 -24.49
N ALA AA 5 26.34 26.34 -25.13
CA ALA AA 5 26.47 26.60 -26.55
C ALA AA 5 26.03 28.02 -26.81
N LEU AA 6 26.78 28.73 -27.64
CA LEU AA 6 26.41 30.10 -27.92
C LEU AA 6 26.78 30.43 -29.35
N LYS AA 7 25.98 31.32 -29.96
CA LYS AA 7 26.22 31.85 -31.30
C LYS AA 7 27.09 33.10 -31.26
N TYR AA 8 28.03 33.17 -32.19
CA TYR AA 8 28.84 34.36 -32.40
C TYR AA 8 28.77 34.78 -33.85
N PRO AA 9 29.22 36.02 -34.19
CA PRO AA 9 29.13 36.47 -35.59
C PRO AA 9 29.75 35.46 -36.54
N GLY AA 10 28.91 34.74 -37.28
CA GLY AA 10 29.38 33.79 -38.26
C GLY AA 10 29.63 32.38 -37.79
N GLY AA 11 29.22 32.02 -36.58
CA GLY AA 11 29.46 30.66 -36.13
C GLY AA 11 28.75 30.35 -34.84
N VAL AA 12 29.08 29.16 -34.33
CA VAL AA 12 28.54 28.66 -33.07
C VAL AA 12 29.66 27.92 -32.34
N VAL AA 13 29.60 27.94 -31.01
CA VAL AA 13 30.60 27.26 -30.17
C VAL AA 13 29.84 26.48 -29.12
N MET AA 14 30.37 25.30 -28.77
CA MET AA 14 29.78 24.48 -27.73
C MET AA 14 30.90 23.95 -26.83
N ALA AA 15 30.69 23.99 -25.51
CA ALA AA 15 31.73 23.59 -24.57
C ALA AA 15 31.13 22.78 -23.44
N GLY AA 16 31.93 21.88 -22.88
CA GLY AA 16 31.44 21.07 -21.79
C GLY AA 16 32.54 20.77 -20.78
N ASP AA 17 32.14 20.56 -19.53
CA ASP AA 17 33.09 20.23 -18.48
C ASP AA 17 33.48 18.74 -18.58
N ARG AA 18 34.40 18.31 -17.70
CA ARG AA 18 35.05 17.01 -17.81
C ARG AA 18 34.77 16.07 -16.65
N ARG AA 19 33.87 16.42 -15.72
CA ARG AA 19 33.69 15.68 -14.48
C ARG AA 19 32.61 14.62 -14.61
N SER AA 20 32.91 13.45 -14.09
CA SER AA 20 31.97 12.34 -14.00
C SER AA 20 31.80 11.96 -12.54
N THR AA 21 30.55 11.83 -12.10
CA THR AA 21 30.26 11.57 -10.70
C THR AA 21 29.35 10.35 -10.56
N GLN AA 22 29.39 9.77 -9.37
CA GLN AA 22 28.41 8.76 -8.94
C GLN AA 22 27.98 9.16 -7.54
N GLY AA 23 26.90 9.92 -7.42
CA GLY AA 23 26.54 10.50 -6.15
C GLY AA 23 27.48 11.60 -5.73
N ASN AA 24 28.11 11.48 -4.56
CA ASN AA 24 29.13 12.44 -4.15
C ASN AA 24 30.51 12.12 -4.69
N MET AA 25 30.70 10.90 -5.17
CA MET AA 25 32.00 10.42 -5.57
C MET AA 25 32.30 10.90 -6.98
N ILE AA 26 33.52 11.41 -7.17
CA ILE AA 26 34.03 11.77 -8.49
C ILE AA 26 34.60 10.49 -9.07
N SER AA 27 33.99 10.01 -10.14
CA SER AA 27 34.46 8.81 -10.82
C SER AA 27 35.23 9.10 -12.11
N GLY AA 28 35.33 10.36 -12.53
CA GLY AA 28 36.12 10.70 -13.70
C GLY AA 28 36.43 12.18 -13.74
N ARG AA 29 37.59 12.52 -14.36
CA ARG AA 29 37.98 13.92 -14.56
C ARG AA 29 38.40 14.28 -15.98
N ASP AA 30 38.64 13.31 -16.87
CA ASP AA 30 39.04 13.56 -18.26
C ASP AA 30 37.93 13.22 -19.24
N VAL AA 31 36.69 13.12 -18.73
CA VAL AA 31 35.54 12.73 -19.53
C VAL AA 31 35.21 13.78 -20.62
N ARG AA 32 34.72 13.31 -21.76
CA ARG AA 32 34.35 14.16 -22.88
C ARG AA 32 32.83 14.10 -23.05
N LYS AA 33 32.17 15.27 -23.08
CA LYS AA 33 30.72 15.28 -23.20
C LYS AA 33 30.21 15.97 -24.45
N VAL AA 34 31.11 16.53 -25.28
CA VAL AA 34 30.76 17.27 -26.48
C VAL AA 34 31.38 16.58 -27.68
N TYR AA 35 30.57 16.26 -28.68
CA TYR AA 35 31.03 15.46 -29.81
C TYR AA 35 30.69 16.13 -31.12
N ILE AA 36 31.64 16.06 -32.07
CA ILE AA 36 31.37 16.43 -33.45
C ILE AA 36 30.52 15.32 -34.08
N THR AA 37 29.25 15.61 -34.40
CA THR AA 37 28.46 14.53 -34.97
C THR AA 37 28.51 14.50 -36.48
N ASP AA 38 28.80 15.62 -37.13
CA ASP AA 38 28.96 15.65 -38.58
C ASP AA 38 29.71 16.93 -38.93
N ASP AA 39 30.06 17.07 -40.22
CA ASP AA 39 30.93 18.17 -40.63
C ASP AA 39 30.42 19.54 -40.19
N TYR AA 40 29.10 19.70 -39.99
CA TYR AA 40 28.54 20.98 -39.58
C TYR AA 40 27.69 20.89 -38.30
N THR AA 41 27.85 19.82 -37.51
CA THR AA 41 27.08 19.65 -36.28
C THR AA 41 27.87 19.02 -35.15
N ALA AA 42 27.59 19.55 -33.96
CA ALA AA 42 28.11 19.05 -32.70
C ALA AA 42 26.95 18.82 -31.73
N THR AA 43 27.10 17.79 -30.91
CA THR AA 43 26.13 17.39 -29.90
C THR AA 43 26.84 17.27 -28.56
N GLY AA 44 26.29 17.89 -27.53
CA GLY AA 44 26.73 17.67 -26.16
C GLY AA 44 25.56 17.11 -25.37
N ILE AA 45 25.82 16.10 -24.54
CA ILE AA 45 24.72 15.45 -23.84
C ILE AA 45 24.99 15.43 -22.35
N ALA AA 46 23.92 15.62 -21.57
CA ALA AA 46 23.99 15.55 -20.11
C ALA AA 46 23.15 14.39 -19.61
N GLY AA 47 23.59 13.80 -18.50
CA GLY AA 47 22.83 12.74 -17.85
C GLY AA 47 23.67 11.49 -17.66
N THR AA 48 22.99 10.35 -17.62
CA THR AA 48 23.71 9.10 -17.36
C THR AA 48 24.66 8.81 -18.50
N ALA AA 49 25.92 8.57 -18.14
CA ALA AA 49 27.00 8.50 -19.12
C ALA AA 49 26.72 7.47 -20.21
N ALA AA 50 26.28 6.27 -19.82
CA ALA AA 50 25.99 5.22 -20.79
C ALA AA 50 25.05 5.72 -21.88
N VAL AA 51 23.91 6.27 -21.48
CA VAL AA 51 22.92 6.70 -22.46
C VAL AA 51 23.42 7.87 -23.27
N ALA AA 52 24.09 8.83 -22.64
CA ALA AA 52 24.53 10.01 -23.36
C ALA AA 52 25.52 9.66 -24.46
N VAL AA 53 26.49 8.80 -24.14
CA VAL AA 53 27.45 8.38 -25.18
C VAL AA 53 26.75 7.58 -26.26
N GLU AA 54 25.86 6.67 -25.89
CA GLU AA 54 25.17 5.92 -26.94
C GLU AA 54 24.36 6.85 -27.85
N PHE AA 55 23.65 7.83 -27.28
CA PHE AA 55 22.95 8.80 -28.12
C PHE AA 55 23.90 9.41 -29.11
N ALA AA 56 25.04 9.94 -28.61
CA ALA AA 56 25.97 10.63 -29.49
C ALA AA 56 26.43 9.73 -30.60
N ARG AA 57 26.80 8.50 -30.24
CA ARG AA 57 27.33 7.59 -31.24
C ARG AA 57 26.29 7.27 -32.29
N LEU AA 58 25.09 6.84 -31.85
CA LEU AA 58 24.05 6.39 -32.75
C LEU AA 58 23.52 7.52 -33.62
N TYR AA 59 23.42 8.71 -33.06
CA TYR AA 59 22.99 9.88 -33.83
C TYR AA 59 23.97 10.18 -34.95
N ALA AA 60 25.27 10.13 -34.64
CA ALA AA 60 26.27 10.32 -35.69
C ALA AA 60 26.08 9.30 -36.80
N VAL AA 61 25.93 8.03 -36.41
CA VAL AA 61 25.71 6.98 -37.40
C VAL AA 61 24.45 7.23 -38.22
N GLU AA 62 23.36 7.68 -37.58
CA GLU AA 62 22.12 7.89 -38.33
C GLU AA 62 22.27 8.99 -39.38
N LEU AA 63 22.89 10.12 -39.01
CA LEU AA 63 23.08 11.20 -39.99
C LEU AA 63 23.94 10.73 -41.16
N GLU AA 64 25.09 10.12 -40.86
CA GLU AA 64 25.97 9.69 -41.95
C GLU AA 64 25.28 8.63 -42.81
N HIS AA 65 24.39 7.83 -42.20
CA HIS AA 65 23.64 6.81 -42.91
C HIS AA 65 22.75 7.45 -43.96
N TYR AA 66 21.98 8.46 -43.56
CA TYR AA 66 21.16 9.15 -44.54
C TYR AA 66 22.03 9.74 -45.65
N GLU AA 67 23.19 10.31 -45.29
CA GLU AA 67 24.01 10.95 -46.30
C GLU AA 67 24.52 9.94 -47.33
N LYS AA 68 24.99 8.77 -46.88
CA LYS AA 68 25.50 7.77 -47.84
C LYS AA 68 24.37 7.17 -48.63
N LEU AA 69 23.19 7.01 -48.03
CA LEU AA 69 22.08 6.43 -48.78
C LEU AA 69 21.51 7.37 -49.85
N GLU AA 70 21.43 8.66 -49.59
CA GLU AA 70 20.67 9.52 -50.51
C GLU AA 70 21.53 10.54 -51.25
N GLY AA 71 22.86 10.50 -51.09
CA GLY AA 71 23.77 11.39 -51.79
C GLY AA 71 23.80 12.82 -51.28
N VAL AA 72 22.95 13.17 -50.32
CA VAL AA 72 22.93 14.54 -49.84
C VAL AA 72 22.69 14.46 -48.34
N PRO AA 73 23.27 15.34 -47.51
CA PRO AA 73 23.00 15.29 -46.07
C PRO AA 73 21.61 15.82 -45.74
N LEU AA 74 21.14 15.49 -44.53
CA LEU AA 74 19.85 16.00 -44.07
C LEU AA 74 19.86 17.52 -43.92
N THR AA 75 18.71 18.12 -44.22
CA THR AA 75 18.47 19.49 -43.81
C THR AA 75 18.56 19.60 -42.28
N PHE AA 76 18.89 20.80 -41.80
CA PHE AA 76 19.07 20.96 -40.37
C PHE AA 76 17.78 20.61 -39.63
N ALA AA 77 16.62 21.02 -40.16
CA ALA AA 77 15.35 20.61 -39.54
C ALA AA 77 15.23 19.09 -39.46
N GLY AA 78 15.63 18.38 -40.51
CA GLY AA 78 15.56 16.92 -40.44
C GLY AA 78 16.43 16.36 -39.33
N LYS AA 79 17.63 16.90 -39.17
CA LYS AA 79 18.48 16.45 -38.07
C LYS AA 79 17.84 16.72 -36.71
N ILE AA 80 17.24 17.91 -36.54
CA ILE AA 80 16.54 18.21 -35.29
C ILE AA 80 15.45 17.16 -35.02
N ASN AA 81 14.65 16.85 -36.04
CA ASN AA 81 13.56 15.91 -35.84
C ASN AA 81 14.07 14.53 -35.46
N ARG AA 82 15.19 14.10 -36.05
CA ARG AA 82 15.65 12.74 -35.73
C ARG AA 82 16.18 12.68 -34.32
N LEU AA 83 16.93 13.71 -33.89
CA LEU AA 83 17.41 13.73 -32.51
C LEU AA 83 16.23 13.77 -31.53
N ALA AA 84 15.22 14.60 -31.81
CA ALA AA 84 14.02 14.64 -30.97
C ALA AA 84 13.35 13.28 -30.90
N ILE AA 85 13.24 12.56 -32.05
CA ILE AA 85 12.63 11.24 -32.07
C ILE AA 85 13.42 10.26 -31.21
N MET AA 86 14.75 10.33 -31.28
CA MET AA 86 15.62 9.46 -30.50
C MET AA 86 15.43 9.71 -29.00
N VAL AA 87 15.42 10.98 -28.60
CA VAL AA 87 15.16 11.35 -27.21
C VAL AA 87 13.83 10.78 -26.75
N ARG AA 88 12.79 10.95 -27.57
CA ARG AA 88 11.46 10.48 -27.16
C ARG AA 88 11.42 8.96 -27.06
N GLY AA 89 12.22 8.28 -27.86
CA GLY AA 89 12.35 6.84 -27.73
C GLY AA 89 12.90 6.43 -26.38
N ASN AA 90 13.75 7.27 -25.77
CA ASN AA 90 14.34 6.88 -24.50
C ASN AA 90 13.44 7.20 -23.29
N LEU AA 91 12.21 7.65 -23.48
CA LEU AA 91 11.46 8.22 -22.37
C LEU AA 91 11.21 7.22 -21.23
N ALA AA 92 10.84 5.97 -21.56
CA ALA AA 92 10.55 5.00 -20.51
C ALA AA 92 11.77 4.75 -19.63
N ALA AA 93 12.92 4.48 -20.27
CA ALA AA 93 14.16 4.31 -19.53
C ALA AA 93 14.50 5.56 -18.72
N ALA AA 94 14.23 6.74 -19.27
CA ALA AA 94 14.55 7.98 -18.58
C ALA AA 94 13.78 8.09 -17.27
N MET AA 95 12.50 7.81 -17.32
CA MET AA 95 11.69 7.76 -16.10
C MET AA 95 12.05 6.58 -15.20
N GLN AA 96 12.90 5.66 -15.67
CA GLN AA 96 13.52 4.64 -14.80
C GLN AA 96 14.90 5.05 -14.25
N GLY AA 97 15.38 6.28 -14.52
CA GLY AA 97 16.71 6.71 -14.08
C GLY AA 97 17.76 6.80 -15.17
N LEU AA 98 17.48 6.36 -16.40
CA LEU AA 98 18.42 6.45 -17.52
C LEU AA 98 18.10 7.63 -18.43
N LEU AA 99 18.22 8.83 -17.87
CA LEU AA 99 17.90 10.06 -18.56
C LEU AA 99 19.13 10.62 -19.29
N ALA AA 100 18.92 11.21 -20.47
CA ALA AA 100 19.97 11.94 -21.19
C ALA AA 100 19.33 13.07 -21.99
N LEU AA 101 19.71 14.32 -21.69
CA LEU AA 101 19.20 15.49 -22.41
C LEU AA 101 20.28 16.04 -23.33
N PRO AA 102 20.00 16.15 -24.63
CA PRO AA 102 20.99 16.68 -25.56
C PRO AA 102 20.84 18.16 -25.81
N LEU AA 103 21.95 18.74 -26.22
CA LEU AA 103 22.04 20.11 -26.70
C LEU AA 103 22.77 20.00 -28.02
N LEU AA 104 22.21 20.61 -29.06
CA LEU AA 104 22.68 20.51 -30.43
C LEU AA 104 23.14 21.89 -30.87
N ALA AA 105 24.32 21.97 -31.47
CA ALA AA 105 24.80 23.22 -32.05
C ALA AA 105 25.33 22.91 -33.44
N GLY AA 106 24.93 23.72 -34.40
CA GLY AA 106 25.33 23.47 -35.78
C GLY AA 106 25.40 24.77 -36.55
N TYR AA 107 25.89 24.64 -37.79
CA TYR AA 107 25.98 25.71 -38.78
C TYR AA 107 25.16 25.28 -39.99
N ASP AA 108 24.12 26.04 -40.30
CA ASP AA 108 23.20 25.65 -41.36
C ASP AA 108 23.75 26.07 -42.71
N ILE AA 109 24.20 25.09 -43.50
CA ILE AA 109 24.81 25.39 -44.80
C ILE AA 109 23.82 26.11 -45.71
N HIS AA 110 22.52 25.85 -45.54
CA HIS AA 110 21.47 26.34 -46.41
C HIS AA 110 20.73 27.56 -45.84
N ALA AA 111 21.30 28.21 -44.82
CA ALA AA 111 20.69 29.43 -44.30
C ALA AA 111 21.01 30.61 -45.22
N SER AA 112 20.13 31.62 -45.19
CA SER AA 112 20.27 32.74 -46.11
C SER AA 112 21.48 33.63 -45.76
N ASP AA 113 21.61 34.03 -44.49
CA ASP AA 113 22.70 34.92 -44.10
C ASP AA 113 23.80 34.10 -43.44
N PRO AA 114 24.98 33.93 -44.08
CA PRO AA 114 26.06 33.14 -43.45
C PRO AA 114 26.61 33.71 -42.13
N GLN AA 115 26.07 34.84 -41.68
CA GLN AA 115 26.43 35.38 -40.38
C GLN AA 115 25.47 34.93 -39.28
N SER AA 116 24.21 34.70 -39.64
CA SER AA 116 23.18 34.20 -38.74
C SER AA 116 22.81 32.74 -39.05
N ALA AA 117 23.75 31.96 -39.59
CA ALA AA 117 23.56 30.55 -39.89
C ALA AA 117 23.84 29.65 -38.69
N GLY AA 118 24.34 30.18 -37.57
CA GLY AA 118 24.52 29.37 -36.39
C GLY AA 118 23.17 28.97 -35.81
N ARG AA 119 23.13 27.75 -35.26
CA ARG AA 119 21.89 27.17 -34.76
C ARG AA 119 22.17 26.45 -33.45
N ILE AA 120 21.30 26.69 -32.48
CA ILE AA 120 21.38 26.04 -31.18
C ILE AA 120 20.00 25.49 -30.85
N VAL AA 121 19.94 24.20 -30.55
CA VAL AA 121 18.69 23.50 -30.29
C VAL AA 121 18.80 22.81 -28.94
N SER AA 122 17.84 23.08 -28.04
CA SER AA 122 17.72 22.42 -26.75
C SER AA 122 16.51 21.49 -26.79
N PHE AA 123 16.52 20.45 -25.95
CA PHE AA 123 15.46 19.46 -25.97
C PHE AA 123 14.97 19.18 -24.55
N ASP AA 124 13.76 18.61 -24.45
CA ASP AA 124 13.29 18.16 -23.15
C ASP AA 124 13.09 16.65 -23.23
N ALA AA 125 12.82 16.03 -22.08
CA ALA AA 125 12.81 14.57 -21.99
C ALA AA 125 11.76 13.93 -22.87
N ALA AA 126 10.72 14.66 -23.24
CA ALA AA 126 9.70 14.12 -24.13
C ALA AA 126 10.08 14.31 -25.58
N GLY AA 127 11.20 14.95 -25.82
CA GLY AA 127 11.65 15.31 -27.14
C GLY AA 127 11.12 16.62 -27.66
N GLY AA 128 10.42 17.41 -26.82
CA GLY AA 128 10.22 18.81 -27.09
C GLY AA 128 11.51 19.42 -27.54
N TRP AA 129 11.50 20.34 -28.51
CA TRP AA 129 12.73 21.00 -28.94
C TRP AA 129 12.51 22.50 -29.05
N ASN AA 130 13.64 23.22 -29.05
CA ASN AA 130 13.72 24.67 -29.15
C ASN AA 130 14.91 25.07 -30.00
N ILE AA 131 14.65 25.84 -31.05
CA ILE AA 131 15.72 26.54 -31.77
C ILE AA 131 15.88 27.91 -31.09
N GLU AA 132 17.04 28.14 -30.48
CA GLU AA 132 17.19 29.29 -29.60
C GLU AA 132 17.51 30.55 -30.38
N GLU AA 133 16.74 31.60 -30.13
CA GLU AA 133 17.00 32.89 -30.75
C GLU AA 133 17.91 33.77 -29.92
N GLU AA 134 17.83 33.69 -28.60
CA GLU AA 134 18.56 34.62 -27.76
C GLU AA 134 20.06 34.36 -27.73
N GLY AA 135 20.59 33.40 -28.50
CA GLY AA 135 22.01 33.39 -28.72
C GLY AA 135 22.80 32.38 -27.91
N TYR AA 136 22.28 31.92 -26.78
CA TYR AA 136 23.03 30.96 -25.97
C TYR AA 136 22.04 30.02 -25.31
N GLN AA 137 22.56 28.89 -24.84
CA GLN AA 137 21.76 27.89 -24.16
C GLN AA 137 22.68 26.96 -23.39
N ALA AA 138 22.12 26.22 -22.43
CA ALA AA 138 22.91 25.30 -21.62
C ALA AA 138 22.06 24.12 -21.20
N VAL AA 139 22.73 23.06 -20.76
CA VAL AA 139 22.06 21.86 -20.26
C VAL AA 139 22.93 21.23 -19.16
N GLY AA 140 22.27 20.58 -18.20
CA GLY AA 140 22.97 19.89 -17.12
C GLY AA 140 22.63 20.47 -15.75
N SER AA 141 23.24 19.86 -14.71
CA SER AA 141 22.95 20.26 -13.35
C SER AA 141 23.42 21.67 -13.04
N GLY AA 142 24.42 22.18 -13.76
CA GLY AA 142 24.87 23.55 -13.60
C GLY AA 142 24.31 24.53 -14.61
N SER AA 143 23.33 24.11 -15.42
CA SER AA 143 22.91 24.90 -16.57
C SER AA 143 22.33 26.26 -16.17
N LEU AA 144 21.68 26.36 -15.01
CA LEU AA 144 21.07 27.65 -14.68
C LEU AA 144 22.14 28.68 -14.30
N PHE AA 145 23.16 28.25 -13.57
CA PHE AA 145 24.26 29.15 -13.30
C PHE AA 145 24.91 29.60 -14.61
N ALA AA 146 25.12 28.68 -15.55
CA ALA AA 146 25.74 29.02 -16.83
C ALA AA 146 24.89 30.02 -17.62
N LYS AA 147 23.57 29.81 -17.70
CA LYS AA 147 22.71 30.73 -18.46
C LYS AA 147 22.65 32.10 -17.81
N SER AA 148 22.68 32.15 -16.48
CA SER AA 148 22.69 33.43 -15.80
C SER AA 148 24.01 34.15 -15.97
N SER AA 149 25.10 33.40 -16.09
CA SER AA 149 26.40 33.99 -16.38
C SER AA 149 26.46 34.55 -17.80
N MET AA 150 26.08 33.72 -18.80
CA MET AA 150 26.06 34.17 -20.19
C MET AA 150 25.08 35.31 -20.41
N LYS AA 151 24.01 35.36 -19.62
CA LYS AA 151 23.05 36.47 -19.72
C LYS AA 151 23.71 37.81 -19.50
N LYS AA 152 24.75 37.85 -18.67
CA LYS AA 152 25.51 39.04 -18.37
C LYS AA 152 26.73 39.21 -19.27
N LEU AA 153 27.38 38.11 -19.68
CA LEU AA 153 28.60 38.24 -20.45
C LEU AA 153 28.39 38.19 -21.96
N TYR AA 154 27.14 38.00 -22.41
CA TYR AA 154 26.93 37.70 -23.83
C TYR AA 154 27.14 38.94 -24.70
N SER AA 155 26.94 40.14 -24.15
CA SER AA 155 27.21 41.34 -24.89
C SER AA 155 28.68 41.44 -25.30
N GLN AA 156 29.57 40.71 -24.65
CA GLN AA 156 30.98 40.78 -25.02
C GLN AA 156 31.35 39.83 -26.14
N VAL AA 157 30.39 39.15 -26.74
CA VAL AA 157 30.72 38.18 -27.80
C VAL AA 157 30.77 38.93 -29.11
N THR AA 158 31.97 39.04 -29.68
CA THR AA 158 32.18 39.80 -30.90
C THR AA 158 32.78 38.98 -32.02
N ASP AA 159 33.42 37.86 -31.73
CA ASP AA 159 34.01 36.97 -32.72
C ASP AA 159 34.15 35.60 -32.08
N GLY AA 160 34.81 34.67 -32.77
CA GLY AA 160 34.91 33.32 -32.25
C GLY AA 160 35.63 33.24 -30.92
N ASP AA 161 36.69 34.03 -30.74
CA ASP AA 161 37.47 33.93 -29.51
C ASP AA 161 36.76 34.55 -28.32
N SER AA 162 36.08 35.70 -28.51
CA SER AA 162 35.29 36.23 -27.42
C SER AA 162 34.17 35.26 -27.07
N GLY AA 163 33.55 34.65 -28.08
CA GLY AA 163 32.51 33.65 -27.81
C GLY AA 163 33.04 32.46 -27.03
N LEU AA 164 34.21 31.97 -27.39
CA LEU AA 164 34.82 30.87 -26.68
C LEU AA 164 35.13 31.25 -25.24
N ARG AA 165 35.70 32.46 -25.02
CA ARG AA 165 35.94 32.95 -23.66
C ARG AA 165 34.66 33.01 -22.84
N VAL AA 166 33.57 33.55 -23.41
CA VAL AA 166 32.31 33.55 -22.67
C VAL AA 166 31.88 32.13 -22.32
N ALA AA 167 32.09 31.19 -23.24
CA ALA AA 167 31.73 29.79 -22.96
C ALA AA 167 32.53 29.20 -21.78
N VAL AA 168 33.87 29.28 -21.83
CA VAL AA 168 34.60 28.70 -20.70
C VAL AA 168 34.31 29.46 -19.43
N GLU AA 169 33.99 30.75 -19.52
CA GLU AA 169 33.70 31.50 -18.30
C GLU AA 169 32.38 31.06 -17.68
N ALA AA 170 31.40 30.72 -18.54
CA ALA AA 170 30.14 30.15 -18.05
C ALA AA 170 30.36 28.80 -17.39
N LEU AA 171 31.23 27.96 -17.98
CA LEU AA 171 31.51 26.71 -17.31
C LEU AA 171 32.22 26.93 -15.98
N TYR AA 172 33.03 27.98 -15.88
CA TYR AA 172 33.69 28.26 -14.60
C TYR AA 172 32.68 28.65 -13.54
N ASP AA 173 31.72 29.51 -13.90
CA ASP AA 173 30.69 29.86 -12.93
C ASP AA 173 29.83 28.65 -12.58
N ALA AA 174 29.50 27.82 -13.57
CA ALA AA 174 28.77 26.60 -13.30
C ALA AA 174 29.49 25.74 -12.27
N ALA AA 175 30.79 25.47 -12.50
CA ALA AA 175 31.55 24.67 -11.54
C ALA AA 175 31.68 25.39 -10.20
N ASP AA 176 31.60 26.72 -10.22
CA ASP AA 176 31.76 27.48 -8.99
C ASP AA 176 30.58 27.26 -8.06
N ASP AA 177 29.39 27.02 -8.62
CA ASP AA 177 28.18 26.83 -7.82
C ASP AA 177 27.61 25.41 -7.87
N ASP AA 178 28.20 24.49 -8.65
CA ASP AA 178 27.69 23.13 -8.78
C ASP AA 178 28.84 22.16 -8.59
N SER AA 179 28.74 21.32 -7.57
CA SER AA 179 29.82 20.38 -7.32
C SER AA 179 29.82 19.24 -8.34
N ALA AA 180 28.71 19.05 -9.08
CA ALA AA 180 28.65 18.05 -10.14
C ALA AA 180 29.34 18.50 -11.41
N THR AA 181 29.70 19.77 -11.49
CA THR AA 181 30.45 20.31 -12.61
C THR AA 181 31.88 20.60 -12.19
N GLY AA 182 32.84 20.16 -13.00
CA GLY AA 182 34.25 20.38 -12.72
C GLY AA 182 34.80 21.62 -13.39
N GLY AA 183 35.48 22.45 -12.62
CA GLY AA 183 36.20 23.57 -13.19
C GLY AA 183 37.55 23.16 -13.73
N PRO AA 184 38.33 24.15 -14.17
CA PRO AA 184 39.68 23.87 -14.67
C PRO AA 184 40.57 23.35 -13.56
N ASP AA 185 41.20 22.18 -13.78
CA ASP AA 185 42.15 21.55 -12.85
C ASP AA 185 43.55 21.89 -13.32
N LEU AA 186 44.19 22.88 -12.69
CA LEU AA 186 45.51 23.23 -13.18
C LEU AA 186 46.57 22.25 -12.72
N VAL AA 187 46.29 21.44 -11.69
CA VAL AA 187 47.30 20.50 -11.26
C VAL AA 187 47.46 19.39 -12.27
N ARG AA 188 46.34 18.87 -12.79
CA ARG AA 188 46.41 17.79 -13.77
C ARG AA 188 46.41 18.32 -15.20
N GLY AA 189 46.19 19.62 -15.38
CA GLY AA 189 46.13 20.24 -16.69
C GLY AA 189 44.96 19.74 -17.51
N ILE AA 190 43.79 19.55 -16.88
CA ILE AA 190 42.57 19.09 -17.54
C ILE AA 190 41.58 20.23 -17.58
N PHE AA 191 41.10 20.56 -18.77
CA PHE AA 191 40.25 21.71 -18.99
C PHE AA 191 39.01 21.29 -19.77
N PRO AA 192 37.96 22.13 -19.79
CA PRO AA 192 36.79 21.80 -20.61
C PRO AA 192 37.15 21.49 -22.06
N THR AA 193 36.27 20.76 -22.71
CA THR AA 193 36.40 20.53 -24.14
C THR AA 193 35.48 21.47 -24.88
N ALA AA 194 35.90 21.87 -26.06
CA ALA AA 194 35.06 22.74 -26.86
C ALA AA 194 35.20 22.34 -28.32
N VAL AA 195 34.11 22.59 -29.04
CA VAL AA 195 34.03 22.44 -30.48
C VAL AA 195 33.57 23.78 -31.02
N ILE AA 196 34.21 24.25 -32.09
CA ILE AA 196 33.77 25.45 -32.78
C ILE AA 196 33.30 25.06 -34.17
N ILE AA 197 32.22 25.70 -34.62
CA ILE AA 197 31.62 25.40 -35.92
C ILE AA 197 31.37 26.69 -36.69
N ASP AA 198 31.93 26.77 -37.92
CA ASP AA 198 31.62 27.88 -38.84
C ASP AA 198 31.47 27.29 -40.25
N ALA AA 199 31.48 28.16 -41.27
CA ALA AA 199 31.27 27.68 -42.64
C ALA AA 199 32.35 26.70 -43.08
N ASP AA 200 33.55 26.77 -42.51
CA ASP AA 200 34.63 25.84 -42.84
C ASP AA 200 34.52 24.52 -42.11
N GLY AA 201 33.49 24.32 -41.30
CA GLY AA 201 33.21 23.05 -40.64
C GLY AA 201 33.30 23.13 -39.12
N ALA AA 202 33.29 21.96 -38.51
CA ALA AA 202 33.36 21.81 -37.07
C ALA AA 202 34.74 21.28 -36.71
N VAL AA 203 35.46 21.99 -35.81
CA VAL AA 203 36.79 21.58 -35.38
C VAL AA 203 36.87 21.63 -33.85
N ASP AA 204 37.65 20.71 -33.27
CA ASP AA 204 37.89 20.74 -31.83
C ASP AA 204 38.91 21.82 -31.52
N VAL AA 205 38.63 22.67 -30.55
CA VAL AA 205 39.62 23.68 -30.18
C VAL AA 205 40.67 23.01 -29.30
N PRO AA 206 41.97 23.24 -29.54
CA PRO AA 206 43.00 22.55 -28.73
C PRO AA 206 42.98 22.99 -27.27
N GLU AA 207 43.51 22.13 -26.41
CA GLU AA 207 43.50 22.45 -24.98
C GLU AA 207 44.30 23.71 -24.71
N SER AA 208 45.32 23.97 -25.54
CA SER AA 208 46.22 25.08 -25.24
C SER AA 208 45.46 26.38 -25.14
N ARG AA 209 44.50 26.60 -26.04
CA ARG AA 209 43.78 27.85 -26.03
C ARG AA 209 42.80 27.93 -24.85
N ILE AA 210 42.05 26.85 -24.61
CA ILE AA 210 41.11 26.85 -23.49
C ILE AA 210 41.86 27.07 -22.19
N ALA AA 211 43.05 26.47 -22.08
CA ALA AA 211 43.89 26.66 -20.90
C ALA AA 211 44.29 28.13 -20.74
N GLU AA 212 44.85 28.74 -21.79
CA GLU AA 212 45.17 30.17 -21.73
C GLU AA 212 43.98 30.99 -21.25
N LEU AA 213 42.79 30.70 -21.80
CA LEU AA 213 41.60 31.43 -21.38
C LEU AA 213 41.24 31.15 -19.91
N ALA AA 214 41.29 29.89 -19.49
CA ALA AA 214 40.96 29.55 -18.11
C ALA AA 214 41.86 30.26 -17.11
N ARG AA 215 43.19 30.21 -17.34
CA ARG AA 215 44.14 30.95 -16.49
C ARG AA 215 43.84 32.44 -16.50
N ALA AA 216 43.45 32.98 -17.66
CA ALA AA 216 43.06 34.39 -17.67
C ALA AA 216 41.86 34.64 -16.75
N ILE AA 217 40.87 33.74 -16.73
CA ILE AA 217 39.73 33.96 -15.84
C ILE AA 217 40.16 33.88 -14.38
N ILE AA 218 40.96 32.87 -14.04
CA ILE AA 218 41.40 32.70 -12.66
C ILE AA 218 42.16 33.93 -12.17
N GLU AA 219 43.13 34.42 -12.96
CA GLU AA 219 43.89 35.60 -12.56
C GLU AA 219 43.00 36.82 -12.50
N SER AA 220 42.02 36.92 -13.39
CA SER AA 220 41.02 37.98 -13.27
C SER AA 220 40.20 37.87 -11.99
N ARG AA 221 40.17 36.69 -11.35
CA ARG AA 221 39.40 36.56 -10.12
C ARG AA 221 40.22 36.67 -8.85
N SER AA 222 41.51 36.33 -8.88
CA SER AA 222 42.39 36.53 -7.72
C SER AA 222 43.07 37.89 -7.77
N GLY AA 223 44.11 38.03 -8.61
CA GLY AA 223 44.90 39.25 -8.69
C GLY AA 223 45.31 39.68 -10.09
N THR BA 1 34.44 -8.45 -2.80
CA THR BA 1 35.32 -8.67 -3.95
C THR BA 1 36.15 -7.44 -4.20
N THR BA 2 37.40 -7.64 -4.58
CA THR BA 2 38.18 -6.56 -5.16
C THR BA 2 38.99 -7.09 -6.33
N ILE BA 3 38.91 -6.36 -7.43
CA ILE BA 3 39.73 -6.59 -8.62
C ILE BA 3 40.49 -5.30 -8.88
N VAL BA 4 41.81 -5.40 -9.03
CA VAL BA 4 42.64 -4.25 -9.36
C VAL BA 4 43.29 -4.49 -10.72
N ALA BA 5 43.60 -3.39 -11.41
CA ALA BA 5 44.35 -3.39 -12.65
C ALA BA 5 45.19 -2.11 -12.73
N LEU BA 6 46.43 -2.25 -13.20
CA LEU BA 6 47.31 -1.08 -13.34
C LEU BA 6 48.25 -1.27 -14.53
N LYS BA 7 48.60 -0.16 -15.17
CA LYS BA 7 49.57 -0.17 -16.26
C LYS BA 7 50.99 -0.03 -15.72
N TYR BA 8 51.91 -0.79 -16.30
CA TYR BA 8 53.34 -0.61 -16.05
C TYR BA 8 54.00 -0.43 -17.41
N PRO BA 9 55.30 0.06 -17.44
CA PRO BA 9 55.93 0.31 -18.75
C PRO BA 9 55.84 -0.90 -19.67
N GLY BA 10 55.01 -0.83 -20.70
CA GLY BA 10 54.93 -1.91 -21.66
C GLY BA 10 53.95 -3.03 -21.39
N GLY BA 11 53.07 -2.88 -20.41
CA GLY BA 11 52.10 -3.94 -20.19
C GLY BA 11 51.06 -3.50 -19.18
N VAL BA 12 50.20 -4.45 -18.82
CA VAL BA 12 49.13 -4.20 -17.86
C VAL BA 12 49.02 -5.42 -16.93
N VAL BA 13 48.52 -5.19 -15.69
CA VAL BA 13 48.38 -6.25 -14.69
C VAL BA 13 47.00 -6.19 -14.04
N MET BA 14 46.42 -7.38 -13.77
CA MET BA 14 45.12 -7.47 -13.12
C MET BA 14 45.16 -8.53 -12.04
N ALA BA 15 44.58 -8.24 -10.88
CA ALA BA 15 44.63 -9.17 -9.77
C ALA BA 15 43.31 -9.13 -9.01
N GLY BA 16 42.94 -10.25 -8.40
CA GLY BA 16 41.69 -10.32 -7.68
C GLY BA 16 41.78 -11.22 -6.47
N ASP BA 17 40.92 -10.93 -5.50
CA ASP BA 17 40.91 -11.69 -4.26
C ASP BA 17 40.19 -13.03 -4.50
N ARG BA 18 40.18 -13.89 -3.49
CA ARG BA 18 39.72 -15.27 -3.67
C ARG BA 18 38.50 -15.59 -2.81
N ARG BA 19 37.86 -14.59 -2.20
CA ARG BA 19 36.80 -14.84 -1.24
C ARG BA 19 35.43 -14.83 -1.93
N SER BA 20 34.61 -15.82 -1.61
CA SER BA 20 33.23 -15.91 -2.04
C SER BA 20 32.34 -15.85 -0.80
N THR BA 21 31.34 -14.99 -0.81
CA THR BA 21 30.51 -14.78 0.37
C THR BA 21 29.03 -14.89 0.06
N GLN BA 22 28.23 -15.22 1.09
CA GLN BA 22 26.77 -15.11 1.06
C GLN BA 22 26.38 -14.38 2.31
N GLY BA 23 26.21 -13.07 2.22
CA GLY BA 23 25.95 -12.30 3.43
C GLY BA 23 27.20 -12.28 4.28
N ASN BA 24 27.09 -12.63 5.56
CA ASN BA 24 28.31 -12.62 6.33
C ASN BA 24 29.07 -13.93 6.22
N MET BA 25 28.47 -14.94 5.63
CA MET BA 25 29.06 -16.26 5.57
C MET BA 25 30.02 -16.42 4.41
N ILE BA 26 31.17 -17.01 4.72
CA ILE BA 26 32.14 -17.30 3.69
C ILE BA 26 31.73 -18.62 3.03
N SER BA 27 31.35 -18.57 1.77
CA SER BA 27 31.02 -19.76 1.02
C SER BA 27 32.15 -20.23 0.11
N GLY BA 28 33.25 -19.47 0.03
CA GLY BA 28 34.36 -19.92 -0.77
C GLY BA 28 35.67 -19.25 -0.44
N ARG BA 29 36.78 -20.00 -0.50
CA ARG BA 29 38.09 -19.47 -0.19
C ARG BA 29 39.04 -19.43 -1.37
N ASP BA 30 38.70 -20.12 -2.46
CA ASP BA 30 39.62 -20.40 -3.56
C ASP BA 30 39.05 -20.02 -4.92
N VAL BA 31 37.97 -19.23 -4.95
CA VAL BA 31 37.32 -18.87 -6.21
C VAL BA 31 38.26 -18.04 -7.07
N ARG BA 32 38.03 -18.08 -8.38
CA ARG BA 32 38.82 -17.29 -9.32
C ARG BA 32 37.89 -16.27 -9.99
N LYS BA 33 38.34 -15.02 -10.04
CA LYS BA 33 37.54 -13.90 -10.50
C LYS BA 33 38.19 -13.11 -11.62
N VAL BA 34 39.39 -13.51 -12.03
CA VAL BA 34 40.12 -12.88 -13.13
C VAL BA 34 40.35 -13.96 -14.17
N TYR BA 35 39.96 -13.68 -15.42
CA TYR BA 35 40.01 -14.69 -16.47
C TYR BA 35 40.74 -14.17 -17.68
N ILE BA 36 41.58 -15.03 -18.26
CA ILE BA 36 42.12 -14.68 -19.58
C ILE BA 36 40.99 -14.85 -20.59
N THR BA 37 40.52 -13.74 -21.18
CA THR BA 37 39.40 -13.85 -22.12
C THR BA 37 39.87 -13.91 -23.54
N ASP BA 38 41.09 -13.45 -23.79
CA ASP BA 38 41.64 -13.44 -25.13
C ASP BA 38 43.15 -13.39 -24.96
N ASP BA 39 43.86 -13.67 -26.06
CA ASP BA 39 45.31 -13.70 -26.01
C ASP BA 39 45.89 -12.40 -25.50
N TYR BA 40 45.17 -11.30 -25.66
CA TYR BA 40 45.65 -10.01 -25.18
C TYR BA 40 44.65 -9.31 -24.28
N THR BA 41 43.69 -10.04 -23.72
CA THR BA 41 42.76 -9.37 -22.81
C THR BA 41 42.40 -10.30 -21.66
N ALA BA 42 42.22 -9.71 -20.49
CA ALA BA 42 41.69 -10.37 -19.31
C ALA BA 42 40.53 -9.54 -18.76
N THR BA 43 39.57 -10.23 -18.09
CA THR BA 43 38.45 -9.56 -17.41
C THR BA 43 38.38 -10.04 -15.97
N GLY BA 44 38.18 -9.10 -15.05
CA GLY BA 44 37.85 -9.41 -13.66
C GLY BA 44 36.45 -8.88 -13.40
N ILE BA 45 35.64 -9.63 -12.66
CA ILE BA 45 34.24 -9.27 -12.47
C ILE BA 45 33.88 -9.34 -10.99
N ALA BA 46 33.03 -8.41 -10.55
CA ALA BA 46 32.52 -8.43 -9.18
C ALA BA 46 31.00 -8.60 -9.20
N GLY BA 47 30.47 -9.19 -8.13
CA GLY BA 47 29.03 -9.32 -7.99
C GLY BA 47 28.58 -10.77 -7.88
N THR BA 48 27.39 -11.02 -8.36
CA THR BA 48 26.80 -12.34 -8.31
C THR BA 48 27.61 -13.33 -9.13
N ALA BA 49 28.05 -14.41 -8.47
CA ALA BA 49 29.03 -15.32 -9.07
C ALA BA 49 28.50 -15.94 -10.37
N ALA BA 50 27.28 -16.45 -10.35
CA ALA BA 50 26.69 -17.08 -11.52
C ALA BA 50 26.78 -16.14 -12.72
N VAL BA 51 26.38 -14.88 -12.51
CA VAL BA 51 26.38 -13.89 -13.56
C VAL BA 51 27.80 -13.49 -13.94
N ALA BA 52 28.70 -13.34 -12.96
CA ALA BA 52 30.07 -12.97 -13.32
C ALA BA 52 30.74 -14.04 -14.19
N VAL BA 53 30.64 -15.31 -13.79
CA VAL BA 53 31.25 -16.36 -14.59
C VAL BA 53 30.58 -16.48 -15.94
N GLU BA 54 29.25 -16.33 -15.98
CA GLU BA 54 28.59 -16.36 -17.26
C GLU BA 54 29.11 -15.23 -18.16
N PHE BA 55 29.27 -14.02 -17.62
CA PHE BA 55 29.80 -12.92 -18.41
C PHE BA 55 31.16 -13.26 -18.98
N ALA BA 56 32.08 -13.69 -18.12
CA ALA BA 56 33.44 -14.00 -18.58
C ALA BA 56 33.42 -15.06 -19.68
N ARG BA 57 32.67 -16.14 -19.47
CA ARG BA 57 32.64 -17.26 -20.42
C ARG BA 57 32.02 -16.87 -21.76
N LEU BA 58 30.84 -16.25 -21.70
CA LEU BA 58 30.14 -15.88 -22.92
C LEU BA 58 30.95 -14.86 -23.71
N TYR BA 59 31.59 -13.93 -23.00
CA TYR BA 59 32.40 -12.90 -23.65
C TYR BA 59 33.57 -13.53 -24.39
N ALA BA 60 34.26 -14.48 -23.73
CA ALA BA 60 35.37 -15.17 -24.39
C ALA BA 60 34.87 -15.90 -25.64
N VAL BA 61 33.77 -16.62 -25.52
CA VAL BA 61 33.20 -17.27 -26.70
C VAL BA 61 32.83 -16.23 -27.77
N GLU BA 62 32.28 -15.09 -27.37
CA GLU BA 62 31.89 -14.12 -28.37
C GLU BA 62 33.10 -13.69 -29.19
N LEU BA 63 34.17 -13.33 -28.50
CA LEU BA 63 35.36 -12.83 -29.20
C LEU BA 63 35.95 -13.87 -30.16
N GLU BA 64 36.15 -15.10 -29.68
CA GLU BA 64 36.75 -16.10 -30.56
C GLU BA 64 35.83 -16.43 -31.74
N HIS BA 65 34.52 -16.47 -31.49
CA HIS BA 65 33.54 -16.57 -32.56
C HIS BA 65 33.79 -15.52 -33.66
N TYR BA 66 33.90 -14.23 -33.27
CA TYR BA 66 34.15 -13.20 -34.28
C TYR BA 66 35.42 -13.48 -35.06
N GLU BA 67 36.49 -13.87 -34.35
CA GLU BA 67 37.78 -14.09 -35.00
C GLU BA 67 37.72 -15.27 -35.99
N LYS BA 68 37.01 -16.35 -35.64
CA LYS BA 68 36.91 -17.46 -36.60
C LYS BA 68 36.02 -17.12 -37.77
N LEU BA 69 34.98 -16.33 -37.56
CA LEU BA 69 34.10 -16.01 -38.69
C LEU BA 69 34.80 -15.08 -39.67
N GLU BA 70 35.58 -14.11 -39.17
CA GLU BA 70 36.10 -13.04 -40.01
C GLU BA 70 37.62 -13.03 -40.19
N GLY BA 71 38.32 -14.02 -39.65
CA GLY BA 71 39.73 -14.16 -39.88
C GLY BA 71 40.61 -13.16 -39.18
N VAL BA 72 40.04 -12.19 -38.48
CA VAL BA 72 40.81 -11.14 -37.80
C VAL BA 72 40.12 -10.85 -36.48
N PRO BA 73 40.86 -10.62 -35.39
CA PRO BA 73 40.21 -10.32 -34.10
C PRO BA 73 39.61 -8.93 -34.08
N LEU BA 74 38.69 -8.75 -33.12
CA LEU BA 74 38.08 -7.45 -32.94
C LEU BA 74 39.11 -6.42 -32.50
N THR BA 75 38.94 -5.20 -32.97
CA THR BA 75 39.67 -4.10 -32.40
C THR BA 75 39.37 -3.99 -30.92
N PHE BA 76 40.29 -3.38 -30.19
CA PHE BA 76 40.05 -3.19 -28.77
C PHE BA 76 38.79 -2.35 -28.56
N ALA BA 77 38.57 -1.33 -29.39
CA ALA BA 77 37.33 -0.58 -29.26
C ALA BA 77 36.13 -1.51 -29.41
N GLY BA 78 36.15 -2.39 -30.41
CA GLY BA 78 35.06 -3.31 -30.58
C GLY BA 78 34.87 -4.26 -29.39
N LYS BA 79 35.98 -4.77 -28.85
CA LYS BA 79 35.86 -5.63 -27.68
C LYS BA 79 35.20 -4.91 -26.52
N ILE BA 80 35.60 -3.65 -26.27
CA ILE BA 80 34.95 -2.84 -25.24
C ILE BA 80 33.47 -2.75 -25.54
N ASN BA 81 33.13 -2.43 -26.78
CA ASN BA 81 31.72 -2.22 -27.07
C ASN BA 81 30.90 -3.47 -26.82
N ARG BA 82 31.43 -4.65 -27.14
CA ARG BA 82 30.63 -5.84 -26.92
C ARG BA 82 30.46 -6.12 -25.43
N LEU BA 83 31.50 -5.87 -24.63
CA LEU BA 83 31.32 -6.08 -23.20
C LEU BA 83 30.28 -5.10 -22.64
N ALA BA 84 30.35 -3.82 -23.07
CA ALA BA 84 29.38 -2.82 -22.63
C ALA BA 84 27.96 -3.22 -23.02
N ILE BA 85 27.78 -3.74 -24.23
CA ILE BA 85 26.46 -4.19 -24.66
C ILE BA 85 26.00 -5.35 -23.79
N MET BA 86 26.92 -6.24 -23.41
CA MET BA 86 26.51 -7.34 -22.54
C MET BA 86 26.04 -6.80 -21.17
N VAL BA 87 26.84 -5.90 -20.58
CA VAL BA 87 26.49 -5.32 -19.28
C VAL BA 87 25.14 -4.65 -19.34
N ARG BA 88 24.90 -3.84 -20.38
CA ARG BA 88 23.61 -3.17 -20.46
C ARG BA 88 22.50 -4.19 -20.64
N GLY BA 89 22.74 -5.19 -21.47
CA GLY BA 89 21.77 -6.24 -21.66
C GLY BA 89 21.29 -6.83 -20.35
N ASN BA 90 22.16 -6.85 -19.33
CA ASN BA 90 21.81 -7.47 -18.04
C ASN BA 90 21.13 -6.54 -17.05
N LEU BA 91 20.83 -5.29 -17.42
CA LEU BA 91 20.42 -4.27 -16.43
C LEU BA 91 19.13 -4.64 -15.70
N ALA BA 92 18.18 -5.27 -16.40
CA ALA BA 92 16.95 -5.66 -15.76
C ALA BA 92 17.22 -6.63 -14.60
N ALA BA 93 17.96 -7.71 -14.88
CA ALA BA 93 18.32 -8.64 -13.82
C ALA BA 93 19.16 -7.98 -12.75
N ALA BA 94 20.06 -7.08 -13.16
CA ALA BA 94 20.95 -6.43 -12.21
C ALA BA 94 20.18 -5.60 -11.21
N MET BA 95 19.15 -4.86 -11.67
CA MET BA 95 18.34 -4.10 -10.71
C MET BA 95 17.56 -4.99 -9.75
N GLN BA 96 17.42 -6.29 -10.04
CA GLN BA 96 16.74 -7.24 -9.17
C GLN BA 96 17.69 -8.14 -8.39
N GLY BA 97 18.99 -7.85 -8.36
CA GLY BA 97 19.94 -8.63 -7.59
C GLY BA 97 20.96 -9.46 -8.38
N LEU BA 98 20.88 -9.59 -9.69
CA LEU BA 98 21.88 -10.35 -10.44
C LEU BA 98 22.88 -9.40 -11.11
N LEU BA 99 23.57 -8.63 -10.28
CA LEU BA 99 24.49 -7.60 -10.75
C LEU BA 99 25.88 -8.18 -10.94
N ALA BA 100 26.56 -7.72 -11.99
CA ALA BA 100 27.96 -8.08 -12.16
C ALA BA 100 28.64 -6.98 -12.95
N LEU BA 101 29.66 -6.37 -12.35
CA LEU BA 101 30.43 -5.32 -12.99
C LEU BA 101 31.80 -5.84 -13.39
N PRO BA 102 32.19 -5.73 -14.64
CA PRO BA 102 33.55 -6.12 -15.02
C PRO BA 102 34.52 -4.96 -14.98
N LEU BA 103 35.80 -5.33 -14.96
CA LEU BA 103 36.95 -4.48 -15.18
C LEU BA 103 37.76 -5.21 -16.24
N LEU BA 104 38.10 -4.51 -17.31
CA LEU BA 104 38.72 -5.10 -18.50
C LEU BA 104 40.12 -4.55 -18.67
N ALA BA 105 41.11 -5.42 -18.80
CA ALA BA 105 42.49 -4.99 -18.99
C ALA BA 105 43.09 -5.74 -20.15
N GLY BA 106 43.73 -5.00 -21.05
CA GLY BA 106 44.27 -5.61 -22.25
C GLY BA 106 45.50 -4.90 -22.72
N TYR BA 107 46.11 -5.46 -23.75
CA TYR BA 107 47.24 -4.90 -24.46
C TYR BA 107 46.78 -4.74 -25.90
N ASP BA 108 46.69 -3.51 -26.38
CA ASP BA 108 46.20 -3.28 -27.73
C ASP BA 108 47.38 -3.41 -28.69
N ILE BA 109 47.34 -4.42 -29.56
CA ILE BA 109 48.46 -4.64 -30.47
C ILE BA 109 48.57 -3.55 -31.54
N HIS BA 110 47.50 -2.83 -31.82
CA HIS BA 110 47.53 -1.81 -32.85
C HIS BA 110 47.86 -0.43 -32.31
N ALA BA 111 48.35 -0.34 -31.08
CA ALA BA 111 48.73 0.98 -30.59
C ALA BA 111 50.07 1.39 -31.19
N SER BA 112 50.29 2.70 -31.24
CA SER BA 112 51.54 3.17 -31.83
C SER BA 112 52.72 2.86 -30.94
N ASP BA 113 52.64 3.22 -29.65
CA ASP BA 113 53.78 3.05 -28.76
C ASP BA 113 53.57 1.80 -27.91
N PRO BA 114 54.39 0.76 -28.07
CA PRO BA 114 54.23 -0.45 -27.24
C PRO BA 114 54.36 -0.22 -25.74
N GLN BA 115 55.03 0.85 -25.30
CA GLN BA 115 55.20 1.04 -23.86
C GLN BA 115 53.98 1.69 -23.21
N SER BA 116 53.05 2.26 -24.01
CA SER BA 116 51.77 2.75 -23.52
C SER BA 116 50.61 2.04 -24.21
N ALA BA 117 50.82 0.81 -24.67
CA ALA BA 117 49.76 0.06 -25.32
C ALA BA 117 48.86 -0.67 -24.33
N GLY BA 118 49.19 -0.66 -23.04
CA GLY BA 118 48.32 -1.26 -22.06
C GLY BA 118 47.04 -0.46 -21.88
N ARG BA 119 45.95 -1.17 -21.64
CA ARG BA 119 44.63 -0.55 -21.58
C ARG BA 119 43.84 -1.05 -20.37
N ILE BA 120 43.21 -0.12 -19.69
CA ILE BA 120 42.35 -0.44 -18.57
C ILE BA 120 41.03 0.28 -18.77
N VAL BA 121 39.94 -0.50 -18.78
CA VAL BA 121 38.59 -0.01 -19.01
C VAL BA 121 37.76 -0.47 -17.82
N SER BA 122 37.07 0.46 -17.18
CA SER BA 122 36.12 0.17 -16.11
C SER BA 122 34.72 0.43 -16.63
N PHE BA 123 33.72 -0.20 -15.98
CA PHE BA 123 32.32 -0.14 -16.42
C PHE BA 123 31.38 0.19 -15.26
N ASP BA 124 30.18 0.63 -15.61
CA ASP BA 124 29.11 0.78 -14.61
C ASP BA 124 27.91 -0.09 -14.99
N ALA BA 125 26.92 -0.12 -14.09
CA ALA BA 125 25.82 -1.08 -14.23
C ALA BA 125 25.02 -0.86 -15.49
N ALA BA 126 25.02 0.35 -16.06
CA ALA BA 126 24.32 0.59 -17.31
C ALA BA 126 25.20 0.30 -18.51
N GLY BA 127 26.46 -0.08 -18.28
CA GLY BA 127 27.39 -0.39 -19.32
C GLY BA 127 28.15 0.82 -19.86
N GLY BA 128 28.00 1.99 -19.22
CA GLY BA 128 28.93 3.10 -19.40
C GLY BA 128 30.36 2.58 -19.29
N TRP BA 129 31.30 3.08 -20.08
CA TRP BA 129 32.69 2.62 -19.95
C TRP BA 129 33.65 3.80 -19.89
N ASN BA 130 34.83 3.54 -19.32
CA ASN BA 130 35.92 4.52 -19.23
C ASN BA 130 37.26 3.85 -19.49
N ILE BA 131 38.02 4.38 -20.43
CA ILE BA 131 39.42 4.00 -20.59
C ILE BA 131 40.26 4.90 -19.71
N GLU BA 132 40.95 4.30 -18.74
CA GLU BA 132 41.61 5.10 -17.73
C GLU BA 132 42.94 5.60 -18.26
N GLU BA 133 43.18 6.90 -18.10
CA GLU BA 133 44.49 7.43 -18.43
C GLU BA 133 45.37 7.66 -17.22
N GLU BA 134 44.82 7.61 -16.01
CA GLU BA 134 45.59 7.86 -14.79
C GLU BA 134 46.27 6.59 -14.26
N GLY BA 135 46.22 5.49 -14.99
CA GLY BA 135 47.14 4.39 -14.76
C GLY BA 135 46.60 3.18 -14.00
N TYR BA 136 45.56 3.34 -13.18
CA TYR BA 136 45.06 2.22 -12.36
C TYR BA 136 43.54 2.28 -12.19
N GLN BA 137 42.96 1.14 -11.83
CA GLN BA 137 41.52 1.05 -11.60
C GLN BA 137 41.17 -0.21 -10.81
N ALA BA 138 39.98 -0.20 -10.23
CA ALA BA 138 39.55 -1.34 -9.44
C ALA BA 138 38.02 -1.41 -9.42
N VAL BA 139 37.52 -2.57 -9.03
CA VAL BA 139 36.09 -2.82 -8.95
C VAL BA 139 35.86 -3.74 -7.77
N GLY BA 140 34.69 -3.61 -7.17
CA GLY BA 140 34.29 -4.47 -6.07
C GLY BA 140 34.15 -3.71 -4.77
N SER BA 141 33.64 -4.42 -3.77
CA SER BA 141 33.32 -3.79 -2.50
C SER BA 141 34.55 -3.21 -1.82
N GLY BA 142 35.74 -3.66 -2.18
CA GLY BA 142 36.96 -3.06 -1.68
C GLY BA 142 37.62 -2.11 -2.66
N SER BA 143 36.94 -1.75 -3.75
CA SER BA 143 37.61 -0.99 -4.82
C SER BA 143 38.09 0.38 -4.36
N LEU BA 144 37.39 1.01 -3.40
CA LEU BA 144 37.81 2.35 -3.01
C LEU BA 144 39.04 2.32 -2.12
N PHE BA 145 39.14 1.34 -1.22
CA PHE BA 145 40.36 1.21 -0.44
C PHE BA 145 41.55 0.93 -1.33
N ALA BA 146 41.37 0.02 -2.31
CA ALA BA 146 42.43 -0.34 -3.23
C ALA BA 146 42.89 0.87 -4.06
N LYS BA 147 41.95 1.65 -4.60
CA LYS BA 147 42.33 2.81 -5.42
C LYS BA 147 43.04 3.86 -4.58
N SER BA 148 42.55 4.12 -3.36
CA SER BA 148 43.22 5.12 -2.56
C SER BA 148 44.61 4.66 -2.16
N SER BA 149 44.81 3.34 -2.02
CA SER BA 149 46.14 2.82 -1.74
C SER BA 149 47.07 2.99 -2.95
N MET BA 150 46.58 2.62 -4.14
CA MET BA 150 47.38 2.79 -5.35
C MET BA 150 47.70 4.26 -5.60
N LYS BA 151 46.82 5.17 -5.18
CA LYS BA 151 47.10 6.59 -5.31
C LYS BA 151 48.42 6.93 -4.64
N LYS BA 152 48.78 6.22 -3.58
CA LYS BA 152 50.03 6.45 -2.89
C LYS BA 152 51.16 5.56 -3.38
N LEU BA 153 50.86 4.36 -3.86
CA LEU BA 153 51.94 3.45 -4.20
C LEU BA 153 52.31 3.46 -5.68
N TYR BA 154 51.56 4.17 -6.54
CA TYR BA 154 51.70 4.01 -7.98
C TYR BA 154 52.99 4.63 -8.51
N SER BA 155 53.49 5.65 -7.83
CA SER BA 155 54.76 6.22 -8.23
C SER BA 155 55.86 5.18 -8.17
N GLN BA 156 55.67 4.09 -7.41
CA GLN BA 156 56.70 3.07 -7.25
C GLN BA 156 56.69 2.05 -8.37
N VAL BA 157 55.84 2.22 -9.37
CA VAL BA 157 55.74 1.28 -10.48
C VAL BA 157 56.70 1.72 -11.56
N THR BA 158 57.73 0.91 -11.80
CA THR BA 158 58.75 1.22 -12.80
C THR BA 158 58.90 0.13 -13.85
N ASP BA 159 58.40 -1.08 -13.59
CA ASP BA 159 58.42 -2.21 -14.52
C ASP BA 159 57.30 -3.15 -14.11
N GLY BA 160 57.22 -4.31 -14.78
CA GLY BA 160 56.15 -5.27 -14.51
C GLY BA 160 56.16 -5.84 -13.11
N ASP BA 161 57.35 -6.03 -12.54
CA ASP BA 161 57.42 -6.66 -11.23
C ASP BA 161 56.99 -5.69 -10.12
N SER BA 162 57.45 -4.45 -10.18
CA SER BA 162 56.97 -3.47 -9.21
C SER BA 162 55.46 -3.26 -9.33
N GLY BA 163 54.94 -3.28 -10.57
CA GLY BA 163 53.51 -3.15 -10.79
C GLY BA 163 52.70 -4.28 -10.17
N LEU BA 164 53.18 -5.53 -10.30
CA LEU BA 164 52.53 -6.64 -9.62
C LEU BA 164 52.58 -6.48 -8.10
N ARG BA 165 53.74 -6.07 -7.56
CA ARG BA 165 53.82 -5.81 -6.12
C ARG BA 165 52.76 -4.80 -5.70
N VAL BA 166 52.62 -3.71 -6.45
CA VAL BA 166 51.61 -2.72 -6.06
C VAL BA 166 50.20 -3.29 -6.18
N ALA BA 167 49.94 -4.13 -7.19
CA ALA BA 167 48.62 -4.75 -7.30
C ALA BA 167 48.31 -5.60 -6.05
N VAL BA 168 49.22 -6.50 -5.68
CA VAL BA 168 48.96 -7.33 -4.51
C VAL BA 168 48.84 -6.48 -3.24
N GLU BA 169 49.56 -5.35 -3.16
CA GLU BA 169 49.42 -4.53 -1.96
C GLU BA 169 48.08 -3.81 -1.93
N ALA BA 170 47.55 -3.42 -3.09
CA ALA BA 170 46.22 -2.83 -3.13
C ALA BA 170 45.15 -3.84 -2.72
N LEU BA 171 45.30 -5.11 -3.13
CA LEU BA 171 44.38 -6.12 -2.61
C LEU BA 171 44.53 -6.31 -1.11
N TYR BA 172 45.76 -6.16 -0.58
CA TYR BA 172 45.95 -6.31 0.86
C TYR BA 172 45.22 -5.21 1.62
N ASP BA 173 45.37 -3.95 1.18
CA ASP BA 173 44.68 -2.85 1.86
C ASP BA 173 43.17 -2.97 1.75
N ALA BA 174 42.70 -3.40 0.58
CA ALA BA 174 41.29 -3.68 0.37
C ALA BA 174 40.76 -4.70 1.37
N ALA BA 175 41.47 -5.83 1.52
CA ALA BA 175 41.06 -6.83 2.51
C ALA BA 175 41.20 -6.33 3.93
N ASP BA 176 42.09 -5.38 4.17
CA ASP BA 176 42.30 -4.86 5.52
C ASP BA 176 41.08 -4.07 5.97
N ASP BA 177 40.39 -3.43 5.02
CA ASP BA 177 39.22 -2.63 5.38
C ASP BA 177 37.87 -3.19 4.91
N ASP BA 178 37.84 -4.26 4.13
CA ASP BA 178 36.60 -4.78 3.59
C ASP BA 178 36.52 -6.27 3.84
N SER BA 179 35.54 -6.69 4.63
CA SER BA 179 35.43 -8.09 5.01
C SER BA 179 34.92 -8.99 3.89
N ALA BA 180 34.35 -8.44 2.81
CA ALA BA 180 33.95 -9.29 1.69
C ALA BA 180 35.12 -9.65 0.78
N THR BA 181 36.28 -9.01 1.00
CA THR BA 181 37.50 -9.25 0.25
C THR BA 181 38.46 -10.09 1.10
N GLY BA 182 39.01 -11.15 0.52
CA GLY BA 182 39.90 -12.04 1.26
C GLY BA 182 41.37 -11.67 1.12
N GLY BA 183 42.07 -11.56 2.25
CA GLY BA 183 43.50 -11.35 2.21
C GLY BA 183 44.24 -12.65 2.04
N PRO BA 184 45.57 -12.55 1.99
CA PRO BA 184 46.40 -13.76 1.81
C PRO BA 184 46.23 -14.72 2.99
N ASP BA 185 45.91 -16.00 2.67
CA ASP BA 185 45.70 -17.05 3.68
C ASP BA 185 46.98 -17.89 3.81
N LEU BA 186 47.78 -17.59 4.83
CA LEU BA 186 49.04 -18.30 4.91
C LEU BA 186 48.88 -19.72 5.45
N VAL BA 187 47.76 -20.02 6.12
CA VAL BA 187 47.57 -21.38 6.64
C VAL BA 187 47.20 -22.35 5.54
N ARG BA 188 46.31 -21.96 4.64
CA ARG BA 188 45.92 -22.82 3.54
C ARG BA 188 46.76 -22.56 2.30
N GLY BA 189 47.56 -21.49 2.32
CA GLY BA 189 48.33 -21.10 1.15
C GLY BA 189 47.53 -20.62 -0.04
N ILE BA 190 46.47 -19.86 0.17
CA ILE BA 190 45.65 -19.30 -0.90
C ILE BA 190 45.95 -17.81 -0.99
N PHE BA 191 46.20 -17.32 -2.20
CA PHE BA 191 46.59 -15.95 -2.46
C PHE BA 191 45.76 -15.34 -3.59
N PRO BA 192 45.79 -14.03 -3.77
CA PRO BA 192 45.10 -13.42 -4.92
C PRO BA 192 45.58 -14.05 -6.23
N THR BA 193 44.72 -14.05 -7.25
CA THR BA 193 45.19 -14.49 -8.57
C THR BA 193 45.49 -13.28 -9.44
N ALA BA 194 46.45 -13.40 -10.34
CA ALA BA 194 46.78 -12.27 -11.20
C ALA BA 194 47.13 -12.74 -12.61
N VAL BA 195 46.88 -11.84 -13.54
CA VAL BA 195 47.21 -12.02 -14.95
C VAL BA 195 48.07 -10.83 -15.38
N ILE BA 196 49.12 -11.10 -16.18
CA ILE BA 196 49.97 -10.09 -16.79
C ILE BA 196 49.76 -10.10 -18.29
N ILE BA 197 49.74 -8.92 -18.89
CA ILE BA 197 49.62 -8.83 -20.34
C ILE BA 197 50.70 -7.88 -20.85
N ASP BA 198 51.53 -8.38 -21.77
CA ASP BA 198 52.48 -7.54 -22.49
C ASP BA 198 52.37 -7.94 -23.95
N ALA BA 199 53.33 -7.48 -24.78
CA ALA BA 199 53.29 -7.79 -26.20
C ALA BA 199 53.39 -9.29 -26.47
N ASP BA 200 53.93 -10.06 -25.54
CA ASP BA 200 54.01 -11.50 -25.70
C ASP BA 200 52.71 -12.21 -25.36
N GLY BA 201 51.67 -11.48 -24.99
CA GLY BA 201 50.39 -12.06 -24.71
C GLY BA 201 50.01 -11.91 -23.26
N ALA BA 202 48.96 -12.63 -22.87
CA ALA BA 202 48.43 -12.60 -21.51
C ALA BA 202 48.77 -13.93 -20.83
N VAL BA 203 49.38 -13.84 -19.65
CA VAL BA 203 49.87 -14.98 -18.89
C VAL BA 203 49.34 -14.96 -17.47
N ASP BA 204 49.20 -16.15 -16.90
CA ASP BA 204 48.93 -16.30 -15.49
C ASP BA 204 50.20 -16.11 -14.68
N VAL BA 205 50.10 -15.34 -13.62
CA VAL BA 205 51.24 -15.22 -12.72
C VAL BA 205 51.29 -16.47 -11.85
N PRO BA 206 52.43 -17.16 -11.77
CA PRO BA 206 52.49 -18.35 -10.93
C PRO BA 206 52.25 -17.99 -9.46
N GLU BA 207 51.57 -18.91 -8.76
CA GLU BA 207 51.16 -18.65 -7.39
C GLU BA 207 52.35 -18.29 -6.49
N SER BA 208 53.45 -19.03 -6.62
CA SER BA 208 54.60 -18.82 -5.75
C SER BA 208 54.99 -17.34 -5.68
N ARG BA 209 54.98 -16.64 -6.83
CA ARG BA 209 55.43 -15.25 -6.89
C ARG BA 209 54.51 -14.36 -6.07
N ILE BA 210 53.20 -14.56 -6.22
CA ILE BA 210 52.23 -13.83 -5.40
C ILE BA 210 52.48 -14.13 -3.94
N ALA BA 211 52.80 -15.38 -3.61
CA ALA BA 211 53.08 -15.71 -2.22
C ALA BA 211 54.30 -14.96 -1.67
N GLU BA 212 55.36 -14.82 -2.47
CA GLU BA 212 56.52 -14.13 -1.92
C GLU BA 212 56.24 -12.64 -1.79
N LEU BA 213 55.48 -12.07 -2.72
CA LEU BA 213 55.10 -10.66 -2.61
C LEU BA 213 54.22 -10.43 -1.38
N ALA BA 214 53.29 -11.35 -1.12
CA ALA BA 214 52.42 -11.28 0.05
C ALA BA 214 53.23 -11.28 1.34
N ARG BA 215 54.06 -12.32 1.53
CA ARG BA 215 54.95 -12.35 2.70
C ARG BA 215 55.75 -11.05 2.81
N ALA BA 216 56.40 -10.62 1.72
CA ALA BA 216 57.10 -9.35 1.74
C ALA BA 216 56.26 -8.22 2.31
N ILE BA 217 54.97 -8.12 1.91
CA ILE BA 217 54.12 -7.05 2.42
C ILE BA 217 53.84 -7.22 3.93
N ILE BA 218 53.51 -8.44 4.34
CA ILE BA 218 53.20 -8.71 5.74
C ILE BA 218 54.37 -8.37 6.65
N GLU BA 219 55.57 -8.86 6.30
CA GLU BA 219 56.78 -8.49 7.06
C GLU BA 219 56.97 -6.97 7.03
N SER BA 220 56.69 -6.35 5.90
CA SER BA 220 56.84 -4.91 5.82
C SER BA 220 55.87 -4.19 6.74
N ARG BA 221 54.77 -4.83 7.15
CA ARG BA 221 53.81 -4.20 8.06
C ARG BA 221 53.96 -4.65 9.52
N SER BA 222 54.70 -5.74 9.77
CA SER BA 222 54.98 -6.26 11.11
C SER BA 222 56.20 -5.62 11.75
N GLY BA 223 57.39 -5.84 11.17
CA GLY BA 223 58.64 -5.33 11.65
C GLY BA 223 59.83 -6.20 11.24
#